data_7LOI
#
_entry.id   7LOI
#
_entity_poly.entity_id   1
_entity_poly.type   'polypeptide(L)'
_entity_poly.pdbx_seq_one_letter_code
;LLELDKWASLWNWFDITNWLWYIRIFIIIVGSLIGLRIVFAVLSLVNRVRQGYSPLSFQTHLPTPRGPDRPEGIEEEGGE
RDRDRSIRLVNGSLALIWDDLRSLSLFSYHRLRDLLLIVTRIVELLGRRGWEALKYWWNLLQYWSQELKNSAVSLLNATA
IAVGEGTDRVIEVVQGASRAIRHIPRRIRQGLERILL
;
_entity_poly.pdbx_strand_id   A,B,C
#
# COMPACT_ATOMS: atom_id res chain seq x y z
N LEU A 1 32.50 -35.68 -12.71
CA LEU A 1 31.45 -34.95 -11.94
C LEU A 1 30.48 -34.26 -12.93
N LEU A 2 30.90 -33.12 -13.49
CA LEU A 2 30.09 -32.38 -14.45
C LEU A 2 30.76 -32.40 -15.83
N GLU A 3 30.02 -31.97 -16.87
CA GLU A 3 30.56 -31.94 -18.23
C GLU A 3 29.50 -31.41 -19.20
N LEU A 4 29.97 -30.78 -20.30
CA LEU A 4 29.05 -30.24 -21.31
C LEU A 4 28.16 -31.34 -21.91
N ASP A 5 28.57 -32.60 -21.75
CA ASP A 5 27.80 -33.73 -22.25
C ASP A 5 26.54 -33.94 -21.40
N LYS A 6 26.62 -33.56 -20.13
CA LYS A 6 25.50 -33.70 -19.20
C LYS A 6 24.43 -32.63 -19.49
N TRP A 7 24.88 -31.41 -19.81
CA TRP A 7 23.97 -30.30 -20.11
C TRP A 7 23.23 -30.54 -21.42
N ALA A 8 23.98 -30.93 -22.46
CA ALA A 8 23.41 -31.17 -23.79
C ALA A 8 22.31 -32.23 -23.75
N SER A 9 22.48 -33.24 -22.90
CA SER A 9 21.49 -34.32 -22.77
C SER A 9 20.13 -33.76 -22.34
N LEU A 10 20.17 -32.71 -21.53
CA LEU A 10 18.96 -32.05 -21.02
C LEU A 10 18.16 -31.38 -22.15
N TRP A 11 18.83 -31.04 -23.26
CA TRP A 11 18.16 -30.39 -24.40
C TRP A 11 17.02 -31.27 -24.94
N ASN A 12 17.13 -32.59 -24.76
CA ASN A 12 16.08 -33.51 -25.21
C ASN A 12 14.83 -33.43 -24.30
N TRP A 13 14.93 -32.65 -23.21
CA TRP A 13 13.84 -32.45 -22.26
C TRP A 13 13.23 -31.06 -22.51
N PHE A 14 13.02 -30.74 -23.78
CA PHE A 14 12.48 -29.43 -24.20
C PHE A 14 11.10 -29.13 -23.60
N ASP A 15 11.09 -28.75 -22.32
CA ASP A 15 9.87 -28.40 -21.59
C ASP A 15 10.24 -27.62 -20.31
N ILE A 16 10.80 -28.34 -19.32
CA ILE A 16 11.23 -27.74 -18.05
C ILE A 16 12.44 -26.80 -18.26
N THR A 17 13.33 -27.19 -19.17
CA THR A 17 14.58 -26.44 -19.42
C THR A 17 14.32 -24.95 -19.66
N ASN A 18 13.18 -24.60 -20.28
CA ASN A 18 12.86 -23.19 -20.53
C ASN A 18 12.88 -22.42 -19.21
N TRP A 19 12.18 -22.96 -18.20
CA TRP A 19 12.13 -22.36 -16.88
C TRP A 19 13.57 -22.26 -16.32
N LEU A 20 14.33 -23.33 -16.47
CA LEU A 20 15.70 -23.41 -15.98
C LEU A 20 16.60 -22.34 -16.62
N TRP A 21 16.38 -22.05 -17.90
CA TRP A 21 17.21 -21.07 -18.61
C TRP A 21 16.48 -19.73 -18.84
N TYR A 22 15.27 -19.57 -18.29
CA TYR A 22 14.53 -18.31 -18.46
C TYR A 22 14.07 -17.74 -17.11
N ILE A 23 14.44 -18.40 -16.01
CA ILE A 23 14.07 -17.93 -14.69
C ILE A 23 14.76 -16.59 -14.41
N ARG A 24 16.01 -16.44 -14.89
CA ARG A 24 16.75 -15.17 -14.73
C ARG A 24 15.87 -14.03 -15.28
N ILE A 25 15.28 -14.30 -16.44
CA ILE A 25 14.37 -13.36 -17.10
C ILE A 25 13.08 -13.26 -16.25
N PHE A 26 12.67 -14.39 -15.68
CA PHE A 26 11.45 -14.49 -14.88
C PHE A 26 11.47 -13.55 -13.68
N ILE A 27 12.59 -13.50 -12.93
CA ILE A 27 12.68 -12.60 -11.77
C ILE A 27 12.49 -11.14 -12.24
N ILE A 28 13.10 -10.77 -13.37
CA ILE A 28 12.97 -9.40 -13.89
C ILE A 28 11.48 -9.12 -14.14
N ILE A 29 10.78 -10.07 -14.77
CA ILE A 29 9.35 -9.92 -15.04
C ILE A 29 8.61 -9.81 -13.70
N VAL A 30 9.04 -10.61 -12.71
CA VAL A 30 8.43 -10.57 -11.38
C VAL A 30 8.64 -9.17 -10.78
N GLY A 31 9.84 -8.59 -10.99
CA GLY A 31 10.15 -7.26 -10.49
C GLY A 31 9.14 -6.26 -11.05
N SER A 32 8.90 -6.35 -12.35
CA SER A 32 7.92 -5.49 -13.02
C SER A 32 6.54 -5.76 -12.43
N LEU A 33 6.28 -7.04 -12.15
CA LEU A 33 5.01 -7.47 -11.58
C LEU A 33 4.76 -6.78 -10.24
N ILE A 34 5.79 -6.76 -9.38
CA ILE A 34 5.68 -6.11 -8.07
C ILE A 34 5.55 -4.58 -8.18
N GLY A 35 6.30 -3.92 -9.07
CA GLY A 35 6.17 -2.46 -9.19
C GLY A 35 4.72 -2.12 -9.57
N LEU A 36 4.16 -2.91 -10.50
CA LEU A 36 2.77 -2.77 -10.93
C LEU A 36 1.86 -2.81 -9.70
N ARG A 37 2.23 -3.66 -8.77
CA ARG A 37 1.54 -3.88 -7.52
C ARG A 37 1.37 -2.58 -6.71
N ILE A 38 2.28 -1.63 -6.87
CA ILE A 38 2.23 -0.39 -6.08
C ILE A 38 0.89 0.36 -6.30
N VAL A 39 0.35 0.35 -7.53
CA VAL A 39 -0.92 1.01 -7.81
C VAL A 39 -2.02 0.53 -6.85
N PHE A 40 -1.90 -0.73 -6.39
CA PHE A 40 -2.87 -1.31 -5.47
C PHE A 40 -3.01 -0.43 -4.22
N ALA A 41 -1.96 0.30 -3.87
CA ALA A 41 -2.01 1.16 -2.68
C ALA A 41 -3.20 2.13 -2.82
N VAL A 42 -3.47 2.63 -4.04
CA VAL A 42 -4.64 3.53 -4.24
C VAL A 42 -5.94 2.74 -3.92
N LEU A 43 -5.95 1.44 -4.26
CA LEU A 43 -7.11 0.55 -4.00
C LEU A 43 -7.51 0.66 -2.53
N SER A 44 -6.54 0.81 -1.62
CA SER A 44 -6.84 0.95 -0.19
C SER A 44 -7.66 2.22 0.05
N LEU A 45 -7.37 3.26 -0.71
CA LEU A 45 -8.09 4.53 -0.62
C LEU A 45 -9.56 4.26 -0.93
N VAL A 46 -9.76 3.46 -1.97
CA VAL A 46 -11.08 3.05 -2.42
C VAL A 46 -11.69 2.09 -1.39
N ASN A 47 -10.83 1.25 -0.81
CA ASN A 47 -11.25 0.28 0.20
C ASN A 47 -11.96 0.99 1.35
N ARG A 48 -11.53 2.21 1.69
CA ARG A 48 -12.15 2.91 2.81
C ARG A 48 -13.64 3.09 2.56
N VAL A 49 -13.93 3.62 1.39
CA VAL A 49 -15.31 3.88 0.98
C VAL A 49 -16.04 2.63 0.51
N ARG A 50 -15.37 1.85 -0.32
CA ARG A 50 -15.94 0.61 -0.88
C ARG A 50 -16.00 -0.55 0.13
N GLN A 51 -14.95 -0.66 0.93
CA GLN A 51 -14.79 -1.77 1.90
C GLN A 51 -15.11 -1.39 3.36
N GLY A 52 -15.63 -0.20 3.57
CA GLY A 52 -15.96 0.28 4.93
C GLY A 52 -14.84 1.13 5.56
N TYR A 53 -15.16 1.84 6.65
CA TYR A 53 -14.20 2.70 7.36
C TYR A 53 -13.02 1.90 7.95
N SER A 54 -13.28 1.18 9.05
CA SER A 54 -12.26 0.39 9.72
C SER A 54 -11.80 -0.76 8.82
N PRO A 55 -10.61 -1.35 9.05
CA PRO A 55 -10.05 -2.49 8.26
C PRO A 55 -11.05 -3.16 7.30
N LEU A 56 -11.45 -4.43 7.53
CA LEU A 56 -12.41 -5.10 6.65
C LEU A 56 -13.77 -5.30 7.35
N SER A 57 -13.77 -5.25 8.69
CA SER A 57 -15.00 -5.45 9.48
C SER A 57 -15.91 -4.23 9.46
N GLU A 80 -20.98 1.20 0.38
CA GLU A 80 -21.92 2.15 -0.20
C GLU A 80 -21.90 2.19 -1.75
N ARG A 81 -22.66 3.14 -2.29
CA ARG A 81 -22.82 3.40 -3.72
C ARG A 81 -21.50 3.71 -4.43
N ASP A 82 -20.48 4.15 -3.69
CA ASP A 82 -19.23 4.63 -4.28
C ASP A 82 -18.57 3.64 -5.27
N ARG A 83 -19.08 2.41 -5.43
CA ARG A 83 -18.52 1.50 -6.45
C ARG A 83 -18.65 2.19 -7.81
N ASP A 84 -19.75 2.95 -8.00
CA ASP A 84 -19.92 3.72 -9.23
C ASP A 84 -18.73 4.69 -9.34
N ARG A 85 -18.32 5.22 -8.18
CA ARG A 85 -17.17 6.11 -8.09
C ARG A 85 -15.87 5.31 -8.29
N SER A 86 -15.84 4.03 -7.90
CA SER A 86 -14.62 3.23 -8.10
C SER A 86 -14.28 3.24 -9.59
N ILE A 87 -15.32 3.21 -10.44
CA ILE A 87 -15.13 3.30 -11.89
C ILE A 87 -14.55 4.71 -12.23
N ARG A 88 -14.95 5.74 -11.46
CA ARG A 88 -14.40 7.10 -11.68
C ARG A 88 -12.86 7.07 -11.49
N LEU A 89 -12.34 5.99 -10.88
CA LEU A 89 -10.89 5.86 -10.69
C LEU A 89 -10.20 5.99 -12.05
N VAL A 90 -10.87 5.54 -13.13
CA VAL A 90 -10.30 5.68 -14.48
C VAL A 90 -10.06 7.19 -14.73
N ASN A 91 -11.06 7.99 -14.36
CA ASN A 91 -10.99 9.45 -14.46
C ASN A 91 -9.90 10.00 -13.54
N GLY A 92 -9.38 9.16 -12.64
CA GLY A 92 -8.40 9.59 -11.65
C GLY A 92 -7.20 10.25 -12.34
N SER A 93 -7.01 9.99 -13.65
CA SER A 93 -5.93 10.66 -14.38
C SER A 93 -6.23 12.17 -14.45
N LEU A 94 -7.51 12.50 -14.64
CA LEU A 94 -7.97 13.90 -14.71
C LEU A 94 -7.74 14.57 -13.35
N ALA A 95 -8.20 13.90 -12.32
CA ALA A 95 -8.09 14.38 -10.94
C ALA A 95 -6.66 14.38 -10.40
N LEU A 96 -5.88 13.40 -10.86
CA LEU A 96 -4.54 13.20 -10.36
C LEU A 96 -3.67 14.44 -10.52
N ILE A 97 -3.96 15.35 -11.48
CA ILE A 97 -3.14 16.54 -11.54
C ILE A 97 -3.57 17.52 -10.43
N TRP A 98 -4.83 17.42 -9.95
CA TRP A 98 -5.34 18.33 -8.92
C TRP A 98 -4.63 18.16 -7.55
N ASP A 99 -4.47 16.91 -7.06
CA ASP A 99 -3.79 16.71 -5.76
C ASP A 99 -2.30 17.07 -5.85
N ASP A 100 -1.65 16.58 -6.92
CA ASP A 100 -0.21 16.82 -7.14
C ASP A 100 0.16 18.27 -7.51
N LEU A 101 -0.60 18.89 -8.43
CA LEU A 101 -0.30 20.25 -8.90
C LEU A 101 -0.28 21.26 -7.75
N ARG A 102 -1.15 21.07 -6.77
CA ARG A 102 -1.22 22.00 -5.65
C ARG A 102 -0.06 21.83 -4.68
N SER A 103 0.60 20.65 -4.67
CA SER A 103 1.69 20.43 -3.73
C SER A 103 3.01 21.11 -4.17
N LEU A 104 3.42 20.95 -5.44
CA LEU A 104 4.67 21.58 -5.91
C LEU A 104 4.59 23.11 -6.04
N SER A 105 3.57 23.61 -6.75
CA SER A 105 3.44 25.04 -7.04
C SER A 105 2.46 25.76 -6.09
N LEU A 106 1.46 25.04 -5.59
CA LEU A 106 0.43 25.64 -4.71
C LEU A 106 -0.34 26.74 -5.44
N PHE A 107 -1.50 27.10 -4.88
CA PHE A 107 -2.37 28.13 -5.47
C PHE A 107 -1.71 29.53 -5.44
N SER A 108 -0.82 29.75 -4.47
CA SER A 108 -0.13 31.04 -4.33
C SER A 108 0.71 31.34 -5.58
N TYR A 109 1.25 30.30 -6.20
CA TYR A 109 2.08 30.44 -7.39
C TYR A 109 3.29 31.33 -7.07
N HIS A 110 4.31 31.31 -7.95
CA HIS A 110 5.61 32.00 -7.68
C HIS A 110 6.46 31.07 -6.76
N ARG A 111 5.75 30.15 -6.10
CA ARG A 111 6.26 29.13 -5.21
C ARG A 111 7.01 28.02 -5.97
N LEU A 112 6.69 27.80 -7.26
CA LEU A 112 7.24 26.67 -8.01
C LEU A 112 8.78 26.67 -8.03
N ARG A 113 9.41 27.81 -8.28
CA ARG A 113 10.89 27.88 -8.24
C ARG A 113 11.28 27.75 -6.76
N ASP A 114 10.41 28.27 -5.89
CA ASP A 114 10.54 28.20 -4.46
C ASP A 114 10.49 26.74 -3.99
N LEU A 115 9.72 25.88 -4.70
CA LEU A 115 9.54 24.50 -4.28
C LEU A 115 10.87 23.77 -4.13
N LEU A 116 11.83 24.04 -5.01
CA LEU A 116 13.14 23.39 -4.88
C LEU A 116 13.89 23.91 -3.66
N LEU A 117 13.77 25.21 -3.39
CA LEU A 117 14.46 25.84 -2.24
C LEU A 117 13.79 25.51 -0.91
N ILE A 118 12.46 25.60 -0.86
CA ILE A 118 11.70 25.34 0.36
C ILE A 118 12.04 23.95 0.90
N VAL A 119 12.28 22.98 0.01
CA VAL A 119 12.55 21.62 0.46
C VAL A 119 13.72 21.64 1.47
N THR A 120 14.79 22.39 1.16
CA THR A 120 15.93 22.50 2.07
C THR A 120 15.54 23.19 3.40
N ARG A 121 14.66 24.20 3.31
CA ARG A 121 14.25 24.97 4.50
C ARG A 121 13.43 24.16 5.48
N ILE A 122 12.46 23.39 5.00
CA ILE A 122 11.63 22.62 5.89
C ILE A 122 12.47 21.51 6.54
N VAL A 123 13.35 20.86 5.77
CA VAL A 123 14.19 19.80 6.33
C VAL A 123 15.20 20.39 7.32
N GLU A 124 15.76 21.57 6.98
CA GLU A 124 16.73 22.22 7.86
C GLU A 124 16.04 22.66 9.16
N LEU A 125 14.85 23.24 9.03
CA LEU A 125 14.08 23.72 10.17
C LEU A 125 13.64 22.58 11.09
N LEU A 126 13.05 21.53 10.50
CA LEU A 126 12.55 20.38 11.26
C LEU A 126 13.69 19.45 11.74
N GLY A 127 14.84 19.50 11.07
CA GLY A 127 15.98 18.62 11.41
C GLY A 127 16.51 18.80 12.83
N ARG A 128 16.41 20.01 13.38
CA ARG A 128 16.91 20.28 14.74
C ARG A 128 16.07 19.59 15.82
N ARG A 129 14.75 19.77 15.76
CA ARG A 129 13.84 19.16 16.74
C ARG A 129 13.49 17.70 16.41
N GLY A 130 13.77 17.27 15.18
CA GLY A 130 13.45 15.91 14.72
C GLY A 130 14.11 14.81 15.58
N TRP A 131 15.20 15.13 16.26
CA TRP A 131 15.92 14.14 17.08
C TRP A 131 15.13 13.60 18.27
N GLU A 132 14.02 14.23 18.63
CA GLU A 132 13.24 13.76 19.76
C GLU A 132 12.92 12.23 19.63
N ALA A 133 13.22 11.61 18.45
CA ALA A 133 13.06 10.16 18.29
C ALA A 133 13.83 9.47 19.41
N LEU A 134 15.09 9.91 19.58
CA LEU A 134 15.92 9.39 20.66
C LEU A 134 15.24 9.67 22.01
N LYS A 135 14.56 10.84 22.13
CA LYS A 135 13.92 11.21 23.43
C LYS A 135 12.94 10.12 23.93
N TYR A 136 12.07 9.67 23.06
CA TYR A 136 11.06 8.69 23.45
C TYR A 136 11.72 7.37 23.82
N TRP A 137 12.76 6.99 23.07
CA TRP A 137 13.46 5.75 23.31
C TRP A 137 14.06 5.70 24.72
N TRP A 138 14.51 6.84 25.27
CA TRP A 138 15.11 6.82 26.62
C TRP A 138 14.06 6.54 27.70
N ASN A 139 12.92 7.25 27.66
CA ASN A 139 11.86 7.00 28.65
C ASN A 139 11.19 5.64 28.41
N LEU A 140 11.01 5.30 27.13
CA LEU A 140 10.35 4.06 26.71
C LEU A 140 11.08 2.84 27.27
N LEU A 141 12.40 2.78 27.05
CA LEU A 141 13.19 1.66 27.56
C LEU A 141 13.26 1.68 29.08
N GLN A 142 13.24 2.89 29.66
CA GLN A 142 13.32 3.05 31.10
C GLN A 142 12.18 2.33 31.85
N TYR A 143 10.91 2.42 31.38
CA TYR A 143 9.84 1.75 32.07
C TYR A 143 9.91 0.24 31.83
N TRP A 144 10.37 -0.17 30.63
CA TRP A 144 10.42 -1.58 30.27
C TRP A 144 11.33 -2.31 31.25
N SER A 145 12.42 -1.63 31.65
CA SER A 145 13.34 -2.17 32.64
C SER A 145 12.57 -2.31 33.96
N GLN A 146 11.70 -1.34 34.23
CA GLN A 146 10.90 -1.32 35.45
C GLN A 146 9.92 -2.52 35.52
N GLU A 147 9.32 -2.95 34.38
CA GLU A 147 8.38 -4.09 34.43
C GLU A 147 9.17 -5.36 34.78
N LEU A 148 10.35 -5.52 34.17
CA LEU A 148 11.20 -6.68 34.41
C LEU A 148 11.62 -6.72 35.89
N LYS A 149 11.94 -5.54 36.44
CA LYS A 149 12.39 -5.44 37.84
C LYS A 149 11.29 -5.92 38.80
N ASN A 150 10.05 -5.50 38.55
CA ASN A 150 8.92 -5.88 39.41
C ASN A 150 8.63 -7.38 39.34
N SER A 151 8.79 -7.96 38.15
CA SER A 151 8.53 -9.39 37.95
C SER A 151 9.51 -10.26 38.75
N ALA A 152 10.80 -9.91 38.67
CA ALA A 152 11.85 -10.67 39.37
C ALA A 152 11.72 -10.56 40.89
N VAL A 153 11.51 -9.34 41.41
CA VAL A 153 11.40 -9.13 42.86
C VAL A 153 10.20 -9.86 43.44
N SER A 154 9.04 -9.75 42.78
CA SER A 154 7.80 -10.38 43.26
C SER A 154 7.93 -11.91 43.32
N LEU A 155 8.47 -12.51 42.26
CA LEU A 155 8.62 -13.96 42.19
C LEU A 155 9.72 -14.47 43.12
N LEU A 156 10.92 -13.86 43.02
CA LEU A 156 12.07 -14.27 43.83
C LEU A 156 11.85 -14.04 45.34
N ASN A 157 11.30 -12.87 45.71
CA ASN A 157 11.07 -12.57 47.13
C ASN A 157 9.99 -13.47 47.72
N ALA A 158 8.94 -13.68 46.95
CA ALA A 158 7.81 -14.50 47.38
C ALA A 158 8.25 -15.94 47.65
N THR A 159 9.13 -16.47 46.79
CA THR A 159 9.64 -17.83 46.97
C THR A 159 10.59 -17.87 48.18
N ALA A 160 11.31 -16.76 48.40
CA ALA A 160 12.26 -16.64 49.51
C ALA A 160 11.53 -16.50 50.86
N ILE A 161 10.33 -15.91 50.83
CA ILE A 161 9.55 -15.69 52.05
C ILE A 161 9.31 -17.01 52.80
N ALA A 162 9.25 -18.13 52.08
CA ALA A 162 9.05 -19.44 52.70
C ALA A 162 10.00 -19.64 53.90
N VAL A 163 11.18 -19.00 53.82
CA VAL A 163 12.18 -19.08 54.88
C VAL A 163 12.05 -17.86 55.81
N GLY A 164 12.38 -18.06 57.10
CA GLY A 164 12.32 -16.99 58.08
C GLY A 164 13.62 -16.18 58.07
N GLU A 165 14.20 -15.95 59.26
CA GLU A 165 15.45 -15.19 59.39
C GLU A 165 15.23 -13.71 59.04
N GLY A 166 15.03 -13.42 57.75
CA GLY A 166 14.82 -12.05 57.29
C GLY A 166 15.07 -11.95 55.78
N THR A 167 14.63 -12.96 55.03
CA THR A 167 14.82 -12.99 53.59
C THR A 167 13.98 -11.90 52.90
N ASP A 168 12.78 -11.66 53.42
CA ASP A 168 11.86 -10.68 52.85
C ASP A 168 12.45 -9.26 52.80
N ARG A 169 13.05 -8.83 53.92
CA ARG A 169 13.62 -7.47 54.01
C ARG A 169 14.84 -7.29 53.09
N VAL A 170 15.74 -8.28 53.08
CA VAL A 170 16.96 -8.17 52.26
C VAL A 170 16.65 -8.21 50.76
N ILE A 171 15.81 -9.16 50.31
CA ILE A 171 15.50 -9.29 48.87
C ILE A 171 14.82 -8.04 48.29
N GLU A 172 13.79 -7.51 48.96
CA GLU A 172 13.05 -6.35 48.45
C GLU A 172 13.87 -5.06 48.51
N VAL A 173 14.65 -4.87 49.57
CA VAL A 173 15.44 -3.65 49.73
C VAL A 173 16.64 -3.59 48.74
N VAL A 174 17.43 -4.67 48.65
CA VAL A 174 18.61 -4.67 47.77
C VAL A 174 18.25 -4.59 46.28
N GLN A 175 17.18 -5.28 45.85
CA GLN A 175 16.79 -5.26 44.43
C GLN A 175 16.23 -3.89 44.05
N GLY A 176 15.30 -3.41 44.87
CA GLY A 176 14.65 -2.12 44.63
C GLY A 176 15.63 -0.95 44.81
N ALA A 177 16.56 -1.08 45.76
CA ALA A 177 17.53 -0.01 46.04
C ALA A 177 18.51 0.20 44.88
N SER A 178 19.05 -0.89 44.34
CA SER A 178 20.04 -0.80 43.26
C SER A 178 19.43 -0.31 41.94
N ARG A 179 18.28 -0.89 41.54
CA ARG A 179 17.65 -0.50 40.28
C ARG A 179 17.06 0.91 40.36
N ALA A 180 16.28 1.18 41.42
CA ALA A 180 15.65 2.49 41.59
C ALA A 180 16.69 3.63 41.64
N ILE A 181 17.74 3.44 42.45
CA ILE A 181 18.79 4.46 42.59
C ILE A 181 19.59 4.62 41.27
N ARG A 182 19.64 3.56 40.44
CA ARG A 182 20.37 3.62 39.17
C ARG A 182 19.76 4.67 38.22
N HIS A 183 18.60 5.23 38.56
CA HIS A 183 17.95 6.24 37.72
C HIS A 183 18.84 7.47 37.59
N ILE A 184 19.25 7.78 36.35
CA ILE A 184 20.10 8.94 36.08
C ILE A 184 19.54 9.73 34.87
N PRO A 185 19.02 10.95 35.06
CA PRO A 185 18.46 11.75 33.92
C PRO A 185 19.57 12.40 33.09
N ARG A 186 19.84 11.84 31.91
CA ARG A 186 20.86 12.36 31.01
C ARG A 186 20.23 12.73 29.65
N ARG A 187 19.12 13.48 29.71
CA ARG A 187 18.41 13.91 28.50
C ARG A 187 19.38 14.45 27.44
N ILE A 188 19.57 13.69 26.36
CA ILE A 188 20.45 14.11 25.26
C ILE A 188 19.82 15.29 24.53
N ARG A 189 18.52 15.17 24.30
CA ARG A 189 17.75 16.20 23.61
C ARG A 189 17.84 17.54 24.36
N GLN A 190 17.75 17.49 25.69
CA GLN A 190 17.82 18.70 26.51
C GLN A 190 19.16 19.41 26.31
N GLY A 191 20.26 18.66 26.45
CA GLY A 191 21.61 19.20 26.28
C GLY A 191 21.88 19.58 24.82
N LEU A 192 21.26 18.85 23.89
CA LEU A 192 21.44 19.09 22.46
C LEU A 192 20.73 20.39 22.02
N GLU A 193 19.65 20.75 22.70
CA GLU A 193 18.90 21.96 22.35
C GLU A 193 19.57 23.22 22.92
N ARG A 194 19.99 23.15 24.19
CA ARG A 194 20.60 24.29 24.87
C ARG A 194 22.10 24.47 24.61
N ILE A 195 22.87 23.37 24.54
CA ILE A 195 24.34 23.46 24.39
C ILE A 195 24.80 23.41 22.92
N LEU A 196 23.92 23.01 21.99
CA LEU A 196 24.32 22.94 20.57
C LEU A 196 24.11 24.28 19.85
N LEU A 197 23.93 25.37 20.60
CA LEU A 197 23.74 26.70 20.01
C LEU A 197 24.99 27.56 20.21
N LEU B 1 30.22 -27.17 -26.98
CA LEU B 1 28.85 -26.80 -26.51
C LEU B 1 28.93 -26.39 -25.03
N LEU B 2 28.25 -25.30 -24.68
CA LEU B 2 28.21 -24.82 -23.28
C LEU B 2 29.65 -24.82 -22.66
N GLU B 3 29.75 -24.93 -21.32
CA GLU B 3 31.03 -24.96 -20.60
C GLU B 3 31.93 -23.73 -20.85
N LEU B 4 33.19 -23.83 -20.40
CA LEU B 4 34.17 -22.75 -20.50
C LEU B 4 34.10 -21.98 -21.81
N ASP B 5 33.80 -22.67 -22.89
CA ASP B 5 33.74 -22.03 -24.22
C ASP B 5 32.58 -21.05 -24.30
N LYS B 6 31.47 -21.39 -23.69
CA LYS B 6 30.28 -20.51 -23.69
C LYS B 6 30.43 -19.42 -22.63
N TRP B 7 30.95 -19.80 -21.47
CA TRP B 7 31.15 -18.86 -20.36
C TRP B 7 32.26 -17.85 -20.67
N ALA B 8 33.38 -18.35 -21.18
CA ALA B 8 34.54 -17.49 -21.49
C ALA B 8 34.22 -16.49 -22.60
N SER B 9 33.52 -16.94 -23.63
CA SER B 9 33.15 -16.06 -24.75
C SER B 9 32.27 -14.89 -24.29
N LEU B 10 31.61 -15.06 -23.14
CA LEU B 10 30.72 -14.04 -22.59
C LEU B 10 31.50 -12.88 -21.95
N TRP B 11 32.75 -13.12 -21.53
CA TRP B 11 33.56 -12.06 -20.91
C TRP B 11 33.74 -10.85 -21.85
N ASN B 12 33.41 -11.02 -23.14
CA ASN B 12 33.52 -9.92 -24.10
C ASN B 12 32.37 -8.91 -23.90
N TRP B 13 31.27 -9.38 -23.29
CA TRP B 13 30.09 -8.54 -23.03
C TRP B 13 30.20 -7.96 -21.61
N PHE B 14 31.43 -7.65 -21.19
CA PHE B 14 31.74 -7.12 -19.84
C PHE B 14 30.55 -6.44 -19.13
N ASP B 15 29.89 -5.51 -19.82
CA ASP B 15 28.74 -4.79 -19.22
C ASP B 15 27.63 -5.77 -18.82
N ILE B 16 27.17 -6.58 -19.76
CA ILE B 16 26.11 -7.56 -19.51
C ILE B 16 26.62 -8.68 -18.57
N THR B 17 27.89 -9.09 -18.73
CA THR B 17 28.45 -10.16 -17.88
C THR B 17 28.25 -9.81 -16.41
N ASN B 18 28.42 -8.52 -16.07
CA ASN B 18 28.25 -8.07 -14.69
C ASN B 18 26.84 -8.42 -14.21
N TRP B 19 25.84 -8.14 -15.04
CA TRP B 19 24.46 -8.46 -14.71
C TRP B 19 24.28 -10.00 -14.62
N LEU B 20 24.85 -10.72 -15.60
CA LEU B 20 24.73 -12.18 -15.66
C LEU B 20 25.33 -12.88 -14.44
N TRP B 21 26.43 -12.36 -13.91
CA TRP B 21 27.09 -13.00 -12.76
C TRP B 21 26.60 -12.43 -11.42
N TYR B 22 26.21 -11.17 -11.40
CA TYR B 22 25.77 -10.53 -10.17
C TYR B 22 24.24 -10.51 -10.03
N ILE B 23 23.51 -11.20 -10.94
CA ILE B 23 22.04 -11.23 -10.84
C ILE B 23 21.64 -11.87 -9.51
N ARG B 24 22.33 -12.95 -9.10
CA ARG B 24 22.00 -13.65 -7.85
C ARG B 24 21.97 -12.66 -6.69
N ILE B 25 22.87 -11.67 -6.73
CA ILE B 25 22.91 -10.63 -5.72
C ILE B 25 21.61 -9.84 -5.81
N PHE B 26 21.25 -9.51 -7.05
CA PHE B 26 20.06 -8.72 -7.36
C PHE B 26 18.76 -9.44 -7.00
N ILE B 27 18.73 -10.77 -7.11
CA ILE B 27 17.51 -11.54 -6.81
C ILE B 27 17.11 -11.33 -5.35
N ILE B 28 18.09 -11.29 -4.46
CA ILE B 28 17.82 -11.12 -3.03
C ILE B 28 17.09 -9.79 -2.79
N ILE B 29 17.57 -8.71 -3.43
CA ILE B 29 16.94 -7.40 -3.27
C ILE B 29 15.50 -7.42 -3.81
N VAL B 30 15.29 -8.08 -4.96
CA VAL B 30 13.95 -8.17 -5.55
C VAL B 30 12.98 -8.81 -4.54
N GLY B 31 13.40 -9.95 -3.96
CA GLY B 31 12.57 -10.64 -2.96
C GLY B 31 12.31 -9.69 -1.78
N SER B 32 13.35 -8.93 -1.42
CA SER B 32 13.28 -7.95 -0.35
C SER B 32 12.29 -6.83 -0.68
N LEU B 33 12.23 -6.45 -1.96
CA LEU B 33 11.39 -5.34 -2.42
C LEU B 33 9.92 -5.57 -2.08
N ILE B 34 9.39 -6.80 -2.22
CA ILE B 34 7.98 -7.04 -1.88
C ILE B 34 7.79 -6.74 -0.38
N GLY B 35 8.76 -7.17 0.44
CA GLY B 35 8.72 -6.90 1.89
C GLY B 35 8.77 -5.39 2.11
N LEU B 36 9.66 -4.71 1.37
CA LEU B 36 9.79 -3.24 1.44
C LEU B 36 8.41 -2.63 1.12
N ARG B 37 7.71 -3.24 0.17
CA ARG B 37 6.38 -2.81 -0.22
C ARG B 37 5.43 -2.81 1.00
N ILE B 38 5.68 -3.69 1.98
CA ILE B 38 4.81 -3.74 3.17
C ILE B 38 4.86 -2.35 3.85
N VAL B 39 6.04 -1.75 3.88
CA VAL B 39 6.23 -0.40 4.42
C VAL B 39 5.52 0.62 3.49
N PHE B 40 5.45 0.30 2.20
CA PHE B 40 4.78 1.15 1.22
C PHE B 40 3.33 1.40 1.65
N ALA B 41 2.75 0.46 2.40
CA ALA B 41 1.36 0.60 2.84
C ALA B 41 1.23 1.94 3.59
N VAL B 42 2.25 2.34 4.36
CA VAL B 42 2.18 3.65 5.04
C VAL B 42 2.04 4.77 3.96
N LEU B 43 2.69 4.59 2.80
CA LEU B 43 2.64 5.54 1.67
C LEU B 43 1.19 5.80 1.24
N SER B 44 0.32 4.76 1.25
CA SER B 44 -1.07 4.95 0.83
C SER B 44 -1.76 5.94 1.79
N LEU B 45 -1.36 5.91 3.07
CA LEU B 45 -1.89 6.81 4.08
C LEU B 45 -1.54 8.25 3.65
N VAL B 46 -0.32 8.42 3.13
CA VAL B 46 0.15 9.71 2.64
C VAL B 46 -0.66 10.09 1.39
N ASN B 47 -0.95 9.09 0.56
CA ASN B 47 -1.75 9.29 -0.64
C ASN B 47 -3.14 9.78 -0.25
N ARG B 48 -3.67 9.25 0.86
CA ARG B 48 -5.01 9.62 1.34
C ARG B 48 -5.05 11.09 1.69
N VAL B 49 -4.01 11.59 2.34
CA VAL B 49 -3.95 12.99 2.75
C VAL B 49 -3.77 13.90 1.53
N ARG B 50 -2.95 13.44 0.61
CA ARG B 50 -2.65 14.19 -0.61
C ARG B 50 -3.81 14.20 -1.61
N GLN B 51 -4.47 13.05 -1.77
CA GLN B 51 -5.56 12.87 -2.74
C GLN B 51 -6.97 12.91 -2.13
N GLY B 52 -7.03 12.66 -0.83
CA GLY B 52 -8.31 12.61 -0.08
C GLY B 52 -8.83 11.14 0.01
N TYR B 53 -9.51 10.78 1.12
CA TYR B 53 -10.02 9.39 1.32
C TYR B 53 -10.88 8.91 0.16
N SER B 54 -11.81 9.76 -0.30
CA SER B 54 -12.69 9.40 -1.40
C SER B 54 -11.83 9.26 -2.67
N PRO B 55 -12.28 8.56 -3.72
CA PRO B 55 -11.51 8.40 -4.99
C PRO B 55 -10.67 9.63 -5.34
N LEU B 56 -9.73 9.46 -6.25
CA LEU B 56 -8.85 10.56 -6.63
C LEU B 56 -9.65 11.68 -7.32
N SER B 57 -10.90 11.39 -7.73
CA SER B 57 -11.76 12.37 -8.40
C SER B 57 -12.12 13.59 -7.52
N GLU B 80 -3.44 19.84 -1.55
CA GLU B 80 -2.89 21.20 -1.43
C GLU B 80 -1.99 21.34 -0.18
N ARG B 81 -2.61 21.53 0.97
CA ARG B 81 -1.92 21.70 2.25
C ARG B 81 -1.05 20.48 2.61
N ASP B 82 -1.40 19.32 2.07
CA ASP B 82 -0.74 18.06 2.40
C ASP B 82 0.78 18.03 2.21
N ARG B 83 1.36 18.81 1.28
CA ARG B 83 2.82 18.75 1.06
C ARG B 83 3.62 19.23 2.27
N ASP B 84 3.26 20.37 2.86
CA ASP B 84 4.01 20.89 4.01
C ASP B 84 4.02 19.88 5.14
N ARG B 85 2.84 19.30 5.45
CA ARG B 85 2.74 18.30 6.50
C ARG B 85 3.39 16.99 6.06
N SER B 86 3.23 16.65 4.77
CA SER B 86 3.78 15.41 4.24
C SER B 86 5.29 15.37 4.45
N ILE B 87 5.99 16.52 4.29
CA ILE B 87 7.44 16.56 4.54
C ILE B 87 7.69 16.12 6.01
N ARG B 88 6.74 16.38 6.91
CA ARG B 88 6.89 15.99 8.31
C ARG B 88 7.10 14.48 8.43
N LEU B 89 6.69 13.74 7.39
CA LEU B 89 6.88 12.28 7.38
C LEU B 89 8.35 11.94 7.59
N VAL B 90 9.25 12.78 7.05
CA VAL B 90 10.69 12.59 7.24
C VAL B 90 10.95 12.59 8.76
N ASN B 91 10.41 13.62 9.39
CA ASN B 91 10.47 13.80 10.84
C ASN B 91 9.62 12.75 11.57
N GLY B 92 8.79 12.04 10.81
CA GLY B 92 7.89 11.04 11.36
C GLY B 92 8.67 10.01 12.18
N SER B 93 9.99 9.91 11.98
CA SER B 93 10.78 8.95 12.74
C SER B 93 10.63 9.23 14.24
N LEU B 94 10.56 10.52 14.61
CA LEU B 94 10.39 10.89 16.02
C LEU B 94 8.99 10.54 16.53
N ALA B 95 7.98 10.84 15.73
CA ALA B 95 6.58 10.57 16.06
C ALA B 95 6.27 9.06 16.05
N LEU B 96 6.97 8.34 15.16
CA LEU B 96 6.71 6.92 14.94
C LEU B 96 6.85 6.10 16.21
N ILE B 97 7.63 6.54 17.21
CA ILE B 97 7.70 5.77 18.42
C ILE B 97 6.42 6.00 19.25
N TRP B 98 5.76 7.15 19.05
CA TRP B 98 4.55 7.52 19.81
C TRP B 98 3.28 6.67 19.52
N ASP B 99 2.92 6.40 18.24
CA ASP B 99 1.69 5.61 17.98
C ASP B 99 1.86 4.14 18.45
N ASP B 100 2.99 3.52 18.09
CA ASP B 100 3.30 2.14 18.44
C ASP B 100 3.60 1.91 19.95
N LEU B 101 4.25 2.88 20.61
CA LEU B 101 4.68 2.74 22.03
C LEU B 101 3.51 2.43 22.98
N ARG B 102 2.39 3.12 22.83
CA ARG B 102 1.27 2.90 23.74
C ARG B 102 0.43 1.65 23.38
N SER B 103 0.59 1.14 22.15
CA SER B 103 -0.20 -0.01 21.70
C SER B 103 0.17 -1.36 22.38
N LEU B 104 1.47 -1.68 22.50
CA LEU B 104 1.86 -2.97 23.11
C LEU B 104 1.57 -3.08 24.62
N SER B 105 1.87 -2.03 25.39
CA SER B 105 1.70 -2.06 26.86
C SER B 105 0.39 -1.36 27.33
N LEU B 106 -0.30 -0.65 26.43
CA LEU B 106 -1.51 0.13 26.78
C LEU B 106 -1.27 1.04 28.01
N PHE B 107 -2.33 1.69 28.50
CA PHE B 107 -2.22 2.64 29.63
C PHE B 107 -1.94 1.96 31.00
N SER B 108 -0.99 1.02 31.02
CA SER B 108 -0.61 0.33 32.27
C SER B 108 0.63 -0.53 32.00
N TYR B 109 1.51 -0.64 33.00
CA TYR B 109 2.73 -1.44 32.84
C TYR B 109 2.55 -2.83 33.46
N HIS B 110 3.50 -3.74 33.19
CA HIS B 110 3.39 -5.17 33.59
C HIS B 110 2.45 -5.88 32.56
N ARG B 111 1.67 -5.06 31.84
CA ARG B 111 0.75 -5.45 30.78
C ARG B 111 1.50 -5.88 29.52
N LEU B 112 2.71 -5.36 29.32
CA LEU B 112 3.46 -5.61 28.06
C LEU B 112 3.66 -7.12 27.83
N ARG B 113 4.06 -7.88 28.85
CA ARG B 113 4.22 -9.34 28.68
C ARG B 113 2.86 -10.01 28.54
N ASP B 114 1.88 -9.54 29.30
CA ASP B 114 0.54 -10.10 29.27
C ASP B 114 -0.20 -9.80 27.96
N LEU B 115 0.05 -8.62 27.36
CA LEU B 115 -0.68 -8.21 26.17
C LEU B 115 -0.55 -9.18 25.00
N LEU B 116 0.62 -9.79 24.75
CA LEU B 116 0.70 -10.72 23.60
C LEU B 116 -0.33 -11.86 23.76
N LEU B 117 -0.57 -12.31 25.02
CA LEU B 117 -1.54 -13.40 25.26
C LEU B 117 -2.95 -13.00 24.80
N ILE B 118 -3.30 -11.71 24.91
CA ILE B 118 -4.63 -11.25 24.50
C ILE B 118 -4.89 -11.64 23.04
N VAL B 119 -3.84 -11.58 22.20
CA VAL B 119 -3.99 -11.86 20.77
C VAL B 119 -4.64 -13.23 20.55
N THR B 120 -4.27 -14.22 21.35
CA THR B 120 -4.88 -15.55 21.20
C THR B 120 -6.39 -15.49 21.49
N ARG B 121 -6.78 -14.63 22.42
CA ARG B 121 -8.19 -14.51 22.83
C ARG B 121 -9.14 -14.19 21.67
N ILE B 122 -8.83 -13.18 20.84
CA ILE B 122 -9.75 -12.84 19.75
C ILE B 122 -9.85 -14.00 18.75
N VAL B 123 -8.73 -14.63 18.41
CA VAL B 123 -8.76 -15.73 17.44
C VAL B 123 -9.61 -16.91 17.96
N GLU B 124 -9.56 -17.21 19.26
CA GLU B 124 -10.35 -18.33 19.79
C GLU B 124 -11.84 -17.98 19.73
N LEU B 125 -12.18 -16.76 20.12
CA LEU B 125 -13.57 -16.29 20.11
C LEU B 125 -14.12 -16.20 18.68
N LEU B 126 -13.30 -15.69 17.76
CA LEU B 126 -13.71 -15.50 16.36
C LEU B 126 -13.99 -16.81 15.64
N GLY B 127 -13.37 -17.90 16.07
CA GLY B 127 -13.59 -19.19 15.41
C GLY B 127 -15.08 -19.59 15.50
N ARG B 128 -15.76 -19.11 16.54
CA ARG B 128 -17.19 -19.39 16.74
C ARG B 128 -18.07 -18.55 15.80
N ARG B 129 -17.78 -17.25 15.71
CA ARG B 129 -18.55 -16.30 14.88
C ARG B 129 -18.11 -16.33 13.41
N GLY B 130 -16.94 -16.91 13.13
CA GLY B 130 -16.38 -16.96 11.78
C GLY B 130 -17.32 -17.60 10.74
N TRP B 131 -18.28 -18.42 11.20
CA TRP B 131 -19.19 -19.10 10.28
C TRP B 131 -20.00 -18.18 9.37
N GLU B 132 -20.02 -16.88 9.67
CA GLU B 132 -20.78 -15.95 8.83
C GLU B 132 -20.38 -16.12 7.33
N ALA B 133 -19.25 -16.81 7.10
CA ALA B 133 -18.78 -17.14 5.76
C ALA B 133 -19.87 -17.88 5.00
N LEU B 134 -20.39 -18.95 5.64
CA LEU B 134 -21.40 -19.79 5.03
C LEU B 134 -22.78 -19.13 4.94
N LYS B 135 -23.21 -18.35 5.96
CA LYS B 135 -24.58 -17.77 5.89
C LYS B 135 -24.77 -16.94 4.64
N TYR B 136 -23.83 -16.03 4.34
CA TYR B 136 -24.00 -15.19 3.19
C TYR B 136 -23.78 -15.92 1.89
N TRP B 137 -22.82 -16.85 1.84
CA TRP B 137 -22.54 -17.58 0.60
C TRP B 137 -23.74 -18.39 0.11
N TRP B 138 -24.48 -19.05 1.01
CA TRP B 138 -25.66 -19.82 0.56
C TRP B 138 -26.78 -18.86 0.08
N ASN B 139 -27.02 -17.78 0.84
CA ASN B 139 -28.05 -16.80 0.47
C ASN B 139 -27.65 -16.04 -0.81
N LEU B 140 -26.36 -15.70 -0.90
CA LEU B 140 -25.80 -14.96 -2.03
C LEU B 140 -25.97 -15.74 -3.33
N LEU B 141 -25.55 -17.00 -3.34
CA LEU B 141 -25.70 -17.82 -4.53
C LEU B 141 -27.19 -18.05 -4.85
N GLN B 142 -28.00 -18.10 -3.79
CA GLN B 142 -29.44 -18.33 -3.93
C GLN B 142 -30.16 -17.22 -4.72
N TYR B 143 -29.84 -15.92 -4.47
CA TYR B 143 -30.52 -14.85 -5.18
C TYR B 143 -30.07 -14.79 -6.65
N TRP B 144 -28.79 -15.11 -6.91
CA TRP B 144 -28.25 -15.04 -8.26
C TRP B 144 -28.98 -16.05 -9.14
N SER B 145 -29.18 -17.25 -8.61
CA SER B 145 -29.89 -18.31 -9.32
C SER B 145 -31.31 -17.83 -9.64
N GLN B 146 -31.92 -17.11 -8.70
CA GLN B 146 -33.27 -16.59 -8.88
C GLN B 146 -33.34 -15.64 -10.07
N GLU B 147 -32.28 -14.82 -10.28
CA GLU B 147 -32.28 -13.89 -11.40
C GLU B 147 -32.16 -14.65 -12.73
N LEU B 148 -31.42 -15.76 -12.73
CA LEU B 148 -31.25 -16.58 -13.93
C LEU B 148 -32.62 -17.14 -14.35
N LYS B 149 -33.38 -17.63 -13.37
CA LYS B 149 -34.71 -18.19 -13.61
C LYS B 149 -35.68 -17.11 -14.10
N ASN B 150 -35.55 -15.88 -13.57
CA ASN B 150 -36.44 -14.79 -13.94
C ASN B 150 -36.27 -14.44 -15.43
N SER B 151 -35.02 -14.38 -15.89
CA SER B 151 -34.74 -14.08 -17.30
C SER B 151 -35.30 -15.21 -18.18
N ALA B 152 -35.05 -16.45 -17.75
CA ALA B 152 -35.50 -17.63 -18.46
C ALA B 152 -37.03 -17.70 -18.49
N VAL B 153 -37.69 -17.28 -17.39
CA VAL B 153 -39.14 -17.33 -17.31
C VAL B 153 -39.75 -16.42 -18.39
N SER B 154 -39.13 -15.26 -18.61
CA SER B 154 -39.61 -14.30 -19.60
C SER B 154 -39.60 -14.90 -21.00
N LEU B 155 -38.44 -15.42 -21.44
CA LEU B 155 -38.32 -16.01 -22.77
C LEU B 155 -39.10 -17.32 -22.87
N LEU B 156 -38.96 -18.19 -21.86
CA LEU B 156 -39.62 -19.49 -21.85
C LEU B 156 -41.16 -19.35 -21.85
N ASN B 157 -41.68 -18.41 -21.04
CA ASN B 157 -43.12 -18.20 -20.96
C ASN B 157 -43.67 -17.72 -22.30
N ALA B 158 -42.94 -16.80 -22.91
CA ALA B 158 -43.33 -16.19 -24.19
C ALA B 158 -43.25 -17.16 -25.38
N THR B 159 -42.17 -17.94 -25.45
CA THR B 159 -41.96 -18.89 -26.56
C THR B 159 -42.91 -20.09 -26.48
N ALA B 160 -43.33 -20.44 -25.26
CA ALA B 160 -44.20 -21.58 -25.04
C ALA B 160 -45.60 -21.35 -25.65
N ILE B 161 -46.02 -20.09 -25.71
CA ILE B 161 -47.34 -19.73 -26.24
C ILE B 161 -47.48 -20.11 -27.71
N ALA B 162 -46.38 -20.03 -28.47
CA ALA B 162 -46.41 -20.40 -29.89
C ALA B 162 -46.99 -21.80 -30.06
N VAL B 163 -46.77 -22.65 -29.06
CA VAL B 163 -47.26 -24.02 -29.05
C VAL B 163 -48.76 -24.03 -28.66
N GLY B 164 -49.05 -23.57 -27.44
CA GLY B 164 -50.41 -23.52 -26.93
C GLY B 164 -50.59 -24.52 -25.78
N GLU B 165 -51.83 -24.96 -25.55
CA GLU B 165 -52.12 -25.91 -24.48
C GLU B 165 -51.63 -25.41 -23.11
N GLY B 166 -51.36 -24.10 -23.01
CA GLY B 166 -50.90 -23.50 -21.75
C GLY B 166 -49.57 -24.10 -21.28
N THR B 167 -48.70 -24.46 -22.24
CA THR B 167 -47.41 -25.03 -21.91
C THR B 167 -46.54 -24.04 -21.09
N ASP B 168 -46.66 -22.73 -21.38
CA ASP B 168 -45.86 -21.73 -20.68
C ASP B 168 -46.12 -21.81 -19.17
N ARG B 169 -47.36 -22.13 -18.78
CA ARG B 169 -47.69 -22.27 -17.37
C ARG B 169 -46.79 -23.35 -16.73
N VAL B 170 -46.47 -24.37 -17.53
CA VAL B 170 -45.62 -25.49 -17.06
C VAL B 170 -44.19 -25.00 -16.80
N ILE B 171 -43.64 -24.13 -17.68
CA ILE B 171 -42.26 -23.64 -17.49
C ILE B 171 -42.16 -22.78 -16.21
N GLU B 172 -43.25 -22.08 -15.87
CA GLU B 172 -43.29 -21.21 -14.68
C GLU B 172 -43.33 -22.01 -13.38
N VAL B 173 -44.21 -23.01 -13.31
CA VAL B 173 -44.36 -23.82 -12.09
C VAL B 173 -43.07 -24.59 -11.75
N VAL B 174 -42.44 -25.22 -12.75
CA VAL B 174 -41.21 -25.99 -12.51
C VAL B 174 -40.07 -25.08 -12.02
N GLN B 175 -39.88 -23.95 -12.70
CA GLN B 175 -38.84 -22.99 -12.33
C GLN B 175 -39.10 -22.44 -10.92
N GLY B 176 -40.35 -22.00 -10.69
CA GLY B 176 -40.74 -21.43 -9.40
C GLY B 176 -40.67 -22.45 -8.27
N ALA B 177 -40.92 -23.74 -8.57
CA ALA B 177 -40.92 -24.77 -7.53
C ALA B 177 -39.52 -25.01 -6.96
N SER B 178 -38.50 -25.11 -7.83
CA SER B 178 -37.14 -25.40 -7.35
C SER B 178 -36.46 -24.22 -6.62
N ARG B 179 -36.52 -23.00 -7.19
CA ARG B 179 -35.88 -21.84 -6.54
C ARG B 179 -36.62 -21.42 -5.27
N ALA B 180 -37.95 -21.34 -5.38
CA ALA B 180 -38.79 -20.91 -4.25
C ALA B 180 -38.60 -21.83 -3.03
N ILE B 181 -38.67 -23.15 -3.23
CA ILE B 181 -38.52 -24.10 -2.12
C ILE B 181 -37.13 -23.93 -1.48
N ARG B 182 -36.10 -23.77 -2.31
CA ARG B 182 -34.73 -23.59 -1.81
C ARG B 182 -34.47 -22.15 -1.34
N HIS B 183 -35.39 -21.23 -1.67
CA HIS B 183 -35.26 -19.82 -1.30
C HIS B 183 -35.18 -19.65 0.22
N ILE B 184 -36.06 -20.35 0.95
CA ILE B 184 -36.09 -20.24 2.42
C ILE B 184 -35.62 -21.56 3.09
N PRO B 185 -34.34 -21.68 3.45
CA PRO B 185 -33.79 -22.90 4.12
C PRO B 185 -33.83 -22.78 5.64
N ARG B 186 -33.14 -23.70 6.33
CA ARG B 186 -33.11 -23.69 7.80
C ARG B 186 -31.86 -22.94 8.29
N ARG B 187 -31.86 -22.55 9.56
CA ARG B 187 -30.73 -21.83 10.15
C ARG B 187 -29.53 -22.77 10.33
N ILE B 188 -28.75 -22.95 9.26
CA ILE B 188 -27.58 -23.83 9.29
C ILE B 188 -26.44 -23.22 10.10
N ARG B 189 -26.34 -21.89 10.08
CA ARG B 189 -25.30 -21.18 10.82
C ARG B 189 -25.48 -21.35 12.34
N GLN B 190 -26.71 -21.15 12.81
CA GLN B 190 -27.01 -21.27 14.23
C GLN B 190 -26.80 -22.70 14.75
N GLY B 191 -27.41 -23.67 14.06
CA GLY B 191 -27.29 -25.07 14.48
C GLY B 191 -25.85 -25.56 14.45
N LEU B 192 -25.11 -25.22 13.39
CA LEU B 192 -23.72 -25.64 13.26
C LEU B 192 -22.82 -24.90 14.25
N GLU B 193 -23.18 -23.66 14.59
CA GLU B 193 -22.39 -22.85 15.52
C GLU B 193 -22.38 -23.51 16.92
N ARG B 194 -23.53 -24.06 17.33
CA ARG B 194 -23.64 -24.70 18.63
C ARG B 194 -23.03 -26.12 18.62
N ILE B 195 -23.04 -26.78 17.45
CA ILE B 195 -22.49 -28.13 17.32
C ILE B 195 -20.97 -28.13 17.07
N LEU B 196 -20.41 -26.99 16.67
CA LEU B 196 -18.96 -26.89 16.39
C LEU B 196 -18.20 -26.42 17.65
N LEU B 197 -18.88 -25.70 18.54
CA LEU B 197 -18.25 -25.22 19.77
C LEU B 197 -19.29 -25.08 20.89
N LEU C 1 37.22 -17.26 -16.06
CA LEU C 1 36.18 -18.19 -16.61
C LEU C 1 35.77 -19.19 -15.54
N LEU C 2 34.60 -19.82 -15.74
CA LEU C 2 34.06 -20.80 -14.80
C LEU C 2 35.05 -21.97 -14.60
N GLU C 3 34.60 -23.05 -13.95
CA GLU C 3 35.45 -24.22 -13.72
C GLU C 3 34.61 -25.45 -13.38
N LEU C 4 35.10 -26.62 -13.79
CA LEU C 4 34.42 -27.88 -13.55
C LEU C 4 34.60 -28.34 -12.10
N ASP C 5 35.85 -28.33 -11.66
CA ASP C 5 36.20 -28.76 -10.31
C ASP C 5 35.61 -27.83 -9.24
N LYS C 6 35.28 -26.60 -9.61
CA LYS C 6 34.70 -25.64 -8.67
C LYS C 6 33.32 -26.11 -8.20
N TRP C 7 32.53 -26.67 -9.11
CA TRP C 7 31.20 -27.17 -8.77
C TRP C 7 31.31 -28.23 -7.69
N ALA C 8 32.27 -29.15 -7.89
CA ALA C 8 32.52 -30.22 -6.95
C ALA C 8 33.22 -29.69 -5.69
N SER C 9 34.01 -28.62 -5.88
CA SER C 9 34.73 -27.99 -4.77
C SER C 9 33.76 -27.43 -3.73
N LEU C 10 32.61 -26.93 -4.20
CA LEU C 10 31.59 -26.37 -3.31
C LEU C 10 31.10 -27.42 -2.29
N TRP C 11 31.16 -28.70 -2.67
CA TRP C 11 30.74 -29.79 -1.77
C TRP C 11 31.63 -29.81 -0.50
N ASN C 12 32.85 -29.30 -0.62
CA ASN C 12 33.81 -29.25 0.49
C ASN C 12 33.58 -28.02 1.39
N TRP C 13 32.66 -27.13 1.00
CA TRP C 13 32.37 -25.91 1.77
C TRP C 13 31.35 -26.18 2.88
N PHE C 14 31.34 -27.42 3.39
CA PHE C 14 30.43 -27.84 4.48
C PHE C 14 28.96 -27.85 4.02
N ASP C 15 28.36 -26.67 3.81
CA ASP C 15 26.95 -26.60 3.39
C ASP C 15 26.63 -25.29 2.66
N ILE C 16 27.67 -24.59 2.15
CA ILE C 16 27.42 -23.35 1.41
C ILE C 16 26.57 -23.67 0.17
N THR C 17 26.84 -24.82 -0.43
CA THR C 17 26.11 -25.32 -1.60
C THR C 17 24.60 -25.29 -1.33
N ASN C 18 24.23 -25.53 -0.07
CA ASN C 18 22.83 -25.55 0.34
C ASN C 18 22.14 -24.24 -0.04
N TRP C 19 22.85 -23.12 0.06
CA TRP C 19 22.27 -21.82 -0.29
C TRP C 19 21.91 -21.75 -1.81
N LEU C 20 22.83 -22.22 -2.65
CA LEU C 20 22.66 -22.14 -4.11
C LEU C 20 21.53 -23.00 -4.68
N TRP C 21 21.43 -24.27 -4.24
CA TRP C 21 20.43 -25.20 -4.79
C TRP C 21 19.13 -25.23 -3.95
N TYR C 22 18.86 -24.16 -3.20
CA TYR C 22 17.64 -24.08 -2.39
C TYR C 22 17.01 -22.71 -2.56
N ILE C 23 17.87 -21.68 -2.63
CA ILE C 23 17.40 -20.34 -2.85
C ILE C 23 16.80 -20.26 -4.28
N ARG C 24 17.41 -21.00 -5.23
CA ARG C 24 16.92 -21.03 -6.62
C ARG C 24 15.45 -21.48 -6.63
N ILE C 25 15.15 -22.58 -5.91
CA ILE C 25 13.76 -23.07 -5.80
C ILE C 25 12.94 -22.03 -5.05
N PHE C 26 13.57 -21.44 -4.05
CA PHE C 26 12.95 -20.45 -3.19
C PHE C 26 12.44 -19.24 -3.99
N ILE C 27 13.08 -18.96 -5.14
CA ILE C 27 12.69 -17.82 -5.98
C ILE C 27 11.23 -17.99 -6.44
N ILE C 28 10.87 -19.17 -6.98
CA ILE C 28 9.49 -19.41 -7.44
C ILE C 28 8.52 -19.08 -6.31
N ILE C 29 8.90 -19.43 -5.07
CA ILE C 29 8.07 -19.15 -3.90
C ILE C 29 7.94 -17.62 -3.73
N VAL C 30 9.04 -16.87 -3.99
CA VAL C 30 8.99 -15.41 -3.87
C VAL C 30 7.89 -14.87 -4.79
N GLY C 31 7.83 -15.39 -6.03
CA GLY C 31 6.80 -14.96 -6.99
C GLY C 31 5.41 -15.06 -6.35
N SER C 32 5.20 -16.10 -5.55
CA SER C 32 3.94 -16.31 -4.83
C SER C 32 3.77 -15.20 -3.79
N LEU C 33 4.88 -14.82 -3.15
CA LEU C 33 4.88 -13.80 -2.10
C LEU C 33 4.35 -12.46 -2.62
N ILE C 34 4.63 -12.12 -3.88
CA ILE C 34 4.15 -10.83 -4.44
C ILE C 34 2.61 -10.86 -4.52
N GLY C 35 2.05 -11.95 -5.05
CA GLY C 35 0.58 -12.08 -5.15
C GLY C 35 -0.06 -12.04 -3.75
N LEU C 36 0.75 -12.22 -2.71
CA LEU C 36 0.31 -12.19 -1.31
C LEU C 36 -0.05 -10.75 -0.91
N ARG C 37 0.70 -9.80 -1.45
CA ARG C 37 0.59 -8.37 -1.17
C ARG C 37 -0.82 -7.77 -1.41
N ILE C 38 -1.62 -8.32 -2.32
CA ILE C 38 -2.93 -7.68 -2.63
C ILE C 38 -3.78 -7.59 -1.36
N VAL C 39 -3.73 -8.59 -0.49
CA VAL C 39 -4.50 -8.54 0.76
C VAL C 39 -3.97 -7.43 1.68
N PHE C 40 -2.67 -7.15 1.59
CA PHE C 40 -2.02 -6.12 2.38
C PHE C 40 -2.72 -4.77 2.20
N ALA C 41 -3.36 -4.55 1.06
CA ALA C 41 -4.02 -3.26 0.81
C ALA C 41 -5.03 -3.01 1.95
N VAL C 42 -5.71 -4.07 2.44
CA VAL C 42 -6.64 -3.88 3.58
C VAL C 42 -5.86 -3.34 4.81
N LEU C 43 -4.61 -3.81 4.98
CA LEU C 43 -3.73 -3.38 6.09
C LEU C 43 -3.57 -1.86 6.09
N SER C 44 -3.51 -1.24 4.91
CA SER C 44 -3.33 0.21 4.83
C SER C 44 -4.50 0.93 5.50
N LEU C 45 -5.69 0.35 5.42
CA LEU C 45 -6.88 0.91 6.04
C LEU C 45 -6.68 0.92 7.55
N VAL C 46 -6.15 -0.19 8.05
CA VAL C 46 -5.83 -0.36 9.46
C VAL C 46 -4.77 0.68 9.85
N ASN C 47 -3.81 0.91 8.95
CA ASN C 47 -2.73 1.85 9.17
C ASN C 47 -3.24 3.28 9.37
N ARG C 48 -4.14 3.75 8.49
CA ARG C 48 -4.65 5.13 8.63
C ARG C 48 -5.35 5.31 9.98
N VAL C 49 -5.98 4.23 10.44
CA VAL C 49 -6.66 4.24 11.74
C VAL C 49 -5.60 4.30 12.83
N ARG C 50 -4.56 3.47 12.67
CA ARG C 50 -3.43 3.41 13.62
C ARG C 50 -2.48 4.62 13.51
N GLN C 51 -2.56 5.35 12.40
CA GLN C 51 -1.67 6.47 12.10
C GLN C 51 -2.26 7.83 12.53
N GLY C 52 -3.37 7.81 13.26
CA GLY C 52 -4.04 9.05 13.70
C GLY C 52 -4.84 9.70 12.56
N TYR C 53 -4.15 10.33 11.60
CA TYR C 53 -4.82 11.00 10.47
C TYR C 53 -3.77 11.48 9.44
N SER C 54 -2.99 12.52 9.81
CA SER C 54 -1.95 13.06 8.94
C SER C 54 -0.88 11.99 8.72
N PRO C 55 -0.07 12.08 7.65
CA PRO C 55 1.00 11.08 7.33
C PRO C 55 1.43 10.20 8.55
N LEU C 56 2.56 10.52 9.22
CA LEU C 56 2.99 9.73 10.38
C LEU C 56 2.83 10.53 11.70
N SER C 57 2.76 11.86 11.60
CA SER C 57 2.60 12.71 12.79
C SER C 57 1.13 12.95 13.12
N GLU C 80 -2.32 3.18 19.81
CA GLU C 80 -2.54 2.65 21.16
C GLU C 80 -3.59 1.50 21.12
N ARG C 81 -4.84 1.83 21.45
CA ARG C 81 -5.93 0.86 21.44
C ARG C 81 -6.09 0.20 20.06
N ASP C 82 -5.64 0.92 19.03
CA ASP C 82 -5.77 0.47 17.65
C ASP C 82 -5.19 -0.92 17.40
N ARG C 83 -4.41 -1.48 18.32
CA ARG C 83 -3.86 -2.82 18.11
C ARG C 83 -4.98 -3.86 18.32
N ASP C 84 -5.85 -3.62 19.31
CA ASP C 84 -6.96 -4.52 19.58
C ASP C 84 -8.00 -4.38 18.46
N ARG C 85 -8.26 -3.14 18.04
CA ARG C 85 -9.22 -2.88 16.97
C ARG C 85 -8.66 -3.36 15.64
N SER C 86 -7.38 -3.09 15.38
CA SER C 86 -6.76 -3.56 14.14
C SER C 86 -6.82 -5.08 14.12
N ILE C 87 -6.76 -5.69 15.32
CA ILE C 87 -6.91 -7.15 15.45
C ILE C 87 -8.29 -7.54 14.88
N ARG C 88 -9.26 -6.62 14.99
CA ARG C 88 -10.60 -6.87 14.47
C ARG C 88 -10.53 -7.14 12.96
N LEU C 89 -9.39 -6.80 12.33
CA LEU C 89 -9.19 -7.07 10.90
C LEU C 89 -9.44 -8.56 10.63
N VAL C 90 -9.13 -9.41 11.62
CA VAL C 90 -9.36 -10.85 11.47
C VAL C 90 -10.86 -11.11 11.21
N ASN C 91 -11.71 -10.26 11.81
CA ASN C 91 -13.17 -10.33 11.62
C ASN C 91 -13.54 -10.12 10.15
N GLY C 92 -12.60 -9.68 9.33
CA GLY C 92 -12.86 -9.37 7.94
C GLY C 92 -13.48 -10.56 7.17
N SER C 93 -13.32 -11.78 7.67
CA SER C 93 -13.87 -12.95 6.97
C SER C 93 -15.41 -12.87 6.82
N LEU C 94 -16.13 -12.53 7.92
CA LEU C 94 -17.60 -12.40 7.84
C LEU C 94 -17.98 -11.15 7.04
N ALA C 95 -17.22 -10.10 7.25
CA ALA C 95 -17.40 -8.81 6.57
C ALA C 95 -17.20 -8.95 5.06
N LEU C 96 -16.29 -9.86 4.66
CA LEU C 96 -15.92 -10.01 3.25
C LEU C 96 -17.11 -10.31 2.34
N ILE C 97 -18.13 -11.08 2.77
CA ILE C 97 -19.27 -11.32 1.90
C ILE C 97 -20.13 -10.04 1.77
N TRP C 98 -20.14 -9.21 2.83
CA TRP C 98 -20.96 -7.99 2.84
C TRP C 98 -20.50 -6.87 1.87
N ASP C 99 -19.19 -6.56 1.82
CA ASP C 99 -18.72 -5.48 0.93
C ASP C 99 -18.87 -5.91 -0.54
N ASP C 100 -18.59 -7.17 -0.83
CA ASP C 100 -18.73 -7.73 -2.19
C ASP C 100 -20.21 -7.85 -2.58
N LEU C 101 -21.05 -8.23 -1.61
CA LEU C 101 -22.48 -8.44 -1.85
C LEU C 101 -23.21 -7.17 -2.36
N ARG C 102 -22.99 -6.01 -1.74
CA ARG C 102 -23.68 -4.79 -2.18
C ARG C 102 -22.97 -4.14 -3.40
N SER C 103 -21.67 -4.38 -3.55
CA SER C 103 -20.89 -3.81 -4.66
C SER C 103 -21.15 -4.57 -5.97
N LEU C 104 -21.16 -5.89 -5.87
CA LEU C 104 -21.34 -6.77 -7.02
C LEU C 104 -22.67 -6.53 -7.75
N SER C 105 -23.80 -6.59 -7.03
CA SER C 105 -25.11 -6.35 -7.65
C SER C 105 -25.56 -4.89 -7.40
N LEU C 106 -25.51 -4.44 -6.14
CA LEU C 106 -25.86 -3.05 -5.78
C LEU C 106 -27.27 -2.63 -6.26
N PHE C 107 -28.16 -2.32 -5.31
CA PHE C 107 -29.53 -1.87 -5.62
C PHE C 107 -30.30 -2.95 -6.39
N SER C 108 -31.63 -3.05 -6.14
CA SER C 108 -32.47 -4.06 -6.80
C SER C 108 -31.74 -5.42 -6.77
N TYR C 109 -32.11 -6.38 -7.64
CA TYR C 109 -31.40 -7.66 -7.65
C TYR C 109 -31.23 -8.24 -9.06
N HIS C 110 -31.82 -7.60 -10.09
CA HIS C 110 -31.60 -8.04 -11.48
C HIS C 110 -30.26 -7.42 -11.99
N ARG C 111 -29.55 -6.75 -11.07
CA ARG C 111 -28.30 -6.07 -11.30
C ARG C 111 -27.08 -6.95 -11.51
N LEU C 112 -27.03 -8.19 -10.97
CA LEU C 112 -25.79 -8.98 -11.06
C LEU C 112 -25.37 -9.19 -12.53
N ARG C 113 -26.30 -9.55 -13.42
CA ARG C 113 -25.97 -9.68 -14.86
C ARG C 113 -25.74 -8.27 -15.44
N ASP C 114 -26.53 -7.33 -14.93
CA ASP C 114 -26.47 -5.92 -15.32
C ASP C 114 -25.09 -5.33 -15.00
N LEU C 115 -24.44 -5.82 -13.93
CA LEU C 115 -23.16 -5.27 -13.49
C LEU C 115 -22.15 -5.33 -14.65
N LEU C 116 -22.18 -6.40 -15.44
CA LEU C 116 -21.27 -6.48 -16.59
C LEU C 116 -21.61 -5.37 -17.60
N LEU C 117 -22.89 -5.07 -17.73
CA LEU C 117 -23.36 -4.05 -18.68
C LEU C 117 -23.06 -2.63 -18.18
N ILE C 118 -23.39 -2.34 -16.92
CA ILE C 118 -23.17 -1.01 -16.36
C ILE C 118 -21.68 -0.71 -16.25
N VAL C 119 -20.85 -1.71 -15.89
CA VAL C 119 -19.43 -1.46 -15.78
C VAL C 119 -18.88 -1.01 -17.13
N THR C 120 -19.24 -1.71 -18.21
CA THR C 120 -18.80 -1.34 -19.54
C THR C 120 -19.38 0.01 -19.97
N ARG C 121 -20.68 0.17 -19.75
CA ARG C 121 -21.39 1.38 -20.15
C ARG C 121 -20.96 2.64 -19.41
N ILE C 122 -20.62 2.55 -18.13
CA ILE C 122 -20.21 3.72 -17.38
C ILE C 122 -18.91 4.28 -17.97
N VAL C 123 -18.00 3.38 -18.40
CA VAL C 123 -16.71 3.82 -18.93
C VAL C 123 -16.88 4.79 -20.13
N GLU C 124 -17.87 4.55 -20.99
CA GLU C 124 -18.07 5.42 -22.16
C GLU C 124 -18.53 6.83 -21.70
N LEU C 125 -19.48 6.86 -20.76
CA LEU C 125 -20.00 8.11 -20.21
C LEU C 125 -18.91 8.88 -19.44
N LEU C 126 -18.15 8.13 -18.64
CA LEU C 126 -17.09 8.68 -17.79
C LEU C 126 -15.84 9.08 -18.62
N GLY C 127 -15.56 8.33 -19.68
CA GLY C 127 -14.39 8.61 -20.52
C GLY C 127 -14.46 9.99 -21.20
N ARG C 128 -15.68 10.50 -21.40
CA ARG C 128 -15.89 11.80 -22.06
C ARG C 128 -15.30 12.94 -21.20
N ARG C 129 -15.55 12.89 -19.90
CA ARG C 129 -15.06 13.93 -18.97
C ARG C 129 -13.60 13.69 -18.55
N GLY C 130 -13.10 12.46 -18.78
CA GLY C 130 -11.74 12.09 -18.40
C GLY C 130 -10.66 12.98 -19.04
N TRP C 131 -10.97 13.61 -20.18
CA TRP C 131 -9.99 14.46 -20.86
C TRP C 131 -9.53 15.66 -20.03
N GLU C 132 -10.27 15.96 -18.95
CA GLU C 132 -9.89 17.08 -18.10
C GLU C 132 -8.40 16.94 -17.66
N ALA C 133 -7.77 15.77 -17.92
CA ALA C 133 -6.35 15.56 -17.67
C ALA C 133 -5.58 16.65 -18.40
N LEU C 134 -5.89 16.77 -19.69
CA LEU C 134 -5.28 17.78 -20.54
C LEU C 134 -5.61 19.18 -20.01
N LYS C 135 -6.82 19.38 -19.46
CA LYS C 135 -7.24 20.72 -19.00
C LYS C 135 -6.23 21.33 -18.03
N TYR C 136 -5.82 20.57 -17.02
CA TYR C 136 -4.89 21.11 -16.06
C TYR C 136 -3.49 21.21 -16.67
N TRP C 137 -3.11 20.21 -17.46
CA TRP C 137 -1.79 20.22 -18.10
C TRP C 137 -1.61 21.49 -18.93
N TRP C 138 -2.68 21.94 -19.60
CA TRP C 138 -2.63 23.20 -20.34
C TRP C 138 -2.30 24.31 -19.32
N ASN C 139 -2.94 24.22 -18.14
CA ASN C 139 -2.74 25.17 -17.05
C ASN C 139 -1.32 25.09 -16.44
N LEU C 140 -0.72 23.88 -16.37
CA LEU C 140 0.62 23.74 -15.77
C LEU C 140 1.61 24.59 -16.55
N LEU C 141 1.59 24.44 -17.88
CA LEU C 141 2.49 25.19 -18.75
C LEU C 141 2.16 26.69 -18.71
N GLN C 142 0.88 27.02 -18.52
CA GLN C 142 0.44 28.41 -18.51
C GLN C 142 1.01 29.22 -17.34
N TYR C 143 0.97 28.71 -16.10
CA TYR C 143 1.48 29.47 -14.99
C TYR C 143 3.01 29.49 -14.99
N TRP C 144 3.66 28.33 -15.17
CA TRP C 144 5.15 28.28 -15.14
C TRP C 144 5.71 29.28 -16.16
N SER C 145 5.01 29.44 -17.29
CA SER C 145 5.41 30.42 -18.29
C SER C 145 5.38 31.80 -17.65
N GLN C 146 4.31 32.07 -16.89
CA GLN C 146 4.16 33.34 -16.19
C GLN C 146 5.23 33.53 -15.11
N GLU C 147 5.56 32.45 -14.38
CA GLU C 147 6.57 32.52 -13.32
C GLU C 147 7.95 32.77 -13.92
N LEU C 148 8.19 32.25 -15.14
CA LEU C 148 9.45 32.46 -15.83
C LEU C 148 9.62 33.95 -16.12
N LYS C 149 8.53 34.57 -16.59
CA LYS C 149 8.53 36.00 -16.91
C LYS C 149 8.93 36.85 -15.71
N ASN C 150 8.39 36.53 -14.53
CA ASN C 150 8.68 37.34 -13.34
C ASN C 150 10.17 37.29 -12.97
N SER C 151 10.76 36.09 -13.00
CA SER C 151 12.18 35.95 -12.68
C SER C 151 13.08 36.56 -13.76
N ALA C 152 12.79 36.23 -15.02
CA ALA C 152 13.58 36.71 -16.15
C ALA C 152 13.46 38.24 -16.37
N VAL C 153 12.21 38.75 -16.36
CA VAL C 153 11.98 40.18 -16.58
C VAL C 153 12.64 41.02 -15.48
N SER C 154 12.53 40.58 -14.22
CA SER C 154 13.13 41.32 -13.11
C SER C 154 14.65 41.46 -13.30
N LEU C 155 15.34 40.33 -13.52
CA LEU C 155 16.79 40.33 -13.69
C LEU C 155 17.22 41.07 -14.96
N LEU C 156 16.62 40.74 -16.11
CA LEU C 156 16.98 41.38 -17.38
C LEU C 156 16.62 42.88 -17.38
N ASN C 157 15.49 43.24 -16.77
CA ASN C 157 15.08 44.66 -16.71
C ASN C 157 16.17 45.49 -16.03
N ALA C 158 16.70 44.94 -14.94
CA ALA C 158 17.72 45.63 -14.13
C ALA C 158 19.09 45.78 -14.82
N THR C 159 19.57 44.70 -15.46
CA THR C 159 20.87 44.75 -16.14
C THR C 159 20.83 45.57 -17.43
N ALA C 160 19.65 45.60 -18.07
CA ALA C 160 19.46 46.32 -19.32
C ALA C 160 19.75 47.82 -19.22
N ILE C 161 19.24 48.48 -18.18
CA ILE C 161 19.43 49.93 -18.01
C ILE C 161 20.92 50.29 -17.85
N ALA C 162 21.72 49.36 -17.33
CA ALA C 162 23.15 49.60 -17.12
C ALA C 162 23.84 50.21 -18.37
N VAL C 163 23.22 50.06 -19.56
CA VAL C 163 23.82 50.60 -20.79
C VAL C 163 23.39 52.04 -21.07
N GLY C 164 22.12 52.38 -20.81
CA GLY C 164 21.61 53.73 -21.05
C GLY C 164 20.13 53.85 -20.70
N GLU C 165 19.34 54.35 -21.67
CA GLU C 165 17.89 54.52 -21.46
C GLU C 165 17.12 54.22 -22.75
N GLY C 166 16.38 53.12 -22.75
CA GLY C 166 15.59 52.69 -23.91
C GLY C 166 15.42 51.16 -23.94
N THR C 167 16.34 50.46 -23.26
CA THR C 167 16.34 49.00 -23.19
C THR C 167 15.13 48.47 -22.39
N ASP C 168 14.72 49.21 -21.35
CA ASP C 168 13.63 48.77 -20.47
C ASP C 168 12.32 48.53 -21.22
N ARG C 169 12.06 49.28 -22.31
CA ARG C 169 10.82 49.09 -23.06
C ARG C 169 10.87 47.80 -23.90
N VAL C 170 12.00 47.54 -24.57
CA VAL C 170 12.15 46.34 -25.39
C VAL C 170 12.17 45.06 -24.54
N ILE C 171 12.87 45.07 -23.40
CA ILE C 171 12.97 43.88 -22.54
C ILE C 171 11.56 43.49 -22.01
N GLU C 172 10.82 44.46 -21.49
CA GLU C 172 9.49 44.20 -20.93
C GLU C 172 8.44 43.89 -22.00
N VAL C 173 8.47 44.64 -23.10
CA VAL C 173 7.48 44.46 -24.18
C VAL C 173 7.65 43.12 -24.91
N VAL C 174 8.91 42.73 -25.19
CA VAL C 174 9.17 41.49 -25.92
C VAL C 174 8.80 40.23 -25.12
N GLN C 175 9.23 40.17 -23.84
CA GLN C 175 8.96 38.99 -23.01
C GLN C 175 7.45 38.87 -22.69
N GLY C 176 6.88 39.99 -22.22
CA GLY C 176 5.46 40.03 -21.86
C GLY C 176 4.56 39.79 -23.07
N ALA C 177 5.02 40.23 -24.25
CA ALA C 177 4.23 40.06 -25.48
C ALA C 177 4.09 38.60 -25.88
N SER C 178 5.21 37.86 -25.85
CA SER C 178 5.19 36.45 -26.26
C SER C 178 4.27 35.60 -25.38
N ARG C 179 4.37 35.75 -24.05
CA ARG C 179 3.50 34.97 -23.14
C ARG C 179 2.05 35.45 -23.22
N ALA C 180 1.89 36.77 -23.31
CA ALA C 180 0.56 37.38 -23.35
C ALA C 180 -0.30 36.91 -24.51
N ILE C 181 0.22 36.94 -25.75
CA ILE C 181 -0.58 36.53 -26.91
C ILE C 181 -0.64 35.01 -27.09
N ARG C 182 0.37 34.30 -26.60
CA ARG C 182 0.42 32.84 -26.74
C ARG C 182 -0.64 32.13 -25.88
N HIS C 183 -1.15 32.81 -24.84
CA HIS C 183 -2.16 32.20 -23.96
C HIS C 183 -3.23 33.22 -23.53
N ILE C 184 -4.47 33.00 -23.98
CA ILE C 184 -5.59 33.88 -23.61
C ILE C 184 -6.94 33.10 -23.56
N PRO C 185 -7.31 32.32 -24.60
CA PRO C 185 -8.61 31.58 -24.60
C PRO C 185 -8.67 30.47 -23.55
N ARG C 186 -9.87 30.20 -23.03
CA ARG C 186 -10.08 29.16 -22.03
C ARG C 186 -10.96 28.05 -22.64
N ARG C 187 -11.35 27.05 -21.84
CA ARG C 187 -12.18 25.95 -22.33
C ARG C 187 -11.42 25.21 -23.46
N ILE C 188 -10.26 24.66 -23.11
CA ILE C 188 -9.41 23.94 -24.09
C ILE C 188 -10.12 22.68 -24.58
N ARG C 189 -10.57 21.87 -23.62
CA ARG C 189 -11.28 20.61 -23.93
C ARG C 189 -12.62 20.88 -24.58
N GLN C 190 -13.33 21.92 -24.15
CA GLN C 190 -14.66 22.19 -24.70
C GLN C 190 -14.56 22.39 -26.22
N GLY C 191 -13.64 23.25 -26.66
CA GLY C 191 -13.45 23.49 -28.09
C GLY C 191 -12.77 22.30 -28.78
N LEU C 192 -11.79 21.67 -28.11
CA LEU C 192 -11.06 20.54 -28.68
C LEU C 192 -11.92 19.26 -28.78
N GLU C 193 -12.55 18.86 -27.67
CA GLU C 193 -13.35 17.63 -27.65
C GLU C 193 -14.58 17.70 -28.57
N ARG C 194 -15.22 18.89 -28.69
CA ARG C 194 -16.42 19.02 -29.53
C ARG C 194 -16.08 19.21 -31.02
N ILE C 195 -14.98 19.92 -31.33
CA ILE C 195 -14.60 20.15 -32.73
C ILE C 195 -14.16 18.84 -33.44
N LEU C 196 -14.10 17.72 -32.68
CA LEU C 196 -13.71 16.43 -33.25
C LEU C 196 -14.91 15.68 -33.85
N LEU C 197 -16.03 16.40 -34.07
CA LEU C 197 -17.23 15.81 -34.66
C LEU C 197 -17.49 16.37 -36.06
N LEU A 1 35.30 -31.46 -12.41
CA LEU A 1 34.11 -31.30 -11.53
C LEU A 1 33.09 -30.41 -12.22
N LEU A 2 33.48 -29.17 -12.53
CA LEU A 2 32.59 -28.23 -13.21
C LEU A 2 33.34 -27.59 -14.39
N GLU A 3 32.84 -27.80 -15.62
CA GLU A 3 33.49 -27.24 -16.81
C GLU A 3 32.66 -27.48 -18.09
N LEU A 4 33.24 -27.13 -19.25
CA LEU A 4 32.61 -27.24 -20.57
C LEU A 4 31.76 -28.51 -20.69
N ASP A 5 32.38 -29.64 -20.41
CA ASP A 5 31.72 -30.94 -20.52
C ASP A 5 30.55 -31.10 -19.56
N LYS A 6 30.58 -30.39 -18.43
CA LYS A 6 29.50 -30.49 -17.45
C LYS A 6 28.30 -29.60 -17.84
N TRP A 7 28.58 -28.45 -18.48
CA TRP A 7 27.53 -27.53 -18.90
C TRP A 7 26.73 -28.08 -20.08
N ALA A 8 27.43 -28.77 -20.99
CA ALA A 8 26.77 -29.33 -22.18
C ALA A 8 25.63 -30.28 -21.81
N SER A 9 25.84 -31.09 -20.77
CA SER A 9 24.84 -32.06 -20.32
C SER A 9 23.51 -31.37 -19.94
N LEU A 10 23.58 -30.08 -19.58
CA LEU A 10 22.37 -29.34 -19.18
C LEU A 10 21.50 -28.97 -20.39
N TRP A 11 22.11 -28.88 -21.58
CA TRP A 11 21.35 -28.52 -22.79
C TRP A 11 20.27 -29.56 -23.09
N ASN A 12 20.58 -30.84 -22.85
CA ASN A 12 19.63 -31.92 -23.11
C ASN A 12 18.42 -31.85 -22.16
N TRP A 13 18.58 -31.19 -21.01
CA TRP A 13 17.50 -31.04 -20.04
C TRP A 13 16.43 -30.12 -20.59
N PHE A 14 16.86 -29.00 -21.19
CA PHE A 14 15.94 -28.01 -21.79
C PHE A 14 14.77 -27.68 -20.85
N ASP A 15 14.96 -27.89 -19.54
CA ASP A 15 13.91 -27.60 -18.56
C ASP A 15 14.42 -26.55 -17.55
N ILE A 16 15.32 -26.96 -16.65
CA ILE A 16 15.89 -26.05 -15.65
C ILE A 16 16.78 -24.99 -16.30
N THR A 17 17.55 -25.42 -17.30
CA THR A 17 18.49 -24.54 -18.01
C THR A 17 17.82 -23.31 -18.61
N ASN A 18 16.57 -23.44 -19.06
CA ASN A 18 15.87 -22.33 -19.71
C ASN A 18 15.68 -21.12 -18.79
N TRP A 19 15.15 -21.32 -17.57
CA TRP A 19 14.93 -20.18 -16.67
C TRP A 19 16.24 -19.53 -16.21
N LEU A 20 17.23 -20.35 -15.82
CA LEU A 20 18.51 -19.83 -15.33
C LEU A 20 19.31 -19.12 -16.42
N TRP A 21 19.21 -19.61 -17.66
CA TRP A 21 19.94 -19.01 -18.77
C TRP A 21 19.67 -17.50 -18.84
N TYR A 22 18.43 -17.10 -18.55
CA TYR A 22 18.06 -15.68 -18.61
C TYR A 22 17.31 -15.20 -17.36
N ILE A 23 17.50 -15.87 -16.21
CA ILE A 23 16.87 -15.42 -14.97
C ILE A 23 17.36 -13.99 -14.67
N ARG A 24 18.65 -13.72 -14.99
CA ARG A 24 19.24 -12.39 -14.78
C ARG A 24 18.35 -11.34 -15.46
N ILE A 25 17.97 -11.64 -16.71
CA ILE A 25 17.07 -10.77 -17.46
C ILE A 25 15.73 -10.70 -16.73
N PHE A 26 15.30 -11.88 -16.30
CA PHE A 26 14.02 -12.05 -15.64
C PHE A 26 13.89 -11.21 -14.35
N ILE A 27 14.96 -11.13 -13.54
CA ILE A 27 14.90 -10.33 -12.30
C ILE A 27 14.61 -8.86 -12.64
N ILE A 28 15.20 -8.36 -13.72
CA ILE A 28 14.99 -6.96 -14.12
C ILE A 28 13.48 -6.70 -14.32
N ILE A 29 12.80 -7.58 -15.08
CA ILE A 29 11.36 -7.42 -15.30
C ILE A 29 10.65 -7.50 -13.93
N VAL A 30 11.08 -8.47 -13.09
CA VAL A 30 10.51 -8.63 -11.75
C VAL A 30 10.67 -7.30 -10.98
N GLY A 31 11.83 -6.64 -11.16
CA GLY A 31 12.08 -5.35 -10.52
C GLY A 31 11.00 -4.36 -10.94
N SER A 32 10.64 -4.41 -12.22
CA SER A 32 9.59 -3.57 -12.77
C SER A 32 8.24 -3.98 -12.17
N LEU A 33 8.06 -5.29 -12.00
CA LEU A 33 6.83 -5.85 -11.44
C LEU A 33 6.60 -5.31 -10.02
N ILE A 34 7.66 -5.31 -9.21
CA ILE A 34 7.58 -4.81 -7.83
C ILE A 34 7.24 -3.31 -7.85
N GLY A 35 7.85 -2.53 -8.76
CA GLY A 35 7.55 -1.10 -8.87
C GLY A 35 6.07 -0.90 -9.24
N LEU A 36 5.56 -1.81 -10.07
CA LEU A 36 4.16 -1.81 -10.51
C LEU A 36 3.22 -1.78 -9.30
N ARG A 37 3.62 -2.48 -8.25
CA ARG A 37 2.86 -2.62 -7.01
C ARG A 37 2.47 -1.27 -6.36
N ILE A 38 3.25 -0.21 -6.56
CA ILE A 38 2.94 1.07 -5.90
C ILE A 38 1.58 1.59 -6.27
N VAL A 39 1.16 1.40 -7.51
CA VAL A 39 -0.15 1.89 -7.93
C VAL A 39 -1.26 1.35 -6.98
N PHE A 40 -1.02 0.15 -6.43
CA PHE A 40 -1.98 -0.47 -5.51
C PHE A 40 -2.27 0.47 -4.33
N ALA A 41 -1.28 1.28 -3.95
CA ALA A 41 -1.47 2.25 -2.86
C ALA A 41 -2.64 3.17 -3.26
N VAL A 42 -2.70 3.48 -4.56
CA VAL A 42 -3.76 4.29 -5.13
C VAL A 42 -5.09 3.47 -5.05
N LEU A 43 -4.98 2.16 -5.29
CA LEU A 43 -6.11 1.22 -5.23
C LEU A 43 -6.66 1.14 -3.81
N SER A 44 -5.76 1.21 -2.82
CA SER A 44 -6.15 1.12 -1.41
C SER A 44 -7.08 2.27 -1.04
N LEU A 45 -6.89 3.43 -1.67
CA LEU A 45 -7.74 4.59 -1.42
C LEU A 45 -9.18 4.21 -1.80
N VAL A 46 -9.31 3.59 -2.96
CA VAL A 46 -10.59 3.11 -3.50
C VAL A 46 -11.09 1.95 -2.61
N ASN A 47 -10.16 1.09 -2.20
CA ASN A 47 -10.47 -0.05 -1.35
C ASN A 47 -11.03 0.43 -0.01
N ARG A 48 -10.48 1.54 0.50
CA ARG A 48 -10.93 2.13 1.75
C ARG A 48 -12.41 2.51 1.65
N VAL A 49 -12.76 2.99 0.47
CA VAL A 49 -14.11 3.43 0.15
C VAL A 49 -15.02 2.22 -0.04
N ARG A 50 -14.51 1.25 -0.78
CA ARG A 50 -15.27 0.02 -1.06
C ARG A 50 -15.38 -0.91 0.17
N GLN A 51 -14.42 -0.80 1.10
CA GLN A 51 -14.37 -1.66 2.27
C GLN A 51 -14.99 -1.05 3.53
N GLY A 52 -15.64 0.11 3.38
CA GLY A 52 -16.28 0.80 4.51
C GLY A 52 -15.38 1.90 5.12
N TYR A 53 -14.91 1.68 6.37
CA TYR A 53 -14.05 2.65 7.06
C TYR A 53 -12.98 1.90 7.89
N SER A 54 -13.40 1.27 9.00
CA SER A 54 -12.51 0.51 9.86
C SER A 54 -12.01 -0.71 9.06
N PRO A 55 -10.89 -1.35 9.44
CA PRO A 55 -10.28 -2.53 8.75
C PRO A 55 -11.17 -3.14 7.63
N LEU A 56 -11.61 -4.41 7.74
CA LEU A 56 -12.47 -5.01 6.71
C LEU A 56 -13.89 -5.23 7.23
N SER A 57 -14.05 -5.26 8.56
CA SER A 57 -15.37 -5.46 9.19
C SER A 57 -16.04 -4.08 9.37
N GLU A 80 -21.56 0.13 0.50
CA GLU A 80 -22.43 1.22 0.04
C GLU A 80 -22.45 1.48 -1.49
N ARG A 81 -23.24 2.50 -1.85
CA ARG A 81 -23.47 2.98 -3.22
C ARG A 81 -22.19 3.41 -3.96
N ASP A 82 -21.14 3.74 -3.21
CA ASP A 82 -19.90 4.31 -3.79
C ASP A 82 -19.28 3.48 -4.95
N ARG A 83 -19.80 2.28 -5.29
CA ARG A 83 -19.26 1.52 -6.44
C ARG A 83 -19.31 2.42 -7.69
N ASP A 84 -20.42 3.15 -7.86
CA ASP A 84 -20.53 4.05 -9.01
C ASP A 84 -19.39 5.09 -8.94
N ARG A 85 -19.02 5.46 -7.71
CA ARG A 85 -17.92 6.41 -7.50
C ARG A 85 -16.58 5.75 -7.83
N SER A 86 -16.40 4.49 -7.43
CA SER A 86 -15.15 3.79 -7.72
C SER A 86 -14.97 3.71 -9.24
N ILE A 87 -16.05 3.43 -9.98
CA ILE A 87 -15.95 3.44 -11.45
C ILE A 87 -15.47 4.84 -11.88
N ARG A 88 -15.98 5.88 -11.21
CA ARG A 88 -15.58 7.25 -11.51
C ARG A 88 -14.07 7.42 -11.30
N LEU A 89 -13.43 6.49 -10.56
CA LEU A 89 -11.98 6.56 -10.34
C LEU A 89 -11.26 6.62 -11.70
N VAL A 90 -11.87 6.01 -12.74
CA VAL A 90 -11.30 6.06 -14.10
C VAL A 90 -11.14 7.54 -14.51
N ASN A 91 -12.16 8.33 -14.16
CA ASN A 91 -12.16 9.78 -14.41
C ASN A 91 -11.12 10.47 -13.54
N GLY A 92 -10.57 9.76 -12.55
CA GLY A 92 -9.62 10.32 -11.62
C GLY A 92 -8.44 10.94 -12.36
N SER A 93 -8.20 10.52 -13.61
CA SER A 93 -7.13 11.12 -14.43
C SER A 93 -7.40 12.63 -14.58
N LEU A 94 -8.68 12.98 -14.73
CA LEU A 94 -9.11 14.38 -14.88
C LEU A 94 -8.82 15.17 -13.59
N ALA A 95 -9.27 14.62 -12.48
CA ALA A 95 -9.10 15.21 -11.15
C ALA A 95 -7.64 15.20 -10.68
N LEU A 96 -6.91 14.16 -11.09
CA LEU A 96 -5.56 13.93 -10.62
C LEU A 96 -4.64 15.11 -10.86
N ILE A 97 -4.95 16.03 -11.81
CA ILE A 97 -4.06 17.16 -11.94
C ILE A 97 -4.29 18.09 -10.73
N TRP A 98 -5.54 18.19 -10.24
CA TRP A 98 -5.84 19.10 -9.12
C TRP A 98 -5.03 18.81 -7.83
N ASP A 99 -4.92 17.55 -7.39
CA ASP A 99 -4.15 17.24 -6.17
C ASP A 99 -2.64 17.48 -6.39
N ASP A 100 -2.09 16.91 -7.47
CA ASP A 100 -0.66 17.02 -7.80
C ASP A 100 -0.20 18.43 -8.26
N LEU A 101 -0.99 19.09 -9.12
CA LEU A 101 -0.64 20.42 -9.68
C LEU A 101 -0.44 21.45 -8.57
N ARG A 102 -1.33 21.48 -7.58
CA ARG A 102 -1.19 22.45 -6.50
C ARG A 102 -0.18 21.98 -5.44
N SER A 103 0.16 20.69 -5.41
CA SER A 103 1.11 20.17 -4.42
C SER A 103 2.57 20.49 -4.78
N LEU A 104 2.97 20.25 -6.05
CA LEU A 104 4.35 20.52 -6.48
C LEU A 104 4.67 22.03 -6.52
N SER A 105 3.71 22.83 -7.00
CA SER A 105 3.90 24.27 -7.11
C SER A 105 3.35 25.02 -5.88
N LEU A 106 2.60 24.34 -5.01
CA LEU A 106 2.04 24.95 -3.79
C LEU A 106 1.19 26.19 -4.13
N PHE A 107 0.42 26.67 -3.14
CA PHE A 107 -0.43 27.85 -3.34
C PHE A 107 0.46 29.07 -3.61
N SER A 108 -0.11 30.13 -4.20
CA SER A 108 0.68 31.33 -4.53
C SER A 108 1.87 30.91 -5.40
N TYR A 109 1.66 30.91 -6.72
CA TYR A 109 2.69 30.48 -7.66
C TYR A 109 4.02 31.21 -7.48
N HIS A 110 5.00 30.90 -8.37
CA HIS A 110 6.39 31.41 -8.27
C HIS A 110 7.18 30.49 -7.29
N ARG A 111 6.43 29.66 -6.56
CA ARG A 111 6.86 28.67 -5.58
C ARG A 111 7.54 27.43 -6.19
N LEU A 112 7.23 27.08 -7.45
CA LEU A 112 7.69 25.78 -7.98
C LEU A 112 9.21 25.62 -7.89
N ARG A 113 9.99 26.66 -8.15
CA ARG A 113 11.43 26.54 -7.97
C ARG A 113 11.71 26.44 -6.45
N ASP A 114 10.87 27.12 -5.67
CA ASP A 114 10.94 27.08 -4.21
C ASP A 114 10.62 25.66 -3.70
N LEU A 115 9.77 24.90 -4.42
CA LEU A 115 9.35 23.57 -3.95
C LEU A 115 10.61 22.71 -3.68
N LEU A 116 11.65 22.84 -4.52
CA LEU A 116 12.88 22.10 -4.23
C LEU A 116 13.48 22.63 -2.91
N LEU A 117 13.32 23.94 -2.70
CA LEU A 117 13.82 24.63 -1.51
C LEU A 117 13.04 24.28 -0.24
N ILE A 118 11.70 24.19 -0.32
CA ILE A 118 10.91 23.90 0.87
C ILE A 118 11.20 22.51 1.40
N VAL A 119 11.32 21.50 0.53
CA VAL A 119 11.61 20.15 1.02
C VAL A 119 12.94 20.18 1.79
N THR A 120 13.95 20.86 1.22
CA THR A 120 15.24 21.00 1.89
C THR A 120 15.08 21.81 3.18
N ARG A 121 14.18 22.80 3.16
CA ARG A 121 13.96 23.66 4.32
C ARG A 121 13.34 22.90 5.50
N ILE A 122 12.35 22.04 5.22
CA ILE A 122 11.70 21.28 6.30
C ILE A 122 12.71 20.34 6.96
N VAL A 123 13.54 19.67 6.14
CA VAL A 123 14.50 18.70 6.67
C VAL A 123 15.46 19.37 7.68
N GLU A 124 15.86 20.62 7.42
CA GLU A 124 16.76 21.32 8.33
C GLU A 124 16.05 21.58 9.67
N LEU A 125 14.81 22.04 9.60
CA LEU A 125 14.02 22.32 10.79
C LEU A 125 13.74 21.05 11.60
N LEU A 126 13.28 20.00 10.90
CA LEU A 126 12.96 18.72 11.56
C LEU A 126 14.22 18.01 12.06
N GLY A 127 15.39 18.39 11.53
CA GLY A 127 16.65 17.78 11.95
C GLY A 127 16.97 18.15 13.41
N ARG A 128 16.67 19.40 13.79
CA ARG A 128 16.91 19.88 15.14
C ARG A 128 15.90 19.32 16.15
N ARG A 129 14.61 19.39 15.81
CA ARG A 129 13.55 18.90 16.69
C ARG A 129 13.40 17.37 16.59
N GLY A 130 13.80 16.82 15.44
CA GLY A 130 13.71 15.37 15.18
C GLY A 130 14.46 14.57 16.25
N TRP A 131 15.45 15.19 16.91
CA TRP A 131 16.23 14.51 17.94
C TRP A 131 15.40 13.92 19.06
N GLU A 132 14.13 14.33 19.14
CA GLU A 132 13.22 13.67 20.09
C GLU A 132 13.29 12.12 19.83
N ALA A 133 13.95 11.71 18.71
CA ALA A 133 14.19 10.33 18.38
C ALA A 133 14.90 9.68 19.56
N LEU A 134 15.99 10.32 20.00
CA LEU A 134 16.72 9.81 21.16
C LEU A 134 15.80 9.78 22.38
N LYS A 135 14.94 10.80 22.49
CA LYS A 135 14.04 10.90 23.65
C LYS A 135 13.15 9.66 23.80
N TYR A 136 12.53 9.19 22.72
CA TYR A 136 11.61 8.06 22.85
C TYR A 136 12.29 6.72 23.07
N TRP A 137 13.30 6.35 22.27
CA TRP A 137 13.97 5.06 22.46
C TRP A 137 14.47 4.88 23.89
N TRP A 138 14.99 5.96 24.49
CA TRP A 138 15.47 5.87 25.88
C TRP A 138 14.27 5.70 26.83
N ASN A 139 13.19 6.43 26.55
CA ASN A 139 11.98 6.37 27.39
C ASN A 139 11.33 4.98 27.39
N LEU A 140 11.06 4.41 26.21
CA LEU A 140 10.42 3.09 26.13
C LEU A 140 11.28 2.02 26.80
N LEU A 141 12.58 2.03 26.56
CA LEU A 141 13.47 1.04 27.15
C LEU A 141 13.39 1.08 28.69
N GLN A 142 13.20 2.28 29.24
CA GLN A 142 13.13 2.46 30.70
C GLN A 142 11.87 1.82 31.31
N TYR A 143 10.69 2.05 30.69
CA TYR A 143 9.46 1.52 31.22
C TYR A 143 9.40 0.00 31.10
N TRP A 144 9.98 -0.58 30.03
CA TRP A 144 9.91 -2.04 29.88
C TRP A 144 10.78 -2.68 30.96
N SER A 145 11.87 -2.00 31.34
CA SER A 145 12.72 -2.47 32.42
C SER A 145 11.86 -2.59 33.69
N GLN A 146 10.93 -1.64 33.86
CA GLN A 146 10.03 -1.63 35.02
C GLN A 146 9.16 -2.89 35.08
N GLU A 147 8.51 -3.28 33.95
CA GLU A 147 7.66 -4.48 33.96
C GLU A 147 8.50 -5.72 34.31
N LEU A 148 9.78 -5.71 33.93
CA LEU A 148 10.68 -6.82 34.23
C LEU A 148 10.91 -6.90 35.75
N LYS A 149 11.08 -5.74 36.37
CA LYS A 149 11.29 -5.65 37.82
C LYS A 149 10.07 -6.19 38.59
N ASN A 150 8.87 -5.87 38.10
CA ASN A 150 7.62 -6.29 38.74
C ASN A 150 7.46 -7.82 38.71
N SER A 151 7.83 -8.45 37.59
CA SER A 151 7.71 -9.89 37.44
C SER A 151 8.70 -10.61 38.36
N ALA A 152 9.96 -10.13 38.37
CA ALA A 152 11.02 -10.73 39.18
C ALA A 152 10.75 -10.57 40.68
N VAL A 153 10.38 -9.36 41.11
CA VAL A 153 10.15 -9.09 42.53
C VAL A 153 8.94 -9.87 43.06
N SER A 154 7.83 -9.87 42.33
CA SER A 154 6.61 -10.55 42.75
C SER A 154 6.84 -12.05 42.97
N LEU A 155 7.34 -12.73 41.94
CA LEU A 155 7.57 -14.18 42.01
C LEU A 155 8.73 -14.55 42.96
N LEU A 156 9.89 -13.90 42.80
CA LEU A 156 11.07 -14.21 43.61
C LEU A 156 10.88 -13.89 45.11
N ASN A 157 10.29 -12.74 45.44
CA ASN A 157 10.09 -12.36 46.83
C ASN A 157 9.04 -13.25 47.50
N ALA A 158 7.96 -13.49 46.77
CA ALA A 158 6.84 -14.28 47.28
C ALA A 158 7.25 -15.74 47.58
N THR A 159 8.02 -16.36 46.69
CA THR A 159 8.46 -17.75 46.90
C THR A 159 9.53 -17.84 48.01
N ALA A 160 10.29 -16.77 48.19
CA ALA A 160 11.35 -16.70 49.19
C ALA A 160 10.83 -16.97 50.61
N ILE A 161 9.56 -16.65 50.87
CA ILE A 161 8.98 -16.83 52.22
C ILE A 161 9.10 -18.30 52.67
N ALA A 162 9.12 -19.24 51.72
CA ALA A 162 9.25 -20.65 52.06
C ALA A 162 10.69 -20.97 52.50
N VAL A 163 11.13 -20.35 53.60
CA VAL A 163 12.48 -20.56 54.12
C VAL A 163 12.50 -20.41 55.66
N GLY A 164 11.88 -19.33 56.19
CA GLY A 164 11.82 -19.12 57.64
C GLY A 164 12.26 -17.70 58.05
N GLU A 165 13.41 -17.24 57.53
CA GLU A 165 13.94 -15.92 57.89
C GLU A 165 13.24 -14.78 57.14
N GLY A 166 13.62 -13.54 57.45
CA GLY A 166 13.04 -12.35 56.82
C GLY A 166 13.64 -12.14 55.43
N THR A 167 13.50 -13.16 54.60
CA THR A 167 14.00 -13.14 53.23
C THR A 167 13.22 -12.17 52.33
N ASP A 168 11.91 -12.07 52.58
CA ASP A 168 11.03 -11.24 51.76
C ASP A 168 11.46 -9.77 51.71
N ARG A 169 11.87 -9.23 52.85
CA ARG A 169 12.28 -7.82 52.91
C ARG A 169 13.58 -7.54 52.14
N VAL A 170 14.57 -8.45 52.22
CA VAL A 170 15.87 -8.22 51.55
C VAL A 170 15.78 -8.24 50.01
N ILE A 171 15.15 -9.27 49.38
CA ILE A 171 15.09 -9.30 47.91
C ILE A 171 14.18 -8.19 47.34
N GLU A 172 13.07 -7.90 48.02
CA GLU A 172 12.13 -6.88 47.53
C GLU A 172 12.72 -5.46 47.65
N VAL A 173 13.35 -5.13 48.79
CA VAL A 173 13.91 -3.80 49.00
C VAL A 173 15.18 -3.55 48.15
N VAL A 174 16.07 -4.53 48.11
CA VAL A 174 17.33 -4.40 47.35
C VAL A 174 17.07 -4.35 45.84
N GLN A 175 16.15 -5.18 45.35
CA GLN A 175 15.85 -5.22 43.92
C GLN A 175 15.27 -3.87 43.46
N GLY A 176 14.27 -3.38 44.19
CA GLY A 176 13.63 -2.10 43.86
C GLY A 176 14.58 -0.92 44.13
N ALA A 177 15.44 -1.06 45.14
CA ALA A 177 16.38 -0.02 45.51
C ALA A 177 17.43 0.23 44.43
N SER A 178 17.98 -0.86 43.88
CA SER A 178 19.03 -0.74 42.85
C SER A 178 18.49 -0.23 41.51
N ARG A 179 17.37 -0.78 41.05
CA ARG A 179 16.79 -0.36 39.76
C ARG A 179 16.25 1.06 39.84
N ALA A 180 15.43 1.31 40.86
CA ALA A 180 14.81 2.64 41.04
C ALA A 180 15.86 3.74 41.18
N ILE A 181 16.90 3.50 41.98
CA ILE A 181 17.96 4.51 42.19
C ILE A 181 18.84 4.66 40.94
N ARG A 182 19.12 3.54 40.27
CA ARG A 182 19.96 3.53 39.06
C ARG A 182 19.31 4.28 37.88
N HIS A 183 18.08 4.80 38.06
CA HIS A 183 17.39 5.52 36.99
C HIS A 183 18.31 6.58 36.38
N ILE A 184 18.95 7.37 37.25
CA ILE A 184 19.90 8.42 36.84
C ILE A 184 19.39 9.21 35.60
N PRO A 185 18.64 10.29 35.77
CA PRO A 185 18.15 11.12 34.63
C PRO A 185 19.32 11.84 33.93
N ARG A 186 19.24 11.98 32.61
CA ARG A 186 20.31 12.64 31.85
C ARG A 186 19.78 13.65 30.82
N ARG A 187 18.71 13.28 30.11
CA ARG A 187 18.13 14.16 29.09
C ARG A 187 19.24 14.68 28.15
N ILE A 188 19.83 13.77 27.38
CA ILE A 188 20.92 14.12 26.47
C ILE A 188 20.44 15.07 25.35
N ARG A 189 19.17 14.96 24.97
CA ARG A 189 18.62 15.82 23.91
C ARG A 189 18.74 17.30 24.29
N GLN A 190 18.34 17.63 25.52
CA GLN A 190 18.37 19.01 26.01
C GLN A 190 19.80 19.53 26.18
N GLY A 191 20.67 18.74 26.83
CA GLY A 191 22.04 19.16 27.07
C GLY A 191 22.88 19.19 25.79
N LEU A 192 22.76 18.15 24.97
CA LEU A 192 23.52 18.06 23.71
C LEU A 192 23.26 19.28 22.83
N GLU A 193 21.98 19.60 22.61
CA GLU A 193 21.64 20.75 21.77
C GLU A 193 22.07 22.07 22.45
N ARG A 194 22.10 22.09 23.79
CA ARG A 194 22.46 23.31 24.53
C ARG A 194 23.89 23.80 24.20
N ILE A 195 24.87 22.89 24.06
CA ILE A 195 26.25 23.32 23.73
C ILE A 195 26.62 23.05 22.25
N LEU A 196 25.72 22.41 21.49
CA LEU A 196 25.99 22.11 20.08
C LEU A 196 25.57 23.27 19.17
N LEU A 197 24.62 24.09 19.62
CA LEU A 197 24.14 25.23 18.82
C LEU A 197 25.30 26.17 18.50
N LEU B 1 32.99 -22.99 -25.98
CA LEU B 1 31.61 -23.21 -25.46
C LEU B 1 31.49 -22.66 -24.04
N LEU B 2 30.46 -21.84 -23.82
CA LEU B 2 30.19 -21.21 -22.52
C LEU B 2 31.50 -20.72 -21.84
N GLU B 3 32.12 -21.54 -20.98
CA GLU B 3 33.34 -21.16 -20.28
C GLU B 3 34.53 -20.95 -21.22
N LEU B 4 35.33 -19.92 -20.89
CA LEU B 4 36.56 -19.51 -21.60
C LEU B 4 36.27 -18.49 -22.68
N ASP B 5 35.23 -18.74 -23.44
CA ASP B 5 34.86 -17.83 -24.52
C ASP B 5 33.86 -16.77 -24.07
N LYS B 6 32.93 -17.17 -23.23
CA LYS B 6 31.91 -16.24 -22.74
C LYS B 6 32.44 -15.37 -21.61
N TRP B 7 33.34 -15.93 -20.78
CA TRP B 7 33.86 -15.17 -19.65
C TRP B 7 34.88 -14.12 -20.09
N ALA B 8 35.82 -14.51 -20.96
CA ALA B 8 36.85 -13.57 -21.41
C ALA B 8 36.28 -12.46 -22.29
N SER B 9 35.39 -12.81 -23.21
CA SER B 9 34.78 -11.84 -24.10
C SER B 9 34.01 -10.76 -23.34
N LEU B 10 33.55 -11.08 -22.12
CA LEU B 10 32.76 -10.14 -21.32
C LEU B 10 33.58 -9.05 -20.62
N TRP B 11 34.67 -9.38 -19.91
CA TRP B 11 35.43 -8.30 -19.21
C TRP B 11 36.44 -7.60 -20.12
N ASN B 12 36.47 -7.97 -21.41
CA ASN B 12 37.36 -7.30 -22.36
C ASN B 12 36.84 -5.87 -22.60
N TRP B 13 35.52 -5.67 -22.44
CA TRP B 13 34.90 -4.35 -22.61
C TRP B 13 35.38 -3.43 -21.49
N PHE B 14 35.33 -3.94 -20.25
CA PHE B 14 35.75 -3.21 -19.06
C PHE B 14 34.80 -2.04 -18.74
N ASP B 15 33.52 -2.38 -18.46
CA ASP B 15 32.54 -1.36 -18.11
C ASP B 15 31.26 -1.96 -17.47
N ILE B 16 30.33 -2.47 -18.30
CA ILE B 16 29.07 -3.06 -17.81
C ILE B 16 29.30 -4.38 -17.03
N THR B 17 30.28 -5.18 -17.46
CA THR B 17 30.55 -6.50 -16.85
C THR B 17 30.63 -6.42 -15.33
N ASN B 18 31.07 -5.30 -14.79
CA ASN B 18 31.17 -5.13 -13.33
C ASN B 18 29.79 -5.45 -12.70
N TRP B 19 28.71 -5.09 -13.39
CA TRP B 19 27.35 -5.38 -12.92
C TRP B 19 27.10 -6.90 -12.85
N LEU B 20 27.51 -7.62 -13.90
CA LEU B 20 27.28 -9.07 -13.99
C LEU B 20 27.89 -9.87 -12.84
N TRP B 21 29.09 -9.50 -12.39
CA TRP B 21 29.74 -10.25 -11.32
C TRP B 21 29.08 -10.04 -9.96
N TYR B 22 28.23 -9.00 -9.82
CA TYR B 22 27.58 -8.73 -8.53
C TYR B 22 26.05 -8.72 -8.61
N ILE B 23 25.48 -9.17 -9.75
CA ILE B 23 24.01 -9.22 -9.89
C ILE B 23 23.43 -10.15 -8.81
N ARG B 24 24.16 -11.24 -8.50
CA ARG B 24 23.70 -12.19 -7.49
C ARG B 24 23.50 -11.46 -6.16
N ILE B 25 24.48 -10.64 -5.77
CA ILE B 25 24.39 -9.85 -4.54
C ILE B 25 23.24 -8.84 -4.72
N PHE B 26 23.19 -8.23 -5.90
CA PHE B 26 22.16 -7.24 -6.22
C PHE B 26 20.76 -7.87 -6.13
N ILE B 27 20.68 -9.18 -6.37
CA ILE B 27 19.42 -9.90 -6.33
C ILE B 27 18.79 -9.79 -4.92
N ILE B 28 19.62 -9.95 -3.87
CA ILE B 28 19.13 -9.83 -2.50
C ILE B 28 18.53 -8.43 -2.29
N ILE B 29 19.18 -7.42 -2.89
CA ILE B 29 18.71 -6.04 -2.79
C ILE B 29 17.32 -5.91 -3.44
N VAL B 30 17.12 -6.61 -4.57
CA VAL B 30 15.83 -6.59 -5.26
C VAL B 30 14.77 -7.26 -4.37
N GLY B 31 15.10 -8.47 -3.87
CA GLY B 31 14.18 -9.19 -2.97
C GLY B 31 13.88 -8.35 -1.74
N SER B 32 14.89 -7.62 -1.27
CA SER B 32 14.77 -6.71 -0.13
C SER B 32 13.74 -5.64 -0.45
N LEU B 33 13.73 -5.19 -1.72
CA LEU B 33 12.82 -4.14 -2.17
C LEU B 33 11.36 -4.56 -1.95
N ILE B 34 11.05 -5.86 -2.09
CA ILE B 34 9.66 -6.31 -1.89
C ILE B 34 9.21 -5.96 -0.47
N GLY B 35 10.07 -6.24 0.52
CA GLY B 35 9.77 -5.90 1.92
C GLY B 35 9.68 -4.38 2.09
N LEU B 36 10.50 -3.65 1.33
CA LEU B 36 10.50 -2.18 1.36
C LEU B 36 9.09 -1.66 1.10
N ARG B 37 8.39 -2.34 0.19
CA ARG B 37 7.02 -1.98 -0.18
C ARG B 37 6.09 -1.95 1.03
N ILE B 38 6.38 -2.76 2.05
CA ILE B 38 5.53 -2.81 3.24
C ILE B 38 5.51 -1.42 3.88
N VAL B 39 6.67 -0.77 3.98
CA VAL B 39 6.76 0.59 4.54
C VAL B 39 6.04 1.57 3.56
N PHE B 40 6.07 1.27 2.27
CA PHE B 40 5.41 2.08 1.24
C PHE B 40 3.92 2.23 1.57
N ALA B 41 3.34 1.25 2.27
CA ALA B 41 1.93 1.31 2.61
C ALA B 41 1.66 2.59 3.41
N VAL B 42 2.60 3.02 4.28
CA VAL B 42 2.40 4.27 5.02
C VAL B 42 2.29 5.45 4.01
N LEU B 43 3.07 5.37 2.91
CA LEU B 43 3.07 6.37 1.84
C LEU B 43 1.65 6.49 1.26
N SER B 44 0.92 5.36 1.13
CA SER B 44 -0.43 5.40 0.57
C SER B 44 -1.33 6.26 1.45
N LEU B 45 -1.11 6.18 2.77
CA LEU B 45 -1.87 6.96 3.72
C LEU B 45 -1.64 8.45 3.44
N VAL B 46 -0.38 8.78 3.14
CA VAL B 46 0.00 10.14 2.77
C VAL B 46 -0.74 10.49 1.46
N ASN B 47 -0.90 9.49 0.58
CA ASN B 47 -1.59 9.66 -0.70
C ASN B 47 -3.05 10.05 -0.49
N ARG B 48 -3.74 9.44 0.47
CA ARG B 48 -5.14 9.78 0.72
C ARG B 48 -5.25 11.22 1.22
N VAL B 49 -4.23 11.65 1.96
CA VAL B 49 -4.23 12.99 2.51
C VAL B 49 -4.07 14.03 1.39
N ARG B 50 -3.12 13.77 0.50
CA ARG B 50 -2.90 14.67 -0.65
C ARG B 50 -3.95 14.51 -1.76
N GLN B 51 -4.45 13.28 -1.88
CA GLN B 51 -5.41 12.90 -2.93
C GLN B 51 -6.86 12.79 -2.43
N GLY B 52 -7.09 13.20 -1.19
CA GLY B 52 -8.41 13.09 -0.57
C GLY B 52 -8.74 11.62 -0.23
N TYR B 53 -9.59 11.39 0.77
CA TYR B 53 -9.97 10.03 1.19
C TYR B 53 -10.79 9.26 0.13
N SER B 54 -11.63 9.97 -0.61
CA SER B 54 -12.46 9.36 -1.66
C SER B 54 -11.62 9.21 -2.94
N PRO B 55 -12.00 8.34 -3.90
CA PRO B 55 -11.23 8.14 -5.17
C PRO B 55 -10.58 9.42 -5.71
N LEU B 56 -9.86 9.29 -6.82
CA LEU B 56 -9.19 10.45 -7.41
C LEU B 56 -10.21 11.47 -7.92
N SER B 57 -11.46 11.05 -8.12
CA SER B 57 -12.51 11.96 -8.59
C SER B 57 -13.11 12.80 -7.44
N GLU B 80 -4.18 19.28 -1.69
CA GLU B 80 -3.29 20.18 -2.44
C GLU B 80 -2.15 20.69 -1.55
N ARG B 81 -2.54 21.26 -0.43
CA ARG B 81 -1.61 21.82 0.55
C ARG B 81 -0.87 20.72 1.34
N ASP B 82 -1.49 19.55 1.43
CA ASP B 82 -0.95 18.43 2.22
C ASP B 82 0.48 18.04 1.85
N ARG B 83 1.07 18.62 0.79
CA ARG B 83 2.47 18.30 0.42
C ARG B 83 3.38 18.59 1.61
N ASP B 84 3.19 19.75 2.24
CA ASP B 84 3.98 20.11 3.41
C ASP B 84 3.74 19.07 4.51
N ARG B 85 2.49 18.58 4.59
CA ARG B 85 2.12 17.57 5.57
C ARG B 85 2.73 16.21 5.21
N SER B 86 2.85 15.91 3.92
CA SER B 86 3.44 14.65 3.49
C SER B 86 4.89 14.64 3.95
N ILE B 87 5.57 15.79 3.80
CA ILE B 87 6.94 15.92 4.33
C ILE B 87 6.90 15.67 5.85
N ARG B 88 5.75 15.97 6.49
CA ARG B 88 5.64 15.76 7.93
C ARG B 88 5.87 14.28 8.27
N LEU B 89 5.84 13.40 7.24
CA LEU B 89 6.09 11.97 7.45
C LEU B 89 7.44 11.78 8.15
N VAL B 90 8.41 12.66 7.86
CA VAL B 90 9.74 12.58 8.51
C VAL B 90 9.58 12.64 10.05
N ASN B 91 8.53 13.32 10.52
CA ASN B 91 8.23 13.46 11.96
C ASN B 91 7.99 12.10 12.64
N GLY B 92 7.88 11.04 11.84
CA GLY B 92 7.55 9.71 12.36
C GLY B 92 8.50 9.22 13.45
N SER B 93 9.71 9.79 13.55
CA SER B 93 10.63 9.36 14.61
C SER B 93 10.00 9.66 15.98
N LEU B 94 9.45 10.87 16.13
CA LEU B 94 8.79 11.29 17.36
C LEU B 94 7.47 10.51 17.54
N ALA B 95 6.70 10.52 16.47
CA ALA B 95 5.41 9.85 16.39
C ALA B 95 5.48 8.34 16.65
N LEU B 96 6.58 7.67 16.25
CA LEU B 96 6.65 6.21 16.36
C LEU B 96 6.41 5.73 17.79
N ILE B 97 6.90 6.43 18.83
CA ILE B 97 6.64 5.94 20.18
C ILE B 97 5.12 5.87 20.48
N TRP B 98 4.35 6.90 20.10
CA TRP B 98 2.92 6.92 20.43
C TRP B 98 2.01 5.91 19.67
N ASP B 99 2.11 5.79 18.33
CA ASP B 99 1.20 4.86 17.61
C ASP B 99 1.51 3.36 17.89
N ASP B 100 2.78 2.96 17.74
CA ASP B 100 3.18 1.55 17.92
C ASP B 100 3.17 1.04 19.38
N LEU B 101 3.73 1.81 20.31
CA LEU B 101 3.81 1.36 21.71
C LEU B 101 2.47 1.32 22.43
N ARG B 102 1.67 2.38 22.30
CA ARG B 102 0.39 2.45 23.01
C ARG B 102 -0.43 1.17 22.82
N SER B 103 -0.38 0.61 21.62
CA SER B 103 -1.08 -0.64 21.36
C SER B 103 -0.29 -1.82 21.94
N LEU B 104 1.04 -1.75 21.77
CA LEU B 104 1.96 -2.81 22.20
C LEU B 104 1.97 -3.09 23.72
N SER B 105 2.23 -2.08 24.54
CA SER B 105 2.27 -2.25 26.01
C SER B 105 0.97 -1.79 26.72
N LEU B 106 0.27 -0.82 26.10
CA LEU B 106 -0.97 -0.24 26.67
C LEU B 106 -0.63 0.74 27.82
N PHE B 107 -0.52 0.27 29.06
CA PHE B 107 -0.17 1.16 30.18
C PHE B 107 0.15 0.36 31.46
N SER B 108 -0.68 -0.63 31.79
CA SER B 108 -0.47 -1.45 32.97
C SER B 108 0.77 -2.32 32.78
N TYR B 109 1.88 -1.94 33.42
CA TYR B 109 3.12 -2.70 33.28
C TYR B 109 3.09 -3.95 34.16
N HIS B 110 3.69 -5.02 33.61
CA HIS B 110 3.67 -6.39 34.14
C HIS B 110 2.55 -7.07 33.31
N ARG B 111 1.43 -6.36 33.24
CA ARG B 111 0.26 -6.71 32.45
C ARG B 111 0.54 -6.50 30.95
N LEU B 112 1.45 -5.54 30.62
CA LEU B 112 1.71 -5.21 29.21
C LEU B 112 2.19 -6.44 28.43
N ARG B 113 2.93 -7.35 29.06
CA ARG B 113 3.34 -8.58 28.39
C ARG B 113 2.10 -9.47 28.21
N ASP B 114 1.18 -9.37 29.17
CA ASP B 114 -0.06 -10.11 29.15
C ASP B 114 -0.99 -9.66 28.02
N LEU B 115 -0.97 -8.35 27.63
CA LEU B 115 -1.87 -7.91 26.56
C LEU B 115 -1.60 -8.70 25.28
N LEU B 116 -0.36 -9.04 24.99
CA LEU B 116 -0.05 -9.78 23.77
C LEU B 116 -0.87 -11.09 23.74
N LEU B 117 -1.07 -11.73 24.90
CA LEU B 117 -1.85 -12.98 24.97
C LEU B 117 -3.31 -12.81 24.52
N ILE B 118 -3.96 -11.69 24.84
CA ILE B 118 -5.36 -11.48 24.41
C ILE B 118 -5.48 -11.62 22.90
N VAL B 119 -4.46 -11.18 22.15
CA VAL B 119 -4.52 -11.26 20.69
C VAL B 119 -4.83 -12.73 20.30
N THR B 120 -4.17 -13.68 20.97
CA THR B 120 -4.45 -15.10 20.76
C THR B 120 -5.89 -15.42 21.21
N ARG B 121 -6.33 -14.74 22.27
CA ARG B 121 -7.66 -14.92 22.83
C ARG B 121 -8.75 -14.55 21.83
N ILE B 122 -8.51 -13.51 21.03
CA ILE B 122 -9.52 -13.05 20.07
C ILE B 122 -9.84 -14.13 19.03
N VAL B 123 -8.82 -14.82 18.49
CA VAL B 123 -9.08 -15.86 17.48
C VAL B 123 -10.00 -16.94 18.04
N GLU B 124 -9.85 -17.29 19.33
CA GLU B 124 -10.72 -18.29 19.92
C GLU B 124 -12.17 -17.82 19.85
N LEU B 125 -12.37 -16.53 20.18
CA LEU B 125 -13.69 -15.91 20.12
C LEU B 125 -14.21 -15.85 18.68
N LEU B 126 -13.31 -15.49 17.75
CA LEU B 126 -13.67 -15.36 16.33
C LEU B 126 -14.08 -16.71 15.74
N GLY B 127 -13.57 -17.81 16.30
CA GLY B 127 -13.90 -19.14 15.79
C GLY B 127 -15.41 -19.42 15.91
N ARG B 128 -16.03 -18.90 16.98
CA ARG B 128 -17.46 -19.12 17.22
C ARG B 128 -18.35 -18.24 16.33
N ARG B 129 -18.07 -16.93 16.29
CA ARG B 129 -18.86 -15.99 15.48
C ARG B 129 -18.41 -15.97 14.00
N GLY B 130 -17.19 -16.44 13.75
CA GLY B 130 -16.61 -16.45 12.41
C GLY B 130 -17.49 -17.21 11.39
N TRP B 131 -18.33 -18.13 11.87
CA TRP B 131 -19.17 -18.93 10.97
C TRP B 131 -20.08 -18.08 10.09
N GLU B 132 -20.27 -16.80 10.40
CA GLU B 132 -21.11 -15.95 9.57
C GLU B 132 -20.64 -16.04 8.06
N ALA B 133 -19.46 -16.65 7.84
CA ALA B 133 -18.93 -16.90 6.50
C ALA B 133 -19.94 -17.72 5.69
N LEU B 134 -20.37 -18.85 6.26
CA LEU B 134 -21.30 -19.74 5.57
C LEU B 134 -22.69 -19.15 5.44
N LYS B 135 -23.20 -18.42 6.45
CA LYS B 135 -24.59 -17.88 6.33
C LYS B 135 -24.73 -17.03 5.07
N TYR B 136 -23.72 -16.21 4.78
CA TYR B 136 -23.80 -15.34 3.61
C TYR B 136 -23.63 -16.12 2.31
N TRP B 137 -22.74 -17.11 2.29
CA TRP B 137 -22.50 -17.88 1.08
C TRP B 137 -23.74 -18.62 0.58
N TRP B 138 -24.49 -19.31 1.45
CA TRP B 138 -25.70 -20.01 1.01
C TRP B 138 -26.80 -19.00 0.61
N ASN B 139 -26.95 -17.95 1.43
CA ASN B 139 -27.97 -16.92 1.20
C ASN B 139 -27.71 -16.08 -0.06
N LEU B 140 -26.50 -15.51 -0.17
CA LEU B 140 -26.16 -14.68 -1.34
C LEU B 140 -26.26 -15.50 -2.64
N LEU B 141 -25.85 -16.77 -2.59
CA LEU B 141 -25.96 -17.63 -3.77
C LEU B 141 -27.44 -17.84 -4.13
N GLN B 142 -28.28 -17.91 -3.10
CA GLN B 142 -29.71 -18.13 -3.26
C GLN B 142 -30.40 -16.97 -3.98
N TYR B 143 -30.00 -15.71 -3.67
CA TYR B 143 -30.62 -14.58 -4.27
C TYR B 143 -30.26 -14.44 -5.75
N TRP B 144 -28.99 -14.69 -6.12
CA TRP B 144 -28.61 -14.55 -7.53
C TRP B 144 -29.38 -15.58 -8.35
N SER B 145 -29.62 -16.75 -7.74
CA SER B 145 -30.39 -17.81 -8.38
C SER B 145 -31.79 -17.29 -8.69
N GLN B 146 -32.35 -16.48 -7.78
CA GLN B 146 -33.69 -15.91 -7.96
C GLN B 146 -33.72 -15.06 -9.24
N GLU B 147 -32.65 -14.27 -9.49
CA GLU B 147 -32.63 -13.45 -10.70
C GLU B 147 -32.47 -14.34 -11.94
N LEU B 148 -31.78 -15.49 -11.78
CA LEU B 148 -31.58 -16.43 -12.87
C LEU B 148 -32.92 -17.05 -13.30
N LYS B 149 -33.75 -17.45 -12.34
CA LYS B 149 -35.04 -18.05 -12.65
C LYS B 149 -35.99 -17.05 -13.31
N ASN B 150 -35.96 -15.78 -12.88
CA ASN B 150 -36.85 -14.77 -13.45
C ASN B 150 -36.55 -14.57 -14.95
N SER B 151 -35.26 -14.53 -15.31
CA SER B 151 -34.87 -14.34 -16.72
C SER B 151 -35.23 -15.58 -17.56
N ALA B 152 -34.88 -16.76 -17.04
CA ALA B 152 -35.16 -18.03 -17.75
C ALA B 152 -36.66 -18.25 -17.89
N VAL B 153 -37.41 -17.96 -16.82
CA VAL B 153 -38.86 -18.12 -16.81
C VAL B 153 -39.50 -17.18 -17.85
N SER B 154 -38.98 -15.96 -17.95
CA SER B 154 -39.52 -15.00 -18.91
C SER B 154 -39.49 -15.56 -20.33
N LEU B 155 -38.35 -16.13 -20.72
CA LEU B 155 -38.20 -16.69 -22.07
C LEU B 155 -38.93 -18.05 -22.22
N LEU B 156 -38.83 -18.94 -21.21
CA LEU B 156 -39.47 -20.26 -21.28
C LEU B 156 -41.00 -20.13 -21.28
N ASN B 157 -41.53 -19.27 -20.41
CA ASN B 157 -42.96 -19.02 -20.32
C ASN B 157 -43.47 -18.36 -21.61
N ALA B 158 -42.64 -17.48 -22.17
CA ALA B 158 -43.00 -16.74 -23.39
C ALA B 158 -43.06 -17.63 -24.63
N THR B 159 -42.07 -18.53 -24.78
CA THR B 159 -42.03 -19.44 -25.94
C THR B 159 -43.12 -20.51 -25.85
N ALA B 160 -43.48 -20.89 -24.62
CA ALA B 160 -44.49 -21.92 -24.39
C ALA B 160 -45.85 -21.50 -24.97
N ILE B 161 -46.16 -20.21 -24.93
CA ILE B 161 -47.43 -19.69 -25.43
C ILE B 161 -47.65 -20.08 -26.91
N ALA B 162 -46.54 -20.26 -27.67
CA ALA B 162 -46.62 -20.62 -29.11
C ALA B 162 -47.77 -21.59 -29.40
N VAL B 163 -48.06 -22.48 -28.43
CA VAL B 163 -49.16 -23.45 -28.56
C VAL B 163 -50.22 -23.15 -27.48
N GLY B 164 -51.50 -23.30 -27.85
CA GLY B 164 -52.60 -23.03 -26.91
C GLY B 164 -53.10 -24.30 -26.23
N GLU B 165 -53.04 -24.32 -24.89
CA GLU B 165 -53.50 -25.46 -24.09
C GLU B 165 -53.38 -25.17 -22.60
N GLY B 166 -52.15 -24.89 -22.15
CA GLY B 166 -51.86 -24.59 -20.74
C GLY B 166 -50.37 -24.77 -20.45
N THR B 167 -49.54 -24.41 -21.43
CA THR B 167 -48.10 -24.52 -21.32
C THR B 167 -47.52 -23.52 -20.31
N ASP B 168 -48.12 -22.32 -20.24
CA ASP B 168 -47.63 -21.27 -19.34
C ASP B 168 -47.66 -21.76 -17.89
N ARG B 169 -48.63 -22.59 -17.54
CA ARG B 169 -48.73 -23.14 -16.19
C ARG B 169 -47.57 -24.11 -15.93
N VAL B 170 -47.17 -24.87 -16.97
CA VAL B 170 -46.08 -25.84 -16.85
C VAL B 170 -44.76 -25.15 -16.47
N ILE B 171 -44.40 -24.06 -17.17
CA ILE B 171 -43.15 -23.34 -16.90
C ILE B 171 -43.13 -22.75 -15.49
N GLU B 172 -44.22 -22.08 -15.12
CA GLU B 172 -44.30 -21.41 -13.82
C GLU B 172 -44.45 -22.39 -12.64
N VAL B 173 -45.21 -23.48 -12.82
CA VAL B 173 -45.41 -24.46 -11.75
C VAL B 173 -44.07 -25.11 -11.36
N VAL B 174 -43.31 -25.58 -12.36
CA VAL B 174 -42.03 -26.23 -12.09
C VAL B 174 -41.03 -25.26 -11.45
N GLN B 175 -41.09 -23.98 -11.84
CA GLN B 175 -40.19 -22.97 -11.29
C GLN B 175 -40.36 -22.87 -9.76
N GLY B 176 -41.63 -22.92 -9.31
CA GLY B 176 -41.96 -22.80 -7.91
C GLY B 176 -41.54 -24.01 -7.10
N ALA B 177 -41.68 -25.22 -7.66
CA ALA B 177 -41.34 -26.43 -6.90
C ALA B 177 -39.85 -26.55 -6.59
N SER B 178 -38.97 -26.33 -7.58
CA SER B 178 -37.53 -26.46 -7.35
C SER B 178 -36.92 -25.31 -6.53
N ARG B 179 -37.23 -24.06 -6.90
CA ARG B 179 -36.68 -22.89 -6.20
C ARG B 179 -37.26 -22.71 -4.80
N ALA B 180 -38.59 -22.68 -4.76
CA ALA B 180 -39.29 -22.48 -3.48
C ALA B 180 -38.97 -23.58 -2.46
N ILE B 181 -38.93 -24.85 -2.89
CA ILE B 181 -38.62 -25.94 -1.94
C ILE B 181 -37.20 -25.73 -1.38
N ARG B 182 -36.26 -25.34 -2.26
CA ARG B 182 -34.87 -25.09 -1.83
C ARG B 182 -34.72 -23.70 -1.17
N HIS B 183 -35.84 -22.97 -0.98
CA HIS B 183 -35.82 -21.64 -0.38
C HIS B 183 -34.96 -21.61 0.91
N ILE B 184 -35.53 -22.04 2.05
CA ILE B 184 -34.78 -22.04 3.32
C ILE B 184 -35.27 -23.17 4.26
N PRO B 185 -34.37 -23.83 5.02
CA PRO B 185 -34.76 -24.92 5.95
C PRO B 185 -35.08 -24.39 7.36
N ARG B 186 -34.13 -23.67 7.96
CA ARG B 186 -34.30 -23.10 9.30
C ARG B 186 -33.21 -22.04 9.57
N ARG B 187 -32.00 -22.48 9.94
CA ARG B 187 -30.89 -21.56 10.21
C ARG B 187 -29.60 -22.33 10.48
N ILE B 188 -28.72 -22.36 9.47
CA ILE B 188 -27.44 -23.07 9.57
C ILE B 188 -26.48 -22.38 10.55
N ARG B 189 -26.50 -21.04 10.58
CA ARG B 189 -25.61 -20.28 11.46
C ARG B 189 -25.84 -20.59 12.93
N GLN B 190 -27.12 -20.57 13.35
CA GLN B 190 -27.47 -20.83 14.75
C GLN B 190 -27.29 -22.30 15.17
N GLY B 191 -27.63 -23.23 14.27
CA GLY B 191 -27.54 -24.65 14.57
C GLY B 191 -26.09 -25.14 14.68
N LEU B 192 -25.25 -24.73 13.74
CA LEU B 192 -23.85 -25.16 13.73
C LEU B 192 -23.01 -24.44 14.81
N GLU B 193 -23.31 -23.17 15.08
CA GLU B 193 -22.54 -22.40 16.07
C GLU B 193 -22.82 -22.91 17.50
N ARG B 194 -24.06 -23.32 17.77
CA ARG B 194 -24.44 -23.80 19.10
C ARG B 194 -24.12 -25.30 19.30
N ILE B 195 -24.00 -26.07 18.21
CA ILE B 195 -23.74 -27.52 18.32
C ILE B 195 -22.24 -27.86 18.13
N LEU B 196 -21.37 -26.86 17.96
CA LEU B 196 -19.92 -27.11 17.77
C LEU B 196 -19.18 -27.25 19.12
N LEU B 197 -19.85 -26.95 20.23
CA LEU B 197 -19.26 -27.05 21.58
C LEU B 197 -18.42 -28.32 21.73
N LEU C 1 41.15 -17.23 -16.87
CA LEU C 1 39.72 -17.38 -17.29
C LEU C 1 39.08 -18.50 -16.46
N LEU C 2 38.83 -18.20 -15.17
CA LEU C 2 38.23 -19.17 -14.25
C LEU C 2 39.08 -20.45 -14.21
N GLU C 3 38.72 -21.34 -13.29
CA GLU C 3 39.43 -22.62 -13.14
C GLU C 3 38.52 -23.65 -12.47
N LEU C 4 38.34 -24.81 -13.12
CA LEU C 4 37.48 -25.87 -12.57
C LEU C 4 37.97 -26.28 -11.18
N ASP C 5 39.25 -26.06 -10.88
CA ASP C 5 39.81 -26.39 -9.57
C ASP C 5 39.46 -25.33 -8.53
N LYS C 6 39.08 -24.13 -8.99
CA LYS C 6 38.69 -23.04 -8.10
C LYS C 6 37.24 -23.21 -7.65
N TRP C 7 36.37 -23.59 -8.59
CA TRP C 7 34.96 -23.81 -8.29
C TRP C 7 34.83 -24.81 -7.15
N ALA C 8 35.59 -25.89 -7.25
CA ALA C 8 35.59 -26.93 -6.22
C ALA C 8 36.15 -26.39 -4.92
N SER C 9 37.16 -25.52 -5.01
CA SER C 9 37.76 -24.92 -3.82
C SER C 9 36.71 -24.14 -3.02
N LEU C 10 35.71 -23.60 -3.72
CA LEU C 10 34.63 -22.84 -3.09
C LEU C 10 33.87 -23.70 -2.06
N TRP C 11 33.93 -25.03 -2.23
CA TRP C 11 33.23 -25.95 -1.34
C TRP C 11 33.89 -26.02 0.05
N ASN C 12 35.19 -25.69 0.14
CA ASN C 12 35.89 -25.70 1.43
C ASN C 12 35.69 -24.37 2.19
N TRP C 13 35.03 -23.39 1.55
CA TRP C 13 34.75 -22.08 2.17
C TRP C 13 33.46 -22.12 3.02
N PHE C 14 33.04 -23.34 3.41
CA PHE C 14 31.82 -23.61 4.22
C PHE C 14 30.97 -22.38 4.56
N ASP C 15 29.70 -22.40 4.08
CA ASP C 15 28.66 -21.35 4.29
C ASP C 15 28.37 -20.57 3.00
N ILE C 16 29.42 -20.19 2.27
CA ILE C 16 29.24 -19.41 1.03
C ILE C 16 28.57 -20.23 -0.10
N THR C 17 28.93 -21.50 -0.24
CA THR C 17 28.38 -22.33 -1.32
C THR C 17 26.86 -22.48 -1.22
N ASN C 18 26.32 -22.52 0.00
CA ASN C 18 24.87 -22.67 0.20
C ASN C 18 24.15 -21.51 -0.47
N TRP C 19 24.61 -20.29 -0.18
CA TRP C 19 24.03 -19.09 -0.79
C TRP C 19 24.32 -19.11 -2.31
N LEU C 20 25.53 -19.54 -2.67
CA LEU C 20 25.96 -19.61 -4.07
C LEU C 20 25.09 -20.50 -4.95
N TRP C 21 24.57 -21.63 -4.43
CA TRP C 21 23.78 -22.57 -5.26
C TRP C 21 22.35 -22.82 -4.78
N TYR C 22 21.81 -22.01 -3.86
CA TYR C 22 20.42 -22.19 -3.39
C TYR C 22 19.58 -20.92 -3.54
N ILE C 23 20.24 -19.80 -3.85
CA ILE C 23 19.59 -18.54 -4.04
C ILE C 23 18.73 -18.53 -5.32
N ARG C 24 19.20 -19.21 -6.37
CA ARG C 24 18.47 -19.23 -7.65
C ARG C 24 17.00 -19.63 -7.41
N ILE C 25 16.77 -20.55 -6.47
CA ILE C 25 15.41 -20.96 -6.13
C ILE C 25 14.69 -19.78 -5.43
N PHE C 26 15.44 -19.05 -4.59
CA PHE C 26 14.89 -17.92 -3.84
C PHE C 26 14.32 -16.83 -4.75
N ILE C 27 14.90 -16.67 -5.94
CA ILE C 27 14.46 -15.64 -6.88
C ILE C 27 12.98 -15.87 -7.27
N ILE C 28 12.68 -17.09 -7.73
CA ILE C 28 11.30 -17.43 -8.15
C ILE C 28 10.33 -17.24 -6.98
N ILE C 29 10.69 -17.76 -5.80
CA ILE C 29 9.83 -17.66 -4.62
C ILE C 29 9.61 -16.17 -4.25
N VAL C 30 10.69 -15.40 -4.26
CA VAL C 30 10.60 -13.98 -3.93
C VAL C 30 9.69 -13.28 -4.96
N GLY C 31 9.80 -13.67 -6.24
CA GLY C 31 8.96 -13.10 -7.29
C GLY C 31 7.48 -13.31 -6.90
N SER C 32 7.17 -14.52 -6.47
CA SER C 32 5.83 -14.88 -6.00
C SER C 32 5.45 -14.02 -4.79
N LEU C 33 6.45 -13.77 -3.95
CA LEU C 33 6.29 -13.03 -2.72
C LEU C 33 5.72 -11.62 -2.94
N ILE C 34 6.07 -10.97 -4.06
CA ILE C 34 5.56 -9.61 -4.32
C ILE C 34 4.03 -9.64 -4.40
N GLY C 35 3.47 -10.66 -5.07
CA GLY C 35 2.02 -10.81 -5.19
C GLY C 35 1.40 -10.97 -3.79
N LEU C 36 2.11 -11.69 -2.92
CA LEU C 36 1.68 -11.91 -1.53
C LEU C 36 1.40 -10.57 -0.84
N ARG C 37 2.23 -9.59 -1.16
CA ARG C 37 2.15 -8.24 -0.62
C ARG C 37 0.78 -7.56 -0.84
N ILE C 38 0.05 -7.95 -1.88
CA ILE C 38 -1.21 -7.26 -2.18
C ILE C 38 -2.20 -7.33 -0.99
N VAL C 39 -2.24 -8.45 -0.24
CA VAL C 39 -3.14 -8.54 0.93
C VAL C 39 -2.75 -7.50 1.99
N PHE C 40 -1.45 -7.18 2.06
CA PHE C 40 -0.94 -6.18 3.01
C PHE C 40 -1.66 -4.86 2.80
N ALA C 41 -2.14 -4.60 1.58
CA ALA C 41 -2.82 -3.34 1.29
C ALA C 41 -4.01 -3.17 2.25
N VAL C 42 -4.72 -4.27 2.58
CA VAL C 42 -5.82 -4.14 3.55
C VAL C 42 -5.24 -3.66 4.91
N LEU C 43 -4.02 -4.13 5.23
CA LEU C 43 -3.31 -3.73 6.46
C LEU C 43 -3.15 -2.21 6.46
N SER C 44 -2.91 -1.61 5.29
CA SER C 44 -2.75 -0.16 5.19
C SER C 44 -4.04 0.54 5.63
N LEU C 45 -5.18 -0.08 5.32
CA LEU C 45 -6.49 0.43 5.70
C LEU C 45 -6.55 0.50 7.22
N VAL C 46 -6.13 -0.60 7.84
CA VAL C 46 -6.03 -0.71 9.29
C VAL C 46 -4.99 0.32 9.78
N ASN C 47 -3.94 0.50 8.97
CA ASN C 47 -2.87 1.42 9.28
C ASN C 47 -3.40 2.84 9.43
N ARG C 48 -4.40 3.26 8.63
CA ARG C 48 -4.94 4.61 8.78
C ARG C 48 -5.49 4.78 10.21
N VAL C 49 -6.20 3.76 10.65
CA VAL C 49 -6.79 3.74 11.97
C VAL C 49 -5.67 3.76 13.03
N ARG C 50 -4.66 2.91 12.80
CA ARG C 50 -3.51 2.80 13.72
C ARG C 50 -2.54 4.01 13.64
N GLN C 51 -2.57 4.76 12.54
CA GLN C 51 -1.64 5.86 12.30
C GLN C 51 -2.24 7.24 12.56
N GLY C 52 -3.44 7.29 13.11
CA GLY C 52 -4.12 8.57 13.40
C GLY C 52 -4.92 9.10 12.18
N TYR C 53 -4.26 9.90 11.32
CA TYR C 53 -4.91 10.50 10.13
C TYR C 53 -3.85 11.06 9.18
N SER C 54 -3.08 12.02 9.66
CA SER C 54 -2.01 12.63 8.88
C SER C 54 -1.00 11.54 8.53
N PRO C 55 -0.14 11.70 7.50
CA PRO C 55 0.85 10.69 7.04
C PRO C 55 1.05 9.54 8.08
N LEU C 56 2.12 9.56 8.89
CA LEU C 56 2.29 8.54 9.94
C LEU C 56 2.08 9.20 11.33
N SER C 57 2.24 10.55 11.38
CA SER C 57 2.10 11.30 12.61
C SER C 57 0.63 11.58 12.90
N GLU C 80 -3.30 3.52 20.05
CA GLU C 80 -3.74 2.92 21.32
C GLU C 80 -4.60 1.63 21.15
N ARG C 81 -5.84 1.63 21.66
CA ARG C 81 -6.77 0.49 21.65
C ARG C 81 -7.08 -0.08 20.25
N ASP C 82 -6.97 0.72 19.19
CA ASP C 82 -7.37 0.27 17.85
C ASP C 82 -6.69 -1.04 17.39
N ARG C 83 -5.72 -1.60 18.15
CA ARG C 83 -5.10 -2.86 17.74
C ARG C 83 -6.09 -4.01 17.98
N ASP C 84 -6.73 -4.02 19.15
CA ASP C 84 -7.72 -5.04 19.48
C ASP C 84 -8.85 -4.98 18.45
N ARG C 85 -9.19 -3.75 18.02
CA ARG C 85 -10.21 -3.54 17.02
C ARG C 85 -9.71 -4.00 15.64
N SER C 86 -8.47 -3.61 15.29
CA SER C 86 -7.92 -4.00 14.00
C SER C 86 -7.93 -5.52 13.86
N ILE C 87 -7.79 -6.22 14.99
CA ILE C 87 -7.86 -7.69 14.99
C ILE C 87 -9.20 -8.12 14.32
N ARG C 88 -10.19 -7.21 14.30
CA ARG C 88 -11.50 -7.47 13.66
C ARG C 88 -11.30 -7.81 12.19
N LEU C 89 -10.15 -7.42 11.62
CA LEU C 89 -9.85 -7.74 10.21
C LEU C 89 -10.00 -9.26 10.01
N VAL C 90 -9.62 -10.05 11.03
CA VAL C 90 -9.78 -11.50 10.95
C VAL C 90 -11.27 -11.84 10.73
N ASN C 91 -12.17 -11.14 11.45
CA ASN C 91 -13.62 -11.32 11.29
C ASN C 91 -14.05 -10.95 9.86
N GLY C 92 -13.16 -10.30 9.11
CA GLY C 92 -13.48 -9.82 7.77
C GLY C 92 -13.95 -10.92 6.83
N SER C 93 -13.65 -12.19 7.12
CA SER C 93 -14.08 -13.27 6.24
C SER C 93 -15.61 -13.27 6.10
N LEU C 94 -16.33 -13.15 7.23
CA LEU C 94 -17.78 -13.12 7.20
C LEU C 94 -18.31 -11.79 6.61
N ALA C 95 -17.63 -10.70 6.98
CA ALA C 95 -17.94 -9.36 6.52
C ALA C 95 -17.75 -9.20 5.02
N LEU C 96 -16.80 -9.95 4.47
CA LEU C 96 -16.44 -9.78 3.07
C LEU C 96 -17.64 -9.95 2.13
N ILE C 97 -18.74 -10.63 2.54
CA ILE C 97 -19.88 -10.69 1.63
C ILE C 97 -20.64 -9.33 1.67
N TRP C 98 -20.52 -8.57 2.78
CA TRP C 98 -21.24 -7.29 2.90
C TRP C 98 -20.74 -6.22 1.89
N ASP C 99 -19.42 -6.05 1.73
CA ASP C 99 -18.91 -5.02 0.80
C ASP C 99 -19.22 -5.41 -0.68
N ASP C 100 -18.94 -6.65 -1.03
CA ASP C 100 -19.16 -7.17 -2.40
C ASP C 100 -20.64 -7.32 -2.77
N LEU C 101 -21.49 -7.71 -1.81
CA LEU C 101 -22.92 -7.95 -2.10
C LEU C 101 -23.64 -6.70 -2.65
N ARG C 102 -23.44 -5.52 -2.04
CA ARG C 102 -24.14 -4.30 -2.51
C ARG C 102 -23.49 -3.75 -3.79
N SER C 103 -22.18 -3.95 -3.94
CA SER C 103 -21.47 -3.46 -5.12
C SER C 103 -21.77 -4.32 -6.34
N LEU C 104 -21.73 -5.63 -6.12
CA LEU C 104 -21.96 -6.59 -7.18
C LEU C 104 -23.40 -6.57 -7.70
N SER C 105 -24.36 -6.75 -6.79
CA SER C 105 -25.78 -6.75 -7.14
C SER C 105 -26.46 -5.40 -6.84
N LEU C 106 -26.25 -4.88 -5.62
CA LEU C 106 -26.87 -3.60 -5.19
C LEU C 106 -28.38 -3.80 -4.95
N PHE C 107 -29.01 -2.84 -4.24
CA PHE C 107 -30.44 -2.91 -3.93
C PHE C 107 -31.28 -3.33 -5.15
N SER C 108 -32.54 -3.73 -4.91
CA SER C 108 -33.45 -4.16 -5.99
C SER C 108 -32.80 -5.28 -6.79
N TYR C 109 -33.15 -6.54 -6.49
CA TYR C 109 -32.55 -7.67 -7.19
C TYR C 109 -33.03 -7.76 -8.65
N HIS C 110 -32.08 -8.28 -9.47
CA HIS C 110 -32.17 -8.38 -10.96
C HIS C 110 -31.06 -7.45 -11.53
N ARG C 111 -30.41 -6.70 -10.61
CA ARG C 111 -29.35 -5.77 -10.90
C ARG C 111 -28.04 -6.47 -11.28
N LEU C 112 -27.79 -7.70 -10.79
CA LEU C 112 -26.49 -8.34 -11.05
C LEU C 112 -26.25 -8.47 -12.56
N ARG C 113 -27.31 -8.68 -13.35
CA ARG C 113 -27.16 -8.72 -14.82
C ARG C 113 -26.86 -7.29 -15.28
N ASP C 114 -27.52 -6.34 -14.63
CA ASP C 114 -27.36 -4.91 -14.90
C ASP C 114 -25.92 -4.48 -14.59
N LEU C 115 -25.26 -5.09 -13.58
CA LEU C 115 -23.90 -4.67 -13.23
C LEU C 115 -22.98 -4.78 -14.45
N LEU C 116 -23.15 -5.82 -15.27
CA LEU C 116 -22.29 -5.99 -16.44
C LEU C 116 -22.57 -4.93 -17.50
N LEU C 117 -23.83 -4.63 -17.77
CA LEU C 117 -24.18 -3.62 -18.77
C LEU C 117 -23.94 -2.19 -18.28
N ILE C 118 -24.19 -1.93 -16.98
CA ILE C 118 -24.00 -0.59 -16.45
C ILE C 118 -22.53 -0.22 -16.39
N VAL C 119 -21.65 -1.19 -16.05
CA VAL C 119 -20.22 -0.89 -15.98
C VAL C 119 -19.74 -0.31 -17.32
N THR C 120 -20.15 -0.93 -18.44
CA THR C 120 -19.78 -0.40 -19.77
C THR C 120 -20.41 0.98 -19.98
N ARG C 121 -21.66 1.11 -19.52
CA ARG C 121 -22.43 2.34 -19.67
C ARG C 121 -21.76 3.53 -18.96
N ILE C 122 -21.30 3.33 -17.72
CA ILE C 122 -20.68 4.41 -16.97
C ILE C 122 -19.37 4.79 -17.66
N VAL C 123 -18.63 3.80 -18.16
CA VAL C 123 -17.36 4.07 -18.85
C VAL C 123 -17.62 4.87 -20.14
N GLU C 124 -18.70 4.52 -20.86
CA GLU C 124 -19.03 5.21 -22.10
C GLU C 124 -19.45 6.65 -21.81
N LEU C 125 -20.28 6.80 -20.77
CA LEU C 125 -20.77 8.11 -20.34
C LEU C 125 -19.64 9.00 -19.84
N LEU C 126 -18.85 8.46 -18.91
CA LEU C 126 -17.75 9.18 -18.29
C LEU C 126 -16.54 9.31 -19.22
N GLY C 127 -16.44 8.46 -20.24
CA GLY C 127 -15.31 8.52 -21.18
C GLY C 127 -15.28 9.90 -21.87
N ARG C 128 -16.46 10.46 -22.10
CA ARG C 128 -16.61 11.77 -22.73
C ARG C 128 -16.19 12.89 -21.75
N ARG C 129 -16.42 12.66 -20.45
CA ARG C 129 -16.09 13.65 -19.41
C ARG C 129 -14.60 13.59 -19.00
N GLY C 130 -14.00 12.39 -19.10
CA GLY C 130 -12.62 12.17 -18.69
C GLY C 130 -11.58 13.09 -19.37
N TRP C 131 -11.87 13.62 -20.57
CA TRP C 131 -10.90 14.46 -21.27
C TRP C 131 -10.45 15.69 -20.49
N GLU C 132 -11.17 16.03 -19.43
CA GLU C 132 -10.78 17.17 -18.60
C GLU C 132 -9.27 17.02 -18.17
N ALA C 133 -8.68 15.84 -18.42
CA ALA C 133 -7.26 15.59 -18.16
C ALA C 133 -6.44 16.65 -18.88
N LEU C 134 -6.71 16.80 -20.19
CA LEU C 134 -6.01 17.80 -21.00
C LEU C 134 -6.30 19.20 -20.46
N LYS C 135 -7.54 19.42 -19.98
CA LYS C 135 -7.95 20.77 -19.49
C LYS C 135 -7.02 21.29 -18.36
N TYR C 136 -6.75 20.46 -17.34
CA TYR C 136 -5.92 20.93 -16.23
C TYR C 136 -4.45 21.03 -16.65
N TRP C 137 -3.98 20.11 -17.51
CA TRP C 137 -2.59 20.17 -17.96
C TRP C 137 -2.31 21.51 -18.63
N TRP C 138 -3.34 22.10 -19.25
CA TRP C 138 -3.20 23.42 -19.85
C TRP C 138 -2.89 24.42 -18.73
N ASN C 139 -3.66 24.31 -17.62
CA ASN C 139 -3.45 25.18 -16.46
C ASN C 139 -2.04 24.95 -15.86
N LEU C 140 -1.60 23.71 -15.88
CA LEU C 140 -0.28 23.31 -15.35
C LEU C 140 0.87 23.97 -16.14
N LEU C 141 0.79 23.82 -17.47
CA LEU C 141 1.81 24.37 -18.37
C LEU C 141 1.86 25.90 -18.36
N GLN C 142 0.69 26.56 -18.23
CA GLN C 142 0.64 28.02 -18.25
C GLN C 142 1.28 28.65 -17.00
N TYR C 143 1.16 28.03 -15.81
CA TYR C 143 1.73 28.62 -14.63
C TYR C 143 3.26 28.50 -14.65
N TRP C 144 3.81 27.41 -15.21
CA TRP C 144 5.29 27.26 -15.24
C TRP C 144 5.86 28.31 -16.19
N SER C 145 5.15 28.55 -17.30
CA SER C 145 5.54 29.59 -18.25
C SER C 145 5.56 30.93 -17.50
N GLN C 146 4.61 31.11 -16.59
CA GLN C 146 4.49 32.34 -15.80
C GLN C 146 5.77 32.58 -14.96
N GLU C 147 6.36 31.54 -14.33
CA GLU C 147 7.58 31.77 -13.55
C GLU C 147 8.66 32.31 -14.51
N LEU C 148 8.74 31.72 -15.71
CA LEU C 148 9.74 32.14 -16.70
C LEU C 148 9.50 33.61 -17.10
N LYS C 149 8.23 33.96 -17.32
CA LYS C 149 7.86 35.32 -17.72
C LYS C 149 8.24 36.36 -16.66
N ASN C 150 7.88 36.10 -15.40
CA ASN C 150 8.17 37.03 -14.31
C ASN C 150 9.65 37.04 -13.93
N SER C 151 10.25 35.85 -13.85
CA SER C 151 11.66 35.73 -13.48
C SER C 151 12.58 36.37 -14.52
N ALA C 152 12.30 36.11 -15.80
CA ALA C 152 13.11 36.66 -16.89
C ALA C 152 13.01 38.19 -16.94
N VAL C 153 11.79 38.72 -16.83
CA VAL C 153 11.57 40.17 -16.88
C VAL C 153 12.44 40.89 -15.83
N SER C 154 12.46 40.38 -14.60
CA SER C 154 13.23 41.00 -13.53
C SER C 154 14.75 40.93 -13.77
N LEU C 155 15.26 39.72 -14.01
CA LEU C 155 16.69 39.50 -14.21
C LEU C 155 17.23 40.09 -15.52
N LEU C 156 16.62 39.77 -16.66
CA LEU C 156 17.11 40.26 -17.96
C LEU C 156 16.97 41.78 -18.11
N ASN C 157 15.82 42.34 -17.71
CA ASN C 157 15.59 43.79 -17.84
C ASN C 157 16.54 44.58 -16.93
N ALA C 158 16.74 44.08 -15.72
CA ALA C 158 17.59 44.77 -14.74
C ALA C 158 19.08 44.74 -15.11
N THR C 159 19.57 43.59 -15.57
CA THR C 159 20.98 43.45 -15.93
C THR C 159 21.32 44.18 -17.24
N ALA C 160 20.32 44.32 -18.12
CA ALA C 160 20.52 44.97 -19.42
C ALA C 160 20.86 46.46 -19.30
N ILE C 161 20.40 47.13 -18.23
CA ILE C 161 20.66 48.57 -18.06
C ILE C 161 22.19 48.85 -18.07
N ALA C 162 23.00 47.87 -17.66
CA ALA C 162 24.47 48.05 -17.63
C ALA C 162 25.03 48.29 -19.05
N VAL C 163 24.86 49.53 -19.54
CA VAL C 163 25.33 49.96 -20.87
C VAL C 163 24.84 51.40 -21.11
N GLY C 164 23.58 51.66 -20.78
CA GLY C 164 22.97 52.98 -20.94
C GLY C 164 21.48 52.91 -20.65
N GLU C 165 20.66 52.85 -21.71
CA GLU C 165 19.21 52.76 -21.57
C GLU C 165 18.53 52.56 -22.93
N GLY C 166 17.56 51.65 -22.98
CA GLY C 166 16.83 51.35 -24.22
C GLY C 166 16.68 49.83 -24.42
N THR C 167 17.65 49.07 -23.92
CA THR C 167 17.64 47.60 -24.03
C THR C 167 16.53 46.99 -23.18
N ASP C 168 16.27 47.59 -22.01
CA ASP C 168 15.26 47.07 -21.09
C ASP C 168 13.88 47.01 -21.79
N ARG C 169 13.60 47.98 -22.67
CA ARG C 169 12.35 48.00 -23.42
C ARG C 169 12.22 46.71 -24.24
N VAL C 170 13.35 46.25 -24.80
CA VAL C 170 13.41 45.04 -25.61
C VAL C 170 13.12 43.79 -24.75
N ILE C 171 13.59 43.78 -23.50
CA ILE C 171 13.37 42.62 -22.62
C ILE C 171 11.87 42.39 -22.35
N GLU C 172 11.15 43.45 -21.98
CA GLU C 172 9.73 43.35 -21.65
C GLU C 172 8.83 43.11 -22.87
N VAL C 173 9.16 43.72 -24.01
CA VAL C 173 8.33 43.58 -25.21
C VAL C 173 8.42 42.15 -25.80
N VAL C 174 9.63 41.59 -25.88
CA VAL C 174 9.82 40.25 -26.43
C VAL C 174 9.21 39.16 -25.54
N GLN C 175 9.49 39.23 -24.23
CA GLN C 175 8.98 38.24 -23.28
C GLN C 175 7.44 38.27 -23.24
N GLY C 176 6.89 39.48 -23.25
CA GLY C 176 5.44 39.67 -23.22
C GLY C 176 4.79 39.21 -24.53
N ALA C 177 5.50 39.36 -25.64
CA ALA C 177 4.97 38.97 -26.94
C ALA C 177 4.70 37.46 -27.03
N SER C 178 5.65 36.64 -26.56
CA SER C 178 5.49 35.18 -26.62
C SER C 178 4.45 34.65 -25.61
N ARG C 179 4.53 35.13 -24.37
CA ARG C 179 3.60 34.69 -23.32
C ARG C 179 2.18 35.14 -23.63
N ALA C 180 2.07 36.37 -24.06
CA ALA C 180 0.76 36.95 -24.40
C ALA C 180 0.04 36.13 -25.47
N ILE C 181 0.74 35.79 -26.57
CA ILE C 181 0.13 35.01 -27.65
C ILE C 181 -0.27 33.61 -27.16
N ARG C 182 0.49 33.07 -26.19
CA ARG C 182 0.20 31.74 -25.64
C ARG C 182 -0.97 31.79 -24.63
N HIS C 183 -1.26 32.98 -24.09
CA HIS C 183 -2.35 33.13 -23.12
C HIS C 183 -3.49 33.99 -23.71
N ILE C 184 -4.38 33.34 -24.47
CA ILE C 184 -5.53 34.04 -25.08
C ILE C 184 -6.71 33.06 -25.32
N PRO C 185 -6.50 31.91 -25.97
CA PRO C 185 -7.62 30.95 -26.25
C PRO C 185 -8.16 30.30 -24.97
N ARG C 186 -9.46 29.98 -24.98
CA ARG C 186 -10.11 29.35 -23.83
C ARG C 186 -11.11 28.29 -24.31
N ARG C 187 -11.66 27.51 -23.37
CA ARG C 187 -12.63 26.48 -23.70
C ARG C 187 -12.07 25.53 -24.79
N ILE C 188 -10.87 25.00 -24.55
CA ILE C 188 -10.23 24.10 -25.52
C ILE C 188 -10.91 22.73 -25.51
N ARG C 189 -11.25 22.26 -24.32
CA ARG C 189 -11.88 20.95 -24.13
C ARG C 189 -13.28 20.90 -24.77
N GLN C 190 -14.12 21.90 -24.49
CA GLN C 190 -15.48 21.91 -25.06
C GLN C 190 -15.46 22.23 -26.55
N GLY C 191 -14.49 23.06 -26.98
CA GLY C 191 -14.36 23.44 -28.39
C GLY C 191 -13.94 22.25 -29.26
N LEU C 192 -12.96 21.49 -28.77
CA LEU C 192 -12.46 20.32 -29.50
C LEU C 192 -13.51 19.19 -29.53
N GLU C 193 -14.30 19.08 -28.46
CA GLU C 193 -15.33 18.06 -28.35
C GLU C 193 -16.59 18.44 -29.15
N ARG C 194 -16.93 19.73 -29.13
CA ARG C 194 -18.12 20.23 -29.84
C ARG C 194 -17.93 20.14 -31.36
N ILE C 195 -16.72 20.45 -31.84
CA ILE C 195 -16.44 20.41 -33.28
C ILE C 195 -16.34 18.97 -33.81
N LEU C 196 -15.95 18.04 -32.92
CA LEU C 196 -15.83 16.62 -33.32
C LEU C 196 -17.16 15.87 -33.17
N LEU C 197 -18.04 16.37 -32.28
CA LEU C 197 -19.34 15.74 -32.05
C LEU C 197 -20.37 16.25 -33.06
N LEU A 1 33.92 -31.64 -13.06
CA LEU A 1 33.04 -30.90 -12.10
C LEU A 1 32.73 -29.53 -12.69
N LEU A 2 31.50 -29.36 -13.20
CA LEU A 2 31.09 -28.10 -13.82
C LEU A 2 32.07 -27.73 -14.94
N GLU A 3 31.76 -28.20 -16.16
CA GLU A 3 32.64 -27.95 -17.31
C GLU A 3 31.82 -27.82 -18.61
N LEU A 4 32.51 -27.43 -19.68
CA LEU A 4 31.90 -27.27 -21.00
C LEU A 4 31.01 -28.46 -21.36
N ASP A 5 31.57 -29.64 -21.26
CA ASP A 5 30.87 -30.88 -21.59
C ASP A 5 29.69 -31.15 -20.65
N LYS A 6 29.68 -30.51 -19.48
CA LYS A 6 28.61 -30.70 -18.50
C LYS A 6 27.37 -29.86 -18.85
N TRP A 7 27.59 -28.60 -19.21
CA TRP A 7 26.51 -27.68 -19.56
C TRP A 7 25.77 -28.15 -20.81
N ALA A 8 26.52 -28.71 -21.76
CA ALA A 8 25.93 -29.18 -23.03
C ALA A 8 24.83 -30.22 -22.80
N SER A 9 24.88 -30.94 -21.67
CA SER A 9 23.88 -31.96 -21.36
C SER A 9 22.47 -31.35 -21.26
N LEU A 10 22.39 -30.13 -20.74
CA LEU A 10 21.11 -29.43 -20.58
C LEU A 10 20.48 -29.06 -21.94
N TRP A 11 21.32 -28.94 -22.97
CA TRP A 11 20.86 -28.56 -24.31
C TRP A 11 19.83 -29.58 -24.85
N ASN A 12 20.05 -30.87 -24.56
CA ASN A 12 19.15 -31.92 -25.02
C ASN A 12 17.83 -31.93 -24.25
N TRP A 13 17.86 -31.43 -23.01
CA TRP A 13 16.67 -31.37 -22.16
C TRP A 13 15.65 -30.40 -22.76
N PHE A 14 16.12 -29.20 -23.13
CA PHE A 14 15.27 -28.17 -23.73
C PHE A 14 13.93 -28.01 -22.96
N ASP A 15 13.94 -28.33 -21.67
CA ASP A 15 12.74 -28.21 -20.83
C ASP A 15 13.00 -27.23 -19.66
N ILE A 16 13.69 -27.71 -18.62
CA ILE A 16 14.02 -26.88 -17.45
C ILE A 16 15.03 -25.79 -17.84
N THR A 17 15.97 -26.15 -18.72
CA THR A 17 17.02 -25.24 -19.17
C THR A 17 16.46 -23.92 -19.68
N ASN A 18 15.27 -23.95 -20.30
CA ASN A 18 14.68 -22.72 -20.83
C ASN A 18 14.46 -21.70 -19.71
N TRP A 19 13.83 -22.13 -18.61
CA TRP A 19 13.60 -21.24 -17.46
C TRP A 19 14.94 -20.85 -16.85
N LEU A 20 15.88 -21.81 -16.77
CA LEU A 20 17.21 -21.56 -16.21
C LEU A 20 17.96 -20.52 -17.06
N TRP A 21 17.74 -20.56 -18.38
CA TRP A 21 18.41 -19.66 -19.31
C TRP A 21 17.86 -18.23 -19.19
N TYR A 22 16.60 -18.09 -18.75
CA TYR A 22 15.99 -16.75 -18.60
C TYR A 22 15.74 -16.41 -17.14
N ILE A 23 16.23 -17.26 -16.21
CA ILE A 23 16.05 -17.03 -14.78
C ILE A 23 16.76 -15.72 -14.35
N ARG A 24 17.94 -15.46 -14.94
CA ARG A 24 18.70 -14.25 -14.61
C ARG A 24 17.95 -13.00 -15.10
N ILE A 25 17.30 -13.13 -16.26
CA ILE A 25 16.49 -12.06 -16.81
C ILE A 25 15.22 -11.91 -15.95
N PHE A 26 14.71 -13.05 -15.48
CA PHE A 26 13.51 -13.13 -14.66
C PHE A 26 13.65 -12.33 -13.37
N ILE A 27 14.88 -12.20 -12.88
CA ILE A 27 15.13 -11.49 -11.63
C ILE A 27 14.68 -10.04 -11.79
N ILE A 28 15.11 -9.42 -12.89
CA ILE A 28 14.75 -8.04 -13.20
C ILE A 28 13.22 -7.91 -13.43
N ILE A 29 12.63 -8.86 -14.18
CA ILE A 29 11.18 -8.80 -14.48
C ILE A 29 10.35 -8.83 -13.19
N VAL A 30 10.68 -9.76 -12.28
CA VAL A 30 9.94 -9.87 -11.01
C VAL A 30 10.01 -8.52 -10.28
N GLY A 31 11.18 -7.88 -10.29
CA GLY A 31 11.33 -6.57 -9.66
C GLY A 31 10.34 -5.57 -10.28
N SER A 32 10.11 -5.71 -11.58
CA SER A 32 9.17 -4.85 -12.31
C SER A 32 7.74 -5.10 -11.82
N LEU A 33 7.43 -6.37 -11.54
CA LEU A 33 6.10 -6.76 -11.06
C LEU A 33 5.78 -6.02 -9.74
N ILE A 34 6.75 -6.01 -8.83
CA ILE A 34 6.55 -5.32 -7.54
C ILE A 34 6.51 -3.79 -7.80
N GLY A 35 7.40 -3.30 -8.69
CA GLY A 35 7.41 -1.87 -9.02
C GLY A 35 6.04 -1.47 -9.61
N LEU A 36 5.42 -2.42 -10.31
CA LEU A 36 4.09 -2.27 -10.92
C LEU A 36 3.02 -2.22 -9.79
N ARG A 37 3.25 -3.01 -8.76
CA ARG A 37 2.35 -3.15 -7.59
C ARG A 37 2.02 -1.80 -6.89
N ILE A 38 2.89 -0.80 -6.94
CA ILE A 38 2.65 0.49 -6.20
C ILE A 38 1.34 1.14 -6.61
N VAL A 39 0.96 1.02 -7.87
CA VAL A 39 -0.26 1.68 -8.33
C VAL A 39 -1.45 1.30 -7.42
N PHE A 40 -1.40 0.11 -6.83
CA PHE A 40 -2.44 -0.36 -5.92
C PHE A 40 -2.64 0.64 -4.78
N ALA A 41 -1.59 1.41 -4.45
CA ALA A 41 -1.68 2.38 -3.35
C ALA A 41 -2.84 3.35 -3.62
N VAL A 42 -3.04 3.79 -4.89
CA VAL A 42 -4.19 4.67 -5.18
C VAL A 42 -5.51 3.85 -5.05
N LEU A 43 -5.44 2.58 -5.48
CA LEU A 43 -6.57 1.64 -5.42
C LEU A 43 -7.03 1.43 -3.98
N SER A 44 -6.08 1.43 -3.04
CA SER A 44 -6.39 1.18 -1.64
C SER A 44 -7.35 2.24 -1.10
N LEU A 45 -7.21 3.49 -1.57
CA LEU A 45 -8.10 4.56 -1.15
C LEU A 45 -9.51 4.24 -1.62
N VAL A 46 -9.61 3.73 -2.84
CA VAL A 46 -10.88 3.35 -3.45
C VAL A 46 -11.44 2.13 -2.68
N ASN A 47 -10.56 1.20 -2.34
CA ASN A 47 -10.94 0.01 -1.59
C ASN A 47 -11.49 0.39 -0.20
N ARG A 48 -10.90 1.43 0.40
CA ARG A 48 -11.29 1.89 1.73
C ARG A 48 -12.74 2.33 1.76
N VAL A 49 -13.11 3.17 0.80
CA VAL A 49 -14.49 3.66 0.72
C VAL A 49 -15.42 2.51 0.39
N ARG A 50 -15.01 1.67 -0.56
CA ARG A 50 -15.81 0.49 -0.95
C ARG A 50 -15.97 -0.48 0.26
N GLN A 51 -14.99 -0.52 1.15
CA GLN A 51 -15.03 -1.42 2.32
C GLN A 51 -15.76 -0.80 3.52
N GLY A 52 -16.41 0.35 3.30
CA GLY A 52 -17.13 1.05 4.37
C GLY A 52 -16.31 2.21 4.96
N TYR A 53 -15.42 1.89 5.89
CA TYR A 53 -14.56 2.90 6.55
C TYR A 53 -13.44 2.19 7.32
N SER A 54 -13.82 1.49 8.39
CA SER A 54 -12.90 0.73 9.20
C SER A 54 -12.59 -0.59 8.48
N PRO A 55 -11.48 -1.28 8.79
CA PRO A 55 -11.06 -2.56 8.15
C PRO A 55 -12.15 -3.24 7.28
N LEU A 56 -12.61 -4.46 7.64
CA LEU A 56 -13.65 -5.13 6.84
C LEU A 56 -14.99 -5.20 7.61
N SER A 57 -14.94 -5.06 8.94
CA SER A 57 -16.16 -5.12 9.75
C SER A 57 -16.83 -3.74 9.82
N GLU A 80 -19.71 0.23 0.24
CA GLU A 80 -19.54 -0.33 -1.13
C GLU A 80 -20.12 0.59 -2.24
N ARG A 81 -20.71 1.70 -1.86
CA ARG A 81 -21.27 2.65 -2.82
C ARG A 81 -20.19 3.12 -3.83
N ASP A 82 -18.94 3.09 -3.41
CA ASP A 82 -17.82 3.56 -4.23
C ASP A 82 -17.58 2.74 -5.53
N ARG A 83 -18.02 1.47 -5.64
CA ARG A 83 -17.75 0.67 -6.87
C ARG A 83 -18.26 1.39 -8.12
N ASP A 84 -19.43 2.02 -8.05
CA ASP A 84 -19.93 2.76 -9.22
C ASP A 84 -18.88 3.81 -9.56
N ARG A 85 -18.36 4.45 -8.51
CA ARG A 85 -17.31 5.44 -8.65
C ARG A 85 -15.97 4.77 -9.02
N SER A 86 -15.78 3.50 -8.63
CA SER A 86 -14.54 2.79 -8.93
C SER A 86 -14.36 2.79 -10.45
N ILE A 87 -15.48 2.67 -11.18
CA ILE A 87 -15.43 2.77 -12.64
C ILE A 87 -14.98 4.21 -12.98
N ARG A 88 -15.48 5.20 -12.23
CA ARG A 88 -15.09 6.60 -12.43
C ARG A 88 -13.56 6.75 -12.23
N LEU A 89 -12.91 5.73 -11.62
CA LEU A 89 -11.45 5.78 -11.42
C LEU A 89 -10.78 6.00 -12.78
N VAL A 90 -11.44 5.53 -13.86
CA VAL A 90 -10.92 5.75 -15.23
C VAL A 90 -10.73 7.27 -15.42
N ASN A 91 -11.73 8.01 -14.98
CA ASN A 91 -11.75 9.48 -15.01
C ASN A 91 -10.78 10.07 -13.99
N GLY A 92 -10.30 9.24 -13.07
CA GLY A 92 -9.39 9.68 -12.02
C GLY A 92 -8.17 10.36 -12.62
N SER A 93 -7.88 10.10 -13.90
CA SER A 93 -6.74 10.71 -14.57
C SER A 93 -6.84 12.24 -14.54
N LEU A 94 -8.07 12.78 -14.72
CA LEU A 94 -8.26 14.24 -14.69
C LEU A 94 -8.07 14.79 -13.27
N ALA A 95 -8.61 14.07 -12.30
CA ALA A 95 -8.48 14.45 -10.90
C ALA A 95 -7.04 14.29 -10.41
N LEU A 96 -6.38 13.27 -10.96
CA LEU A 96 -5.02 12.90 -10.58
C LEU A 96 -4.03 14.05 -10.78
N ILE A 97 -4.22 14.91 -11.79
CA ILE A 97 -3.28 15.99 -11.97
C ILE A 97 -3.53 17.10 -10.93
N TRP A 98 -4.77 17.21 -10.42
CA TRP A 98 -5.12 18.25 -9.42
C TRP A 98 -4.48 18.04 -8.03
N ASP A 99 -4.53 16.81 -7.49
CA ASP A 99 -3.96 16.56 -6.14
C ASP A 99 -2.43 16.67 -6.14
N ASP A 100 -1.79 15.99 -7.10
CA ASP A 100 -0.32 15.95 -7.19
C ASP A 100 0.31 17.29 -7.64
N LEU A 101 -0.24 17.92 -8.67
CA LEU A 101 0.35 19.15 -9.23
C LEU A 101 0.27 20.35 -8.28
N ARG A 102 -0.89 20.60 -7.69
CA ARG A 102 -1.04 21.77 -6.82
C ARG A 102 -0.17 21.65 -5.55
N SER A 103 0.27 20.43 -5.21
CA SER A 103 1.08 20.24 -4.01
C SER A 103 2.52 20.75 -4.16
N LEU A 104 3.20 20.41 -5.29
CA LEU A 104 4.59 20.87 -5.47
C LEU A 104 4.70 22.39 -5.70
N SER A 105 3.73 22.99 -6.40
CA SER A 105 3.76 24.42 -6.69
C SER A 105 2.90 25.24 -5.70
N LEU A 106 1.99 24.57 -4.97
CA LEU A 106 1.14 25.24 -3.98
C LEU A 106 0.46 26.49 -4.59
N PHE A 107 -0.31 27.23 -3.76
CA PHE A 107 -1.00 28.43 -4.24
C PHE A 107 -0.05 29.64 -4.20
N SER A 108 -0.49 30.77 -4.77
CA SER A 108 0.36 31.98 -4.83
C SER A 108 1.68 31.61 -5.51
N TYR A 109 1.68 31.63 -6.85
CA TYR A 109 2.86 31.25 -7.62
C TYR A 109 4.07 32.14 -7.30
N HIS A 110 5.16 32.01 -8.10
CA HIS A 110 6.47 32.67 -7.86
C HIS A 110 7.29 31.71 -6.99
N ARG A 111 6.57 31.10 -6.05
CA ARG A 111 7.06 30.10 -5.12
C ARG A 111 7.35 28.76 -5.84
N LEU A 112 6.66 28.48 -6.97
CA LEU A 112 6.82 27.18 -7.62
C LEU A 112 8.30 26.95 -7.97
N ARG A 113 9.04 28.00 -8.32
CA ARG A 113 10.50 27.84 -8.52
C ARG A 113 11.13 27.59 -7.15
N ASP A 114 10.58 28.28 -6.14
CA ASP A 114 11.00 28.16 -4.75
C ASP A 114 10.79 26.74 -4.23
N LEU A 115 9.77 26.02 -4.73
CA LEU A 115 9.46 24.68 -4.21
C LEU A 115 10.68 23.78 -4.28
N LEU A 116 11.49 23.88 -5.34
CA LEU A 116 12.70 23.05 -5.39
C LEU A 116 13.56 23.35 -4.16
N LEU A 117 13.57 24.63 -3.75
CA LEU A 117 14.31 25.07 -2.57
C LEU A 117 13.59 24.63 -1.28
N ILE A 118 12.25 24.66 -1.28
CA ILE A 118 11.49 24.26 -0.11
C ILE A 118 11.83 22.81 0.28
N VAL A 119 12.03 21.94 -0.71
CA VAL A 119 12.36 20.54 -0.41
C VAL A 119 13.63 20.48 0.44
N THR A 120 14.66 21.23 0.05
CA THR A 120 15.89 21.28 0.82
C THR A 120 15.66 21.90 2.19
N ARG A 121 14.83 22.94 2.23
CA ARG A 121 14.57 23.68 3.47
C ARG A 121 13.78 22.90 4.52
N ILE A 122 12.73 22.17 4.15
CA ILE A 122 11.98 21.41 5.14
C ILE A 122 12.91 20.44 5.84
N VAL A 123 13.84 19.84 5.09
CA VAL A 123 14.79 18.89 5.67
C VAL A 123 15.75 19.58 6.65
N GLU A 124 16.22 20.80 6.33
CA GLU A 124 17.14 21.49 7.23
C GLU A 124 16.42 21.91 8.52
N LEU A 125 15.20 22.44 8.36
CA LEU A 125 14.39 22.88 9.49
C LEU A 125 13.99 21.72 10.40
N LEU A 126 13.44 20.66 9.79
CA LEU A 126 12.98 19.50 10.55
C LEU A 126 14.13 18.61 11.04
N GLY A 127 15.33 18.78 10.46
CA GLY A 127 16.50 17.97 10.83
C GLY A 127 16.87 18.17 12.31
N ARG A 128 16.70 19.39 12.80
CA ARG A 128 17.05 19.74 14.18
C ARG A 128 16.04 19.17 15.18
N ARG A 129 14.75 19.35 14.90
CA ARG A 129 13.68 18.87 15.80
C ARG A 129 13.37 17.36 15.58
N GLY A 130 13.79 16.83 14.43
CA GLY A 130 13.56 15.42 14.09
C GLY A 130 14.19 14.46 15.12
N TRP A 131 15.20 14.94 15.86
CA TRP A 131 15.90 14.10 16.83
C TRP A 131 15.02 13.51 17.91
N GLU A 132 13.79 14.00 18.03
CA GLU A 132 12.87 13.40 19.00
C GLU A 132 12.81 11.84 18.79
N ALA A 133 13.39 11.35 17.65
CA ALA A 133 13.50 9.93 17.36
C ALA A 133 14.20 9.25 18.52
N LEU A 134 15.37 9.78 18.89
CA LEU A 134 16.13 9.23 20.03
C LEU A 134 15.32 9.39 21.32
N LYS A 135 14.59 10.51 21.44
CA LYS A 135 13.81 10.77 22.66
C LYS A 135 12.82 9.63 22.97
N TYR A 136 12.08 9.17 21.97
CA TYR A 136 11.10 8.12 22.20
C TYR A 136 11.77 6.78 22.50
N TRP A 137 12.85 6.46 21.78
CA TRP A 137 13.56 5.18 21.99
C TRP A 137 14.20 5.10 23.37
N TRP A 138 14.77 6.20 23.83
CA TRP A 138 15.43 6.23 25.15
C TRP A 138 14.39 6.05 26.27
N ASN A 139 13.29 6.80 26.15
CA ASN A 139 12.20 6.71 27.13
C ASN A 139 11.52 5.34 27.03
N LEU A 140 11.44 4.83 25.80
CA LEU A 140 10.82 3.54 25.53
C LEU A 140 11.55 2.44 26.32
N LEU A 141 12.86 2.37 26.24
CA LEU A 141 13.59 1.35 26.99
C LEU A 141 13.39 1.54 28.50
N GLN A 142 13.22 2.79 28.94
CA GLN A 142 13.05 3.11 30.36
C GLN A 142 11.82 2.40 31.01
N TYR A 143 10.63 2.45 30.37
CA TYR A 143 9.46 1.82 30.98
C TYR A 143 9.56 0.29 30.88
N TRP A 144 10.17 -0.22 29.79
CA TRP A 144 10.28 -1.65 29.59
C TRP A 144 11.07 -2.25 30.75
N SER A 145 12.11 -1.52 31.18
CA SER A 145 12.91 -1.94 32.32
C SER A 145 11.98 -2.08 33.52
N GLN A 146 11.00 -1.16 33.63
CA GLN A 146 10.03 -1.20 34.73
C GLN A 146 9.20 -2.50 34.72
N GLU A 147 8.76 -3.04 33.54
CA GLU A 147 8.00 -4.28 33.57
C GLU A 147 8.83 -5.41 34.18
N LEU A 148 10.15 -5.38 33.92
CA LEU A 148 11.07 -6.38 34.44
C LEU A 148 11.21 -6.25 35.97
N LYS A 149 11.35 -5.01 36.45
CA LYS A 149 11.49 -4.74 37.89
C LYS A 149 10.24 -5.16 38.67
N ASN A 150 9.07 -4.80 38.16
CA ASN A 150 7.80 -5.12 38.83
C ASN A 150 7.56 -6.64 38.88
N SER A 151 7.83 -7.32 37.77
CA SER A 151 7.65 -8.76 37.68
C SER A 151 8.66 -9.51 38.55
N ALA A 152 9.91 -9.05 38.50
CA ALA A 152 10.99 -9.69 39.26
C ALA A 152 10.79 -9.59 40.78
N VAL A 153 10.47 -8.39 41.27
CA VAL A 153 10.28 -8.18 42.71
C VAL A 153 9.10 -9.00 43.26
N SER A 154 7.96 -8.98 42.55
CA SER A 154 6.76 -9.69 42.97
C SER A 154 6.91 -11.22 42.89
N LEU A 155 7.25 -11.72 41.71
CA LEU A 155 7.36 -13.17 41.49
C LEU A 155 8.41 -13.83 42.38
N LEU A 156 9.65 -13.31 42.38
CA LEU A 156 10.74 -13.90 43.17
C LEU A 156 10.49 -13.77 44.68
N ASN A 157 9.99 -12.61 45.13
CA ASN A 157 9.77 -12.40 46.56
C ASN A 157 8.83 -13.45 47.15
N ALA A 158 7.74 -13.70 46.44
CA ALA A 158 6.76 -14.69 46.90
C ALA A 158 7.26 -16.14 46.78
N THR A 159 7.86 -16.47 45.62
CA THR A 159 8.34 -17.84 45.35
C THR A 159 9.62 -18.25 46.09
N ALA A 160 10.62 -17.38 46.08
CA ALA A 160 11.94 -17.68 46.67
C ALA A 160 11.94 -17.67 48.20
N ILE A 161 11.14 -16.81 48.83
CA ILE A 161 11.14 -16.70 50.29
C ILE A 161 10.79 -18.07 50.92
N ALA A 162 9.70 -18.68 50.47
CA ALA A 162 9.27 -20.01 50.97
C ALA A 162 9.26 -20.15 52.52
N VAL A 163 9.55 -19.08 53.29
CA VAL A 163 9.56 -19.16 54.77
C VAL A 163 9.33 -17.77 55.39
N GLY A 164 9.40 -17.69 56.73
CA GLY A 164 9.22 -16.42 57.44
C GLY A 164 10.45 -16.11 58.30
N GLU A 165 11.56 -15.75 57.64
CA GLU A 165 12.82 -15.44 58.34
C GLU A 165 13.36 -14.05 57.95
N GLY A 166 12.47 -13.15 57.52
CA GLY A 166 12.87 -11.80 57.11
C GLY A 166 13.49 -11.78 55.70
N THR A 167 13.34 -12.89 54.96
CA THR A 167 13.87 -13.01 53.60
C THR A 167 13.10 -12.09 52.65
N ASP A 168 11.78 -11.94 52.89
CA ASP A 168 10.92 -11.15 52.02
C ASP A 168 11.37 -9.68 51.91
N ARG A 169 11.67 -9.05 53.05
CA ARG A 169 12.07 -7.64 53.06
C ARG A 169 13.42 -7.41 52.36
N VAL A 170 14.37 -8.33 52.51
CA VAL A 170 15.70 -8.17 51.90
C VAL A 170 15.68 -8.23 50.36
N ILE A 171 14.92 -9.18 49.76
CA ILE A 171 14.90 -9.27 48.29
C ILE A 171 14.18 -8.05 47.69
N GLU A 172 13.06 -7.65 48.31
CA GLU A 172 12.27 -6.52 47.83
C GLU A 172 13.03 -5.18 47.95
N VAL A 173 13.69 -4.97 49.10
CA VAL A 173 14.42 -3.71 49.34
C VAL A 173 15.70 -3.61 48.47
N VAL A 174 16.49 -4.69 48.44
CA VAL A 174 17.75 -4.70 47.68
C VAL A 174 17.48 -4.65 46.17
N GLN A 175 16.46 -5.38 45.71
CA GLN A 175 16.13 -5.42 44.28
C GLN A 175 15.64 -4.05 43.78
N GLY A 176 14.70 -3.46 44.50
CA GLY A 176 14.14 -2.16 44.11
C GLY A 176 15.12 -1.01 44.35
N ALA A 177 15.96 -1.15 45.38
CA ALA A 177 16.93 -0.10 45.72
C ALA A 177 18.02 0.03 44.64
N SER A 178 18.54 -1.12 44.19
CA SER A 178 19.61 -1.13 43.18
C SER A 178 19.11 -0.73 41.79
N ARG A 179 17.91 -1.21 41.42
CA ARG A 179 17.33 -0.92 40.11
C ARG A 179 17.06 0.59 39.94
N ALA A 180 16.37 1.17 40.92
CA ALA A 180 16.00 2.59 40.88
C ALA A 180 17.23 3.51 41.05
N ILE A 181 18.08 3.22 42.03
CA ILE A 181 19.27 4.06 42.27
C ILE A 181 20.19 4.08 41.04
N ARG A 182 20.21 2.97 40.30
CA ARG A 182 21.04 2.85 39.09
C ARG A 182 20.56 3.83 37.99
N HIS A 183 19.41 4.49 38.21
CA HIS A 183 18.88 5.44 37.22
C HIS A 183 19.44 6.84 37.44
N ILE A 184 20.40 7.23 36.58
CA ILE A 184 21.03 8.56 36.66
C ILE A 184 20.49 9.45 35.51
N PRO A 185 20.16 10.72 35.76
CA PRO A 185 19.64 11.64 34.68
C PRO A 185 20.64 11.78 33.53
N ARG A 186 20.15 11.61 32.29
CA ARG A 186 21.00 11.72 31.11
C ARG A 186 20.40 12.70 30.08
N ARG A 187 19.26 12.33 29.50
CA ARG A 187 18.58 13.17 28.50
C ARG A 187 19.59 13.66 27.44
N ILE A 188 19.84 12.81 26.45
CA ILE A 188 20.80 13.12 25.38
C ILE A 188 20.25 14.19 24.42
N ARG A 189 18.99 14.07 24.02
CA ARG A 189 18.40 15.02 23.08
C ARG A 189 18.32 16.44 23.67
N GLN A 190 17.99 16.57 24.96
CA GLN A 190 17.88 17.90 25.58
C GLN A 190 19.27 18.55 25.66
N GLY A 191 20.27 17.77 26.07
CA GLY A 191 21.64 18.27 26.16
C GLY A 191 22.23 18.48 24.75
N LEU A 192 21.83 17.61 23.81
CA LEU A 192 22.30 17.70 22.43
C LEU A 192 21.71 18.90 21.72
N GLU A 193 20.41 19.16 21.94
CA GLU A 193 19.74 20.29 21.28
C GLU A 193 20.34 21.62 21.75
N ARG A 194 20.69 21.69 23.04
CA ARG A 194 21.26 22.92 23.62
C ARG A 194 22.68 23.19 23.07
N ILE A 195 23.47 22.13 22.90
CA ILE A 195 24.85 22.25 22.41
C ILE A 195 24.93 22.26 20.87
N LEU A 196 23.78 22.20 20.19
CA LEU A 196 23.75 22.20 18.72
C LEU A 196 23.75 23.64 18.16
N LEU A 197 23.28 24.61 18.97
CA LEU A 197 23.24 26.02 18.55
C LEU A 197 22.32 26.20 17.34
N LEU B 1 32.55 -24.41 -27.09
CA LEU B 1 31.16 -23.90 -26.87
C LEU B 1 31.17 -22.78 -25.83
N LEU B 2 31.31 -23.13 -24.55
CA LEU B 2 31.34 -22.13 -23.47
C LEU B 2 32.59 -22.33 -22.60
N GLU B 3 32.57 -21.81 -21.35
CA GLU B 3 33.69 -21.97 -20.39
C GLU B 3 34.80 -20.90 -20.62
N LEU B 4 36.07 -21.27 -20.40
CA LEU B 4 37.22 -20.37 -20.52
C LEU B 4 37.09 -19.36 -21.65
N ASP B 5 36.59 -19.80 -22.79
CA ASP B 5 36.46 -18.92 -23.96
C ASP B 5 35.27 -17.97 -23.85
N LYS B 6 34.23 -18.38 -23.15
CA LYS B 6 33.03 -17.56 -22.97
C LYS B 6 33.25 -16.54 -21.86
N TRP B 7 33.86 -16.99 -20.76
CA TRP B 7 34.11 -16.13 -19.60
C TRP B 7 35.26 -15.16 -19.85
N ALA B 8 36.34 -15.64 -20.47
CA ALA B 8 37.50 -14.81 -20.75
C ALA B 8 37.23 -13.80 -21.86
N SER B 9 36.55 -14.24 -22.92
CA SER B 9 36.21 -13.34 -24.04
C SER B 9 35.27 -12.24 -23.56
N LEU B 10 34.55 -12.49 -22.46
CA LEU B 10 33.62 -11.53 -21.89
C LEU B 10 34.33 -10.28 -21.36
N TRP B 11 35.62 -10.40 -21.02
CA TRP B 11 36.38 -9.26 -20.50
C TRP B 11 36.42 -8.12 -21.53
N ASN B 12 36.30 -8.46 -22.81
CA ASN B 12 36.28 -7.47 -23.89
C ASN B 12 34.92 -6.72 -23.91
N TRP B 13 33.90 -7.28 -23.21
CA TRP B 13 32.58 -6.65 -23.15
C TRP B 13 32.50 -5.67 -21.96
N PHE B 14 33.66 -5.13 -21.55
CA PHE B 14 33.76 -4.21 -20.41
C PHE B 14 32.60 -3.20 -20.34
N ASP B 15 31.53 -3.59 -19.62
CA ASP B 15 30.34 -2.75 -19.41
C ASP B 15 29.21 -3.57 -18.77
N ILE B 16 28.68 -4.53 -19.54
CA ILE B 16 27.59 -5.41 -19.10
C ILE B 16 28.03 -6.38 -17.99
N THR B 17 29.27 -6.87 -18.07
CA THR B 17 29.79 -7.87 -17.13
C THR B 17 29.61 -7.50 -15.65
N ASN B 18 29.69 -6.20 -15.29
CA ASN B 18 29.57 -5.81 -13.88
C ASN B 18 28.22 -6.25 -13.28
N TRP B 19 27.11 -5.95 -13.97
CA TRP B 19 25.79 -6.34 -13.49
C TRP B 19 25.69 -7.88 -13.49
N LEU B 20 26.16 -8.51 -14.58
CA LEU B 20 26.12 -9.96 -14.71
C LEU B 20 26.87 -10.66 -13.57
N TRP B 21 27.97 -10.05 -13.11
CA TRP B 21 28.78 -10.65 -12.05
C TRP B 21 28.30 -10.26 -10.64
N TYR B 22 27.42 -9.24 -10.52
CA TYR B 22 26.93 -8.81 -9.20
C TYR B 22 25.45 -9.12 -8.99
N ILE B 23 24.89 -9.98 -9.85
CA ILE B 23 23.47 -10.36 -9.72
C ILE B 23 23.23 -11.13 -8.42
N ARG B 24 24.19 -11.95 -7.99
CA ARG B 24 24.04 -12.72 -6.75
C ARG B 24 23.72 -11.77 -5.61
N ILE B 25 24.48 -10.68 -5.53
CA ILE B 25 24.25 -9.65 -4.52
C ILE B 25 22.94 -8.91 -4.84
N PHE B 26 22.74 -8.62 -6.12
CA PHE B 26 21.55 -7.92 -6.60
C PHE B 26 20.27 -8.70 -6.27
N ILE B 27 20.38 -10.01 -6.17
CA ILE B 27 19.24 -10.89 -5.88
C ILE B 27 18.70 -10.60 -4.48
N ILE B 28 19.58 -10.41 -3.50
CA ILE B 28 19.17 -10.13 -2.12
C ILE B 28 18.51 -8.75 -2.03
N ILE B 29 19.01 -7.79 -2.81
CA ILE B 29 18.48 -6.41 -2.78
C ILE B 29 16.99 -6.40 -3.14
N VAL B 30 16.58 -7.22 -4.12
CA VAL B 30 15.18 -7.29 -4.56
C VAL B 30 14.27 -7.71 -3.39
N GLY B 31 14.65 -8.76 -2.65
CA GLY B 31 13.85 -9.23 -1.50
C GLY B 31 13.52 -8.06 -0.58
N SER B 32 14.55 -7.26 -0.29
CA SER B 32 14.41 -6.07 0.55
C SER B 32 13.52 -5.04 -0.16
N LEU B 33 13.67 -4.94 -1.47
CA LEU B 33 12.95 -3.99 -2.30
C LEU B 33 11.43 -4.16 -2.18
N ILE B 34 10.95 -5.42 -2.14
CA ILE B 34 9.51 -5.68 -2.07
C ILE B 34 8.93 -5.24 -0.71
N GLY B 35 9.60 -5.60 0.39
CA GLY B 35 9.15 -5.17 1.71
C GLY B 35 9.16 -3.64 1.78
N LEU B 36 10.15 -3.03 1.10
CA LEU B 36 10.27 -1.56 1.04
C LEU B 36 9.11 -0.98 0.23
N ARG B 37 8.75 -1.64 -0.88
CA ARG B 37 7.64 -1.17 -1.71
C ARG B 37 6.37 -1.08 -0.85
N ILE B 38 6.26 -1.97 0.15
CA ILE B 38 5.13 -1.99 1.08
C ILE B 38 5.08 -0.66 1.88
N VAL B 39 6.25 -0.10 2.16
CA VAL B 39 6.36 1.17 2.89
C VAL B 39 5.48 2.24 2.20
N PHE B 40 5.31 2.10 0.89
CA PHE B 40 4.47 3.02 0.10
C PHE B 40 3.07 3.10 0.71
N ALA B 41 2.66 2.03 1.38
CA ALA B 41 1.33 1.98 1.99
C ALA B 41 1.19 3.17 2.97
N VAL B 42 2.27 3.55 3.68
CA VAL B 42 2.19 4.74 4.55
C VAL B 42 1.99 5.99 3.67
N LEU B 43 2.63 5.97 2.48
CA LEU B 43 2.51 7.02 1.47
C LEU B 43 1.04 7.10 1.01
N SER B 44 0.36 5.95 0.92
CA SER B 44 -1.04 5.93 0.48
C SER B 44 -1.89 6.75 1.44
N LEU B 45 -1.55 6.74 2.73
CA LEU B 45 -2.25 7.52 3.72
C LEU B 45 -2.04 8.99 3.38
N VAL B 46 -0.80 9.32 2.99
CA VAL B 46 -0.45 10.67 2.58
C VAL B 46 -1.30 11.02 1.36
N ASN B 47 -1.55 10.04 0.49
CA ASN B 47 -2.41 10.24 -0.68
C ASN B 47 -3.82 10.59 -0.19
N ARG B 48 -4.22 9.96 0.92
CA ARG B 48 -5.53 10.20 1.51
C ARG B 48 -5.61 11.66 1.96
N VAL B 49 -4.52 12.15 2.55
CA VAL B 49 -4.47 13.52 3.03
C VAL B 49 -4.26 14.54 1.91
N ARG B 50 -3.33 14.22 1.05
CA ARG B 50 -2.97 15.10 -0.07
C ARG B 50 -4.01 15.11 -1.20
N GLN B 51 -4.48 13.93 -1.55
CA GLN B 51 -5.46 13.76 -2.67
C GLN B 51 -6.90 13.53 -2.19
N GLY B 52 -7.02 13.06 -0.97
CA GLY B 52 -8.32 12.69 -0.40
C GLY B 52 -8.47 11.17 -0.50
N TYR B 53 -9.36 10.55 0.31
CA TYR B 53 -9.55 9.09 0.24
C TYR B 53 -10.78 8.74 -0.61
N SER B 54 -11.85 9.47 -0.38
CA SER B 54 -13.09 9.29 -1.09
C SER B 54 -12.89 9.57 -2.58
N PRO B 55 -13.77 9.09 -3.46
CA PRO B 55 -13.72 9.28 -4.93
C PRO B 55 -12.70 10.31 -5.41
N LEU B 56 -11.85 9.91 -6.37
CA LEU B 56 -10.80 10.81 -6.87
C LEU B 56 -11.40 12.02 -7.60
N SER B 57 -12.65 11.91 -8.08
CA SER B 57 -13.30 13.04 -8.74
C SER B 57 -13.82 13.97 -7.65
N GLU B 80 -4.02 21.65 -0.94
CA GLU B 80 -3.65 22.77 -0.04
C GLU B 80 -2.19 22.66 0.51
N ARG B 81 -1.99 23.26 1.70
CA ARG B 81 -0.70 23.32 2.44
C ARG B 81 -0.11 21.93 2.74
N ASP B 82 -0.97 20.91 2.73
CA ASP B 82 -0.59 19.55 3.16
C ASP B 82 0.68 18.98 2.49
N ARG B 83 1.31 19.64 1.50
CA ARG B 83 2.57 19.11 0.93
C ARG B 83 3.67 19.20 1.98
N ASP B 84 3.78 20.36 2.62
CA ASP B 84 4.77 20.56 3.70
C ASP B 84 4.35 19.71 4.92
N ARG B 85 3.03 19.49 5.07
CA ARG B 85 2.51 18.67 6.16
C ARG B 85 2.85 17.21 5.90
N SER B 86 2.65 16.75 4.68
CA SER B 86 3.01 15.37 4.32
C SER B 86 4.51 15.23 4.53
N ILE B 87 5.24 16.33 4.28
CA ILE B 87 6.68 16.37 4.54
C ILE B 87 6.93 16.04 6.01
N ARG B 88 5.97 16.37 6.90
CA ARG B 88 6.14 16.07 8.31
C ARG B 88 6.30 14.55 8.50
N LEU B 89 6.09 13.75 7.43
CA LEU B 89 6.28 12.29 7.54
C LEU B 89 7.70 12.01 8.07
N VAL B 90 8.65 12.91 7.78
CA VAL B 90 10.04 12.75 8.29
C VAL B 90 9.99 12.67 9.84
N ASN B 91 9.02 13.37 10.43
CA ASN B 91 8.78 13.36 11.90
C ASN B 91 8.46 11.94 12.39
N GLY B 92 8.22 11.00 11.47
CA GLY B 92 7.79 9.66 11.78
C GLY B 92 8.71 8.95 12.77
N SER B 93 9.97 9.39 12.92
CA SER B 93 10.88 8.74 13.86
C SER B 93 10.39 8.87 15.32
N LEU B 94 9.99 10.08 15.74
CA LEU B 94 9.46 10.28 17.11
C LEU B 94 8.06 9.65 17.20
N ALA B 95 7.28 9.90 16.17
CA ALA B 95 5.94 9.38 16.01
C ALA B 95 5.92 7.85 16.05
N LEU B 96 7.01 7.23 15.58
CA LEU B 96 7.08 5.78 15.42
C LEU B 96 6.77 5.02 16.70
N ILE B 97 7.16 5.51 17.89
CA ILE B 97 6.85 4.71 19.08
C ILE B 97 5.37 4.81 19.51
N TRP B 98 4.69 5.96 19.36
CA TRP B 98 3.32 6.01 19.88
C TRP B 98 2.25 5.17 19.11
N ASP B 99 2.14 5.24 17.75
CA ASP B 99 1.08 4.41 17.10
C ASP B 99 1.39 2.89 17.03
N ASP B 100 2.57 2.54 16.50
CA ASP B 100 2.95 1.11 16.34
C ASP B 100 3.35 0.38 17.63
N LEU B 101 4.23 0.99 18.41
CA LEU B 101 4.73 0.36 19.65
C LEU B 101 3.66 0.32 20.75
N ARG B 102 2.97 1.44 20.98
CA ARG B 102 1.94 1.50 22.03
C ARG B 102 0.89 0.41 21.84
N SER B 103 0.82 -0.16 20.63
CA SER B 103 -0.14 -1.22 20.34
C SER B 103 0.23 -2.52 21.08
N LEU B 104 1.54 -2.78 21.23
CA LEU B 104 2.02 -3.99 21.90
C LEU B 104 1.59 -4.05 23.36
N SER B 105 1.93 -2.98 24.09
CA SER B 105 1.67 -2.90 25.52
C SER B 105 0.39 -2.10 25.84
N LEU B 106 -0.18 -1.41 24.86
CA LEU B 106 -1.41 -0.63 25.09
C LEU B 106 -1.21 0.36 26.25
N PHE B 107 -2.22 1.18 26.52
CA PHE B 107 -2.14 2.17 27.61
C PHE B 107 -1.69 1.50 28.92
N SER B 108 -0.93 2.24 29.74
CA SER B 108 -0.43 1.71 31.02
C SER B 108 0.42 0.45 30.76
N TYR B 109 1.74 0.59 30.83
CA TYR B 109 2.64 -0.54 30.57
C TYR B 109 2.43 -1.68 31.57
N HIS B 110 3.35 -2.66 31.59
CA HIS B 110 3.21 -3.90 32.40
C HIS B 110 2.22 -4.88 31.69
N ARG B 111 1.53 -4.34 30.68
CA ARG B 111 0.58 -5.01 29.82
C ARG B 111 1.25 -5.97 28.83
N LEU B 112 2.52 -5.69 28.49
CA LEU B 112 3.21 -6.45 27.42
C LEU B 112 3.19 -7.95 27.74
N ARG B 113 3.25 -8.34 29.01
CA ARG B 113 3.10 -9.76 29.37
C ARG B 113 1.65 -10.18 29.14
N ASP B 114 0.74 -9.22 29.36
CA ASP B 114 -0.69 -9.37 29.16
C ASP B 114 -1.04 -9.50 27.66
N LEU B 115 -0.23 -8.87 26.80
CA LEU B 115 -0.50 -8.81 25.38
C LEU B 115 -0.65 -10.19 24.74
N LEU B 116 0.13 -11.20 25.13
CA LEU B 116 -0.08 -12.50 24.46
C LEU B 116 -1.46 -13.08 24.81
N LEU B 117 -1.94 -12.87 26.05
CA LEU B 117 -3.23 -13.40 26.48
C LEU B 117 -4.41 -12.66 25.85
N ILE B 118 -4.38 -11.32 25.84
CA ILE B 118 -5.50 -10.56 25.28
C ILE B 118 -5.64 -10.81 23.78
N VAL B 119 -4.53 -10.93 23.05
CA VAL B 119 -4.59 -11.17 21.62
C VAL B 119 -5.29 -12.51 21.37
N THR B 120 -4.89 -13.53 22.13
CA THR B 120 -5.52 -14.84 22.00
C THR B 120 -7.00 -14.76 22.40
N ARG B 121 -7.29 -13.91 23.39
CA ARG B 121 -8.65 -13.75 23.90
C ARG B 121 -9.64 -13.24 22.86
N ILE B 122 -9.28 -12.22 22.08
CA ILE B 122 -10.21 -11.70 21.07
C ILE B 122 -10.41 -12.73 19.96
N VAL B 123 -9.33 -13.40 19.57
CA VAL B 123 -9.40 -14.43 18.52
C VAL B 123 -10.18 -15.68 18.98
N GLU B 124 -9.94 -16.15 20.22
CA GLU B 124 -10.63 -17.35 20.70
C GLU B 124 -12.12 -17.10 20.90
N LEU B 125 -12.47 -15.92 21.41
CA LEU B 125 -13.88 -15.58 21.62
C LEU B 125 -14.61 -15.50 20.27
N LEU B 126 -13.98 -14.82 19.30
CA LEU B 126 -14.59 -14.66 17.98
C LEU B 126 -14.51 -15.93 17.13
N GLY B 127 -13.62 -16.87 17.48
CA GLY B 127 -13.52 -18.13 16.73
C GLY B 127 -14.88 -18.86 16.78
N ARG B 128 -15.67 -18.55 17.82
CA ARG B 128 -17.00 -19.11 17.99
C ARG B 128 -17.99 -18.45 17.01
N ARG B 129 -17.87 -17.13 16.88
CA ARG B 129 -18.73 -16.32 15.99
C ARG B 129 -18.26 -16.35 14.52
N GLY B 130 -17.03 -16.82 14.28
CA GLY B 130 -16.45 -16.84 12.94
C GLY B 130 -17.33 -17.56 11.90
N TRP B 131 -18.22 -18.45 12.35
CA TRP B 131 -19.09 -19.20 11.44
C TRP B 131 -19.95 -18.29 10.55
N GLU B 132 -20.02 -17.01 10.89
CA GLU B 132 -20.81 -16.06 10.09
C GLU B 132 -20.41 -16.16 8.58
N ALA B 133 -19.31 -16.87 8.28
CA ALA B 133 -18.87 -17.13 6.92
C ALA B 133 -19.97 -17.88 6.16
N LEU B 134 -20.42 -18.99 6.77
CA LEU B 134 -21.43 -19.84 6.16
C LEU B 134 -22.79 -19.17 6.05
N LYS B 135 -23.22 -18.38 7.05
CA LYS B 135 -24.56 -17.74 6.95
C LYS B 135 -24.68 -16.86 5.71
N TYR B 136 -23.63 -16.06 5.44
CA TYR B 136 -23.69 -15.17 4.28
C TYR B 136 -23.65 -15.95 2.98
N TRP B 137 -22.94 -17.08 2.96
CA TRP B 137 -22.86 -17.90 1.77
C TRP B 137 -24.21 -18.52 1.44
N TRP B 138 -25.04 -18.82 2.46
CA TRP B 138 -26.37 -19.38 2.18
C TRP B 138 -27.21 -18.34 1.45
N ASN B 139 -27.21 -17.11 1.97
CA ASN B 139 -27.97 -16.01 1.38
C ASN B 139 -27.43 -15.59 0.00
N LEU B 140 -26.10 -15.48 -0.07
CA LEU B 140 -25.41 -15.07 -1.28
C LEU B 140 -25.72 -16.00 -2.46
N LEU B 141 -25.57 -17.30 -2.26
CA LEU B 141 -25.84 -18.28 -3.32
C LEU B 141 -27.33 -18.40 -3.62
N GLN B 142 -28.18 -18.22 -2.60
CA GLN B 142 -29.63 -18.36 -2.79
C GLN B 142 -30.20 -17.36 -3.79
N TYR B 143 -29.84 -16.05 -3.69
CA TYR B 143 -30.39 -15.09 -4.60
C TYR B 143 -29.75 -15.23 -5.98
N TRP B 144 -28.45 -15.60 -6.06
CA TRP B 144 -27.81 -15.70 -7.36
C TRP B 144 -28.54 -16.77 -8.19
N SER B 145 -29.03 -17.81 -7.49
CA SER B 145 -29.82 -18.85 -8.15
C SER B 145 -31.08 -18.19 -8.72
N GLN B 146 -31.66 -17.26 -7.95
CA GLN B 146 -32.85 -16.53 -8.38
C GLN B 146 -32.56 -15.74 -9.66
N GLU B 147 -31.35 -15.18 -9.76
CA GLU B 147 -30.94 -14.40 -10.92
C GLU B 147 -30.97 -15.31 -12.18
N LEU B 148 -30.52 -16.57 -12.03
CA LEU B 148 -30.51 -17.51 -13.14
C LEU B 148 -31.94 -17.93 -13.52
N LYS B 149 -32.77 -18.24 -12.51
CA LYS B 149 -34.14 -18.66 -12.75
C LYS B 149 -34.99 -17.52 -13.32
N ASN B 150 -34.73 -16.30 -12.85
CA ASN B 150 -35.48 -15.12 -13.32
C ASN B 150 -35.25 -14.87 -14.80
N SER B 151 -33.99 -14.99 -15.24
CA SER B 151 -33.65 -14.78 -16.65
C SER B 151 -34.24 -15.91 -17.52
N ALA B 152 -34.05 -17.15 -17.09
CA ALA B 152 -34.53 -18.32 -17.82
C ALA B 152 -36.06 -18.38 -17.86
N VAL B 153 -36.71 -18.19 -16.70
CA VAL B 153 -38.17 -18.24 -16.63
C VAL B 153 -38.80 -17.18 -17.53
N SER B 154 -38.25 -15.96 -17.51
CA SER B 154 -38.77 -14.87 -18.33
C SER B 154 -38.80 -15.27 -19.81
N LEU B 155 -37.69 -15.87 -20.28
CA LEU B 155 -37.59 -16.28 -21.68
C LEU B 155 -38.46 -17.50 -22.01
N LEU B 156 -38.32 -18.59 -21.23
CA LEU B 156 -39.10 -19.81 -21.46
C LEU B 156 -40.60 -19.60 -21.24
N ASN B 157 -40.96 -18.90 -20.15
CA ASN B 157 -42.37 -18.64 -19.84
C ASN B 157 -43.00 -17.81 -20.94
N ALA B 158 -42.27 -16.81 -21.42
CA ALA B 158 -42.78 -15.92 -22.47
C ALA B 158 -42.94 -16.68 -23.79
N THR B 159 -41.95 -17.50 -24.12
CA THR B 159 -41.99 -18.31 -25.35
C THR B 159 -43.00 -19.45 -25.22
N ALA B 160 -43.24 -19.91 -23.99
CA ALA B 160 -44.15 -21.02 -23.71
C ALA B 160 -45.57 -20.75 -24.26
N ILE B 161 -46.01 -19.49 -24.22
CA ILE B 161 -47.34 -19.13 -24.70
C ILE B 161 -47.51 -19.54 -26.18
N ALA B 162 -46.40 -19.57 -26.94
CA ALA B 162 -46.44 -19.96 -28.37
C ALA B 162 -47.42 -21.11 -28.62
N VAL B 163 -47.48 -22.03 -27.65
CA VAL B 163 -48.40 -23.17 -27.73
C VAL B 163 -49.74 -22.78 -27.09
N GLY B 164 -50.85 -23.21 -27.68
CA GLY B 164 -52.17 -22.89 -27.15
C GLY B 164 -52.75 -24.04 -26.32
N GLU B 165 -52.08 -24.35 -25.19
CA GLU B 165 -52.54 -25.41 -24.31
C GLU B 165 -52.33 -25.02 -22.83
N GLY B 166 -51.06 -24.97 -22.40
CA GLY B 166 -50.74 -24.61 -21.01
C GLY B 166 -49.25 -24.83 -20.72
N THR B 167 -48.40 -24.30 -21.60
CA THR B 167 -46.95 -24.41 -21.44
C THR B 167 -46.46 -23.59 -20.24
N ASP B 168 -47.10 -22.43 -20.03
CA ASP B 168 -46.72 -21.52 -18.94
C ASP B 168 -46.83 -22.22 -17.56
N ARG B 169 -47.71 -23.22 -17.47
CA ARG B 169 -47.90 -23.96 -16.22
C ARG B 169 -46.66 -24.79 -15.84
N VAL B 170 -46.14 -25.57 -16.79
CA VAL B 170 -44.97 -26.43 -16.53
C VAL B 170 -43.70 -25.63 -16.24
N ILE B 171 -43.47 -24.55 -16.99
CA ILE B 171 -42.27 -23.72 -16.82
C ILE B 171 -42.26 -22.97 -15.47
N GLU B 172 -43.38 -22.32 -15.15
CA GLU B 172 -43.49 -21.53 -13.91
C GLU B 172 -43.58 -22.42 -12.66
N VAL B 173 -44.44 -23.45 -12.70
CA VAL B 173 -44.63 -24.34 -11.55
C VAL B 173 -43.34 -25.10 -11.19
N VAL B 174 -42.68 -25.71 -12.18
CA VAL B 174 -41.46 -26.48 -11.92
C VAL B 174 -40.34 -25.56 -11.38
N GLN B 175 -40.12 -24.42 -12.04
CA GLN B 175 -39.09 -23.47 -11.62
C GLN B 175 -39.41 -22.91 -10.23
N GLY B 176 -40.65 -22.45 -10.05
CA GLY B 176 -41.09 -21.89 -8.78
C GLY B 176 -41.10 -22.92 -7.65
N ALA B 177 -41.38 -24.18 -7.97
CA ALA B 177 -41.47 -25.22 -6.95
C ALA B 177 -40.11 -25.54 -6.30
N SER B 178 -39.06 -25.70 -7.11
CA SER B 178 -37.73 -26.05 -6.58
C SER B 178 -37.04 -24.89 -5.84
N ARG B 179 -37.05 -23.70 -6.44
CA ARG B 179 -36.40 -22.52 -5.85
C ARG B 179 -37.16 -22.01 -4.62
N ALA B 180 -38.46 -21.81 -4.80
CA ALA B 180 -39.30 -21.28 -3.71
C ALA B 180 -39.26 -22.19 -2.47
N ILE B 181 -39.37 -23.50 -2.67
CA ILE B 181 -39.34 -24.46 -1.53
C ILE B 181 -37.93 -24.54 -0.93
N ARG B 182 -36.90 -24.34 -1.75
CA ARG B 182 -35.51 -24.41 -1.28
C ARG B 182 -35.13 -23.20 -0.39
N HIS B 183 -36.00 -22.17 -0.35
CA HIS B 183 -35.73 -20.97 0.45
C HIS B 183 -36.05 -21.20 1.92
N ILE B 184 -35.60 -20.28 2.78
CA ILE B 184 -35.84 -20.34 4.23
C ILE B 184 -35.11 -21.56 4.86
N PRO B 185 -33.89 -21.39 5.40
CA PRO B 185 -33.14 -22.49 6.06
C PRO B 185 -33.50 -22.60 7.55
N ARG B 186 -32.70 -23.35 8.33
CA ARG B 186 -32.98 -23.53 9.76
C ARG B 186 -31.77 -23.12 10.63
N ARG B 187 -31.40 -21.83 10.52
CA ARG B 187 -30.28 -21.26 11.30
C ARG B 187 -29.08 -22.21 11.41
N ILE B 188 -28.25 -22.23 10.36
CA ILE B 188 -27.05 -23.08 10.32
C ILE B 188 -26.04 -22.64 11.39
N ARG B 189 -25.88 -21.33 11.50
CA ARG B 189 -24.93 -20.71 12.39
C ARG B 189 -25.25 -20.92 13.87
N GLN B 190 -26.54 -20.81 14.24
CA GLN B 190 -26.93 -20.96 15.65
C GLN B 190 -26.83 -22.42 16.14
N GLY B 191 -27.37 -23.36 15.37
CA GLY B 191 -27.36 -24.77 15.78
C GLY B 191 -25.97 -25.42 15.76
N LEU B 192 -25.20 -25.17 14.69
CA LEU B 192 -23.85 -25.77 14.58
C LEU B 192 -22.87 -25.12 15.54
N GLU B 193 -22.93 -23.79 15.69
CA GLU B 193 -22.00 -23.07 16.57
C GLU B 193 -22.21 -23.50 18.03
N ARG B 194 -23.47 -23.69 18.42
CA ARG B 194 -23.78 -24.10 19.79
C ARG B 194 -23.25 -25.52 20.06
N ILE B 195 -23.32 -26.39 19.06
CA ILE B 195 -22.87 -27.79 19.22
C ILE B 195 -21.37 -27.96 18.87
N LEU B 196 -20.70 -26.89 18.42
CA LEU B 196 -19.26 -26.98 18.06
C LEU B 196 -18.36 -26.60 19.25
N LEU B 197 -18.89 -25.79 20.19
CA LEU B 197 -18.11 -25.36 21.36
C LEU B 197 -16.85 -24.60 20.91
N LEU C 1 38.67 -14.97 -16.44
CA LEU C 1 38.19 -16.36 -16.72
C LEU C 1 37.79 -17.03 -15.40
N LEU C 2 37.06 -18.15 -15.52
CA LEU C 2 36.63 -18.91 -14.35
C LEU C 2 37.57 -20.10 -14.12
N GLU C 3 37.20 -21.00 -13.20
CA GLU C 3 38.05 -22.16 -12.90
C GLU C 3 37.19 -23.33 -12.38
N LEU C 4 37.15 -24.43 -13.14
CA LEU C 4 36.37 -25.61 -12.76
C LEU C 4 36.78 -26.13 -11.38
N ASP C 5 37.95 -25.70 -10.89
CA ASP C 5 38.44 -26.12 -9.57
C ASP C 5 37.84 -25.27 -8.46
N LYS C 6 37.45 -24.04 -8.80
CA LYS C 6 36.85 -23.11 -7.83
C LYS C 6 35.47 -23.63 -7.40
N TRP C 7 34.68 -24.10 -8.36
CA TRP C 7 33.34 -24.61 -8.08
C TRP C 7 33.42 -25.78 -7.10
N ALA C 8 34.34 -26.70 -7.37
CA ALA C 8 34.52 -27.88 -6.53
C ALA C 8 35.23 -27.51 -5.23
N SER C 9 36.15 -26.55 -5.30
CA SER C 9 36.87 -26.09 -4.12
C SER C 9 35.89 -25.60 -3.05
N LEU C 10 34.76 -25.04 -3.50
CA LEU C 10 33.73 -24.55 -2.59
C LEU C 10 33.13 -25.70 -1.77
N TRP C 11 33.10 -26.92 -2.35
CA TRP C 11 32.54 -28.08 -1.65
C TRP C 11 33.53 -28.64 -0.63
N ASN C 12 34.73 -28.06 -0.51
CA ASN C 12 35.75 -28.53 0.42
C ASN C 12 35.40 -28.17 1.88
N TRP C 13 34.88 -26.95 2.08
CA TRP C 13 34.52 -26.49 3.43
C TRP C 13 33.00 -26.27 3.59
N PHE C 14 32.24 -26.46 2.50
CA PHE C 14 30.77 -26.31 2.53
C PHE C 14 30.35 -25.02 3.28
N ASP C 15 29.09 -24.97 3.78
CA ASP C 15 28.49 -23.85 4.51
C ASP C 15 27.85 -22.86 3.54
N ILE C 16 28.69 -22.10 2.85
CA ILE C 16 28.24 -21.10 1.88
C ILE C 16 27.61 -21.72 0.61
N THR C 17 28.26 -22.76 0.07
CA THR C 17 27.79 -23.39 -1.17
C THR C 17 26.32 -23.76 -1.12
N ASN C 18 25.83 -24.15 0.07
CA ASN C 18 24.43 -24.54 0.23
C ASN C 18 23.51 -23.40 -0.23
N TRP C 19 23.78 -22.19 0.23
CA TRP C 19 22.96 -21.01 -0.13
C TRP C 19 23.04 -20.77 -1.65
N LEU C 20 24.25 -20.83 -2.20
CA LEU C 20 24.47 -20.60 -3.62
C LEU C 20 23.66 -21.55 -4.50
N TRP C 21 23.49 -22.79 -4.05
CA TRP C 21 22.76 -23.80 -4.84
C TRP C 21 21.23 -23.64 -4.71
N TYR C 22 20.76 -22.65 -3.93
CA TYR C 22 19.30 -22.46 -3.77
C TYR C 22 18.87 -21.00 -4.04
N ILE C 23 19.82 -20.11 -4.35
CA ILE C 23 19.48 -18.71 -4.62
C ILE C 23 18.53 -18.60 -5.81
N ARG C 24 18.72 -19.45 -6.83
CA ARG C 24 17.86 -19.44 -8.01
C ARG C 24 16.43 -19.79 -7.59
N ILE C 25 16.30 -20.85 -6.78
CA ILE C 25 15.00 -21.29 -6.27
C ILE C 25 14.47 -20.27 -5.24
N PHE C 26 15.38 -19.55 -4.58
CA PHE C 26 15.01 -18.58 -3.57
C PHE C 26 14.21 -17.43 -4.18
N ILE C 27 14.62 -16.99 -5.37
CA ILE C 27 13.93 -15.89 -6.06
C ILE C 27 12.50 -16.30 -6.42
N ILE C 28 12.31 -17.51 -6.95
CA ILE C 28 10.96 -17.99 -7.31
C ILE C 28 10.03 -17.80 -6.10
N ILE C 29 10.57 -18.02 -4.90
CA ILE C 29 9.81 -17.85 -3.66
C ILE C 29 9.54 -16.35 -3.47
N VAL C 30 10.54 -15.50 -3.75
CA VAL C 30 10.40 -14.05 -3.62
C VAL C 30 9.34 -13.55 -4.61
N GLY C 31 9.37 -14.08 -5.85
CA GLY C 31 8.39 -13.70 -6.87
C GLY C 31 6.99 -13.98 -6.34
N SER C 32 6.83 -15.16 -5.75
CA SER C 32 5.57 -15.55 -5.13
C SER C 32 5.25 -14.58 -3.99
N LEU C 33 6.32 -14.19 -3.27
CA LEU C 33 6.21 -13.27 -2.14
C LEU C 33 5.63 -11.93 -2.58
N ILE C 34 6.11 -11.39 -3.72
CA ILE C 34 5.62 -10.09 -4.21
C ILE C 34 4.10 -10.15 -4.45
N GLY C 35 3.64 -11.25 -5.03
CA GLY C 35 2.21 -11.44 -5.30
C GLY C 35 1.44 -11.48 -3.96
N LEU C 36 2.06 -12.09 -2.95
CA LEU C 36 1.48 -12.19 -1.60
C LEU C 36 1.10 -10.79 -1.08
N ARG C 37 1.93 -9.82 -1.42
CA ARG C 37 1.80 -8.43 -1.01
C ARG C 37 0.44 -7.77 -1.39
N ILE C 38 -0.24 -8.20 -2.46
CA ILE C 38 -1.49 -7.50 -2.84
C ILE C 38 -2.49 -7.54 -1.69
N VAL C 39 -2.52 -8.64 -0.94
CA VAL C 39 -3.43 -8.71 0.17
C VAL C 39 -3.01 -7.68 1.25
N PHE C 40 -1.71 -7.41 1.31
CA PHE C 40 -1.14 -6.46 2.26
C PHE C 40 -1.82 -5.10 2.07
N ALA C 41 -2.29 -4.80 0.86
CA ALA C 41 -2.95 -3.53 0.61
C ALA C 41 -4.13 -3.38 1.57
N VAL C 42 -4.86 -4.48 1.87
CA VAL C 42 -5.97 -4.38 2.84
C VAL C 42 -5.41 -3.88 4.21
N LEU C 43 -4.19 -4.34 4.54
CA LEU C 43 -3.49 -3.93 5.76
C LEU C 43 -3.46 -2.40 5.87
N SER C 44 -3.32 -1.72 4.72
CA SER C 44 -3.23 -0.26 4.71
C SER C 44 -4.51 0.36 5.28
N LEU C 45 -5.66 -0.26 4.99
CA LEU C 45 -6.93 0.20 5.52
C LEU C 45 -6.90 0.07 7.06
N VAL C 46 -6.33 -1.03 7.52
CA VAL C 46 -6.18 -1.28 8.97
C VAL C 46 -5.19 -0.26 9.55
N ASN C 47 -4.10 -0.05 8.80
CA ASN C 47 -3.05 0.89 9.19
C ASN C 47 -3.55 2.33 9.28
N ARG C 48 -4.47 2.75 8.39
CA ARG C 48 -4.95 4.13 8.43
C ARG C 48 -5.70 4.37 9.75
N VAL C 49 -6.47 3.36 10.17
CA VAL C 49 -7.18 3.41 11.44
C VAL C 49 -6.13 3.50 12.57
N ARG C 50 -5.09 2.67 12.43
CA ARG C 50 -3.99 2.60 13.40
C ARG C 50 -3.03 3.82 13.30
N GLN C 51 -3.11 4.57 12.20
CA GLN C 51 -2.21 5.70 11.95
C GLN C 51 -2.84 7.05 12.32
N GLY C 52 -3.99 7.02 12.99
CA GLY C 52 -4.69 8.26 13.39
C GLY C 52 -5.62 8.81 12.28
N TYR C 53 -5.04 9.50 11.29
CA TYR C 53 -5.83 10.11 10.19
C TYR C 53 -4.87 10.73 9.15
N SER C 54 -4.15 11.75 9.58
CA SER C 54 -3.17 12.47 8.77
C SER C 54 -1.78 12.18 9.38
N PRO C 55 -0.67 12.38 8.66
CA PRO C 55 0.72 12.08 9.16
C PRO C 55 0.81 11.89 10.69
N LEU C 56 1.59 10.89 11.09
CA LEU C 56 1.66 10.50 12.50
C LEU C 56 2.27 11.54 13.45
N SER C 57 2.56 12.76 12.97
CA SER C 57 3.05 13.80 13.86
C SER C 57 1.82 14.42 14.54
N GLU C 80 -3.44 4.36 18.98
CA GLU C 80 -3.50 3.79 20.34
C GLU C 80 -4.41 2.52 20.45
N ARG C 81 -5.61 2.67 20.99
CA ARG C 81 -6.55 1.56 21.23
C ARG C 81 -6.93 0.78 19.96
N ASP C 82 -6.84 1.42 18.79
CA ASP C 82 -7.27 0.80 17.53
C ASP C 82 -6.61 -0.57 17.23
N ARG C 83 -5.63 -1.03 18.03
CA ARG C 83 -5.00 -2.35 17.78
C ARG C 83 -5.92 -3.48 18.21
N ASP C 84 -6.50 -3.38 19.41
CA ASP C 84 -7.42 -4.42 19.88
C ASP C 84 -8.57 -4.55 18.88
N ARG C 85 -9.08 -3.40 18.42
CA ARG C 85 -10.14 -3.39 17.45
C ARG C 85 -9.63 -3.81 16.08
N SER C 86 -8.40 -3.42 15.70
CA SER C 86 -7.86 -3.83 14.39
C SER C 86 -7.87 -5.35 14.28
N ILE C 87 -7.72 -6.07 15.41
CA ILE C 87 -7.82 -7.56 15.38
C ILE C 87 -9.17 -7.96 14.74
N ARG C 88 -10.14 -7.01 14.66
CA ARG C 88 -11.43 -7.28 14.04
C ARG C 88 -11.23 -7.70 12.57
N LEU C 89 -10.03 -7.43 12.03
CA LEU C 89 -9.67 -7.80 10.65
C LEU C 89 -9.89 -9.31 10.44
N VAL C 90 -9.51 -10.12 11.42
CA VAL C 90 -9.65 -11.59 11.31
C VAL C 90 -11.12 -11.96 11.00
N ASN C 91 -12.02 -11.24 11.65
CA ASN C 91 -13.48 -11.45 11.48
C ASN C 91 -13.96 -10.94 10.11
N GLY C 92 -13.10 -10.21 9.40
CA GLY C 92 -13.47 -9.62 8.12
C GLY C 92 -14.00 -10.65 7.11
N SER C 93 -13.71 -11.93 7.30
CA SER C 93 -14.16 -12.97 6.38
C SER C 93 -15.69 -12.99 6.23
N LEU C 94 -16.45 -12.92 7.35
CA LEU C 94 -17.92 -12.92 7.28
C LEU C 94 -18.42 -11.60 6.68
N ALA C 95 -17.79 -10.51 7.09
CA ALA C 95 -18.11 -9.18 6.59
C ALA C 95 -17.95 -9.10 5.07
N LEU C 96 -17.00 -9.87 4.53
CA LEU C 96 -16.69 -9.77 3.11
C LEU C 96 -17.90 -9.99 2.20
N ILE C 97 -18.94 -10.78 2.56
CA ILE C 97 -20.06 -10.87 1.63
C ILE C 97 -20.89 -9.56 1.65
N TRP C 98 -20.85 -8.80 2.76
CA TRP C 98 -21.65 -7.57 2.88
C TRP C 98 -21.21 -6.41 1.94
N ASP C 99 -19.91 -6.10 1.84
CA ASP C 99 -19.49 -4.98 0.96
C ASP C 99 -19.74 -5.34 -0.52
N ASP C 100 -19.28 -6.51 -0.94
CA ASP C 100 -19.40 -6.97 -2.32
C ASP C 100 -20.88 -7.08 -2.80
N LEU C 101 -21.80 -7.48 -1.91
CA LEU C 101 -23.21 -7.69 -2.29
C LEU C 101 -23.94 -6.47 -2.88
N ARG C 102 -23.78 -5.29 -2.26
CA ARG C 102 -24.54 -4.10 -2.70
C ARG C 102 -24.28 -3.67 -4.16
N SER C 103 -23.03 -3.53 -4.59
CA SER C 103 -22.77 -3.10 -5.97
C SER C 103 -22.95 -4.27 -6.95
N LEU C 104 -22.51 -5.45 -6.51
CA LEU C 104 -22.58 -6.66 -7.33
C LEU C 104 -24.02 -7.00 -7.73
N SER C 105 -24.92 -7.13 -6.76
CA SER C 105 -26.31 -7.50 -7.06
C SER C 105 -27.27 -6.29 -7.07
N LEU C 106 -27.02 -5.28 -6.22
CA LEU C 106 -27.87 -4.06 -6.14
C LEU C 106 -29.22 -4.36 -5.47
N PHE C 107 -29.90 -3.30 -5.03
CA PHE C 107 -31.20 -3.40 -4.36
C PHE C 107 -32.33 -3.56 -5.38
N SER C 108 -32.70 -4.81 -5.66
CA SER C 108 -33.77 -5.18 -6.61
C SER C 108 -33.65 -6.67 -6.96
N TYR C 109 -32.41 -7.14 -7.04
CA TYR C 109 -32.08 -8.53 -7.34
C TYR C 109 -32.44 -8.91 -8.79
N HIS C 110 -32.35 -7.92 -9.66
CA HIS C 110 -32.56 -8.06 -11.11
C HIS C 110 -31.32 -7.42 -11.81
N ARG C 111 -30.68 -6.49 -11.08
CA ARG C 111 -29.50 -5.73 -11.45
C ARG C 111 -28.26 -6.60 -11.61
N LEU C 112 -28.16 -7.76 -10.91
CA LEU C 112 -26.90 -8.53 -10.93
C LEU C 112 -26.52 -8.89 -12.38
N ARG C 113 -27.47 -9.20 -13.26
CA ARG C 113 -27.12 -9.41 -14.68
C ARG C 113 -26.69 -8.04 -15.23
N ASP C 114 -27.33 -6.99 -14.71
CA ASP C 114 -27.03 -5.61 -15.05
C ASP C 114 -25.61 -5.22 -14.60
N LEU C 115 -25.10 -5.81 -13.48
CA LEU C 115 -23.81 -5.38 -12.95
C LEU C 115 -22.71 -5.46 -14.03
N LEU C 116 -22.72 -6.49 -14.88
CA LEU C 116 -21.72 -6.56 -15.95
C LEU C 116 -21.97 -5.48 -17.01
N LEU C 117 -23.25 -5.21 -17.27
CA LEU C 117 -23.65 -4.21 -18.28
C LEU C 117 -23.41 -2.77 -17.83
N ILE C 118 -23.55 -2.49 -16.53
CA ILE C 118 -23.36 -1.12 -16.04
C ILE C 118 -21.93 -0.65 -16.24
N VAL C 119 -20.93 -1.54 -16.06
CA VAL C 119 -19.54 -1.09 -16.25
C VAL C 119 -19.33 -0.63 -17.69
N THR C 120 -19.80 -1.41 -18.67
CA THR C 120 -19.67 -1.05 -20.07
C THR C 120 -20.46 0.22 -20.40
N ARG C 121 -21.63 0.36 -19.77
CA ARG C 121 -22.51 1.51 -20.01
C ARG C 121 -21.95 2.79 -19.40
N ILE C 122 -21.36 2.70 -18.21
CA ILE C 122 -20.81 3.87 -17.53
C ILE C 122 -19.60 4.41 -18.30
N VAL C 123 -18.74 3.50 -18.82
CA VAL C 123 -17.55 3.95 -19.57
C VAL C 123 -17.93 4.80 -20.78
N GLU C 124 -19.05 4.47 -21.47
CA GLU C 124 -19.46 5.24 -22.65
C GLU C 124 -19.70 6.69 -22.26
N LEU C 125 -20.40 6.90 -21.15
CA LEU C 125 -20.69 8.24 -20.64
C LEU C 125 -19.40 8.97 -20.23
N LEU C 126 -18.51 8.24 -19.57
CA LEU C 126 -17.25 8.78 -19.07
C LEU C 126 -16.28 9.19 -20.18
N GLY C 127 -16.43 8.58 -21.36
CA GLY C 127 -15.52 8.87 -22.48
C GLY C 127 -15.56 10.34 -22.90
N ARG C 128 -16.74 10.97 -22.80
CA ARG C 128 -16.90 12.38 -23.20
C ARG C 128 -16.32 13.34 -22.14
N ARG C 129 -16.54 13.04 -20.86
CA ARG C 129 -16.06 13.90 -19.77
C ARG C 129 -14.58 13.64 -19.40
N GLY C 130 -14.05 12.49 -19.83
CA GLY C 130 -12.67 12.10 -19.54
C GLY C 130 -11.63 13.12 -20.05
N TRP C 131 -12.00 13.93 -21.05
CA TRP C 131 -11.07 14.90 -21.63
C TRP C 131 -10.48 15.90 -20.64
N GLU C 132 -11.07 16.00 -19.44
CA GLU C 132 -10.54 16.94 -18.45
C GLU C 132 -9.00 16.73 -18.26
N ALA C 133 -8.44 15.63 -18.82
CA ALA C 133 -7.00 15.38 -18.80
C ALA C 133 -6.31 16.60 -19.40
N LEU C 134 -6.78 16.98 -20.59
CA LEU C 134 -6.28 18.15 -21.30
C LEU C 134 -6.54 19.42 -20.51
N LYS C 135 -7.69 19.49 -19.79
CA LYS C 135 -8.06 20.72 -19.07
C LYS C 135 -6.95 21.17 -18.09
N TYR C 136 -6.42 20.25 -17.29
CA TYR C 136 -5.39 20.63 -16.35
C TYR C 136 -4.07 20.87 -17.07
N TRP C 137 -3.68 19.93 -17.92
CA TRP C 137 -2.43 20.02 -18.64
C TRP C 137 -2.31 21.33 -19.42
N TRP C 138 -3.43 21.86 -19.93
CA TRP C 138 -3.38 23.14 -20.65
C TRP C 138 -3.07 24.29 -19.67
N ASN C 139 -3.79 24.30 -18.54
CA ASN C 139 -3.62 25.34 -17.51
C ASN C 139 -2.26 25.26 -16.80
N LEU C 140 -1.88 24.05 -16.42
CA LEU C 140 -0.63 23.81 -15.69
C LEU C 140 0.59 24.31 -16.49
N LEU C 141 0.70 23.91 -17.75
CA LEU C 141 1.83 24.33 -18.58
C LEU C 141 1.86 25.86 -18.75
N GLN C 142 0.67 26.45 -18.87
CA GLN C 142 0.56 27.90 -19.06
C GLN C 142 1.09 28.72 -17.88
N TYR C 143 0.74 28.35 -16.63
CA TYR C 143 1.15 29.11 -15.47
C TYR C 143 2.65 28.96 -15.15
N TRP C 144 3.25 27.76 -15.31
CA TRP C 144 4.67 27.61 -14.95
C TRP C 144 5.50 28.43 -15.92
N SER C 145 5.05 28.47 -17.18
CA SER C 145 5.72 29.28 -18.20
C SER C 145 5.75 30.74 -17.73
N GLN C 146 4.64 31.16 -17.08
CA GLN C 146 4.53 32.53 -16.58
C GLN C 146 5.58 32.83 -15.48
N GLU C 147 5.84 31.89 -14.53
CA GLU C 147 6.84 32.15 -13.50
C GLU C 147 8.25 32.19 -14.10
N LEU C 148 8.46 31.42 -15.17
CA LEU C 148 9.74 31.40 -15.87
C LEU C 148 10.02 32.84 -16.39
N LYS C 149 8.98 33.48 -16.93
CA LYS C 149 9.10 34.85 -17.42
C LYS C 149 9.47 35.80 -16.27
N ASN C 150 8.88 35.58 -15.10
CA ASN C 150 9.13 36.42 -13.94
C ASN C 150 10.59 36.31 -13.48
N SER C 151 11.13 35.09 -13.50
CA SER C 151 12.52 34.86 -13.09
C SER C 151 13.49 35.49 -14.08
N ALA C 152 13.26 35.28 -15.37
CA ALA C 152 14.13 35.84 -16.42
C ALA C 152 14.05 37.36 -16.45
N VAL C 153 12.82 37.89 -16.39
CA VAL C 153 12.62 39.34 -16.41
C VAL C 153 13.34 40.01 -15.23
N SER C 154 13.21 39.44 -14.03
CA SER C 154 13.85 40.01 -12.85
C SER C 154 15.37 40.12 -12.99
N LEU C 155 16.03 39.00 -13.30
CA LEU C 155 17.50 38.98 -13.41
C LEU C 155 18.05 39.65 -14.69
N LEU C 156 17.45 39.39 -15.87
CA LEU C 156 17.98 39.98 -17.11
C LEU C 156 17.91 41.51 -17.10
N ASN C 157 16.76 42.07 -16.67
CA ASN C 157 16.60 43.53 -16.63
C ASN C 157 17.52 44.15 -15.60
N ALA C 158 17.63 43.51 -14.43
CA ALA C 158 18.44 44.03 -13.34
C ALA C 158 19.92 44.12 -13.72
N THR C 159 20.45 43.08 -14.36
CA THR C 159 21.85 43.08 -14.80
C THR C 159 22.03 44.05 -15.99
N ALA C 160 20.95 44.23 -16.76
CA ALA C 160 20.94 45.08 -17.94
C ALA C 160 20.93 46.58 -17.59
N ILE C 161 20.39 46.96 -16.43
CA ILE C 161 20.29 48.38 -16.04
C ILE C 161 21.69 49.06 -16.06
N ALA C 162 22.75 48.30 -15.83
CA ALA C 162 24.11 48.85 -15.80
C ALA C 162 24.64 49.30 -17.19
N VAL C 163 23.75 49.72 -18.12
CA VAL C 163 24.20 50.17 -19.45
C VAL C 163 23.58 51.53 -19.84
N GLY C 164 22.26 51.69 -19.66
CA GLY C 164 21.59 52.94 -20.01
C GLY C 164 20.31 53.20 -19.18
N GLU C 165 19.93 52.25 -18.31
CA GLU C 165 18.74 52.39 -17.45
C GLU C 165 17.42 52.15 -18.23
N GLY C 166 17.50 52.08 -19.57
CA GLY C 166 16.31 51.85 -20.40
C GLY C 166 16.26 50.42 -20.97
N THR C 167 17.22 49.57 -20.56
CA THR C 167 17.31 48.18 -21.00
C THR C 167 16.14 47.35 -20.46
N ASP C 168 15.71 47.65 -19.23
CA ASP C 168 14.62 46.90 -18.59
C ASP C 168 13.36 46.94 -19.45
N ARG C 169 13.15 48.06 -20.15
CA ARG C 169 11.99 48.21 -21.02
C ARG C 169 11.99 47.14 -22.13
N VAL C 170 13.13 46.94 -22.80
CA VAL C 170 13.21 45.96 -23.90
C VAL C 170 13.06 44.50 -23.42
N ILE C 171 13.56 44.15 -22.21
CA ILE C 171 13.45 42.76 -21.73
C ILE C 171 11.98 42.39 -21.56
N GLU C 172 11.23 43.27 -20.89
CA GLU C 172 9.82 43.03 -20.59
C GLU C 172 8.95 43.07 -21.85
N VAL C 173 9.33 43.87 -22.83
CA VAL C 173 8.56 43.99 -24.08
C VAL C 173 8.56 42.67 -24.86
N VAL C 174 9.74 42.06 -25.08
CA VAL C 174 9.82 40.80 -25.84
C VAL C 174 9.18 39.62 -25.08
N GLN C 175 9.54 39.47 -23.79
CA GLN C 175 9.00 38.38 -22.97
C GLN C 175 7.52 38.63 -22.73
N GLY C 176 7.23 39.85 -22.31
CA GLY C 176 5.87 40.27 -22.04
C GLY C 176 5.00 40.16 -23.29
N ALA C 177 5.59 40.42 -24.46
CA ALA C 177 4.86 40.35 -25.73
C ALA C 177 4.28 38.96 -25.97
N SER C 178 5.10 37.92 -25.75
CA SER C 178 4.66 36.53 -25.99
C SER C 178 3.58 36.08 -24.99
N ARG C 179 3.78 36.32 -23.69
CA ARG C 179 2.80 35.91 -22.68
C ARG C 179 1.53 36.77 -22.78
N ALA C 180 1.73 38.08 -22.88
CA ALA C 180 0.60 39.02 -22.96
C ALA C 180 -0.30 38.73 -24.15
N ILE C 181 0.27 38.32 -25.29
CA ILE C 181 -0.54 38.02 -26.49
C ILE C 181 -1.31 36.70 -26.29
N ARG C 182 -0.69 35.76 -25.56
CA ARG C 182 -1.31 34.45 -25.28
C ARG C 182 -2.47 34.57 -24.25
N HIS C 183 -2.82 35.80 -23.84
CA HIS C 183 -3.89 36.02 -22.87
C HIS C 183 -5.27 35.54 -23.38
N ILE C 184 -5.34 35.05 -24.63
CA ILE C 184 -6.60 34.57 -25.25
C ILE C 184 -7.52 33.87 -24.21
N PRO C 185 -8.85 34.09 -24.27
CA PRO C 185 -9.80 33.46 -23.27
C PRO C 185 -9.75 31.93 -23.27
N ARG C 186 -10.47 31.33 -22.33
CA ARG C 186 -10.51 29.87 -22.19
C ARG C 186 -11.71 29.28 -22.94
N ARG C 187 -11.61 27.96 -23.24
CA ARG C 187 -12.65 27.15 -23.95
C ARG C 187 -11.94 26.13 -24.88
N ILE C 188 -10.77 25.66 -24.44
CA ILE C 188 -9.96 24.69 -25.20
C ILE C 188 -10.62 23.30 -25.23
N ARG C 189 -11.01 22.78 -24.07
CA ARG C 189 -11.64 21.47 -23.96
C ARG C 189 -13.02 21.48 -24.65
N GLN C 190 -13.82 22.51 -24.36
CA GLN C 190 -15.17 22.63 -24.92
C GLN C 190 -15.14 22.72 -26.45
N GLY C 191 -14.26 23.56 -26.99
CA GLY C 191 -14.15 23.77 -28.43
C GLY C 191 -13.56 22.55 -29.15
N LEU C 192 -12.50 21.98 -28.60
CA LEU C 192 -11.83 20.82 -29.21
C LEU C 192 -12.71 19.56 -29.11
N GLU C 193 -13.46 19.43 -28.01
CA GLU C 193 -14.31 18.26 -27.80
C GLU C 193 -15.64 18.35 -28.57
N ARG C 194 -16.14 19.58 -28.79
CA ARG C 194 -17.41 19.77 -29.50
C ARG C 194 -17.28 19.61 -31.02
N ILE C 195 -16.14 20.06 -31.58
CA ILE C 195 -15.91 19.97 -33.02
C ILE C 195 -15.88 18.50 -33.49
N LEU C 196 -15.32 17.63 -32.65
CA LEU C 196 -15.22 16.20 -32.96
C LEU C 196 -16.49 15.44 -32.54
N LEU C 197 -17.39 16.11 -31.80
CA LEU C 197 -18.64 15.50 -31.33
C LEU C 197 -18.35 14.39 -30.31
N LEU A 1 33.87 -30.36 -14.10
CA LEU A 1 32.62 -29.71 -13.63
C LEU A 1 32.30 -28.49 -14.51
N LEU A 2 31.02 -28.36 -14.89
CA LEU A 2 30.57 -27.24 -15.72
C LEU A 2 31.44 -27.17 -16.99
N GLU A 3 31.11 -28.01 -17.96
CA GLU A 3 31.84 -28.08 -19.23
C GLU A 3 30.90 -27.80 -20.40
N LEU A 4 31.47 -27.33 -21.52
CA LEU A 4 30.68 -27.03 -22.72
C LEU A 4 29.84 -28.25 -23.12
N ASP A 5 30.40 -29.43 -22.94
CA ASP A 5 29.71 -30.68 -23.27
C ASP A 5 28.49 -30.88 -22.39
N LYS A 6 28.61 -30.48 -21.12
CA LYS A 6 27.52 -30.61 -20.16
C LYS A 6 26.41 -29.59 -20.44
N TRP A 7 26.83 -28.34 -20.68
CA TRP A 7 25.89 -27.26 -20.97
C TRP A 7 25.16 -27.50 -22.28
N ALA A 8 25.90 -27.93 -23.31
CA ALA A 8 25.32 -28.17 -24.64
C ALA A 8 24.23 -29.25 -24.60
N SER A 9 24.47 -30.32 -23.84
CA SER A 9 23.51 -31.43 -23.74
C SER A 9 22.15 -30.94 -23.25
N LEU A 10 22.15 -29.89 -22.41
CA LEU A 10 20.92 -29.32 -21.85
C LEU A 10 20.02 -28.71 -22.92
N TRP A 11 20.60 -28.28 -24.06
CA TRP A 11 19.81 -27.68 -25.14
C TRP A 11 18.89 -28.72 -25.82
N ASN A 12 19.00 -29.99 -25.42
CA ASN A 12 18.16 -31.05 -26.00
C ASN A 12 16.81 -31.16 -25.29
N TRP A 13 16.76 -30.78 -24.01
CA TRP A 13 15.52 -30.84 -23.22
C TRP A 13 14.58 -29.71 -23.65
N PHE A 14 15.09 -28.48 -23.60
CA PHE A 14 14.33 -27.28 -23.97
C PHE A 14 13.08 -27.06 -23.08
N ASP A 15 12.95 -27.84 -21.99
CA ASP A 15 11.81 -27.69 -21.08
C ASP A 15 12.28 -27.03 -19.76
N ILE A 16 12.91 -27.81 -18.87
CA ILE A 16 13.44 -27.29 -17.61
C ILE A 16 14.64 -26.37 -17.89
N THR A 17 15.45 -26.73 -18.91
CA THR A 17 16.63 -25.95 -19.27
C THR A 17 16.27 -24.47 -19.46
N ASN A 18 15.05 -24.20 -19.98
CA ASN A 18 14.61 -22.83 -20.18
C ASN A 18 14.66 -22.06 -18.86
N TRP A 19 14.24 -22.70 -17.78
CA TRP A 19 14.23 -22.07 -16.46
C TRP A 19 15.67 -21.63 -16.06
N LEU A 20 16.66 -22.45 -16.41
CA LEU A 20 18.05 -22.17 -16.05
C LEU A 20 18.59 -20.85 -16.63
N TRP A 21 18.17 -20.48 -17.85
CA TRP A 21 18.67 -19.25 -18.48
C TRP A 21 17.59 -18.17 -18.65
N TYR A 22 16.36 -18.57 -18.99
CA TYR A 22 15.28 -17.60 -19.20
C TYR A 22 14.99 -16.81 -17.91
N ILE A 23 15.33 -17.37 -16.73
CA ILE A 23 15.11 -16.66 -15.47
C ILE A 23 15.89 -15.35 -15.46
N ARG A 24 17.08 -15.34 -16.07
CA ARG A 24 17.91 -14.13 -16.13
C ARG A 24 17.09 -12.96 -16.69
N ILE A 25 16.30 -13.26 -17.73
CA ILE A 25 15.41 -12.27 -18.35
C ILE A 25 14.13 -12.10 -17.50
N PHE A 26 13.77 -13.14 -16.72
CA PHE A 26 12.56 -13.12 -15.90
C PHE A 26 12.70 -12.20 -14.68
N ILE A 27 13.89 -12.18 -14.06
CA ILE A 27 14.11 -11.33 -12.88
C ILE A 27 13.88 -9.86 -13.26
N ILE A 28 14.46 -9.43 -14.40
CA ILE A 28 14.30 -8.03 -14.84
C ILE A 28 12.80 -7.71 -14.95
N ILE A 29 12.00 -8.65 -15.48
CA ILE A 29 10.57 -8.44 -15.60
C ILE A 29 9.96 -8.28 -14.21
N VAL A 30 10.38 -9.12 -13.26
CA VAL A 30 9.87 -9.03 -11.89
C VAL A 30 10.21 -7.64 -11.32
N GLY A 31 11.44 -7.17 -11.57
CA GLY A 31 11.89 -5.86 -11.11
C GLY A 31 10.89 -4.78 -11.55
N SER A 32 10.42 -4.90 -12.79
CA SER A 32 9.43 -3.97 -13.33
C SER A 32 8.09 -4.17 -12.59
N LEU A 33 7.78 -5.43 -12.29
CA LEU A 33 6.54 -5.80 -11.61
C LEU A 33 6.45 -5.14 -10.23
N ILE A 34 7.57 -5.18 -9.49
CA ILE A 34 7.60 -4.62 -8.13
C ILE A 34 7.30 -3.10 -8.12
N GLY A 35 7.83 -2.33 -9.08
CA GLY A 35 7.56 -0.88 -9.13
C GLY A 35 6.09 -0.62 -9.48
N LEU A 36 5.49 -1.52 -10.27
CA LEU A 36 4.09 -1.43 -10.70
C LEU A 36 3.12 -1.40 -9.50
N ARG A 37 3.47 -2.16 -8.47
CA ARG A 37 2.66 -2.33 -7.25
C ARG A 37 2.30 -1.03 -6.51
N ILE A 38 3.12 0.03 -6.57
CA ILE A 38 2.83 1.25 -5.78
C ILE A 38 1.48 1.85 -6.14
N VAL A 39 1.10 1.79 -7.42
CA VAL A 39 -0.15 2.38 -7.84
C VAL A 39 -1.32 1.83 -6.99
N PHE A 40 -1.19 0.59 -6.54
CA PHE A 40 -2.21 -0.06 -5.71
C PHE A 40 -2.51 0.78 -4.47
N ALA A 41 -1.50 1.54 -4.01
CA ALA A 41 -1.66 2.36 -2.81
C ALA A 41 -2.83 3.34 -3.01
N VAL A 42 -3.01 3.86 -4.23
CA VAL A 42 -4.16 4.75 -4.49
C VAL A 42 -5.47 3.92 -4.43
N LEU A 43 -5.37 2.67 -4.90
CA LEU A 43 -6.48 1.71 -4.92
C LEU A 43 -6.93 1.37 -3.50
N SER A 44 -5.97 1.27 -2.56
CA SER A 44 -6.29 0.93 -1.17
C SER A 44 -7.19 2.01 -0.55
N LEU A 45 -6.96 3.27 -0.92
CA LEU A 45 -7.76 4.37 -0.43
C LEU A 45 -9.21 4.15 -0.87
N VAL A 46 -9.38 3.82 -2.14
CA VAL A 46 -10.69 3.52 -2.73
C VAL A 46 -11.26 2.24 -2.08
N ASN A 47 -10.37 1.28 -1.81
CA ASN A 47 -10.75 0.02 -1.21
C ASN A 47 -11.46 0.25 0.11
N ARG A 48 -10.95 1.19 0.92
CA ARG A 48 -11.55 1.51 2.21
C ARG A 48 -13.00 1.97 2.00
N VAL A 49 -13.17 2.79 0.97
CA VAL A 49 -14.48 3.36 0.66
C VAL A 49 -15.46 2.24 0.38
N ARG A 50 -15.03 1.26 -0.42
CA ARG A 50 -15.91 0.11 -0.70
C ARG A 50 -16.00 -0.87 0.49
N GLN A 51 -14.96 -0.87 1.33
CA GLN A 51 -14.88 -1.78 2.48
C GLN A 51 -15.46 -1.14 3.76
N GLY A 52 -16.08 0.02 3.63
CA GLY A 52 -16.64 0.72 4.78
C GLY A 52 -15.64 1.76 5.32
N TYR A 53 -14.72 1.33 6.18
CA TYR A 53 -13.71 2.22 6.76
C TYR A 53 -12.60 1.40 7.47
N SER A 54 -12.94 0.78 8.61
CA SER A 54 -11.99 -0.04 9.35
C SER A 54 -11.56 -1.23 8.48
N PRO A 55 -10.41 -1.89 8.74
CA PRO A 55 -9.90 -3.05 7.94
C PRO A 55 -10.97 -3.73 7.02
N LEU A 56 -11.46 -4.93 7.37
CA LEU A 56 -12.46 -5.61 6.52
C LEU A 56 -13.85 -5.65 7.19
N SER A 57 -13.91 -5.49 8.51
CA SER A 57 -15.20 -5.55 9.23
C SER A 57 -15.90 -4.17 9.25
N GLU A 80 -22.95 0.40 0.74
CA GLU A 80 -23.24 1.71 0.13
C GLU A 80 -23.32 1.68 -1.41
N ARG A 81 -24.01 2.68 -1.92
CA ARG A 81 -24.25 2.95 -3.34
C ARG A 81 -22.98 3.43 -4.07
N ASP A 82 -22.06 3.99 -3.30
CA ASP A 82 -20.84 4.64 -3.83
C ASP A 82 -20.00 3.77 -4.80
N ARG A 83 -20.32 2.48 -5.01
CA ARG A 83 -19.54 1.66 -5.97
C ARG A 83 -19.50 2.34 -7.33
N ASP A 84 -20.62 2.96 -7.73
CA ASP A 84 -20.64 3.70 -9.01
C ASP A 84 -19.61 4.83 -8.91
N ARG A 85 -19.44 5.37 -7.70
CA ARG A 85 -18.47 6.42 -7.45
C ARG A 85 -17.06 5.85 -7.50
N SER A 86 -16.85 4.64 -6.93
CA SER A 86 -15.53 4.03 -6.97
C SER A 86 -15.14 3.82 -8.44
N ILE A 87 -16.16 3.65 -9.32
CA ILE A 87 -15.91 3.55 -10.77
C ILE A 87 -15.15 4.82 -11.20
N ARG A 88 -15.45 5.95 -10.55
CA ARG A 88 -14.76 7.20 -10.87
C ARG A 88 -13.23 7.05 -10.62
N LEU A 89 -12.79 5.90 -10.08
CA LEU A 89 -11.36 5.66 -9.91
C LEU A 89 -10.72 5.87 -11.29
N VAL A 90 -11.48 5.48 -12.34
CA VAL A 90 -11.03 5.70 -13.72
C VAL A 90 -11.01 7.24 -13.97
N ASN A 91 -12.01 7.94 -13.41
CA ASN A 91 -12.09 9.42 -13.45
C ASN A 91 -10.85 10.01 -12.75
N GLY A 92 -10.10 9.17 -12.02
CA GLY A 92 -8.96 9.61 -11.22
C GLY A 92 -7.93 10.38 -12.04
N SER A 93 -7.93 10.25 -13.36
CA SER A 93 -6.97 10.99 -14.17
C SER A 93 -7.14 12.50 -13.92
N LEU A 94 -8.39 12.97 -13.77
CA LEU A 94 -8.63 14.39 -13.49
C LEU A 94 -8.21 14.75 -12.05
N ALA A 95 -8.53 13.88 -11.10
CA ALA A 95 -8.12 14.11 -9.72
C ALA A 95 -6.58 14.16 -9.67
N LEU A 96 -5.96 13.34 -10.52
CA LEU A 96 -4.52 13.22 -10.62
C LEU A 96 -3.83 14.52 -11.06
N ILE A 97 -4.41 15.30 -12.01
CA ILE A 97 -3.71 16.49 -12.44
C ILE A 97 -3.83 17.59 -11.41
N TRP A 98 -5.00 17.78 -10.78
CA TRP A 98 -5.13 18.85 -9.78
C TRP A 98 -4.34 18.54 -8.48
N ASP A 99 -4.43 17.32 -7.92
CA ASP A 99 -3.74 17.02 -6.65
C ASP A 99 -2.19 16.98 -6.79
N ASP A 100 -1.66 16.36 -7.86
CA ASP A 100 -0.19 16.19 -7.99
C ASP A 100 0.67 17.45 -8.28
N LEU A 101 0.31 18.34 -9.25
CA LEU A 101 1.16 19.53 -9.49
C LEU A 101 1.03 20.55 -8.37
N ARG A 102 -0.16 20.66 -7.79
CA ARG A 102 -0.40 21.64 -6.73
C ARG A 102 0.68 21.55 -5.63
N SER A 103 1.39 20.41 -5.57
CA SER A 103 2.40 20.22 -4.53
C SER A 103 3.73 20.97 -4.82
N LEU A 104 4.25 20.87 -6.06
CA LEU A 104 5.52 21.57 -6.38
C LEU A 104 5.34 23.10 -6.43
N SER A 105 4.16 23.53 -6.86
CA SER A 105 3.83 24.96 -6.98
C SER A 105 3.05 25.50 -5.76
N LEU A 106 2.58 24.59 -4.89
CA LEU A 106 1.80 24.89 -3.67
C LEU A 106 1.70 26.38 -3.27
N PHE A 107 0.46 26.80 -2.94
CA PHE A 107 0.14 28.16 -2.48
C PHE A 107 0.07 29.17 -3.66
N SER A 108 1.22 29.73 -4.09
CA SER A 108 1.24 30.70 -5.18
C SER A 108 1.87 30.06 -6.41
N TYR A 109 1.51 30.56 -7.60
CA TYR A 109 2.06 29.99 -8.83
C TYR A 109 3.44 30.58 -9.17
N HIS A 110 4.02 31.34 -8.23
CA HIS A 110 5.38 31.86 -8.35
C HIS A 110 6.26 31.15 -7.26
N ARG A 111 5.60 30.25 -6.51
CA ARG A 111 6.14 29.46 -5.43
C ARG A 111 7.09 28.36 -5.90
N LEU A 112 6.96 27.86 -7.14
CA LEU A 112 7.78 26.70 -7.56
C LEU A 112 9.27 27.00 -7.37
N ARG A 113 9.70 28.24 -7.53
CA ARG A 113 11.11 28.58 -7.24
C ARG A 113 11.31 28.48 -5.72
N ASP A 114 10.29 28.89 -4.98
CA ASP A 114 10.29 28.84 -3.53
C ASP A 114 10.23 27.39 -3.01
N LEU A 115 9.53 26.49 -3.75
CA LEU A 115 9.33 25.13 -3.30
C LEU A 115 10.64 24.41 -3.02
N LEU A 116 11.67 24.62 -3.85
CA LEU A 116 12.95 23.94 -3.58
C LEU A 116 13.55 24.40 -2.25
N LEU A 117 13.38 25.68 -1.92
CA LEU A 117 13.90 26.20 -0.65
C LEU A 117 13.09 25.76 0.56
N ILE A 118 11.75 25.90 0.49
CA ILE A 118 10.90 25.52 1.61
C ILE A 118 10.96 24.02 1.89
N VAL A 119 11.05 23.18 0.85
CA VAL A 119 11.13 21.73 1.08
C VAL A 119 12.38 21.44 1.91
N THR A 120 13.51 22.04 1.53
CA THR A 120 14.74 21.89 2.30
C THR A 120 14.57 22.52 3.68
N ARG A 121 13.85 23.64 3.72
CA ARG A 121 13.62 24.37 4.96
C ARG A 121 12.89 23.52 6.01
N ILE A 122 11.85 22.79 5.58
CA ILE A 122 11.10 21.96 6.50
C ILE A 122 12.03 20.93 7.15
N VAL A 123 12.86 20.25 6.34
CA VAL A 123 13.76 19.22 6.88
C VAL A 123 14.75 19.82 7.90
N GLU A 124 15.24 21.02 7.61
CA GLU A 124 16.18 21.69 8.49
C GLU A 124 15.50 22.06 9.81
N LEU A 125 14.23 22.49 9.71
CA LEU A 125 13.47 22.89 10.89
C LEU A 125 13.24 21.69 11.84
N LEU A 126 12.68 20.60 11.32
CA LEU A 126 12.43 19.41 12.14
C LEU A 126 13.71 18.63 12.42
N GLY A 127 14.80 18.91 11.69
CA GLY A 127 16.06 18.20 11.89
C GLY A 127 16.66 18.47 13.27
N ARG A 128 16.54 19.71 13.72
CA ARG A 128 17.07 20.13 15.02
C ARG A 128 16.29 19.48 16.17
N ARG A 129 14.96 19.59 16.11
CA ARG A 129 14.08 19.01 17.14
C ARG A 129 13.85 17.50 16.91
N GLY A 130 14.16 17.02 15.71
CA GLY A 130 13.95 15.62 15.33
C GLY A 130 14.67 14.63 16.24
N TRP A 131 15.74 15.06 16.92
CA TRP A 131 16.49 14.16 17.80
C TRP A 131 15.62 13.52 18.88
N GLU A 132 14.42 14.07 19.09
CA GLU A 132 13.51 13.48 20.08
C GLU A 132 13.35 11.95 19.81
N ALA A 133 13.85 11.46 18.64
CA ALA A 133 13.86 10.03 18.33
C ALA A 133 14.58 9.31 19.48
N LEU A 134 15.76 9.84 19.84
CA LEU A 134 16.49 9.28 20.96
C LEU A 134 15.61 9.38 22.23
N LYS A 135 14.93 10.53 22.39
CA LYS A 135 14.07 10.77 23.58
C LYS A 135 12.94 9.74 23.77
N TYR A 136 12.20 9.42 22.71
CA TYR A 136 11.04 8.57 22.89
C TYR A 136 11.39 7.09 23.14
N TRP A 137 12.48 6.58 22.57
CA TRP A 137 12.88 5.21 22.83
C TRP A 137 13.40 5.07 24.26
N TRP A 138 14.01 6.15 24.80
CA TRP A 138 14.49 6.12 26.18
C TRP A 138 13.32 5.84 27.12
N ASN A 139 12.21 6.57 26.89
CA ASN A 139 11.01 6.42 27.72
C ASN A 139 10.35 5.05 27.56
N LEU A 140 10.18 4.63 26.30
CA LEU A 140 9.53 3.36 25.98
C LEU A 140 10.29 2.17 26.63
N LEU A 141 11.60 2.13 26.43
CA LEU A 141 12.43 1.07 27.01
C LEU A 141 12.47 1.17 28.54
N GLN A 142 12.39 2.40 29.07
CA GLN A 142 12.44 2.62 30.51
C GLN A 142 11.32 1.88 31.25
N TYR A 143 10.07 1.97 30.77
CA TYR A 143 8.99 1.31 31.42
C TYR A 143 9.11 -0.20 31.25
N TRP A 144 9.61 -0.66 30.08
CA TRP A 144 9.68 -2.10 29.84
C TRP A 144 10.64 -2.71 30.85
N SER A 145 11.69 -1.95 31.22
CA SER A 145 12.61 -2.39 32.26
C SER A 145 11.79 -2.61 33.55
N GLN A 146 10.79 -1.72 33.76
CA GLN A 146 9.92 -1.81 34.93
C GLN A 146 9.13 -3.14 34.97
N GLU A 147 8.62 -3.64 33.82
CA GLU A 147 7.88 -4.91 33.85
C GLU A 147 8.83 -6.03 34.34
N LEU A 148 10.11 -5.95 33.94
CA LEU A 148 11.12 -6.91 34.37
C LEU A 148 11.40 -6.74 35.87
N LYS A 149 11.37 -5.48 36.33
CA LYS A 149 11.62 -5.16 37.73
C LYS A 149 10.62 -5.90 38.64
N ASN A 150 9.34 -5.87 38.24
CA ASN A 150 8.28 -6.52 39.01
C ASN A 150 8.44 -8.05 39.00
N SER A 151 8.83 -8.61 37.86
CA SER A 151 8.99 -10.06 37.72
C SER A 151 10.02 -10.61 38.72
N ALA A 152 11.18 -9.96 38.81
CA ALA A 152 12.24 -10.40 39.72
C ALA A 152 11.81 -10.27 41.18
N VAL A 153 11.24 -9.11 41.52
CA VAL A 153 10.79 -8.84 42.89
C VAL A 153 9.72 -9.84 43.33
N SER A 154 8.77 -10.14 42.44
CA SER A 154 7.66 -11.05 42.75
C SER A 154 8.15 -12.49 43.02
N LEU A 155 8.87 -13.06 42.05
CA LEU A 155 9.36 -14.45 42.16
C LEU A 155 10.30 -14.67 43.35
N LEU A 156 11.33 -13.83 43.48
CA LEU A 156 12.30 -13.98 44.57
C LEU A 156 11.65 -13.73 45.95
N ASN A 157 10.81 -12.70 46.06
CA ASN A 157 10.18 -12.36 47.33
C ASN A 157 9.09 -13.36 47.70
N ALA A 158 8.27 -13.74 46.73
CA ALA A 158 7.16 -14.66 46.98
C ALA A 158 7.65 -16.08 47.30
N THR A 159 8.63 -16.57 46.54
CA THR A 159 9.18 -17.92 46.74
C THR A 159 10.06 -18.00 48.00
N ALA A 160 10.65 -16.88 48.39
CA ALA A 160 11.54 -16.82 49.55
C ALA A 160 10.79 -16.95 50.88
N ILE A 161 9.52 -16.52 50.94
CA ILE A 161 8.76 -16.58 52.19
C ILE A 161 8.72 -18.03 52.72
N ALA A 162 8.80 -19.02 51.83
CA ALA A 162 8.79 -20.43 52.24
C ALA A 162 10.17 -20.79 52.85
N VAL A 163 10.53 -20.09 53.93
CA VAL A 163 11.80 -20.30 54.62
C VAL A 163 11.58 -20.18 56.14
N GLY A 164 10.89 -19.11 56.56
CA GLY A 164 10.61 -18.88 57.98
C GLY A 164 11.66 -17.96 58.60
N GLU A 165 12.12 -16.97 57.82
CA GLU A 165 13.12 -16.00 58.29
C GLU A 165 12.86 -14.62 57.66
N GLY A 166 13.76 -13.67 57.90
CA GLY A 166 13.62 -12.32 57.36
C GLY A 166 14.20 -12.23 55.94
N THR A 167 13.92 -13.26 55.13
CA THR A 167 14.39 -13.32 53.74
C THR A 167 13.71 -12.26 52.88
N ASP A 168 12.42 -12.02 53.16
CA ASP A 168 11.63 -11.05 52.39
C ASP A 168 12.24 -9.65 52.46
N ARG A 169 12.90 -9.32 53.56
CA ARG A 169 13.52 -8.01 53.74
C ARG A 169 14.68 -7.81 52.76
N VAL A 170 15.58 -8.80 52.65
CA VAL A 170 16.76 -8.68 51.77
C VAL A 170 16.43 -8.63 50.27
N ILE A 171 15.61 -9.57 49.76
CA ILE A 171 15.31 -9.58 48.32
C ILE A 171 14.43 -8.40 47.90
N GLU A 172 13.47 -8.01 48.75
CA GLU A 172 12.57 -6.90 48.41
C GLU A 172 13.30 -5.55 48.34
N VAL A 173 14.14 -5.26 49.33
CA VAL A 173 14.88 -4.00 49.40
C VAL A 173 15.99 -3.92 48.34
N VAL A 174 16.82 -4.97 48.24
CA VAL A 174 17.94 -4.97 47.29
C VAL A 174 17.48 -4.81 45.83
N GLN A 175 16.46 -5.57 45.41
CA GLN A 175 15.97 -5.51 44.03
C GLN A 175 15.30 -4.16 43.73
N GLY A 176 14.40 -3.77 44.62
CA GLY A 176 13.66 -2.53 44.47
C GLY A 176 14.55 -1.29 44.59
N ALA A 177 15.50 -1.31 45.53
CA ALA A 177 16.38 -0.17 45.76
C ALA A 177 17.34 0.06 44.59
N SER A 178 17.97 -1.00 44.09
CA SER A 178 18.94 -0.86 43.01
C SER A 178 18.30 -0.47 41.66
N ARG A 179 17.22 -1.15 41.30
CA ARG A 179 16.54 -0.87 40.02
C ARG A 179 15.81 0.48 40.03
N ALA A 180 15.00 0.71 41.05
CA ALA A 180 14.21 1.95 41.17
C ALA A 180 15.07 3.20 41.43
N ILE A 181 16.04 3.10 42.34
CA ILE A 181 16.87 4.28 42.68
C ILE A 181 17.92 4.60 41.59
N ARG A 182 18.36 3.59 40.83
CA ARG A 182 19.36 3.82 39.78
C ARG A 182 18.80 4.73 38.66
N HIS A 183 17.48 5.01 38.69
CA HIS A 183 16.87 5.89 37.70
C HIS A 183 17.33 7.33 37.92
N ILE A 184 17.85 7.96 36.87
CA ILE A 184 18.33 9.34 36.95
C ILE A 184 17.78 10.19 35.78
N PRO A 185 17.73 11.52 35.91
CA PRO A 185 17.23 12.39 34.82
C PRO A 185 18.29 12.61 33.73
N ARG A 186 18.34 11.67 32.78
CA ARG A 186 19.31 11.73 31.69
C ARG A 186 18.62 12.10 30.36
N ARG A 187 18.63 13.39 30.04
CA ARG A 187 18.02 13.89 28.80
C ARG A 187 19.11 14.30 27.81
N ILE A 188 19.55 13.33 26.98
CA ILE A 188 20.59 13.56 25.98
C ILE A 188 20.09 14.59 24.96
N ARG A 189 18.83 14.43 24.56
CA ARG A 189 18.22 15.32 23.58
C ARG A 189 18.28 16.77 24.04
N GLN A 190 17.97 17.01 25.32
CA GLN A 190 18.00 18.37 25.88
C GLN A 190 19.41 18.95 25.79
N GLY A 191 20.40 18.15 26.18
CA GLY A 191 21.80 18.57 26.16
C GLY A 191 22.30 18.76 24.73
N LEU A 192 21.80 17.95 23.80
CA LEU A 192 22.21 18.02 22.40
C LEU A 192 21.84 19.38 21.79
N GLU A 193 20.65 19.88 22.13
CA GLU A 193 20.17 21.16 21.60
C GLU A 193 20.88 22.35 22.26
N ARG A 194 21.12 22.25 23.58
CA ARG A 194 21.78 23.33 24.32
C ARG A 194 23.29 23.39 24.03
N ILE A 195 23.91 22.21 23.88
CA ILE A 195 25.36 22.12 23.63
C ILE A 195 25.69 22.60 22.21
N LEU A 196 24.81 22.28 21.25
CA LEU A 196 25.02 22.67 19.85
C LEU A 196 24.46 24.08 19.56
N LEU A 197 24.18 24.86 20.61
CA LEU A 197 23.65 26.22 20.45
C LEU A 197 24.23 27.15 21.52
N LEU B 1 26.12 -22.42 -26.59
CA LEU B 1 26.80 -23.26 -25.57
C LEU B 1 27.31 -22.35 -24.45
N LEU B 2 28.06 -22.90 -23.49
CA LEU B 2 28.58 -22.11 -22.37
C LEU B 2 29.95 -22.60 -21.89
N GLU B 3 30.98 -21.77 -22.08
CA GLU B 3 32.34 -22.11 -21.64
C GLU B 3 33.31 -20.93 -21.86
N LEU B 4 34.58 -21.14 -21.51
CA LEU B 4 35.63 -20.13 -21.63
C LEU B 4 35.52 -19.28 -22.90
N ASP B 5 35.12 -19.92 -24.00
CA ASP B 5 35.01 -19.23 -25.29
C ASP B 5 33.80 -18.30 -25.34
N LYS B 6 32.71 -18.70 -24.68
CA LYS B 6 31.48 -17.90 -24.66
C LYS B 6 31.60 -16.75 -23.66
N TRP B 7 32.25 -17.03 -22.52
CA TRP B 7 32.42 -16.04 -21.46
C TRP B 7 33.51 -15.02 -21.84
N ALA B 8 34.64 -15.53 -22.34
CA ALA B 8 35.77 -14.67 -22.71
C ALA B 8 35.37 -13.65 -23.78
N SER B 9 34.57 -14.08 -24.76
CA SER B 9 34.11 -13.18 -25.83
C SER B 9 33.32 -12.00 -25.23
N LEU B 10 32.74 -12.22 -24.05
CA LEU B 10 31.95 -11.19 -23.36
C LEU B 10 32.83 -10.05 -22.84
N TRP B 11 34.12 -10.32 -22.62
CA TRP B 11 35.04 -9.30 -22.09
C TRP B 11 35.09 -8.09 -23.04
N ASN B 12 34.87 -8.32 -24.34
CA ASN B 12 34.82 -7.22 -25.31
C ASN B 12 33.59 -6.35 -25.03
N TRP B 13 32.57 -6.94 -24.38
CA TRP B 13 31.33 -6.24 -24.02
C TRP B 13 31.48 -5.57 -22.62
N PHE B 14 32.73 -5.30 -22.22
CA PHE B 14 33.05 -4.70 -20.91
C PHE B 14 32.00 -3.71 -20.39
N ASP B 15 31.38 -2.93 -21.29
CA ASP B 15 30.37 -1.95 -20.88
C ASP B 15 29.17 -2.64 -20.21
N ILE B 16 28.39 -3.39 -20.99
CA ILE B 16 27.21 -4.09 -20.48
C ILE B 16 27.61 -5.23 -19.52
N THR B 17 28.73 -5.89 -19.83
CA THR B 17 29.21 -7.03 -19.03
C THR B 17 29.28 -6.68 -17.56
N ASN B 18 29.58 -5.43 -17.22
CA ASN B 18 29.66 -5.04 -15.81
C ASN B 18 28.33 -5.38 -15.12
N TRP B 19 27.22 -4.96 -15.74
CA TRP B 19 25.89 -5.29 -15.20
C TRP B 19 25.65 -6.81 -15.29
N LEU B 20 26.04 -7.42 -16.42
CA LEU B 20 25.77 -8.83 -16.69
C LEU B 20 26.32 -9.82 -15.64
N TRP B 21 27.60 -9.67 -15.25
CA TRP B 21 28.19 -10.64 -14.29
C TRP B 21 27.91 -10.27 -12.83
N TYR B 22 26.96 -9.37 -12.59
CA TYR B 22 26.63 -8.97 -11.22
C TYR B 22 25.16 -9.26 -10.87
N ILE B 23 24.44 -10.03 -11.72
CA ILE B 23 23.04 -10.37 -11.45
C ILE B 23 22.91 -11.15 -10.14
N ARG B 24 23.88 -12.01 -9.84
CA ARG B 24 23.86 -12.84 -8.62
C ARG B 24 23.68 -11.94 -7.39
N ILE B 25 24.47 -10.87 -7.32
CA ILE B 25 24.37 -9.92 -6.21
C ILE B 25 23.12 -9.04 -6.41
N PHE B 26 22.86 -8.67 -7.66
CA PHE B 26 21.70 -7.84 -8.01
C PHE B 26 20.37 -8.53 -7.68
N ILE B 27 20.36 -9.86 -7.71
CA ILE B 27 19.15 -10.63 -7.42
C ILE B 27 18.75 -10.48 -5.95
N ILE B 28 19.73 -10.58 -5.06
CA ILE B 28 19.49 -10.47 -3.62
C ILE B 28 18.91 -9.06 -3.31
N ILE B 29 19.43 -8.05 -4.00
CA ILE B 29 18.98 -6.67 -3.84
C ILE B 29 17.51 -6.54 -4.31
N VAL B 30 17.19 -7.16 -5.46
CA VAL B 30 15.82 -7.13 -5.98
C VAL B 30 14.86 -7.74 -4.94
N GLY B 31 15.28 -8.85 -4.34
CA GLY B 31 14.46 -9.51 -3.31
C GLY B 31 14.13 -8.51 -2.20
N SER B 32 15.13 -7.73 -1.81
CA SER B 32 14.97 -6.70 -0.78
C SER B 32 13.93 -5.66 -1.21
N LEU B 33 13.94 -5.33 -2.50
CA LEU B 33 13.05 -4.31 -3.05
C LEU B 33 11.56 -4.67 -2.82
N ILE B 34 11.21 -5.95 -2.85
CA ILE B 34 9.81 -6.36 -2.64
C ILE B 34 9.40 -6.02 -1.18
N GLY B 35 10.29 -6.30 -0.22
CA GLY B 35 10.03 -5.99 1.19
C GLY B 35 9.84 -4.48 1.37
N LEU B 36 10.50 -3.70 0.51
CA LEU B 36 10.40 -2.25 0.50
C LEU B 36 8.93 -1.83 0.43
N ARG B 37 8.17 -2.61 -0.34
CA ARG B 37 6.74 -2.39 -0.55
C ARG B 37 5.95 -2.35 0.77
N ILE B 38 6.42 -3.05 1.81
CA ILE B 38 5.68 -3.06 3.07
C ILE B 38 5.57 -1.61 3.59
N VAL B 39 6.63 -0.81 3.44
CA VAL B 39 6.59 0.61 3.83
C VAL B 39 5.62 1.35 2.88
N PHE B 40 5.51 0.88 1.62
CA PHE B 40 4.61 1.50 0.65
C PHE B 40 3.17 1.48 1.20
N ALA B 41 2.83 0.50 2.04
CA ALA B 41 1.49 0.47 2.64
C ALA B 41 1.31 1.79 3.41
N VAL B 42 2.40 2.27 4.03
CA VAL B 42 2.41 3.55 4.72
C VAL B 42 2.10 4.67 3.69
N LEU B 43 2.62 4.50 2.46
CA LEU B 43 2.40 5.44 1.34
C LEU B 43 0.90 5.63 1.07
N SER B 44 0.11 4.56 1.21
CA SER B 44 -1.34 4.68 0.93
C SER B 44 -1.98 5.69 1.88
N LEU B 45 -1.53 5.69 3.13
CA LEU B 45 -2.02 6.64 4.12
C LEU B 45 -1.66 8.06 3.64
N VAL B 46 -0.41 8.20 3.17
CA VAL B 46 0.09 9.45 2.62
C VAL B 46 -0.75 9.83 1.38
N ASN B 47 -1.07 8.80 0.59
CA ASN B 47 -1.86 8.95 -0.63
C ASN B 47 -3.25 9.48 -0.31
N ARG B 48 -3.82 9.06 0.81
CA ARG B 48 -5.16 9.49 1.21
C ARG B 48 -5.17 11.01 1.40
N VAL B 49 -4.15 11.51 2.09
CA VAL B 49 -4.03 12.93 2.35
C VAL B 49 -3.72 13.69 1.04
N ARG B 50 -2.87 13.08 0.19
CA ARG B 50 -2.51 13.68 -1.11
C ARG B 50 -3.66 13.57 -2.12
N GLN B 51 -4.51 12.57 -1.93
CA GLN B 51 -5.67 12.29 -2.79
C GLN B 51 -6.97 12.81 -2.15
N GLY B 52 -6.84 13.56 -1.05
CA GLY B 52 -8.01 14.06 -0.32
C GLY B 52 -8.59 12.96 0.59
N TYR B 53 -9.38 12.04 0.00
CA TYR B 53 -10.00 10.94 0.75
C TYR B 53 -10.76 9.99 -0.23
N SER B 54 -11.98 9.54 0.10
CA SER B 54 -12.76 8.68 -0.77
C SER B 54 -13.01 9.45 -2.07
N PRO B 55 -13.36 8.79 -3.20
CA PRO B 55 -13.53 9.47 -4.52
C PRO B 55 -13.81 10.98 -4.42
N LEU B 56 -12.86 11.79 -4.92
CA LEU B 56 -12.95 13.25 -4.78
C LEU B 56 -13.53 14.04 -5.96
N SER B 57 -13.57 13.50 -7.22
CA SER B 57 -14.03 14.28 -8.42
C SER B 57 -14.81 15.56 -8.02
N GLU B 80 -5.08 20.85 -2.07
CA GLU B 80 -4.15 21.99 -1.90
C GLU B 80 -3.34 21.95 -0.58
N ARG B 81 -4.04 22.13 0.51
CA ARG B 81 -3.44 22.20 1.86
C ARG B 81 -2.62 20.95 2.26
N ASP B 82 -2.94 19.79 1.69
CA ASP B 82 -2.29 18.53 2.07
C ASP B 82 -0.74 18.53 1.98
N ARG B 83 -0.10 19.60 1.44
CA ARG B 83 1.37 19.62 1.35
C ARG B 83 2.03 19.77 2.73
N ASP B 84 1.53 20.70 3.54
CA ASP B 84 2.10 20.92 4.87
C ASP B 84 2.02 19.64 5.69
N ARG B 85 0.89 18.93 5.63
CA ARG B 85 0.74 17.68 6.36
C ARG B 85 1.60 16.58 5.73
N SER B 86 1.65 16.55 4.39
CA SER B 86 2.46 15.57 3.69
C SER B 86 3.94 15.78 4.07
N ILE B 87 4.31 17.04 4.30
CA ILE B 87 5.67 17.39 4.73
C ILE B 87 5.81 17.01 6.23
N ARG B 88 4.71 17.13 7.00
CA ARG B 88 4.74 16.77 8.42
C ARG B 88 5.09 15.29 8.60
N LEU B 89 4.88 14.47 7.57
CA LEU B 89 5.19 13.04 7.66
C LEU B 89 6.67 12.87 8.06
N VAL B 90 7.55 13.79 7.60
CA VAL B 90 8.97 13.72 7.97
C VAL B 90 9.07 13.79 9.52
N ASN B 91 8.30 14.71 10.12
CA ASN B 91 8.24 14.82 11.60
C ASN B 91 7.68 13.52 12.21
N GLY B 92 7.13 12.66 11.34
CA GLY B 92 6.51 11.41 11.75
C GLY B 92 7.45 10.52 12.55
N SER B 93 8.77 10.75 12.46
CA SER B 93 9.72 9.93 13.19
C SER B 93 9.42 10.01 14.69
N LEU B 94 9.20 11.20 15.23
CA LEU B 94 8.88 11.38 16.66
C LEU B 94 7.47 10.83 16.97
N ALA B 95 6.61 10.94 15.98
CA ALA B 95 5.24 10.47 16.00
C ALA B 95 5.16 8.95 16.27
N LEU B 96 6.19 8.22 15.85
CA LEU B 96 6.17 6.76 15.87
C LEU B 96 5.82 6.20 17.25
N ILE B 97 6.37 6.68 18.37
CA ILE B 97 5.97 6.06 19.63
C ILE B 97 4.50 6.39 19.95
N TRP B 98 3.96 7.53 19.53
CA TRP B 98 2.58 7.87 19.90
C TRP B 98 1.55 6.80 19.44
N ASP B 99 1.58 6.34 18.18
CA ASP B 99 0.62 5.30 17.75
C ASP B 99 0.91 3.93 18.41
N ASP B 100 2.17 3.50 18.30
CA ASP B 100 2.62 2.20 18.81
C ASP B 100 2.72 2.06 20.35
N LEU B 101 3.29 3.07 21.04
CA LEU B 101 3.53 2.99 22.50
C LEU B 101 2.28 2.76 23.35
N ARG B 102 1.19 3.49 23.10
CA ARG B 102 -0.02 3.32 23.93
C ARG B 102 -0.82 2.07 23.57
N SER B 103 -0.68 1.56 22.34
CA SER B 103 -1.43 0.36 21.92
C SER B 103 -0.83 -0.94 22.49
N LEU B 104 0.50 -1.10 22.38
CA LEU B 104 1.16 -2.33 22.87
C LEU B 104 1.16 -2.47 24.41
N SER B 105 1.36 -1.36 25.13
CA SER B 105 1.42 -1.40 26.60
C SER B 105 0.07 -1.00 27.23
N LEU B 106 -0.50 0.11 26.76
CA LEU B 106 -1.78 0.63 27.27
C LEU B 106 -1.58 1.26 28.65
N PHE B 107 -2.43 2.21 29.02
CA PHE B 107 -2.33 2.91 30.31
C PHE B 107 -2.46 1.91 31.47
N SER B 108 -1.31 1.49 32.03
CA SER B 108 -1.28 0.54 33.16
C SER B 108 0.15 0.09 33.47
N TYR B 109 0.86 -0.35 32.43
CA TYR B 109 2.23 -0.86 32.58
C TYR B 109 2.16 -2.13 33.41
N HIS B 110 3.02 -3.10 33.07
CA HIS B 110 2.96 -4.48 33.64
C HIS B 110 1.92 -5.26 32.76
N ARG B 111 0.98 -4.48 32.20
CA ARG B 111 -0.07 -4.88 31.28
C ARG B 111 0.52 -5.33 29.92
N LEU B 112 1.70 -4.81 29.56
CA LEU B 112 2.27 -5.07 28.23
C LEU B 112 2.41 -6.58 27.98
N ARG B 113 2.65 -7.36 29.03
CA ARG B 113 2.68 -8.81 28.87
C ARG B 113 1.25 -9.29 28.59
N ASP B 114 0.29 -8.65 29.28
CA ASP B 114 -1.11 -8.96 29.11
C ASP B 114 -1.63 -8.53 27.72
N LEU B 115 -1.12 -7.41 27.16
CA LEU B 115 -1.59 -6.94 25.86
C LEU B 115 -1.35 -8.04 24.82
N LEU B 116 -0.21 -8.72 24.92
CA LEU B 116 0.12 -9.80 23.99
C LEU B 116 -0.90 -10.94 24.16
N LEU B 117 -1.32 -11.18 25.41
CA LEU B 117 -2.28 -12.24 25.70
C LEU B 117 -3.68 -11.93 25.16
N ILE B 118 -4.08 -10.64 25.19
CA ILE B 118 -5.42 -10.28 24.70
C ILE B 118 -5.55 -10.61 23.22
N VAL B 119 -4.48 -10.42 22.42
CA VAL B 119 -4.54 -10.70 20.99
C VAL B 119 -5.00 -12.15 20.80
N THR B 120 -4.41 -13.08 21.55
CA THR B 120 -4.82 -14.48 21.49
C THR B 120 -6.27 -14.61 21.98
N ARG B 121 -6.61 -13.83 23.00
CA ARG B 121 -7.93 -13.85 23.60
C ARG B 121 -9.04 -13.42 22.62
N ILE B 122 -8.75 -12.42 21.78
CA ILE B 122 -9.74 -11.93 20.82
C ILE B 122 -10.03 -13.03 19.79
N VAL B 123 -8.98 -13.76 19.37
CA VAL B 123 -9.16 -14.84 18.39
C VAL B 123 -10.00 -15.96 19.01
N GLU B 124 -9.70 -16.31 20.27
CA GLU B 124 -10.45 -17.36 20.96
C GLU B 124 -11.92 -16.98 21.10
N LEU B 125 -12.16 -15.72 21.49
CA LEU B 125 -13.52 -15.20 21.66
C LEU B 125 -14.27 -15.17 20.33
N LEU B 126 -13.65 -14.58 19.32
CA LEU B 126 -14.24 -14.45 17.98
C LEU B 126 -14.23 -15.75 17.18
N GLY B 127 -13.49 -16.76 17.66
CA GLY B 127 -13.39 -18.04 16.93
C GLY B 127 -14.77 -18.70 16.78
N ARG B 128 -15.64 -18.50 17.78
CA ARG B 128 -17.00 -19.07 17.73
C ARG B 128 -17.89 -18.26 16.76
N ARG B 129 -17.67 -16.94 16.71
CA ARG B 129 -18.44 -16.05 15.83
C ARG B 129 -17.93 -16.07 14.38
N GLY B 130 -16.71 -16.59 14.17
CA GLY B 130 -16.09 -16.65 12.85
C GLY B 130 -16.96 -17.35 11.80
N TRP B 131 -17.89 -18.21 12.25
CA TRP B 131 -18.75 -18.97 11.34
C TRP B 131 -19.58 -18.10 10.38
N GLU B 132 -19.68 -16.79 10.65
CA GLU B 132 -20.47 -15.93 9.76
C GLU B 132 -20.00 -16.12 8.27
N ALA B 133 -18.88 -16.83 8.05
CA ALA B 133 -18.44 -17.18 6.72
C ALA B 133 -19.58 -17.92 6.01
N LEU B 134 -20.12 -18.92 6.74
CA LEU B 134 -21.20 -19.75 6.24
C LEU B 134 -22.53 -18.99 6.05
N LYS B 135 -22.89 -18.06 6.97
CA LYS B 135 -24.21 -17.37 6.81
C LYS B 135 -24.28 -16.67 5.46
N TYR B 136 -23.18 -16.03 5.07
CA TYR B 136 -23.15 -15.30 3.82
C TYR B 136 -23.13 -16.24 2.61
N TRP B 137 -22.48 -17.39 2.75
CA TRP B 137 -22.38 -18.35 1.64
C TRP B 137 -23.72 -19.00 1.26
N TRP B 138 -24.49 -19.49 2.24
CA TRP B 138 -25.80 -20.11 1.90
C TRP B 138 -26.72 -19.03 1.29
N ASN B 139 -26.70 -17.83 1.89
CA ASN B 139 -27.52 -16.71 1.41
C ASN B 139 -27.02 -16.25 0.03
N LEU B 140 -25.70 -16.29 -0.17
CA LEU B 140 -25.08 -15.87 -1.42
C LEU B 140 -25.62 -16.70 -2.61
N LEU B 141 -25.59 -18.02 -2.51
CA LEU B 141 -26.10 -18.83 -3.62
C LEU B 141 -27.62 -18.66 -3.79
N GLN B 142 -28.32 -18.43 -2.68
CA GLN B 142 -29.78 -18.25 -2.69
C GLN B 142 -30.26 -17.08 -3.58
N TYR B 143 -29.65 -15.89 -3.49
CA TYR B 143 -30.10 -14.77 -4.28
C TYR B 143 -29.70 -14.97 -5.76
N TRP B 144 -28.55 -15.62 -5.99
CA TRP B 144 -28.08 -15.85 -7.34
C TRP B 144 -29.09 -16.76 -8.04
N SER B 145 -29.62 -17.73 -7.29
CA SER B 145 -30.65 -18.63 -7.81
C SER B 145 -31.83 -17.78 -8.31
N GLN B 146 -32.13 -16.70 -7.57
CA GLN B 146 -33.22 -15.80 -7.93
C GLN B 146 -33.01 -15.14 -9.31
N GLU B 147 -31.79 -14.67 -9.65
CA GLU B 147 -31.57 -14.03 -10.96
C GLU B 147 -31.87 -15.02 -12.09
N LEU B 148 -31.43 -16.28 -11.93
CA LEU B 148 -31.61 -17.30 -12.97
C LEU B 148 -33.07 -17.75 -13.12
N LYS B 149 -33.75 -18.01 -12.00
CA LYS B 149 -35.14 -18.47 -12.06
C LYS B 149 -36.08 -17.39 -12.58
N ASN B 150 -35.97 -16.17 -12.03
CA ASN B 150 -36.84 -15.06 -12.41
C ASN B 150 -36.66 -14.68 -13.87
N SER B 151 -35.42 -14.69 -14.36
CA SER B 151 -35.14 -14.34 -15.75
C SER B 151 -35.81 -15.37 -16.68
N ALA B 152 -35.63 -16.65 -16.35
CA ALA B 152 -36.20 -17.74 -17.13
C ALA B 152 -37.74 -17.74 -17.05
N VAL B 153 -38.29 -17.42 -15.87
CA VAL B 153 -39.74 -17.41 -15.68
C VAL B 153 -40.41 -16.42 -16.64
N SER B 154 -39.87 -15.21 -16.75
CA SER B 154 -40.47 -14.20 -17.63
C SER B 154 -40.38 -14.60 -19.10
N LEU B 155 -39.17 -14.87 -19.59
CA LEU B 155 -38.96 -15.23 -20.98
C LEU B 155 -39.57 -16.59 -21.34
N LEU B 156 -39.28 -17.64 -20.56
CA LEU B 156 -39.78 -18.99 -20.86
C LEU B 156 -41.31 -19.07 -20.76
N ASN B 157 -41.92 -18.47 -19.73
CA ASN B 157 -43.38 -18.53 -19.57
C ASN B 157 -44.08 -17.90 -20.77
N ALA B 158 -43.58 -16.75 -21.23
CA ALA B 158 -44.20 -16.05 -22.36
C ALA B 158 -44.01 -16.80 -23.68
N THR B 159 -42.80 -17.30 -23.92
CA THR B 159 -42.49 -18.06 -25.14
C THR B 159 -43.13 -19.45 -25.12
N ALA B 160 -43.32 -19.99 -23.93
CA ALA B 160 -43.86 -21.34 -23.75
C ALA B 160 -45.31 -21.47 -24.25
N ILE B 161 -46.14 -20.48 -23.98
CA ILE B 161 -47.56 -20.51 -24.37
C ILE B 161 -47.75 -20.70 -25.88
N ALA B 162 -46.79 -20.25 -26.71
CA ALA B 162 -46.90 -20.40 -28.16
C ALA B 162 -47.22 -21.85 -28.56
N VAL B 163 -48.51 -22.20 -28.54
CA VAL B 163 -49.01 -23.55 -28.86
C VAL B 163 -50.51 -23.59 -28.52
N GLY B 164 -51.15 -24.78 -28.63
CA GLY B 164 -52.58 -24.90 -28.33
C GLY B 164 -52.86 -25.30 -26.87
N GLU B 165 -51.85 -25.85 -26.18
CA GLU B 165 -52.03 -26.28 -24.78
C GLU B 165 -51.53 -25.23 -23.78
N GLY B 166 -51.77 -25.48 -22.49
CA GLY B 166 -51.34 -24.56 -21.42
C GLY B 166 -49.90 -24.84 -21.01
N THR B 167 -48.97 -24.30 -21.78
CA THR B 167 -47.53 -24.45 -21.53
C THR B 167 -47.10 -23.70 -20.26
N ASP B 168 -47.73 -22.55 -20.01
CA ASP B 168 -47.37 -21.70 -18.88
C ASP B 168 -47.51 -22.44 -17.54
N ARG B 169 -48.38 -23.45 -17.49
CA ARG B 169 -48.57 -24.22 -16.27
C ARG B 169 -47.31 -25.02 -15.91
N VAL B 170 -46.77 -25.77 -16.87
CA VAL B 170 -45.58 -26.61 -16.63
C VAL B 170 -44.30 -25.78 -16.35
N ILE B 171 -44.13 -24.63 -17.00
CA ILE B 171 -42.91 -23.81 -16.79
C ILE B 171 -42.91 -23.21 -15.36
N GLU B 172 -44.04 -22.61 -14.98
CA GLU B 172 -44.17 -21.99 -13.66
C GLU B 172 -44.10 -23.03 -12.52
N VAL B 173 -44.60 -24.26 -12.79
CA VAL B 173 -44.56 -25.33 -11.78
C VAL B 173 -43.10 -25.71 -11.47
N VAL B 174 -42.27 -25.82 -12.51
CA VAL B 174 -40.86 -26.17 -12.34
C VAL B 174 -40.20 -25.15 -11.39
N GLN B 175 -40.47 -23.87 -11.64
CA GLN B 175 -39.93 -22.78 -10.82
C GLN B 175 -40.40 -22.92 -9.37
N GLY B 176 -41.69 -23.15 -9.20
CA GLY B 176 -42.28 -23.26 -7.87
C GLY B 176 -41.75 -24.46 -7.08
N ALA B 177 -41.58 -25.61 -7.72
CA ALA B 177 -41.16 -26.82 -7.00
C ALA B 177 -39.71 -26.77 -6.47
N SER B 178 -38.74 -26.37 -7.31
CA SER B 178 -37.32 -26.34 -6.86
C SER B 178 -36.99 -25.18 -5.90
N ARG B 179 -37.42 -23.96 -6.25
CA ARG B 179 -37.12 -22.78 -5.42
C ARG B 179 -37.91 -22.81 -4.13
N ALA B 180 -39.21 -22.97 -4.27
CA ALA B 180 -40.11 -22.99 -3.10
C ALA B 180 -39.76 -24.13 -2.14
N ILE B 181 -39.28 -25.30 -2.65
CA ILE B 181 -38.93 -26.40 -1.75
C ILE B 181 -37.70 -26.03 -0.91
N ARG B 182 -36.75 -25.29 -1.53
CA ARG B 182 -35.53 -24.87 -0.81
C ARG B 182 -35.82 -23.68 0.12
N HIS B 183 -36.88 -22.91 -0.19
CA HIS B 183 -37.31 -21.72 0.60
C HIS B 183 -36.33 -21.28 1.71
N ILE B 184 -36.37 -21.94 2.87
CA ILE B 184 -35.50 -21.60 4.01
C ILE B 184 -35.71 -22.62 5.17
N PRO B 185 -34.86 -23.64 5.31
CA PRO B 185 -35.03 -24.66 6.42
C PRO B 185 -34.76 -24.05 7.79
N ARG B 186 -34.71 -24.91 8.82
CA ARG B 186 -34.47 -24.48 10.20
C ARG B 186 -33.29 -23.50 10.28
N ARG B 187 -33.26 -22.66 11.31
CA ARG B 187 -32.20 -21.65 11.49
C ARG B 187 -30.82 -22.24 11.19
N ILE B 188 -30.19 -21.72 10.15
CA ILE B 188 -28.85 -22.19 9.73
C ILE B 188 -27.78 -21.77 10.75
N ARG B 189 -27.81 -20.50 11.16
CA ARG B 189 -26.85 -19.98 12.12
C ARG B 189 -27.02 -20.60 13.50
N GLN B 190 -28.25 -20.65 14.00
CA GLN B 190 -28.53 -21.18 15.34
C GLN B 190 -28.28 -22.70 15.45
N GLY B 191 -28.94 -23.48 14.60
CA GLY B 191 -28.84 -24.94 14.66
C GLY B 191 -27.47 -25.49 14.24
N LEU B 192 -26.90 -25.00 13.14
CA LEU B 192 -25.62 -25.51 12.63
C LEU B 192 -24.43 -25.03 13.48
N GLU B 193 -24.46 -23.77 13.95
CA GLU B 193 -23.35 -23.24 14.76
C GLU B 193 -23.28 -23.93 16.13
N ARG B 194 -24.45 -24.13 16.75
CA ARG B 194 -24.51 -24.78 18.06
C ARG B 194 -24.09 -26.25 17.96
N ILE B 195 -24.50 -26.91 16.87
CA ILE B 195 -24.17 -28.32 16.65
C ILE B 195 -22.71 -28.48 16.18
N LEU B 196 -22.22 -27.50 15.40
CA LEU B 196 -20.85 -27.55 14.88
C LEU B 196 -19.84 -26.94 15.88
N LEU B 197 -20.34 -26.30 16.94
CA LEU B 197 -19.48 -25.68 17.95
C LEU B 197 -18.53 -24.66 17.31
N LEU C 1 38.61 -15.73 -16.21
CA LEU C 1 37.36 -16.17 -16.92
C LEU C 1 36.50 -17.00 -15.93
N LEU C 2 36.73 -18.32 -15.84
CA LEU C 2 35.98 -19.19 -14.91
C LEU C 2 36.76 -20.50 -14.67
N GLU C 3 37.01 -21.26 -15.74
CA GLU C 3 37.77 -22.51 -15.66
C GLU C 3 37.01 -23.59 -14.88
N LEU C 4 37.05 -24.82 -15.40
CA LEU C 4 36.37 -25.95 -14.77
C LEU C 4 37.07 -26.38 -13.45
N ASP C 5 38.31 -25.93 -13.25
CA ASP C 5 39.06 -26.27 -12.04
C ASP C 5 38.67 -25.33 -10.89
N LYS C 6 38.32 -24.09 -11.24
CA LYS C 6 37.92 -23.10 -10.25
C LYS C 6 36.52 -23.43 -9.72
N TRP C 7 35.62 -23.82 -10.63
CA TRP C 7 34.24 -24.19 -10.25
C TRP C 7 34.29 -25.29 -9.20
N ALA C 8 35.12 -26.29 -9.47
CA ALA C 8 35.29 -27.42 -8.56
C ALA C 8 35.85 -26.98 -7.21
N SER C 9 36.74 -25.99 -7.23
CA SER C 9 37.36 -25.48 -6.01
C SER C 9 36.32 -24.84 -5.09
N LEU C 10 35.20 -24.35 -5.66
CA LEU C 10 34.15 -23.72 -4.85
C LEU C 10 33.45 -24.76 -3.96
N TRP C 11 33.42 -26.02 -4.41
CA TRP C 11 32.77 -27.09 -3.65
C TRP C 11 33.42 -27.24 -2.27
N ASN C 12 34.70 -26.87 -2.16
CA ASN C 12 35.43 -26.96 -0.90
C ASN C 12 35.06 -25.79 0.04
N TRP C 13 34.60 -24.67 -0.55
CA TRP C 13 34.22 -23.50 0.24
C TRP C 13 32.99 -23.83 1.09
N PHE C 14 31.94 -24.36 0.44
CA PHE C 14 30.69 -24.74 1.12
C PHE C 14 29.84 -23.52 1.54
N ASP C 15 30.49 -22.44 2.01
CA ASP C 15 29.77 -21.25 2.47
C ASP C 15 28.99 -20.59 1.31
N ILE C 16 29.70 -19.99 0.35
CA ILE C 16 29.05 -19.33 -0.80
C ILE C 16 28.37 -20.35 -1.72
N THR C 17 29.05 -21.44 -2.02
CA THR C 17 28.50 -22.46 -2.93
C THR C 17 27.12 -22.92 -2.48
N ASN C 18 26.91 -23.01 -1.16
CA ASN C 18 25.61 -23.46 -0.64
C ASN C 18 24.49 -22.52 -1.07
N TRP C 19 24.65 -21.20 -0.86
CA TRP C 19 23.62 -20.26 -1.28
C TRP C 19 23.50 -20.21 -2.82
N LEU C 20 24.62 -20.20 -3.53
CA LEU C 20 24.63 -20.10 -5.00
C LEU C 20 23.82 -21.21 -5.68
N TRP C 21 23.93 -22.45 -5.19
CA TRP C 21 23.21 -23.57 -5.80
C TRP C 21 21.78 -23.73 -5.23
N TYR C 22 21.40 -22.87 -4.26
CA TYR C 22 20.08 -22.96 -3.64
C TYR C 22 19.28 -21.63 -3.78
N ILE C 23 20.00 -20.55 -4.07
CA ILE C 23 19.41 -19.22 -4.26
C ILE C 23 18.59 -19.20 -5.56
N ARG C 24 19.07 -19.90 -6.60
CA ARG C 24 18.38 -19.95 -7.91
C ARG C 24 16.90 -20.36 -7.76
N ILE C 25 16.63 -21.43 -7.00
CA ILE C 25 15.25 -21.88 -6.76
C ILE C 25 14.51 -20.79 -5.96
N PHE C 26 15.23 -20.16 -5.04
CA PHE C 26 14.70 -19.10 -4.19
C PHE C 26 14.19 -17.93 -5.05
N ILE C 27 14.77 -17.74 -6.24
CA ILE C 27 14.38 -16.63 -7.11
C ILE C 27 12.89 -16.74 -7.46
N ILE C 28 12.47 -17.90 -7.96
CA ILE C 28 11.05 -18.11 -8.30
C ILE C 28 10.20 -17.81 -7.06
N ILE C 29 10.70 -18.22 -5.88
CA ILE C 29 10.01 -17.97 -4.62
C ILE C 29 9.89 -16.45 -4.41
N VAL C 30 10.93 -15.69 -4.79
CA VAL C 30 10.88 -14.22 -4.69
C VAL C 30 9.72 -13.73 -5.57
N GLY C 31 9.62 -14.30 -6.78
CA GLY C 31 8.53 -13.98 -7.71
C GLY C 31 7.19 -14.25 -7.02
N SER C 32 7.14 -15.35 -6.25
CA SER C 32 5.94 -15.70 -5.51
C SER C 32 5.70 -14.65 -4.40
N LEU C 33 6.80 -14.20 -3.78
CA LEU C 33 6.74 -13.22 -2.71
C LEU C 33 6.10 -11.92 -3.21
N ILE C 34 6.52 -11.46 -4.39
CA ILE C 34 5.97 -10.23 -4.97
C ILE C 34 4.44 -10.33 -5.16
N GLY C 35 3.91 -11.47 -5.60
CA GLY C 35 2.44 -11.60 -5.76
C GLY C 35 1.76 -11.49 -4.38
N LEU C 36 2.47 -11.94 -3.35
CA LEU C 36 2.03 -11.88 -1.95
C LEU C 36 1.66 -10.44 -1.54
N ARG C 37 2.41 -9.49 -2.07
CA ARG C 37 2.27 -8.06 -1.78
C ARG C 37 0.83 -7.55 -2.00
N ILE C 38 0.07 -8.16 -2.92
CA ILE C 38 -1.28 -7.66 -3.20
C ILE C 38 -2.16 -7.70 -1.91
N VAL C 39 -1.99 -8.74 -1.07
CA VAL C 39 -2.76 -8.81 0.19
C VAL C 39 -2.32 -7.70 1.15
N PHE C 40 -1.04 -7.31 1.05
CA PHE C 40 -0.48 -6.24 1.88
C PHE C 40 -1.31 -4.97 1.72
N ALA C 41 -1.95 -4.81 0.57
CA ALA C 41 -2.76 -3.62 0.32
C ALA C 41 -3.81 -3.47 1.42
N VAL C 42 -4.38 -4.60 1.92
CA VAL C 42 -5.35 -4.52 3.04
C VAL C 42 -4.63 -3.93 4.29
N LEU C 43 -3.35 -4.30 4.48
CA LEU C 43 -2.52 -3.81 5.60
C LEU C 43 -2.53 -2.28 5.62
N SER C 44 -2.54 -1.66 4.42
CA SER C 44 -2.53 -0.20 4.34
C SER C 44 -3.78 0.38 5.01
N LEU C 45 -4.90 -0.34 4.91
CA LEU C 45 -6.14 0.06 5.55
C LEU C 45 -5.95 0.01 7.08
N VAL C 46 -5.26 -1.03 7.52
CA VAL C 46 -4.93 -1.22 8.94
C VAL C 46 -3.98 -0.07 9.37
N ASN C 47 -3.09 0.30 8.44
CA ASN C 47 -2.11 1.37 8.65
C ASN C 47 -2.81 2.72 8.92
N ARG C 48 -3.81 3.07 8.11
CA ARG C 48 -4.53 4.35 8.29
C ARG C 48 -5.26 4.39 9.63
N VAL C 49 -5.73 3.23 10.07
CA VAL C 49 -6.45 3.14 11.34
C VAL C 49 -5.45 3.27 12.49
N ARG C 50 -4.32 2.56 12.38
CA ARG C 50 -3.29 2.60 13.44
C ARG C 50 -2.48 3.91 13.48
N GLN C 51 -2.53 4.69 12.39
CA GLN C 51 -1.75 5.94 12.30
C GLN C 51 -2.60 7.19 12.59
N GLY C 52 -3.85 7.00 13.03
CA GLY C 52 -4.75 8.11 13.33
C GLY C 52 -5.56 8.57 12.11
N TYR C 53 -4.96 9.46 11.29
CA TYR C 53 -5.66 9.99 10.09
C TYR C 53 -4.63 10.55 9.08
N SER C 54 -3.97 11.65 9.45
CA SER C 54 -2.97 12.27 8.59
C SER C 54 -1.73 11.38 8.56
N PRO C 55 -0.86 11.49 7.55
CA PRO C 55 0.39 10.67 7.39
C PRO C 55 0.90 10.03 8.71
N LEU C 56 2.10 10.38 9.23
CA LEU C 56 2.58 9.78 10.48
C LEU C 56 2.56 10.79 11.63
N SER C 57 2.55 12.10 11.32
CA SER C 57 2.55 13.13 12.36
C SER C 57 1.10 13.33 12.90
N GLU C 80 -4.57 3.74 19.49
CA GLU C 80 -4.64 2.92 20.72
C GLU C 80 -5.60 1.74 20.55
N ARG C 81 -6.87 2.07 20.45
CA ARG C 81 -7.94 1.08 20.27
C ARG C 81 -7.71 0.24 18.99
N ASP C 82 -6.98 0.82 18.05
CA ASP C 82 -6.72 0.21 16.75
C ASP C 82 -6.12 -1.20 16.86
N ARG C 83 -5.59 -1.60 18.04
CA ARG C 83 -5.01 -2.94 18.15
C ARG C 83 -6.10 -3.99 18.17
N ASP C 84 -7.14 -3.76 18.97
CA ASP C 84 -8.26 -4.70 19.02
C ASP C 84 -9.07 -4.63 17.72
N ARG C 85 -9.21 -3.42 17.16
CA ARG C 85 -9.94 -3.25 15.91
C ARG C 85 -9.15 -3.82 14.73
N SER C 86 -7.83 -3.64 14.74
CA SER C 86 -7.02 -4.17 13.64
C SER C 86 -7.07 -5.70 13.70
N ILE C 87 -7.04 -6.27 14.93
CA ILE C 87 -7.16 -7.74 15.08
C ILE C 87 -8.50 -8.17 14.47
N ARG C 88 -9.53 -7.32 14.57
CA ARG C 88 -10.82 -7.69 14.05
C ARG C 88 -10.74 -7.98 12.54
N LEU C 89 -9.64 -7.56 11.89
CA LEU C 89 -9.48 -7.86 10.47
C LEU C 89 -9.54 -9.40 10.25
N VAL C 90 -9.24 -10.19 11.31
CA VAL C 90 -9.30 -11.66 11.21
C VAL C 90 -10.71 -12.11 10.80
N ASN C 91 -11.71 -11.66 11.57
CA ASN C 91 -13.12 -11.98 11.27
C ASN C 91 -13.55 -11.42 9.92
N GLY C 92 -12.73 -10.57 9.32
CA GLY C 92 -13.04 -9.91 8.07
C GLY C 92 -13.44 -10.89 6.94
N SER C 93 -13.09 -12.16 7.08
CA SER C 93 -13.42 -13.16 6.05
C SER C 93 -14.94 -13.23 5.79
N LEU C 94 -15.74 -13.28 6.85
CA LEU C 94 -17.21 -13.34 6.70
C LEU C 94 -17.74 -12.02 6.12
N ALA C 95 -17.29 -10.90 6.70
CA ALA C 95 -17.67 -9.56 6.23
C ALA C 95 -17.25 -9.36 4.78
N LEU C 96 -16.15 -9.99 4.38
CA LEU C 96 -15.58 -9.81 3.06
C LEU C 96 -16.56 -10.11 1.94
N ILE C 97 -17.58 -10.99 2.09
CA ILE C 97 -18.47 -11.16 0.96
C ILE C 97 -19.43 -9.95 0.85
N TRP C 98 -19.80 -9.36 2.00
CA TRP C 98 -20.77 -8.25 2.03
C TRP C 98 -20.36 -7.02 1.19
N ASP C 99 -19.10 -6.54 1.28
CA ASP C 99 -18.72 -5.37 0.46
C ASP C 99 -18.86 -5.74 -1.03
N ASP C 100 -18.54 -7.00 -1.34
CA ASP C 100 -18.61 -7.53 -2.71
C ASP C 100 -20.05 -7.71 -3.26
N LEU C 101 -20.98 -8.27 -2.45
CA LEU C 101 -22.35 -8.53 -2.97
C LEU C 101 -23.09 -7.27 -3.40
N ARG C 102 -23.07 -6.22 -2.57
CA ARG C 102 -23.78 -4.99 -2.90
C ARG C 102 -23.19 -4.32 -4.13
N SER C 103 -21.87 -4.43 -4.30
CA SER C 103 -21.20 -3.79 -5.44
C SER C 103 -21.44 -4.59 -6.72
N LEU C 104 -21.28 -5.89 -6.62
CA LEU C 104 -21.42 -6.81 -7.75
C LEU C 104 -22.87 -6.93 -8.27
N SER C 105 -23.81 -7.28 -7.38
CA SER C 105 -25.20 -7.49 -7.80
C SER C 105 -26.14 -6.30 -7.52
N LEU C 106 -25.69 -5.32 -6.74
CA LEU C 106 -26.51 -4.13 -6.40
C LEU C 106 -27.77 -4.54 -5.60
N PHE C 107 -28.36 -3.55 -4.92
CA PHE C 107 -29.54 -3.75 -4.06
C PHE C 107 -30.53 -4.82 -4.59
N SER C 108 -31.31 -4.48 -5.63
CA SER C 108 -32.28 -5.42 -6.19
C SER C 108 -31.55 -6.51 -6.98
N TYR C 109 -32.01 -7.78 -6.87
CA TYR C 109 -31.34 -8.86 -7.60
C TYR C 109 -31.97 -9.05 -8.98
N HIS C 110 -31.19 -8.61 -9.96
CA HIS C 110 -31.49 -8.61 -11.40
C HIS C 110 -30.44 -7.67 -12.03
N ARG C 111 -30.15 -6.61 -11.25
CA ARG C 111 -29.15 -5.62 -11.57
C ARG C 111 -27.79 -6.27 -11.82
N LEU C 112 -27.54 -7.45 -11.20
CA LEU C 112 -26.23 -8.11 -11.33
C LEU C 112 -25.93 -8.38 -12.81
N ARG C 113 -26.94 -8.69 -13.62
CA ARG C 113 -26.75 -8.82 -15.06
C ARG C 113 -26.48 -7.42 -15.61
N ASP C 114 -27.17 -6.44 -15.04
CA ASP C 114 -27.02 -5.03 -15.37
C ASP C 114 -25.58 -4.57 -15.07
N LEU C 115 -24.94 -5.15 -14.03
CA LEU C 115 -23.59 -4.76 -13.65
C LEU C 115 -22.67 -4.90 -14.86
N LEU C 116 -22.87 -5.95 -15.65
CA LEU C 116 -22.09 -6.15 -16.86
C LEU C 116 -22.40 -5.06 -17.89
N LEU C 117 -23.66 -4.63 -17.95
CA LEU C 117 -24.09 -3.60 -18.89
C LEU C 117 -23.61 -2.20 -18.49
N ILE C 118 -23.79 -1.84 -17.21
CA ILE C 118 -23.38 -0.52 -16.74
C ILE C 118 -21.90 -0.25 -17.01
N VAL C 119 -21.02 -1.27 -16.92
CA VAL C 119 -19.59 -1.00 -17.15
C VAL C 119 -19.40 -0.30 -18.50
N THR C 120 -20.16 -0.71 -19.54
CA THR C 120 -20.04 -0.03 -20.83
C THR C 120 -20.50 1.45 -20.68
N ARG C 121 -21.51 1.69 -19.83
CA ARG C 121 -22.05 3.04 -19.59
C ARG C 121 -20.98 3.96 -18.99
N ILE C 122 -20.31 3.49 -17.93
CA ILE C 122 -19.29 4.26 -17.25
C ILE C 122 -18.17 4.67 -18.23
N VAL C 123 -17.68 3.70 -19.03
CA VAL C 123 -16.62 4.00 -19.99
C VAL C 123 -17.09 5.02 -21.03
N GLU C 124 -18.37 4.92 -21.44
CA GLU C 124 -18.94 5.85 -22.42
C GLU C 124 -19.05 7.26 -21.81
N LEU C 125 -19.52 7.30 -20.56
CA LEU C 125 -19.69 8.55 -19.84
C LEU C 125 -18.33 9.23 -19.61
N LEU C 126 -17.35 8.41 -19.23
CA LEU C 126 -16.00 8.90 -18.94
C LEU C 126 -15.31 9.45 -20.20
N GLY C 127 -15.61 8.89 -21.36
CA GLY C 127 -14.98 9.33 -22.60
C GLY C 127 -15.26 10.80 -22.92
N ARG C 128 -16.45 11.30 -22.57
CA ARG C 128 -16.80 12.69 -22.85
C ARG C 128 -16.12 13.68 -21.89
N ARG C 129 -16.23 13.42 -20.58
CA ARG C 129 -15.63 14.29 -19.55
C ARG C 129 -14.13 13.99 -19.32
N GLY C 130 -13.69 12.83 -19.80
CA GLY C 130 -12.30 12.36 -19.62
C GLY C 130 -11.24 13.35 -20.12
N TRP C 131 -11.60 14.25 -21.04
CA TRP C 131 -10.60 15.17 -21.60
C TRP C 131 -10.11 16.24 -20.61
N GLU C 132 -10.80 16.43 -19.48
CA GLU C 132 -10.35 17.44 -18.52
C GLU C 132 -8.84 17.21 -18.14
N ALA C 133 -8.27 16.06 -18.56
CA ALA C 133 -6.86 15.75 -18.35
C ALA C 133 -6.02 16.89 -18.93
N LEU C 134 -6.29 17.21 -20.20
CA LEU C 134 -5.62 18.31 -20.88
C LEU C 134 -5.93 19.64 -20.19
N LYS C 135 -7.15 19.78 -19.63
CA LYS C 135 -7.55 21.07 -19.03
C LYS C 135 -6.54 21.54 -17.96
N TYR C 136 -6.13 20.69 -17.03
CA TYR C 136 -5.18 21.14 -16.02
C TYR C 136 -3.80 21.27 -16.66
N TRP C 137 -3.41 20.28 -17.44
CA TRP C 137 -2.10 20.30 -18.10
C TRP C 137 -1.92 21.59 -18.91
N TRP C 138 -3.02 22.15 -19.44
CA TRP C 138 -2.95 23.41 -20.17
C TRP C 138 -2.56 24.52 -19.19
N ASN C 139 -3.23 24.53 -18.03
CA ASN C 139 -2.97 25.53 -16.98
C ASN C 139 -1.58 25.35 -16.35
N LEU C 140 -1.22 24.09 -16.09
CA LEU C 140 0.05 23.73 -15.46
C LEU C 140 1.23 24.24 -16.32
N LEU C 141 1.22 23.95 -17.62
CA LEU C 141 2.27 24.41 -18.52
C LEU C 141 2.27 25.94 -18.59
N GLN C 142 1.08 26.54 -18.48
CA GLN C 142 0.92 27.99 -18.56
C GLN C 142 1.72 28.75 -17.49
N TYR C 143 1.65 28.32 -16.23
CA TYR C 143 2.36 29.00 -15.19
C TYR C 143 3.87 28.74 -15.28
N TRP C 144 4.26 27.53 -15.71
CA TRP C 144 5.70 27.21 -15.77
C TRP C 144 6.36 28.09 -16.81
N SER C 145 5.64 28.35 -17.91
CA SER C 145 6.14 29.28 -18.92
C SER C 145 6.37 30.63 -18.23
N GLN C 146 5.46 30.96 -17.30
CA GLN C 146 5.55 32.20 -16.53
C GLN C 146 6.78 32.24 -15.60
N GLU C 147 7.08 31.13 -14.88
CA GLU C 147 8.23 31.15 -13.96
C GLU C 147 9.52 31.44 -14.74
N LEU C 148 9.63 30.90 -15.97
CA LEU C 148 10.81 31.13 -16.80
C LEU C 148 10.90 32.61 -17.18
N LYS C 149 9.76 33.19 -17.55
CA LYS C 149 9.71 34.61 -17.92
C LYS C 149 10.04 35.48 -16.71
N ASN C 150 9.57 35.08 -15.53
CA ASN C 150 9.83 35.83 -14.30
C ASN C 150 11.31 35.86 -13.97
N SER C 151 11.99 34.71 -14.14
CA SER C 151 13.41 34.61 -13.87
C SER C 151 14.21 35.45 -14.87
N ALA C 152 13.85 35.35 -16.16
CA ALA C 152 14.52 36.11 -17.22
C ALA C 152 14.30 37.61 -17.07
N VAL C 153 13.05 37.99 -16.77
CA VAL C 153 12.69 39.40 -16.61
C VAL C 153 13.61 40.05 -15.54
N SER C 154 13.78 39.38 -14.41
CA SER C 154 14.62 39.91 -13.34
C SER C 154 16.08 40.10 -13.77
N LEU C 155 16.69 39.04 -14.30
CA LEU C 155 18.10 39.07 -14.71
C LEU C 155 18.35 39.95 -15.94
N LEU C 156 17.60 39.72 -17.04
CA LEU C 156 17.82 40.46 -18.29
C LEU C 156 17.55 41.97 -18.15
N ASN C 157 16.45 42.37 -17.48
CA ASN C 157 16.16 43.79 -17.31
C ASN C 157 17.25 44.45 -16.47
N ALA C 158 17.66 43.75 -15.41
CA ALA C 158 18.68 44.26 -14.49
C ALA C 158 20.03 44.42 -15.17
N THR C 159 20.42 43.42 -15.96
CA THR C 159 21.70 43.45 -16.69
C THR C 159 21.62 44.44 -17.86
N ALA C 160 20.44 44.57 -18.45
CA ALA C 160 20.22 45.44 -19.60
C ALA C 160 20.36 46.93 -19.24
N ILE C 161 19.90 47.33 -18.05
CA ILE C 161 19.96 48.73 -17.62
C ILE C 161 21.41 49.25 -17.67
N ALA C 162 22.39 48.35 -17.48
CA ALA C 162 23.81 48.72 -17.50
C ALA C 162 24.16 49.66 -18.68
N VAL C 163 23.34 49.66 -19.74
CA VAL C 163 23.60 50.53 -20.90
C VAL C 163 22.51 51.60 -21.08
N GLY C 164 22.90 52.88 -20.94
CA GLY C 164 21.98 54.02 -21.09
C GLY C 164 20.58 53.75 -20.54
N GLU C 165 19.57 54.23 -21.26
CA GLU C 165 18.17 54.06 -20.86
C GLU C 165 17.28 53.82 -22.09
N GLY C 166 16.36 52.86 -21.99
CA GLY C 166 15.46 52.53 -23.10
C GLY C 166 15.41 51.01 -23.33
N THR C 167 16.49 50.32 -22.97
CA THR C 167 16.61 48.88 -23.11
C THR C 167 15.48 48.15 -22.36
N ASP C 168 15.08 48.68 -21.20
CA ASP C 168 14.04 48.06 -20.38
C ASP C 168 12.72 47.94 -21.15
N ARG C 169 12.51 48.80 -22.13
CA ARG C 169 11.29 48.76 -22.94
C ARG C 169 11.30 47.48 -23.78
N VAL C 170 12.41 47.22 -24.48
CA VAL C 170 12.55 46.06 -25.35
C VAL C 170 12.57 44.73 -24.56
N ILE C 171 13.28 44.70 -23.43
CA ILE C 171 13.42 43.47 -22.63
C ILE C 171 12.04 42.96 -22.13
N GLU C 172 11.24 43.87 -21.55
CA GLU C 172 9.93 43.51 -20.99
C GLU C 172 8.88 43.20 -22.06
N VAL C 173 8.83 43.98 -23.13
CA VAL C 173 7.84 43.78 -24.20
C VAL C 173 8.06 42.45 -24.92
N VAL C 174 9.32 42.12 -25.23
CA VAL C 174 9.65 40.88 -25.94
C VAL C 174 9.29 39.64 -25.10
N GLN C 175 9.69 39.64 -23.82
CA GLN C 175 9.43 38.49 -22.94
C GLN C 175 7.93 38.32 -22.70
N GLY C 176 7.31 39.43 -22.34
CA GLY C 176 5.87 39.46 -22.06
C GLY C 176 5.06 39.13 -23.30
N ALA C 177 5.54 39.57 -24.47
CA ALA C 177 4.83 39.35 -25.73
C ALA C 177 4.76 37.86 -26.09
N SER C 178 5.89 37.14 -25.95
CA SER C 178 5.94 35.71 -26.31
C SER C 178 5.01 34.88 -25.42
N ARG C 179 5.06 35.11 -24.11
CA ARG C 179 4.23 34.36 -23.16
C ARG C 179 2.77 34.77 -23.31
N ALA C 180 2.55 36.04 -23.61
CA ALA C 180 1.20 36.59 -23.76
C ALA C 180 0.41 35.86 -24.86
N ILE C 181 1.02 35.68 -26.05
CA ILE C 181 0.34 35.02 -27.17
C ILE C 181 0.46 33.48 -27.12
N ARG C 182 1.37 32.95 -26.28
CA ARG C 182 1.57 31.51 -26.19
C ARG C 182 0.32 30.78 -25.68
N HIS C 183 -0.54 31.49 -24.94
CA HIS C 183 -1.77 30.88 -24.40
C HIS C 183 -2.64 31.93 -23.72
N ILE C 184 -3.95 31.63 -23.64
CA ILE C 184 -4.92 32.53 -22.99
C ILE C 184 -6.38 31.97 -23.00
N PRO C 185 -6.92 31.36 -24.07
CA PRO C 185 -8.33 30.83 -24.05
C PRO C 185 -8.62 29.99 -22.80
N ARG C 186 -9.87 29.98 -22.36
CA ARG C 186 -10.28 29.21 -21.17
C ARG C 186 -11.11 27.99 -21.57
N ARG C 187 -11.91 28.12 -22.63
CA ARG C 187 -12.76 27.02 -23.10
C ARG C 187 -11.97 26.15 -24.08
N ILE C 188 -10.73 25.83 -23.71
CA ILE C 188 -9.83 25.02 -24.54
C ILE C 188 -10.32 23.57 -24.67
N ARG C 189 -10.61 22.91 -23.54
CA ARG C 189 -11.09 21.53 -23.58
C ARG C 189 -12.48 21.45 -24.22
N GLN C 190 -13.32 22.45 -23.94
CA GLN C 190 -14.68 22.50 -24.48
C GLN C 190 -14.64 22.67 -26.00
N GLY C 191 -13.73 23.51 -26.49
CA GLY C 191 -13.60 23.74 -27.92
C GLY C 191 -13.17 22.46 -28.64
N LEU C 192 -12.19 21.76 -28.06
CA LEU C 192 -11.69 20.50 -28.63
C LEU C 192 -12.76 19.40 -28.54
N GLU C 193 -13.49 19.36 -27.41
CA GLU C 193 -14.52 18.34 -27.21
C GLU C 193 -15.73 18.55 -28.13
N ARG C 194 -16.16 19.82 -28.29
CA ARG C 194 -17.33 20.13 -29.11
C ARG C 194 -17.04 19.99 -30.61
N ILE C 195 -15.84 20.40 -31.06
CA ILE C 195 -15.49 20.30 -32.48
C ILE C 195 -15.29 18.83 -32.89
N LEU C 196 -14.80 17.98 -31.98
CA LEU C 196 -14.59 16.57 -32.28
C LEU C 196 -15.84 15.73 -31.95
N LEU C 197 -16.99 16.39 -31.76
CA LEU C 197 -18.24 15.68 -31.45
C LEU C 197 -19.43 16.36 -32.13
N LEU A 1 34.87 -32.17 -14.63
CA LEU A 1 33.43 -32.12 -14.20
C LEU A 1 32.71 -31.01 -14.96
N LEU A 2 31.43 -31.26 -15.32
CA LEU A 2 30.63 -30.28 -16.06
C LEU A 2 31.29 -29.99 -17.42
N GLU A 3 30.49 -29.50 -18.38
CA GLU A 3 31.01 -29.16 -19.73
C GLU A 3 29.85 -28.89 -20.70
N LEU A 4 30.21 -28.45 -21.90
CA LEU A 4 29.23 -28.15 -22.95
C LEU A 4 28.41 -29.40 -23.25
N ASP A 5 29.09 -30.53 -23.31
CA ASP A 5 28.44 -31.82 -23.57
C ASP A 5 27.49 -32.20 -22.43
N LYS A 6 27.77 -31.69 -21.23
CA LYS A 6 26.93 -31.97 -20.06
C LYS A 6 25.69 -31.06 -20.10
N TRP A 7 25.92 -29.77 -20.38
CA TRP A 7 24.84 -28.79 -20.46
C TRP A 7 23.80 -29.21 -21.49
N ALA A 8 24.28 -29.69 -22.63
CA ALA A 8 23.38 -30.10 -23.72
C ALA A 8 22.40 -31.18 -23.24
N SER A 9 22.81 -32.01 -22.28
CA SER A 9 21.93 -33.04 -21.73
C SER A 9 20.68 -32.35 -21.15
N LEU A 10 20.91 -31.24 -20.45
CA LEU A 10 19.86 -30.44 -19.85
C LEU A 10 19.05 -29.69 -20.94
N TRP A 11 19.71 -29.45 -22.08
CA TRP A 11 19.08 -28.74 -23.21
C TRP A 11 18.11 -29.64 -23.98
N ASN A 12 18.39 -30.94 -24.05
CA ASN A 12 17.50 -31.86 -24.78
C ASN A 12 16.11 -31.96 -24.12
N TRP A 13 15.94 -31.33 -22.94
CA TRP A 13 14.67 -31.34 -22.23
C TRP A 13 13.62 -30.57 -23.03
N PHE A 14 13.96 -29.33 -23.39
CA PHE A 14 13.08 -28.44 -24.19
C PHE A 14 11.85 -27.93 -23.40
N ASP A 15 11.46 -28.61 -22.31
CA ASP A 15 10.31 -28.17 -21.52
C ASP A 15 10.74 -27.20 -20.41
N ILE A 16 11.50 -27.71 -19.43
CA ILE A 16 11.96 -26.89 -18.31
C ILE A 16 13.00 -25.85 -18.79
N THR A 17 13.85 -26.26 -19.74
CA THR A 17 14.89 -25.39 -20.28
C THR A 17 14.32 -24.09 -20.85
N ASN A 18 13.10 -24.14 -21.39
CA ASN A 18 12.51 -22.95 -22.00
C ASN A 18 12.44 -21.79 -21.01
N TRP A 19 11.93 -22.04 -19.80
CA TRP A 19 11.88 -20.97 -18.78
C TRP A 19 13.31 -20.58 -18.39
N LEU A 20 14.18 -21.59 -18.23
CA LEU A 20 15.57 -21.37 -17.85
C LEU A 20 16.29 -20.44 -18.84
N TRP A 21 15.96 -20.56 -20.14
CA TRP A 21 16.60 -19.74 -21.16
C TRP A 21 16.05 -18.30 -21.20
N TYR A 22 15.10 -17.98 -20.30
CA TYR A 22 14.54 -16.62 -20.24
C TYR A 22 14.49 -16.10 -18.79
N ILE A 23 15.22 -16.77 -17.89
CA ILE A 23 15.25 -16.39 -16.47
C ILE A 23 15.78 -14.97 -16.31
N ARG A 24 16.90 -14.63 -16.98
CA ARG A 24 17.47 -13.27 -16.89
C ARG A 24 16.38 -12.26 -17.24
N ILE A 25 15.69 -12.54 -18.34
CA ILE A 25 14.59 -11.70 -18.81
C ILE A 25 13.42 -11.79 -17.81
N PHE A 26 13.32 -12.93 -17.11
CA PHE A 26 12.26 -13.17 -16.15
C PHE A 26 12.45 -12.31 -14.90
N ILE A 27 13.70 -12.11 -14.46
CA ILE A 27 13.96 -11.31 -13.25
C ILE A 27 13.44 -9.89 -13.45
N ILE A 28 13.86 -9.26 -14.55
CA ILE A 28 13.43 -7.89 -14.86
C ILE A 28 11.90 -7.82 -14.93
N ILE A 29 11.28 -8.87 -15.50
CA ILE A 29 9.82 -8.91 -15.62
C ILE A 29 9.19 -8.84 -14.22
N VAL A 30 9.73 -9.62 -13.28
CA VAL A 30 9.24 -9.63 -11.91
C VAL A 30 9.50 -8.26 -11.27
N GLY A 31 10.69 -7.70 -11.51
CA GLY A 31 11.06 -6.39 -10.98
C GLY A 31 10.02 -5.36 -11.44
N SER A 32 9.64 -5.43 -12.71
CA SER A 32 8.63 -4.55 -13.27
C SER A 32 7.28 -4.86 -12.63
N LEU A 33 7.03 -6.15 -12.40
CA LEU A 33 5.79 -6.62 -11.80
C LEU A 33 5.61 -6.01 -10.41
N ILE A 34 6.69 -5.96 -9.63
CA ILE A 34 6.63 -5.41 -8.27
C ILE A 34 6.36 -3.89 -8.32
N GLY A 35 7.00 -3.17 -9.28
CA GLY A 35 6.77 -1.73 -9.40
C GLY A 35 5.29 -1.48 -9.74
N LEU A 36 4.70 -2.41 -10.51
CA LEU A 36 3.28 -2.34 -10.89
C LEU A 36 2.40 -2.24 -9.63
N ARG A 37 2.81 -2.95 -8.59
CA ARG A 37 2.11 -3.03 -7.32
C ARG A 37 1.85 -1.66 -6.67
N ILE A 38 2.70 -0.67 -6.91
CA ILE A 38 2.55 0.63 -6.24
C ILE A 38 1.17 1.27 -6.54
N VAL A 39 0.66 1.11 -7.77
CA VAL A 39 -0.66 1.65 -8.12
C VAL A 39 -1.75 1.07 -7.20
N PHE A 40 -1.54 -0.17 -6.72
CA PHE A 40 -2.49 -0.81 -5.80
C PHE A 40 -2.72 0.07 -4.57
N ALA A 41 -1.72 0.88 -4.21
CA ALA A 41 -1.82 1.73 -3.02
C ALA A 41 -3.03 2.66 -3.17
N VAL A 42 -3.31 3.19 -4.38
CA VAL A 42 -4.52 4.03 -4.56
C VAL A 42 -5.76 3.11 -4.44
N LEU A 43 -5.62 1.87 -4.94
CA LEU A 43 -6.65 0.83 -4.88
C LEU A 43 -7.08 0.60 -3.43
N SER A 44 -6.13 0.70 -2.49
CA SER A 44 -6.42 0.44 -1.08
C SER A 44 -7.45 1.44 -0.56
N LEU A 45 -7.39 2.69 -1.01
CA LEU A 45 -8.36 3.68 -0.60
C LEU A 45 -9.73 3.27 -1.15
N VAL A 46 -9.74 2.78 -2.40
CA VAL A 46 -10.96 2.29 -3.04
C VAL A 46 -11.46 1.07 -2.24
N ASN A 47 -10.50 0.26 -1.77
CA ASN A 47 -10.81 -0.90 -0.94
C ASN A 47 -11.48 -0.45 0.35
N ARG A 48 -11.03 0.70 0.90
CA ARG A 48 -11.58 1.26 2.12
C ARG A 48 -13.03 1.63 1.89
N VAL A 49 -13.29 2.27 0.74
CA VAL A 49 -14.63 2.70 0.40
C VAL A 49 -15.55 1.49 0.34
N ARG A 50 -15.09 0.42 -0.30
CA ARG A 50 -15.90 -0.82 -0.36
C ARG A 50 -15.89 -1.56 0.99
N GLN A 51 -14.83 -1.33 1.80
CA GLN A 51 -14.67 -1.96 3.11
C GLN A 51 -15.38 -1.17 4.23
N GLY A 52 -16.15 -0.15 3.85
CA GLY A 52 -16.85 0.69 4.82
C GLY A 52 -16.01 1.89 5.30
N TYR A 53 -15.08 1.65 6.25
CA TYR A 53 -14.22 2.71 6.81
C TYR A 53 -13.19 2.05 7.76
N SER A 54 -13.69 1.55 8.88
CA SER A 54 -12.92 0.83 9.89
C SER A 54 -13.02 -0.67 9.53
N PRO A 55 -12.15 -1.56 10.04
CA PRO A 55 -12.15 -3.02 9.69
C PRO A 55 -13.49 -3.53 9.06
N LEU A 56 -13.40 -4.57 8.23
CA LEU A 56 -14.59 -5.06 7.49
C LEU A 56 -15.68 -5.65 8.39
N SER A 57 -15.43 -5.85 9.68
CA SER A 57 -16.46 -6.39 10.58
C SER A 57 -17.81 -5.62 10.50
N GLU A 80 -23.53 0.94 -0.61
CA GLU A 80 -24.50 1.56 -1.52
C GLU A 80 -23.98 1.66 -2.98
N ARG A 81 -24.66 2.51 -3.77
CA ARG A 81 -24.39 2.77 -5.19
C ARG A 81 -22.96 3.26 -5.53
N ASP A 82 -22.28 3.85 -4.55
CA ASP A 82 -20.98 4.50 -4.80
C ASP A 82 -19.93 3.60 -5.51
N ARG A 83 -20.19 2.30 -5.74
CA ARG A 83 -19.23 1.48 -6.50
C ARG A 83 -19.12 2.07 -7.90
N ASP A 84 -20.26 2.55 -8.44
CA ASP A 84 -20.26 3.21 -9.74
C ASP A 84 -19.31 4.42 -9.64
N ARG A 85 -19.28 5.05 -8.45
CA ARG A 85 -18.39 6.17 -8.19
C ARG A 85 -16.94 5.66 -8.11
N SER A 86 -16.74 4.44 -7.56
CA SER A 86 -15.39 3.87 -7.49
C SER A 86 -14.84 3.76 -8.92
N ILE A 87 -15.72 3.41 -9.88
CA ILE A 87 -15.29 3.36 -11.30
C ILE A 87 -14.76 4.75 -11.68
N ARG A 88 -15.31 5.80 -11.06
CA ARG A 88 -14.87 7.16 -11.35
C ARG A 88 -13.37 7.30 -11.03
N LEU A 89 -12.78 6.32 -10.32
CA LEU A 89 -11.35 6.31 -10.05
C LEU A 89 -10.60 6.37 -11.40
N VAL A 90 -11.20 5.76 -12.44
CA VAL A 90 -10.63 5.76 -13.80
C VAL A 90 -10.40 7.23 -14.23
N ASN A 91 -11.37 8.07 -13.85
CA ASN A 91 -11.34 9.51 -14.12
C ASN A 91 -10.12 10.17 -13.43
N GLY A 92 -9.44 9.41 -12.57
CA GLY A 92 -8.34 9.91 -11.76
C GLY A 92 -7.24 10.54 -12.59
N SER A 93 -7.15 10.24 -13.89
CA SER A 93 -6.12 10.84 -14.73
C SER A 93 -6.24 12.37 -14.68
N LEU A 94 -7.48 12.88 -14.78
CA LEU A 94 -7.75 14.31 -14.74
C LEU A 94 -7.49 14.85 -13.31
N ALA A 95 -8.01 14.13 -12.33
CA ALA A 95 -7.87 14.45 -10.92
C ALA A 95 -6.41 14.48 -10.48
N LEU A 96 -5.58 13.63 -11.11
CA LEU A 96 -4.21 13.46 -10.69
C LEU A 96 -3.45 14.80 -10.71
N ILE A 97 -3.81 15.77 -11.57
CA ILE A 97 -3.12 17.06 -11.48
C ILE A 97 -3.66 17.82 -10.26
N TRP A 98 -4.89 17.52 -9.82
CA TRP A 98 -5.46 18.25 -8.70
C TRP A 98 -4.77 17.98 -7.35
N ASP A 99 -4.54 16.69 -6.98
CA ASP A 99 -3.87 16.41 -5.68
C ASP A 99 -2.36 16.73 -5.67
N ASP A 100 -1.63 16.20 -6.68
CA ASP A 100 -0.16 16.35 -6.78
C ASP A 100 0.36 17.74 -7.14
N LEU A 101 -0.21 18.36 -8.17
CA LEU A 101 0.27 19.66 -8.64
C LEU A 101 -0.03 20.81 -7.65
N ARG A 102 -1.26 20.90 -7.14
CA ARG A 102 -1.62 21.98 -6.21
C ARG A 102 -0.62 22.05 -5.05
N SER A 103 -0.20 20.89 -4.54
CA SER A 103 0.72 20.83 -3.41
C SER A 103 2.18 21.11 -3.81
N LEU A 104 2.63 20.50 -4.92
CA LEU A 104 4.02 20.66 -5.38
C LEU A 104 4.32 22.10 -5.87
N SER A 105 3.34 22.76 -6.51
CA SER A 105 3.51 24.14 -6.96
C SER A 105 2.89 25.13 -5.93
N LEU A 106 2.11 24.58 -4.97
CA LEU A 106 1.49 25.38 -3.90
C LEU A 106 0.36 26.31 -4.41
N PHE A 107 -0.22 27.06 -3.46
CA PHE A 107 -1.33 27.99 -3.74
C PHE A 107 -0.87 29.28 -4.42
N SER A 108 0.43 29.55 -4.41
CA SER A 108 0.99 30.77 -5.00
C SER A 108 1.08 30.66 -6.52
N TYR A 109 1.42 29.47 -7.00
CA TYR A 109 1.60 29.21 -8.45
C TYR A 109 2.84 29.92 -9.02
N HIS A 110 3.60 30.57 -8.14
CA HIS A 110 4.89 31.17 -8.48
C HIS A 110 5.99 30.42 -7.63
N ARG A 111 5.49 29.53 -6.77
CA ARG A 111 6.20 28.66 -5.85
C ARG A 111 6.94 27.51 -6.53
N LEU A 112 6.50 27.06 -7.72
CA LEU A 112 7.07 25.84 -8.32
C LEU A 112 8.59 25.96 -8.49
N ARG A 113 9.12 27.13 -8.85
CA ARG A 113 10.58 27.28 -8.90
C ARG A 113 11.09 27.27 -7.45
N ASP A 114 10.26 27.81 -6.55
CA ASP A 114 10.52 27.84 -5.13
C ASP A 114 10.61 26.41 -4.56
N LEU A 115 9.83 25.46 -5.13
CA LEU A 115 9.81 24.10 -4.60
C LEU A 115 11.23 23.53 -4.55
N LEU A 116 12.06 23.82 -5.55
CA LEU A 116 13.43 23.30 -5.51
C LEU A 116 14.14 23.80 -4.24
N LEU A 117 13.88 25.05 -3.84
CA LEU A 117 14.48 25.62 -2.63
C LEU A 117 13.85 25.08 -1.35
N ILE A 118 12.51 25.07 -1.28
CA ILE A 118 11.80 24.59 -0.09
C ILE A 118 12.23 23.16 0.26
N VAL A 119 12.50 22.33 -0.77
CA VAL A 119 12.87 20.94 -0.49
C VAL A 119 14.07 20.87 0.46
N THR A 120 15.09 21.73 0.27
CA THR A 120 16.24 21.74 1.17
C THR A 120 15.80 22.15 2.59
N ARG A 121 14.92 23.15 2.65
CA ARG A 121 14.40 23.66 3.93
C ARG A 121 13.59 22.61 4.68
N ILE A 122 12.85 21.77 3.95
CA ILE A 122 12.02 20.75 4.55
C ILE A 122 12.90 19.87 5.43
N VAL A 123 14.03 19.44 4.90
CA VAL A 123 14.97 18.63 5.67
C VAL A 123 15.54 19.45 6.83
N GLU A 124 15.79 20.75 6.58
CA GLU A 124 16.35 21.64 7.59
C GLU A 124 15.44 21.71 8.83
N LEU A 125 14.14 21.84 8.59
CA LEU A 125 13.17 21.95 9.68
C LEU A 125 13.11 20.68 10.54
N LEU A 126 13.07 19.52 9.88
CA LEU A 126 12.97 18.23 10.59
C LEU A 126 14.31 17.82 11.22
N GLY A 127 15.43 18.32 10.67
CA GLY A 127 16.77 17.97 11.15
C GLY A 127 17.01 18.43 12.60
N ARG A 128 16.54 19.63 12.94
CA ARG A 128 16.74 20.18 14.29
C ARG A 128 15.95 19.38 15.33
N ARG A 129 14.70 19.12 15.03
CA ARG A 129 13.79 18.37 15.90
C ARG A 129 13.98 16.84 15.76
N GLY A 130 14.69 16.41 14.71
CA GLY A 130 14.87 14.98 14.42
C GLY A 130 15.46 14.20 15.61
N TRP A 131 16.14 14.89 16.53
CA TRP A 131 16.71 14.23 17.71
C TRP A 131 15.69 13.49 18.55
N GLU A 132 14.40 13.73 18.30
CA GLU A 132 13.38 12.96 19.00
C GLU A 132 13.68 11.42 18.85
N ALA A 133 14.65 11.08 17.96
CA ALA A 133 15.11 9.71 17.76
C ALA A 133 15.54 9.17 19.13
N LEU A 134 16.34 9.96 19.83
CA LEU A 134 16.79 9.57 21.15
C LEU A 134 15.62 9.64 22.16
N LYS A 135 14.79 10.71 22.12
CA LYS A 135 13.67 10.81 23.11
C LYS A 135 12.61 9.70 23.01
N TYR A 136 12.13 9.39 21.80
CA TYR A 136 11.04 8.41 21.63
C TYR A 136 11.46 7.01 22.08
N TRP A 137 12.64 6.54 21.67
CA TRP A 137 13.09 5.22 22.10
C TRP A 137 13.48 5.22 23.59
N TRP A 138 13.93 6.37 24.11
CA TRP A 138 14.29 6.48 25.52
C TRP A 138 13.10 6.02 26.38
N ASN A 139 11.91 6.51 26.03
CA ASN A 139 10.67 6.18 26.75
C ASN A 139 10.26 4.71 26.59
N LEU A 140 10.39 4.19 25.36
CA LEU A 140 9.99 2.81 25.07
C LEU A 140 10.76 1.80 25.96
N LEU A 141 12.08 1.92 25.98
CA LEU A 141 12.92 1.04 26.80
C LEU A 141 12.69 1.29 28.29
N GLN A 142 12.39 2.54 28.64
CA GLN A 142 12.17 2.93 30.03
C GLN A 142 10.94 2.24 30.66
N TYR A 143 9.82 2.15 29.92
CA TYR A 143 8.63 1.56 30.45
C TYR A 143 8.72 0.04 30.60
N TRP A 144 9.33 -0.66 29.61
CA TRP A 144 9.39 -2.13 29.69
C TRP A 144 10.32 -2.52 30.85
N SER A 145 11.41 -1.77 30.99
CA SER A 145 12.36 -1.98 32.08
C SER A 145 11.62 -1.86 33.41
N GLN A 146 10.67 -0.91 33.47
CA GLN A 146 9.89 -0.66 34.67
C GLN A 146 9.09 -1.90 35.10
N GLU A 147 8.46 -2.64 34.15
CA GLU A 147 7.69 -3.81 34.53
C GLU A 147 8.66 -4.91 35.02
N LEU A 148 9.88 -4.93 34.47
CA LEU A 148 10.89 -5.91 34.87
C LEU A 148 11.18 -5.75 36.37
N LYS A 149 11.23 -4.50 36.84
CA LYS A 149 11.48 -4.21 38.25
C LYS A 149 10.36 -4.78 39.12
N ASN A 150 9.11 -4.53 38.74
CA ASN A 150 7.96 -5.00 39.50
C ASN A 150 7.89 -6.54 39.49
N SER A 151 8.15 -7.14 38.32
CA SER A 151 8.11 -8.59 38.16
C SER A 151 9.27 -9.26 38.91
N ALA A 152 10.45 -8.62 38.87
CA ALA A 152 11.64 -9.15 39.53
C ALA A 152 11.48 -9.19 41.06
N VAL A 153 11.02 -8.08 41.63
CA VAL A 153 10.85 -8.00 43.09
C VAL A 153 9.77 -8.97 43.57
N SER A 154 8.69 -9.08 42.79
CA SER A 154 7.56 -9.96 43.15
C SER A 154 8.00 -11.42 43.30
N LEU A 155 8.67 -11.96 42.28
CA LEU A 155 9.11 -13.36 42.30
C LEU A 155 10.15 -13.60 43.40
N LEU A 156 11.20 -12.76 43.44
CA LEU A 156 12.26 -12.91 44.45
C LEU A 156 11.72 -12.73 45.87
N ASN A 157 10.85 -11.74 46.06
CA ASN A 157 10.27 -11.45 47.38
C ASN A 157 9.53 -12.68 47.93
N ALA A 158 8.79 -13.34 47.06
CA ALA A 158 8.00 -14.52 47.46
C ALA A 158 8.89 -15.73 47.83
N THR A 159 9.91 -15.98 47.02
CA THR A 159 10.83 -17.11 47.22
C THR A 159 11.76 -16.91 48.42
N ALA A 160 12.07 -15.66 48.74
CA ALA A 160 12.99 -15.34 49.84
C ALA A 160 12.38 -15.67 51.22
N ILE A 161 11.06 -15.60 51.32
CA ILE A 161 10.34 -15.87 52.58
C ILE A 161 10.65 -17.26 53.16
N ALA A 162 10.96 -18.22 52.29
CA ALA A 162 11.24 -19.60 52.72
C ALA A 162 12.51 -19.68 53.60
N VAL A 163 12.39 -19.23 54.86
CA VAL A 163 13.50 -19.25 55.84
C VAL A 163 13.07 -18.46 57.08
N GLY A 164 12.55 -17.24 56.86
CA GLY A 164 12.11 -16.37 57.96
C GLY A 164 13.06 -15.19 58.16
N GLU A 165 13.24 -14.79 59.43
CA GLU A 165 14.13 -13.67 59.80
C GLU A 165 13.60 -12.33 59.25
N GLY A 166 13.73 -12.11 57.94
CA GLY A 166 13.27 -10.87 57.31
C GLY A 166 13.80 -10.78 55.88
N THR A 167 13.62 -11.88 55.14
CA THR A 167 14.08 -11.97 53.75
C THR A 167 13.36 -10.98 52.82
N ASP A 168 12.07 -10.73 53.07
CA ASP A 168 11.29 -9.82 52.20
C ASP A 168 11.93 -8.43 52.16
N ARG A 169 12.41 -7.96 53.30
CA ARG A 169 13.02 -6.62 53.40
C ARG A 169 14.32 -6.50 52.59
N VAL A 170 15.21 -7.50 52.69
CA VAL A 170 16.51 -7.44 52.00
C VAL A 170 16.42 -7.49 50.46
N ILE A 171 15.68 -8.45 49.90
CA ILE A 171 15.59 -8.58 48.42
C ILE A 171 14.80 -7.42 47.77
N GLU A 172 13.73 -6.95 48.43
CA GLU A 172 12.91 -5.88 47.88
C GLU A 172 13.63 -4.52 47.87
N VAL A 173 14.32 -4.19 48.96
CA VAL A 173 15.02 -2.92 49.07
C VAL A 173 16.25 -2.84 48.13
N VAL A 174 17.03 -3.91 48.07
CA VAL A 174 18.24 -3.94 47.23
C VAL A 174 17.93 -3.87 45.73
N GLN A 175 16.90 -4.61 45.30
CA GLN A 175 16.51 -4.65 43.89
C GLN A 175 16.01 -3.28 43.42
N GLY A 176 15.09 -2.72 44.18
CA GLY A 176 14.50 -1.42 43.87
C GLY A 176 15.52 -0.29 44.04
N ALA A 177 16.46 -0.47 44.99
CA ALA A 177 17.47 0.55 45.27
C ALA A 177 18.43 0.73 44.10
N SER A 178 18.92 -0.38 43.53
CA SER A 178 19.87 -0.33 42.42
C SER A 178 19.24 0.19 41.12
N ARG A 179 18.05 -0.31 40.79
CA ARG A 179 17.35 0.11 39.58
C ARG A 179 16.98 1.59 39.65
N ALA A 180 16.34 1.95 40.75
CA ALA A 180 15.86 3.32 40.95
C ALA A 180 17.01 4.34 40.86
N ILE A 181 18.20 4.02 41.41
CA ILE A 181 19.34 4.95 41.34
C ILE A 181 19.85 5.05 39.89
N ARG A 182 19.71 3.96 39.12
CA ARG A 182 20.14 3.95 37.71
C ARG A 182 19.07 4.56 36.80
N HIS A 183 17.80 4.54 37.26
CA HIS A 183 16.69 5.09 36.50
C HIS A 183 16.72 6.64 36.45
N ILE A 184 17.67 7.25 37.18
CA ILE A 184 17.78 8.70 37.20
C ILE A 184 17.91 9.26 35.76
N PRO A 185 16.99 10.12 35.28
CA PRO A 185 17.06 10.66 33.89
C PRO A 185 18.39 11.37 33.60
N ARG A 186 18.90 11.21 32.38
CA ARG A 186 20.16 11.84 31.99
C ARG A 186 19.94 13.21 31.34
N ARG A 187 18.67 13.54 31.00
CA ARG A 187 18.34 14.83 30.39
C ARG A 187 19.18 15.08 29.12
N ILE A 188 19.50 14.01 28.38
CA ILE A 188 20.30 14.15 27.16
C ILE A 188 19.57 15.03 26.13
N ARG A 189 18.25 14.89 26.07
CA ARG A 189 17.44 15.68 25.14
C ARG A 189 17.63 17.18 25.36
N GLN A 190 17.54 17.61 26.63
CA GLN A 190 17.69 19.02 26.98
C GLN A 190 19.15 19.49 26.82
N GLY A 191 20.09 18.76 27.43
CA GLY A 191 21.50 19.13 27.37
C GLY A 191 22.03 19.15 25.93
N LEU A 192 21.68 18.14 25.14
CA LEU A 192 22.13 18.05 23.75
C LEU A 192 21.58 19.21 22.90
N GLU A 193 20.32 19.59 23.13
CA GLU A 193 19.69 20.66 22.36
C GLU A 193 20.23 22.04 22.78
N ARG A 194 20.48 22.23 24.09
CA ARG A 194 20.95 23.51 24.60
C ARG A 194 22.47 23.68 24.49
N ILE A 195 23.22 22.57 24.53
CA ILE A 195 24.69 22.64 24.44
C ILE A 195 25.17 23.05 23.03
N LEU A 196 24.25 23.12 22.05
CA LEU A 196 24.59 23.50 20.68
C LEU A 196 24.56 25.03 20.50
N LEU A 197 23.79 25.74 21.34
CA LEU A 197 23.69 27.19 21.24
C LEU A 197 23.30 27.80 22.59
N LEU B 1 27.48 -22.96 -28.09
CA LEU B 1 27.06 -23.20 -26.68
C LEU B 1 28.16 -22.70 -25.74
N LEU B 2 27.94 -22.88 -24.43
CA LEU B 2 28.93 -22.45 -23.42
C LEU B 2 30.13 -23.40 -23.43
N GLU B 3 31.34 -22.83 -23.44
CA GLU B 3 32.58 -23.66 -23.43
C GLU B 3 33.85 -22.80 -23.36
N LEU B 4 33.83 -21.80 -22.47
CA LEU B 4 34.97 -20.89 -22.24
C LEU B 4 35.06 -19.85 -23.37
N ASP B 5 34.85 -20.32 -24.58
CA ASP B 5 34.88 -19.46 -25.76
C ASP B 5 33.62 -18.60 -25.84
N LYS B 6 32.51 -19.14 -25.34
CA LYS B 6 31.23 -18.43 -25.33
C LYS B 6 31.24 -17.34 -24.24
N TRP B 7 31.86 -17.66 -23.10
CA TRP B 7 31.94 -16.74 -21.98
C TRP B 7 32.96 -15.63 -22.25
N ALA B 8 34.15 -16.01 -22.72
CA ALA B 8 35.22 -15.05 -23.00
C ALA B 8 34.77 -14.00 -24.02
N SER B 9 34.05 -14.44 -25.05
CA SER B 9 33.56 -13.54 -26.09
C SER B 9 32.65 -12.45 -25.50
N LEU B 10 32.07 -12.72 -24.33
CA LEU B 10 31.17 -11.78 -23.67
C LEU B 10 31.93 -10.61 -23.04
N TRP B 11 33.22 -10.81 -22.71
CA TRP B 11 34.02 -9.75 -22.09
C TRP B 11 34.11 -8.51 -22.98
N ASN B 12 33.82 -8.67 -24.27
CA ASN B 12 33.82 -7.54 -25.19
C ASN B 12 32.64 -6.61 -24.89
N TRP B 13 31.60 -7.16 -24.26
CA TRP B 13 30.40 -6.40 -23.89
C TRP B 13 30.57 -5.83 -22.45
N PHE B 14 31.83 -5.68 -22.02
CA PHE B 14 32.20 -5.18 -20.67
C PHE B 14 31.09 -4.39 -19.96
N ASP B 15 30.55 -3.36 -20.61
CA ASP B 15 29.51 -2.53 -20.01
C ASP B 15 28.31 -3.37 -19.57
N ILE B 16 27.65 -4.03 -20.52
CA ILE B 16 26.46 -4.86 -20.21
C ILE B 16 26.87 -6.10 -19.39
N THR B 17 28.03 -6.68 -19.71
CA THR B 17 28.52 -7.88 -19.01
C THR B 17 28.53 -7.65 -17.49
N ASN B 18 28.87 -6.43 -17.06
CA ASN B 18 28.88 -6.11 -15.63
C ASN B 18 27.50 -6.41 -15.02
N TRP B 19 26.47 -5.90 -15.68
CA TRP B 19 25.10 -6.14 -15.27
C TRP B 19 24.78 -7.65 -15.41
N LEU B 20 25.31 -8.27 -16.46
CA LEU B 20 25.08 -9.69 -16.73
C LEU B 20 25.65 -10.60 -15.63
N TRP B 21 26.81 -10.24 -15.07
CA TRP B 21 27.46 -11.08 -14.04
C TRP B 21 27.19 -10.61 -12.61
N TYR B 22 26.30 -9.62 -12.43
CA TYR B 22 25.98 -9.12 -11.08
C TYR B 22 24.47 -9.10 -10.80
N ILE B 23 23.69 -9.74 -11.67
CA ILE B 23 22.23 -9.80 -11.49
C ILE B 23 21.88 -10.70 -10.29
N ARG B 24 22.66 -11.78 -10.10
CA ARG B 24 22.43 -12.73 -9.01
C ARG B 24 22.37 -11.99 -7.68
N ILE B 25 23.35 -11.10 -7.44
CA ILE B 25 23.36 -10.29 -6.24
C ILE B 25 22.18 -9.31 -6.33
N PHE B 26 21.93 -8.83 -7.54
CA PHE B 26 20.85 -7.88 -7.79
C PHE B 26 19.49 -8.46 -7.41
N ILE B 27 19.34 -9.79 -7.49
CA ILE B 27 18.05 -10.42 -7.14
C ILE B 27 17.71 -10.13 -5.68
N ILE B 28 18.67 -10.39 -4.79
CA ILE B 28 18.46 -10.18 -3.35
C ILE B 28 17.93 -8.76 -3.09
N ILE B 29 18.46 -7.77 -3.82
CA ILE B 29 18.01 -6.39 -3.67
C ILE B 29 16.52 -6.30 -4.07
N VAL B 30 16.16 -6.96 -5.18
CA VAL B 30 14.76 -6.96 -5.63
C VAL B 30 13.89 -7.59 -4.53
N GLY B 31 14.37 -8.72 -3.97
CA GLY B 31 13.64 -9.40 -2.88
C GLY B 31 13.43 -8.41 -1.74
N SER B 32 14.47 -7.65 -1.42
CA SER B 32 14.41 -6.62 -0.39
C SER B 32 13.39 -5.55 -0.80
N LEU B 33 13.35 -5.26 -2.09
CA LEU B 33 12.48 -4.24 -2.66
C LEU B 33 11.00 -4.54 -2.37
N ILE B 34 10.62 -5.82 -2.37
CA ILE B 34 9.22 -6.20 -2.11
C ILE B 34 8.83 -5.87 -0.66
N GLY B 35 9.74 -6.13 0.29
CA GLY B 35 9.48 -5.83 1.70
C GLY B 35 9.25 -4.31 1.88
N LEU B 36 10.00 -3.51 1.14
CA LEU B 36 9.90 -2.04 1.17
C LEU B 36 8.46 -1.59 0.93
N ARG B 37 7.76 -2.29 0.05
CA ARG B 37 6.38 -1.95 -0.29
C ARG B 37 5.50 -1.89 0.97
N ILE B 38 5.83 -2.70 2.00
CA ILE B 38 5.02 -2.67 3.23
C ILE B 38 5.08 -1.24 3.83
N VAL B 39 6.26 -0.62 3.76
CA VAL B 39 6.47 0.74 4.24
C VAL B 39 5.68 1.71 3.32
N PHE B 40 5.53 1.35 2.04
CA PHE B 40 4.75 2.15 1.10
C PHE B 40 3.32 2.30 1.59
N ALA B 41 2.81 1.30 2.33
CA ALA B 41 1.46 1.37 2.88
C ALA B 41 1.39 2.63 3.77
N VAL B 42 2.50 2.90 4.47
CA VAL B 42 2.64 4.09 5.31
C VAL B 42 2.54 5.33 4.37
N LEU B 43 3.25 5.26 3.23
CA LEU B 43 3.23 6.32 2.20
C LEU B 43 1.81 6.49 1.65
N SER B 44 1.06 5.39 1.54
CA SER B 44 -0.29 5.44 0.99
C SER B 44 -1.17 6.30 1.88
N LEU B 45 -0.92 6.30 3.19
CA LEU B 45 -1.65 7.12 4.13
C LEU B 45 -1.35 8.59 3.82
N VAL B 46 -0.09 8.88 3.52
CA VAL B 46 0.36 10.22 3.14
C VAL B 46 -0.38 10.60 1.84
N ASN B 47 -0.47 9.63 0.94
CA ASN B 47 -1.22 9.79 -0.29
C ASN B 47 -2.70 10.04 0.03
N ARG B 48 -3.20 9.39 1.09
CA ARG B 48 -4.59 9.53 1.51
C ARG B 48 -4.87 10.99 1.86
N VAL B 49 -3.99 11.56 2.67
CA VAL B 49 -4.11 12.95 3.10
C VAL B 49 -3.96 13.90 1.90
N ARG B 50 -2.98 13.60 1.09
CA ARG B 50 -2.68 14.43 -0.08
C ARG B 50 -3.74 14.30 -1.19
N GLN B 51 -4.22 13.08 -1.38
CA GLN B 51 -5.19 12.74 -2.44
C GLN B 51 -6.62 12.60 -1.94
N GLY B 52 -6.85 12.95 -0.68
CA GLY B 52 -8.19 12.81 -0.08
C GLY B 52 -8.44 11.34 0.29
N TYR B 53 -9.58 11.05 0.92
CA TYR B 53 -9.91 9.67 1.35
C TYR B 53 -10.36 8.76 0.16
N SER B 54 -11.67 8.63 -0.09
CA SER B 54 -12.21 7.82 -1.15
C SER B 54 -11.68 8.35 -2.48
N PRO B 55 -11.70 7.56 -3.57
CA PRO B 55 -11.13 7.94 -4.89
C PRO B 55 -10.75 9.43 -5.03
N LEU B 56 -9.56 9.68 -5.56
CA LEU B 56 -9.00 11.04 -5.68
C LEU B 56 -9.77 11.98 -6.63
N SER B 57 -11.01 11.66 -7.00
CA SER B 57 -11.79 12.58 -7.84
C SER B 57 -12.44 13.60 -6.90
N GLU B 80 -3.71 20.52 -1.26
CA GLU B 80 -2.87 21.72 -1.42
C GLU B 80 -1.79 21.80 -0.30
N ARG B 81 -2.05 22.57 0.75
CA ARG B 81 -1.13 22.77 1.88
C ARG B 81 -0.80 21.48 2.64
N ASP B 82 -1.67 20.48 2.60
CA ASP B 82 -1.48 19.25 3.37
C ASP B 82 -0.11 18.58 3.14
N ARG B 83 0.61 18.97 2.08
CA ARG B 83 1.95 18.42 1.83
C ARG B 83 2.96 19.11 2.74
N ASP B 84 2.80 20.42 2.93
CA ASP B 84 3.70 21.16 3.81
C ASP B 84 3.66 20.54 5.21
N ARG B 85 2.45 20.20 5.65
CA ARG B 85 2.26 19.56 6.96
C ARG B 85 2.79 18.12 6.93
N SER B 86 2.56 17.43 5.80
CA SER B 86 2.99 16.04 5.68
C SER B 86 4.51 15.92 5.93
N ILE B 87 5.29 16.96 5.60
CA ILE B 87 6.75 16.90 5.87
C ILE B 87 6.98 16.63 7.37
N ARG B 88 6.10 17.15 8.24
CA ARG B 88 6.22 16.92 9.68
C ARG B 88 6.16 15.41 10.01
N LEU B 89 5.78 14.58 9.04
CA LEU B 89 5.69 13.13 9.24
C LEU B 89 7.03 12.54 9.63
N VAL B 90 8.13 13.10 9.11
CA VAL B 90 9.47 12.60 9.47
C VAL B 90 9.60 12.68 11.01
N ASN B 91 9.11 13.80 11.59
CA ASN B 91 9.09 14.00 13.05
C ASN B 91 8.10 13.02 13.70
N GLY B 92 7.29 12.37 12.88
CA GLY B 92 6.27 11.46 13.34
C GLY B 92 6.86 10.37 14.22
N SER B 93 8.18 10.15 14.17
CA SER B 93 8.80 9.11 14.97
C SER B 93 8.48 9.34 16.46
N LEU B 94 8.54 10.59 16.96
CA LEU B 94 8.16 10.81 18.39
C LEU B 94 6.69 10.43 18.53
N ALA B 95 5.88 10.80 17.54
CA ALA B 95 4.47 10.43 17.54
C ALA B 95 4.31 8.89 17.52
N LEU B 96 5.24 8.19 16.85
CA LEU B 96 5.18 6.74 16.68
C LEU B 96 5.15 6.02 18.02
N ILE B 97 5.98 6.43 19.00
CA ILE B 97 5.94 5.74 20.27
C ILE B 97 4.56 5.87 20.91
N TRP B 98 3.85 6.97 20.67
CA TRP B 98 2.55 7.13 21.30
C TRP B 98 1.49 6.16 20.73
N ASP B 99 1.33 6.04 19.39
CA ASP B 99 0.29 5.14 18.86
C ASP B 99 0.57 3.61 19.01
N ASP B 100 1.75 3.13 18.56
CA ASP B 100 2.04 1.66 18.55
C ASP B 100 2.31 0.89 19.86
N LEU B 101 3.20 1.35 20.78
CA LEU B 101 3.48 0.57 22.01
C LEU B 101 2.35 0.56 23.05
N ARG B 102 1.57 1.63 23.10
CA ARG B 102 0.51 1.75 24.10
C ARG B 102 -0.44 0.54 24.11
N SER B 103 -0.77 0.00 22.95
CA SER B 103 -1.72 -1.12 22.89
C SER B 103 -1.12 -2.49 23.29
N LEU B 104 0.06 -2.86 22.78
CA LEU B 104 0.63 -4.17 23.15
C LEU B 104 1.07 -4.23 24.60
N SER B 105 1.57 -3.13 25.18
CA SER B 105 2.03 -3.15 26.57
C SER B 105 0.99 -2.58 27.55
N LEU B 106 0.05 -1.77 27.05
CA LEU B 106 -0.98 -1.15 27.90
C LEU B 106 -0.36 -0.15 28.89
N PHE B 107 -1.11 0.91 29.23
CA PHE B 107 -0.63 1.96 30.14
C PHE B 107 -0.46 1.44 31.58
N SER B 108 -1.43 0.67 32.08
CA SER B 108 -1.38 0.16 33.46
C SER B 108 -0.04 -0.55 33.74
N TYR B 109 0.57 -1.10 32.70
CA TYR B 109 1.84 -1.82 32.81
C TYR B 109 1.72 -2.99 33.79
N HIS B 110 2.71 -3.89 33.75
CA HIS B 110 2.67 -5.17 34.50
C HIS B 110 1.83 -6.17 33.64
N ARG B 111 0.82 -5.59 32.96
CA ARG B 111 -0.09 -6.23 32.05
C ARG B 111 0.60 -6.65 30.74
N LEU B 112 1.69 -5.94 30.34
CA LEU B 112 2.30 -6.19 29.02
C LEU B 112 2.71 -7.64 28.83
N ARG B 113 3.06 -8.34 29.90
CA ARG B 113 3.35 -9.77 29.77
C ARG B 113 2.02 -10.50 29.50
N ASP B 114 0.96 -10.01 30.15
CA ASP B 114 -0.39 -10.54 29.99
C ASP B 114 -0.94 -10.21 28.60
N LEU B 115 -0.57 -9.04 28.04
CA LEU B 115 -1.07 -8.61 26.74
C LEU B 115 -0.75 -9.65 25.65
N LEU B 116 0.42 -10.27 25.71
CA LEU B 116 0.75 -11.26 24.67
C LEU B 116 -0.30 -12.38 24.65
N LEU B 117 -0.81 -12.76 25.83
CA LEU B 117 -1.84 -13.79 25.92
C LEU B 117 -3.20 -13.30 25.41
N ILE B 118 -3.48 -11.99 25.56
CA ILE B 118 -4.77 -11.46 25.09
C ILE B 118 -4.95 -11.71 23.60
N VAL B 119 -3.85 -11.64 22.82
CA VAL B 119 -3.95 -11.83 21.37
C VAL B 119 -4.64 -13.17 21.05
N THR B 120 -4.24 -14.24 21.73
CA THR B 120 -4.89 -15.53 21.53
C THR B 120 -6.36 -15.46 21.97
N ARG B 121 -6.61 -14.66 23.02
CA ARG B 121 -7.94 -14.51 23.60
C ARG B 121 -9.02 -14.11 22.60
N ILE B 122 -8.77 -13.11 21.73
CA ILE B 122 -9.81 -12.71 20.79
C ILE B 122 -10.12 -13.86 19.84
N VAL B 123 -9.10 -14.60 19.40
CA VAL B 123 -9.32 -15.71 18.47
C VAL B 123 -10.20 -16.80 19.07
N GLU B 124 -10.00 -17.15 20.35
CA GLU B 124 -10.82 -18.20 20.97
C GLU B 124 -12.27 -17.73 21.12
N LEU B 125 -12.44 -16.49 21.58
CA LEU B 125 -13.77 -15.91 21.76
C LEU B 125 -14.53 -15.75 20.44
N LEU B 126 -13.86 -15.16 19.45
CA LEU B 126 -14.46 -14.88 18.14
C LEU B 126 -14.59 -16.11 17.24
N GLY B 127 -13.93 -17.21 17.60
CA GLY B 127 -13.95 -18.43 16.77
C GLY B 127 -15.37 -19.00 16.58
N ARG B 128 -16.29 -18.69 17.50
CA ARG B 128 -17.67 -19.18 17.41
C ARG B 128 -18.48 -18.40 16.36
N ARG B 129 -18.18 -17.10 16.22
CA ARG B 129 -18.89 -16.21 15.28
C ARG B 129 -18.39 -16.33 13.83
N GLY B 130 -17.23 -16.94 13.63
CA GLY B 130 -16.60 -17.04 12.30
C GLY B 130 -17.47 -17.66 11.19
N TRP B 131 -18.48 -18.47 11.54
CA TRP B 131 -19.31 -19.17 10.55
C TRP B 131 -20.13 -18.35 9.54
N GLU B 132 -20.34 -17.04 9.71
CA GLU B 132 -21.18 -16.31 8.74
C GLU B 132 -20.66 -16.56 7.27
N ALA B 133 -19.46 -17.16 7.11
CA ALA B 133 -18.92 -17.50 5.80
C ALA B 133 -19.92 -18.37 5.01
N LEU B 134 -20.36 -19.47 5.63
CA LEU B 134 -21.31 -20.37 4.98
C LEU B 134 -22.69 -19.72 4.88
N LYS B 135 -23.06 -18.93 5.90
CA LYS B 135 -24.40 -18.34 5.93
C LYS B 135 -24.68 -17.50 4.67
N TYR B 136 -23.75 -16.63 4.32
CA TYR B 136 -23.94 -15.78 3.18
C TYR B 136 -23.79 -16.52 1.87
N TRP B 137 -22.91 -17.52 1.82
CA TRP B 137 -22.68 -18.24 0.56
C TRP B 137 -23.94 -18.96 0.06
N TRP B 138 -24.70 -19.62 0.95
CA TRP B 138 -25.94 -20.26 0.49
C TRP B 138 -26.97 -19.20 0.11
N ASN B 139 -27.05 -18.13 0.90
CA ASN B 139 -27.99 -17.03 0.62
C ASN B 139 -27.60 -16.27 -0.66
N LEU B 140 -26.29 -16.14 -0.87
CA LEU B 140 -25.73 -15.41 -2.01
C LEU B 140 -26.13 -16.05 -3.35
N LEU B 141 -25.94 -17.36 -3.47
CA LEU B 141 -26.33 -18.06 -4.68
C LEU B 141 -27.86 -18.08 -4.81
N GLN B 142 -28.55 -18.11 -3.67
CA GLN B 142 -30.00 -18.17 -3.65
C GLN B 142 -30.66 -16.99 -4.37
N TYR B 143 -30.25 -15.72 -4.09
CA TYR B 143 -30.87 -14.60 -4.78
C TYR B 143 -30.40 -14.52 -6.23
N TRP B 144 -29.12 -14.89 -6.50
CA TRP B 144 -28.57 -14.79 -7.84
C TRP B 144 -29.40 -15.68 -8.76
N SER B 145 -29.72 -16.88 -8.29
CA SER B 145 -30.54 -17.82 -9.04
C SER B 145 -31.90 -17.18 -9.31
N GLN B 146 -32.42 -16.44 -8.31
CA GLN B 146 -33.69 -15.76 -8.44
C GLN B 146 -33.65 -14.74 -9.59
N GLU B 147 -32.51 -14.04 -9.77
CA GLU B 147 -32.41 -13.07 -10.86
C GLU B 147 -32.42 -13.82 -12.21
N LEU B 148 -31.84 -15.03 -12.20
CA LEU B 148 -31.81 -15.89 -13.38
C LEU B 148 -33.24 -16.43 -13.65
N LYS B 149 -34.00 -16.68 -12.57
CA LYS B 149 -35.36 -17.19 -12.67
C LYS B 149 -36.22 -16.23 -13.50
N ASN B 150 -36.16 -14.94 -13.18
CA ASN B 150 -36.96 -13.93 -13.90
C ASN B 150 -36.51 -13.83 -15.36
N SER B 151 -35.19 -13.87 -15.58
CA SER B 151 -34.64 -13.78 -16.94
C SER B 151 -35.19 -14.93 -17.80
N ALA B 152 -35.21 -16.14 -17.23
CA ALA B 152 -35.70 -17.32 -17.95
C ALA B 152 -37.17 -17.13 -18.35
N VAL B 153 -37.96 -16.49 -17.47
CA VAL B 153 -39.38 -16.26 -17.76
C VAL B 153 -39.52 -15.45 -19.06
N SER B 154 -38.73 -14.40 -19.20
CA SER B 154 -38.84 -13.55 -20.39
C SER B 154 -38.55 -14.33 -21.67
N LEU B 155 -37.36 -14.95 -21.76
CA LEU B 155 -36.97 -15.69 -22.98
C LEU B 155 -37.66 -17.07 -23.12
N LEU B 156 -37.57 -17.90 -22.08
CA LEU B 156 -38.14 -19.26 -22.13
C LEU B 156 -39.67 -19.27 -22.23
N ASN B 157 -40.36 -18.43 -21.44
CA ASN B 157 -41.83 -18.37 -21.47
C ASN B 157 -42.34 -17.70 -22.74
N ALA B 158 -41.61 -16.70 -23.24
CA ALA B 158 -42.05 -15.97 -24.44
C ALA B 158 -42.10 -16.91 -25.65
N THR B 159 -41.08 -17.76 -25.79
CA THR B 159 -41.02 -18.71 -26.91
C THR B 159 -42.04 -19.84 -26.71
N ALA B 160 -42.27 -20.21 -25.45
CA ALA B 160 -43.19 -21.29 -25.10
C ALA B 160 -44.63 -20.99 -25.56
N ILE B 161 -45.00 -19.70 -25.61
CA ILE B 161 -46.35 -19.30 -26.03
C ILE B 161 -46.67 -19.82 -27.45
N ALA B 162 -45.63 -20.00 -28.29
CA ALA B 162 -45.79 -20.47 -29.67
C ALA B 162 -46.90 -21.53 -29.82
N VAL B 163 -47.08 -22.36 -28.77
CA VAL B 163 -48.12 -23.39 -28.79
C VAL B 163 -49.07 -23.20 -27.59
N GLY B 164 -50.37 -23.41 -27.81
CA GLY B 164 -51.38 -23.25 -26.77
C GLY B 164 -51.21 -24.27 -25.64
N GLU B 165 -52.33 -24.90 -25.25
CA GLU B 165 -52.34 -25.92 -24.18
C GLU B 165 -52.12 -25.26 -22.81
N GLY B 166 -50.90 -24.76 -22.58
CA GLY B 166 -50.56 -24.11 -21.31
C GLY B 166 -49.05 -24.10 -21.09
N THR B 167 -48.32 -23.60 -22.07
CA THR B 167 -46.86 -23.54 -22.02
C THR B 167 -46.37 -22.55 -20.96
N ASP B 168 -47.08 -21.43 -20.79
CA ASP B 168 -46.68 -20.41 -19.82
C ASP B 168 -46.62 -21.01 -18.40
N ARG B 169 -47.51 -21.94 -18.11
CA ARG B 169 -47.54 -22.60 -16.81
C ARG B 169 -46.31 -23.50 -16.63
N VAL B 170 -45.86 -24.12 -17.72
CA VAL B 170 -44.70 -25.03 -17.67
C VAL B 170 -43.41 -24.29 -17.29
N ILE B 171 -43.10 -23.18 -17.97
CA ILE B 171 -41.87 -22.43 -17.70
C ILE B 171 -41.87 -21.81 -16.29
N GLU B 172 -42.96 -21.12 -15.95
CA GLU B 172 -43.06 -20.42 -14.66
C GLU B 172 -43.23 -21.34 -13.44
N VAL B 173 -44.05 -22.41 -13.57
CA VAL B 173 -44.29 -23.31 -12.44
C VAL B 173 -43.04 -24.16 -12.12
N VAL B 174 -42.38 -24.68 -13.16
CA VAL B 174 -41.19 -25.52 -12.95
C VAL B 174 -40.06 -24.71 -12.28
N GLN B 175 -39.79 -23.51 -12.80
CA GLN B 175 -38.73 -22.66 -12.24
C GLN B 175 -39.01 -22.35 -10.76
N GLY B 176 -40.27 -22.07 -10.46
CA GLY B 176 -40.70 -21.71 -9.12
C GLY B 176 -40.74 -22.89 -8.18
N ALA B 177 -41.14 -24.07 -8.68
CA ALA B 177 -41.25 -25.22 -7.81
C ALA B 177 -39.91 -25.59 -7.19
N SER B 178 -38.84 -25.66 -7.99
CA SER B 178 -37.51 -26.02 -7.45
C SER B 178 -36.85 -24.91 -6.63
N ARG B 179 -36.82 -23.69 -7.19
CA ARG B 179 -36.17 -22.55 -6.51
C ARG B 179 -36.96 -22.07 -5.31
N ALA B 180 -38.25 -21.79 -5.53
CA ALA B 180 -39.09 -21.28 -4.44
C ALA B 180 -39.21 -22.29 -3.29
N ILE B 181 -39.42 -23.58 -3.59
CA ILE B 181 -39.56 -24.57 -2.51
C ILE B 181 -38.30 -24.59 -1.62
N ARG B 182 -37.12 -24.49 -2.25
CA ARG B 182 -35.86 -24.51 -1.51
C ARG B 182 -35.61 -23.20 -0.71
N HIS B 183 -36.58 -22.28 -0.70
CA HIS B 183 -36.42 -21.00 0.03
C HIS B 183 -36.38 -21.21 1.57
N ILE B 184 -36.53 -22.46 2.04
CA ILE B 184 -36.51 -22.77 3.47
C ILE B 184 -35.20 -23.50 3.86
N PRO B 185 -34.12 -22.77 4.18
CA PRO B 185 -32.82 -23.40 4.59
C PRO B 185 -32.80 -23.79 6.08
N ARG B 186 -33.71 -23.20 6.86
CA ARG B 186 -33.82 -23.46 8.29
C ARG B 186 -32.54 -23.04 9.03
N ARG B 187 -31.92 -21.95 8.57
CA ARG B 187 -30.71 -21.41 9.20
C ARG B 187 -29.68 -22.52 9.51
N ILE B 188 -28.95 -22.96 8.48
CA ILE B 188 -27.94 -24.01 8.66
C ILE B 188 -26.75 -23.47 9.48
N ARG B 189 -26.46 -22.18 9.31
CA ARG B 189 -25.37 -21.53 10.03
C ARG B 189 -25.68 -21.47 11.53
N GLN B 190 -26.93 -21.13 11.87
CA GLN B 190 -27.33 -21.02 13.27
C GLN B 190 -27.16 -22.35 14.00
N GLY B 191 -27.66 -23.44 13.42
CA GLY B 191 -27.58 -24.76 14.04
C GLY B 191 -26.14 -25.30 14.09
N LEU B 192 -25.41 -25.15 12.99
CA LEU B 192 -24.02 -25.65 12.91
C LEU B 192 -23.07 -24.80 13.76
N GLU B 193 -23.29 -23.48 13.78
CA GLU B 193 -22.43 -22.58 14.56
C GLU B 193 -22.53 -22.88 16.05
N ARG B 194 -23.75 -23.12 16.53
CA ARG B 194 -23.96 -23.42 17.96
C ARG B 194 -23.34 -24.76 18.33
N ILE B 195 -23.42 -25.74 17.42
CA ILE B 195 -22.87 -27.07 17.66
C ILE B 195 -21.34 -27.12 17.37
N LEU B 196 -20.78 -26.04 16.81
CA LEU B 196 -19.35 -26.00 16.50
C LEU B 196 -18.50 -25.52 17.70
N LEU B 197 -19.17 -25.16 18.81
CA LEU B 197 -18.47 -24.68 20.02
C LEU B 197 -17.65 -23.43 19.70
N LEU C 1 38.64 -15.79 -17.93
CA LEU C 1 37.78 -16.83 -18.58
C LEU C 1 37.11 -17.65 -17.47
N LEU C 2 36.27 -18.62 -17.86
CA LEU C 2 35.58 -19.48 -16.90
C LEU C 2 36.54 -20.59 -16.41
N GLU C 3 36.16 -21.27 -15.34
CA GLU C 3 36.98 -22.35 -14.79
C GLU C 3 36.12 -23.53 -14.33
N LEU C 4 36.15 -24.63 -15.08
CA LEU C 4 35.38 -25.81 -14.75
C LEU C 4 35.82 -26.42 -13.42
N ASP C 5 37.11 -26.42 -13.19
CA ASP C 5 37.66 -26.95 -11.94
C ASP C 5 37.19 -26.10 -10.75
N LYS C 6 36.72 -24.87 -11.03
CA LYS C 6 36.21 -23.99 -9.99
C LYS C 6 34.77 -24.36 -9.64
N TRP C 7 33.93 -24.56 -10.66
CA TRP C 7 32.52 -24.94 -10.44
C TRP C 7 32.45 -26.18 -9.55
N ALA C 8 33.27 -27.15 -9.90
CA ALA C 8 33.33 -28.41 -9.18
C ALA C 8 34.03 -28.24 -7.82
N SER C 9 34.78 -27.14 -7.64
CA SER C 9 35.48 -26.88 -6.39
C SER C 9 34.51 -26.43 -5.29
N LEU C 10 33.45 -25.71 -5.67
CA LEU C 10 32.48 -25.21 -4.67
C LEU C 10 31.85 -26.35 -3.87
N TRP C 11 31.67 -27.51 -4.49
CA TRP C 11 31.06 -28.65 -3.79
C TRP C 11 31.90 -29.06 -2.56
N ASN C 12 33.23 -28.86 -2.64
CA ASN C 12 34.13 -29.22 -1.54
C ASN C 12 34.30 -28.08 -0.50
N TRP C 13 33.73 -26.90 -0.78
CA TRP C 13 33.86 -25.76 0.13
C TRP C 13 32.88 -25.87 1.31
N PHE C 14 31.57 -25.76 1.02
CA PHE C 14 30.54 -25.84 2.06
C PHE C 14 29.14 -25.81 1.41
N ASP C 15 28.09 -25.57 2.22
CA ASP C 15 26.74 -25.50 1.71
C ASP C 15 26.47 -24.16 1.01
N ILE C 16 27.51 -23.31 0.87
CA ILE C 16 27.35 -22.03 0.18
C ILE C 16 26.84 -22.32 -1.25
N THR C 17 27.35 -23.41 -1.83
CA THR C 17 26.94 -23.86 -3.16
C THR C 17 25.43 -24.01 -3.23
N ASN C 18 24.78 -24.41 -2.10
CA ASN C 18 23.33 -24.60 -2.10
C ASN C 18 22.63 -23.32 -2.56
N TRP C 19 23.14 -22.17 -2.11
CA TRP C 19 22.60 -20.87 -2.52
C TRP C 19 22.80 -20.70 -4.04
N LEU C 20 23.97 -21.10 -4.51
CA LEU C 20 24.34 -21.02 -5.91
C LEU C 20 23.37 -21.78 -6.82
N TRP C 21 22.85 -22.92 -6.33
CA TRP C 21 21.94 -23.75 -7.13
C TRP C 21 20.47 -23.63 -6.71
N TYR C 22 20.18 -22.92 -5.62
CA TYR C 22 18.78 -22.78 -5.15
C TYR C 22 18.25 -21.35 -5.33
N ILE C 23 19.15 -20.38 -5.57
CA ILE C 23 18.71 -19.01 -5.78
C ILE C 23 17.87 -18.92 -7.08
N ARG C 24 18.24 -19.70 -8.10
CA ARG C 24 17.50 -19.72 -9.36
C ARG C 24 16.04 -20.12 -9.07
N ILE C 25 15.88 -21.18 -8.28
CA ILE C 25 14.55 -21.64 -7.87
C ILE C 25 13.90 -20.57 -6.96
N PHE C 26 14.74 -19.94 -6.16
CA PHE C 26 14.32 -18.92 -5.23
C PHE C 26 13.65 -17.74 -5.92
N ILE C 27 14.01 -17.48 -7.18
CA ILE C 27 13.41 -16.36 -7.94
C ILE C 27 11.90 -16.55 -8.04
N ILE C 28 11.51 -17.72 -8.52
CA ILE C 28 10.08 -18.06 -8.67
C ILE C 28 9.32 -17.80 -7.37
N ILE C 29 9.92 -18.16 -6.22
CA ILE C 29 9.27 -17.96 -4.92
C ILE C 29 9.09 -16.45 -4.67
N VAL C 30 10.13 -15.64 -4.94
CA VAL C 30 10.04 -14.20 -4.75
C VAL C 30 8.91 -13.66 -5.64
N GLY C 31 8.83 -14.16 -6.89
CA GLY C 31 7.77 -13.74 -7.81
C GLY C 31 6.40 -13.93 -7.16
N SER C 32 6.23 -15.06 -6.49
CA SER C 32 4.99 -15.37 -5.77
C SER C 32 4.82 -14.39 -4.60
N LEU C 33 5.94 -14.05 -3.96
CA LEU C 33 5.94 -13.16 -2.80
C LEU C 33 5.36 -11.79 -3.15
N ILE C 34 5.56 -11.31 -4.38
CA ILE C 34 5.03 -10.00 -4.79
C ILE C 34 3.49 -10.02 -4.76
N GLY C 35 2.89 -11.11 -5.26
CA GLY C 35 1.43 -11.25 -5.27
C GLY C 35 0.90 -11.27 -3.83
N LEU C 36 1.69 -11.85 -2.92
CA LEU C 36 1.36 -11.92 -1.50
C LEU C 36 1.05 -10.51 -0.96
N ARG C 37 1.81 -9.54 -1.45
CA ARG C 37 1.69 -8.14 -1.08
C ARG C 37 0.28 -7.56 -1.28
N ILE C 38 -0.50 -8.09 -2.23
CA ILE C 38 -1.81 -7.51 -2.51
C ILE C 38 -2.72 -7.54 -1.25
N VAL C 39 -2.67 -8.61 -0.44
CA VAL C 39 -3.47 -8.66 0.80
C VAL C 39 -2.96 -7.62 1.80
N PHE C 40 -1.65 -7.34 1.75
CA PHE C 40 -1.02 -6.34 2.63
C PHE C 40 -1.71 -4.99 2.47
N ALA C 41 -2.28 -4.72 1.30
CA ALA C 41 -2.95 -3.46 1.05
C ALA C 41 -4.08 -3.26 2.08
N VAL C 42 -4.79 -4.34 2.46
CA VAL C 42 -5.85 -4.21 3.48
C VAL C 42 -5.24 -3.78 4.83
N LEU C 43 -4.03 -4.29 5.13
CA LEU C 43 -3.30 -3.93 6.37
C LEU C 43 -3.20 -2.39 6.46
N SER C 44 -3.04 -1.71 5.32
CA SER C 44 -2.93 -0.24 5.33
C SER C 44 -4.22 0.37 5.88
N LEU C 45 -5.36 -0.28 5.62
CA LEU C 45 -6.65 0.19 6.15
C LEU C 45 -6.58 0.13 7.68
N VAL C 46 -5.99 -0.95 8.17
CA VAL C 46 -5.78 -1.17 9.61
C VAL C 46 -4.83 -0.08 10.13
N ASN C 47 -3.79 0.20 9.33
CA ASN C 47 -2.82 1.22 9.67
C ASN C 47 -3.50 2.58 9.76
N ARG C 48 -4.43 2.84 8.84
CA ARG C 48 -5.15 4.11 8.79
C ARG C 48 -5.90 4.33 10.10
N VAL C 49 -6.62 3.31 10.51
CA VAL C 49 -7.38 3.33 11.74
C VAL C 49 -6.42 3.43 12.94
N ARG C 50 -5.35 2.64 12.88
CA ARG C 50 -4.32 2.61 13.94
C ARG C 50 -3.39 3.86 13.95
N GLN C 51 -3.34 4.61 12.85
CA GLN C 51 -2.43 5.76 12.72
C GLN C 51 -3.05 7.12 13.08
N GLY C 52 -4.25 7.09 13.62
CA GLY C 52 -4.95 8.34 14.00
C GLY C 52 -5.22 9.24 12.78
N TYR C 53 -5.69 8.65 11.67
CA TYR C 53 -6.02 9.38 10.42
C TYR C 53 -4.76 9.98 9.76
N SER C 54 -4.16 11.00 10.38
CA SER C 54 -2.97 11.64 9.81
C SER C 54 -1.85 10.59 9.72
N PRO C 55 -1.14 10.47 8.59
CA PRO C 55 -0.04 9.46 8.41
C PRO C 55 0.69 9.07 9.72
N LEU C 56 1.91 9.61 9.99
CA LEU C 56 2.63 9.24 11.21
C LEU C 56 2.72 10.38 12.25
N SER C 57 2.53 11.65 11.86
CA SER C 57 2.59 12.75 12.84
C SER C 57 1.18 13.01 13.40
N GLU C 80 -3.84 3.47 20.41
CA GLU C 80 -4.06 3.17 21.85
C GLU C 80 -4.60 1.71 21.98
N ARG C 81 -5.50 1.44 22.94
CA ARG C 81 -6.08 0.11 23.18
C ARG C 81 -6.79 -0.46 21.94
N ASP C 82 -7.23 0.42 21.04
CA ASP C 82 -8.01 0.00 19.86
C ASP C 82 -7.32 -1.08 19.00
N ARG C 83 -6.07 -1.46 19.31
CA ARG C 83 -5.40 -2.53 18.54
C ARG C 83 -6.26 -3.78 18.58
N ASP C 84 -6.86 -4.06 19.74
CA ASP C 84 -7.74 -5.22 19.87
C ASP C 84 -8.90 -5.09 18.86
N ARG C 85 -9.28 -3.84 18.54
CA ARG C 85 -10.33 -3.60 17.56
C ARG C 85 -9.80 -3.96 16.17
N SER C 86 -8.61 -3.45 15.82
CA SER C 86 -8.02 -3.76 14.52
C SER C 86 -7.82 -5.28 14.43
N ILE C 87 -7.61 -5.95 15.58
CA ILE C 87 -7.49 -7.41 15.57
C ILE C 87 -8.75 -8.02 14.92
N ARG C 88 -9.86 -7.25 14.87
CA ARG C 88 -11.10 -7.72 14.26
C ARG C 88 -10.83 -8.08 12.78
N LEU C 89 -9.76 -7.51 12.20
CA LEU C 89 -9.42 -7.80 10.81
C LEU C 89 -9.26 -9.31 10.59
N VAL C 90 -8.83 -10.06 11.62
CA VAL C 90 -8.70 -11.52 11.50
C VAL C 90 -10.07 -12.10 11.11
N ASN C 91 -11.09 -11.53 11.72
CA ASN C 91 -12.50 -11.84 11.49
C ASN C 91 -12.92 -11.51 10.05
N GLY C 92 -12.06 -10.81 9.30
CA GLY C 92 -12.43 -10.35 7.97
C GLY C 92 -12.97 -11.49 7.10
N SER C 93 -12.67 -12.76 7.43
CA SER C 93 -13.26 -13.89 6.67
C SER C 93 -14.78 -13.84 6.87
N LEU C 94 -15.17 -13.51 8.09
CA LEU C 94 -16.58 -13.41 8.50
C LEU C 94 -17.28 -12.32 7.67
N ALA C 95 -16.68 -11.16 7.70
CA ALA C 95 -17.11 -9.96 7.02
C ALA C 95 -17.01 -9.97 5.48
N LEU C 96 -16.01 -10.65 4.94
CA LEU C 96 -15.67 -10.57 3.52
C LEU C 96 -16.79 -10.91 2.55
N ILE C 97 -17.74 -11.81 2.86
CA ILE C 97 -18.77 -12.06 1.87
C ILE C 97 -19.79 -10.91 1.87
N TRP C 98 -19.90 -10.19 3.00
CA TRP C 98 -20.83 -9.07 3.14
C TRP C 98 -20.45 -7.83 2.30
N ASP C 99 -19.17 -7.41 2.32
CA ASP C 99 -18.73 -6.21 1.57
C ASP C 99 -18.77 -6.42 0.05
N ASP C 100 -18.31 -7.58 -0.42
CA ASP C 100 -18.29 -7.86 -1.87
C ASP C 100 -19.71 -7.80 -2.43
N LEU C 101 -20.69 -8.34 -1.69
CA LEU C 101 -22.08 -8.35 -2.13
C LEU C 101 -22.68 -6.94 -2.28
N ARG C 102 -22.45 -6.07 -1.30
CA ARG C 102 -23.03 -4.70 -1.31
C ARG C 102 -22.71 -3.97 -2.62
N SER C 103 -21.45 -3.95 -2.99
CA SER C 103 -21.03 -3.27 -4.22
C SER C 103 -21.36 -4.08 -5.47
N LEU C 104 -21.30 -5.41 -5.34
CA LEU C 104 -21.54 -6.29 -6.48
C LEU C 104 -23.01 -6.30 -6.98
N SER C 105 -23.97 -6.59 -6.09
CA SER C 105 -25.39 -6.65 -6.49
C SER C 105 -26.17 -5.37 -6.14
N LEU C 106 -25.58 -4.45 -5.34
CA LEU C 106 -26.26 -3.21 -4.93
C LEU C 106 -27.50 -3.56 -4.07
N PHE C 107 -28.32 -2.55 -3.75
CA PHE C 107 -29.53 -2.75 -2.94
C PHE C 107 -30.61 -3.47 -3.77
N SER C 108 -31.23 -2.76 -4.73
CA SER C 108 -32.25 -3.36 -5.58
C SER C 108 -31.62 -4.53 -6.34
N TYR C 109 -32.34 -5.65 -6.46
CA TYR C 109 -31.78 -6.83 -7.13
C TYR C 109 -31.89 -6.72 -8.65
N HIS C 110 -31.53 -7.82 -9.35
CA HIS C 110 -31.45 -7.84 -10.83
C HIS C 110 -30.23 -7.00 -11.29
N ARG C 111 -29.59 -6.32 -10.33
CA ARG C 111 -28.42 -5.48 -10.51
C ARG C 111 -27.15 -6.29 -10.78
N LEU C 112 -27.07 -7.54 -10.29
CA LEU C 112 -25.81 -8.30 -10.41
C LEU C 112 -25.37 -8.45 -11.88
N ARG C 113 -26.30 -8.73 -12.80
CA ARG C 113 -25.96 -8.80 -14.22
C ARG C 113 -25.66 -7.38 -14.72
N ASP C 114 -26.45 -6.44 -14.23
CA ASP C 114 -26.31 -5.03 -14.57
C ASP C 114 -24.95 -4.49 -14.13
N LEU C 115 -24.40 -5.01 -13.01
CA LEU C 115 -23.13 -4.51 -12.51
C LEU C 115 -22.05 -4.63 -13.58
N LEU C 116 -22.08 -5.73 -14.33
CA LEU C 116 -21.12 -5.94 -15.41
C LEU C 116 -21.37 -4.94 -16.55
N LEU C 117 -22.63 -4.64 -16.82
CA LEU C 117 -23.02 -3.71 -17.89
C LEU C 117 -22.74 -2.25 -17.53
N ILE C 118 -22.91 -1.88 -16.27
CA ILE C 118 -22.69 -0.49 -15.86
C ILE C 118 -21.25 -0.07 -16.05
N VAL C 119 -20.27 -0.96 -15.80
CA VAL C 119 -18.86 -0.55 -15.94
C VAL C 119 -18.63 -0.01 -17.36
N THR C 120 -19.13 -0.71 -18.39
CA THR C 120 -19.00 -0.23 -19.77
C THR C 120 -19.76 1.08 -19.96
N ARG C 121 -20.92 1.18 -19.32
CA ARG C 121 -21.79 2.35 -19.43
C ARG C 121 -21.15 3.61 -18.83
N ILE C 122 -20.45 3.45 -17.70
CA ILE C 122 -19.81 4.60 -17.05
C ILE C 122 -18.72 5.15 -17.97
N VAL C 123 -17.91 4.26 -18.55
CA VAL C 123 -16.81 4.71 -19.42
C VAL C 123 -17.34 5.55 -20.60
N GLU C 124 -18.43 5.09 -21.23
CA GLU C 124 -19.01 5.82 -22.36
C GLU C 124 -19.50 7.21 -21.93
N LEU C 125 -20.18 7.27 -20.80
CA LEU C 125 -20.70 8.53 -20.26
C LEU C 125 -19.55 9.49 -19.87
N LEU C 126 -18.62 8.98 -19.07
CA LEU C 126 -17.49 9.76 -18.57
C LEU C 126 -16.39 9.99 -19.63
N GLY C 127 -16.46 9.27 -20.76
CA GLY C 127 -15.44 9.41 -21.81
C GLY C 127 -15.37 10.85 -22.35
N ARG C 128 -16.45 11.62 -22.17
CA ARG C 128 -16.49 13.02 -22.62
C ARG C 128 -15.68 13.92 -21.66
N ARG C 129 -15.76 13.60 -20.37
CA ARG C 129 -15.05 14.35 -19.33
C ARG C 129 -13.57 13.92 -19.18
N GLY C 130 -13.21 12.77 -19.76
CA GLY C 130 -11.83 12.26 -19.66
C GLY C 130 -10.79 13.28 -20.15
N TRP C 131 -11.18 14.20 -21.05
CA TRP C 131 -10.27 15.22 -21.58
C TRP C 131 -9.88 16.29 -20.59
N GLU C 132 -10.58 16.35 -19.45
CA GLU C 132 -10.17 17.28 -18.38
C GLU C 132 -8.63 17.00 -18.06
N ALA C 133 -8.08 15.90 -18.63
CA ALA C 133 -6.66 15.59 -18.56
C ALA C 133 -5.87 16.82 -19.10
N LEU C 134 -6.37 17.34 -20.23
CA LEU C 134 -5.81 18.50 -20.92
C LEU C 134 -6.07 19.83 -20.19
N LYS C 135 -7.26 20.04 -19.59
CA LYS C 135 -7.52 21.36 -18.95
C LYS C 135 -6.47 21.64 -17.90
N TYR C 136 -6.07 20.62 -17.14
CA TYR C 136 -5.07 20.81 -16.12
C TYR C 136 -3.69 21.00 -16.74
N TRP C 137 -3.42 20.24 -17.81
CA TRP C 137 -2.13 20.32 -18.49
C TRP C 137 -1.93 21.67 -19.20
N TRP C 138 -3.02 22.28 -19.69
CA TRP C 138 -2.92 23.57 -20.37
C TRP C 138 -2.57 24.66 -19.34
N ASN C 139 -3.30 24.63 -18.22
CA ASN C 139 -3.07 25.58 -17.12
C ASN C 139 -1.72 25.33 -16.44
N LEU C 140 -1.35 24.06 -16.35
CA LEU C 140 -0.11 23.64 -15.69
C LEU C 140 1.15 24.17 -16.44
N LEU C 141 1.23 23.96 -17.75
CA LEU C 141 2.38 24.44 -18.52
C LEU C 141 2.42 25.96 -18.56
N GLN C 142 1.24 26.58 -18.66
CA GLN C 142 1.12 28.04 -18.75
C GLN C 142 1.62 28.78 -17.50
N TYR C 143 1.28 28.31 -16.29
CA TYR C 143 1.67 29.01 -15.09
C TYR C 143 3.16 28.88 -14.78
N TRP C 144 3.80 27.71 -15.03
CA TRP C 144 5.24 27.60 -14.68
C TRP C 144 6.01 28.51 -15.63
N SER C 145 5.55 28.59 -16.88
CA SER C 145 6.16 29.48 -17.86
C SER C 145 6.12 30.92 -17.31
N GLN C 146 5.02 31.26 -16.63
CA GLN C 146 4.84 32.59 -16.05
C GLN C 146 5.96 32.85 -15.02
N GLU C 147 6.26 31.85 -14.17
CA GLU C 147 7.34 32.04 -13.21
C GLU C 147 8.65 32.27 -13.97
N LEU C 148 8.76 31.69 -15.18
CA LEU C 148 9.96 31.88 -16.00
C LEU C 148 10.15 33.38 -16.27
N LYS C 149 9.06 34.10 -16.62
CA LYS C 149 9.18 35.55 -16.87
C LYS C 149 9.74 36.25 -15.65
N ASN C 150 9.29 35.87 -14.45
CA ASN C 150 9.72 36.54 -13.21
C ASN C 150 11.22 36.38 -12.92
N SER C 151 11.78 35.18 -13.10
CA SER C 151 13.20 34.96 -12.86
C SER C 151 14.06 35.68 -13.92
N ALA C 152 13.68 35.48 -15.18
CA ALA C 152 14.39 36.09 -16.31
C ALA C 152 14.26 37.62 -16.32
N VAL C 153 13.03 38.12 -16.15
CA VAL C 153 12.80 39.56 -16.18
C VAL C 153 13.69 40.29 -15.16
N SER C 154 13.76 39.75 -13.94
CA SER C 154 14.57 40.35 -12.89
C SER C 154 16.04 40.47 -13.30
N LEU C 155 16.66 39.35 -13.70
CA LEU C 155 18.07 39.33 -14.06
C LEU C 155 18.38 40.02 -15.40
N LEU C 156 17.69 39.65 -16.48
CA LEU C 156 17.97 40.21 -17.81
C LEU C 156 17.67 41.72 -17.87
N ASN C 157 16.53 42.17 -17.34
CA ASN C 157 16.20 43.60 -17.37
C ASN C 157 17.19 44.42 -16.56
N ALA C 158 17.55 43.92 -15.38
CA ALA C 158 18.48 44.64 -14.50
C ALA C 158 19.89 44.78 -15.08
N THR C 159 20.40 43.70 -15.66
CA THR C 159 21.74 43.69 -16.25
C THR C 159 21.81 44.49 -17.55
N ALA C 160 20.68 44.57 -18.28
CA ALA C 160 20.65 45.26 -19.56
C ALA C 160 20.69 46.79 -19.44
N ILE C 161 20.01 47.34 -18.44
CA ILE C 161 19.96 48.80 -18.26
C ILE C 161 21.38 49.39 -18.10
N ALA C 162 22.33 48.59 -17.58
CA ALA C 162 23.71 49.04 -17.39
C ALA C 162 24.25 49.75 -18.64
N VAL C 163 23.67 49.47 -19.82
CA VAL C 163 24.12 50.08 -21.08
C VAL C 163 23.43 51.43 -21.31
N GLY C 164 22.16 51.53 -20.92
CA GLY C 164 21.38 52.75 -21.10
C GLY C 164 19.96 52.57 -20.56
N GLU C 165 19.02 53.37 -21.05
CA GLU C 165 17.62 53.30 -20.61
C GLU C 165 16.69 52.94 -21.78
N GLY C 166 16.19 51.70 -21.78
CA GLY C 166 15.29 51.23 -22.83
C GLY C 166 15.36 49.70 -23.00
N THR C 167 16.39 49.07 -22.44
CA THR C 167 16.57 47.62 -22.53
C THR C 167 15.51 46.85 -21.74
N ASP C 168 15.10 47.41 -20.59
CA ASP C 168 14.15 46.74 -19.70
C ASP C 168 12.82 46.43 -20.40
N ARG C 169 12.26 47.41 -21.12
CA ARG C 169 11.00 47.19 -21.83
C ARG C 169 11.16 46.11 -22.91
N VAL C 170 12.39 45.93 -23.43
CA VAL C 170 12.65 44.91 -24.45
C VAL C 170 12.48 43.50 -23.87
N ILE C 171 13.04 43.27 -22.67
CA ILE C 171 12.96 41.95 -22.03
C ILE C 171 11.48 41.60 -21.73
N GLU C 172 10.74 42.58 -21.23
CA GLU C 172 9.34 42.39 -20.81
C GLU C 172 8.36 42.18 -21.97
N VAL C 173 8.54 42.91 -23.08
CA VAL C 173 7.65 42.77 -24.24
C VAL C 173 7.80 41.40 -24.90
N VAL C 174 9.04 40.96 -25.08
CA VAL C 174 9.32 39.66 -25.74
C VAL C 174 8.86 38.45 -24.87
N GLN C 175 9.20 38.46 -23.59
CA GLN C 175 8.87 37.35 -22.67
C GLN C 175 7.34 37.11 -22.58
N GLY C 176 6.62 38.20 -22.35
CA GLY C 176 5.17 38.14 -22.22
C GLY C 176 4.50 37.98 -23.58
N ALA C 177 5.11 38.52 -24.63
CA ALA C 177 4.50 38.44 -25.95
C ALA C 177 4.29 36.99 -26.37
N SER C 178 5.30 36.12 -26.22
CA SER C 178 5.14 34.73 -26.64
C SER C 178 4.21 33.91 -25.72
N ARG C 179 4.44 33.95 -24.39
CA ARG C 179 3.58 33.17 -23.48
C ARG C 179 2.18 33.74 -23.34
N ALA C 180 2.12 35.03 -23.03
CA ALA C 180 0.82 35.69 -22.80
C ALA C 180 -0.11 35.58 -24.02
N ILE C 181 0.40 35.66 -25.27
CA ILE C 181 -0.49 35.52 -26.42
C ILE C 181 -1.06 34.09 -26.45
N ARG C 182 -0.20 33.10 -26.16
CA ARG C 182 -0.65 31.71 -26.13
C ARG C 182 -1.47 31.39 -24.87
N HIS C 183 -1.74 32.40 -24.03
CA HIS C 183 -2.50 32.23 -22.80
C HIS C 183 -3.93 32.79 -22.97
N ILE C 184 -4.89 32.17 -22.23
CA ILE C 184 -6.35 32.51 -22.18
C ILE C 184 -7.19 31.21 -22.38
N PRO C 185 -6.94 30.41 -23.41
CA PRO C 185 -7.74 29.15 -23.64
C PRO C 185 -7.76 28.25 -22.41
N ARG C 186 -8.92 27.63 -22.14
CA ARG C 186 -9.06 26.73 -20.99
C ARG C 186 -10.12 25.63 -21.26
N ARG C 187 -11.14 25.96 -22.06
CA ARG C 187 -12.19 24.99 -22.39
C ARG C 187 -11.87 24.27 -23.71
N ILE C 188 -10.64 23.77 -23.81
CA ILE C 188 -10.19 23.07 -25.02
C ILE C 188 -10.89 21.71 -25.17
N ARG C 189 -11.10 21.02 -24.05
CA ARG C 189 -11.74 19.71 -24.07
C ARG C 189 -13.21 19.76 -24.52
N GLN C 190 -13.95 20.80 -24.09
CA GLN C 190 -15.37 20.93 -24.47
C GLN C 190 -15.50 21.27 -25.97
N GLY C 191 -14.59 22.13 -26.46
CA GLY C 191 -14.60 22.53 -27.87
C GLY C 191 -14.10 21.36 -28.72
N LEU C 192 -13.03 20.72 -28.27
CA LEU C 192 -12.43 19.58 -28.97
C LEU C 192 -13.39 18.40 -28.97
N GLU C 193 -14.03 18.14 -27.83
CA GLU C 193 -14.97 17.02 -27.71
C GLU C 193 -16.18 17.20 -28.63
N ARG C 194 -16.67 18.45 -28.73
CA ARG C 194 -17.84 18.76 -29.55
C ARG C 194 -17.55 18.52 -31.04
N ILE C 195 -16.34 18.87 -31.50
CA ILE C 195 -15.97 18.68 -32.91
C ILE C 195 -15.58 17.22 -33.23
N LEU C 196 -15.66 16.33 -32.22
CA LEU C 196 -15.33 14.91 -32.42
C LEU C 196 -16.54 14.10 -32.92
N LEU C 197 -17.75 14.67 -32.79
CA LEU C 197 -18.96 13.99 -33.22
C LEU C 197 -19.60 14.72 -34.41
N LEU A 1 35.99 -28.04 -12.66
CA LEU A 1 34.51 -28.09 -12.76
C LEU A 1 34.03 -27.04 -13.77
N LEU A 2 32.93 -27.36 -14.46
CA LEU A 2 32.32 -26.46 -15.44
C LEU A 2 33.30 -26.16 -16.59
N GLU A 3 32.93 -26.58 -17.80
CA GLU A 3 33.75 -26.36 -18.98
C GLU A 3 32.87 -26.09 -20.20
N LEU A 4 33.42 -25.43 -21.22
CA LEU A 4 32.65 -25.10 -22.43
C LEU A 4 32.00 -26.36 -23.05
N ASP A 5 32.49 -27.53 -22.67
CA ASP A 5 31.96 -28.80 -23.17
C ASP A 5 30.76 -29.26 -22.33
N LYS A 6 30.84 -29.01 -21.03
CA LYS A 6 29.78 -29.37 -20.10
C LYS A 6 28.55 -28.50 -20.33
N TRP A 7 28.78 -27.21 -20.57
CA TRP A 7 27.70 -26.25 -20.81
C TRP A 7 26.96 -26.60 -22.09
N ALA A 8 27.72 -26.89 -23.15
CA ALA A 8 27.12 -27.22 -24.45
C ALA A 8 26.26 -28.49 -24.33
N SER A 9 26.78 -29.48 -23.61
CA SER A 9 26.04 -30.74 -23.41
C SER A 9 24.71 -30.45 -22.68
N LEU A 10 24.70 -29.38 -21.88
CA LEU A 10 23.52 -28.97 -21.12
C LEU A 10 22.33 -28.63 -22.04
N TRP A 11 22.61 -28.26 -23.29
CA TRP A 11 21.54 -27.90 -24.26
C TRP A 11 20.65 -29.12 -24.63
N ASN A 12 20.92 -30.29 -24.03
CA ASN A 12 20.14 -31.50 -24.32
C ASN A 12 18.75 -31.45 -23.65
N TRP A 13 18.61 -30.68 -22.57
CA TRP A 13 17.33 -30.55 -21.86
C TRP A 13 16.79 -29.11 -22.00
N PHE A 14 16.81 -28.64 -23.25
CA PHE A 14 16.37 -27.28 -23.63
C PHE A 14 15.23 -26.72 -22.75
N ASP A 15 14.28 -27.58 -22.36
CA ASP A 15 13.15 -27.14 -21.52
C ASP A 15 13.64 -26.39 -20.27
N ILE A 16 14.31 -27.12 -19.38
CA ILE A 16 14.85 -26.53 -18.13
C ILE A 16 15.81 -25.37 -18.48
N THR A 17 16.58 -25.53 -19.54
CA THR A 17 17.55 -24.51 -19.96
C THR A 17 16.88 -23.13 -20.11
N ASN A 18 15.61 -23.11 -20.54
CA ASN A 18 14.91 -21.82 -20.75
C ASN A 18 14.79 -21.01 -19.46
N TRP A 19 14.32 -21.62 -18.37
CA TRP A 19 14.19 -20.90 -17.10
C TRP A 19 15.59 -20.53 -16.56
N LEU A 20 16.51 -21.50 -16.59
CA LEU A 20 17.87 -21.34 -16.07
C LEU A 20 18.71 -20.32 -16.86
N TRP A 21 18.55 -20.30 -18.19
CA TRP A 21 19.34 -19.40 -19.04
C TRP A 21 18.73 -18.00 -19.13
N TYR A 22 17.42 -17.90 -18.95
CA TYR A 22 16.75 -16.60 -19.05
C TYR A 22 16.36 -16.05 -17.68
N ILE A 23 16.84 -16.68 -16.60
CA ILE A 23 16.53 -16.21 -15.26
C ILE A 23 17.15 -14.81 -15.04
N ARG A 24 18.35 -14.58 -15.60
CA ARG A 24 19.00 -13.27 -15.48
C ARG A 24 18.08 -12.18 -15.98
N ILE A 25 17.50 -12.43 -17.17
CA ILE A 25 16.55 -11.49 -17.79
C ILE A 25 15.28 -11.47 -16.92
N PHE A 26 14.92 -12.62 -16.38
CA PHE A 26 13.74 -12.78 -15.58
C PHE A 26 13.78 -11.85 -14.36
N ILE A 27 14.96 -11.66 -13.75
CA ILE A 27 15.08 -10.77 -12.60
C ILE A 27 14.65 -9.36 -13.03
N ILE A 28 15.19 -8.93 -14.16
CA ILE A 28 14.87 -7.60 -14.70
C ILE A 28 13.34 -7.44 -14.86
N ILE A 29 12.67 -8.50 -15.38
CA ILE A 29 11.23 -8.46 -15.60
C ILE A 29 10.47 -8.37 -14.25
N VAL A 30 10.81 -9.21 -13.27
CA VAL A 30 10.13 -9.15 -11.97
C VAL A 30 10.38 -7.76 -11.35
N GLY A 31 11.61 -7.26 -11.51
CA GLY A 31 11.95 -5.92 -10.99
C GLY A 31 10.93 -4.89 -11.50
N SER A 32 10.56 -5.00 -12.78
CA SER A 32 9.55 -4.11 -13.35
C SER A 32 8.23 -4.32 -12.60
N LEU A 33 7.96 -5.59 -12.27
CA LEU A 33 6.74 -5.97 -11.56
C LEU A 33 6.68 -5.25 -10.21
N ILE A 34 7.81 -5.25 -9.47
CA ILE A 34 7.87 -4.60 -8.16
C ILE A 34 7.55 -3.09 -8.29
N GLY A 35 8.06 -2.43 -9.34
CA GLY A 35 7.76 -1.00 -9.54
C GLY A 35 6.24 -0.81 -9.82
N LEU A 36 5.58 -1.89 -10.23
CA LEU A 36 4.13 -1.90 -10.52
C LEU A 36 3.32 -1.80 -9.20
N ARG A 37 3.85 -2.45 -8.16
CA ARG A 37 3.23 -2.57 -6.83
C ARG A 37 2.86 -1.22 -6.19
N ILE A 38 3.57 -0.13 -6.51
CA ILE A 38 3.31 1.16 -5.83
C ILE A 38 1.85 1.57 -6.03
N VAL A 39 1.27 1.29 -7.19
CA VAL A 39 -0.14 1.67 -7.41
C VAL A 39 -1.03 1.12 -6.31
N PHE A 40 -0.63 -0.04 -5.76
CA PHE A 40 -1.39 -0.69 -4.70
C PHE A 40 -1.57 0.27 -3.53
N ALA A 41 -0.60 1.16 -3.32
CA ALA A 41 -0.72 2.17 -2.27
C ALA A 41 -1.92 3.07 -2.59
N VAL A 42 -2.04 3.43 -3.88
CA VAL A 42 -3.13 4.27 -4.39
C VAL A 42 -4.45 3.45 -4.32
N LEU A 43 -4.33 2.21 -4.73
CA LEU A 43 -5.42 1.24 -4.76
C LEU A 43 -5.93 1.00 -3.32
N SER A 44 -4.98 0.98 -2.36
CA SER A 44 -5.32 0.79 -0.95
C SER A 44 -6.17 1.95 -0.44
N LEU A 45 -5.90 3.16 -0.96
CA LEU A 45 -6.65 4.34 -0.59
C LEU A 45 -8.12 4.11 -0.97
N VAL A 46 -8.31 3.59 -2.18
CA VAL A 46 -9.63 3.24 -2.68
C VAL A 46 -10.20 2.14 -1.77
N ASN A 47 -9.32 1.23 -1.32
CA ASN A 47 -9.73 0.14 -0.43
C ASN A 47 -10.41 0.68 0.82
N ARG A 48 -9.92 1.82 1.33
CA ARG A 48 -10.48 2.42 2.54
C ARG A 48 -11.97 2.69 2.38
N VAL A 49 -12.36 3.33 1.28
CA VAL A 49 -13.76 3.61 1.01
C VAL A 49 -14.48 2.30 0.64
N ARG A 50 -13.78 1.45 -0.11
CA ARG A 50 -14.27 0.13 -0.52
C ARG A 50 -14.61 -0.76 0.70
N GLN A 51 -13.84 -0.58 1.78
CA GLN A 51 -13.99 -1.40 2.99
C GLN A 51 -14.80 -0.72 4.11
N GLY A 52 -15.38 0.43 3.80
CA GLY A 52 -16.18 1.18 4.79
C GLY A 52 -15.35 2.29 5.45
N TYR A 53 -14.76 1.99 6.63
CA TYR A 53 -13.93 2.95 7.37
C TYR A 53 -12.79 2.21 8.11
N SER A 54 -13.14 1.49 9.17
CA SER A 54 -12.18 0.74 9.97
C SER A 54 -11.84 -0.58 9.24
N PRO A 55 -10.70 -1.23 9.54
CA PRO A 55 -10.24 -2.50 8.89
C PRO A 55 -11.34 -3.28 8.10
N LEU A 56 -11.65 -4.54 8.48
CA LEU A 56 -12.65 -5.34 7.75
C LEU A 56 -13.95 -5.53 8.58
N SER A 57 -14.09 -4.84 9.71
CA SER A 57 -15.30 -4.96 10.55
C SER A 57 -15.79 -3.58 10.95
N GLU A 80 -20.54 1.30 1.16
CA GLU A 80 -20.30 2.55 0.44
C GLU A 80 -20.86 2.54 -0.99
N ARG A 81 -21.70 3.55 -1.26
CA ARG A 81 -22.32 3.77 -2.57
C ARG A 81 -21.26 4.13 -3.63
N ASP A 82 -20.13 4.68 -3.16
CA ASP A 82 -19.05 5.17 -4.03
C ASP A 82 -18.55 4.13 -5.05
N ARG A 83 -19.01 2.87 -5.02
CA ARG A 83 -18.56 1.87 -6.01
C ARG A 83 -18.82 2.41 -7.42
N ASP A 84 -19.90 3.18 -7.60
CA ASP A 84 -20.16 3.80 -8.90
C ASP A 84 -18.96 4.68 -9.23
N ARG A 85 -18.49 5.39 -8.20
CA ARG A 85 -17.32 6.24 -8.30
C ARG A 85 -16.03 5.41 -8.41
N SER A 86 -16.04 4.15 -7.92
CA SER A 86 -14.84 3.31 -8.05
C SER A 86 -14.51 3.22 -9.54
N ILE A 87 -15.57 3.17 -10.36
CA ILE A 87 -15.40 3.18 -11.82
C ILE A 87 -14.81 4.55 -12.23
N ARG A 88 -15.27 5.64 -11.57
CA ARG A 88 -14.76 6.98 -11.86
C ARG A 88 -13.24 7.04 -11.58
N LEU A 89 -12.76 6.26 -10.61
CA LEU A 89 -11.33 6.25 -10.29
C LEU A 89 -10.51 5.93 -11.55
N VAL A 90 -11.09 5.19 -12.52
CA VAL A 90 -10.41 4.94 -13.80
C VAL A 90 -10.19 6.32 -14.45
N ASN A 91 -11.26 7.10 -14.48
CA ASN A 91 -11.27 8.48 -14.96
C ASN A 91 -10.40 9.37 -14.06
N GLY A 92 -9.98 8.82 -12.92
CA GLY A 92 -9.25 9.55 -11.90
C GLY A 92 -8.05 10.27 -12.50
N SER A 93 -7.59 9.87 -13.70
CA SER A 93 -6.46 10.56 -14.32
C SER A 93 -6.81 12.07 -14.45
N LEU A 94 -8.09 12.36 -14.75
CA LEU A 94 -8.57 13.74 -14.86
C LEU A 94 -8.45 14.44 -13.49
N ALA A 95 -8.89 13.72 -12.46
CA ALA A 95 -8.86 14.18 -11.09
C ALA A 95 -7.44 14.30 -10.55
N LEU A 96 -6.57 13.41 -11.04
CA LEU A 96 -5.21 13.30 -10.56
C LEU A 96 -4.46 14.61 -10.70
N ILE A 97 -4.87 15.53 -11.62
CA ILE A 97 -4.17 16.78 -11.67
C ILE A 97 -4.59 17.61 -10.44
N TRP A 98 -5.78 17.38 -9.87
CA TRP A 98 -6.22 18.20 -8.73
C TRP A 98 -5.44 17.96 -7.40
N ASP A 99 -5.24 16.71 -6.92
CA ASP A 99 -4.47 16.54 -5.62
C ASP A 99 -2.95 16.84 -5.74
N ASP A 100 -2.30 16.22 -6.72
CA ASP A 100 -0.83 16.34 -6.93
C ASP A 100 -0.34 17.69 -7.44
N LEU A 101 -1.00 18.22 -8.45
CA LEU A 101 -0.56 19.46 -9.09
C LEU A 101 -0.68 20.73 -8.22
N ARG A 102 -1.83 20.90 -7.58
CA ARG A 102 -2.08 22.08 -6.76
C ARG A 102 -1.26 22.05 -5.48
N SER A 103 -1.17 20.89 -4.85
CA SER A 103 -0.40 20.74 -3.62
C SER A 103 1.09 20.90 -3.92
N LEU A 104 1.51 20.44 -5.11
CA LEU A 104 2.90 20.51 -5.55
C LEU A 104 3.40 21.96 -5.63
N SER A 105 2.68 22.83 -6.35
CA SER A 105 3.08 24.24 -6.49
C SER A 105 2.59 25.09 -5.29
N LEU A 106 1.71 24.50 -4.44
CA LEU A 106 1.17 25.19 -3.26
C LEU A 106 0.25 26.38 -3.65
N PHE A 107 -0.16 27.16 -2.64
CA PHE A 107 -1.06 28.30 -2.82
C PHE A 107 -0.57 29.29 -3.91
N SER A 108 0.51 30.05 -3.62
CA SER A 108 1.02 31.06 -4.55
C SER A 108 1.65 30.43 -5.80
N TYR A 109 1.69 31.23 -6.89
CA TYR A 109 2.26 30.77 -8.15
C TYR A 109 3.42 31.69 -8.60
N HIS A 110 4.58 31.34 -8.05
CA HIS A 110 5.90 31.99 -8.26
C HIS A 110 6.91 31.07 -7.56
N ARG A 111 6.50 30.70 -6.35
CA ARG A 111 7.12 29.79 -5.43
C ARG A 111 7.42 28.39 -6.00
N LEU A 112 6.71 27.92 -7.05
CA LEU A 112 6.86 26.50 -7.46
C LEU A 112 8.33 26.18 -7.76
N ARG A 113 9.11 27.15 -8.23
CA ARG A 113 10.57 26.91 -8.40
C ARG A 113 11.17 26.80 -6.98
N ASP A 114 10.59 27.59 -6.06
CA ASP A 114 10.96 27.60 -4.65
C ASP A 114 10.62 26.25 -4.01
N LEU A 115 9.53 25.58 -4.46
CA LEU A 115 9.12 24.32 -3.87
C LEU A 115 10.26 23.32 -3.92
N LEU A 116 11.05 23.33 -4.99
CA LEU A 116 12.15 22.36 -5.09
C LEU A 116 13.08 22.54 -3.89
N LEU A 117 13.36 23.79 -3.52
CA LEU A 117 14.19 24.08 -2.36
C LEU A 117 13.42 23.86 -1.04
N ILE A 118 12.10 24.05 -1.08
CA ILE A 118 11.27 23.93 0.12
C ILE A 118 11.46 22.59 0.83
N VAL A 119 11.63 21.49 0.07
CA VAL A 119 11.79 20.18 0.71
C VAL A 119 12.97 20.24 1.69
N THR A 120 14.08 20.84 1.25
CA THR A 120 15.24 20.99 2.11
C THR A 120 14.93 21.88 3.31
N ARG A 121 14.18 22.95 3.07
CA ARG A 121 13.83 23.91 4.12
C ARG A 121 12.99 23.30 5.23
N ILE A 122 11.97 22.52 4.86
CA ILE A 122 11.11 21.93 5.87
C ILE A 122 11.89 20.89 6.67
N VAL A 123 12.68 20.05 5.99
CA VAL A 123 13.48 19.05 6.69
C VAL A 123 14.58 19.69 7.54
N GLU A 124 15.20 20.78 7.04
CA GLU A 124 16.27 21.44 7.81
C GLU A 124 15.70 22.02 9.10
N LEU A 125 14.53 22.66 9.02
CA LEU A 125 13.88 23.24 10.20
C LEU A 125 13.49 22.12 11.17
N LEU A 126 12.91 21.06 10.61
CA LEU A 126 12.46 19.90 11.40
C LEU A 126 13.64 19.02 11.85
N GLY A 127 14.83 19.23 11.26
CA GLY A 127 16.01 18.43 11.61
C GLY A 127 16.36 18.60 13.08
N ARG A 128 16.25 19.82 13.59
CA ARG A 128 16.54 20.09 15.00
C ARG A 128 15.64 19.22 15.90
N ARG A 129 14.40 19.02 15.46
CA ARG A 129 13.43 18.20 16.19
C ARG A 129 13.63 16.69 15.91
N GLY A 130 14.36 16.37 14.84
CA GLY A 130 14.62 14.98 14.45
C GLY A 130 15.25 14.16 15.59
N TRP A 131 15.95 14.84 16.51
CA TRP A 131 16.60 14.15 17.63
C TRP A 131 15.63 13.36 18.49
N GLU A 132 14.34 13.60 18.30
CA GLU A 132 13.33 12.84 19.02
C GLU A 132 13.58 11.31 18.84
N ALA A 133 14.51 10.93 17.92
CA ALA A 133 14.89 9.54 17.68
C ALA A 133 15.27 8.89 19.01
N LEU A 134 16.18 9.54 19.70
CA LEU A 134 16.61 9.09 21.01
C LEU A 134 15.49 9.25 22.02
N LYS A 135 14.67 10.31 21.89
CA LYS A 135 13.61 10.57 22.88
C LYS A 135 12.65 9.36 23.07
N TYR A 136 12.14 8.75 21.99
CA TYR A 136 11.23 7.63 22.19
C TYR A 136 11.95 6.38 22.64
N TRP A 137 13.18 6.17 22.15
CA TRP A 137 13.94 4.98 22.56
C TRP A 137 14.35 5.05 24.04
N TRP A 138 14.57 6.27 24.57
CA TRP A 138 14.92 6.39 25.99
C TRP A 138 13.72 6.01 26.85
N ASN A 139 12.55 6.55 26.48
CA ASN A 139 11.30 6.27 27.19
C ASN A 139 10.85 4.81 27.00
N LEU A 140 11.01 4.31 25.78
CA LEU A 140 10.58 2.96 25.43
C LEU A 140 11.27 1.89 26.29
N LEU A 141 12.60 1.94 26.38
CA LEU A 141 13.35 0.96 27.17
C LEU A 141 13.15 1.18 28.68
N GLN A 142 12.97 2.44 29.09
CA GLN A 142 12.80 2.76 30.51
C GLN A 142 11.58 2.04 31.12
N TYR A 143 10.41 2.08 30.46
CA TYR A 143 9.26 1.44 30.98
C TYR A 143 9.38 -0.09 30.84
N TRP A 144 10.05 -0.55 29.76
CA TRP A 144 10.17 -1.97 29.51
C TRP A 144 10.99 -2.58 30.64
N SER A 145 12.00 -1.85 31.14
CA SER A 145 12.77 -2.32 32.27
C SER A 145 11.82 -2.56 33.44
N GLN A 146 10.81 -1.66 33.58
CA GLN A 146 9.82 -1.79 34.65
C GLN A 146 9.00 -3.11 34.50
N GLU A 147 8.60 -3.53 33.27
CA GLU A 147 7.82 -4.77 33.12
C GLU A 147 8.63 -5.97 33.66
N LEU A 148 9.96 -5.94 33.46
CA LEU A 148 10.82 -7.00 33.95
C LEU A 148 10.77 -7.05 35.48
N LYS A 149 10.83 -5.87 36.11
CA LYS A 149 10.79 -5.77 37.57
C LYS A 149 9.49 -6.34 38.14
N ASN A 150 8.35 -5.97 37.53
CA ASN A 150 7.05 -6.44 38.00
C ASN A 150 6.91 -7.95 37.88
N SER A 151 7.41 -8.50 36.76
CA SER A 151 7.32 -9.94 36.52
C SER A 151 8.24 -10.71 37.48
N ALA A 152 9.49 -10.25 37.62
CA ALA A 152 10.45 -10.91 38.50
C ALA A 152 10.05 -10.80 39.97
N VAL A 153 9.69 -9.59 40.42
CA VAL A 153 9.29 -9.35 41.81
C VAL A 153 8.04 -10.18 42.14
N SER A 154 7.04 -10.15 41.26
CA SER A 154 5.80 -10.87 41.50
C SER A 154 6.04 -12.38 41.71
N LEU A 155 6.82 -12.99 40.81
CA LEU A 155 7.07 -14.45 40.87
C LEU A 155 8.05 -14.85 42.00
N LEU A 156 9.24 -14.24 42.05
CA LEU A 156 10.24 -14.61 43.07
C LEU A 156 9.78 -14.27 44.49
N ASN A 157 9.22 -13.06 44.68
CA ASN A 157 8.78 -12.62 46.00
C ASN A 157 7.58 -13.42 46.51
N ALA A 158 6.63 -13.68 45.62
CA ALA A 158 5.42 -14.43 45.98
C ALA A 158 5.74 -15.90 46.30
N THR A 159 6.60 -16.50 45.49
CA THR A 159 6.99 -17.90 45.67
C THR A 159 7.86 -18.11 46.91
N ALA A 160 8.60 -17.07 47.33
CA ALA A 160 9.49 -17.18 48.49
C ALA A 160 8.69 -17.41 49.79
N ILE A 161 7.46 -16.94 49.81
CA ILE A 161 6.59 -17.06 50.98
C ILE A 161 6.38 -18.54 51.37
N ALA A 162 6.47 -19.44 50.39
CA ALA A 162 6.29 -20.88 50.63
C ALA A 162 7.07 -21.33 51.89
N VAL A 163 8.15 -20.62 52.23
CA VAL A 163 8.96 -20.92 53.40
C VAL A 163 8.99 -19.72 54.36
N GLY A 164 8.74 -19.97 55.64
CA GLY A 164 8.75 -18.90 56.66
C GLY A 164 10.17 -18.50 57.05
N GLU A 165 10.72 -17.53 56.32
CA GLU A 165 12.08 -17.04 56.60
C GLU A 165 12.24 -15.55 56.22
N GLY A 166 11.11 -14.82 56.18
CA GLY A 166 11.14 -13.39 55.83
C GLY A 166 11.85 -13.17 54.49
N THR A 167 11.72 -14.13 53.58
CA THR A 167 12.36 -14.04 52.26
C THR A 167 11.78 -12.89 51.43
N ASP A 168 10.47 -12.63 51.57
CA ASP A 168 9.82 -11.56 50.78
C ASP A 168 10.50 -10.22 51.04
N ARG A 169 11.02 -10.01 52.24
CA ARG A 169 11.70 -8.76 52.59
C ARG A 169 12.94 -8.53 51.72
N VAL A 170 13.82 -9.55 51.60
CA VAL A 170 15.08 -9.39 50.85
C VAL A 170 14.93 -9.20 49.33
N ILE A 171 14.17 -10.05 48.60
CA ILE A 171 14.07 -9.87 47.12
C ILE A 171 13.28 -8.62 46.71
N GLU A 172 12.23 -8.24 47.47
CA GLU A 172 11.44 -7.05 47.10
C GLU A 172 12.22 -5.75 47.32
N VAL A 173 12.93 -5.64 48.44
CA VAL A 173 13.69 -4.43 48.76
C VAL A 173 14.89 -4.24 47.81
N VAL A 174 15.66 -5.31 47.55
CA VAL A 174 16.83 -5.21 46.68
C VAL A 174 16.45 -4.88 45.23
N GLN A 175 15.34 -5.45 44.73
CA GLN A 175 14.90 -5.18 43.35
C GLN A 175 14.53 -3.71 43.20
N GLY A 176 13.71 -3.25 44.14
CA GLY A 176 13.24 -1.86 44.15
C GLY A 176 14.39 -0.87 44.32
N ALA A 177 15.40 -1.24 45.12
CA ALA A 177 16.54 -0.37 45.37
C ALA A 177 17.41 -0.20 44.11
N SER A 178 17.68 -1.30 43.42
CA SER A 178 18.52 -1.28 42.22
C SER A 178 17.82 -0.58 41.04
N ARG A 179 16.53 -0.90 40.82
CA ARG A 179 15.77 -0.32 39.72
C ARG A 179 15.64 1.19 39.85
N ALA A 180 15.20 1.60 41.02
CA ALA A 180 14.96 3.01 41.33
C ALA A 180 16.26 3.85 41.36
N ILE A 181 17.37 3.25 41.83
CA ILE A 181 18.63 3.99 41.94
C ILE A 181 19.39 4.10 40.59
N ARG A 182 19.22 3.11 39.71
CA ARG A 182 19.92 3.12 38.41
C ARG A 182 19.26 4.09 37.40
N HIS A 183 18.24 4.84 37.83
CA HIS A 183 17.54 5.78 36.95
C HIS A 183 18.48 6.93 36.55
N ILE A 184 18.62 7.15 35.24
CA ILE A 184 19.49 8.21 34.72
C ILE A 184 18.67 9.14 33.77
N PRO A 185 18.86 10.47 33.81
CA PRO A 185 18.11 11.40 32.91
C PRO A 185 18.70 11.45 31.50
N ARG A 186 19.97 11.86 31.40
CA ARG A 186 20.68 11.96 30.11
C ARG A 186 20.02 13.01 29.20
N ARG A 187 18.87 12.66 28.57
CA ARG A 187 18.16 13.59 27.68
C ARG A 187 19.13 14.31 26.72
N ILE A 188 19.43 13.67 25.59
CA ILE A 188 20.35 14.26 24.59
C ILE A 188 19.64 15.40 23.87
N ARG A 189 18.39 15.15 23.51
CA ARG A 189 17.60 16.12 22.78
C ARG A 189 17.51 17.47 23.52
N GLN A 190 17.18 17.44 24.81
CA GLN A 190 17.05 18.68 25.58
C GLN A 190 18.40 19.35 25.88
N GLY A 191 19.32 18.60 26.50
CA GLY A 191 20.63 19.16 26.89
C GLY A 191 21.58 19.41 25.72
N LEU A 192 21.67 18.45 24.80
CA LEU A 192 22.59 18.59 23.66
C LEU A 192 22.10 19.61 22.63
N GLU A 193 20.78 19.84 22.53
CA GLU A 193 20.26 20.80 21.57
C GLU A 193 20.42 22.25 22.04
N ARG A 194 20.09 22.55 23.31
CA ARG A 194 20.19 23.93 23.80
C ARG A 194 21.64 24.34 24.13
N ILE A 195 22.51 23.38 24.46
CA ILE A 195 23.90 23.67 24.79
C ILE A 195 24.68 24.14 23.55
N LEU A 196 24.39 23.55 22.39
CA LEU A 196 25.09 23.91 21.15
C LEU A 196 24.22 24.80 20.24
N LEU A 197 22.89 24.71 20.39
CA LEU A 197 21.97 25.51 19.57
C LEU A 197 20.80 26.04 20.41
N LEU B 1 29.41 -19.65 -25.97
CA LEU B 1 29.22 -20.50 -24.77
C LEU B 1 30.17 -20.05 -23.66
N LEU B 2 30.00 -20.61 -22.46
CA LEU B 2 30.85 -20.28 -21.33
C LEU B 2 32.23 -20.94 -21.48
N GLU B 3 33.29 -20.13 -21.48
CA GLU B 3 34.66 -20.66 -21.63
C GLU B 3 35.65 -19.84 -20.81
N LEU B 4 36.59 -20.53 -20.17
CA LEU B 4 37.62 -19.88 -19.34
C LEU B 4 38.28 -18.73 -20.10
N ASP B 5 38.69 -19.02 -21.32
CA ASP B 5 39.33 -18.02 -22.20
C ASP B 5 38.35 -16.91 -22.57
N LYS B 6 37.08 -17.27 -22.76
CA LYS B 6 36.05 -16.30 -23.12
C LYS B 6 35.87 -15.28 -22.00
N TRP B 7 35.84 -15.76 -20.76
CA TRP B 7 35.67 -14.90 -19.60
C TRP B 7 36.77 -13.83 -19.56
N ALA B 8 38.02 -14.27 -19.76
CA ALA B 8 39.18 -13.36 -19.73
C ALA B 8 39.10 -12.31 -20.84
N SER B 9 38.72 -12.74 -22.05
CA SER B 9 38.61 -11.81 -23.19
C SER B 9 37.56 -10.72 -22.91
N LEU B 10 36.63 -11.02 -22.01
CA LEU B 10 35.56 -10.09 -21.64
C LEU B 10 36.10 -8.90 -20.82
N TRP B 11 37.25 -9.08 -20.15
CA TRP B 11 37.85 -8.01 -19.36
C TRP B 11 38.17 -6.77 -20.22
N ASN B 12 38.38 -6.98 -21.53
CA ASN B 12 38.66 -5.86 -22.45
C ASN B 12 37.41 -4.96 -22.64
N TRP B 13 36.28 -5.38 -22.05
CA TRP B 13 35.03 -4.65 -22.11
C TRP B 13 34.81 -3.99 -20.75
N PHE B 14 35.79 -3.18 -20.36
CA PHE B 14 35.80 -2.48 -19.06
C PHE B 14 34.63 -1.48 -18.84
N ASP B 15 33.42 -1.82 -19.32
CA ASP B 15 32.23 -0.99 -19.14
C ASP B 15 31.05 -1.93 -18.95
N ILE B 16 30.80 -2.77 -19.96
CA ILE B 16 29.74 -3.77 -19.94
C ILE B 16 30.07 -4.86 -18.89
N THR B 17 31.36 -5.22 -18.76
CA THR B 17 31.77 -6.27 -17.82
C THR B 17 31.19 -6.01 -16.43
N ASN B 18 31.06 -4.74 -16.06
CA ASN B 18 30.49 -4.37 -14.77
C ASN B 18 29.08 -4.97 -14.65
N TRP B 19 28.31 -4.87 -15.73
CA TRP B 19 26.95 -5.42 -15.77
C TRP B 19 26.99 -6.95 -15.59
N LEU B 20 27.98 -7.61 -16.20
CA LEU B 20 28.10 -9.07 -16.11
C LEU B 20 28.29 -9.55 -14.67
N TRP B 21 29.07 -8.81 -13.87
CA TRP B 21 29.33 -9.23 -12.49
C TRP B 21 28.36 -8.56 -11.48
N TYR B 22 27.56 -7.59 -11.93
CA TYR B 22 26.63 -6.91 -11.04
C TYR B 22 25.22 -7.52 -11.09
N ILE B 23 24.91 -8.32 -12.12
CA ILE B 23 23.60 -8.97 -12.21
C ILE B 23 23.39 -9.87 -10.99
N ARG B 24 24.48 -10.53 -10.55
CA ARG B 24 24.44 -11.41 -9.40
C ARG B 24 24.07 -10.63 -8.13
N ILE B 25 24.73 -9.48 -7.94
CA ILE B 25 24.47 -8.62 -6.77
C ILE B 25 23.17 -7.80 -6.97
N PHE B 26 22.72 -7.68 -8.22
CA PHE B 26 21.52 -6.91 -8.57
C PHE B 26 20.29 -7.46 -7.87
N ILE B 27 20.19 -8.79 -7.74
CA ILE B 27 19.04 -9.40 -7.08
C ILE B 27 18.97 -8.91 -5.63
N ILE B 28 20.13 -8.88 -4.94
CA ILE B 28 20.17 -8.43 -3.54
C ILE B 28 19.55 -7.03 -3.44
N ILE B 29 19.88 -6.17 -4.42
CA ILE B 29 19.33 -4.81 -4.46
C ILE B 29 17.80 -4.90 -4.59
N VAL B 30 17.33 -5.78 -5.48
CA VAL B 30 15.90 -5.99 -5.67
C VAL B 30 15.28 -6.50 -4.36
N GLY B 31 15.99 -7.40 -3.67
CA GLY B 31 15.49 -7.96 -2.41
C GLY B 31 15.23 -6.83 -1.42
N SER B 32 16.20 -5.92 -1.30
CA SER B 32 16.07 -4.76 -0.43
C SER B 32 14.89 -3.91 -0.91
N LEU B 33 14.75 -3.82 -2.24
CA LEU B 33 13.67 -3.05 -2.87
C LEU B 33 12.30 -3.67 -2.50
N ILE B 34 12.24 -5.00 -2.46
CA ILE B 34 10.99 -5.69 -2.17
C ILE B 34 10.54 -5.46 -0.72
N GLY B 35 11.48 -5.49 0.24
CA GLY B 35 11.15 -5.22 1.64
C GLY B 35 10.84 -3.73 1.83
N LEU B 36 11.43 -2.90 0.95
CA LEU B 36 11.25 -1.46 0.96
C LEU B 36 9.77 -1.08 0.93
N ARG B 37 8.98 -1.86 0.18
CA ARG B 37 7.55 -1.63 0.01
C ARG B 37 6.80 -1.58 1.33
N ILE B 38 7.26 -2.30 2.36
CA ILE B 38 6.53 -2.29 3.63
C ILE B 38 6.47 -0.85 4.18
N VAL B 39 7.57 -0.12 4.05
CA VAL B 39 7.61 1.29 4.50
C VAL B 39 6.69 2.15 3.61
N PHE B 40 6.54 1.76 2.34
CA PHE B 40 5.67 2.47 1.40
C PHE B 40 4.25 2.56 1.98
N ALA B 41 3.88 1.58 2.80
CA ALA B 41 2.54 1.55 3.38
C ALA B 41 2.29 2.83 4.17
N VAL B 42 3.30 3.36 4.87
CA VAL B 42 3.12 4.64 5.58
C VAL B 42 2.90 5.76 4.54
N LEU B 43 3.58 5.65 3.40
CA LEU B 43 3.46 6.61 2.28
C LEU B 43 1.99 6.71 1.85
N SER B 44 1.26 5.58 1.89
CA SER B 44 -0.15 5.58 1.47
C SER B 44 -0.96 6.51 2.38
N LEU B 45 -0.65 6.52 3.67
CA LEU B 45 -1.30 7.39 4.62
C LEU B 45 -1.02 8.84 4.24
N VAL B 46 0.22 9.09 3.84
CA VAL B 46 0.67 10.41 3.40
C VAL B 46 -0.08 10.76 2.10
N ASN B 47 -0.18 9.78 1.21
CA ASN B 47 -0.88 9.94 -0.07
C ASN B 47 -2.36 10.24 0.16
N ARG B 48 -2.94 9.61 1.19
CA ARG B 48 -4.35 9.76 1.52
C ARG B 48 -4.64 11.18 1.97
N VAL B 49 -3.76 11.73 2.80
CA VAL B 49 -3.93 13.07 3.30
C VAL B 49 -3.97 14.06 2.11
N ARG B 50 -3.05 13.88 1.17
CA ARG B 50 -3.00 14.75 -0.02
C ARG B 50 -4.14 14.44 -1.03
N GLN B 51 -4.60 13.17 -1.05
CA GLN B 51 -5.62 12.71 -1.98
C GLN B 51 -7.01 12.61 -1.35
N GLY B 52 -7.14 13.09 -0.12
CA GLY B 52 -8.42 13.00 0.62
C GLY B 52 -8.58 11.59 1.20
N TYR B 53 -9.27 10.71 0.46
CA TYR B 53 -9.46 9.31 0.88
C TYR B 53 -10.24 8.53 -0.19
N SER B 54 -11.36 9.12 -0.63
CA SER B 54 -12.19 8.55 -1.67
C SER B 54 -11.55 8.87 -3.01
N PRO B 55 -11.88 8.16 -4.11
CA PRO B 55 -11.27 8.44 -5.45
C PRO B 55 -11.01 9.95 -5.65
N LEU B 56 -10.05 10.33 -6.51
CA LEU B 56 -9.73 11.75 -6.66
C LEU B 56 -10.87 12.56 -7.26
N SER B 57 -11.96 11.91 -7.70
CA SER B 57 -13.11 12.66 -8.21
C SER B 57 -13.86 13.24 -7.01
N GLU B 80 -4.76 20.18 -1.08
CA GLU B 80 -3.92 21.30 -1.53
C GLU B 80 -2.73 21.56 -0.60
N ARG B 81 -2.99 22.24 0.50
CA ARG B 81 -1.99 22.60 1.51
C ARG B 81 -1.26 21.37 2.09
N ASP B 82 -1.91 20.22 2.04
CA ASP B 82 -1.40 18.99 2.65
C ASP B 82 0.02 18.57 2.23
N ARG B 83 0.66 19.24 1.25
CA ARG B 83 2.04 18.86 0.86
C ARG B 83 3.02 19.26 1.94
N ASP B 84 2.89 20.49 2.44
CA ASP B 84 3.77 20.95 3.50
C ASP B 84 3.49 20.10 4.75
N ARG B 85 2.21 19.72 4.92
CA ARG B 85 1.79 18.88 6.03
C ARG B 85 2.29 17.45 5.83
N SER B 86 2.34 17.00 4.58
CA SER B 86 2.84 15.65 4.30
C SER B 86 4.29 15.57 4.76
N ILE B 87 5.04 16.67 4.61
CA ILE B 87 6.43 16.67 5.09
C ILE B 87 6.45 16.34 6.59
N ARG B 88 5.31 16.50 7.29
CA ARG B 88 5.27 16.19 8.71
C ARG B 88 5.65 14.71 8.94
N LEU B 89 5.63 13.92 7.85
CA LEU B 89 6.01 12.50 7.90
C LEU B 89 7.43 12.31 8.47
N VAL B 90 8.37 13.23 8.16
CA VAL B 90 9.76 13.08 8.65
C VAL B 90 9.78 12.94 10.18
N ASN B 91 9.07 13.82 10.85
CA ASN B 91 8.93 13.78 12.31
C ASN B 91 8.17 12.52 12.75
N GLY B 92 7.57 11.81 11.80
CA GLY B 92 6.79 10.63 12.07
C GLY B 92 7.59 9.59 12.88
N SER B 93 8.93 9.71 12.89
CA SER B 93 9.77 8.76 13.61
C SER B 93 9.39 8.70 15.11
N LEU B 94 9.21 9.85 15.81
CA LEU B 94 8.81 9.77 17.23
C LEU B 94 7.37 9.33 17.36
N ALA B 95 6.55 9.76 16.40
CA ALA B 95 5.15 9.34 16.36
C ALA B 95 5.10 7.81 16.25
N LEU B 96 6.10 7.24 15.55
CA LEU B 96 6.15 5.79 15.31
C LEU B 96 6.19 4.99 16.61
N ILE B 97 7.03 5.33 17.64
CA ILE B 97 6.96 4.53 18.86
C ILE B 97 5.73 4.94 19.68
N TRP B 98 5.33 6.22 19.59
CA TRP B 98 4.19 6.72 20.36
C TRP B 98 2.85 6.03 19.99
N ASP B 99 2.53 5.86 18.69
CA ASP B 99 1.28 5.17 18.29
C ASP B 99 1.38 3.67 18.65
N ASP B 100 2.59 3.13 18.52
CA ASP B 100 2.88 1.73 18.83
C ASP B 100 2.83 1.45 20.34
N LEU B 101 3.26 2.43 21.14
CA LEU B 101 3.32 2.29 22.59
C LEU B 101 1.97 1.96 23.21
N ARG B 102 0.92 2.67 22.77
CA ARG B 102 -0.41 2.47 23.32
C ARG B 102 -1.05 1.15 22.86
N SER B 103 -0.84 0.75 21.61
CA SER B 103 -1.43 -0.50 21.11
C SER B 103 -0.66 -1.71 21.64
N LEU B 104 0.66 -1.62 21.58
CA LEU B 104 1.56 -2.70 22.00
C LEU B 104 1.56 -2.95 23.52
N SER B 105 1.82 -1.91 24.31
CA SER B 105 1.90 -2.06 25.78
C SER B 105 0.61 -1.65 26.51
N LEU B 106 -0.12 -0.66 25.98
CA LEU B 106 -1.37 -0.14 26.60
C LEU B 106 -1.06 0.95 27.66
N PHE B 107 -0.72 0.54 28.90
CA PHE B 107 -0.39 1.52 29.95
C PHE B 107 0.09 0.83 31.23
N SER B 108 -0.70 -0.11 31.75
CA SER B 108 -0.33 -0.86 32.96
C SER B 108 0.90 -1.71 32.63
N TYR B 109 2.03 -1.46 33.31
CA TYR B 109 3.26 -2.20 33.02
C TYR B 109 3.29 -3.58 33.70
N HIS B 110 2.85 -4.54 32.88
CA HIS B 110 2.73 -5.98 33.19
C HIS B 110 1.78 -6.58 32.13
N ARG B 111 0.85 -5.73 31.65
CA ARG B 111 -0.11 -6.03 30.61
C ARG B 111 0.58 -6.17 29.24
N LEU B 112 1.72 -5.49 29.05
CA LEU B 112 2.40 -5.45 27.72
C LEU B 112 2.72 -6.86 27.27
N ARG B 113 3.26 -7.68 28.16
CA ARG B 113 3.52 -9.08 27.82
C ARG B 113 2.16 -9.76 27.60
N ASP B 114 1.16 -9.30 28.35
CA ASP B 114 -0.20 -9.79 28.24
C ASP B 114 -0.81 -9.43 26.87
N LEU B 115 -0.42 -8.27 26.29
CA LEU B 115 -0.98 -7.86 25.00
C LEU B 115 -0.72 -8.95 23.95
N LEU B 116 0.46 -9.57 24.01
CA LEU B 116 0.76 -10.67 23.10
C LEU B 116 -0.17 -11.84 23.42
N LEU B 117 -0.46 -12.03 24.71
CA LEU B 117 -1.34 -13.10 25.19
C LEU B 117 -2.79 -12.86 24.75
N ILE B 118 -3.22 -11.58 24.65
CA ILE B 118 -4.58 -11.27 24.22
C ILE B 118 -4.89 -11.91 22.87
N VAL B 119 -3.89 -11.96 21.96
CA VAL B 119 -4.13 -12.52 20.62
C VAL B 119 -4.70 -13.95 20.73
N THR B 120 -4.15 -14.75 21.65
CA THR B 120 -4.64 -16.12 21.83
C THR B 120 -6.10 -16.14 22.28
N ARG B 121 -6.47 -15.16 23.12
CA ARG B 121 -7.83 -15.07 23.64
C ARG B 121 -8.83 -14.65 22.56
N ILE B 122 -8.51 -13.60 21.81
CA ILE B 122 -9.40 -13.12 20.78
C ILE B 122 -9.59 -14.15 19.65
N VAL B 123 -8.55 -14.89 19.25
CA VAL B 123 -8.73 -15.89 18.18
C VAL B 123 -9.73 -16.97 18.62
N GLU B 124 -9.67 -17.36 19.90
CA GLU B 124 -10.59 -18.38 20.42
C GLU B 124 -12.03 -17.85 20.41
N LEU B 125 -12.20 -16.61 20.86
CA LEU B 125 -13.51 -15.97 20.91
C LEU B 125 -14.06 -15.78 19.49
N LEU B 126 -13.21 -15.28 18.60
CA LEU B 126 -13.57 -15.01 17.21
C LEU B 126 -13.64 -16.30 16.37
N GLY B 127 -13.01 -17.37 16.84
CA GLY B 127 -12.97 -18.65 16.11
C GLY B 127 -14.34 -19.32 16.04
N ARG B 128 -15.10 -19.30 17.13
CA ARG B 128 -16.42 -19.94 17.16
C ARG B 128 -17.43 -19.14 16.32
N ARG B 129 -17.29 -17.81 16.34
CA ARG B 129 -18.16 -16.92 15.56
C ARG B 129 -17.76 -16.89 14.08
N GLY B 130 -16.55 -17.37 13.76
CA GLY B 130 -16.04 -17.37 12.39
C GLY B 130 -16.97 -18.11 11.41
N TRP B 131 -17.80 -19.04 11.92
CA TRP B 131 -18.70 -19.79 11.03
C TRP B 131 -19.64 -18.93 10.22
N GLU B 132 -19.75 -17.64 10.60
CA GLU B 132 -20.54 -16.72 9.80
C GLU B 132 -20.01 -16.79 8.30
N ALA B 133 -18.87 -17.47 8.09
CA ALA B 133 -18.34 -17.75 6.77
C ALA B 133 -19.43 -18.48 5.98
N LEU B 134 -19.96 -19.55 6.60
CA LEU B 134 -21.01 -20.38 5.99
C LEU B 134 -22.31 -19.60 5.75
N LYS B 135 -22.77 -18.77 6.72
CA LYS B 135 -24.09 -18.08 6.52
C LYS B 135 -24.11 -17.23 5.26
N TYR B 136 -23.08 -16.43 5.06
CA TYR B 136 -23.05 -15.52 3.94
C TYR B 136 -22.82 -16.18 2.57
N TRP B 137 -21.85 -17.07 2.45
CA TRP B 137 -21.57 -17.68 1.14
C TRP B 137 -22.77 -18.49 0.62
N TRP B 138 -23.48 -19.21 1.49
CA TRP B 138 -24.64 -19.98 1.04
C TRP B 138 -25.81 -19.03 0.64
N ASN B 139 -26.09 -18.03 1.48
CA ASN B 139 -27.17 -17.07 1.22
C ASN B 139 -26.83 -16.15 0.03
N LEU B 140 -25.55 -15.82 -0.11
CA LEU B 140 -25.07 -14.95 -1.19
C LEU B 140 -25.41 -15.59 -2.54
N LEU B 141 -25.05 -16.86 -2.68
CA LEU B 141 -25.35 -17.60 -3.91
C LEU B 141 -26.87 -17.82 -4.04
N GLN B 142 -27.56 -17.98 -2.90
CA GLN B 142 -29.00 -18.23 -2.90
C GLN B 142 -29.81 -17.11 -3.59
N TYR B 143 -29.53 -15.82 -3.28
CA TYR B 143 -30.30 -14.78 -3.90
C TYR B 143 -29.88 -14.60 -5.36
N TRP B 144 -28.58 -14.82 -5.69
CA TRP B 144 -28.16 -14.70 -7.09
C TRP B 144 -28.89 -15.78 -7.89
N SER B 145 -29.12 -16.94 -7.25
CA SER B 145 -29.86 -18.03 -7.87
C SER B 145 -31.25 -17.52 -8.27
N GLN B 146 -31.84 -16.66 -7.41
CA GLN B 146 -33.16 -16.08 -7.69
C GLN B 146 -33.08 -15.28 -9.00
N GLU B 147 -31.98 -14.55 -9.22
CA GLU B 147 -31.83 -13.77 -10.46
C GLU B 147 -31.89 -14.74 -11.66
N LEU B 148 -31.38 -15.96 -11.46
CA LEU B 148 -31.38 -16.98 -12.50
C LEU B 148 -32.82 -17.44 -12.80
N LYS B 149 -33.61 -17.67 -11.74
CA LYS B 149 -35.00 -18.11 -11.90
C LYS B 149 -35.84 -17.06 -12.61
N ASN B 150 -35.64 -15.78 -12.27
CA ASN B 150 -36.40 -14.68 -12.87
C ASN B 150 -36.09 -14.55 -14.37
N SER B 151 -34.81 -14.69 -14.72
CA SER B 151 -34.38 -14.57 -16.11
C SER B 151 -34.89 -15.74 -16.96
N ALA B 152 -34.72 -16.96 -16.44
CA ALA B 152 -35.13 -18.18 -17.15
C ALA B 152 -36.64 -18.25 -17.34
N VAL B 153 -37.42 -17.99 -16.29
CA VAL B 153 -38.88 -18.05 -16.38
C VAL B 153 -39.41 -17.03 -17.39
N SER B 154 -38.83 -15.82 -17.38
CA SER B 154 -39.26 -14.77 -18.31
C SER B 154 -39.15 -15.23 -19.77
N LEU B 155 -37.98 -15.76 -20.14
CA LEU B 155 -37.74 -16.23 -21.51
C LEU B 155 -38.58 -17.47 -21.84
N LEU B 156 -38.58 -18.45 -20.93
CA LEU B 156 -39.34 -19.70 -21.15
C LEU B 156 -40.84 -19.42 -21.23
N ASN B 157 -41.34 -18.51 -20.40
CA ASN B 157 -42.76 -18.16 -20.38
C ASN B 157 -43.19 -17.61 -21.74
N ALA B 158 -42.33 -16.76 -22.29
CA ALA B 158 -42.62 -16.08 -23.57
C ALA B 158 -42.59 -17.01 -24.79
N THR B 159 -41.59 -17.90 -24.85
CA THR B 159 -41.44 -18.80 -26.00
C THR B 159 -42.51 -19.90 -26.04
N ALA B 160 -43.04 -20.28 -24.88
CA ALA B 160 -44.04 -21.34 -24.79
C ALA B 160 -45.41 -20.92 -25.33
N ILE B 161 -45.73 -19.63 -25.24
CA ILE B 161 -47.04 -19.13 -25.67
C ILE B 161 -47.33 -19.49 -27.13
N ALA B 162 -46.28 -19.63 -27.96
CA ALA B 162 -46.48 -20.02 -29.36
C ALA B 162 -47.42 -21.25 -29.45
N VAL B 163 -47.49 -22.03 -28.36
CA VAL B 163 -48.37 -23.20 -28.27
C VAL B 163 -49.30 -23.05 -27.05
N GLY B 164 -50.56 -23.46 -27.20
CA GLY B 164 -51.55 -23.35 -26.11
C GLY B 164 -51.25 -24.35 -24.98
N GLU B 165 -52.31 -25.01 -24.50
CA GLU B 165 -52.21 -25.99 -23.41
C GLU B 165 -51.69 -25.37 -22.11
N GLY B 166 -51.99 -24.08 -21.90
CA GLY B 166 -51.57 -23.36 -20.68
C GLY B 166 -50.12 -23.67 -20.30
N THR B 167 -49.23 -23.62 -21.28
CA THR B 167 -47.81 -23.89 -21.06
C THR B 167 -47.15 -22.83 -20.16
N ASP B 168 -47.55 -21.55 -20.27
CA ASP B 168 -46.93 -20.49 -19.47
C ASP B 168 -47.05 -20.82 -17.97
N ARG B 169 -48.09 -21.57 -17.60
CA ARG B 169 -48.29 -21.96 -16.22
C ARG B 169 -47.38 -23.17 -15.87
N VAL B 170 -47.07 -24.00 -16.88
CA VAL B 170 -46.23 -25.20 -16.66
C VAL B 170 -44.79 -24.83 -16.28
N ILE B 171 -44.13 -23.97 -17.06
CA ILE B 171 -42.74 -23.58 -16.75
C ILE B 171 -42.69 -22.70 -15.48
N GLU B 172 -43.74 -21.88 -15.25
CA GLU B 172 -43.77 -21.01 -14.06
C GLU B 172 -43.91 -21.81 -12.77
N VAL B 173 -44.84 -22.77 -12.73
CA VAL B 173 -45.08 -23.56 -11.52
C VAL B 173 -43.90 -24.45 -11.14
N VAL B 174 -43.33 -25.19 -12.10
CA VAL B 174 -42.22 -26.11 -11.78
C VAL B 174 -40.97 -25.36 -11.30
N GLN B 175 -40.55 -24.30 -12.02
CA GLN B 175 -39.36 -23.55 -11.62
C GLN B 175 -39.62 -22.81 -10.31
N GLY B 176 -40.73 -22.11 -10.29
CA GLY B 176 -41.13 -21.34 -9.12
C GLY B 176 -41.32 -22.23 -7.88
N ALA B 177 -41.89 -23.42 -8.08
CA ALA B 177 -42.14 -24.34 -6.98
C ALA B 177 -40.85 -24.77 -6.28
N SER B 178 -39.82 -25.11 -7.05
CA SER B 178 -38.54 -25.55 -6.46
C SER B 178 -37.87 -24.45 -5.63
N ARG B 179 -37.81 -23.22 -6.17
CA ARG B 179 -37.18 -22.11 -5.44
C ARG B 179 -37.99 -21.74 -4.20
N ALA B 180 -39.29 -21.53 -4.40
CA ALA B 180 -40.19 -21.14 -3.30
C ALA B 180 -40.20 -22.20 -2.17
N ILE B 181 -39.90 -23.46 -2.51
CA ILE B 181 -39.87 -24.54 -1.51
C ILE B 181 -38.61 -24.37 -0.62
N ARG B 182 -37.47 -24.05 -1.24
CA ARG B 182 -36.22 -23.87 -0.50
C ARG B 182 -36.14 -22.49 0.18
N HIS B 183 -37.21 -21.69 0.09
CA HIS B 183 -37.26 -20.33 0.68
C HIS B 183 -36.59 -20.27 2.06
N ILE B 184 -35.32 -19.85 2.07
CA ILE B 184 -34.52 -19.68 3.30
C ILE B 184 -34.88 -20.74 4.39
N PRO B 185 -34.18 -21.88 4.44
CA PRO B 185 -34.45 -22.92 5.48
C PRO B 185 -34.24 -22.35 6.90
N ARG B 186 -34.21 -23.22 7.91
CA ARG B 186 -34.01 -22.79 9.30
C ARG B 186 -32.61 -22.21 9.48
N ARG B 187 -32.31 -21.74 10.70
CA ARG B 187 -31.01 -21.14 11.02
C ARG B 187 -29.92 -22.22 11.09
N ILE B 188 -29.32 -22.54 9.94
CA ILE B 188 -28.26 -23.56 9.87
C ILE B 188 -27.04 -23.17 10.72
N ARG B 189 -26.72 -21.88 10.74
CA ARG B 189 -25.57 -21.38 11.50
C ARG B 189 -25.79 -21.53 13.01
N GLN B 190 -26.99 -21.18 13.48
CA GLN B 190 -27.31 -21.27 14.91
C GLN B 190 -27.18 -22.71 15.39
N GLY B 191 -27.76 -23.65 14.64
CA GLY B 191 -27.72 -25.06 15.00
C GLY B 191 -26.30 -25.63 14.87
N LEU B 192 -25.61 -25.27 13.78
CA LEU B 192 -24.26 -25.75 13.52
C LEU B 192 -23.30 -25.28 14.62
N GLU B 193 -23.44 -24.02 15.06
CA GLU B 193 -22.58 -23.46 16.09
C GLU B 193 -22.81 -24.16 17.44
N ARG B 194 -24.08 -24.46 17.73
CA ARG B 194 -24.44 -25.13 18.98
C ARG B 194 -23.99 -26.59 18.97
N ILE B 195 -24.08 -27.24 17.80
CA ILE B 195 -23.69 -28.65 17.68
C ILE B 195 -22.15 -28.78 17.78
N LEU B 196 -21.44 -27.82 17.19
CA LEU B 196 -19.96 -27.83 17.20
C LEU B 196 -19.40 -27.11 18.44
N LEU B 197 -20.24 -26.87 19.45
CA LEU B 197 -19.82 -26.18 20.68
C LEU B 197 -18.49 -26.74 21.20
N LEU C 1 37.78 -14.31 -13.89
CA LEU C 1 37.41 -15.01 -15.16
C LEU C 1 36.96 -16.47 -14.89
N LEU C 2 36.93 -16.88 -13.61
CA LEU C 2 36.53 -18.25 -13.25
C LEU C 2 37.51 -19.26 -13.84
N GLU C 3 37.70 -20.39 -13.16
CA GLU C 3 38.62 -21.43 -13.63
C GLU C 3 38.15 -22.82 -13.19
N LEU C 4 38.50 -23.84 -14.00
CA LEU C 4 38.14 -25.22 -13.72
C LEU C 4 38.46 -25.60 -12.28
N ASP C 5 39.71 -25.40 -11.90
CA ASP C 5 40.18 -25.71 -10.55
C ASP C 5 39.60 -24.77 -9.49
N LYS C 6 38.96 -23.67 -9.95
CA LYS C 6 38.37 -22.70 -9.03
C LYS C 6 37.00 -23.19 -8.53
N TRP C 7 36.17 -23.71 -9.45
CA TRP C 7 34.85 -24.21 -9.07
C TRP C 7 34.99 -25.37 -8.09
N ALA C 8 35.88 -26.30 -8.41
CA ALA C 8 36.12 -27.46 -7.56
C ALA C 8 36.73 -27.05 -6.20
N SER C 9 37.51 -25.97 -6.20
CA SER C 9 38.14 -25.46 -4.97
C SER C 9 37.08 -25.03 -3.95
N LEU C 10 35.96 -24.51 -4.44
CA LEU C 10 34.85 -24.05 -3.58
C LEU C 10 34.30 -25.21 -2.73
N TRP C 11 34.49 -26.44 -3.20
CA TRP C 11 34.00 -27.61 -2.47
C TRP C 11 34.64 -27.67 -1.07
N ASN C 12 35.89 -27.21 -0.98
CA ASN C 12 36.61 -27.16 0.30
C ASN C 12 36.28 -25.87 1.07
N TRP C 13 35.50 -24.96 0.44
CA TRP C 13 35.09 -23.71 1.06
C TRP C 13 33.70 -23.88 1.69
N PHE C 14 33.47 -25.06 2.27
CA PHE C 14 32.19 -25.44 2.89
C PHE C 14 31.45 -24.26 3.55
N ASP C 15 30.63 -23.56 2.76
CA ASP C 15 29.81 -22.43 3.25
C ASP C 15 29.18 -21.66 2.07
N ILE C 16 30.01 -21.09 1.20
CA ILE C 16 29.55 -20.31 0.05
C ILE C 16 28.86 -21.18 -1.01
N THR C 17 29.35 -22.41 -1.23
CA THR C 17 28.76 -23.29 -2.26
C THR C 17 27.23 -23.40 -2.08
N ASN C 18 26.79 -23.36 -0.82
CA ASN C 18 25.36 -23.41 -0.49
C ASN C 18 24.68 -22.14 -0.97
N TRP C 19 25.34 -21.00 -0.76
CA TRP C 19 24.83 -19.69 -1.16
C TRP C 19 24.67 -19.62 -2.70
N LEU C 20 25.61 -20.22 -3.42
CA LEU C 20 25.59 -20.20 -4.89
C LEU C 20 24.40 -20.97 -5.49
N TRP C 21 23.99 -22.09 -4.85
CA TRP C 21 22.88 -22.90 -5.36
C TRP C 21 21.57 -22.77 -4.56
N TYR C 22 21.64 -22.21 -3.34
CA TYR C 22 20.43 -22.04 -2.53
C TYR C 22 19.74 -20.72 -2.84
N ILE C 23 20.54 -19.70 -3.17
CA ILE C 23 20.03 -18.39 -3.53
C ILE C 23 19.26 -18.51 -4.88
N ARG C 24 19.74 -19.39 -5.78
CA ARG C 24 19.10 -19.59 -7.09
C ARG C 24 17.61 -19.87 -6.90
N ILE C 25 17.28 -20.77 -5.98
CA ILE C 25 15.86 -21.06 -5.67
C ILE C 25 15.24 -19.80 -5.05
N PHE C 26 16.01 -19.18 -4.16
CA PHE C 26 15.61 -17.98 -3.45
C PHE C 26 15.28 -16.81 -4.40
N ILE C 27 15.90 -16.80 -5.58
CA ILE C 27 15.69 -15.71 -6.55
C ILE C 27 14.21 -15.64 -6.94
N ILE C 28 13.59 -16.79 -7.22
CA ILE C 28 12.18 -16.83 -7.60
C ILE C 28 11.28 -16.41 -6.43
N ILE C 29 11.65 -16.80 -5.20
CA ILE C 29 10.87 -16.47 -4.01
C ILE C 29 10.74 -14.93 -3.87
N VAL C 30 11.80 -14.18 -4.19
CA VAL C 30 11.75 -12.71 -4.08
C VAL C 30 10.64 -12.20 -5.02
N GLY C 31 10.59 -12.72 -6.25
CA GLY C 31 9.56 -12.32 -7.21
C GLY C 31 8.17 -12.70 -6.68
N SER C 32 8.09 -13.87 -6.06
CA SER C 32 6.84 -14.35 -5.45
C SER C 32 6.37 -13.40 -4.37
N LEU C 33 7.33 -12.84 -3.63
CA LEU C 33 7.06 -11.94 -2.52
C LEU C 33 6.25 -10.71 -2.95
N ILE C 34 6.45 -10.22 -4.18
CA ILE C 34 5.71 -9.03 -4.65
C ILE C 34 4.20 -9.33 -4.62
N GLY C 35 3.81 -10.53 -5.06
CA GLY C 35 2.39 -10.95 -5.05
C GLY C 35 1.90 -11.05 -3.60
N LEU C 36 2.75 -11.63 -2.75
CA LEU C 36 2.49 -11.78 -1.33
C LEU C 36 2.29 -10.41 -0.65
N ARG C 37 3.07 -9.44 -1.10
CA ARG C 37 3.06 -8.08 -0.57
C ARG C 37 1.69 -7.39 -0.62
N ILE C 38 0.83 -7.73 -1.60
CA ILE C 38 -0.46 -7.02 -1.75
C ILE C 38 -1.33 -7.12 -0.50
N VAL C 39 -1.31 -8.25 0.18
CA VAL C 39 -2.15 -8.40 1.35
C VAL C 39 -1.91 -7.27 2.37
N PHE C 40 -0.68 -6.76 2.39
CA PHE C 40 -0.30 -5.66 3.28
C PHE C 40 -1.22 -4.45 3.08
N ALA C 41 -1.76 -4.30 1.87
CA ALA C 41 -2.63 -3.15 1.59
C ALA C 41 -3.81 -3.15 2.59
N VAL C 42 -4.34 -4.34 2.96
CA VAL C 42 -5.42 -4.38 3.96
C VAL C 42 -4.87 -3.84 5.31
N LEU C 43 -3.60 -4.14 5.59
CA LEU C 43 -2.91 -3.68 6.80
C LEU C 43 -2.89 -2.16 6.85
N SER C 44 -2.74 -1.50 5.69
CA SER C 44 -2.69 -0.05 5.66
C SER C 44 -4.00 0.54 6.20
N LEU C 45 -5.13 -0.12 5.90
CA LEU C 45 -6.41 0.35 6.42
C LEU C 45 -6.38 0.27 7.95
N VAL C 46 -5.81 -0.81 8.47
CA VAL C 46 -5.62 -0.99 9.91
C VAL C 46 -4.66 0.11 10.39
N ASN C 47 -3.68 0.43 9.53
CA ASN C 47 -2.66 1.44 9.82
C ASN C 47 -3.27 2.84 10.01
N ARG C 48 -4.28 3.23 9.21
CA ARG C 48 -4.88 4.57 9.34
C ARG C 48 -5.52 4.69 10.74
N VAL C 49 -6.04 3.57 11.23
CA VAL C 49 -6.65 3.50 12.54
C VAL C 49 -5.54 3.50 13.61
N ARG C 50 -4.49 2.72 13.35
CA ARG C 50 -3.35 2.61 14.27
C ARG C 50 -2.44 3.85 14.26
N GLN C 51 -2.50 4.65 13.21
CA GLN C 51 -1.64 5.84 13.05
C GLN C 51 -2.35 7.16 13.37
N GLY C 52 -3.56 7.08 13.90
CA GLY C 52 -4.34 8.29 14.23
C GLY C 52 -5.16 8.78 13.02
N TYR C 53 -4.53 9.54 12.12
CA TYR C 53 -5.20 10.08 10.92
C TYR C 53 -4.16 10.67 9.94
N SER C 54 -3.54 11.79 10.32
CA SER C 54 -2.53 12.44 9.50
C SER C 54 -1.34 11.48 9.30
N PRO C 55 -0.49 11.66 8.27
CA PRO C 55 0.68 10.78 7.98
C PRO C 55 1.09 9.84 9.15
N LEU C 56 2.21 10.10 9.85
CA LEU C 56 2.60 9.29 11.00
C LEU C 56 2.47 10.12 12.30
N SER C 57 2.46 11.46 12.17
CA SER C 57 2.31 12.35 13.30
C SER C 57 0.82 12.53 13.63
N GLU C 80 -4.52 2.43 20.48
CA GLU C 80 -4.47 1.81 21.80
C GLU C 80 -5.35 0.55 21.84
N ARG C 81 -6.65 0.77 21.95
CA ARG C 81 -7.65 -0.30 21.98
C ARG C 81 -7.79 -0.93 20.58
N ASP C 82 -7.47 -0.14 19.54
CA ASP C 82 -7.60 -0.56 18.15
C ASP C 82 -6.84 -1.87 17.82
N ARG C 83 -6.06 -2.42 18.76
CA ARG C 83 -5.31 -3.66 18.49
C ARG C 83 -6.25 -4.87 18.58
N ASP C 84 -7.07 -4.95 19.63
CA ASP C 84 -8.04 -6.04 19.76
C ASP C 84 -9.16 -5.83 18.73
N ARG C 85 -9.45 -4.55 18.42
CA ARG C 85 -10.46 -4.22 17.43
C ARG C 85 -9.94 -4.57 16.05
N SER C 86 -8.71 -4.16 15.73
CA SER C 86 -8.13 -4.49 14.42
C SER C 86 -8.07 -6.02 14.31
N ILE C 87 -7.87 -6.68 15.46
CA ILE C 87 -7.88 -8.15 15.52
C ILE C 87 -9.21 -8.66 14.93
N ARG C 88 -10.25 -7.81 14.92
CA ARG C 88 -11.54 -8.21 14.38
C ARG C 88 -11.38 -8.59 12.91
N LEU C 89 -10.27 -8.17 12.28
CA LEU C 89 -10.03 -8.54 10.89
C LEU C 89 -10.10 -10.09 10.77
N VAL C 90 -9.85 -10.81 11.89
CA VAL C 90 -9.96 -12.27 11.89
C VAL C 90 -11.44 -12.62 11.58
N ASN C 91 -12.37 -12.04 12.36
CA ASN C 91 -13.81 -12.22 12.10
C ASN C 91 -14.18 -11.55 10.77
N GLY C 92 -13.26 -10.76 10.21
CA GLY C 92 -13.52 -10.01 8.99
C GLY C 92 -14.02 -10.91 7.86
N SER C 93 -13.81 -12.22 7.95
CA SER C 93 -14.25 -13.11 6.86
C SER C 93 -15.76 -12.96 6.60
N LEU C 94 -16.63 -12.95 7.64
CA LEU C 94 -18.07 -12.77 7.38
C LEU C 94 -18.37 -11.33 6.95
N ALA C 95 -17.72 -10.36 7.58
CA ALA C 95 -17.87 -8.96 7.24
C ALA C 95 -17.49 -8.74 5.77
N LEU C 96 -16.52 -9.53 5.28
CA LEU C 96 -15.97 -9.37 3.95
C LEU C 96 -17.03 -9.45 2.86
N ILE C 97 -18.08 -10.28 2.98
CA ILE C 97 -19.08 -10.26 1.89
C ILE C 97 -19.93 -8.99 2.05
N TRP C 98 -20.03 -8.46 3.29
CA TRP C 98 -20.87 -7.30 3.61
C TRP C 98 -20.50 -5.97 2.89
N ASP C 99 -19.21 -5.54 2.83
CA ASP C 99 -18.91 -4.28 2.09
C ASP C 99 -19.16 -4.52 0.59
N ASP C 100 -18.79 -5.71 0.14
CA ASP C 100 -18.99 -6.17 -1.23
C ASP C 100 -20.50 -6.29 -1.55
N LEU C 101 -21.27 -6.70 -0.55
CA LEU C 101 -22.71 -6.96 -0.71
C LEU C 101 -23.49 -5.76 -1.23
N ARG C 102 -23.08 -4.53 -0.88
CA ARG C 102 -23.78 -3.34 -1.34
C ARG C 102 -23.39 -2.95 -2.76
N SER C 103 -22.09 -2.96 -3.03
CA SER C 103 -21.58 -2.58 -4.36
C SER C 103 -21.83 -3.67 -5.41
N LEU C 104 -21.70 -4.92 -4.98
CA LEU C 104 -21.86 -6.07 -5.88
C LEU C 104 -23.25 -6.14 -6.51
N SER C 105 -24.30 -6.13 -5.67
CA SER C 105 -25.66 -6.23 -6.18
C SER C 105 -26.35 -4.86 -6.30
N LEU C 106 -25.88 -3.86 -5.54
CA LEU C 106 -26.46 -2.50 -5.59
C LEU C 106 -27.92 -2.49 -5.16
N PHE C 107 -28.32 -1.38 -4.50
CA PHE C 107 -29.69 -1.14 -3.97
C PHE C 107 -30.74 -2.14 -4.48
N SER C 108 -31.40 -2.84 -3.54
CA SER C 108 -32.43 -3.82 -3.87
C SER C 108 -31.84 -4.93 -4.76
N TYR C 109 -32.51 -6.09 -4.80
CA TYR C 109 -32.03 -7.21 -5.60
C TYR C 109 -32.59 -7.14 -7.02
N HIS C 110 -32.13 -8.06 -7.91
CA HIS C 110 -32.47 -8.07 -9.36
C HIS C 110 -31.42 -7.22 -10.12
N ARG C 111 -30.81 -6.29 -9.38
CA ARG C 111 -29.77 -5.37 -9.83
C ARG C 111 -28.45 -6.09 -10.12
N LEU C 112 -28.18 -7.23 -9.45
CA LEU C 112 -26.86 -7.89 -9.60
C LEU C 112 -26.62 -8.23 -11.08
N ARG C 113 -27.66 -8.61 -11.84
CA ARG C 113 -27.48 -8.82 -13.27
C ARG C 113 -27.23 -7.45 -13.91
N ASP C 114 -27.89 -6.43 -13.37
CA ASP C 114 -27.75 -5.05 -13.80
C ASP C 114 -26.30 -4.59 -13.60
N LEU C 115 -25.63 -5.11 -12.55
CA LEU C 115 -24.27 -4.70 -12.24
C LEU C 115 -23.33 -4.93 -13.44
N LEU C 116 -23.50 -6.02 -14.19
CA LEU C 116 -22.60 -6.27 -15.33
C LEU C 116 -22.76 -5.15 -16.36
N LEU C 117 -24.00 -4.77 -16.64
CA LEU C 117 -24.27 -3.70 -17.61
C LEU C 117 -23.94 -2.32 -17.03
N ILE C 118 -24.07 -2.16 -15.71
CA ILE C 118 -23.79 -0.88 -15.07
C ILE C 118 -22.34 -0.47 -15.30
N VAL C 119 -21.40 -1.44 -15.27
CA VAL C 119 -19.99 -1.12 -15.47
C VAL C 119 -19.80 -0.48 -16.85
N THR C 120 -20.38 -1.09 -17.89
CA THR C 120 -20.29 -0.53 -19.24
C THR C 120 -21.01 0.83 -19.30
N ARG C 121 -22.16 0.89 -18.63
CA ARG C 121 -22.98 2.08 -18.58
C ARG C 121 -22.24 3.29 -17.99
N ILE C 122 -21.49 3.06 -16.90
CA ILE C 122 -20.77 4.16 -16.26
C ILE C 122 -19.69 4.69 -17.21
N VAL C 123 -18.97 3.79 -17.90
CA VAL C 123 -17.91 4.20 -18.81
C VAL C 123 -18.45 5.14 -19.91
N GLU C 124 -19.65 4.87 -20.39
CA GLU C 124 -20.23 5.71 -21.43
C GLU C 124 -20.45 7.14 -20.92
N LEU C 125 -20.98 7.26 -19.70
CA LEU C 125 -21.27 8.56 -19.11
C LEU C 125 -20.01 9.43 -18.83
N LEU C 126 -19.03 8.89 -18.09
CA LEU C 126 -17.80 9.66 -17.77
C LEU C 126 -16.81 9.74 -18.93
N GLY C 127 -16.99 8.93 -19.98
CA GLY C 127 -16.06 8.93 -21.11
C GLY C 127 -15.98 10.31 -21.77
N ARG C 128 -17.11 11.03 -21.79
CA ARG C 128 -17.15 12.38 -22.35
C ARG C 128 -16.39 13.35 -21.45
N ARG C 129 -16.48 13.13 -20.13
CA ARG C 129 -15.81 13.98 -19.14
C ARG C 129 -14.33 13.59 -18.95
N GLY C 130 -13.94 12.40 -19.44
CA GLY C 130 -12.56 11.91 -19.29
C GLY C 130 -11.55 12.90 -19.88
N TRP C 131 -11.97 13.72 -20.84
CA TRP C 131 -11.10 14.71 -21.48
C TRP C 131 -10.51 15.69 -20.42
N GLU C 132 -11.10 15.75 -19.22
CA GLU C 132 -10.59 16.71 -18.22
C GLU C 132 -9.06 16.57 -18.01
N ALA C 133 -8.49 15.49 -18.54
CA ALA C 133 -7.06 15.27 -18.54
C ALA C 133 -6.30 16.42 -19.22
N LEU C 134 -6.72 16.74 -20.48
CA LEU C 134 -6.06 17.77 -21.26
C LEU C 134 -6.35 19.19 -20.75
N LYS C 135 -7.57 19.47 -20.26
CA LYS C 135 -7.86 20.86 -19.79
C LYS C 135 -6.86 21.28 -18.73
N TYR C 136 -6.59 20.39 -17.79
CA TYR C 136 -5.68 20.72 -16.70
C TYR C 136 -4.24 20.78 -17.17
N TRP C 137 -3.87 19.93 -18.13
CA TRP C 137 -2.51 19.93 -18.66
C TRP C 137 -2.21 21.22 -19.43
N TRP C 138 -3.22 21.82 -20.07
CA TRP C 138 -2.99 23.09 -20.78
C TRP C 138 -2.68 24.19 -19.75
N ASN C 139 -3.49 24.23 -18.69
CA ASN C 139 -3.35 25.22 -17.63
C ASN C 139 -2.05 25.06 -16.83
N LEU C 140 -1.71 23.84 -16.42
CA LEU C 140 -0.51 23.61 -15.62
C LEU C 140 0.76 24.04 -16.36
N LEU C 141 0.91 23.67 -17.63
CA LEU C 141 2.11 24.07 -18.39
C LEU C 141 2.16 25.58 -18.60
N GLN C 142 0.98 26.21 -18.74
CA GLN C 142 0.91 27.65 -19.01
C GLN C 142 1.43 28.52 -17.85
N TYR C 143 0.99 28.27 -16.60
CA TYR C 143 1.43 29.08 -15.49
C TYR C 143 2.87 28.80 -15.07
N TRP C 144 3.29 27.52 -15.02
CA TRP C 144 4.66 27.20 -14.56
C TRP C 144 5.65 27.81 -15.54
N SER C 145 5.32 27.72 -16.82
CA SER C 145 6.11 28.34 -17.86
C SER C 145 6.17 29.85 -17.58
N GLN C 146 5.05 30.39 -17.09
CA GLN C 146 4.94 31.82 -16.76
C GLN C 146 5.97 32.20 -15.69
N GLU C 147 6.21 31.32 -14.70
CA GLU C 147 7.18 31.62 -13.65
C GLU C 147 8.60 31.62 -14.21
N LEU C 148 8.86 30.76 -15.21
CA LEU C 148 10.18 30.67 -15.84
C LEU C 148 10.51 31.95 -16.62
N LYS C 149 9.54 32.45 -17.40
CA LYS C 149 9.75 33.67 -18.20
C LYS C 149 9.95 34.89 -17.29
N ASN C 150 9.22 34.93 -16.18
CA ASN C 150 9.29 36.06 -15.24
C ASN C 150 10.69 36.18 -14.62
N SER C 151 11.30 35.03 -14.30
CA SER C 151 12.64 35.05 -13.71
C SER C 151 13.66 35.56 -14.73
N ALA C 152 13.53 35.10 -15.98
CA ALA C 152 14.43 35.50 -17.05
C ALA C 152 14.40 37.00 -17.31
N VAL C 153 13.19 37.58 -17.38
CA VAL C 153 13.05 39.02 -17.63
C VAL C 153 13.65 39.85 -16.51
N SER C 154 13.50 39.41 -15.26
CA SER C 154 14.05 40.16 -14.12
C SER C 154 15.56 40.34 -14.30
N LEU C 155 16.26 39.23 -14.57
CA LEU C 155 17.72 39.26 -14.76
C LEU C 155 18.11 40.03 -16.03
N LEU C 156 17.43 39.74 -17.15
CA LEU C 156 17.74 40.38 -18.43
C LEU C 156 17.44 41.89 -18.40
N ASN C 157 16.28 42.26 -17.83
CA ASN C 157 15.87 43.66 -17.76
C ASN C 157 16.91 44.50 -17.03
N ALA C 158 17.42 43.96 -15.93
CA ALA C 158 18.40 44.69 -15.10
C ALA C 158 19.75 44.83 -15.79
N THR C 159 20.24 43.76 -16.42
CA THR C 159 21.53 43.78 -17.12
C THR C 159 21.48 44.55 -18.46
N ALA C 160 20.29 44.58 -19.08
CA ALA C 160 20.10 45.17 -20.41
C ALA C 160 20.25 46.70 -20.53
N ILE C 161 19.57 47.50 -19.67
CA ILE C 161 19.64 48.98 -19.81
C ILE C 161 21.07 49.52 -19.72
N ALA C 162 21.95 48.81 -19.00
CA ALA C 162 23.35 49.24 -18.85
C ALA C 162 23.96 49.68 -20.20
N VAL C 163 23.40 49.19 -21.33
CA VAL C 163 23.91 49.53 -22.66
C VAL C 163 23.30 50.85 -23.16
N GLY C 164 22.02 51.09 -22.85
CA GLY C 164 21.32 52.29 -23.30
C GLY C 164 20.51 52.93 -22.17
N GLU C 165 19.19 53.02 -22.36
CA GLU C 165 18.31 53.62 -21.35
C GLU C 165 16.87 53.04 -21.39
N GLY C 166 16.59 52.14 -22.35
CA GLY C 166 15.26 51.53 -22.47
C GLY C 166 15.34 50.08 -22.96
N THR C 167 16.47 49.42 -22.71
CA THR C 167 16.67 48.03 -23.12
C THR C 167 15.75 47.08 -22.32
N ASP C 168 15.53 47.40 -21.04
CA ASP C 168 14.71 46.56 -20.16
C ASP C 168 13.31 46.37 -20.74
N ARG C 169 12.80 47.40 -21.41
CA ARG C 169 11.48 47.34 -22.03
C ARG C 169 11.48 46.34 -23.21
N VAL C 170 12.62 46.22 -23.90
CA VAL C 170 12.71 45.34 -25.08
C VAL C 170 12.60 43.84 -24.70
N ILE C 171 13.38 43.36 -23.72
CA ILE C 171 13.30 41.92 -23.35
C ILE C 171 11.98 41.58 -22.65
N GLU C 172 11.39 42.55 -21.93
CA GLU C 172 10.13 42.31 -21.21
C GLU C 172 8.93 42.19 -22.17
N VAL C 173 8.81 43.12 -23.12
CA VAL C 173 7.68 43.13 -24.06
C VAL C 173 7.74 41.92 -25.02
N VAL C 174 8.92 41.65 -25.59
CA VAL C 174 9.09 40.53 -26.52
C VAL C 174 8.74 39.20 -25.83
N GLN C 175 9.26 38.99 -24.63
CA GLN C 175 9.01 37.76 -23.89
C GLN C 175 7.52 37.64 -23.52
N GLY C 176 6.94 38.71 -22.97
CA GLY C 176 5.55 38.72 -22.55
C GLY C 176 4.58 38.61 -23.73
N ALA C 177 4.93 39.19 -24.88
CA ALA C 177 4.05 39.17 -26.04
C ALA C 177 3.91 37.76 -26.63
N SER C 178 5.03 37.04 -26.78
CA SER C 178 4.99 35.69 -27.36
C SER C 178 4.39 34.66 -26.39
N ARG C 179 4.84 34.70 -25.13
CA ARG C 179 4.38 33.74 -24.11
C ARG C 179 2.91 33.97 -23.70
N ALA C 180 2.58 35.21 -23.35
CA ALA C 180 1.22 35.55 -22.91
C ALA C 180 0.18 35.37 -24.02
N ILE C 181 0.48 35.84 -25.24
CA ILE C 181 -0.48 35.73 -26.35
C ILE C 181 -0.67 34.26 -26.78
N ARG C 182 0.34 33.40 -26.57
CA ARG C 182 0.22 31.98 -26.95
C ARG C 182 -0.85 31.25 -26.09
N HIS C 183 -1.44 31.94 -25.11
CA HIS C 183 -2.46 31.35 -24.23
C HIS C 183 -3.68 30.91 -25.03
N ILE C 184 -4.07 31.73 -26.03
CA ILE C 184 -5.24 31.48 -26.89
C ILE C 184 -6.52 31.29 -26.04
N PRO C 185 -7.72 31.30 -26.64
CA PRO C 185 -9.00 31.15 -25.87
C PRO C 185 -8.97 29.97 -24.88
N ARG C 186 -9.92 29.97 -23.95
CA ARG C 186 -10.02 28.91 -22.94
C ARG C 186 -11.00 27.79 -23.36
N ARG C 187 -11.74 28.01 -24.45
CA ARG C 187 -12.71 27.02 -24.93
C ARG C 187 -12.05 25.99 -25.86
N ILE C 188 -10.80 25.62 -25.55
CA ILE C 188 -10.07 24.63 -26.36
C ILE C 188 -10.83 23.30 -26.41
N ARG C 189 -11.40 22.91 -25.29
CA ARG C 189 -12.16 21.65 -25.18
C ARG C 189 -13.43 21.75 -26.02
N GLN C 190 -14.08 22.92 -26.00
CA GLN C 190 -15.31 23.13 -26.74
C GLN C 190 -15.10 22.88 -28.24
N GLY C 191 -14.12 23.58 -28.81
CA GLY C 191 -13.83 23.44 -30.24
C GLY C 191 -13.17 22.10 -30.57
N LEU C 192 -12.20 21.68 -29.76
CA LEU C 192 -11.48 20.43 -30.01
C LEU C 192 -12.37 19.20 -29.75
N GLU C 193 -13.00 19.12 -28.58
CA GLU C 193 -13.84 17.96 -28.24
C GLU C 193 -15.08 17.85 -29.14
N ARG C 194 -15.63 18.99 -29.61
CA ARG C 194 -16.82 18.96 -30.46
C ARG C 194 -16.52 18.65 -31.92
N ILE C 195 -15.41 19.19 -32.45
CA ILE C 195 -15.03 18.94 -33.86
C ILE C 195 -14.65 17.47 -34.08
N LEU C 196 -14.46 16.70 -32.99
CA LEU C 196 -14.10 15.28 -33.12
C LEU C 196 -15.36 14.40 -33.24
N LEU C 197 -16.56 15.00 -33.12
CA LEU C 197 -17.81 14.26 -33.24
C LEU C 197 -18.56 14.66 -34.51
N LEU A 1 32.65 -31.88 -16.46
CA LEU A 1 31.88 -31.00 -15.55
C LEU A 1 30.98 -30.07 -16.37
N LEU A 2 31.57 -29.01 -16.96
CA LEU A 2 30.83 -28.06 -17.78
C LEU A 2 31.60 -27.79 -19.07
N GLU A 3 30.88 -27.45 -20.15
CA GLU A 3 31.50 -27.14 -21.45
C GLU A 3 30.43 -26.87 -22.51
N LEU A 4 30.84 -26.24 -23.60
CA LEU A 4 29.92 -25.93 -24.70
C LEU A 4 29.21 -27.19 -25.19
N ASP A 5 29.77 -28.36 -24.88
CA ASP A 5 29.17 -29.64 -25.27
C ASP A 5 27.95 -29.95 -24.42
N LYS A 6 28.04 -29.60 -23.13
CA LYS A 6 26.94 -29.83 -22.20
C LYS A 6 25.82 -28.82 -22.44
N TRP A 7 26.21 -27.56 -22.65
CA TRP A 7 25.25 -26.50 -22.90
C TRP A 7 24.52 -26.72 -24.22
N ALA A 8 25.27 -27.04 -25.26
CA ALA A 8 24.70 -27.26 -26.60
C ALA A 8 23.75 -28.45 -26.59
N SER A 9 24.12 -29.52 -25.89
CA SER A 9 23.27 -30.72 -25.79
C SER A 9 21.89 -30.36 -25.24
N LEU A 10 21.83 -29.30 -24.44
CA LEU A 10 20.59 -28.83 -23.82
C LEU A 10 19.59 -28.33 -24.88
N TRP A 11 20.09 -27.92 -26.05
CA TRP A 11 19.24 -27.40 -27.13
C TRP A 11 18.41 -28.52 -27.79
N ASN A 12 18.68 -29.78 -27.43
CA ASN A 12 17.92 -30.92 -27.96
C ASN A 12 16.64 -31.15 -27.13
N TRP A 13 16.63 -30.61 -25.90
CA TRP A 13 15.49 -30.75 -25.00
C TRP A 13 14.30 -29.95 -25.53
N PHE A 14 14.47 -28.63 -25.66
CA PHE A 14 13.44 -27.72 -26.19
C PHE A 14 12.29 -27.47 -25.20
N ASP A 15 11.85 -28.50 -24.47
CA ASP A 15 10.75 -28.36 -23.53
C ASP A 15 11.14 -27.54 -22.29
N ILE A 16 12.00 -28.11 -21.43
CA ILE A 16 12.45 -27.44 -20.21
C ILE A 16 13.32 -26.22 -20.54
N THR A 17 14.15 -26.34 -21.57
CA THR A 17 15.04 -25.25 -21.98
C THR A 17 14.28 -23.94 -22.18
N ASN A 18 13.03 -24.02 -22.65
CA ASN A 18 12.25 -22.81 -22.90
C ASN A 18 12.09 -21.97 -21.62
N TRP A 19 11.67 -22.60 -20.51
CA TRP A 19 11.50 -21.87 -19.24
C TRP A 19 12.87 -21.39 -18.73
N LEU A 20 13.86 -22.28 -18.79
CA LEU A 20 15.21 -21.99 -18.31
C LEU A 20 15.92 -20.90 -19.12
N TRP A 21 15.68 -20.86 -20.44
CA TRP A 21 16.34 -19.90 -21.32
C TRP A 21 15.51 -18.61 -21.53
N TYR A 22 14.31 -18.55 -20.95
CA TYR A 22 13.46 -17.34 -21.09
C TYR A 22 13.22 -16.66 -19.74
N ILE A 23 13.67 -17.32 -18.66
CA ILE A 23 13.53 -16.78 -17.32
C ILE A 23 14.43 -15.53 -17.15
N ARG A 24 15.60 -15.52 -17.81
CA ARG A 24 16.53 -14.40 -17.70
C ARG A 24 15.80 -13.09 -18.01
N ILE A 25 14.98 -13.10 -19.07
CA ILE A 25 14.17 -11.92 -19.38
C ILE A 25 13.15 -11.74 -18.24
N PHE A 26 12.59 -12.87 -17.79
CA PHE A 26 11.58 -12.90 -16.75
C PHE A 26 12.08 -12.28 -15.45
N ILE A 27 13.39 -12.38 -15.19
CA ILE A 27 13.97 -11.79 -13.96
C ILE A 27 13.74 -10.27 -13.98
N ILE A 28 14.05 -9.67 -15.12
CA ILE A 28 13.90 -8.22 -15.30
C ILE A 28 12.42 -7.81 -15.23
N ILE A 29 11.52 -8.65 -15.78
CA ILE A 29 10.08 -8.34 -15.76
C ILE A 29 9.61 -8.16 -14.32
N VAL A 30 10.13 -8.99 -13.40
CA VAL A 30 9.74 -8.92 -11.99
C VAL A 30 9.95 -7.48 -11.47
N GLY A 31 11.11 -6.89 -11.81
CA GLY A 31 11.42 -5.52 -11.40
C GLY A 31 10.27 -4.59 -11.81
N SER A 32 9.78 -4.79 -13.03
CA SER A 32 8.65 -4.03 -13.54
C SER A 32 7.38 -4.38 -12.75
N LEU A 33 7.25 -5.66 -12.40
CA LEU A 33 6.09 -6.14 -11.67
C LEU A 33 5.98 -5.43 -10.31
N ILE A 34 7.11 -5.34 -9.60
CA ILE A 34 7.13 -4.69 -8.28
C ILE A 34 6.77 -3.19 -8.43
N GLY A 35 7.29 -2.52 -9.47
CA GLY A 35 6.97 -1.11 -9.70
C GLY A 35 5.47 -0.95 -10.00
N LEU A 36 4.90 -1.97 -10.63
CA LEU A 36 3.46 -1.99 -10.96
C LEU A 36 2.64 -1.77 -9.67
N ARG A 37 3.12 -2.37 -8.59
CA ARG A 37 2.50 -2.27 -7.27
C ARG A 37 2.33 -0.82 -6.81
N ILE A 38 3.20 0.08 -7.27
CA ILE A 38 3.15 1.48 -6.81
C ILE A 38 1.77 2.10 -7.14
N VAL A 39 1.21 1.84 -8.34
CA VAL A 39 -0.13 2.37 -8.68
C VAL A 39 -1.22 1.73 -7.79
N PHE A 40 -0.98 0.48 -7.37
CA PHE A 40 -1.93 -0.26 -6.49
C PHE A 40 -2.20 0.57 -5.22
N ALA A 41 -1.23 1.38 -4.82
CA ALA A 41 -1.37 2.21 -3.62
C ALA A 41 -2.61 3.10 -3.75
N VAL A 42 -2.89 3.62 -4.96
CA VAL A 42 -4.09 4.44 -5.14
C VAL A 42 -5.35 3.59 -4.83
N LEU A 43 -5.29 2.30 -5.20
CA LEU A 43 -6.36 1.34 -4.95
C LEU A 43 -6.70 1.31 -3.45
N SER A 44 -5.68 1.46 -2.59
CA SER A 44 -5.90 1.42 -1.14
C SER A 44 -6.84 2.55 -0.73
N LEU A 45 -6.73 3.67 -1.45
CA LEU A 45 -7.61 4.82 -1.23
C LEU A 45 -9.05 4.40 -1.48
N VAL A 46 -9.23 3.70 -2.58
CA VAL A 46 -10.53 3.16 -3.01
C VAL A 46 -10.98 2.07 -2.03
N ASN A 47 -10.01 1.29 -1.54
CA ASN A 47 -10.28 0.23 -0.59
C ASN A 47 -10.85 0.81 0.71
N ARG A 48 -10.37 1.99 1.11
CA ARG A 48 -10.84 2.61 2.35
C ARG A 48 -12.32 2.91 2.27
N VAL A 49 -12.70 3.56 1.17
CA VAL A 49 -14.09 3.93 0.92
C VAL A 49 -14.94 2.68 0.70
N ARG A 50 -14.40 1.76 -0.10
CA ARG A 50 -15.09 0.50 -0.41
C ARG A 50 -15.12 -0.46 0.82
N GLN A 51 -14.16 -0.34 1.74
CA GLN A 51 -14.09 -1.23 2.93
C GLN A 51 -14.62 -0.57 4.21
N GLY A 52 -15.23 0.60 4.06
CA GLY A 52 -15.78 1.35 5.21
C GLY A 52 -14.76 2.36 5.78
N TYR A 53 -13.97 1.94 6.78
CA TYR A 53 -12.97 2.81 7.41
C TYR A 53 -11.98 1.97 8.24
N SER A 54 -12.52 1.30 9.27
CA SER A 54 -11.73 0.43 10.14
C SER A 54 -11.46 -0.88 9.39
N PRO A 55 -10.46 -1.68 9.78
CA PRO A 55 -10.10 -2.99 9.11
C PRO A 55 -11.26 -3.72 8.36
N LEU A 56 -11.04 -5.00 8.04
CA LEU A 56 -12.05 -5.76 7.30
C LEU A 56 -13.33 -6.00 8.10
N SER A 57 -13.27 -5.88 9.43
CA SER A 57 -14.48 -6.06 10.26
C SER A 57 -15.38 -4.81 10.11
N GLU A 80 -20.53 0.66 -0.03
CA GLU A 80 -21.32 1.79 -0.52
C GLU A 80 -21.49 1.80 -2.06
N ARG A 81 -22.18 2.86 -2.51
CA ARG A 81 -22.48 3.16 -3.92
C ARG A 81 -21.22 3.31 -4.79
N ASP A 82 -20.09 3.62 -4.15
CA ASP A 82 -18.85 3.96 -4.85
C ASP A 82 -18.36 2.97 -5.92
N ARG A 83 -18.99 1.79 -6.11
CA ARG A 83 -18.53 0.86 -7.18
C ARG A 83 -18.52 1.60 -8.52
N ASP A 84 -19.59 2.35 -8.81
CA ASP A 84 -19.65 3.10 -10.07
C ASP A 84 -18.46 4.06 -10.11
N ARG A 85 -18.14 4.65 -8.95
CA ARG A 85 -17.02 5.57 -8.84
C ARG A 85 -15.69 4.81 -8.92
N SER A 86 -15.68 3.55 -8.48
CA SER A 86 -14.47 2.73 -8.56
C SER A 86 -14.14 2.57 -10.04
N ILE A 87 -15.19 2.50 -10.87
CA ILE A 87 -15.00 2.46 -12.34
C ILE A 87 -14.24 3.71 -12.76
N ARG A 88 -14.53 4.83 -12.08
CA ARG A 88 -13.87 6.09 -12.36
C ARG A 88 -12.36 5.92 -12.14
N LEU A 89 -11.95 4.89 -11.41
CA LEU A 89 -10.51 4.67 -11.17
C LEU A 89 -9.78 4.66 -12.53
N VAL A 90 -10.47 4.17 -13.58
CA VAL A 90 -9.91 4.22 -14.94
C VAL A 90 -9.70 5.72 -15.27
N ASN A 91 -10.75 6.46 -15.01
CA ASN A 91 -10.86 7.92 -15.16
C ASN A 91 -9.99 8.69 -14.14
N GLY A 92 -9.47 7.99 -13.13
CA GLY A 92 -8.73 8.64 -12.04
C GLY A 92 -7.61 9.52 -12.58
N SER A 93 -7.20 9.30 -13.82
CA SER A 93 -6.18 10.13 -14.46
C SER A 93 -6.69 11.60 -14.46
N LEU A 94 -8.02 11.77 -14.67
CA LEU A 94 -8.62 13.11 -14.70
C LEU A 94 -8.42 13.81 -13.33
N ALA A 95 -8.79 13.13 -12.24
CA ALA A 95 -8.63 13.68 -10.89
C ALA A 95 -7.14 13.80 -10.52
N LEU A 96 -6.35 12.86 -11.00
CA LEU A 96 -4.94 12.79 -10.67
C LEU A 96 -4.18 14.06 -11.07
N ILE A 97 -4.69 14.88 -12.02
CA ILE A 97 -3.99 16.04 -12.44
C ILE A 97 -4.09 17.19 -11.38
N TRP A 98 -5.30 17.45 -10.83
CA TRP A 98 -5.49 18.53 -9.84
C TRP A 98 -4.92 18.31 -8.40
N ASP A 99 -5.12 17.13 -7.77
CA ASP A 99 -4.65 16.93 -6.37
C ASP A 99 -3.11 16.87 -6.24
N ASP A 100 -2.46 16.11 -7.12
CA ASP A 100 -1.00 15.94 -7.08
C ASP A 100 -0.22 17.25 -7.29
N LEU A 101 -0.73 18.12 -8.16
CA LEU A 101 -0.05 19.38 -8.49
C LEU A 101 0.19 20.31 -7.30
N ARG A 102 -0.67 20.25 -6.30
CA ARG A 102 -0.57 21.15 -5.14
C ARG A 102 0.77 21.09 -4.42
N SER A 103 1.40 19.91 -4.34
CA SER A 103 2.65 19.80 -3.59
C SER A 103 3.84 20.51 -4.26
N LEU A 104 4.01 20.30 -5.56
CA LEU A 104 5.15 20.90 -6.28
C LEU A 104 5.10 22.44 -6.46
N SER A 105 4.01 23.04 -6.96
CA SER A 105 3.96 24.49 -7.16
C SER A 105 3.27 25.22 -6.00
N LEU A 106 2.34 24.53 -5.30
CA LEU A 106 1.60 25.11 -4.18
C LEU A 106 0.65 26.24 -4.62
N PHE A 107 -0.40 26.46 -3.81
CA PHE A 107 -1.43 27.47 -4.09
C PHE A 107 -0.85 28.80 -4.64
N SER A 108 0.06 29.43 -3.89
CA SER A 108 0.66 30.70 -4.33
C SER A 108 1.70 30.42 -5.41
N TYR A 109 1.46 30.91 -6.64
CA TYR A 109 2.41 30.65 -7.71
C TYR A 109 3.62 31.61 -7.64
N HIS A 110 4.77 30.98 -7.38
CA HIS A 110 6.09 31.58 -7.19
C HIS A 110 6.96 30.47 -6.57
N ARG A 111 6.29 29.70 -5.70
CA ARG A 111 6.78 28.56 -4.98
C ARG A 111 7.35 27.47 -5.90
N LEU A 112 6.91 27.39 -7.16
CA LEU A 112 7.30 26.28 -8.05
C LEU A 112 8.84 26.22 -8.21
N ARG A 113 9.55 27.34 -8.43
CA ARG A 113 11.05 27.28 -8.48
C ARG A 113 11.57 27.01 -7.07
N ASP A 114 10.87 27.59 -6.11
CA ASP A 114 11.17 27.43 -4.71
C ASP A 114 11.07 25.96 -4.31
N LEU A 115 10.18 25.20 -4.98
CA LEU A 115 9.91 23.81 -4.61
C LEU A 115 11.20 22.98 -4.57
N LEU A 116 12.16 23.18 -5.48
CA LEU A 116 13.38 22.37 -5.40
C LEU A 116 14.11 22.65 -4.09
N LEU A 117 14.19 23.92 -3.70
CA LEU A 117 14.84 24.30 -2.45
C LEU A 117 13.97 23.97 -1.24
N ILE A 118 12.65 24.11 -1.40
CA ILE A 118 11.71 23.87 -0.31
C ILE A 118 11.90 22.45 0.24
N VAL A 119 12.21 21.51 -0.65
CA VAL A 119 12.38 20.12 -0.23
C VAL A 119 13.42 20.03 0.90
N THR A 120 14.51 20.82 0.79
CA THR A 120 15.54 20.83 1.82
C THR A 120 15.01 21.35 3.16
N ARG A 121 14.14 22.37 3.13
CA ARG A 121 13.61 22.95 4.38
C ARG A 121 12.84 21.92 5.18
N ILE A 122 12.08 21.06 4.49
CA ILE A 122 11.26 20.10 5.18
C ILE A 122 12.13 19.16 6.01
N VAL A 123 13.15 18.61 5.40
CA VAL A 123 14.06 17.72 6.13
C VAL A 123 14.91 18.49 7.15
N GLU A 124 15.47 19.62 6.72
CA GLU A 124 16.34 20.41 7.57
C GLU A 124 15.58 21.02 8.75
N LEU A 125 14.39 21.56 8.49
CA LEU A 125 13.60 22.17 9.56
C LEU A 125 13.15 21.12 10.57
N LEU A 126 12.61 20.00 10.06
CA LEU A 126 12.12 18.96 10.93
C LEU A 126 13.25 18.14 11.55
N GLY A 127 14.45 18.21 10.96
CA GLY A 127 15.62 17.50 11.50
C GLY A 127 16.08 18.13 12.82
N ARG A 128 15.79 19.43 12.98
CA ARG A 128 16.17 20.19 14.17
C ARG A 128 15.28 19.82 15.37
N ARG A 129 13.96 19.87 15.17
CA ARG A 129 12.99 19.51 16.22
C ARG A 129 12.77 17.99 16.27
N GLY A 130 12.96 17.35 15.12
CA GLY A 130 12.78 15.92 14.93
C GLY A 130 13.60 15.02 15.86
N TRP A 131 14.71 15.51 16.42
CA TRP A 131 15.53 14.63 17.26
C TRP A 131 14.76 14.01 18.41
N GLU A 132 13.57 14.54 18.71
CA GLU A 132 12.73 13.90 19.72
C GLU A 132 12.56 12.39 19.34
N ALA A 133 12.95 12.03 18.10
CA ALA A 133 12.97 10.65 17.62
C ALA A 133 13.82 9.81 18.57
N LEU A 134 15.03 10.30 18.83
CA LEU A 134 15.95 9.60 19.75
C LEU A 134 15.25 9.48 21.10
N LYS A 135 14.59 10.55 21.51
CA LYS A 135 13.82 10.56 22.76
C LYS A 135 12.72 9.47 22.68
N TYR A 136 12.14 9.30 21.49
CA TYR A 136 11.03 8.37 21.30
C TYR A 136 11.40 6.94 21.72
N TRP A 137 12.52 6.39 21.23
CA TRP A 137 12.96 5.06 21.72
C TRP A 137 13.50 5.14 23.14
N TRP A 138 14.07 6.29 23.50
CA TRP A 138 14.60 6.48 24.87
C TRP A 138 13.46 6.24 25.88
N ASN A 139 12.32 6.87 25.58
CA ASN A 139 11.12 6.72 26.38
C ASN A 139 10.56 5.31 26.24
N LEU A 140 10.58 4.79 25.00
CA LEU A 140 10.02 3.46 24.75
C LEU A 140 10.70 2.41 25.60
N LEU A 141 12.03 2.33 25.59
CA LEU A 141 12.71 1.36 26.43
C LEU A 141 12.37 1.60 27.90
N GLN A 142 12.14 2.86 28.27
CA GLN A 142 11.79 3.20 29.65
C GLN A 142 10.53 2.43 30.10
N TYR A 143 9.55 2.21 29.19
CA TYR A 143 8.35 1.48 29.55
C TYR A 143 8.73 0.00 29.82
N TRP A 144 9.70 -0.50 29.05
CA TRP A 144 10.17 -1.88 29.18
C TRP A 144 10.93 -2.03 30.49
N SER A 145 11.63 -0.98 30.91
CA SER A 145 12.37 -1.02 32.17
C SER A 145 11.38 -1.33 33.30
N GLN A 146 10.16 -0.77 33.17
CA GLN A 146 9.11 -0.99 34.17
C GLN A 146 8.61 -2.45 34.21
N GLU A 147 8.40 -3.12 33.04
CA GLU A 147 7.91 -4.51 33.07
C GLU A 147 8.92 -5.42 33.79
N LEU A 148 10.20 -5.08 33.70
CA LEU A 148 11.28 -5.85 34.33
C LEU A 148 11.26 -5.69 35.86
N LYS A 149 11.03 -4.46 36.34
CA LYS A 149 11.03 -4.19 37.78
C LYS A 149 9.92 -4.96 38.52
N ASN A 150 8.68 -4.89 38.03
CA ASN A 150 7.56 -5.58 38.69
C ASN A 150 7.63 -7.10 38.53
N SER A 151 8.05 -7.57 37.35
CA SER A 151 8.14 -9.00 37.08
C SER A 151 9.15 -9.69 37.99
N ALA A 152 10.31 -9.05 38.18
CA ALA A 152 11.37 -9.61 39.03
C ALA A 152 10.94 -9.66 40.50
N VAL A 153 10.40 -8.56 41.01
CA VAL A 153 9.96 -8.50 42.41
C VAL A 153 8.78 -9.45 42.67
N SER A 154 7.81 -9.46 41.76
CA SER A 154 6.62 -10.29 41.90
C SER A 154 6.93 -11.79 41.99
N LEU A 155 7.66 -12.31 41.00
CA LEU A 155 7.99 -13.74 40.96
C LEU A 155 8.96 -14.15 42.08
N LEU A 156 10.08 -13.44 42.21
CA LEU A 156 11.09 -13.77 43.23
C LEU A 156 10.52 -13.65 44.66
N ASN A 157 9.76 -12.57 44.92
CA ASN A 157 9.17 -12.36 46.24
C ASN A 157 8.05 -13.35 46.52
N ALA A 158 7.30 -13.71 45.48
CA ALA A 158 6.17 -14.64 45.62
C ALA A 158 6.66 -16.01 46.09
N THR A 159 7.75 -16.49 45.51
CA THR A 159 8.34 -17.78 45.89
C THR A 159 9.00 -17.69 47.28
N ALA A 160 9.47 -16.50 47.63
CA ALA A 160 10.15 -16.26 48.91
C ALA A 160 9.26 -16.66 50.11
N ILE A 161 7.99 -16.28 50.07
CA ILE A 161 7.06 -16.59 51.16
C ILE A 161 6.96 -18.12 51.38
N ALA A 162 7.20 -18.90 50.30
CA ALA A 162 7.13 -20.37 50.39
C ALA A 162 7.76 -20.90 51.69
N VAL A 163 8.76 -20.19 52.20
CA VAL A 163 9.44 -20.56 53.45
C VAL A 163 9.08 -19.57 54.56
N GLY A 164 8.81 -20.09 55.76
CA GLY A 164 8.45 -19.24 56.91
C GLY A 164 9.65 -18.40 57.35
N GLU A 165 9.91 -17.31 56.63
CA GLU A 165 11.02 -16.41 56.95
C GLU A 165 10.72 -15.00 56.45
N GLY A 166 11.65 -14.07 56.70
CA GLY A 166 11.50 -12.67 56.26
C GLY A 166 12.19 -12.47 54.92
N THR A 167 12.02 -13.44 54.01
CA THR A 167 12.62 -13.38 52.68
C THR A 167 11.97 -12.28 51.83
N ASP A 168 10.67 -12.08 52.02
CA ASP A 168 9.93 -11.08 51.25
C ASP A 168 10.50 -9.67 51.44
N ARG A 169 10.97 -9.38 52.65
CA ARG A 169 11.53 -8.06 52.97
C ARG A 169 12.83 -7.78 52.20
N VAL A 170 13.74 -8.76 52.17
CA VAL A 170 15.04 -8.59 51.50
C VAL A 170 14.94 -8.45 49.95
N ILE A 171 14.19 -9.32 49.26
CA ILE A 171 14.12 -9.24 47.78
C ILE A 171 13.35 -7.99 47.32
N GLU A 172 12.35 -7.55 48.10
CA GLU A 172 11.55 -6.37 47.73
C GLU A 172 12.38 -5.09 47.83
N VAL A 173 13.10 -4.94 48.96
CA VAL A 173 13.92 -3.74 49.19
C VAL A 173 15.16 -3.72 48.29
N VAL A 174 15.89 -4.85 48.24
CA VAL A 174 17.13 -4.94 47.44
C VAL A 174 16.85 -4.81 45.93
N GLN A 175 15.76 -5.42 45.45
CA GLN A 175 15.42 -5.37 44.03
C GLN A 175 14.99 -3.96 43.60
N GLY A 176 14.07 -3.37 44.36
CA GLY A 176 13.57 -2.03 44.06
C GLY A 176 14.63 -0.95 44.31
N ALA A 177 15.49 -1.17 45.31
CA ALA A 177 16.54 -0.21 45.66
C ALA A 177 17.59 -0.09 44.56
N SER A 178 18.04 -1.24 44.02
CA SER A 178 19.07 -1.24 42.98
C SER A 178 18.55 -0.71 41.65
N ARG A 179 17.38 -1.18 41.22
CA ARG A 179 16.79 -0.77 39.94
C ARG A 179 16.34 0.70 39.94
N ALA A 180 15.55 1.08 40.94
CA ALA A 180 15.02 2.45 41.04
C ALA A 180 16.09 3.51 41.36
N ILE A 181 16.90 3.27 42.40
CA ILE A 181 17.92 4.26 42.82
C ILE A 181 19.04 4.40 41.77
N ARG A 182 19.48 3.30 41.16
CA ARG A 182 20.57 3.36 40.17
C ARG A 182 20.18 4.18 38.93
N HIS A 183 18.90 4.56 38.82
CA HIS A 183 18.43 5.36 37.68
C HIS A 183 18.89 6.81 37.85
N ILE A 184 20.09 7.11 37.36
CA ILE A 184 20.66 8.46 37.45
C ILE A 184 20.32 9.27 36.16
N PRO A 185 19.90 10.53 36.26
CA PRO A 185 19.56 11.36 35.06
C PRO A 185 20.64 11.23 33.96
N ARG A 186 20.20 11.25 32.70
CA ARG A 186 21.10 11.12 31.56
C ARG A 186 20.33 11.30 30.24
N ARG A 187 19.56 12.39 30.16
CA ARG A 187 18.76 12.70 28.97
C ARG A 187 19.62 13.29 27.85
N ILE A 188 19.94 12.46 26.85
CA ILE A 188 20.76 12.89 25.71
C ILE A 188 19.98 13.81 24.77
N ARG A 189 18.65 13.64 24.73
CA ARG A 189 17.81 14.44 23.86
C ARG A 189 17.86 15.93 24.23
N GLN A 190 17.71 16.25 25.52
CA GLN A 190 17.77 17.64 25.96
C GLN A 190 19.19 18.21 25.91
N GLY A 191 20.16 17.43 26.40
CA GLY A 191 21.55 17.85 26.44
C GLY A 191 22.17 18.01 25.04
N LEU A 192 21.91 17.05 24.15
CA LEU A 192 22.45 17.08 22.79
C LEU A 192 21.86 18.23 21.98
N GLU A 193 20.54 18.43 22.10
CA GLU A 193 19.86 19.50 21.36
C GLU A 193 20.32 20.88 21.83
N ARG A 194 20.63 21.00 23.12
CA ARG A 194 21.09 22.28 23.70
C ARG A 194 22.53 22.60 23.30
N ILE A 195 23.40 21.58 23.26
CA ILE A 195 24.81 21.79 22.91
C ILE A 195 25.03 21.88 21.39
N LEU A 196 24.03 21.49 20.59
CA LEU A 196 24.14 21.53 19.12
C LEU A 196 23.71 22.92 18.58
N LEU A 197 23.64 23.93 19.46
CA LEU A 197 23.25 25.28 19.04
C LEU A 197 23.96 26.33 19.90
N LEU B 1 31.10 -22.51 -27.88
CA LEU B 1 29.67 -22.11 -27.94
C LEU B 1 29.16 -21.89 -26.52
N LEU B 2 28.86 -20.62 -26.18
CA LEU B 2 28.37 -20.27 -24.85
C LEU B 2 29.33 -20.77 -23.77
N GLU B 3 30.64 -20.78 -24.08
CA GLU B 3 31.65 -21.24 -23.14
C GLU B 3 33.08 -21.13 -23.71
N LEU B 4 33.71 -19.94 -23.49
CA LEU B 4 35.10 -19.60 -23.91
C LEU B 4 35.12 -18.55 -25.01
N ASP B 5 34.36 -18.81 -26.05
CA ASP B 5 34.29 -17.89 -27.19
C ASP B 5 33.16 -16.88 -27.04
N LYS B 6 32.06 -17.32 -26.42
CA LYS B 6 30.91 -16.45 -26.21
C LYS B 6 31.15 -15.50 -25.04
N TRP B 7 31.84 -15.98 -23.99
CA TRP B 7 32.11 -15.14 -22.82
C TRP B 7 33.22 -14.13 -23.10
N ALA B 8 34.33 -14.60 -23.70
CA ALA B 8 35.48 -13.74 -23.99
C ALA B 8 35.16 -12.67 -25.02
N SER B 9 34.44 -13.03 -26.08
CA SER B 9 34.09 -12.07 -27.13
C SER B 9 33.24 -10.92 -26.56
N LEU B 10 32.55 -11.17 -25.44
CA LEU B 10 31.72 -10.16 -24.80
C LEU B 10 32.54 -9.05 -24.11
N TRP B 11 33.79 -9.37 -23.75
CA TRP B 11 34.67 -8.39 -23.09
C TRP B 11 34.97 -7.18 -23.99
N ASN B 12 34.59 -7.25 -25.27
CA ASN B 12 34.85 -6.15 -26.21
C ASN B 12 33.77 -5.06 -26.15
N TRP B 13 32.69 -5.30 -25.39
CA TRP B 13 31.60 -4.33 -25.29
C TRP B 13 31.78 -3.44 -24.06
N PHE B 14 32.03 -4.06 -22.89
CA PHE B 14 32.24 -3.35 -21.61
C PHE B 14 30.97 -2.65 -21.07
N ASP B 15 30.11 -2.13 -21.94
CA ASP B 15 28.91 -1.41 -21.50
C ASP B 15 27.76 -2.36 -21.10
N ILE B 16 27.23 -3.10 -22.07
CA ILE B 16 26.10 -4.04 -21.81
C ILE B 16 26.52 -5.09 -20.75
N THR B 17 27.77 -5.53 -20.83
CA THR B 17 28.28 -6.56 -19.92
C THR B 17 28.05 -6.20 -18.45
N ASN B 18 28.07 -4.91 -18.10
CA ASN B 18 27.90 -4.50 -16.71
C ASN B 18 26.57 -5.06 -16.13
N TRP B 19 25.46 -4.89 -16.87
CA TRP B 19 24.17 -5.40 -16.42
C TRP B 19 24.24 -6.95 -16.37
N LEU B 20 24.82 -7.54 -17.42
CA LEU B 20 24.93 -8.99 -17.52
C LEU B 20 25.71 -9.61 -16.36
N TRP B 21 26.76 -8.91 -15.90
CA TRP B 21 27.62 -9.43 -14.82
C TRP B 21 27.27 -8.87 -13.43
N TYR B 22 26.25 -8.00 -13.34
CA TYR B 22 25.86 -7.44 -12.04
C TYR B 22 24.42 -7.83 -11.63
N ILE B 23 23.74 -8.61 -12.47
CA ILE B 23 22.37 -9.06 -12.17
C ILE B 23 22.32 -9.90 -10.89
N ARG B 24 23.34 -10.71 -10.65
CA ARG B 24 23.37 -11.60 -9.47
C ARG B 24 23.12 -10.78 -8.20
N ILE B 25 23.78 -9.63 -8.08
CA ILE B 25 23.60 -8.74 -6.92
C ILE B 25 22.29 -7.94 -7.10
N PHE B 26 21.99 -7.58 -8.36
CA PHE B 26 20.80 -6.81 -8.70
C PHE B 26 19.52 -7.53 -8.28
N ILE B 27 19.49 -8.85 -8.47
CA ILE B 27 18.33 -9.67 -8.15
C ILE B 27 18.01 -9.61 -6.64
N ILE B 28 19.02 -9.84 -5.78
CA ILE B 28 18.80 -9.82 -4.33
C ILE B 28 18.24 -8.46 -3.90
N ILE B 29 18.75 -7.38 -4.50
CA ILE B 29 18.29 -6.03 -4.19
C ILE B 29 16.79 -5.90 -4.54
N VAL B 30 16.38 -6.46 -5.68
CA VAL B 30 14.98 -6.40 -6.09
C VAL B 30 14.11 -7.06 -5.01
N GLY B 31 14.56 -8.20 -4.47
CA GLY B 31 13.82 -8.89 -3.41
C GLY B 31 13.60 -7.93 -2.24
N SER B 32 14.67 -7.19 -1.91
CA SER B 32 14.63 -6.18 -0.85
C SER B 32 13.61 -5.09 -1.19
N LEU B 33 13.55 -4.77 -2.49
CA LEU B 33 12.68 -3.72 -2.99
C LEU B 33 11.22 -3.99 -2.64
N ILE B 34 10.80 -5.27 -2.65
CA ILE B 34 9.40 -5.59 -2.32
C ILE B 34 9.15 -5.22 -0.84
N GLY B 35 10.12 -5.52 0.04
CA GLY B 35 10.02 -5.18 1.47
C GLY B 35 9.89 -3.65 1.64
N LEU B 36 10.50 -2.91 0.72
CA LEU B 36 10.44 -1.44 0.70
C LEU B 36 8.99 -0.99 0.47
N ARG B 37 8.28 -1.73 -0.38
CA ARG B 37 6.89 -1.43 -0.72
C ARG B 37 6.01 -1.40 0.53
N ILE B 38 6.35 -2.19 1.56
CA ILE B 38 5.57 -2.22 2.80
C ILE B 38 5.60 -0.80 3.41
N VAL B 39 6.79 -0.18 3.39
CA VAL B 39 6.97 1.18 3.90
C VAL B 39 6.18 2.17 3.00
N PHE B 40 6.08 1.85 1.71
CA PHE B 40 5.33 2.67 0.75
C PHE B 40 3.89 2.84 1.23
N ALA B 41 3.39 1.86 1.97
CA ALA B 41 2.01 1.92 2.46
C ALA B 41 1.80 3.21 3.27
N VAL B 42 2.83 3.64 4.04
CA VAL B 42 2.70 4.89 4.80
C VAL B 42 2.43 6.06 3.81
N LEU B 43 3.08 6.00 2.64
CA LEU B 43 2.92 7.01 1.59
C LEU B 43 1.43 7.06 1.18
N SER B 44 0.75 5.90 1.15
CA SER B 44 -0.67 5.87 0.80
C SER B 44 -1.47 6.68 1.82
N LEU B 45 -1.01 6.65 3.07
CA LEU B 45 -1.65 7.42 4.14
C LEU B 45 -1.50 8.91 3.80
N VAL B 46 -0.30 9.26 3.33
CA VAL B 46 0.02 10.63 2.90
C VAL B 46 -0.88 10.99 1.71
N ASN B 47 -1.09 10.02 0.82
CA ASN B 47 -1.93 10.21 -0.35
C ASN B 47 -3.36 10.54 0.05
N ARG B 48 -3.85 9.91 1.11
CA ARG B 48 -5.21 10.16 1.58
C ARG B 48 -5.34 11.64 1.96
N VAL B 49 -4.37 12.11 2.72
CA VAL B 49 -4.38 13.47 3.21
C VAL B 49 -4.14 14.45 2.06
N ARG B 50 -3.18 14.16 1.22
CA ARG B 50 -2.86 15.05 0.09
C ARG B 50 -3.92 15.01 -1.03
N GLN B 51 -4.37 13.81 -1.38
CA GLN B 51 -5.32 13.60 -2.47
C GLN B 51 -6.76 13.33 -2.02
N GLY B 52 -7.02 13.47 -0.73
CA GLY B 52 -8.36 13.18 -0.17
C GLY B 52 -8.71 11.69 -0.35
N TYR B 53 -9.18 11.00 0.71
CA TYR B 53 -9.49 9.56 0.61
C TYR B 53 -10.65 9.24 -0.36
N SER B 54 -11.81 9.86 -0.14
CA SER B 54 -12.96 9.61 -0.98
C SER B 54 -12.65 10.06 -2.41
N PRO B 55 -13.24 9.42 -3.43
CA PRO B 55 -13.03 9.77 -4.87
C PRO B 55 -12.54 11.23 -5.05
N LEU B 56 -11.46 11.39 -5.80
CA LEU B 56 -10.83 12.71 -5.99
C LEU B 56 -11.70 13.70 -6.78
N SER B 57 -12.90 13.29 -7.20
CA SER B 57 -13.77 14.18 -7.95
C SER B 57 -14.55 15.02 -6.93
N GLU B 80 -4.48 21.39 -0.89
CA GLU B 80 -3.40 22.40 -1.08
C GLU B 80 -2.48 22.44 0.14
N ARG B 81 -3.07 22.78 1.26
CA ARG B 81 -2.38 22.89 2.55
C ARG B 81 -1.73 21.57 3.01
N ASP B 82 -2.25 20.44 2.53
CA ASP B 82 -1.80 19.12 2.99
C ASP B 82 -0.29 18.86 2.90
N ARG B 83 0.44 19.31 1.85
CA ARG B 83 1.91 19.06 1.81
C ARG B 83 2.57 19.61 3.08
N ASP B 84 2.08 20.75 3.55
CA ASP B 84 2.64 21.36 4.76
C ASP B 84 2.43 20.42 5.96
N ARG B 85 1.23 19.81 6.02
CA ARG B 85 0.91 18.87 7.10
C ARG B 85 1.69 17.55 6.93
N SER B 86 1.70 17.01 5.72
CA SER B 86 2.38 15.75 5.47
C SER B 86 3.86 15.85 5.88
N ILE B 87 4.43 17.05 5.80
CA ILE B 87 5.83 17.26 6.25
C ILE B 87 5.99 16.75 7.69
N ARG B 88 4.92 16.83 8.50
CA ARG B 88 5.00 16.35 9.89
C ARG B 88 5.39 14.88 9.93
N LEU B 89 5.18 14.17 8.82
CA LEU B 89 5.54 12.76 8.73
C LEU B 89 7.03 12.55 9.08
N VAL B 90 7.89 13.55 8.74
CA VAL B 90 9.32 13.41 9.05
C VAL B 90 9.52 13.36 10.57
N ASN B 91 8.97 14.34 11.30
CA ASN B 91 9.03 14.33 12.77
C ASN B 91 8.17 13.20 13.33
N GLY B 92 7.36 12.58 12.46
CA GLY B 92 6.45 11.53 12.89
C GLY B 92 7.22 10.41 13.62
N SER B 93 8.53 10.31 13.40
CA SER B 93 9.34 9.31 14.12
C SER B 93 9.20 9.58 15.63
N LEU B 94 9.22 10.86 16.00
CA LEU B 94 9.05 11.29 17.40
C LEU B 94 7.64 10.85 17.88
N ALA B 95 6.67 10.93 16.99
CA ALA B 95 5.28 10.52 17.24
C ALA B 95 5.16 8.99 17.40
N LEU B 96 6.01 8.25 16.70
CA LEU B 96 5.94 6.78 16.65
C LEU B 96 5.95 6.17 18.06
N ILE B 97 6.53 6.85 19.07
CA ILE B 97 6.48 6.33 20.43
C ILE B 97 5.01 6.20 20.86
N TRP B 98 4.15 7.17 20.51
CA TRP B 98 2.75 7.15 20.96
C TRP B 98 1.83 6.06 20.36
N ASP B 99 1.83 5.82 19.03
CA ASP B 99 0.92 4.79 18.46
C ASP B 99 1.30 3.36 18.86
N ASP B 100 2.58 3.02 18.68
CA ASP B 100 3.09 1.67 18.95
C ASP B 100 3.17 1.29 20.44
N LEU B 101 3.57 2.24 21.29
CA LEU B 101 3.79 1.96 22.73
C LEU B 101 2.58 1.41 23.49
N ARG B 102 1.39 1.97 23.27
CA ARG B 102 0.22 1.52 24.03
C ARG B 102 -0.30 0.15 23.62
N SER B 103 0.06 -0.35 22.43
CA SER B 103 -0.48 -1.63 21.99
C SER B 103 0.13 -2.85 22.71
N LEU B 104 1.46 -2.94 22.83
CA LEU B 104 2.06 -4.10 23.52
C LEU B 104 1.84 -4.13 25.05
N SER B 105 2.20 -3.03 25.69
CA SER B 105 2.19 -2.91 27.13
C SER B 105 0.97 -2.19 27.74
N LEU B 106 0.37 -1.24 27.00
CA LEU B 106 -0.75 -0.42 27.52
C LEU B 106 -0.18 0.61 28.51
N PHE B 107 -1.02 1.51 29.06
CA PHE B 107 -0.54 2.55 29.97
C PHE B 107 -0.64 2.15 31.46
N SER B 108 -0.54 0.85 31.74
CA SER B 108 -0.60 0.33 33.13
C SER B 108 0.31 -0.89 33.25
N TYR B 109 1.57 -0.67 33.62
CA TYR B 109 2.56 -1.75 33.72
C TYR B 109 2.00 -2.98 34.44
N HIS B 110 2.66 -4.14 34.20
CA HIS B 110 2.22 -5.46 34.71
C HIS B 110 1.22 -6.08 33.70
N ARG B 111 0.55 -5.20 32.94
CA ARG B 111 -0.40 -5.55 31.89
C ARG B 111 0.30 -6.13 30.66
N LEU B 112 1.56 -5.75 30.42
CA LEU B 112 2.27 -6.16 29.18
C LEU B 112 2.35 -7.68 29.08
N ARG B 113 2.70 -8.34 30.17
CA ARG B 113 2.78 -9.80 30.18
C ARG B 113 1.36 -10.36 30.04
N ASP B 114 0.40 -9.65 30.62
CA ASP B 114 -1.01 -10.01 30.54
C ASP B 114 -1.53 -9.79 29.12
N LEU B 115 -1.01 -8.76 28.42
CA LEU B 115 -1.46 -8.43 27.08
C LEU B 115 -1.24 -9.62 26.13
N LEU B 116 -0.13 -10.32 26.30
CA LEU B 116 0.17 -11.46 25.44
C LEU B 116 -0.93 -12.51 25.51
N LEU B 117 -1.50 -12.70 26.71
CA LEU B 117 -2.55 -13.70 26.91
C LEU B 117 -3.90 -13.26 26.31
N ILE B 118 -4.26 -11.99 26.46
CA ILE B 118 -5.54 -11.52 25.92
C ILE B 118 -5.60 -11.72 24.40
N VAL B 119 -4.47 -11.52 23.69
CA VAL B 119 -4.46 -11.69 22.23
C VAL B 119 -4.96 -13.08 21.86
N THR B 120 -4.44 -14.12 22.54
CA THR B 120 -4.89 -15.49 22.27
C THR B 120 -6.37 -15.64 22.62
N ARG B 121 -6.81 -14.95 23.67
CA ARG B 121 -8.19 -15.01 24.12
C ARG B 121 -9.16 -14.43 23.09
N ILE B 122 -8.77 -13.37 22.37
CA ILE B 122 -9.67 -12.80 21.37
C ILE B 122 -9.91 -13.82 20.28
N VAL B 123 -8.83 -14.45 19.80
CA VAL B 123 -8.94 -15.44 18.73
C VAL B 123 -9.76 -16.65 19.21
N GLU B 124 -9.50 -17.12 20.43
CA GLU B 124 -10.22 -18.28 20.96
C GLU B 124 -11.70 -17.94 21.15
N LEU B 125 -11.98 -16.75 21.71
CA LEU B 125 -13.34 -16.30 21.94
C LEU B 125 -14.10 -16.11 20.62
N LEU B 126 -13.50 -15.31 19.72
CA LEU B 126 -14.13 -15.00 18.43
C LEU B 126 -14.04 -16.18 17.44
N GLY B 127 -13.21 -17.19 17.73
CA GLY B 127 -13.08 -18.36 16.85
C GLY B 127 -14.44 -19.07 16.71
N ARG B 128 -15.17 -19.13 17.82
CA ARG B 128 -16.50 -19.76 17.85
C ARG B 128 -17.45 -18.94 16.96
N ARG B 129 -17.33 -17.61 17.02
CA ARG B 129 -18.17 -16.70 16.22
C ARG B 129 -17.66 -16.59 14.77
N GLY B 130 -16.42 -17.03 14.53
CA GLY B 130 -15.78 -16.98 13.21
C GLY B 130 -16.60 -17.68 12.11
N TRP B 131 -17.49 -18.60 12.49
CA TRP B 131 -18.29 -19.36 11.50
C TRP B 131 -19.12 -18.47 10.57
N GLU B 132 -19.25 -17.19 10.90
CA GLU B 132 -20.01 -16.29 10.05
C GLU B 132 -19.52 -16.38 8.56
N ALA B 133 -18.38 -17.06 8.33
CA ALA B 133 -17.88 -17.31 6.99
C ALA B 133 -18.98 -18.02 6.17
N LEU B 134 -19.51 -19.13 6.74
CA LEU B 134 -20.54 -19.91 6.05
C LEU B 134 -21.89 -19.20 5.95
N LYS B 135 -22.32 -18.44 6.98
CA LYS B 135 -23.66 -17.79 6.89
C LYS B 135 -23.75 -16.92 5.64
N TYR B 136 -22.67 -16.24 5.31
CA TYR B 136 -22.69 -15.37 4.14
C TYR B 136 -22.68 -16.22 2.86
N TRP B 137 -21.79 -17.20 2.79
CA TRP B 137 -21.67 -18.05 1.58
C TRP B 137 -22.98 -18.73 1.14
N TRP B 138 -23.71 -19.39 2.05
CA TRP B 138 -24.96 -20.05 1.65
C TRP B 138 -26.00 -18.99 1.23
N ASN B 139 -26.10 -17.90 2.00
CA ASN B 139 -27.01 -16.81 1.70
C ASN B 139 -26.64 -16.15 0.37
N LEU B 140 -25.33 -16.07 0.10
CA LEU B 140 -24.81 -15.44 -1.11
C LEU B 140 -25.35 -16.11 -2.39
N LEU B 141 -25.22 -17.43 -2.44
CA LEU B 141 -25.66 -18.21 -3.59
C LEU B 141 -27.19 -18.27 -3.71
N GLN B 142 -27.89 -18.28 -2.58
CA GLN B 142 -29.35 -18.40 -2.60
C GLN B 142 -30.04 -17.20 -3.27
N TYR B 143 -29.68 -15.96 -2.90
CA TYR B 143 -30.31 -14.80 -3.47
C TYR B 143 -29.87 -14.50 -4.91
N TRP B 144 -28.55 -14.57 -5.21
CA TRP B 144 -28.10 -14.23 -6.58
C TRP B 144 -28.67 -15.27 -7.55
N SER B 145 -28.69 -16.52 -7.11
CA SER B 145 -29.28 -17.61 -7.90
C SER B 145 -30.74 -17.24 -8.18
N GLN B 146 -31.39 -16.61 -7.19
CA GLN B 146 -32.78 -16.20 -7.31
C GLN B 146 -32.94 -15.23 -8.51
N GLU B 147 -31.97 -14.31 -8.72
CA GLU B 147 -32.08 -13.41 -9.87
C GLU B 147 -32.00 -14.23 -11.17
N LEU B 148 -31.24 -15.34 -11.12
CA LEU B 148 -31.10 -16.22 -12.27
C LEU B 148 -32.46 -16.81 -12.68
N LYS B 149 -33.30 -17.20 -11.69
CA LYS B 149 -34.60 -17.77 -12.01
C LYS B 149 -35.49 -16.73 -12.68
N ASN B 150 -35.41 -15.48 -12.24
CA ASN B 150 -36.24 -14.41 -12.80
C ASN B 150 -35.90 -14.18 -14.28
N SER B 151 -34.61 -14.15 -14.61
CA SER B 151 -34.18 -13.93 -15.99
C SER B 151 -34.52 -15.14 -16.88
N ALA B 152 -34.22 -16.35 -16.39
CA ALA B 152 -34.46 -17.58 -17.14
C ALA B 152 -35.95 -17.83 -17.40
N VAL B 153 -36.80 -17.71 -16.37
CA VAL B 153 -38.23 -17.96 -16.53
C VAL B 153 -38.87 -16.92 -17.45
N SER B 154 -38.46 -15.65 -17.31
CA SER B 154 -39.01 -14.58 -18.13
C SER B 154 -38.85 -14.91 -19.62
N LEU B 155 -37.65 -15.31 -20.04
CA LEU B 155 -37.38 -15.61 -21.44
C LEU B 155 -38.04 -16.92 -21.88
N LEU B 156 -37.81 -18.02 -21.15
CA LEU B 156 -38.36 -19.33 -21.51
C LEU B 156 -39.89 -19.41 -21.40
N ASN B 157 -40.45 -18.85 -20.32
CA ASN B 157 -41.91 -18.89 -20.10
C ASN B 157 -42.64 -18.06 -21.15
N ALA B 158 -42.11 -16.88 -21.44
CA ALA B 158 -42.75 -15.96 -22.40
C ALA B 158 -42.78 -16.57 -23.81
N THR B 159 -41.68 -17.21 -24.23
CA THR B 159 -41.59 -17.80 -25.56
C THR B 159 -42.45 -19.07 -25.69
N ALA B 160 -42.66 -19.77 -24.57
CA ALA B 160 -43.44 -21.01 -24.57
C ALA B 160 -44.86 -20.80 -25.13
N ILE B 161 -45.41 -19.61 -24.94
CA ILE B 161 -46.75 -19.28 -25.43
C ILE B 161 -46.83 -19.44 -26.97
N ALA B 162 -45.71 -19.25 -27.66
CA ALA B 162 -45.65 -19.34 -29.13
C ALA B 162 -46.48 -20.52 -29.69
N VAL B 163 -46.58 -21.63 -28.94
CA VAL B 163 -47.34 -22.79 -29.42
C VAL B 163 -48.84 -22.67 -29.11
N GLY B 164 -49.19 -21.94 -28.06
CA GLY B 164 -50.58 -21.74 -27.67
C GLY B 164 -51.18 -23.00 -27.03
N GLU B 165 -50.72 -23.33 -25.82
CA GLU B 165 -51.20 -24.51 -25.10
C GLU B 165 -51.10 -24.28 -23.57
N GLY B 166 -50.28 -25.08 -22.84
CA GLY B 166 -50.13 -24.92 -21.40
C GLY B 166 -48.66 -25.11 -20.97
N THR B 167 -47.74 -24.76 -21.86
CA THR B 167 -46.30 -24.89 -21.59
C THR B 167 -45.87 -23.92 -20.49
N ASP B 168 -46.46 -22.73 -20.49
CA ASP B 168 -46.13 -21.69 -19.51
C ASP B 168 -46.36 -22.16 -18.07
N ARG B 169 -47.29 -23.09 -17.88
CA ARG B 169 -47.60 -23.60 -16.55
C ARG B 169 -46.47 -24.49 -16.02
N VAL B 170 -45.92 -25.35 -16.89
CA VAL B 170 -44.84 -26.28 -16.51
C VAL B 170 -43.54 -25.53 -16.16
N ILE B 171 -43.18 -24.53 -16.98
CA ILE B 171 -41.95 -23.74 -16.78
C ILE B 171 -41.98 -22.97 -15.45
N GLU B 172 -43.08 -22.27 -15.16
CA GLU B 172 -43.19 -21.46 -13.95
C GLU B 172 -43.34 -22.29 -12.66
N VAL B 173 -44.07 -23.41 -12.72
CA VAL B 173 -44.28 -24.25 -11.52
C VAL B 173 -43.00 -24.97 -11.08
N VAL B 174 -42.27 -25.56 -12.04
CA VAL B 174 -41.04 -26.30 -11.73
C VAL B 174 -39.94 -25.37 -11.19
N GLN B 175 -39.70 -24.25 -11.88
CA GLN B 175 -38.67 -23.29 -11.44
C GLN B 175 -39.06 -22.70 -10.09
N GLY B 176 -40.31 -22.25 -10.03
CA GLY B 176 -40.86 -21.63 -8.83
C GLY B 176 -40.85 -22.58 -7.62
N ALA B 177 -41.04 -23.87 -7.87
CA ALA B 177 -41.07 -24.85 -6.78
C ALA B 177 -39.69 -25.00 -6.12
N SER B 178 -38.64 -25.11 -6.95
CA SER B 178 -37.28 -25.27 -6.45
C SER B 178 -36.73 -23.98 -5.84
N ARG B 179 -36.92 -22.86 -6.54
CA ARG B 179 -36.42 -21.56 -6.10
C ARG B 179 -37.13 -21.08 -4.83
N ALA B 180 -38.45 -21.09 -4.84
CA ALA B 180 -39.26 -20.63 -3.71
C ALA B 180 -39.06 -21.51 -2.46
N ILE B 181 -38.95 -22.83 -2.64
CA ILE B 181 -38.78 -23.75 -1.51
C ILE B 181 -37.41 -23.57 -0.84
N ARG B 182 -36.40 -23.21 -1.63
CA ARG B 182 -35.03 -23.02 -1.09
C ARG B 182 -34.91 -21.73 -0.25
N HIS B 183 -36.01 -20.95 -0.13
CA HIS B 183 -35.98 -19.71 0.64
C HIS B 183 -35.47 -19.97 2.07
N ILE B 184 -34.85 -18.96 2.68
CA ILE B 184 -34.30 -19.06 4.03
C ILE B 184 -35.36 -19.68 5.00
N PRO B 185 -35.25 -20.96 5.37
CA PRO B 185 -36.22 -21.62 6.30
C PRO B 185 -35.78 -21.56 7.77
N ARG B 186 -34.60 -22.12 8.07
CA ARG B 186 -34.09 -22.14 9.45
C ARG B 186 -32.90 -21.20 9.61
N ARG B 187 -32.35 -21.13 10.83
CA ARG B 187 -31.21 -20.27 11.12
C ARG B 187 -29.92 -21.10 11.27
N ILE B 188 -29.15 -21.19 10.19
CA ILE B 188 -27.91 -21.97 10.16
C ILE B 188 -26.79 -21.32 11.01
N ARG B 189 -26.73 -19.98 11.02
CA ARG B 189 -25.68 -19.27 11.76
C ARG B 189 -25.78 -19.50 13.28
N GLN B 190 -26.97 -19.34 13.85
CA GLN B 190 -27.16 -19.49 15.30
C GLN B 190 -27.05 -20.95 15.77
N GLY B 191 -27.63 -21.89 15.00
CA GLY B 191 -27.64 -23.29 15.39
C GLY B 191 -26.24 -23.93 15.38
N LEU B 192 -25.45 -23.68 14.33
CA LEU B 192 -24.10 -24.26 14.25
C LEU B 192 -23.11 -23.55 15.18
N GLU B 193 -23.21 -22.23 15.23
CA GLU B 193 -22.31 -21.42 16.04
C GLU B 193 -22.48 -21.71 17.54
N ARG B 194 -23.72 -21.95 17.97
CA ARG B 194 -24.00 -22.19 19.40
C ARG B 194 -23.78 -23.66 19.83
N ILE B 195 -24.16 -24.63 18.99
CA ILE B 195 -24.03 -26.05 19.36
C ILE B 195 -22.66 -26.65 19.01
N LEU B 196 -21.97 -26.08 18.02
CA LEU B 196 -20.66 -26.59 17.60
C LEU B 196 -19.51 -26.00 18.44
N LEU B 197 -19.84 -25.33 19.55
CA LEU B 197 -18.83 -24.73 20.42
C LEU B 197 -17.89 -25.82 20.96
N LEU C 1 35.39 -17.64 -21.22
CA LEU C 1 36.51 -17.02 -20.45
C LEU C 1 36.29 -17.28 -18.95
N LEU C 2 35.50 -18.31 -18.63
CA LEU C 2 35.22 -18.68 -17.26
C LEU C 2 36.29 -19.71 -16.84
N GLU C 3 36.07 -20.41 -15.72
CA GLU C 3 37.02 -21.41 -15.24
C GLU C 3 36.31 -22.72 -14.93
N LEU C 4 36.58 -23.74 -15.75
CA LEU C 4 35.97 -25.08 -15.57
C LEU C 4 36.18 -25.55 -14.14
N ASP C 5 37.40 -25.39 -13.66
CA ASP C 5 37.79 -25.80 -12.32
C ASP C 5 37.09 -24.95 -11.24
N LYS C 6 36.54 -23.80 -11.64
CA LYS C 6 35.84 -22.93 -10.67
C LYS C 6 34.43 -23.43 -10.43
N TRP C 7 33.70 -23.70 -11.53
CA TRP C 7 32.33 -24.21 -11.43
C TRP C 7 32.31 -25.47 -10.57
N ALA C 8 33.26 -26.36 -10.84
CA ALA C 8 33.38 -27.62 -10.11
C ALA C 8 33.95 -27.39 -8.70
N SER C 9 34.75 -26.34 -8.54
CA SER C 9 35.35 -26.03 -7.23
C SER C 9 34.27 -25.56 -6.24
N LEU C 10 33.14 -25.04 -6.75
CA LEU C 10 32.07 -24.57 -5.89
C LEU C 10 31.54 -25.71 -5.01
N TRP C 11 31.47 -26.92 -5.56
CA TRP C 11 31.00 -28.08 -4.79
C TRP C 11 31.87 -28.34 -3.56
N ASN C 12 33.11 -27.81 -3.56
CA ASN C 12 34.02 -27.99 -2.44
C ASN C 12 33.83 -26.90 -1.37
N TRP C 13 33.39 -25.71 -1.79
CA TRP C 13 33.17 -24.59 -0.87
C TRP C 13 32.19 -25.01 0.23
N PHE C 14 31.20 -25.83 -0.13
CA PHE C 14 30.20 -26.32 0.84
C PHE C 14 29.47 -25.14 1.50
N ASP C 15 29.19 -24.09 0.71
CA ASP C 15 28.48 -22.92 1.24
C ASP C 15 27.83 -22.06 0.15
N ILE C 16 28.65 -21.49 -0.74
CA ILE C 16 28.14 -20.61 -1.80
C ILE C 16 27.26 -21.35 -2.83
N THR C 17 27.63 -22.58 -3.20
CA THR C 17 26.88 -23.33 -4.21
C THR C 17 25.43 -23.58 -3.77
N ASN C 18 25.20 -23.76 -2.47
CA ASN C 18 23.86 -24.05 -1.96
C ASN C 18 22.91 -22.87 -2.23
N TRP C 19 23.30 -21.64 -1.87
CA TRP C 19 22.44 -20.49 -2.13
C TRP C 19 22.32 -20.27 -3.65
N LEU C 20 23.43 -20.36 -4.33
CA LEU C 20 23.49 -20.16 -5.78
C LEU C 20 22.55 -21.11 -6.52
N TRP C 21 22.39 -22.35 -6.02
CA TRP C 21 21.51 -23.33 -6.67
C TRP C 21 20.09 -23.39 -6.05
N TYR C 22 19.87 -22.67 -4.93
CA TYR C 22 18.54 -22.65 -4.28
C TYR C 22 17.89 -21.27 -4.41
N ILE C 23 18.70 -20.24 -4.20
CA ILE C 23 18.27 -18.85 -4.30
C ILE C 23 17.77 -18.56 -5.73
N ARG C 24 18.42 -19.15 -6.75
CA ARG C 24 18.02 -18.91 -8.15
C ARG C 24 16.52 -19.20 -8.34
N ILE C 25 16.02 -20.23 -7.64
CA ILE C 25 14.59 -20.57 -7.71
C ILE C 25 13.76 -19.58 -6.86
N PHE C 26 14.40 -19.03 -5.82
CA PHE C 26 13.73 -18.11 -4.90
C PHE C 26 13.19 -16.87 -5.60
N ILE C 27 13.82 -16.44 -6.70
CA ILE C 27 13.36 -15.27 -7.43
C ILE C 27 11.93 -15.53 -7.94
N ILE C 28 11.66 -16.74 -8.43
CA ILE C 28 10.31 -17.10 -8.89
C ILE C 28 9.36 -16.96 -7.70
N ILE C 29 9.83 -17.41 -6.54
CA ILE C 29 9.06 -17.32 -5.29
C ILE C 29 8.86 -15.84 -4.93
N VAL C 30 9.89 -15.00 -5.18
CA VAL C 30 9.78 -13.56 -4.90
C VAL C 30 8.61 -13.01 -5.74
N GLY C 31 8.51 -13.43 -7.00
CA GLY C 31 7.42 -13.00 -7.87
C GLY C 31 6.09 -13.35 -7.19
N SER C 32 6.06 -14.50 -6.53
CA SER C 32 4.89 -14.94 -5.78
C SER C 32 4.69 -14.01 -4.57
N LEU C 33 5.82 -13.61 -3.96
CA LEU C 33 5.82 -12.75 -2.77
C LEU C 33 5.11 -11.40 -3.04
N ILE C 34 5.41 -10.74 -4.17
CA ILE C 34 4.78 -9.45 -4.46
C ILE C 34 3.25 -9.61 -4.48
N GLY C 35 2.74 -10.71 -5.06
CA GLY C 35 1.30 -10.96 -5.08
C GLY C 35 0.77 -11.06 -3.64
N LEU C 36 1.61 -11.60 -2.74
CA LEU C 36 1.30 -11.72 -1.32
C LEU C 36 1.11 -10.32 -0.72
N ARG C 37 1.97 -9.41 -1.15
CA ARG C 37 1.96 -8.01 -0.72
C ARG C 37 0.61 -7.32 -0.97
N ILE C 38 -0.13 -7.77 -1.96
CA ILE C 38 -1.40 -7.13 -2.30
C ILE C 38 -2.34 -7.16 -1.07
N VAL C 39 -2.33 -8.24 -0.27
CA VAL C 39 -3.18 -8.28 0.94
C VAL C 39 -2.70 -7.24 1.98
N PHE C 40 -1.38 -6.95 1.97
CA PHE C 40 -0.80 -5.97 2.88
C PHE C 40 -1.50 -4.63 2.75
N ALA C 41 -2.03 -4.34 1.57
CA ALA C 41 -2.71 -3.06 1.33
C ALA C 41 -3.85 -2.90 2.36
N VAL C 42 -4.55 -4.00 2.71
CA VAL C 42 -5.61 -3.91 3.73
C VAL C 42 -4.99 -3.41 5.07
N LEU C 43 -3.75 -3.85 5.34
CA LEU C 43 -3.00 -3.46 6.53
C LEU C 43 -2.97 -1.94 6.69
N SER C 44 -2.89 -1.21 5.56
CA SER C 44 -2.81 0.26 5.60
C SER C 44 -4.07 0.84 6.25
N LEU C 45 -5.20 0.19 6.04
CA LEU C 45 -6.47 0.62 6.63
C LEU C 45 -6.37 0.53 8.16
N VAL C 46 -5.82 -0.58 8.62
CA VAL C 46 -5.59 -0.84 10.05
C VAL C 46 -4.47 0.08 10.56
N ASN C 47 -3.45 0.27 9.72
CA ASN C 47 -2.31 1.13 10.03
C ASN C 47 -2.79 2.57 10.21
N ARG C 48 -3.78 2.96 9.41
CA ARG C 48 -4.35 4.29 9.47
C ARG C 48 -5.00 4.52 10.83
N VAL C 49 -5.70 3.49 11.32
CA VAL C 49 -6.39 3.57 12.60
C VAL C 49 -5.36 3.86 13.70
N ARG C 50 -4.25 3.14 13.64
CA ARG C 50 -3.16 3.34 14.62
C ARG C 50 -2.32 4.62 14.36
N GLN C 51 -2.44 5.22 13.16
CA GLN C 51 -1.61 6.37 12.77
C GLN C 51 -2.19 7.75 13.18
N GLY C 52 -3.26 7.76 13.96
CA GLY C 52 -3.88 9.02 14.43
C GLY C 52 -4.24 10.01 13.30
N TYR C 53 -4.84 9.52 12.21
CA TYR C 53 -5.28 10.37 11.08
C TYR C 53 -4.14 10.93 10.20
N SER C 54 -3.46 12.01 10.62
CA SER C 54 -2.39 12.58 9.82
C SER C 54 -1.28 11.54 9.67
N PRO C 55 -0.44 11.57 8.62
CA PRO C 55 0.66 10.60 8.36
C PRO C 55 1.02 9.75 9.63
N LEU C 56 2.10 10.07 10.34
CA LEU C 56 2.44 9.35 11.58
C LEU C 56 2.21 10.29 12.80
N SER C 57 2.18 11.61 12.58
CA SER C 57 1.95 12.58 13.65
C SER C 57 0.46 12.56 14.07
N GLU C 80 -4.29 3.35 21.12
CA GLU C 80 -4.87 2.46 22.14
C GLU C 80 -5.86 1.45 21.52
N ARG C 81 -7.01 1.97 21.14
CA ARG C 81 -8.09 1.18 20.53
C ARG C 81 -7.64 0.47 19.24
N ASP C 82 -6.61 1.01 18.58
CA ASP C 82 -6.15 0.49 17.29
C ASP C 82 -5.80 -1.02 17.33
N ARG C 83 -5.04 -1.50 18.34
CA ARG C 83 -4.68 -2.93 18.35
C ARG C 83 -5.90 -3.82 18.60
N ASP C 84 -6.83 -3.39 19.46
CA ASP C 84 -8.04 -4.19 19.72
C ASP C 84 -8.78 -4.39 18.40
N ARG C 85 -8.83 -3.33 17.59
CA ARG C 85 -9.48 -3.39 16.29
C ARG C 85 -8.66 -4.23 15.31
N SER C 86 -7.34 -4.03 15.33
CA SER C 86 -6.47 -4.76 14.44
C SER C 86 -6.65 -6.27 14.64
N ILE C 87 -6.93 -6.72 15.88
CA ILE C 87 -7.20 -8.16 16.11
C ILE C 87 -8.53 -8.53 15.39
N ARG C 88 -9.46 -7.56 15.21
CA ARG C 88 -10.74 -7.84 14.55
C ARG C 88 -10.49 -8.35 13.11
N LEU C 89 -9.31 -8.03 12.53
CA LEU C 89 -9.00 -8.50 11.18
C LEU C 89 -9.14 -10.03 11.10
N VAL C 90 -8.88 -10.73 12.22
CA VAL C 90 -9.04 -12.19 12.26
C VAL C 90 -10.49 -12.51 11.84
N ASN C 91 -11.42 -11.81 12.49
CA ASN C 91 -12.85 -11.93 12.16
C ASN C 91 -13.18 -11.27 10.84
N GLY C 92 -12.25 -10.49 10.28
CA GLY C 92 -12.49 -9.76 9.04
C GLY C 92 -12.94 -10.70 7.92
N SER C 93 -12.70 -12.01 8.05
CA SER C 93 -13.11 -12.96 7.01
C SER C 93 -14.62 -12.92 6.75
N LEU C 94 -15.46 -12.93 7.81
CA LEU C 94 -16.93 -12.91 7.60
C LEU C 94 -17.40 -11.55 7.05
N ALA C 95 -16.80 -10.47 7.53
CA ALA C 95 -17.09 -9.12 7.07
C ALA C 95 -16.59 -8.93 5.64
N LEU C 96 -15.47 -9.59 5.35
CA LEU C 96 -14.80 -9.49 4.07
C LEU C 96 -15.68 -9.92 2.91
N ILE C 97 -16.67 -10.85 3.09
CA ILE C 97 -17.46 -11.18 1.94
C ILE C 97 -18.48 -10.06 1.65
N TRP C 98 -18.93 -9.37 2.70
CA TRP C 98 -19.91 -8.29 2.56
C TRP C 98 -19.38 -7.02 1.85
N ASP C 99 -18.18 -6.52 2.21
CA ASP C 99 -17.65 -5.29 1.57
C ASP C 99 -17.29 -5.49 0.09
N ASP C 100 -16.65 -6.63 -0.22
CA ASP C 100 -16.23 -6.93 -1.59
C ASP C 100 -17.44 -7.25 -2.50
N LEU C 101 -18.37 -8.07 -2.00
CA LEU C 101 -19.55 -8.47 -2.80
C LEU C 101 -20.47 -7.30 -3.13
N ARG C 102 -20.75 -6.44 -2.14
CA ARG C 102 -21.67 -5.32 -2.35
C ARG C 102 -21.32 -4.55 -3.63
N SER C 103 -20.05 -4.60 -4.04
CA SER C 103 -19.59 -3.92 -5.24
C SER C 103 -20.15 -4.58 -6.50
N LEU C 104 -20.16 -5.91 -6.54
CA LEU C 104 -20.65 -6.65 -7.72
C LEU C 104 -22.10 -6.31 -8.05
N SER C 105 -22.96 -6.48 -7.05
CA SER C 105 -24.39 -6.29 -7.18
C SER C 105 -24.87 -4.90 -6.69
N LEU C 106 -24.45 -4.51 -5.48
CA LEU C 106 -24.85 -3.23 -4.86
C LEU C 106 -26.37 -2.99 -4.92
N PHE C 107 -26.87 -2.09 -4.05
CA PHE C 107 -28.29 -1.76 -3.98
C PHE C 107 -29.15 -3.00 -3.59
N SER C 108 -30.41 -3.07 -4.05
CA SER C 108 -31.32 -4.18 -3.71
C SER C 108 -31.07 -5.46 -4.53
N TYR C 109 -29.81 -5.69 -4.92
CA TYR C 109 -29.45 -6.89 -5.69
C TYR C 109 -30.23 -6.97 -7.01
N HIS C 110 -30.14 -8.13 -7.71
CA HIS C 110 -30.74 -8.30 -9.07
C HIS C 110 -29.80 -7.65 -10.14
N ARG C 111 -28.88 -6.85 -9.62
CA ARG C 111 -27.86 -6.09 -10.30
C ARG C 111 -26.73 -6.94 -10.88
N LEU C 112 -26.49 -8.14 -10.30
CA LEU C 112 -25.29 -8.91 -10.64
C LEU C 112 -25.22 -9.19 -12.16
N ARG C 113 -26.31 -9.58 -12.81
CA ARG C 113 -26.27 -9.72 -14.28
C ARG C 113 -26.17 -8.32 -14.89
N ASP C 114 -26.79 -7.36 -14.21
CA ASP C 114 -26.80 -5.95 -14.60
C ASP C 114 -25.37 -5.38 -14.63
N LEU C 115 -24.49 -5.87 -13.74
CA LEU C 115 -23.14 -5.34 -13.63
C LEU C 115 -22.40 -5.39 -14.96
N LEU C 116 -22.57 -6.47 -15.73
CA LEU C 116 -21.89 -6.57 -17.01
C LEU C 116 -22.33 -5.48 -17.97
N LEU C 117 -23.62 -5.16 -17.98
CA LEU C 117 -24.15 -4.12 -18.87
C LEU C 117 -23.81 -2.71 -18.38
N ILE C 118 -24.01 -2.45 -17.09
CA ILE C 118 -23.75 -1.13 -16.52
C ILE C 118 -22.26 -0.82 -16.50
N VAL C 119 -21.40 -1.81 -16.22
CA VAL C 119 -19.95 -1.52 -16.19
C VAL C 119 -19.57 -0.89 -17.54
N THR C 120 -20.10 -1.46 -18.65
CA THR C 120 -19.85 -0.87 -19.97
C THR C 120 -20.47 0.54 -20.02
N ARG C 121 -21.62 0.70 -19.36
CA ARG C 121 -22.35 1.96 -19.34
C ARG C 121 -21.55 3.08 -18.64
N ILE C 122 -20.87 2.76 -17.55
CA ILE C 122 -20.10 3.76 -16.81
C ILE C 122 -18.91 4.24 -17.63
N VAL C 123 -18.25 3.32 -18.34
CA VAL C 123 -17.09 3.69 -19.16
C VAL C 123 -17.50 4.63 -20.31
N GLU C 124 -18.68 4.40 -20.91
CA GLU C 124 -19.15 5.24 -22.01
C GLU C 124 -19.45 6.66 -21.51
N LEU C 125 -20.12 6.74 -20.36
CA LEU C 125 -20.48 8.03 -19.76
C LEU C 125 -19.21 8.80 -19.35
N LEU C 126 -18.31 8.10 -18.66
CA LEU C 126 -17.07 8.72 -18.16
C LEU C 126 -16.01 8.95 -19.26
N GLY C 127 -16.19 8.34 -20.43
CA GLY C 127 -15.22 8.47 -21.52
C GLY C 127 -15.04 9.93 -21.96
N ARG C 128 -16.13 10.70 -21.98
CA ARG C 128 -16.07 12.11 -22.39
C ARG C 128 -15.46 13.01 -21.30
N ARG C 129 -15.66 12.64 -20.02
CA ARG C 129 -15.14 13.43 -18.90
C ARG C 129 -13.65 13.15 -18.61
N GLY C 130 -13.21 11.93 -18.92
CA GLY C 130 -11.83 11.51 -18.68
C GLY C 130 -10.80 12.45 -19.34
N TRP C 131 -11.20 13.17 -20.38
CA TRP C 131 -10.30 14.06 -21.12
C TRP C 131 -9.62 15.13 -20.27
N GLU C 132 -10.10 15.33 -19.04
CA GLU C 132 -9.56 16.39 -18.17
C GLU C 132 -8.00 16.32 -18.09
N ALA C 133 -7.40 15.23 -18.60
CA ALA C 133 -5.95 15.08 -18.66
C ALA C 133 -5.34 16.27 -19.41
N LEU C 134 -5.88 16.53 -20.60
CA LEU C 134 -5.41 17.64 -21.43
C LEU C 134 -5.85 18.99 -20.85
N LYS C 135 -7.07 19.06 -20.29
CA LYS C 135 -7.57 20.36 -19.78
C LYS C 135 -6.65 20.97 -18.71
N TYR C 136 -6.26 20.20 -17.70
CA TYR C 136 -5.41 20.74 -16.65
C TYR C 136 -3.98 20.90 -17.14
N TRP C 137 -3.50 19.96 -17.97
CA TRP C 137 -2.14 20.06 -18.50
C TRP C 137 -1.98 21.35 -19.32
N TRP C 138 -3.08 21.79 -19.95
CA TRP C 138 -3.06 23.03 -20.73
C TRP C 138 -2.86 24.22 -19.80
N ASN C 139 -3.63 24.25 -18.71
CA ASN C 139 -3.52 25.31 -17.70
C ASN C 139 -2.17 25.22 -16.99
N LEU C 140 -1.73 23.98 -16.79
CA LEU C 140 -0.47 23.67 -16.11
C LEU C 140 0.71 24.31 -16.86
N LEU C 141 0.81 24.08 -18.16
CA LEU C 141 1.90 24.65 -18.93
C LEU C 141 1.82 26.19 -18.92
N GLN C 142 0.61 26.72 -18.85
CA GLN C 142 0.40 28.17 -18.85
C GLN C 142 1.01 28.88 -17.61
N TYR C 143 0.81 28.33 -16.39
CA TYR C 143 1.35 28.96 -15.21
C TYR C 143 2.86 28.81 -15.12
N TRP C 144 3.39 27.67 -15.61
CA TRP C 144 4.82 27.39 -15.52
C TRP C 144 5.57 28.47 -16.29
N SER C 145 5.07 28.79 -17.49
CA SER C 145 5.65 29.86 -18.28
C SER C 145 5.63 31.15 -17.46
N GLN C 146 4.54 31.33 -16.69
CA GLN C 146 4.40 32.50 -15.84
C GLN C 146 5.49 32.51 -14.76
N GLU C 147 5.83 31.34 -14.17
CA GLU C 147 6.87 31.29 -13.16
C GLU C 147 8.20 31.76 -13.77
N LEU C 148 8.49 31.31 -14.99
CA LEU C 148 9.69 31.71 -15.70
C LEU C 148 9.60 33.20 -16.11
N LYS C 149 8.39 33.64 -16.41
CA LYS C 149 8.15 35.03 -16.82
C LYS C 149 8.60 36.02 -15.74
N ASN C 150 8.18 35.79 -14.49
CA ASN C 150 8.53 36.67 -13.38
C ASN C 150 10.02 36.60 -13.02
N SER C 151 10.57 35.39 -12.97
CA SER C 151 11.98 35.21 -12.61
C SER C 151 12.91 35.73 -13.71
N ALA C 152 12.60 35.37 -14.96
CA ALA C 152 13.39 35.77 -16.12
C ALA C 152 13.30 37.28 -16.38
N VAL C 153 12.10 37.84 -16.35
CA VAL C 153 11.90 39.27 -16.62
C VAL C 153 12.67 40.13 -15.61
N SER C 154 12.67 39.71 -14.33
CA SER C 154 13.35 40.46 -13.28
C SER C 154 14.88 40.44 -13.47
N LEU C 155 15.42 39.24 -13.73
CA LEU C 155 16.87 39.08 -13.90
C LEU C 155 17.39 39.69 -15.20
N LEU C 156 16.77 39.32 -16.33
CA LEU C 156 17.21 39.82 -17.64
C LEU C 156 17.06 41.34 -17.73
N ASN C 157 15.95 41.87 -17.25
CA ASN C 157 15.69 43.31 -17.28
C ASN C 157 16.72 44.08 -16.45
N ALA C 158 17.08 43.52 -15.29
CA ALA C 158 18.05 44.18 -14.41
C ALA C 158 19.44 44.26 -15.06
N THR C 159 19.86 43.17 -15.70
CA THR C 159 21.16 43.11 -16.38
C THR C 159 21.18 43.96 -17.67
N ALA C 160 20.01 44.11 -18.30
CA ALA C 160 19.89 44.85 -19.56
C ALA C 160 20.17 46.35 -19.38
N ILE C 161 19.82 46.90 -18.22
CA ILE C 161 20.02 48.33 -17.95
C ILE C 161 21.48 48.75 -18.09
N ALA C 162 22.41 47.83 -17.85
CA ALA C 162 23.84 48.13 -17.96
C ALA C 162 24.25 48.26 -19.46
N VAL C 163 23.72 49.31 -20.12
CA VAL C 163 24.02 49.58 -21.53
C VAL C 163 23.35 50.89 -21.98
N GLY C 164 22.14 51.13 -21.46
CA GLY C 164 21.37 52.33 -21.80
C GLY C 164 20.21 52.53 -20.82
N GLU C 165 19.09 53.06 -21.32
CA GLU C 165 17.91 53.30 -20.46
C GLU C 165 16.61 52.78 -21.11
N GLY C 166 16.63 52.58 -22.43
CA GLY C 166 15.45 52.09 -23.16
C GLY C 166 15.38 50.55 -23.20
N THR C 167 16.46 49.88 -22.75
CA THR C 167 16.51 48.42 -22.74
C THR C 167 15.42 47.81 -21.86
N ASP C 168 15.09 48.47 -20.73
CA ASP C 168 14.07 47.95 -19.82
C ASP C 168 12.71 47.80 -20.54
N ARG C 169 12.48 48.61 -21.56
CA ARG C 169 11.25 48.53 -22.34
C ARG C 169 11.29 47.34 -23.30
N VAL C 170 12.44 47.14 -23.94
CA VAL C 170 12.63 46.05 -24.90
C VAL C 170 12.57 44.68 -24.19
N ILE C 171 13.27 44.57 -23.06
CA ILE C 171 13.33 43.30 -22.30
C ILE C 171 11.93 42.90 -21.79
N GLU C 172 11.19 43.83 -21.18
CA GLU C 172 9.86 43.51 -20.62
C GLU C 172 8.81 43.29 -21.71
N VAL C 173 8.83 44.11 -22.76
CA VAL C 173 7.85 44.00 -23.85
C VAL C 173 8.04 42.71 -24.67
N VAL C 174 9.28 42.39 -25.05
CA VAL C 174 9.54 41.19 -25.87
C VAL C 174 9.22 39.90 -25.09
N GLN C 175 9.70 39.80 -23.85
CA GLN C 175 9.45 38.60 -23.03
C GLN C 175 7.96 38.50 -22.71
N GLY C 176 7.43 39.61 -22.23
CA GLY C 176 6.02 39.70 -21.86
C GLY C 176 5.10 39.46 -23.07
N ALA C 177 5.57 39.84 -24.26
CA ALA C 177 4.77 39.68 -25.48
C ALA C 177 4.58 38.21 -25.87
N SER C 178 5.64 37.41 -25.81
CA SER C 178 5.56 36.00 -26.22
C SER C 178 4.76 35.15 -25.22
N ARG C 179 5.03 35.30 -23.92
CA ARG C 179 4.32 34.50 -22.90
C ARG C 179 2.86 34.92 -22.75
N ALA C 180 2.63 36.22 -22.57
CA ALA C 180 1.28 36.75 -22.38
C ALA C 180 0.36 36.46 -23.58
N ILE C 181 0.84 36.74 -24.79
CA ILE C 181 0.02 36.52 -26.00
C ILE C 181 -0.21 35.02 -26.26
N ARG C 182 0.75 34.17 -25.86
CA ARG C 182 0.61 32.72 -26.08
C ARG C 182 -0.52 32.09 -25.23
N HIS C 183 -1.18 32.90 -24.38
CA HIS C 183 -2.28 32.40 -23.55
C HIS C 183 -3.41 31.87 -24.44
N ILE C 184 -4.05 30.77 -23.99
CA ILE C 184 -5.15 30.16 -24.75
C ILE C 184 -6.33 29.79 -23.81
N PRO C 185 -7.54 29.57 -24.33
CA PRO C 185 -8.73 29.22 -23.50
C PRO C 185 -8.49 27.96 -22.64
N ARG C 186 -9.45 27.67 -21.75
CA ARG C 186 -9.35 26.50 -20.86
C ARG C 186 -10.53 25.54 -21.10
N ARG C 187 -10.91 25.37 -22.37
CA ARG C 187 -12.01 24.47 -22.73
C ARG C 187 -11.81 23.93 -24.16
N ILE C 188 -10.54 23.75 -24.55
CA ILE C 188 -10.20 23.26 -25.90
C ILE C 188 -10.75 21.85 -26.12
N ARG C 189 -10.63 20.98 -25.11
CA ARG C 189 -11.10 19.61 -25.24
C ARG C 189 -12.61 19.52 -25.48
N GLN C 190 -13.39 20.42 -24.83
CA GLN C 190 -14.84 20.43 -24.99
C GLN C 190 -15.21 20.74 -26.43
N GLY C 191 -14.63 21.81 -26.98
CA GLY C 191 -14.88 22.18 -28.36
C GLY C 191 -14.30 21.15 -29.31
N LEU C 192 -13.10 20.67 -28.98
CA LEU C 192 -12.40 19.66 -29.78
C LEU C 192 -13.17 18.33 -29.77
N GLU C 193 -13.89 18.05 -28.67
CA GLU C 193 -14.67 16.81 -28.56
C GLU C 193 -16.01 16.93 -29.33
N ARG C 194 -16.53 18.15 -29.43
CA ARG C 194 -17.82 18.39 -30.10
C ARG C 194 -17.69 18.48 -31.64
N ILE C 195 -16.50 18.80 -32.15
CA ILE C 195 -16.31 18.92 -33.61
C ILE C 195 -16.55 17.59 -34.34
N LEU C 196 -16.56 16.47 -33.60
CA LEU C 196 -16.80 15.16 -34.21
C LEU C 196 -18.27 14.75 -34.06
N LEU C 197 -18.94 15.26 -33.03
CA LEU C 197 -20.36 14.98 -32.75
C LEU C 197 -20.76 15.57 -31.39
N LEU A 1 34.11 -30.09 -16.85
CA LEU A 1 33.29 -29.18 -15.99
C LEU A 1 32.74 -28.03 -16.82
N LEU A 2 31.42 -27.92 -16.84
CA LEU A 2 30.73 -26.87 -17.59
C LEU A 2 31.18 -26.91 -19.09
N GLU A 3 31.72 -25.80 -19.65
CA GLU A 3 32.16 -25.75 -21.04
C GLU A 3 30.99 -26.03 -21.99
N LEU A 4 31.14 -25.65 -23.26
CA LEU A 4 30.11 -25.84 -24.27
C LEU A 4 29.56 -27.28 -24.24
N ASP A 5 30.39 -28.20 -23.77
CA ASP A 5 29.99 -29.61 -23.70
C ASP A 5 28.85 -29.81 -22.72
N LYS A 6 28.87 -29.08 -21.61
CA LYS A 6 27.80 -29.18 -20.61
C LYS A 6 26.61 -28.32 -21.03
N TRP A 7 26.90 -27.10 -21.48
CA TRP A 7 25.86 -26.17 -21.91
C TRP A 7 25.08 -26.75 -23.09
N ALA A 8 25.80 -27.35 -24.04
CA ALA A 8 25.16 -27.92 -25.24
C ALA A 8 24.11 -28.98 -24.90
N SER A 9 24.38 -29.80 -23.88
CA SER A 9 23.45 -30.86 -23.49
C SER A 9 22.08 -30.26 -23.13
N LEU A 10 22.07 -29.01 -22.69
CA LEU A 10 20.84 -28.31 -22.31
C LEU A 10 20.03 -27.85 -23.54
N TRP A 11 20.69 -27.69 -24.70
CA TRP A 11 20.01 -27.23 -25.91
C TRP A 11 18.89 -28.20 -26.32
N ASN A 12 19.13 -29.50 -26.12
CA ASN A 12 18.15 -30.54 -26.49
C ASN A 12 16.90 -30.51 -25.57
N TRP A 13 16.99 -29.81 -24.44
CA TRP A 13 15.87 -29.72 -23.50
C TRP A 13 14.77 -28.81 -24.05
N PHE A 14 15.14 -27.57 -24.39
CA PHE A 14 14.19 -26.59 -24.95
C PHE A 14 12.95 -26.40 -24.05
N ASP A 15 13.02 -26.87 -22.81
CA ASP A 15 11.90 -26.74 -21.87
C ASP A 15 12.35 -25.98 -20.62
N ILE A 16 13.21 -26.62 -19.82
CA ILE A 16 13.75 -26.01 -18.61
C ILE A 16 14.70 -24.85 -19.02
N THR A 17 15.44 -25.07 -20.12
CA THR A 17 16.41 -24.11 -20.63
C THR A 17 15.82 -22.72 -20.81
N ASN A 18 14.53 -22.63 -21.17
CA ASN A 18 13.89 -21.33 -21.38
C ASN A 18 13.96 -20.48 -20.10
N TRP A 19 13.55 -21.06 -18.97
CA TRP A 19 13.56 -20.36 -17.69
C TRP A 19 15.02 -20.05 -17.28
N LEU A 20 15.90 -21.03 -17.44
CA LEU A 20 17.32 -20.88 -17.09
C LEU A 20 18.00 -19.84 -17.98
N TRP A 21 17.60 -19.78 -19.26
CA TRP A 21 18.19 -18.84 -20.21
C TRP A 21 17.49 -17.47 -20.18
N TYR A 22 16.27 -17.42 -19.60
CA TYR A 22 15.54 -16.15 -19.49
C TYR A 22 15.49 -15.68 -18.04
N ILE A 23 16.26 -16.34 -17.16
CA ILE A 23 16.31 -16.00 -15.74
C ILE A 23 16.93 -14.59 -15.56
N ARG A 24 17.95 -14.28 -16.37
CA ARG A 24 18.60 -12.97 -16.31
C ARG A 24 17.63 -11.90 -16.83
N ILE A 25 17.03 -12.20 -17.97
CA ILE A 25 16.05 -11.30 -18.61
C ILE A 25 14.78 -11.21 -17.71
N PHE A 26 14.60 -12.23 -16.87
CA PHE A 26 13.45 -12.33 -15.96
C PHE A 26 13.39 -11.15 -14.99
N ILE A 27 14.55 -10.79 -14.46
CA ILE A 27 14.65 -9.71 -13.47
C ILE A 27 14.15 -8.39 -14.06
N ILE A 28 14.59 -8.07 -15.26
CA ILE A 28 14.16 -6.83 -15.91
C ILE A 28 12.63 -6.83 -16.08
N ILE A 29 12.06 -7.99 -16.45
CA ILE A 29 10.59 -8.10 -16.66
C ILE A 29 9.82 -7.98 -15.34
N VAL A 30 10.22 -8.73 -14.29
CA VAL A 30 9.49 -8.66 -13.01
C VAL A 30 9.57 -7.26 -12.41
N GLY A 31 10.74 -6.62 -12.52
CA GLY A 31 10.93 -5.27 -11.99
C GLY A 31 9.91 -4.28 -12.59
N SER A 32 9.43 -4.55 -13.82
CA SER A 32 8.50 -3.65 -14.51
C SER A 32 7.14 -3.51 -13.81
N LEU A 33 6.53 -4.62 -13.38
CA LEU A 33 5.22 -4.56 -12.71
C LEU A 33 5.26 -3.88 -11.34
N ILE A 34 6.37 -3.97 -10.59
CA ILE A 34 6.39 -3.35 -9.25
C ILE A 34 6.04 -1.86 -9.38
N GLY A 35 6.57 -1.18 -10.42
CA GLY A 35 6.21 0.22 -10.67
C GLY A 35 4.70 0.30 -10.99
N LEU A 36 4.23 -0.65 -11.80
CA LEU A 36 2.80 -0.77 -12.17
C LEU A 36 1.95 -0.81 -10.89
N ARG A 37 2.51 -1.47 -9.89
CA ARG A 37 1.91 -1.66 -8.57
C ARG A 37 1.51 -0.34 -7.90
N ILE A 38 2.18 0.76 -8.24
CA ILE A 38 1.93 2.06 -7.60
C ILE A 38 0.44 2.47 -7.73
N VAL A 39 -0.22 2.12 -8.85
CA VAL A 39 -1.65 2.47 -9.02
C VAL A 39 -2.45 1.99 -7.80
N PHE A 40 -1.99 0.91 -7.19
CA PHE A 40 -2.66 0.34 -6.04
C PHE A 40 -2.82 1.37 -4.93
N ALA A 41 -1.89 2.32 -4.84
CA ALA A 41 -2.00 3.40 -3.86
C ALA A 41 -3.29 4.19 -4.15
N VAL A 42 -3.50 4.48 -5.44
CA VAL A 42 -4.69 5.20 -5.93
C VAL A 42 -5.94 4.29 -5.73
N LEU A 43 -5.76 3.01 -5.99
CA LEU A 43 -6.77 1.98 -5.82
C LEU A 43 -7.18 1.89 -4.34
N SER A 44 -6.21 2.07 -3.45
CA SER A 44 -6.43 1.99 -2.01
C SER A 44 -7.42 3.07 -1.54
N LEU A 45 -7.40 4.22 -2.20
CA LEU A 45 -8.30 5.31 -1.88
C LEU A 45 -9.73 4.83 -2.11
N VAL A 46 -9.92 4.19 -3.26
CA VAL A 46 -11.20 3.59 -3.64
C VAL A 46 -11.48 2.42 -2.69
N ASN A 47 -10.42 1.69 -2.33
CA ASN A 47 -10.51 0.56 -1.42
C ASN A 47 -11.01 1.00 -0.05
N ARG A 48 -10.59 2.19 0.39
CA ARG A 48 -10.99 2.74 1.68
C ARG A 48 -12.50 2.93 1.71
N VAL A 49 -13.01 3.39 0.59
CA VAL A 49 -14.43 3.67 0.43
C VAL A 49 -15.19 2.36 0.30
N ARG A 50 -14.66 1.47 -0.52
CA ARG A 50 -15.28 0.15 -0.73
C ARG A 50 -15.08 -0.82 0.46
N GLN A 51 -14.08 -0.56 1.30
CA GLN A 51 -13.75 -1.45 2.44
C GLN A 51 -14.27 -0.91 3.78
N GLY A 52 -15.08 0.16 3.75
CA GLY A 52 -15.61 0.76 4.98
C GLY A 52 -14.58 1.68 5.67
N TYR A 53 -14.21 1.35 6.92
CA TYR A 53 -13.22 2.14 7.68
C TYR A 53 -12.19 1.21 8.33
N SER A 54 -12.62 0.45 9.35
CA SER A 54 -11.75 -0.49 10.02
C SER A 54 -11.33 -1.56 9.02
N PRO A 55 -10.23 -2.29 9.24
CA PRO A 55 -9.73 -3.33 8.31
C PRO A 55 -10.82 -3.85 7.29
N LEU A 56 -11.50 -4.98 7.56
CA LEU A 56 -12.55 -5.48 6.65
C LEU A 56 -13.97 -5.36 7.25
N SER A 57 -14.09 -5.18 8.57
CA SER A 57 -15.41 -5.13 9.24
C SER A 57 -16.12 -3.77 9.11
N GLU A 80 -23.39 1.84 -0.88
CA GLU A 80 -24.41 2.10 -1.92
C GLU A 80 -23.87 2.89 -3.12
N ARG A 81 -23.66 4.17 -2.94
CA ARG A 81 -23.17 5.09 -3.98
C ARG A 81 -21.74 4.77 -4.47
N ASP A 82 -20.94 4.12 -3.63
CA ASP A 82 -19.52 3.85 -3.91
C ASP A 82 -19.23 3.12 -5.23
N ARG A 83 -19.96 2.08 -5.62
CA ARG A 83 -19.62 1.35 -6.87
C ARG A 83 -19.87 2.15 -8.15
N ASP A 84 -21.02 2.80 -8.27
CA ASP A 84 -21.29 3.55 -9.49
C ASP A 84 -20.29 4.69 -9.62
N ARG A 85 -20.08 5.40 -8.52
CA ARG A 85 -19.14 6.51 -8.51
C ARG A 85 -17.69 6.03 -8.57
N SER A 86 -17.36 4.91 -7.89
CA SER A 86 -15.98 4.41 -7.89
C SER A 86 -15.52 4.16 -9.31
N ILE A 87 -16.46 3.83 -10.24
CA ILE A 87 -16.07 3.65 -11.65
C ILE A 87 -15.35 4.95 -12.14
N ARG A 88 -15.50 6.06 -11.40
CA ARG A 88 -14.80 7.30 -11.73
C ARG A 88 -13.28 7.06 -11.69
N LEU A 89 -12.86 5.93 -11.09
CA LEU A 89 -11.44 5.58 -11.00
C LEU A 89 -10.83 5.62 -12.40
N VAL A 90 -11.57 5.16 -13.41
CA VAL A 90 -11.09 5.22 -14.80
C VAL A 90 -10.76 6.69 -15.11
N ASN A 91 -11.71 7.57 -14.76
CA ASN A 91 -11.56 9.01 -14.92
C ASN A 91 -10.56 9.61 -13.94
N GLY A 92 -10.15 8.83 -12.93
CA GLY A 92 -9.23 9.31 -11.90
C GLY A 92 -7.94 9.85 -12.50
N SER A 93 -7.63 9.44 -13.74
CA SER A 93 -6.44 9.94 -14.41
C SER A 93 -6.51 11.46 -14.52
N LEU A 94 -7.72 12.00 -14.77
CA LEU A 94 -7.90 13.45 -14.88
C LEU A 94 -7.63 14.14 -13.53
N ALA A 95 -8.21 13.62 -12.45
CA ALA A 95 -8.06 14.20 -11.11
C ALA A 95 -6.65 14.04 -10.52
N LEU A 96 -5.98 12.93 -10.83
CA LEU A 96 -4.69 12.63 -10.21
C LEU A 96 -3.65 13.75 -10.46
N ILE A 97 -3.80 14.58 -11.51
CA ILE A 97 -2.83 15.65 -11.71
C ILE A 97 -3.10 16.83 -10.73
N TRP A 98 -4.34 16.95 -10.26
CA TRP A 98 -4.74 18.04 -9.36
C TRP A 98 -4.08 17.94 -7.97
N ASP A 99 -4.05 16.75 -7.35
CA ASP A 99 -3.43 16.62 -6.02
C ASP A 99 -1.93 16.96 -6.11
N ASP A 100 -1.27 16.43 -7.15
CA ASP A 100 0.15 16.68 -7.38
C ASP A 100 0.45 18.11 -7.87
N LEU A 101 -0.44 18.68 -8.70
CA LEU A 101 -0.21 20.02 -9.29
C LEU A 101 -0.09 21.14 -8.24
N ARG A 102 -1.00 21.21 -7.27
CA ARG A 102 -0.92 22.29 -6.27
C ARG A 102 0.05 21.98 -5.13
N SER A 103 0.25 20.70 -4.83
CA SER A 103 1.12 20.32 -3.71
C SER A 103 2.60 20.61 -3.97
N LEU A 104 3.11 20.25 -5.15
CA LEU A 104 4.53 20.43 -5.47
C LEU A 104 4.94 21.92 -5.60
N SER A 105 4.07 22.75 -6.17
CA SER A 105 4.33 24.19 -6.32
C SER A 105 3.67 25.01 -5.19
N LEU A 106 2.69 24.41 -4.49
CA LEU A 106 1.96 25.08 -3.39
C LEU A 106 1.07 26.20 -3.95
N PHE A 107 0.34 26.90 -3.06
CA PHE A 107 -0.57 27.99 -3.48
C PHE A 107 0.22 29.26 -3.85
N SER A 108 1.10 29.13 -4.85
CA SER A 108 1.92 30.25 -5.32
C SER A 108 2.70 29.83 -6.55
N TYR A 109 3.31 30.79 -7.23
CA TYR A 109 4.12 30.49 -8.42
C TYR A 109 5.46 31.19 -8.30
N HIS A 110 6.46 30.75 -9.10
CA HIS A 110 7.86 31.22 -8.99
C HIS A 110 8.50 30.55 -7.73
N ARG A 111 7.64 30.23 -6.75
CA ARG A 111 7.96 29.57 -5.50
C ARG A 111 8.31 28.09 -5.71
N LEU A 112 7.78 27.47 -6.76
CA LEU A 112 7.97 26.02 -6.99
C LEU A 112 9.47 25.69 -7.04
N ARG A 113 10.30 26.62 -7.52
CA ARG A 113 11.75 26.38 -7.51
C ARG A 113 12.19 26.41 -6.04
N ASP A 114 11.54 27.30 -5.27
CA ASP A 114 11.79 27.44 -3.84
C ASP A 114 11.30 26.19 -3.08
N LEU A 115 10.21 25.57 -3.56
CA LEU A 115 9.64 24.40 -2.88
C LEU A 115 10.67 23.28 -2.77
N LEU A 116 11.50 23.10 -3.79
CA LEU A 116 12.51 22.05 -3.74
C LEU A 116 13.52 22.33 -2.62
N LEU A 117 13.85 23.60 -2.40
CA LEU A 117 14.80 23.98 -1.34
C LEU A 117 14.17 23.89 0.06
N ILE A 118 12.96 24.45 0.22
CA ILE A 118 12.30 24.44 1.51
C ILE A 118 12.07 23.02 2.02
N VAL A 119 11.76 22.06 1.13
CA VAL A 119 11.53 20.68 1.59
C VAL A 119 12.79 20.24 2.38
N THR A 120 13.98 20.56 1.85
CA THR A 120 15.23 20.27 2.55
C THR A 120 15.29 21.06 3.86
N ARG A 121 14.81 22.31 3.81
CA ARG A 121 14.83 23.22 4.96
C ARG A 121 14.02 22.68 6.14
N ILE A 122 12.85 22.09 5.87
CA ILE A 122 12.02 21.56 6.94
C ILE A 122 12.78 20.44 7.65
N VAL A 123 13.47 19.60 6.87
CA VAL A 123 14.26 18.49 7.43
C VAL A 123 15.44 19.05 8.24
N GLU A 124 16.10 20.08 7.69
CA GLU A 124 17.23 20.69 8.39
C GLU A 124 16.76 21.24 9.74
N LEU A 125 15.60 21.90 9.73
CA LEU A 125 15.01 22.44 10.95
C LEU A 125 14.64 21.30 11.89
N LEU A 126 14.06 20.24 11.33
CA LEU A 126 13.65 19.06 12.11
C LEU A 126 14.87 18.25 12.58
N GLY A 127 16.03 18.48 11.96
CA GLY A 127 17.24 17.73 12.32
C GLY A 127 17.61 17.99 13.79
N ARG A 128 17.47 19.24 14.24
CA ARG A 128 17.78 19.58 15.64
C ARG A 128 16.77 18.90 16.57
N ARG A 129 15.50 18.86 16.17
CA ARG A 129 14.45 18.21 16.95
C ARG A 129 14.52 16.68 16.79
N GLY A 130 15.26 16.21 15.78
CA GLY A 130 15.40 14.78 15.49
C GLY A 130 15.89 13.98 16.70
N TRP A 131 16.56 14.64 17.66
CA TRP A 131 17.05 13.93 18.85
C TRP A 131 15.94 13.22 19.59
N GLU A 132 14.68 13.56 19.27
CA GLU A 132 13.55 12.85 19.87
C GLU A 132 13.76 11.30 19.67
N ALA A 133 14.74 10.91 18.82
CA ALA A 133 15.13 9.53 18.60
C ALA A 133 15.46 8.91 19.95
N LEU A 134 16.31 9.62 20.70
CA LEU A 134 16.69 9.16 22.02
C LEU A 134 15.43 9.20 22.92
N LYS A 135 14.59 10.23 22.74
CA LYS A 135 13.35 10.38 23.54
C LYS A 135 12.34 9.22 23.38
N TYR A 136 12.05 8.80 22.15
CA TYR A 136 11.01 7.80 21.95
C TYR A 136 11.40 6.40 22.44
N TRP A 137 12.59 5.89 22.11
CA TRP A 137 13.00 4.57 22.64
C TRP A 137 13.32 4.59 24.13
N TRP A 138 13.82 5.72 24.65
CA TRP A 138 14.13 5.83 26.08
C TRP A 138 12.87 5.63 26.94
N ASN A 139 11.78 6.29 26.57
CA ASN A 139 10.54 6.19 27.33
C ASN A 139 9.95 4.77 27.25
N LEU A 140 9.94 4.23 26.03
CA LEU A 140 9.39 2.90 25.78
C LEU A 140 10.14 1.85 26.62
N LEU A 141 11.47 1.84 26.54
CA LEU A 141 12.27 0.90 27.30
C LEU A 141 12.11 1.13 28.81
N GLN A 142 11.90 2.39 29.21
CA GLN A 142 11.76 2.73 30.62
C GLN A 142 10.57 2.02 31.29
N TYR A 143 9.37 2.01 30.67
CA TYR A 143 8.25 1.36 31.27
C TYR A 143 8.43 -0.15 31.25
N TRP A 144 9.08 -0.67 30.19
CA TRP A 144 9.28 -2.11 30.05
C TRP A 144 10.18 -2.57 31.20
N SER A 145 11.13 -1.71 31.61
CA SER A 145 12.01 -2.00 32.73
C SER A 145 11.14 -2.20 33.97
N GLN A 146 10.07 -1.39 34.06
CA GLN A 146 9.15 -1.47 35.19
C GLN A 146 8.43 -2.83 35.27
N GLU A 147 7.93 -3.35 34.13
CA GLU A 147 7.20 -4.64 34.15
C GLU A 147 8.10 -5.84 34.51
N LEU A 148 9.34 -5.89 34.01
CA LEU A 148 10.24 -7.01 34.32
C LEU A 148 10.70 -6.95 35.79
N LYS A 149 10.98 -5.73 36.27
CA LYS A 149 11.43 -5.55 37.65
C LYS A 149 10.37 -6.03 38.65
N ASN A 150 9.12 -5.60 38.43
CA ASN A 150 8.01 -5.97 39.31
C ASN A 150 7.76 -7.49 39.26
N SER A 151 7.92 -8.08 38.08
CA SER A 151 7.69 -9.52 37.90
C SER A 151 8.74 -10.35 38.65
N ALA A 152 10.02 -9.97 38.51
CA ALA A 152 11.12 -10.69 39.16
C ALA A 152 11.06 -10.54 40.69
N VAL A 153 10.86 -9.31 41.17
CA VAL A 153 10.81 -9.04 42.60
C VAL A 153 9.60 -9.74 43.25
N SER A 154 8.46 -9.71 42.55
CA SER A 154 7.23 -10.32 43.06
C SER A 154 7.40 -11.83 43.25
N LEU A 155 7.99 -12.50 42.26
CA LEU A 155 8.20 -13.95 42.31
C LEU A 155 9.33 -14.32 43.29
N LEU A 156 10.47 -13.62 43.20
CA LEU A 156 11.61 -13.90 44.07
C LEU A 156 11.26 -13.62 45.54
N ASN A 157 10.56 -12.50 45.78
CA ASN A 157 10.14 -12.13 47.14
C ASN A 157 9.13 -13.14 47.68
N ALA A 158 8.28 -13.65 46.79
CA ALA A 158 7.25 -14.61 47.18
C ALA A 158 7.88 -15.90 47.73
N THR A 159 8.93 -16.37 47.06
CA THR A 159 9.63 -17.58 47.49
C THR A 159 10.42 -17.34 48.79
N ALA A 160 10.81 -16.08 49.00
CA ALA A 160 11.57 -15.68 50.18
C ALA A 160 10.84 -16.07 51.48
N ILE A 161 9.53 -15.80 51.53
CA ILE A 161 8.71 -16.10 52.72
C ILE A 161 8.76 -17.62 53.05
N ALA A 162 8.97 -18.46 52.02
CA ALA A 162 9.04 -19.92 52.20
C ALA A 162 9.70 -20.33 53.52
N VAL A 163 10.70 -19.57 53.95
CA VAL A 163 11.41 -19.87 55.21
C VAL A 163 10.60 -19.31 56.41
N GLY A 164 10.93 -18.09 56.90
CA GLY A 164 10.21 -17.49 58.04
C GLY A 164 11.15 -16.75 58.98
N GLU A 165 12.15 -16.07 58.41
CA GLU A 165 13.13 -15.32 59.21
C GLU A 165 12.98 -13.82 58.97
N GLY A 166 12.99 -13.43 57.69
CA GLY A 166 12.86 -12.02 57.30
C GLY A 166 13.48 -11.79 55.92
N THR A 167 13.34 -12.78 55.04
CA THR A 167 13.87 -12.71 53.69
C THR A 167 13.12 -11.67 52.85
N ASP A 168 11.80 -11.56 53.09
CA ASP A 168 10.96 -10.61 52.35
C ASP A 168 11.46 -9.17 52.53
N ARG A 169 12.04 -8.87 53.68
CA ARG A 169 12.56 -7.53 53.95
C ARG A 169 13.75 -7.23 53.04
N VAL A 170 14.74 -8.12 53.04
CA VAL A 170 15.96 -7.98 52.25
C VAL A 170 15.70 -8.06 50.72
N ILE A 171 14.86 -9.02 50.30
CA ILE A 171 14.58 -9.22 48.87
C ILE A 171 13.95 -7.96 48.23
N GLU A 172 12.96 -7.36 48.89
CA GLU A 172 12.29 -6.18 48.35
C GLU A 172 13.16 -4.91 48.39
N VAL A 173 13.84 -4.66 49.50
CA VAL A 173 14.67 -3.46 49.64
C VAL A 173 15.95 -3.53 48.82
N VAL A 174 16.69 -4.65 48.90
CA VAL A 174 17.95 -4.78 48.18
C VAL A 174 17.75 -4.83 46.66
N GLN A 175 16.82 -5.65 46.19
CA GLN A 175 16.59 -5.78 44.74
C GLN A 175 15.93 -4.51 44.18
N GLY A 176 14.87 -4.06 44.83
CA GLY A 176 14.14 -2.87 44.40
C GLY A 176 15.02 -1.61 44.43
N ALA A 177 15.91 -1.51 45.43
CA ALA A 177 16.78 -0.34 45.57
C ALA A 177 17.78 -0.26 44.41
N SER A 178 18.41 -1.40 44.08
CA SER A 178 19.40 -1.43 43.00
C SER A 178 18.74 -1.14 41.65
N ARG A 179 17.60 -1.79 41.40
CA ARG A 179 16.87 -1.63 40.14
C ARG A 179 16.28 -0.22 39.97
N ALA A 180 15.55 0.24 40.98
CA ALA A 180 14.89 1.55 40.93
C ALA A 180 15.88 2.73 40.99
N ILE A 181 16.84 2.67 41.91
CA ILE A 181 17.81 3.77 42.08
C ILE A 181 18.82 3.85 40.91
N ARG A 182 19.10 2.73 40.23
CA ARG A 182 20.06 2.75 39.11
C ARG A 182 19.56 3.62 37.95
N HIS A 183 18.30 4.09 38.01
CA HIS A 183 17.73 4.92 36.96
C HIS A 183 18.64 6.12 36.66
N ILE A 184 19.02 6.86 37.72
CA ILE A 184 19.89 8.03 37.57
C ILE A 184 19.19 9.12 36.72
N PRO A 185 19.37 10.42 37.02
CA PRO A 185 18.72 11.50 36.21
C PRO A 185 19.42 11.67 34.85
N ARG A 186 19.27 10.66 33.99
CA ARG A 186 19.88 10.70 32.66
C ARG A 186 18.88 11.20 31.61
N ARG A 187 18.92 12.52 31.36
CA ARG A 187 18.03 13.14 30.39
C ARG A 187 18.85 13.72 29.23
N ILE A 188 19.40 12.83 28.40
CA ILE A 188 20.23 13.24 27.27
C ILE A 188 19.40 13.98 26.22
N ARG A 189 18.13 13.60 26.07
CA ARG A 189 17.28 14.24 25.06
C ARG A 189 17.18 15.75 25.32
N GLN A 190 17.05 16.16 26.59
CA GLN A 190 16.95 17.58 26.94
C GLN A 190 18.28 18.33 26.77
N GLY A 191 19.34 17.82 27.42
CA GLY A 191 20.66 18.47 27.38
C GLY A 191 21.37 18.29 26.04
N LEU A 192 21.35 17.07 25.50
CA LEU A 192 22.04 16.79 24.23
C LEU A 192 21.34 17.46 23.05
N GLU A 193 19.99 17.46 23.02
CA GLU A 193 19.26 18.09 21.91
C GLU A 193 19.41 19.61 21.93
N ARG A 194 19.42 20.21 23.13
CA ARG A 194 19.52 21.66 23.26
C ARG A 194 20.97 22.17 23.13
N ILE A 195 21.94 21.32 23.48
CA ILE A 195 23.36 21.72 23.40
C ILE A 195 23.93 21.54 21.98
N LEU A 196 23.09 21.14 21.01
CA LEU A 196 23.54 20.93 19.63
C LEU A 196 23.48 22.24 18.82
N LEU A 197 23.33 23.38 19.51
CA LEU A 197 23.27 24.68 18.83
C LEU A 197 24.66 25.11 18.36
N LEU B 1 32.46 -20.95 -28.54
CA LEU B 1 31.20 -20.59 -27.83
C LEU B 1 31.54 -20.18 -26.39
N LEU B 2 30.50 -20.02 -25.55
CA LEU B 2 30.68 -19.62 -24.15
C LEU B 2 31.89 -20.30 -23.50
N GLU B 3 32.97 -19.54 -23.37
CA GLU B 3 34.20 -20.03 -22.76
C GLU B 3 35.23 -18.88 -22.69
N LEU B 4 36.49 -19.20 -22.34
CA LEU B 4 37.56 -18.21 -22.22
C LEU B 4 37.54 -17.20 -23.37
N ASP B 5 37.44 -17.70 -24.59
CA ASP B 5 37.44 -16.86 -25.78
C ASP B 5 36.18 -15.98 -25.85
N LYS B 6 35.07 -16.50 -25.38
CA LYS B 6 33.79 -15.76 -25.42
C LYS B 6 33.75 -14.67 -24.35
N TRP B 7 34.14 -15.03 -23.13
CA TRP B 7 34.12 -14.08 -22.01
C TRP B 7 35.28 -13.09 -22.09
N ALA B 8 36.43 -13.55 -22.57
CA ALA B 8 37.62 -12.67 -22.69
C ALA B 8 37.55 -11.79 -23.95
N SER B 9 36.71 -12.17 -24.92
CA SER B 9 36.59 -11.40 -26.16
C SER B 9 35.86 -10.07 -25.92
N LEU B 10 34.92 -10.06 -24.97
CA LEU B 10 34.16 -8.85 -24.68
C LEU B 10 35.04 -7.71 -24.12
N TRP B 11 36.20 -8.06 -23.53
CA TRP B 11 37.10 -7.07 -22.91
C TRP B 11 37.60 -5.98 -23.88
N ASN B 12 37.20 -6.04 -25.16
CA ASN B 12 37.65 -5.05 -26.15
C ASN B 12 36.74 -3.79 -26.18
N TRP B 13 35.63 -3.79 -25.42
CA TRP B 13 34.70 -2.64 -25.40
C TRP B 13 34.54 -2.10 -23.98
N PHE B 14 33.88 -2.87 -23.10
CA PHE B 14 33.66 -2.48 -21.70
C PHE B 14 32.74 -1.25 -21.55
N ASP B 15 31.44 -1.49 -21.72
CA ASP B 15 30.41 -0.44 -21.57
C ASP B 15 29.14 -1.08 -20.95
N ILE B 16 28.34 -1.75 -21.78
CA ILE B 16 27.13 -2.46 -21.34
C ILE B 16 27.52 -3.62 -20.42
N THR B 17 28.66 -4.24 -20.72
CA THR B 17 29.18 -5.40 -20.00
C THR B 17 29.23 -5.19 -18.49
N ASN B 18 29.44 -3.95 -18.00
CA ASN B 18 29.55 -3.70 -16.56
C ASN B 18 28.31 -4.23 -15.84
N TRP B 19 27.11 -3.88 -16.33
CA TRP B 19 25.88 -4.39 -15.73
C TRP B 19 25.82 -5.92 -15.93
N LEU B 20 26.23 -6.36 -17.13
CA LEU B 20 26.22 -7.78 -17.50
C LEU B 20 27.07 -8.63 -16.54
N TRP B 21 28.17 -8.07 -16.05
CA TRP B 21 29.06 -8.82 -15.15
C TRP B 21 28.60 -8.70 -13.69
N TYR B 22 28.11 -7.52 -13.29
CA TYR B 22 27.69 -7.31 -11.90
C TYR B 22 26.17 -7.51 -11.71
N ILE B 23 25.58 -8.39 -12.53
CA ILE B 23 24.14 -8.66 -12.43
C ILE B 23 23.76 -9.23 -11.06
N ARG B 24 24.62 -10.10 -10.50
CA ARG B 24 24.34 -10.72 -9.19
C ARG B 24 24.08 -9.64 -8.15
N ILE B 25 24.94 -8.62 -8.12
CA ILE B 25 24.76 -7.50 -7.19
C ILE B 25 23.53 -6.69 -7.65
N PHE B 26 23.38 -6.58 -8.97
CA PHE B 26 22.29 -5.82 -9.57
C PHE B 26 20.92 -6.37 -9.16
N ILE B 27 20.80 -7.70 -9.01
CA ILE B 27 19.51 -8.29 -8.62
C ILE B 27 19.10 -7.85 -7.22
N ILE B 28 20.04 -7.88 -6.26
CA ILE B 28 19.73 -7.49 -4.88
C ILE B 28 19.06 -6.12 -4.85
N ILE B 29 19.55 -5.21 -5.72
CA ILE B 29 18.99 -3.87 -5.81
C ILE B 29 17.53 -3.96 -6.30
N VAL B 30 17.26 -4.87 -7.26
CA VAL B 30 15.91 -5.04 -7.79
C VAL B 30 14.99 -5.59 -6.68
N GLY B 31 15.50 -6.57 -5.93
CA GLY B 31 14.73 -7.17 -4.83
C GLY B 31 14.33 -6.10 -3.81
N SER B 32 15.19 -5.11 -3.63
CA SER B 32 14.94 -4.01 -2.70
C SER B 32 13.68 -3.23 -3.13
N LEU B 33 13.51 -3.05 -4.44
CA LEU B 33 12.38 -2.29 -4.98
C LEU B 33 11.03 -2.91 -4.56
N ILE B 34 10.90 -4.24 -4.61
CA ILE B 34 9.63 -4.89 -4.24
C ILE B 34 9.36 -4.67 -2.74
N GLY B 35 10.40 -4.84 -1.91
CA GLY B 35 10.28 -4.62 -0.46
C GLY B 35 9.93 -3.15 -0.20
N LEU B 36 10.47 -2.26 -1.03
CA LEU B 36 10.22 -0.82 -0.95
C LEU B 36 8.71 -0.57 -0.95
N ARG B 37 8.00 -1.37 -1.76
CA ARG B 37 6.54 -1.27 -1.86
C ARG B 37 5.89 -1.42 -0.47
N ILE B 38 6.53 -2.21 0.43
CA ILE B 38 6.00 -2.38 1.78
C ILE B 38 5.97 -1.00 2.47
N VAL B 39 7.07 -0.27 2.32
CA VAL B 39 7.21 1.08 2.89
C VAL B 39 6.19 2.03 2.22
N PHE B 40 5.85 1.76 0.97
CA PHE B 40 4.87 2.56 0.23
C PHE B 40 3.55 2.59 1.01
N ALA B 41 3.26 1.54 1.80
CA ALA B 41 2.00 1.47 2.53
C ALA B 41 1.88 2.69 3.45
N VAL B 42 2.98 3.12 4.10
CA VAL B 42 2.92 4.35 4.92
C VAL B 42 2.73 5.57 4.00
N LEU B 43 3.36 5.50 2.81
CA LEU B 43 3.24 6.54 1.78
C LEU B 43 1.78 6.68 1.33
N SER B 44 1.07 5.55 1.27
CA SER B 44 -0.33 5.56 0.82
C SER B 44 -1.19 6.40 1.76
N LEU B 45 -0.82 6.45 3.04
CA LEU B 45 -1.56 7.26 4.01
C LEU B 45 -1.39 8.74 3.64
N VAL B 46 -0.16 9.09 3.31
CA VAL B 46 0.20 10.45 2.86
C VAL B 46 -0.51 10.73 1.52
N ASN B 47 -0.48 9.74 0.63
CA ASN B 47 -1.14 9.84 -0.68
C ASN B 47 -2.64 10.01 -0.49
N ARG B 48 -3.19 9.33 0.52
CA ARG B 48 -4.61 9.39 0.82
C ARG B 48 -4.96 10.82 1.25
N VAL B 49 -4.15 11.34 2.16
CA VAL B 49 -4.34 12.68 2.69
C VAL B 49 -4.15 13.70 1.58
N ARG B 50 -3.10 13.48 0.79
CA ARG B 50 -2.77 14.36 -0.32
C ARG B 50 -3.82 14.31 -1.44
N GLN B 51 -4.37 13.12 -1.68
CA GLN B 51 -5.34 12.92 -2.76
C GLN B 51 -6.79 12.90 -2.25
N GLY B 52 -6.99 13.22 -0.98
CA GLY B 52 -8.33 13.22 -0.37
C GLY B 52 -8.83 11.80 -0.12
N TYR B 53 -9.24 11.50 1.12
CA TYR B 53 -9.72 10.17 1.51
C TYR B 53 -10.71 9.57 0.49
N SER B 54 -11.72 10.35 0.10
CA SER B 54 -12.75 9.90 -0.83
C SER B 54 -12.29 10.11 -2.28
N PRO B 55 -12.88 9.41 -3.27
CA PRO B 55 -12.57 9.52 -4.72
C PRO B 55 -11.75 10.75 -5.14
N LEU B 56 -10.90 10.56 -6.14
CA LEU B 56 -10.00 11.60 -6.65
C LEU B 56 -10.77 12.75 -7.32
N SER B 57 -12.02 12.52 -7.72
CA SER B 57 -12.81 13.58 -8.36
C SER B 57 -13.37 14.55 -7.31
N GLU B 80 -4.30 19.06 -1.06
CA GLU B 80 -3.17 19.87 -1.57
C GLU B 80 -2.14 20.22 -0.48
N ARG B 81 -2.62 20.77 0.61
CA ARG B 81 -1.80 21.19 1.76
C ARG B 81 -0.99 20.03 2.37
N ASP B 82 -1.46 18.81 2.17
CA ASP B 82 -0.83 17.62 2.77
C ASP B 82 0.67 17.47 2.46
N ARG B 83 1.27 18.27 1.57
CA ARG B 83 2.72 18.10 1.32
C ARG B 83 3.51 18.67 2.49
N ASP B 84 3.12 19.86 2.94
CA ASP B 84 3.79 20.46 4.09
C ASP B 84 3.55 19.62 5.34
N ARG B 85 2.31 19.10 5.47
CA ARG B 85 1.95 18.25 6.60
C ARG B 85 2.62 16.89 6.48
N SER B 86 2.66 16.34 5.27
CA SER B 86 3.28 15.03 5.05
C SER B 86 4.74 15.06 5.49
N ILE B 87 5.44 16.19 5.24
CA ILE B 87 6.86 16.27 5.70
C ILE B 87 6.91 16.02 7.22
N ARG B 88 5.79 16.24 7.93
CA ARG B 88 5.75 15.98 9.37
C ARG B 88 6.08 14.50 9.62
N LEU B 89 5.95 13.66 8.57
CA LEU B 89 6.26 12.23 8.66
C LEU B 89 7.70 12.05 9.18
N VAL B 90 8.58 13.06 8.98
CA VAL B 90 9.95 13.01 9.51
C VAL B 90 9.84 12.86 11.04
N ASN B 91 8.91 13.62 11.63
CA ASN B 91 8.63 13.52 13.06
C ASN B 91 8.16 12.11 13.43
N GLY B 92 7.83 11.29 12.41
CA GLY B 92 7.29 9.97 12.62
C GLY B 92 8.19 9.09 13.46
N SER B 93 9.51 9.29 13.44
CA SER B 93 10.39 8.49 14.29
C SER B 93 10.04 8.79 15.76
N LEU B 94 9.78 10.06 16.03
CA LEU B 94 9.41 10.55 17.36
C LEU B 94 7.99 10.06 17.72
N ALA B 95 7.08 10.22 16.77
CA ALA B 95 5.66 9.85 16.91
C ALA B 95 5.40 8.34 16.98
N LEU B 96 6.22 7.54 16.28
CA LEU B 96 5.96 6.10 16.15
C LEU B 96 5.85 5.40 17.50
N ILE B 97 6.50 5.90 18.55
CA ILE B 97 6.38 5.24 19.84
C ILE B 97 4.94 5.34 20.38
N TRP B 98 4.29 6.50 20.19
CA TRP B 98 2.94 6.72 20.75
C TRP B 98 1.83 5.83 20.17
N ASP B 99 1.71 5.67 18.83
CA ASP B 99 0.62 4.80 18.31
C ASP B 99 0.90 3.33 18.65
N ASP B 100 2.11 2.87 18.34
CA ASP B 100 2.53 1.47 18.56
C ASP B 100 2.74 1.05 20.03
N LEU B 101 3.43 1.86 20.87
CA LEU B 101 3.71 1.44 22.27
C LEU B 101 2.43 1.19 23.06
N ARG B 102 1.40 1.98 22.81
CA ARG B 102 0.16 1.85 23.55
C ARG B 102 -0.64 0.59 23.15
N SER B 103 -0.33 -0.01 21.98
CA SER B 103 -1.10 -1.17 21.53
C SER B 103 -0.71 -2.48 22.26
N LEU B 104 0.58 -2.81 22.38
CA LEU B 104 0.99 -4.05 23.07
C LEU B 104 0.77 -4.00 24.59
N SER B 105 1.14 -2.88 25.22
CA SER B 105 1.08 -2.74 26.68
C SER B 105 -0.18 -2.02 27.19
N LEU B 106 -0.76 -1.12 26.39
CA LEU B 106 -1.94 -0.33 26.82
C LEU B 106 -1.53 0.58 28.01
N PHE B 107 -2.48 1.03 28.87
CA PHE B 107 -2.12 1.96 29.97
C PHE B 107 -2.20 1.34 31.39
N SER B 108 -1.03 1.25 32.05
CA SER B 108 -0.86 0.74 33.44
C SER B 108 0.58 0.22 33.60
N TYR B 109 1.06 -0.46 32.55
CA TYR B 109 2.41 -1.01 32.49
C TYR B 109 2.67 -2.07 33.59
N HIS B 110 2.42 -3.34 33.21
CA HIS B 110 2.58 -4.57 34.03
C HIS B 110 1.91 -5.69 33.21
N ARG B 111 0.70 -5.31 32.78
CA ARG B 111 -0.22 -6.04 31.94
C ARG B 111 0.34 -6.51 30.61
N LEU B 112 1.40 -5.85 30.12
CA LEU B 112 1.85 -6.10 28.74
C LEU B 112 2.09 -7.59 28.54
N ARG B 113 2.49 -8.34 29.55
CA ARG B 113 2.63 -9.78 29.37
C ARG B 113 1.25 -10.41 29.22
N ASP B 114 0.24 -9.87 29.94
CA ASP B 114 -1.12 -10.39 29.85
C ASP B 114 -1.73 -10.06 28.48
N LEU B 115 -1.38 -8.89 27.93
CA LEU B 115 -1.95 -8.47 26.66
C LEU B 115 -1.66 -9.46 25.51
N LEU B 116 -0.46 -10.06 25.48
CA LEU B 116 -0.16 -11.02 24.39
C LEU B 116 -1.17 -12.16 24.38
N LEU B 117 -1.60 -12.60 25.56
CA LEU B 117 -2.54 -13.71 25.65
C LEU B 117 -3.98 -13.31 25.27
N ILE B 118 -4.35 -12.04 25.50
CA ILE B 118 -5.71 -11.63 25.17
C ILE B 118 -5.98 -11.70 23.67
N VAL B 119 -4.98 -11.37 22.82
CA VAL B 119 -5.22 -11.39 21.37
C VAL B 119 -5.74 -12.76 20.93
N THR B 120 -5.09 -13.83 21.42
CA THR B 120 -5.54 -15.18 21.09
C THR B 120 -6.94 -15.42 21.68
N ARG B 121 -7.18 -14.84 22.86
CA ARG B 121 -8.46 -14.99 23.56
C ARG B 121 -9.63 -14.35 22.83
N ILE B 122 -9.44 -13.15 22.24
CA ILE B 122 -10.53 -12.49 21.53
C ILE B 122 -10.87 -13.26 20.25
N VAL B 123 -9.84 -13.79 19.57
CA VAL B 123 -10.07 -14.58 18.36
C VAL B 123 -10.89 -15.83 18.71
N GLU B 124 -10.59 -16.43 19.88
CA GLU B 124 -11.31 -17.63 20.32
C GLU B 124 -12.80 -17.33 20.46
N LEU B 125 -13.12 -16.19 21.06
CA LEU B 125 -14.50 -15.76 21.22
C LEU B 125 -15.13 -15.51 19.85
N LEU B 126 -14.36 -14.85 18.99
CA LEU B 126 -14.78 -14.50 17.63
C LEU B 126 -14.94 -15.75 16.75
N GLY B 127 -14.20 -16.82 17.08
CA GLY B 127 -14.27 -18.06 16.30
C GLY B 127 -15.69 -18.64 16.31
N ARG B 128 -16.43 -18.40 17.40
CA ARG B 128 -17.80 -18.89 17.51
C ARG B 128 -18.71 -18.17 16.52
N ARG B 129 -18.56 -16.84 16.46
CA ARG B 129 -19.36 -16.00 15.56
C ARG B 129 -18.78 -15.97 14.13
N GLY B 130 -17.53 -16.41 13.98
CA GLY B 130 -16.86 -16.39 12.67
C GLY B 130 -17.64 -17.15 11.59
N TRP B 131 -18.49 -18.10 12.00
CA TRP B 131 -19.29 -18.86 11.02
C TRP B 131 -20.17 -18.00 10.15
N GLU B 132 -20.34 -16.73 10.52
CA GLU B 132 -21.10 -15.82 9.69
C GLU B 132 -20.54 -15.86 8.22
N ALA B 133 -19.35 -16.51 8.03
CA ALA B 133 -18.79 -16.75 6.72
C ALA B 133 -19.83 -17.53 5.91
N LEU B 134 -20.31 -18.64 6.50
CA LEU B 134 -21.30 -19.50 5.84
C LEU B 134 -22.64 -18.78 5.60
N LYS B 135 -23.19 -18.03 6.57
CA LYS B 135 -24.53 -17.40 6.35
C LYS B 135 -24.54 -16.51 5.11
N TYR B 136 -23.46 -15.76 4.87
CA TYR B 136 -23.47 -14.85 3.73
C TYR B 136 -23.33 -15.61 2.41
N TRP B 137 -22.31 -16.46 2.28
CA TRP B 137 -22.15 -17.27 1.05
C TRP B 137 -23.43 -18.05 0.78
N TRP B 138 -24.10 -18.42 1.87
CA TRP B 138 -25.37 -19.13 1.84
C TRP B 138 -26.47 -18.18 1.32
N ASN B 139 -26.43 -16.93 1.79
CA ASN B 139 -27.40 -15.91 1.39
C ASN B 139 -27.28 -15.52 -0.09
N LEU B 140 -26.06 -15.17 -0.54
CA LEU B 140 -25.86 -14.76 -1.95
C LEU B 140 -26.28 -15.90 -2.89
N LEU B 141 -25.84 -17.11 -2.60
CA LEU B 141 -26.16 -18.26 -3.45
C LEU B 141 -27.67 -18.44 -3.62
N GLN B 142 -28.43 -18.23 -2.54
CA GLN B 142 -29.88 -18.41 -2.59
C GLN B 142 -30.60 -17.39 -3.50
N TYR B 143 -30.27 -16.07 -3.39
CA TYR B 143 -30.94 -15.09 -4.20
C TYR B 143 -30.47 -15.16 -5.66
N TRP B 144 -29.19 -15.49 -5.89
CA TRP B 144 -28.67 -15.52 -7.26
C TRP B 144 -29.40 -16.62 -8.04
N SER B 145 -29.75 -17.70 -7.34
CA SER B 145 -30.50 -18.80 -7.93
C SER B 145 -31.87 -18.24 -8.37
N GLN B 146 -32.42 -17.35 -7.54
CA GLN B 146 -33.72 -16.73 -7.80
C GLN B 146 -33.72 -15.84 -9.07
N GLU B 147 -32.69 -14.99 -9.25
CA GLU B 147 -32.66 -14.09 -10.44
C GLU B 147 -32.44 -14.86 -11.74
N LEU B 148 -31.46 -15.79 -11.77
CA LEU B 148 -31.20 -16.55 -13.00
C LEU B 148 -32.45 -17.33 -13.41
N LYS B 149 -33.21 -17.83 -12.43
CA LYS B 149 -34.43 -18.58 -12.72
C LYS B 149 -35.48 -17.68 -13.34
N ASN B 150 -35.55 -16.43 -12.89
CA ASN B 150 -36.54 -15.48 -13.39
C ASN B 150 -36.33 -15.17 -14.87
N SER B 151 -35.07 -15.06 -15.30
CA SER B 151 -34.77 -14.78 -16.71
C SER B 151 -35.20 -15.97 -17.58
N ALA B 152 -34.83 -17.18 -17.14
CA ALA B 152 -35.18 -18.41 -17.85
C ALA B 152 -36.70 -18.63 -17.83
N VAL B 153 -37.32 -18.35 -16.69
CA VAL B 153 -38.76 -18.52 -16.53
C VAL B 153 -39.50 -17.63 -17.54
N SER B 154 -39.00 -16.40 -17.76
CA SER B 154 -39.62 -15.49 -18.70
C SER B 154 -39.68 -16.11 -20.09
N LEU B 155 -38.52 -16.54 -20.59
CA LEU B 155 -38.43 -17.17 -21.91
C LEU B 155 -39.23 -18.48 -21.95
N LEU B 156 -39.11 -19.29 -20.90
CA LEU B 156 -39.81 -20.58 -20.82
C LEU B 156 -41.33 -20.41 -20.77
N ASN B 157 -41.83 -19.41 -20.01
CA ASN B 157 -43.27 -19.17 -19.90
C ASN B 157 -43.85 -18.92 -21.29
N ALA B 158 -43.14 -18.12 -22.08
CA ALA B 158 -43.60 -17.77 -23.43
C ALA B 158 -43.54 -18.95 -24.39
N THR B 159 -42.45 -19.72 -24.34
CA THR B 159 -42.25 -20.87 -25.23
C THR B 159 -43.15 -22.05 -24.86
N ALA B 160 -43.53 -22.16 -23.58
CA ALA B 160 -44.36 -23.26 -23.11
C ALA B 160 -45.78 -23.18 -23.68
N ILE B 161 -46.25 -21.97 -23.96
CA ILE B 161 -47.61 -21.76 -24.47
C ILE B 161 -47.86 -22.53 -25.78
N ALA B 162 -46.81 -22.76 -26.57
CA ALA B 162 -46.95 -23.46 -27.84
C ALA B 162 -46.85 -25.00 -27.68
N VAL B 163 -47.78 -25.59 -26.89
CA VAL B 163 -47.80 -27.05 -26.70
C VAL B 163 -49.23 -27.58 -26.48
N GLY B 164 -50.12 -26.75 -25.92
CA GLY B 164 -51.51 -27.15 -25.67
C GLY B 164 -51.82 -27.17 -24.17
N GLU B 165 -53.09 -27.36 -23.83
CA GLU B 165 -53.55 -27.40 -22.42
C GLU B 165 -52.89 -26.28 -21.57
N GLY B 166 -53.04 -26.38 -20.24
CA GLY B 166 -52.49 -25.37 -19.31
C GLY B 166 -50.96 -25.33 -19.35
N THR B 167 -50.42 -24.67 -20.37
CA THR B 167 -48.97 -24.54 -20.56
C THR B 167 -48.30 -23.69 -19.48
N ASP B 168 -48.86 -22.52 -19.18
CA ASP B 168 -48.29 -21.62 -18.18
C ASP B 168 -48.23 -22.31 -16.80
N ARG B 169 -49.14 -23.27 -16.56
CA ARG B 169 -49.21 -23.98 -15.29
C ARG B 169 -48.00 -24.91 -15.08
N VAL B 170 -47.70 -25.78 -16.05
CA VAL B 170 -46.60 -26.73 -15.95
C VAL B 170 -45.22 -26.02 -15.90
N ILE B 171 -45.06 -24.96 -16.68
CA ILE B 171 -43.79 -24.23 -16.72
C ILE B 171 -43.56 -23.49 -15.38
N GLU B 172 -44.57 -22.76 -14.90
CA GLU B 172 -44.46 -22.00 -13.66
C GLU B 172 -44.47 -22.90 -12.41
N VAL B 173 -45.28 -23.96 -12.41
CA VAL B 173 -45.35 -24.85 -11.24
C VAL B 173 -43.96 -25.45 -10.96
N VAL B 174 -43.28 -25.91 -12.02
CA VAL B 174 -41.94 -26.49 -11.85
C VAL B 174 -40.99 -25.43 -11.25
N GLN B 175 -41.07 -24.20 -11.78
CA GLN B 175 -40.23 -23.11 -11.29
C GLN B 175 -40.50 -22.87 -9.78
N GLY B 176 -41.79 -22.76 -9.43
CA GLY B 176 -42.17 -22.52 -8.05
C GLY B 176 -41.69 -23.65 -7.15
N ALA B 177 -41.70 -24.88 -7.64
CA ALA B 177 -41.30 -26.03 -6.82
C ALA B 177 -39.82 -25.99 -6.38
N SER B 178 -38.88 -25.69 -7.28
CA SER B 178 -37.46 -25.69 -6.89
C SER B 178 -37.03 -24.49 -6.01
N ARG B 179 -37.40 -23.24 -6.38
CA ARG B 179 -37.00 -22.08 -5.55
C ARG B 179 -37.75 -22.05 -4.25
N ALA B 180 -39.07 -22.14 -4.38
CA ALA B 180 -39.96 -22.06 -3.20
C ALA B 180 -39.65 -23.14 -2.16
N ILE B 181 -39.39 -24.39 -2.58
CA ILE B 181 -39.11 -25.47 -1.62
C ILE B 181 -37.77 -25.19 -0.91
N ARG B 182 -36.76 -24.74 -1.66
CA ARG B 182 -35.43 -24.45 -1.08
C ARG B 182 -35.32 -22.97 -0.63
N HIS B 183 -36.42 -22.22 -0.73
CA HIS B 183 -36.43 -20.80 -0.36
C HIS B 183 -35.98 -20.56 1.09
N ILE B 184 -36.76 -21.06 2.05
CA ILE B 184 -36.44 -20.87 3.48
C ILE B 184 -36.38 -22.21 4.25
N PRO B 185 -35.20 -22.83 4.40
CA PRO B 185 -35.05 -24.10 5.15
C PRO B 185 -34.75 -23.85 6.63
N ARG B 186 -35.31 -22.75 7.17
CA ARG B 186 -35.10 -22.35 8.57
C ARG B 186 -33.66 -21.90 8.78
N ARG B 187 -33.44 -21.04 9.78
CA ARG B 187 -32.10 -20.51 10.09
C ARG B 187 -31.09 -21.66 10.21
N ILE B 188 -30.31 -21.88 9.13
CA ILE B 188 -29.29 -22.94 9.14
C ILE B 188 -28.14 -22.56 10.09
N ARG B 189 -27.82 -21.26 10.13
CA ARG B 189 -26.75 -20.77 10.98
C ARG B 189 -27.04 -21.09 12.45
N GLN B 190 -28.30 -20.86 12.86
CA GLN B 190 -28.72 -21.12 14.24
C GLN B 190 -28.67 -22.62 14.55
N GLY B 191 -29.02 -23.44 13.57
CA GLY B 191 -29.02 -24.90 13.76
C GLY B 191 -27.60 -25.47 13.86
N LEU B 192 -26.71 -25.02 12.97
CA LEU B 192 -25.33 -25.52 12.95
C LEU B 192 -24.49 -24.95 14.11
N GLU B 193 -24.84 -23.75 14.61
CA GLU B 193 -24.08 -23.15 15.70
C GLU B 193 -24.49 -23.77 17.05
N ARG B 194 -25.76 -24.20 17.16
CA ARG B 194 -26.24 -24.83 18.40
C ARG B 194 -25.66 -26.23 18.58
N ILE B 195 -25.55 -27.00 17.48
CA ILE B 195 -25.02 -28.37 17.57
C ILE B 195 -23.48 -28.40 17.65
N LEU B 196 -22.82 -27.38 17.07
CA LEU B 196 -21.36 -27.32 17.07
C LEU B 196 -20.83 -26.40 18.18
N LEU B 197 -21.65 -25.44 18.61
CA LEU B 197 -21.26 -24.49 19.66
C LEU B 197 -19.96 -23.76 19.28
N LEU C 1 38.15 -12.71 -17.26
CA LEU C 1 37.78 -14.06 -17.80
C LEU C 1 37.41 -15.00 -16.64
N LEU C 2 36.73 -16.09 -16.98
CA LEU C 2 36.31 -17.08 -15.98
C LEU C 2 37.06 -18.41 -16.24
N GLU C 3 36.49 -19.30 -17.07
CA GLU C 3 37.10 -20.60 -17.44
C GLU C 3 36.78 -21.72 -16.43
N LEU C 4 36.95 -22.95 -16.89
CA LEU C 4 36.67 -24.16 -16.12
C LEU C 4 37.29 -24.10 -14.71
N ASP C 5 38.56 -23.76 -14.66
CA ASP C 5 39.30 -23.71 -13.39
C ASP C 5 38.76 -22.63 -12.42
N LYS C 6 38.02 -21.65 -12.94
CA LYS C 6 37.48 -20.59 -12.09
C LYS C 6 36.20 -21.03 -11.36
N TRP C 7 35.40 -21.87 -12.01
CA TRP C 7 34.15 -22.36 -11.42
C TRP C 7 34.43 -23.39 -10.33
N ALA C 8 35.32 -24.33 -10.64
CA ALA C 8 35.70 -25.37 -9.69
C ALA C 8 36.41 -24.81 -8.46
N SER C 9 37.02 -23.62 -8.61
CA SER C 9 37.74 -22.97 -7.50
C SER C 9 36.79 -22.57 -6.38
N LEU C 10 35.57 -22.15 -6.74
CA LEU C 10 34.57 -21.73 -5.76
C LEU C 10 34.16 -22.88 -4.84
N TRP C 11 34.19 -24.11 -5.34
CA TRP C 11 33.83 -25.28 -4.54
C TRP C 11 34.78 -25.46 -3.35
N ASN C 12 36.04 -25.04 -3.53
CA ASN C 12 37.06 -25.17 -2.49
C ASN C 12 36.98 -24.05 -1.43
N TRP C 13 36.10 -23.06 -1.62
CA TRP C 13 35.98 -21.96 -0.68
C TRP C 13 35.17 -22.42 0.55
N PHE C 14 33.83 -22.34 0.47
CA PHE C 14 32.94 -22.78 1.57
C PHE C 14 31.47 -22.39 1.32
N ASP C 15 31.17 -21.07 1.38
CA ASP C 15 29.80 -20.59 1.23
C ASP C 15 29.61 -19.72 -0.03
N ILE C 16 30.70 -19.26 -0.65
CA ILE C 16 30.58 -18.43 -1.85
C ILE C 16 29.80 -19.19 -2.93
N THR C 17 30.08 -20.48 -3.07
CA THR C 17 29.39 -21.31 -4.04
C THR C 17 27.89 -21.32 -3.74
N ASN C 18 27.55 -21.46 -2.47
CA ASN C 18 26.16 -21.48 -2.03
C ASN C 18 25.49 -20.15 -2.38
N TRP C 19 26.14 -19.05 -2.03
CA TRP C 19 25.61 -17.72 -2.32
C TRP C 19 25.51 -17.51 -3.85
N LEU C 20 26.47 -18.02 -4.61
CA LEU C 20 26.48 -17.87 -6.06
C LEU C 20 25.31 -18.59 -6.76
N TRP C 21 24.92 -19.78 -6.26
CA TRP C 21 23.88 -20.58 -6.92
C TRP C 21 22.50 -20.51 -6.23
N TYR C 22 22.46 -20.57 -4.89
CA TYR C 22 21.18 -20.57 -4.16
C TYR C 22 20.33 -19.34 -4.50
N ILE C 23 20.96 -18.16 -4.63
CA ILE C 23 20.20 -16.94 -4.98
C ILE C 23 19.52 -17.10 -6.34
N ARG C 24 20.19 -17.80 -7.28
CA ARG C 24 19.64 -18.01 -8.63
C ARG C 24 18.22 -18.58 -8.52
N ILE C 25 18.01 -19.50 -7.58
CA ILE C 25 16.69 -20.08 -7.34
C ILE C 25 15.83 -19.10 -6.50
N PHE C 26 16.48 -18.46 -5.53
CA PHE C 26 15.81 -17.57 -4.59
C PHE C 26 15.14 -16.37 -5.26
N ILE C 27 15.81 -15.79 -6.25
CA ILE C 27 15.31 -14.62 -6.95
C ILE C 27 13.96 -14.88 -7.64
N ILE C 28 13.75 -16.07 -8.22
CA ILE C 28 12.46 -16.37 -8.86
C ILE C 28 11.34 -16.16 -7.82
N ILE C 29 11.59 -16.60 -6.57
CA ILE C 29 10.62 -16.43 -5.50
C ILE C 29 10.35 -14.93 -5.26
N VAL C 30 11.39 -14.10 -5.39
CA VAL C 30 11.24 -12.65 -5.18
C VAL C 30 10.13 -12.12 -6.12
N GLY C 31 10.12 -12.61 -7.38
CA GLY C 31 9.08 -12.20 -8.34
C GLY C 31 7.70 -12.46 -7.75
N SER C 32 7.54 -13.64 -7.15
CA SER C 32 6.29 -14.03 -6.49
C SER C 32 6.01 -13.08 -5.31
N LEU C 33 7.09 -12.69 -4.64
CA LEU C 33 7.06 -11.84 -3.45
C LEU C 33 6.39 -10.47 -3.72
N ILE C 34 6.55 -9.90 -4.93
CA ILE C 34 5.93 -8.58 -5.22
C ILE C 34 4.39 -8.76 -5.21
N GLY C 35 3.90 -9.84 -5.83
CA GLY C 35 2.45 -10.12 -5.86
C GLY C 35 1.92 -10.28 -4.42
N LEU C 36 2.72 -10.95 -3.59
CA LEU C 36 2.41 -11.16 -2.16
C LEU C 36 2.38 -9.80 -1.44
N ARG C 37 3.29 -8.93 -1.87
CA ARG C 37 3.47 -7.59 -1.33
C ARG C 37 2.20 -6.73 -1.34
N ILE C 38 1.26 -6.96 -2.26
CA ILE C 38 0.07 -6.10 -2.39
C ILE C 38 -0.77 -6.05 -1.12
N VAL C 39 -0.87 -7.16 -0.41
CA VAL C 39 -1.70 -7.17 0.79
C VAL C 39 -1.26 -6.03 1.75
N PHE C 40 0.03 -5.69 1.73
CA PHE C 40 0.56 -4.61 2.56
C PHE C 40 -0.15 -3.29 2.25
N ALA C 41 -0.59 -3.10 0.99
CA ALA C 41 -1.32 -1.88 0.63
C ALA C 41 -2.57 -1.81 1.51
N VAL C 42 -3.17 -2.98 1.76
CA VAL C 42 -4.34 -3.11 2.62
C VAL C 42 -3.96 -2.63 4.04
N LEU C 43 -2.72 -2.94 4.44
CA LEU C 43 -2.15 -2.54 5.75
C LEU C 43 -2.29 -1.05 5.97
N SER C 44 -2.12 -0.25 4.90
CA SER C 44 -2.19 1.22 5.04
C SER C 44 -3.57 1.63 5.52
N LEU C 45 -4.61 0.92 5.07
CA LEU C 45 -5.97 1.21 5.52
C LEU C 45 -6.06 0.97 7.02
N VAL C 46 -5.45 -0.11 7.46
CA VAL C 46 -5.41 -0.49 8.87
C VAL C 46 -4.54 0.53 9.64
N ASN C 47 -3.41 0.87 9.04
CA ASN C 47 -2.47 1.83 9.60
C ASN C 47 -3.13 3.19 9.74
N ARG C 48 -3.99 3.54 8.79
CA ARG C 48 -4.68 4.82 8.81
C ARG C 48 -5.41 4.98 10.14
N VAL C 49 -6.16 3.95 10.49
CA VAL C 49 -6.92 3.95 11.73
C VAL C 49 -6.01 3.70 12.95
N ARG C 50 -5.02 2.82 12.79
CA ARG C 50 -4.08 2.49 13.89
C ARG C 50 -3.05 3.63 14.20
N GLN C 51 -2.77 4.52 13.23
CA GLN C 51 -1.73 5.56 13.45
C GLN C 51 -2.30 6.93 13.83
N GLY C 52 -3.57 7.15 13.56
CA GLY C 52 -4.22 8.43 13.89
C GLY C 52 -4.46 9.36 12.68
N TYR C 53 -5.09 8.82 11.61
CA TYR C 53 -5.45 9.61 10.40
C TYR C 53 -4.21 10.10 9.58
N SER C 54 -3.62 11.26 9.94
CA SER C 54 -2.49 11.82 9.19
C SER C 54 -1.21 11.00 9.40
N PRO C 55 -0.21 11.11 8.50
CA PRO C 55 1.10 10.38 8.56
C PRO C 55 1.43 9.74 9.95
N LEU C 56 2.54 10.12 10.61
CA LEU C 56 2.88 9.55 11.92
C LEU C 56 2.71 10.60 13.04
N SER C 57 2.74 11.89 12.69
CA SER C 57 2.57 12.96 13.67
C SER C 57 1.09 13.26 13.83
N GLU C 80 -4.65 3.86 20.66
CA GLU C 80 -4.96 3.25 21.96
C GLU C 80 -5.80 1.96 21.80
N ARG C 81 -7.05 2.15 21.47
CA ARG C 81 -8.04 1.06 21.31
C ARG C 81 -7.80 0.18 20.06
N ASP C 82 -7.11 0.70 19.06
CA ASP C 82 -6.91 0.00 17.78
C ASP C 82 -6.32 -1.42 17.90
N ARG C 83 -5.88 -1.88 19.09
CA ARG C 83 -5.34 -3.26 19.20
C ARG C 83 -6.51 -4.25 19.23
N ASP C 84 -7.53 -3.98 20.05
CA ASP C 84 -8.68 -4.85 20.10
C ASP C 84 -9.44 -4.77 18.77
N ARG C 85 -9.52 -3.56 18.22
CA ARG C 85 -10.18 -3.34 16.95
C ARG C 85 -9.35 -3.93 15.80
N SER C 86 -8.02 -3.87 15.89
CA SER C 86 -7.19 -4.43 14.81
C SER C 86 -7.50 -5.92 14.68
N ILE C 87 -7.57 -6.61 15.84
CA ILE C 87 -7.94 -8.04 15.80
C ILE C 87 -9.33 -8.18 15.14
N ARG C 88 -10.12 -7.09 15.09
CA ARG C 88 -11.45 -7.18 14.49
C ARG C 88 -11.33 -7.63 13.03
N LEU C 89 -10.16 -7.45 12.42
CA LEU C 89 -9.95 -7.89 11.04
C LEU C 89 -10.24 -9.40 10.90
N VAL C 90 -10.14 -10.17 12.01
CA VAL C 90 -10.40 -11.62 11.96
C VAL C 90 -11.82 -11.91 11.44
N ASN C 91 -12.81 -11.22 12.01
CA ASN C 91 -14.21 -11.37 11.60
C ASN C 91 -14.47 -10.76 10.22
N GLY C 92 -13.50 -10.00 9.70
CA GLY C 92 -13.65 -9.31 8.43
C GLY C 92 -14.03 -10.28 7.29
N SER C 93 -13.79 -11.59 7.49
CA SER C 93 -14.14 -12.57 6.46
C SER C 93 -15.65 -12.51 6.14
N LEU C 94 -16.51 -12.43 7.17
CA LEU C 94 -17.97 -12.33 6.96
C LEU C 94 -18.30 -10.95 6.34
N ALA C 95 -17.57 -9.93 6.79
CA ALA C 95 -17.70 -8.57 6.30
C ALA C 95 -17.47 -8.53 4.79
N LEU C 96 -16.61 -9.44 4.31
CA LEU C 96 -16.23 -9.46 2.90
C LEU C 96 -17.47 -9.60 2.01
N ILE C 97 -18.55 -10.30 2.44
CA ILE C 97 -19.72 -10.37 1.59
C ILE C 97 -20.49 -9.03 1.67
N TRP C 98 -20.33 -8.27 2.77
CA TRP C 98 -21.05 -7.01 2.93
C TRP C 98 -20.60 -5.96 1.86
N ASP C 99 -19.28 -5.79 1.66
CA ASP C 99 -18.80 -4.85 0.63
C ASP C 99 -19.10 -5.35 -0.79
N ASP C 100 -18.88 -6.65 -1.01
CA ASP C 100 -19.08 -7.29 -2.31
C ASP C 100 -20.57 -7.40 -2.70
N LEU C 101 -21.43 -7.77 -1.76
CA LEU C 101 -22.87 -7.96 -2.05
C LEU C 101 -23.53 -6.68 -2.57
N ARG C 102 -23.28 -5.54 -1.91
CA ARG C 102 -23.89 -4.27 -2.33
C ARG C 102 -23.39 -3.84 -3.71
N SER C 103 -22.13 -4.13 -4.00
CA SER C 103 -21.53 -3.76 -5.27
C SER C 103 -21.95 -4.72 -6.39
N LEU C 104 -21.93 -6.00 -6.05
CA LEU C 104 -22.24 -7.10 -6.98
C LEU C 104 -23.69 -7.12 -7.49
N SER C 105 -24.67 -7.13 -6.58
CA SER C 105 -26.07 -7.18 -6.98
C SER C 105 -26.76 -5.81 -6.99
N LEU C 106 -26.24 -4.86 -6.19
CA LEU C 106 -26.81 -3.52 -6.07
C LEU C 106 -28.12 -3.57 -5.26
N PHE C 107 -28.66 -2.38 -4.94
CA PHE C 107 -29.90 -2.25 -4.14
C PHE C 107 -30.96 -3.32 -4.47
N SER C 108 -31.60 -3.21 -5.63
CA SER C 108 -32.67 -4.14 -6.03
C SER C 108 -32.08 -5.48 -6.48
N TYR C 109 -32.89 -6.56 -6.39
CA TYR C 109 -32.43 -7.89 -6.81
C TYR C 109 -33.00 -8.22 -8.19
N HIS C 110 -32.07 -8.17 -9.15
CA HIS C 110 -32.28 -8.36 -10.61
C HIS C 110 -31.14 -7.55 -11.29
N ARG C 111 -30.74 -6.49 -10.59
CA ARG C 111 -29.65 -5.61 -10.95
C ARG C 111 -28.34 -6.39 -11.16
N LEU C 112 -28.19 -7.56 -10.52
CA LEU C 112 -26.91 -8.30 -10.59
C LEU C 112 -26.52 -8.65 -12.04
N ARG C 113 -27.46 -9.10 -12.89
CA ARG C 113 -27.10 -9.38 -14.31
C ARG C 113 -26.82 -8.04 -14.99
N ASP C 114 -27.62 -7.05 -14.58
CA ASP C 114 -27.49 -5.70 -15.07
C ASP C 114 -26.13 -5.10 -14.71
N LEU C 115 -25.55 -5.49 -13.54
CA LEU C 115 -24.29 -4.90 -13.10
C LEU C 115 -23.22 -5.08 -14.18
N LEU C 116 -23.18 -6.23 -14.84
CA LEU C 116 -22.17 -6.43 -15.88
C LEU C 116 -22.39 -5.46 -17.05
N LEU C 117 -23.65 -5.20 -17.37
CA LEU C 117 -24.01 -4.29 -18.47
C LEU C 117 -23.80 -2.83 -18.12
N ILE C 118 -24.29 -2.39 -16.96
CA ILE C 118 -24.18 -0.99 -16.58
C ILE C 118 -22.73 -0.58 -16.38
N VAL C 119 -21.87 -1.46 -15.82
CA VAL C 119 -20.47 -1.07 -15.61
C VAL C 119 -19.85 -0.64 -16.94
N THR C 120 -20.10 -1.39 -18.01
CA THR C 120 -19.56 -1.02 -19.33
C THR C 120 -20.14 0.32 -19.79
N ARG C 121 -21.42 0.53 -19.53
CA ARG C 121 -22.12 1.74 -19.96
C ARG C 121 -21.71 3.00 -19.18
N ILE C 122 -21.47 2.89 -17.87
CA ILE C 122 -21.11 4.04 -17.07
C ILE C 122 -19.72 4.55 -17.43
N VAL C 123 -18.77 3.64 -17.73
CA VAL C 123 -17.42 4.07 -18.10
C VAL C 123 -17.43 4.87 -19.41
N GLU C 124 -18.28 4.46 -20.37
CA GLU C 124 -18.34 5.15 -21.66
C GLU C 124 -18.93 6.56 -21.48
N LEU C 125 -20.00 6.64 -20.70
CA LEU C 125 -20.66 7.92 -20.42
C LEU C 125 -19.72 8.82 -19.63
N LEU C 126 -19.10 8.25 -18.60
CA LEU C 126 -18.17 8.98 -17.73
C LEU C 126 -16.81 9.21 -18.42
N GLY C 127 -16.55 8.51 -19.54
CA GLY C 127 -15.29 8.63 -20.27
C GLY C 127 -15.06 10.05 -20.77
N ARG C 128 -16.15 10.73 -21.16
CA ARG C 128 -16.06 12.10 -21.67
C ARG C 128 -15.40 13.03 -20.64
N ARG C 129 -15.58 12.72 -19.36
CA ARG C 129 -14.99 13.53 -18.29
C ARG C 129 -13.50 13.17 -18.07
N GLY C 130 -13.14 11.93 -18.40
CA GLY C 130 -11.77 11.43 -18.21
C GLY C 130 -10.72 12.30 -18.91
N TRP C 131 -11.09 12.96 -20.01
CA TRP C 131 -10.14 13.80 -20.75
C TRP C 131 -9.66 15.03 -20.00
N GLU C 132 -10.31 15.37 -18.88
CA GLU C 132 -9.86 16.52 -18.10
C GLU C 132 -8.31 16.36 -17.80
N ALA C 133 -7.75 15.15 -18.06
CA ALA C 133 -6.32 14.91 -17.94
C ALA C 133 -5.60 15.96 -18.79
N LEU C 134 -6.05 16.08 -20.04
CA LEU C 134 -5.51 17.07 -20.96
C LEU C 134 -5.71 18.49 -20.40
N LYS C 135 -6.87 18.71 -19.76
CA LYS C 135 -7.23 20.05 -19.21
C LYS C 135 -6.20 20.60 -18.20
N TYR C 136 -5.82 19.77 -17.23
CA TYR C 136 -4.89 20.21 -16.20
C TYR C 136 -3.47 20.30 -16.75
N TRP C 137 -3.13 19.45 -17.71
CA TRP C 137 -1.80 19.45 -18.29
C TRP C 137 -1.57 20.73 -19.09
N TRP C 138 -2.64 21.30 -19.69
CA TRP C 138 -2.49 22.55 -20.43
C TRP C 138 -2.19 23.69 -19.44
N ASN C 139 -3.00 23.74 -18.36
CA ASN C 139 -2.83 24.76 -17.32
C ASN C 139 -1.53 24.57 -16.55
N LEU C 140 -1.20 23.31 -16.29
CA LEU C 140 -0.02 22.94 -15.52
C LEU C 140 1.26 23.46 -16.17
N LEU C 141 1.41 23.20 -17.46
CA LEU C 141 2.59 23.65 -18.20
C LEU C 141 2.57 25.18 -18.35
N GLN C 142 1.37 25.77 -18.46
CA GLN C 142 1.24 27.21 -18.65
C GLN C 142 1.89 28.01 -17.50
N TYR C 143 1.60 27.65 -16.22
CA TYR C 143 2.16 28.39 -15.12
C TYR C 143 3.65 28.09 -14.94
N TRP C 144 4.05 26.82 -15.18
CA TRP C 144 5.44 26.43 -14.96
C TRP C 144 6.34 27.25 -15.88
N SER C 145 5.89 27.36 -17.14
CA SER C 145 6.60 28.17 -18.13
C SER C 145 6.70 29.60 -17.59
N GLN C 146 5.63 30.04 -16.92
CA GLN C 146 5.57 31.37 -16.34
C GLN C 146 6.69 31.57 -15.30
N GLU C 147 7.06 30.52 -14.52
CA GLU C 147 8.11 30.66 -13.55
C GLU C 147 9.45 30.91 -14.29
N LEU C 148 9.60 30.25 -15.45
CA LEU C 148 10.80 30.40 -16.27
C LEU C 148 10.82 31.79 -16.91
N LYS C 149 9.65 32.27 -17.35
CA LYS C 149 9.54 33.57 -17.95
C LYS C 149 9.82 34.66 -16.92
N ASN C 150 9.39 34.46 -15.68
CA ASN C 150 9.60 35.43 -14.61
C ASN C 150 11.10 35.61 -14.32
N SER C 151 11.84 34.49 -14.32
CA SER C 151 13.28 34.54 -14.09
C SER C 151 13.95 35.37 -15.19
N ALA C 152 13.44 35.25 -16.42
CA ALA C 152 13.97 35.96 -17.57
C ALA C 152 13.76 37.47 -17.45
N VAL C 153 12.59 37.91 -16.97
CA VAL C 153 12.31 39.35 -16.86
C VAL C 153 13.25 40.03 -15.86
N SER C 154 13.60 39.32 -14.78
CA SER C 154 14.48 39.87 -13.77
C SER C 154 15.90 40.11 -14.34
N LEU C 155 16.48 39.06 -14.92
CA LEU C 155 17.84 39.13 -15.46
C LEU C 155 17.95 39.98 -16.74
N LEU C 156 17.10 39.74 -17.75
CA LEU C 156 17.20 40.48 -19.02
C LEU C 156 16.91 41.98 -18.88
N ASN C 157 15.86 42.36 -18.12
CA ASN C 157 15.55 43.78 -17.93
C ASN C 157 16.66 44.45 -17.13
N ALA C 158 17.15 43.74 -16.12
CA ALA C 158 18.18 44.26 -15.20
C ALA C 158 19.56 44.41 -15.84
N THR C 159 20.00 43.41 -16.63
CA THR C 159 21.32 43.45 -17.26
C THR C 159 21.40 44.51 -18.37
N ALA C 160 20.27 44.74 -19.04
CA ALA C 160 20.21 45.69 -20.15
C ALA C 160 20.50 47.15 -19.74
N ILE C 161 20.15 47.54 -18.50
CA ILE C 161 20.37 48.92 -18.06
C ILE C 161 21.85 49.33 -18.18
N ALA C 162 22.77 48.42 -17.85
CA ALA C 162 24.21 48.73 -17.90
C ALA C 162 24.76 48.82 -19.35
N VAL C 163 24.21 49.75 -20.15
CA VAL C 163 24.69 49.94 -21.53
C VAL C 163 24.50 51.40 -22.00
N GLY C 164 23.29 51.96 -21.81
CA GLY C 164 23.01 53.34 -22.23
C GLY C 164 21.57 53.78 -21.92
N GLU C 165 20.85 53.04 -21.07
CA GLU C 165 19.47 53.38 -20.70
C GLU C 165 18.54 53.40 -21.91
N GLY C 166 17.50 52.55 -21.87
CA GLY C 166 16.52 52.46 -22.96
C GLY C 166 16.31 50.98 -23.38
N THR C 167 17.30 50.15 -23.10
CA THR C 167 17.27 48.73 -23.43
C THR C 167 16.16 47.99 -22.69
N ASP C 168 15.86 48.40 -21.45
CA ASP C 168 14.83 47.71 -20.66
C ASP C 168 13.49 47.70 -21.39
N ARG C 169 13.28 48.68 -22.27
CA ARG C 169 12.05 48.75 -23.06
C ARG C 169 12.02 47.60 -24.08
N VAL C 170 13.16 47.30 -24.75
CA VAL C 170 13.18 46.23 -25.76
C VAL C 170 12.97 44.83 -25.15
N ILE C 171 13.56 44.52 -23.97
CA ILE C 171 13.34 43.18 -23.38
C ILE C 171 11.85 43.00 -23.12
N GLU C 172 11.26 44.00 -22.47
CA GLU C 172 9.86 43.95 -22.08
C GLU C 172 8.88 43.80 -23.26
N VAL C 173 9.20 44.36 -24.44
CA VAL C 173 8.28 44.23 -25.58
C VAL C 173 8.29 42.78 -26.14
N VAL C 174 9.48 42.23 -26.40
CA VAL C 174 9.58 40.85 -26.92
C VAL C 174 9.16 39.83 -25.84
N GLN C 175 9.73 40.01 -24.65
CA GLN C 175 9.49 39.15 -23.49
C GLN C 175 8.03 39.20 -23.05
N GLY C 176 7.50 40.42 -22.90
CA GLY C 176 6.12 40.61 -22.48
C GLY C 176 5.17 39.95 -23.49
N ALA C 177 5.56 39.95 -24.76
CA ALA C 177 4.76 39.36 -25.82
C ALA C 177 4.61 37.84 -25.62
N SER C 178 5.70 37.17 -25.19
CA SER C 178 5.66 35.71 -25.01
C SER C 178 4.78 35.27 -23.84
N ARG C 179 4.92 35.93 -22.67
CA ARG C 179 4.09 35.58 -21.49
C ARG C 179 2.62 35.71 -21.88
N ALA C 180 2.36 36.84 -22.47
CA ALA C 180 1.01 37.26 -22.89
C ALA C 180 0.38 36.36 -23.98
N ILE C 181 1.11 36.12 -25.07
CA ILE C 181 0.57 35.29 -26.18
C ILE C 181 0.31 33.85 -25.73
N ARG C 182 1.05 33.39 -24.72
CA ARG C 182 0.88 32.02 -24.21
C ARG C 182 -0.31 31.96 -23.22
N HIS C 183 -0.73 33.11 -22.67
CA HIS C 183 -1.85 33.14 -21.73
C HIS C 183 -3.15 33.60 -22.42
N ILE C 184 -3.28 33.33 -23.72
CA ILE C 184 -4.48 33.72 -24.49
C ILE C 184 -5.45 32.51 -24.69
N PRO C 185 -4.98 31.31 -25.06
CA PRO C 185 -5.89 30.13 -25.28
C PRO C 185 -6.72 29.78 -24.04
N ARG C 186 -7.94 29.29 -24.28
CA ARG C 186 -8.85 28.90 -23.21
C ARG C 186 -9.97 28.02 -23.79
N ARG C 187 -10.77 27.38 -22.92
CA ARG C 187 -11.85 26.50 -23.39
C ARG C 187 -11.31 25.47 -24.40
N ILE C 188 -10.09 24.99 -24.11
CA ILE C 188 -9.39 24.03 -24.98
C ILE C 188 -10.07 22.66 -25.05
N ARG C 189 -10.39 22.03 -23.91
CA ARG C 189 -11.04 20.70 -23.93
C ARG C 189 -12.46 20.77 -24.49
N GLN C 190 -13.21 21.83 -24.19
CA GLN C 190 -14.58 21.91 -24.69
C GLN C 190 -14.57 21.87 -26.21
N GLY C 191 -13.68 22.66 -26.81
CA GLY C 191 -13.54 22.70 -28.26
C GLY C 191 -12.87 21.43 -28.80
N LEU C 192 -11.86 20.91 -28.06
CA LEU C 192 -11.13 19.71 -28.50
C LEU C 192 -11.99 18.44 -28.37
N GLU C 193 -12.58 18.21 -27.20
CA GLU C 193 -13.40 17.02 -27.00
C GLU C 193 -14.68 17.04 -27.87
N ARG C 194 -15.18 18.25 -28.18
CA ARG C 194 -16.41 18.39 -28.97
C ARG C 194 -16.16 18.18 -30.48
N ILE C 195 -14.97 18.53 -30.98
CA ILE C 195 -14.67 18.36 -32.42
C ILE C 195 -14.48 16.89 -32.81
N LEU C 196 -14.66 15.96 -31.84
CA LEU C 196 -14.52 14.52 -32.12
C LEU C 196 -15.83 13.91 -32.63
N LEU C 197 -16.88 14.74 -32.80
CA LEU C 197 -18.17 14.27 -33.29
C LEU C 197 -18.22 14.27 -34.81
N LEU A 1 34.55 -30.22 -14.71
CA LEU A 1 33.28 -29.53 -14.30
C LEU A 1 33.00 -28.39 -15.28
N LEU A 2 31.82 -28.43 -15.91
CA LEU A 2 31.41 -27.42 -16.89
C LEU A 2 32.35 -27.44 -18.09
N GLU A 3 31.78 -27.53 -19.30
CA GLU A 3 32.58 -27.58 -20.52
C GLU A 3 31.73 -27.28 -21.76
N LEU A 4 32.42 -27.23 -22.90
CA LEU A 4 31.79 -26.96 -24.20
C LEU A 4 30.65 -27.93 -24.48
N ASP A 5 30.97 -29.22 -24.44
CA ASP A 5 29.99 -30.28 -24.72
C ASP A 5 28.94 -30.40 -23.62
N LYS A 6 29.23 -29.84 -22.44
CA LYS A 6 28.29 -29.91 -21.32
C LYS A 6 27.15 -28.92 -21.48
N TRP A 7 27.47 -27.69 -21.91
CA TRP A 7 26.45 -26.65 -22.09
C TRP A 7 25.60 -26.89 -23.33
N ALA A 8 26.25 -27.20 -24.46
CA ALA A 8 25.53 -27.42 -25.72
C ALA A 8 24.59 -28.62 -25.64
N SER A 9 25.03 -29.69 -24.98
CA SER A 9 24.21 -30.90 -24.85
C SER A 9 22.87 -30.58 -24.17
N LEU A 10 22.87 -29.53 -23.34
CA LEU A 10 21.66 -29.12 -22.62
C LEU A 10 20.61 -28.53 -23.59
N TRP A 11 21.05 -28.02 -24.74
CA TRP A 11 20.15 -27.42 -25.73
C TRP A 11 19.11 -28.43 -26.25
N ASN A 12 19.47 -29.72 -26.28
CA ASN A 12 18.56 -30.76 -26.76
C ASN A 12 17.39 -31.02 -25.79
N TRP A 13 17.46 -30.43 -24.59
CA TRP A 13 16.40 -30.61 -23.59
C TRP A 13 15.21 -29.68 -23.87
N PHE A 14 15.47 -28.36 -23.86
CA PHE A 14 14.44 -27.36 -24.12
C PHE A 14 13.27 -27.47 -23.14
N ASP A 15 13.42 -28.26 -22.05
CA ASP A 15 12.35 -28.41 -21.06
C ASP A 15 12.72 -27.65 -19.77
N ILE A 16 13.56 -28.25 -18.90
CA ILE A 16 13.99 -27.60 -17.66
C ILE A 16 14.88 -26.38 -17.97
N THR A 17 15.71 -26.54 -19.00
CA THR A 17 16.64 -25.50 -19.44
C THR A 17 15.93 -24.16 -19.67
N ASN A 18 14.68 -24.22 -20.12
CA ASN A 18 13.93 -23.01 -20.42
C ASN A 18 13.85 -22.08 -19.20
N TRP A 19 13.49 -22.60 -18.02
CA TRP A 19 13.39 -21.74 -16.83
C TRP A 19 14.76 -21.16 -16.40
N LEU A 20 15.82 -21.99 -16.39
CA LEU A 20 17.16 -21.51 -15.93
C LEU A 20 17.73 -20.44 -16.85
N TRP A 21 17.48 -20.58 -18.16
CA TRP A 21 17.99 -19.60 -19.13
C TRP A 21 16.98 -18.45 -19.32
N TYR A 22 15.86 -18.47 -18.56
CA TYR A 22 14.82 -17.44 -18.66
C TYR A 22 14.70 -16.67 -17.35
N ILE A 23 15.10 -17.33 -16.23
CA ILE A 23 15.05 -16.70 -14.92
C ILE A 23 15.94 -15.44 -14.92
N ARG A 24 17.08 -15.49 -15.63
CA ARG A 24 17.97 -14.32 -15.71
C ARG A 24 17.18 -13.14 -16.30
N ILE A 25 16.43 -13.42 -17.37
CA ILE A 25 15.60 -12.42 -18.03
C ILE A 25 14.42 -12.01 -17.10
N PHE A 26 13.98 -12.95 -16.28
CA PHE A 26 12.86 -12.73 -15.36
C PHE A 26 13.16 -11.59 -14.38
N ILE A 27 14.43 -11.40 -14.06
CA ILE A 27 14.84 -10.38 -13.09
C ILE A 27 14.43 -8.99 -13.56
N ILE A 28 14.82 -8.64 -14.78
CA ILE A 28 14.51 -7.32 -15.33
C ILE A 28 12.98 -7.16 -15.42
N ILE A 29 12.29 -8.23 -15.85
CA ILE A 29 10.83 -8.23 -15.96
C ILE A 29 10.22 -7.95 -14.57
N VAL A 30 10.73 -8.63 -13.54
CA VAL A 30 10.24 -8.43 -12.19
C VAL A 30 10.45 -6.96 -11.77
N GLY A 31 11.61 -6.40 -12.15
CA GLY A 31 11.92 -4.99 -11.83
C GLY A 31 10.75 -4.09 -12.27
N SER A 32 10.29 -4.30 -13.50
CA SER A 32 9.16 -3.55 -14.04
C SER A 32 7.87 -3.91 -13.28
N LEU A 33 7.74 -5.20 -12.95
CA LEU A 33 6.56 -5.71 -12.24
C LEU A 33 6.39 -5.01 -10.89
N ILE A 34 7.49 -4.87 -10.13
CA ILE A 34 7.41 -4.23 -8.82
C ILE A 34 7.03 -2.75 -8.97
N GLY A 35 7.57 -2.05 -9.97
CA GLY A 35 7.22 -0.64 -10.19
C GLY A 35 5.71 -0.51 -10.47
N LEU A 36 5.12 -1.58 -11.01
CA LEU A 36 3.69 -1.64 -11.31
C LEU A 36 2.87 -1.70 -10.01
N ARG A 37 3.40 -2.42 -9.03
CA ARG A 37 2.76 -2.65 -7.73
C ARG A 37 2.38 -1.38 -6.95
N ILE A 38 3.11 -0.26 -7.13
CA ILE A 38 2.81 0.94 -6.31
C ILE A 38 1.38 1.42 -6.50
N VAL A 39 0.84 1.32 -7.70
CA VAL A 39 -0.52 1.79 -7.93
C VAL A 39 -1.50 1.14 -6.94
N PHE A 40 -1.19 -0.08 -6.49
CA PHE A 40 -2.02 -0.80 -5.53
C PHE A 40 -2.23 0.05 -4.27
N ALA A 41 -1.24 0.88 -3.95
CA ALA A 41 -1.32 1.73 -2.77
C ALA A 41 -2.57 2.63 -2.85
N VAL A 42 -2.87 3.20 -4.03
CA VAL A 42 -4.08 4.03 -4.16
C VAL A 42 -5.33 3.13 -4.08
N LEU A 43 -5.22 1.90 -4.63
CA LEU A 43 -6.32 0.92 -4.58
C LEU A 43 -6.71 0.62 -3.14
N SER A 44 -5.74 0.58 -2.22
CA SER A 44 -6.06 0.29 -0.82
C SER A 44 -6.98 1.37 -0.25
N LEU A 45 -6.76 2.62 -0.65
CA LEU A 45 -7.58 3.71 -0.19
C LEU A 45 -9.02 3.47 -0.67
N VAL A 46 -9.14 2.99 -1.91
CA VAL A 46 -10.44 2.62 -2.49
C VAL A 46 -11.02 1.46 -1.66
N ASN A 47 -10.15 0.52 -1.28
CA ASN A 47 -10.56 -0.63 -0.47
C ASN A 47 -11.21 -0.14 0.82
N ARG A 48 -10.70 0.93 1.41
CA ARG A 48 -11.28 1.48 2.64
C ARG A 48 -12.74 1.90 2.38
N VAL A 49 -12.98 2.39 1.17
CA VAL A 49 -14.29 2.86 0.76
C VAL A 49 -15.22 1.69 0.47
N ARG A 50 -14.67 0.74 -0.24
CA ARG A 50 -15.41 -0.48 -0.63
C ARG A 50 -15.59 -1.46 0.56
N GLN A 51 -14.63 -1.45 1.46
CA GLN A 51 -14.61 -2.36 2.62
C GLN A 51 -15.06 -1.70 3.92
N GLY A 52 -15.55 -0.48 3.84
CA GLY A 52 -16.00 0.27 5.03
C GLY A 52 -14.79 0.87 5.75
N TYR A 53 -15.06 1.74 6.74
CA TYR A 53 -13.99 2.40 7.50
C TYR A 53 -13.07 1.38 8.19
N SER A 54 -13.63 0.64 9.16
CA SER A 54 -12.87 -0.36 9.90
C SER A 54 -12.61 -1.59 9.03
N PRO A 55 -11.60 -2.41 9.37
CA PRO A 55 -11.26 -3.67 8.63
C PRO A 55 -12.36 -4.21 7.68
N LEU A 56 -12.96 -5.39 7.94
CA LEU A 56 -13.99 -5.95 7.05
C LEU A 56 -15.40 -5.93 7.69
N SER A 57 -15.48 -5.84 9.02
CA SER A 57 -16.78 -5.87 9.70
C SER A 57 -17.49 -4.51 9.65
N GLU A 80 -22.40 0.17 -0.43
CA GLU A 80 -23.16 1.35 -0.85
C GLU A 80 -22.86 1.77 -2.33
N ARG A 81 -23.09 3.05 -2.63
CA ARG A 81 -22.91 3.68 -3.94
C ARG A 81 -21.48 3.55 -4.49
N ASP A 82 -20.50 3.34 -3.62
CA ASP A 82 -19.09 3.36 -4.00
C ASP A 82 -18.72 2.45 -5.19
N ARG A 83 -19.64 1.62 -5.75
CA ARG A 83 -19.28 0.84 -6.95
C ARG A 83 -19.17 1.82 -8.13
N ASP A 84 -20.12 2.75 -8.23
CA ASP A 84 -20.09 3.75 -9.28
C ASP A 84 -18.92 4.70 -9.06
N ARG A 85 -18.67 5.06 -7.79
CA ARG A 85 -17.59 5.98 -7.44
C ARG A 85 -16.21 5.31 -7.62
N SER A 86 -16.09 4.05 -7.23
CA SER A 86 -14.82 3.34 -7.39
C SER A 86 -14.52 3.24 -8.89
N ILE A 87 -15.60 3.07 -9.69
CA ILE A 87 -15.45 3.06 -11.16
C ILE A 87 -14.91 4.43 -11.61
N ARG A 88 -15.21 5.51 -10.84
CA ARG A 88 -14.69 6.84 -11.17
C ARG A 88 -13.14 6.80 -11.15
N LEU A 89 -12.55 5.73 -10.61
CA LEU A 89 -11.09 5.59 -10.57
C LEU A 89 -10.52 5.72 -11.99
N VAL A 90 -11.31 5.30 -12.99
CA VAL A 90 -10.89 5.42 -14.41
C VAL A 90 -10.57 6.90 -14.69
N ASN A 91 -11.44 7.74 -14.18
CA ASN A 91 -11.36 9.19 -14.27
C ASN A 91 -10.12 9.76 -13.58
N GLY A 92 -9.38 8.92 -12.85
CA GLY A 92 -8.24 9.40 -12.08
C GLY A 92 -7.27 10.18 -12.95
N SER A 93 -7.29 10.01 -14.27
CA SER A 93 -6.45 10.84 -15.14
C SER A 93 -6.87 12.32 -14.93
N LEU A 94 -8.19 12.53 -14.76
CA LEU A 94 -8.78 13.85 -14.53
C LEU A 94 -8.25 14.47 -13.22
N ALA A 95 -8.38 13.70 -12.16
CA ALA A 95 -7.94 14.08 -10.83
C ALA A 95 -6.43 14.16 -10.69
N LEU A 96 -5.72 13.30 -11.42
CA LEU A 96 -4.27 13.20 -11.25
C LEU A 96 -3.58 14.52 -11.45
N ILE A 97 -3.90 15.33 -12.48
CA ILE A 97 -3.22 16.59 -12.58
C ILE A 97 -3.84 17.58 -11.55
N TRP A 98 -5.12 17.35 -11.16
CA TRP A 98 -5.81 18.23 -10.20
C TRP A 98 -5.28 18.13 -8.74
N ASP A 99 -5.09 16.92 -8.16
CA ASP A 99 -4.56 16.82 -6.75
C ASP A 99 -3.11 17.30 -6.73
N ASP A 100 -2.36 16.94 -7.77
CA ASP A 100 -0.94 17.28 -7.92
C ASP A 100 -0.72 18.80 -8.13
N LEU A 101 -1.61 19.47 -8.85
CA LEU A 101 -1.43 20.90 -9.18
C LEU A 101 -1.29 21.81 -7.95
N ARG A 102 -2.15 21.65 -6.94
CA ARG A 102 -2.10 22.52 -5.76
C ARG A 102 -0.95 22.19 -4.81
N SER A 103 -0.64 20.91 -4.67
CA SER A 103 0.44 20.49 -3.77
C SER A 103 1.83 20.84 -4.35
N LEU A 104 1.99 20.54 -5.63
CA LEU A 104 3.25 20.77 -6.34
C LEU A 104 3.66 22.26 -6.45
N SER A 105 2.75 23.12 -6.93
CA SER A 105 3.09 24.54 -7.10
C SER A 105 2.61 25.41 -5.92
N LEU A 106 1.63 24.91 -5.14
CA LEU A 106 1.11 25.66 -3.98
C LEU A 106 0.52 27.01 -4.40
N PHE A 107 -0.15 27.69 -3.46
CA PHE A 107 -0.77 29.00 -3.73
C PHE A 107 0.32 30.00 -4.15
N SER A 108 -0.10 31.10 -4.82
CA SER A 108 0.85 32.12 -5.28
C SER A 108 1.94 31.46 -6.14
N TYR A 109 1.74 31.48 -7.46
CA TYR A 109 2.67 30.85 -8.38
C TYR A 109 4.08 31.42 -8.24
N HIS A 110 5.03 30.85 -9.01
CA HIS A 110 6.49 31.17 -8.88
C HIS A 110 7.08 30.29 -7.74
N ARG A 111 6.17 29.74 -6.91
CA ARG A 111 6.43 28.86 -5.80
C ARG A 111 6.90 27.47 -6.25
N LEU A 112 6.55 27.07 -7.48
CA LEU A 112 6.86 25.72 -7.93
C LEU A 112 8.37 25.47 -7.81
N ARG A 113 9.21 26.49 -8.06
CA ARG A 113 10.65 26.34 -7.81
C ARG A 113 10.87 26.31 -6.28
N ASP A 114 10.04 27.09 -5.56
CA ASP A 114 10.08 27.18 -4.11
C ASP A 114 9.78 25.83 -3.46
N LEU A 115 8.93 24.99 -4.10
CA LEU A 115 8.59 23.70 -3.49
C LEU A 115 9.87 22.91 -3.21
N LEU A 116 10.85 22.98 -4.12
CA LEU A 116 12.11 22.27 -3.90
C LEU A 116 12.85 22.85 -2.67
N LEU A 117 12.75 24.18 -2.51
CA LEU A 117 13.42 24.86 -1.40
C LEU A 117 12.79 24.51 -0.05
N ILE A 118 11.46 24.57 0.04
CA ILE A 118 10.77 24.28 1.30
C ILE A 118 11.12 22.88 1.80
N VAL A 119 11.27 21.91 0.88
CA VAL A 119 11.61 20.55 1.30
C VAL A 119 12.91 20.60 2.12
N THR A 120 13.89 21.38 1.65
CA THR A 120 15.15 21.51 2.38
C THR A 120 14.90 22.15 3.75
N ARG A 121 13.94 23.09 3.80
CA ARG A 121 13.61 23.80 5.03
C ARG A 121 13.03 22.87 6.09
N ILE A 122 12.01 22.08 5.74
CA ILE A 122 11.42 21.16 6.70
C ILE A 122 12.49 20.17 7.15
N VAL A 123 13.32 19.67 6.22
CA VAL A 123 14.38 18.73 6.57
C VAL A 123 15.38 19.38 7.54
N GLU A 124 15.78 20.63 7.25
CA GLU A 124 16.71 21.34 8.13
C GLU A 124 16.09 21.50 9.53
N LEU A 125 14.82 21.88 9.54
CA LEU A 125 14.07 22.04 10.79
C LEU A 125 13.93 20.70 11.52
N LEU A 126 13.65 19.65 10.75
CA LEU A 126 13.47 18.30 11.30
C LEU A 126 14.76 17.79 11.93
N GLY A 127 15.91 18.18 11.40
CA GLY A 127 17.19 17.72 11.95
C GLY A 127 17.35 18.14 13.43
N ARG A 128 16.94 19.37 13.74
CA ARG A 128 17.05 19.90 15.11
C ARG A 128 15.98 19.32 16.07
N ARG A 129 14.71 19.38 15.65
CA ARG A 129 13.58 18.89 16.49
C ARG A 129 13.44 17.35 16.42
N GLY A 130 13.83 16.79 15.28
CA GLY A 130 13.75 15.36 14.97
C GLY A 130 14.47 14.45 15.97
N TRP A 131 15.45 14.94 16.72
CA TRP A 131 16.21 14.04 17.61
C TRP A 131 15.34 13.29 18.58
N GLU A 132 14.07 13.72 18.74
CA GLU A 132 13.15 12.94 19.57
C GLU A 132 13.15 11.45 19.05
N ALA A 133 13.78 11.21 17.87
CA ALA A 133 13.95 9.88 17.33
C ALA A 133 14.65 9.02 18.37
N LEU A 134 15.80 9.49 18.87
CA LEU A 134 16.49 8.71 19.91
C LEU A 134 15.53 8.55 21.08
N LYS A 135 14.75 9.60 21.38
CA LYS A 135 13.75 9.51 22.45
C LYS A 135 12.76 8.36 22.15
N TYR A 136 12.41 8.16 20.87
CA TYR A 136 11.39 7.16 20.55
C TYR A 136 11.77 5.77 21.08
N TRP A 137 12.94 5.25 20.76
CA TRP A 137 13.36 3.95 21.31
C TRP A 137 13.83 3.88 22.77
N TRP A 138 14.72 4.79 23.23
CA TRP A 138 15.20 4.70 24.62
C TRP A 138 14.09 4.98 25.64
N ASN A 139 13.21 5.94 25.35
CA ASN A 139 12.11 6.24 26.27
C ASN A 139 11.12 5.07 26.30
N LEU A 140 10.76 4.57 25.11
CA LEU A 140 9.83 3.44 25.01
C LEU A 140 10.42 2.24 25.75
N LEU A 141 11.67 1.90 25.46
CA LEU A 141 12.32 0.77 26.12
C LEU A 141 12.32 0.99 27.64
N GLN A 142 12.39 2.25 28.08
CA GLN A 142 12.40 2.55 29.51
C GLN A 142 11.15 2.01 30.20
N TYR A 143 9.96 2.11 29.55
CA TYR A 143 8.76 1.60 30.16
C TYR A 143 8.84 0.05 30.23
N TRP A 144 9.50 -0.54 29.21
CA TRP A 144 9.66 -1.98 29.14
C TRP A 144 10.54 -2.42 30.30
N SER A 145 11.49 -1.56 30.68
CA SER A 145 12.36 -1.82 31.82
C SER A 145 11.47 -2.01 33.06
N GLN A 146 10.38 -1.21 33.13
CA GLN A 146 9.44 -1.29 34.24
C GLN A 146 8.79 -2.68 34.34
N GLU A 147 8.28 -3.25 33.23
CA GLU A 147 7.66 -4.59 33.31
C GLU A 147 8.69 -5.64 33.77
N LEU A 148 9.96 -5.43 33.42
CA LEU A 148 11.02 -6.38 33.81
C LEU A 148 11.16 -6.43 35.33
N LYS A 149 11.15 -5.26 35.97
CA LYS A 149 11.28 -5.17 37.43
C LYS A 149 10.12 -5.88 38.14
N ASN A 150 8.90 -5.66 37.65
CA ASN A 150 7.70 -6.25 38.27
C ASN A 150 7.68 -7.79 38.17
N SER A 151 8.13 -8.33 37.05
CA SER A 151 8.14 -9.79 36.86
C SER A 151 9.10 -10.50 37.81
N ALA A 152 10.32 -9.97 37.91
CA ALA A 152 11.36 -10.58 38.78
C ALA A 152 10.97 -10.50 40.26
N VAL A 153 10.53 -9.33 40.72
CA VAL A 153 10.16 -9.14 42.12
C VAL A 153 8.99 -10.04 42.53
N SER A 154 7.96 -10.09 41.68
CA SER A 154 6.77 -10.88 41.97
C SER A 154 7.11 -12.35 42.23
N LEU A 155 7.79 -13.00 41.29
CA LEU A 155 8.13 -14.42 41.43
C LEU A 155 9.17 -14.69 42.53
N LEU A 156 10.29 -13.98 42.50
CA LEU A 156 11.38 -14.20 43.48
C LEU A 156 10.99 -13.84 44.93
N ASN A 157 10.32 -12.68 45.12
CA ASN A 157 9.96 -12.23 46.48
C ASN A 157 8.83 -13.09 47.06
N ALA A 158 7.85 -13.36 46.23
CA ALA A 158 6.69 -14.15 46.65
C ALA A 158 7.08 -15.58 47.07
N THR A 159 7.96 -16.20 46.29
CA THR A 159 8.41 -17.56 46.60
C THR A 159 9.28 -17.57 47.87
N ALA A 160 10.02 -16.49 48.07
CA ALA A 160 10.92 -16.34 49.22
C ALA A 160 10.15 -16.41 50.55
N ILE A 161 8.90 -15.93 50.55
CA ILE A 161 8.06 -15.94 51.77
C ILE A 161 7.90 -17.37 52.33
N ALA A 162 7.96 -18.39 51.45
CA ALA A 162 7.80 -19.80 51.85
C ALA A 162 8.44 -20.10 53.22
N VAL A 163 9.60 -19.49 53.50
CA VAL A 163 10.29 -19.70 54.78
C VAL A 163 9.82 -18.64 55.81
N GLY A 164 10.66 -18.28 56.80
CA GLY A 164 10.28 -17.28 57.81
C GLY A 164 11.50 -16.77 58.57
N GLU A 165 11.96 -15.56 58.22
CA GLU A 165 13.12 -14.96 58.89
C GLU A 165 13.35 -13.50 58.42
N GLY A 166 12.87 -13.15 57.23
CA GLY A 166 13.03 -11.80 56.69
C GLY A 166 13.48 -11.82 55.22
N THR A 167 13.09 -12.88 54.50
CA THR A 167 13.44 -13.02 53.09
C THR A 167 12.70 -11.97 52.24
N ASP A 168 11.46 -11.68 52.61
CA ASP A 168 10.64 -10.72 51.87
C ASP A 168 11.31 -9.33 51.85
N ARG A 169 11.76 -8.87 53.02
CA ARG A 169 12.38 -7.55 53.14
C ARG A 169 13.73 -7.44 52.39
N VAL A 170 14.59 -8.45 52.54
CA VAL A 170 15.91 -8.40 51.91
C VAL A 170 15.88 -8.38 50.37
N ILE A 171 15.13 -9.29 49.72
CA ILE A 171 15.12 -9.31 48.24
C ILE A 171 14.40 -8.10 47.64
N GLU A 172 13.31 -7.62 48.26
CA GLU A 172 12.56 -6.47 47.72
C GLU A 172 13.31 -5.14 47.88
N VAL A 173 14.00 -4.94 49.01
CA VAL A 173 14.71 -3.69 49.25
C VAL A 173 15.95 -3.56 48.34
N VAL A 174 16.73 -4.63 48.21
CA VAL A 174 17.95 -4.60 47.39
C VAL A 174 17.64 -4.45 45.88
N GLN A 175 16.64 -5.19 45.39
CA GLN A 175 16.28 -5.13 43.97
C GLN A 175 15.76 -3.75 43.57
N GLY A 176 14.87 -3.19 44.37
CA GLY A 176 14.28 -1.89 44.09
C GLY A 176 15.32 -0.77 44.17
N ALA A 177 16.31 -0.94 45.04
CA ALA A 177 17.35 0.07 45.22
C ALA A 177 18.26 0.22 44.00
N SER A 178 18.72 -0.91 43.43
CA SER A 178 19.64 -0.86 42.27
C SER A 178 18.96 -0.42 40.96
N ARG A 179 17.80 -1.01 40.65
CA ARG A 179 17.08 -0.68 39.41
C ARG A 179 16.58 0.76 39.42
N ALA A 180 15.92 1.12 40.52
CA ALA A 180 15.36 2.46 40.67
C ALA A 180 16.42 3.55 40.55
N ILE A 181 17.62 3.37 41.16
CA ILE A 181 18.66 4.39 41.09
C ILE A 181 19.28 4.46 39.67
N ARG A 182 19.18 3.36 38.91
CA ARG A 182 19.74 3.32 37.56
C ARG A 182 19.05 4.35 36.64
N HIS A 183 17.81 4.74 36.98
CA HIS A 183 17.07 5.73 36.20
C HIS A 183 17.45 7.14 36.67
N ILE A 184 18.65 7.59 36.29
CA ILE A 184 19.15 8.90 36.67
C ILE A 184 18.60 9.97 35.68
N PRO A 185 18.04 11.09 36.16
CA PRO A 185 17.51 12.15 35.24
C PRO A 185 18.55 12.54 34.20
N ARG A 186 18.44 11.97 33.00
CA ARG A 186 19.39 12.26 31.92
C ARG A 186 18.65 12.37 30.58
N ARG A 187 18.25 13.60 30.24
CA ARG A 187 17.55 13.86 28.98
C ARG A 187 18.57 14.27 27.91
N ILE A 188 19.03 13.29 27.12
CA ILE A 188 20.02 13.56 26.07
C ILE A 188 19.42 14.51 25.02
N ARG A 189 18.14 14.29 24.71
CA ARG A 189 17.42 15.08 23.72
C ARG A 189 17.42 16.57 24.10
N GLN A 190 17.08 16.88 25.35
CA GLN A 190 17.03 18.27 25.82
C GLN A 190 18.42 18.91 25.75
N GLY A 191 19.41 18.21 26.32
CA GLY A 191 20.78 18.70 26.32
C GLY A 191 21.33 18.85 24.90
N LEU A 192 20.92 17.95 24.00
CA LEU A 192 21.39 17.97 22.61
C LEU A 192 20.98 19.28 21.91
N GLU A 193 19.73 19.71 22.09
CA GLU A 193 19.25 20.94 21.45
C GLU A 193 20.01 22.15 21.99
N ARG A 194 20.27 22.16 23.31
CA ARG A 194 20.96 23.27 23.95
C ARG A 194 22.45 23.33 23.57
N ILE A 195 23.10 22.16 23.45
CA ILE A 195 24.53 22.12 23.12
C ILE A 195 24.79 22.26 21.61
N LEU A 196 23.75 22.09 20.78
CA LEU A 196 23.90 22.19 19.32
C LEU A 196 23.68 23.65 18.84
N LEU A 197 23.68 24.61 19.77
CA LEU A 197 23.48 26.02 19.43
C LEU A 197 24.51 26.89 20.16
N LEU B 1 29.13 -20.54 -27.70
CA LEU B 1 28.90 -21.73 -26.83
C LEU B 1 28.89 -21.23 -25.37
N LEU B 2 30.08 -20.88 -24.83
CA LEU B 2 30.20 -20.37 -23.45
C LEU B 2 31.69 -20.30 -23.04
N GLU B 3 32.30 -21.47 -22.78
CA GLU B 3 33.71 -21.53 -22.34
C GLU B 3 34.62 -20.68 -23.22
N LEU B 4 35.08 -19.57 -22.61
CA LEU B 4 35.95 -18.56 -23.22
C LEU B 4 35.50 -18.07 -24.59
N ASP B 5 34.37 -18.55 -25.12
CA ASP B 5 33.90 -18.05 -26.41
C ASP B 5 32.95 -16.89 -26.16
N LYS B 6 32.13 -17.04 -25.12
CA LYS B 6 31.22 -15.99 -24.70
C LYS B 6 31.97 -14.99 -23.80
N TRP B 7 32.68 -15.57 -22.83
CA TRP B 7 33.42 -14.79 -21.82
C TRP B 7 34.65 -14.05 -22.39
N ALA B 8 35.42 -14.68 -23.30
CA ALA B 8 36.62 -14.02 -23.85
C ALA B 8 36.24 -13.03 -24.95
N SER B 9 35.22 -13.36 -25.74
CA SER B 9 34.76 -12.46 -26.81
C SER B 9 34.11 -11.21 -26.19
N LEU B 10 33.61 -11.36 -24.96
CA LEU B 10 32.96 -10.27 -24.23
C LEU B 10 33.90 -9.08 -23.99
N TRP B 11 35.21 -9.36 -23.87
CA TRP B 11 36.21 -8.30 -23.62
C TRP B 11 36.52 -7.51 -24.90
N ASN B 12 35.79 -7.77 -26.00
CA ASN B 12 36.04 -7.09 -27.27
C ASN B 12 35.44 -5.67 -27.33
N TRP B 13 34.19 -5.51 -26.86
CA TRP B 13 33.53 -4.18 -26.89
C TRP B 13 33.37 -3.58 -25.49
N PHE B 14 33.25 -4.43 -24.47
CA PHE B 14 33.13 -3.97 -23.08
C PHE B 14 31.93 -3.02 -22.90
N ASP B 15 30.89 -3.52 -22.21
CA ASP B 15 29.68 -2.72 -21.93
C ASP B 15 28.69 -3.60 -21.12
N ILE B 16 28.17 -4.63 -21.77
CA ILE B 16 27.26 -5.59 -21.14
C ILE B 16 27.92 -6.26 -19.94
N THR B 17 29.23 -6.51 -20.03
CA THR B 17 29.98 -7.25 -19.00
C THR B 17 29.73 -6.70 -17.60
N ASN B 18 29.54 -5.38 -17.44
CA ASN B 18 29.26 -4.84 -16.11
C ASN B 18 27.95 -5.44 -15.58
N TRP B 19 26.91 -5.37 -16.41
CA TRP B 19 25.60 -5.94 -16.08
C TRP B 19 25.74 -7.48 -15.99
N LEU B 20 26.57 -8.05 -16.84
CA LEU B 20 26.77 -9.49 -16.90
C LEU B 20 27.43 -10.06 -15.64
N TRP B 21 28.38 -9.31 -15.03
CA TRP B 21 29.09 -9.80 -13.83
C TRP B 21 28.72 -9.03 -12.55
N TYR B 22 27.50 -8.46 -12.47
CA TYR B 22 27.09 -7.73 -11.26
C TYR B 22 25.60 -7.97 -10.91
N ILE B 23 24.90 -8.84 -11.66
CA ILE B 23 23.50 -9.13 -11.38
C ILE B 23 23.32 -9.86 -10.05
N ARG B 24 24.24 -10.75 -9.70
CA ARG B 24 24.14 -11.51 -8.44
C ARG B 24 23.97 -10.55 -7.27
N ILE B 25 24.72 -9.47 -7.29
CA ILE B 25 24.64 -8.43 -6.26
C ILE B 25 23.41 -7.53 -6.52
N PHE B 26 23.07 -7.34 -7.79
CA PHE B 26 21.97 -6.48 -8.20
C PHE B 26 20.59 -7.05 -7.82
N ILE B 27 20.39 -8.38 -7.87
CA ILE B 27 19.09 -8.96 -7.54
C ILE B 27 18.74 -8.64 -6.09
N ILE B 28 19.71 -8.78 -5.19
CA ILE B 28 19.48 -8.49 -3.77
C ILE B 28 18.92 -7.07 -3.63
N ILE B 29 19.42 -6.14 -4.45
CA ILE B 29 18.95 -4.76 -4.44
C ILE B 29 17.48 -4.72 -4.90
N VAL B 30 17.15 -5.52 -5.94
CA VAL B 30 15.78 -5.58 -6.44
C VAL B 30 14.87 -6.11 -5.32
N GLY B 31 15.32 -7.18 -4.65
CA GLY B 31 14.57 -7.76 -3.54
C GLY B 31 14.37 -6.70 -2.46
N SER B 32 15.42 -5.93 -2.19
CA SER B 32 15.36 -4.86 -1.21
C SER B 32 14.29 -3.84 -1.65
N LEU B 33 14.23 -3.61 -2.97
CA LEU B 33 13.29 -2.66 -3.55
C LEU B 33 11.84 -3.06 -3.24
N ILE B 34 11.52 -4.35 -3.37
CA ILE B 34 10.14 -4.81 -3.09
C ILE B 34 9.81 -4.60 -1.61
N GLY B 35 10.76 -4.91 -0.73
CA GLY B 35 10.57 -4.70 0.72
C GLY B 35 10.32 -3.22 1.01
N LEU B 36 10.97 -2.35 0.21
CA LEU B 36 10.81 -0.90 0.34
C LEU B 36 9.32 -0.54 0.25
N ARG B 37 8.62 -1.26 -0.60
CA ARG B 37 7.18 -1.08 -0.83
C ARG B 37 6.38 -1.21 0.47
N ILE B 38 6.87 -1.98 1.44
CA ILE B 38 6.12 -2.16 2.68
C ILE B 38 5.92 -0.77 3.34
N VAL B 39 6.94 0.09 3.28
CA VAL B 39 6.83 1.46 3.81
C VAL B 39 5.82 2.25 2.95
N PHE B 40 5.74 1.92 1.66
CA PHE B 40 4.82 2.59 0.73
C PHE B 40 3.38 2.49 1.26
N ALA B 41 3.08 1.43 2.03
CA ALA B 41 1.72 1.24 2.56
C ALA B 41 1.34 2.48 3.38
N VAL B 42 2.29 3.08 4.12
CA VAL B 42 1.98 4.31 4.86
C VAL B 42 1.66 5.44 3.85
N LEU B 43 2.36 5.42 2.70
CA LEU B 43 2.16 6.42 1.64
C LEU B 43 0.68 6.52 1.25
N SER B 44 -0.05 5.39 1.23
CA SER B 44 -1.48 5.42 0.87
C SER B 44 -2.23 6.27 1.87
N LEU B 45 -1.87 6.13 3.14
CA LEU B 45 -2.47 6.92 4.22
C LEU B 45 -2.19 8.39 3.95
N VAL B 46 -0.99 8.68 3.49
CA VAL B 46 -0.59 10.04 3.13
C VAL B 46 -1.37 10.46 1.86
N ASN B 47 -1.58 9.49 0.97
CA ASN B 47 -2.26 9.70 -0.30
C ASN B 47 -3.70 10.18 -0.10
N ARG B 48 -4.42 9.67 0.92
CA ARG B 48 -5.81 10.15 1.11
C ARG B 48 -5.82 11.61 1.51
N VAL B 49 -4.78 12.03 2.23
CA VAL B 49 -4.65 13.41 2.65
C VAL B 49 -4.38 14.29 1.44
N ARG B 50 -3.48 13.83 0.60
CA ARG B 50 -3.10 14.57 -0.61
C ARG B 50 -4.19 14.52 -1.72
N GLN B 51 -4.75 13.32 -1.89
CA GLN B 51 -5.75 13.04 -2.95
C GLN B 51 -7.21 12.98 -2.45
N GLY B 52 -7.42 13.33 -1.19
CA GLY B 52 -8.76 13.27 -0.57
C GLY B 52 -9.07 11.81 -0.12
N TYR B 53 -10.02 11.63 0.83
CA TYR B 53 -10.35 10.29 1.34
C TYR B 53 -11.31 9.49 0.45
N SER B 54 -12.23 10.18 -0.25
CA SER B 54 -13.19 9.47 -1.12
C SER B 54 -12.37 8.76 -2.21
N PRO B 55 -12.89 7.71 -2.88
CA PRO B 55 -12.13 6.94 -3.93
C PRO B 55 -10.97 7.74 -4.57
N LEU B 56 -11.08 8.20 -5.82
CA LEU B 56 -10.00 9.01 -6.41
C LEU B 56 -10.49 10.48 -6.60
N SER B 57 -11.81 10.69 -6.68
CA SER B 57 -12.35 12.03 -6.89
C SER B 57 -12.94 12.59 -5.58
N GLU B 80 -5.01 19.97 -0.76
CA GLU B 80 -4.03 20.91 -1.35
C GLU B 80 -2.92 21.35 -0.39
N ARG B 81 -3.24 22.25 0.50
CA ARG B 81 -2.28 22.80 1.48
C ARG B 81 -1.65 21.70 2.35
N ASP B 82 -2.36 20.58 2.51
CA ASP B 82 -1.89 19.48 3.34
C ASP B 82 -0.51 18.94 2.96
N ARG B 83 0.08 19.41 1.85
CA ARG B 83 1.42 18.93 1.45
C ARG B 83 2.42 19.13 2.59
N ASP B 84 2.31 20.27 3.30
CA ASP B 84 3.18 20.52 4.43
C ASP B 84 2.87 19.53 5.56
N ARG B 85 1.59 19.13 5.68
CA ARG B 85 1.19 18.16 6.68
C ARG B 85 1.77 16.79 6.31
N SER B 86 1.70 16.43 5.03
CA SER B 86 2.27 15.16 4.57
C SER B 86 3.76 15.17 4.89
N ILE B 87 4.42 16.30 4.60
CA ILE B 87 5.85 16.45 4.95
C ILE B 87 6.00 16.23 6.46
N ARG B 88 4.98 16.65 7.23
CA ARG B 88 5.04 16.51 8.69
C ARG B 88 5.19 15.02 9.08
N LEU B 89 4.94 14.10 8.13
CA LEU B 89 5.07 12.68 8.40
C LEU B 89 6.49 12.29 8.80
N VAL B 90 7.50 13.00 8.26
CA VAL B 90 8.90 12.68 8.58
C VAL B 90 9.16 12.69 10.11
N ASN B 91 8.71 13.76 10.81
CA ASN B 91 8.86 13.82 12.29
C ASN B 91 8.09 12.66 12.95
N GLY B 92 7.25 11.99 12.19
CA GLY B 92 6.42 10.91 12.67
C GLY B 92 7.24 9.81 13.35
N SER B 93 8.55 9.73 13.10
CA SER B 93 9.38 8.68 13.68
C SER B 93 9.26 8.72 15.21
N LEU B 94 9.19 9.92 15.80
CA LEU B 94 9.01 10.04 17.26
C LEU B 94 7.59 9.55 17.61
N ALA B 95 6.64 9.91 16.74
CA ALA B 95 5.23 9.53 16.85
C ALA B 95 5.04 8.01 16.75
N LEU B 96 5.90 7.34 15.97
CA LEU B 96 5.70 5.91 15.69
C LEU B 96 5.63 5.10 16.98
N ILE B 97 6.34 5.49 18.05
CA ILE B 97 6.21 4.73 19.29
C ILE B 97 4.81 4.95 19.89
N TRP B 98 4.14 6.08 19.57
CA TRP B 98 2.82 6.37 20.15
C TRP B 98 1.69 5.42 19.67
N ASP B 99 1.55 5.12 18.35
CA ASP B 99 0.46 4.19 17.93
C ASP B 99 0.71 2.79 18.49
N ASP B 100 1.97 2.34 18.41
CA ASP B 100 2.37 1.00 18.89
C ASP B 100 2.36 0.88 20.45
N LEU B 101 2.89 1.87 21.15
CA LEU B 101 3.01 1.82 22.63
C LEU B 101 1.65 1.65 23.34
N ARG B 102 0.64 2.43 22.95
CA ARG B 102 -0.67 2.36 23.61
C ARG B 102 -1.43 1.09 23.25
N SER B 103 -1.35 0.65 22.00
CA SER B 103 -2.06 -0.55 21.57
C SER B 103 -1.38 -1.81 22.08
N LEU B 104 -0.05 -1.85 21.98
CA LEU B 104 0.73 -3.01 22.40
C LEU B 104 0.73 -3.23 23.93
N SER B 105 1.10 -2.20 24.71
CA SER B 105 1.18 -2.32 26.17
C SER B 105 -0.03 -1.74 26.91
N LEU B 106 -0.54 -0.58 26.43
CA LEU B 106 -1.66 0.15 27.06
C LEU B 106 -1.11 0.99 28.23
N PHE B 107 -1.92 1.94 28.73
CA PHE B 107 -1.48 2.83 29.82
C PHE B 107 -0.84 2.06 30.99
N SER B 108 -1.36 0.88 31.32
CA SER B 108 -0.81 0.08 32.41
C SER B 108 0.48 -0.60 31.97
N TYR B 109 1.54 -0.51 32.81
CA TYR B 109 2.83 -1.13 32.47
C TYR B 109 3.09 -2.38 33.33
N HIS B 110 2.18 -3.33 33.11
CA HIS B 110 2.16 -4.67 33.76
C HIS B 110 1.26 -5.61 32.91
N ARG B 111 0.30 -4.97 32.24
CA ARG B 111 -0.69 -5.57 31.35
C ARG B 111 -0.06 -6.09 30.03
N LEU B 112 1.07 -5.53 29.59
CA LEU B 112 1.63 -5.86 28.24
C LEU B 112 1.86 -7.36 28.08
N ARG B 113 2.19 -8.08 29.14
CA ARG B 113 2.34 -9.54 29.01
C ARG B 113 0.94 -10.12 28.77
N ASP B 114 -0.06 -9.53 29.46
CA ASP B 114 -1.44 -9.94 29.31
C ASP B 114 -2.01 -9.53 27.94
N LEU B 115 -1.57 -8.36 27.40
CA LEU B 115 -2.10 -7.85 26.14
C LEU B 115 -1.89 -8.85 24.99
N LEU B 116 -0.75 -9.53 24.95
CA LEU B 116 -0.51 -10.51 23.88
C LEU B 116 -1.53 -11.67 23.96
N LEU B 117 -1.88 -12.06 25.19
CA LEU B 117 -2.81 -13.15 25.42
C LEU B 117 -4.24 -12.82 24.97
N ILE B 118 -4.71 -11.59 25.25
CA ILE B 118 -6.07 -11.20 24.89
C ILE B 118 -6.32 -11.29 23.37
N VAL B 119 -5.32 -10.93 22.53
CA VAL B 119 -5.56 -11.03 21.07
C VAL B 119 -5.90 -12.47 20.72
N THR B 120 -5.20 -13.44 21.34
CA THR B 120 -5.49 -14.86 21.12
C THR B 120 -6.90 -15.17 21.63
N ARG B 121 -7.27 -14.54 22.75
CA ARG B 121 -8.57 -14.73 23.39
C ARG B 121 -9.71 -14.37 22.44
N ILE B 122 -9.52 -13.33 21.61
CA ILE B 122 -10.56 -12.89 20.70
C ILE B 122 -10.84 -13.99 19.66
N VAL B 123 -9.79 -14.66 19.18
CA VAL B 123 -9.94 -15.72 18.17
C VAL B 123 -10.73 -16.92 18.73
N GLU B 124 -10.39 -17.38 19.95
CA GLU B 124 -11.08 -18.52 20.53
C GLU B 124 -12.54 -18.14 20.85
N LEU B 125 -12.75 -16.90 21.30
CA LEU B 125 -14.08 -16.42 21.62
C LEU B 125 -14.95 -16.35 20.37
N LEU B 126 -14.42 -15.71 19.33
CA LEU B 126 -15.15 -15.52 18.08
C LEU B 126 -15.21 -16.80 17.22
N GLY B 127 -14.40 -17.82 17.56
CA GLY B 127 -14.42 -19.07 16.79
C GLY B 127 -15.82 -19.70 16.84
N ARG B 128 -16.60 -19.34 17.87
CA ARG B 128 -17.98 -19.81 18.02
C ARG B 128 -18.88 -19.08 17.01
N ARG B 129 -18.63 -17.77 16.87
CA ARG B 129 -19.39 -16.91 15.96
C ARG B 129 -18.86 -17.01 14.50
N GLY B 130 -17.66 -17.57 14.33
CA GLY B 130 -17.03 -17.67 13.01
C GLY B 130 -17.92 -18.37 11.96
N TRP B 131 -18.88 -19.20 12.42
CA TRP B 131 -19.76 -19.91 11.48
C TRP B 131 -20.54 -18.98 10.55
N GLU B 132 -20.57 -17.69 10.85
CA GLU B 132 -21.29 -16.75 9.99
C GLU B 132 -20.81 -16.91 8.50
N ALA B 133 -19.72 -17.68 8.28
CA ALA B 133 -19.23 -17.99 6.95
C ALA B 133 -20.38 -18.62 6.14
N LEU B 134 -21.00 -19.68 6.71
CA LEU B 134 -22.12 -20.33 6.04
C LEU B 134 -23.26 -19.33 5.87
N LYS B 135 -23.46 -18.46 6.85
CA LYS B 135 -24.60 -17.51 6.79
C LYS B 135 -24.57 -16.66 5.51
N TYR B 136 -23.43 -16.06 5.16
CA TYR B 136 -23.39 -15.23 3.95
C TYR B 136 -23.41 -16.05 2.66
N TRP B 137 -22.52 -17.04 2.54
CA TRP B 137 -22.46 -17.87 1.33
C TRP B 137 -23.81 -18.55 1.05
N TRP B 138 -24.54 -18.84 2.11
CA TRP B 138 -25.86 -19.46 2.01
C TRP B 138 -26.83 -18.49 1.33
N ASN B 139 -26.82 -17.24 1.81
CA ASN B 139 -27.63 -16.16 1.24
C ASN B 139 -27.12 -15.79 -0.17
N LEU B 140 -25.81 -15.86 -0.33
CA LEU B 140 -25.10 -15.50 -1.57
C LEU B 140 -25.58 -16.33 -2.77
N LEU B 141 -25.61 -17.64 -2.59
CA LEU B 141 -26.05 -18.56 -3.64
C LEU B 141 -27.53 -18.38 -3.93
N GLN B 142 -28.27 -18.29 -2.87
CA GLN B 142 -29.69 -18.07 -2.94
C GLN B 142 -30.02 -16.72 -3.58
N TYR B 143 -29.15 -15.71 -3.40
CA TYR B 143 -29.50 -14.35 -3.84
C TYR B 143 -29.45 -14.10 -5.37
N TRP B 144 -28.32 -14.35 -6.05
CA TRP B 144 -28.34 -14.14 -7.52
C TRP B 144 -29.20 -15.22 -8.18
N SER B 145 -29.20 -16.43 -7.58
CA SER B 145 -30.01 -17.52 -8.11
C SER B 145 -31.48 -17.07 -8.15
N GLN B 146 -31.91 -16.30 -7.14
CA GLN B 146 -33.28 -15.79 -7.11
C GLN B 146 -33.48 -14.91 -8.35
N GLU B 147 -32.49 -14.05 -8.69
CA GLU B 147 -32.59 -13.22 -9.88
C GLU B 147 -32.68 -14.13 -11.11
N LEU B 148 -32.05 -15.31 -11.03
CA LEU B 148 -32.04 -16.29 -12.11
C LEU B 148 -33.44 -16.89 -12.37
N LYS B 149 -34.16 -17.27 -11.30
CA LYS B 149 -35.49 -17.87 -11.46
C LYS B 149 -36.51 -16.88 -12.05
N ASN B 150 -36.42 -15.61 -11.64
CA ASN B 150 -37.35 -14.60 -12.15
C ASN B 150 -37.17 -14.42 -13.65
N SER B 151 -35.92 -14.38 -14.09
CA SER B 151 -35.60 -14.22 -15.51
C SER B 151 -35.99 -15.46 -16.32
N ALA B 152 -35.65 -16.65 -15.78
CA ALA B 152 -35.93 -17.92 -16.46
C ALA B 152 -37.42 -18.15 -16.68
N VAL B 153 -38.23 -17.93 -15.65
CA VAL B 153 -39.67 -18.13 -15.76
C VAL B 153 -40.29 -17.13 -16.75
N SER B 154 -39.87 -15.87 -16.68
CA SER B 154 -40.41 -14.84 -17.58
C SER B 154 -40.22 -15.26 -19.04
N LEU B 155 -39.03 -15.75 -19.38
CA LEU B 155 -38.72 -16.17 -20.75
C LEU B 155 -39.39 -17.50 -21.12
N LEU B 156 -39.19 -18.54 -20.30
CA LEU B 156 -39.74 -19.87 -20.58
C LEU B 156 -41.29 -19.87 -20.53
N ASN B 157 -41.87 -19.21 -19.52
CA ASN B 157 -43.33 -19.17 -19.40
C ASN B 157 -43.93 -18.41 -20.58
N ALA B 158 -43.30 -17.28 -20.93
CA ALA B 158 -43.82 -16.44 -22.03
C ALA B 158 -43.79 -17.20 -23.36
N THR B 159 -42.69 -17.90 -23.63
CA THR B 159 -42.55 -18.69 -24.86
C THR B 159 -43.43 -19.95 -24.81
N ALA B 160 -43.54 -20.52 -23.61
CA ALA B 160 -44.31 -21.75 -23.39
C ALA B 160 -45.79 -21.63 -23.78
N ILE B 161 -46.37 -20.43 -23.67
CA ILE B 161 -47.79 -20.23 -24.00
C ILE B 161 -48.08 -20.65 -25.46
N ALA B 162 -47.07 -20.55 -26.34
CA ALA B 162 -47.23 -20.89 -27.77
C ALA B 162 -48.06 -22.17 -27.98
N VAL B 163 -48.02 -23.11 -27.01
CA VAL B 163 -48.77 -24.37 -27.13
C VAL B 163 -50.28 -24.15 -26.90
N GLY B 164 -50.63 -23.41 -25.85
CA GLY B 164 -52.03 -23.12 -25.53
C GLY B 164 -52.72 -24.34 -24.90
N GLU B 165 -52.81 -24.35 -23.56
CA GLU B 165 -53.46 -25.45 -22.83
C GLU B 165 -53.34 -25.21 -21.31
N GLY B 166 -52.15 -25.44 -20.75
CA GLY B 166 -51.89 -25.25 -19.31
C GLY B 166 -50.39 -25.37 -19.02
N THR B 167 -49.58 -24.91 -19.97
CA THR B 167 -48.13 -24.95 -19.87
C THR B 167 -47.60 -24.02 -18.78
N ASP B 168 -48.26 -22.87 -18.62
CA ASP B 168 -47.84 -21.86 -17.63
C ASP B 168 -47.83 -22.45 -16.21
N ARG B 169 -48.73 -23.41 -15.95
CA ARG B 169 -48.80 -24.05 -14.65
C ARG B 169 -47.53 -24.87 -14.39
N VAL B 170 -47.10 -25.62 -15.40
CA VAL B 170 -45.91 -26.49 -15.28
C VAL B 170 -44.62 -25.67 -15.09
N ILE B 171 -44.39 -24.67 -15.94
CA ILE B 171 -43.15 -23.86 -15.87
C ILE B 171 -43.00 -23.13 -14.52
N GLU B 172 -44.05 -22.47 -14.05
CA GLU B 172 -44.00 -21.73 -12.80
C GLU B 172 -43.88 -22.67 -11.59
N VAL B 173 -44.44 -23.88 -11.68
CA VAL B 173 -44.37 -24.85 -10.56
C VAL B 173 -42.90 -25.32 -10.36
N VAL B 174 -42.18 -25.63 -11.45
CA VAL B 174 -40.79 -26.08 -11.32
C VAL B 174 -39.96 -25.00 -10.62
N GLN B 175 -40.10 -23.74 -11.07
CA GLN B 175 -39.35 -22.64 -10.45
C GLN B 175 -39.74 -22.51 -8.97
N GLY B 176 -41.04 -22.53 -8.70
CA GLY B 176 -41.55 -22.38 -7.33
C GLY B 176 -41.13 -23.56 -6.44
N ALA B 177 -41.01 -24.75 -7.02
CA ALA B 177 -40.64 -25.94 -6.24
C ALA B 177 -39.22 -25.88 -5.70
N SER B 178 -38.27 -25.48 -6.54
CA SER B 178 -36.85 -25.41 -6.13
C SER B 178 -36.55 -24.26 -5.16
N ARG B 179 -37.06 -23.07 -5.47
CA ARG B 179 -36.79 -21.87 -4.65
C ARG B 179 -37.50 -21.95 -3.32
N ALA B 180 -38.79 -22.22 -3.40
CA ALA B 180 -39.64 -22.30 -2.21
C ALA B 180 -39.15 -23.38 -1.24
N ILE B 181 -38.80 -24.57 -1.76
CA ILE B 181 -38.32 -25.65 -0.91
C ILE B 181 -36.94 -25.31 -0.30
N ARG B 182 -36.12 -24.60 -1.09
CA ARG B 182 -34.78 -24.20 -0.64
C ARG B 182 -34.80 -22.96 0.26
N HIS B 183 -36.02 -22.46 0.59
CA HIS B 183 -36.14 -21.29 1.45
C HIS B 183 -35.71 -21.64 2.87
N ILE B 184 -35.64 -20.63 3.76
CA ILE B 184 -35.23 -20.84 5.15
C ILE B 184 -36.07 -22.00 5.77
N PRO B 185 -35.46 -23.13 6.18
CA PRO B 185 -36.23 -24.27 6.77
C PRO B 185 -36.54 -24.06 8.25
N ARG B 186 -35.50 -24.02 9.10
CA ARG B 186 -35.69 -23.83 10.53
C ARG B 186 -34.42 -23.25 11.18
N ARG B 187 -34.27 -21.93 11.09
CA ARG B 187 -33.12 -21.23 11.67
C ARG B 187 -31.79 -21.93 11.31
N ILE B 188 -31.28 -21.61 10.11
CA ILE B 188 -30.03 -22.20 9.60
C ILE B 188 -28.80 -21.70 10.36
N ARG B 189 -28.71 -20.39 10.54
CA ARG B 189 -27.56 -19.77 11.18
C ARG B 189 -27.42 -20.13 12.68
N GLN B 190 -28.52 -20.01 13.43
CA GLN B 190 -28.48 -20.33 14.88
C GLN B 190 -28.37 -21.82 15.15
N GLY B 191 -29.11 -22.64 14.39
CA GLY B 191 -29.12 -24.10 14.59
C GLY B 191 -27.76 -24.75 14.30
N LEU B 192 -27.12 -24.37 13.19
CA LEU B 192 -25.83 -24.96 12.84
C LEU B 192 -24.70 -24.40 13.71
N GLU B 193 -24.83 -23.14 14.14
CA GLU B 193 -23.80 -22.50 14.96
C GLU B 193 -23.75 -23.13 16.36
N ARG B 194 -24.92 -23.48 16.93
CA ARG B 194 -24.97 -24.07 18.26
C ARG B 194 -24.72 -25.59 18.23
N ILE B 195 -25.25 -26.27 17.22
CA ILE B 195 -25.08 -27.73 17.10
C ILE B 195 -23.62 -28.08 16.71
N LEU B 196 -22.79 -27.07 16.42
CA LEU B 196 -21.38 -27.30 16.06
C LEU B 196 -20.49 -27.39 17.30
N LEU B 197 -20.92 -26.75 18.41
CA LEU B 197 -20.16 -26.76 19.65
C LEU B 197 -21.08 -26.50 20.84
N LEU C 1 37.62 -14.42 -17.84
CA LEU C 1 36.94 -15.65 -18.35
C LEU C 1 36.94 -16.73 -17.26
N LEU C 2 36.20 -17.82 -17.50
CA LEU C 2 36.12 -18.92 -16.54
C LEU C 2 36.48 -20.25 -17.22
N GLU C 3 36.79 -21.27 -16.42
CA GLU C 3 37.16 -22.58 -16.95
C GLU C 3 36.98 -23.69 -15.91
N LEU C 4 37.22 -24.92 -16.35
CA LEU C 4 37.09 -26.13 -15.51
C LEU C 4 37.78 -25.94 -14.15
N ASP C 5 39.02 -25.48 -14.21
CA ASP C 5 39.83 -25.27 -13.01
C ASP C 5 39.27 -24.16 -12.11
N LYS C 6 38.66 -23.15 -12.72
CA LYS C 6 38.10 -22.02 -11.97
C LYS C 6 36.87 -22.46 -11.18
N TRP C 7 36.01 -23.27 -11.81
CA TRP C 7 34.78 -23.73 -11.15
C TRP C 7 35.07 -24.81 -10.12
N ALA C 8 35.89 -25.79 -10.49
CA ALA C 8 36.22 -26.91 -9.59
C ALA C 8 36.86 -26.45 -8.27
N SER C 9 37.51 -25.29 -8.30
CA SER C 9 38.18 -24.77 -7.11
C SER C 9 37.17 -24.37 -6.02
N LEU C 10 35.98 -23.93 -6.43
CA LEU C 10 34.94 -23.47 -5.49
C LEU C 10 34.19 -24.61 -4.78
N TRP C 11 34.15 -25.81 -5.37
CA TRP C 11 33.40 -26.92 -4.75
C TRP C 11 33.94 -27.25 -3.36
N ASN C 12 35.23 -26.97 -3.11
CA ASN C 12 35.81 -27.20 -1.78
C ASN C 12 35.51 -26.01 -0.83
N TRP C 13 34.89 -24.94 -1.37
CA TRP C 13 34.51 -23.76 -0.61
C TRP C 13 33.00 -23.87 -0.26
N PHE C 14 32.58 -25.07 0.15
CA PHE C 14 31.18 -25.36 0.48
C PHE C 14 30.48 -24.18 1.16
N ASP C 15 31.23 -23.41 1.94
CA ASP C 15 30.66 -22.25 2.63
C ASP C 15 30.13 -21.22 1.63
N ILE C 16 31.01 -20.70 0.76
CA ILE C 16 30.60 -19.70 -0.25
C ILE C 16 29.67 -20.34 -1.31
N THR C 17 30.03 -21.54 -1.77
CA THR C 17 29.25 -22.25 -2.77
C THR C 17 27.80 -22.42 -2.30
N ASN C 18 27.61 -22.59 -0.99
CA ASN C 18 26.27 -22.77 -0.43
C ASN C 18 25.39 -21.53 -0.69
N TRP C 19 25.90 -20.34 -0.39
CA TRP C 19 25.11 -19.11 -0.59
C TRP C 19 24.85 -18.88 -2.11
N LEU C 20 25.88 -19.03 -2.93
CA LEU C 20 25.78 -18.82 -4.38
C LEU C 20 24.89 -19.88 -5.07
N TRP C 21 25.13 -21.15 -4.77
CA TRP C 21 24.41 -22.25 -5.42
C TRP C 21 22.97 -22.41 -4.92
N TYR C 22 22.57 -21.64 -3.88
CA TYR C 22 21.19 -21.70 -3.37
C TYR C 22 20.49 -20.34 -3.59
N ILE C 23 21.27 -19.35 -4.00
CA ILE C 23 20.77 -18.02 -4.31
C ILE C 23 19.89 -18.09 -5.59
N ARG C 24 20.28 -18.97 -6.53
CA ARG C 24 19.54 -19.15 -7.78
C ARG C 24 18.06 -19.46 -7.51
N ILE C 25 17.81 -20.39 -6.58
CA ILE C 25 16.45 -20.77 -6.21
C ILE C 25 15.77 -19.63 -5.46
N PHE C 26 16.50 -19.01 -4.54
CA PHE C 26 15.97 -17.94 -3.70
C PHE C 26 15.46 -16.76 -4.52
N ILE C 27 16.18 -16.40 -5.57
CA ILE C 27 15.80 -15.28 -6.42
C ILE C 27 14.41 -15.55 -7.06
N ILE C 28 14.19 -16.78 -7.53
CA ILE C 28 12.90 -17.14 -8.14
C ILE C 28 11.76 -16.81 -7.16
N ILE C 29 11.97 -17.10 -5.87
CA ILE C 29 10.98 -16.81 -4.84
C ILE C 29 10.67 -15.30 -4.83
N VAL C 30 11.70 -14.47 -5.05
CA VAL C 30 11.53 -13.01 -5.02
C VAL C 30 10.40 -12.59 -5.97
N GLY C 31 10.37 -13.18 -7.18
CA GLY C 31 9.31 -12.87 -8.15
C GLY C 31 7.94 -13.13 -7.51
N SER C 32 7.83 -14.26 -6.84
CA SER C 32 6.61 -14.66 -6.12
C SER C 32 6.32 -13.65 -5.01
N LEU C 33 7.39 -13.18 -4.38
CA LEU C 33 7.31 -12.25 -3.26
C LEU C 33 6.59 -10.96 -3.61
N ILE C 34 6.72 -10.48 -4.86
CA ILE C 34 6.06 -9.22 -5.26
C ILE C 34 4.52 -9.39 -5.25
N GLY C 35 4.03 -10.54 -5.73
CA GLY C 35 2.57 -10.79 -5.75
C GLY C 35 2.00 -10.78 -4.32
N LEU C 36 2.85 -11.15 -3.37
CA LEU C 36 2.51 -11.18 -1.95
C LEU C 36 2.07 -9.79 -1.44
N ARG C 37 2.70 -8.76 -1.98
CA ARG C 37 2.47 -7.36 -1.59
C ARG C 37 1.00 -6.93 -1.68
N ILE C 38 0.19 -7.52 -2.57
CA ILE C 38 -1.20 -7.05 -2.73
C ILE C 38 -2.00 -7.12 -1.38
N VAL C 39 -1.76 -8.13 -0.53
CA VAL C 39 -2.48 -8.20 0.77
C VAL C 39 -2.29 -6.92 1.56
N PHE C 40 -1.15 -6.29 1.35
CA PHE C 40 -0.77 -5.09 2.03
C PHE C 40 -1.84 -4.01 1.82
N ALA C 41 -2.53 -4.04 0.68
CA ALA C 41 -3.59 -3.07 0.38
C ALA C 41 -4.70 -3.16 1.46
N VAL C 42 -5.16 -4.39 1.83
CA VAL C 42 -6.19 -4.51 2.88
C VAL C 42 -5.56 -4.14 4.24
N LEU C 43 -4.29 -4.50 4.42
CA LEU C 43 -3.50 -4.17 5.60
C LEU C 43 -3.47 -2.64 5.76
N SER C 44 -3.43 -1.90 4.64
CA SER C 44 -3.37 -0.44 4.71
C SER C 44 -4.62 0.10 5.42
N LEU C 45 -5.75 -0.60 5.28
CA LEU C 45 -6.98 -0.21 5.96
C LEU C 45 -6.73 -0.30 7.48
N VAL C 46 -6.03 -1.35 7.87
CA VAL C 46 -5.65 -1.57 9.27
C VAL C 46 -4.70 -0.45 9.71
N ASN C 47 -3.79 -0.09 8.79
CA ASN C 47 -2.80 0.96 9.04
C ASN C 47 -3.46 2.31 9.35
N ARG C 48 -4.49 2.68 8.58
CA ARG C 48 -5.17 3.96 8.79
C ARG C 48 -5.82 4.00 10.17
N VAL C 49 -6.32 2.85 10.60
CA VAL C 49 -6.99 2.74 11.89
C VAL C 49 -5.95 2.88 13.00
N ARG C 50 -4.86 2.16 12.85
CA ARG C 50 -3.76 2.22 13.85
C ARG C 50 -2.90 3.51 13.76
N GLN C 51 -2.94 4.22 12.62
CA GLN C 51 -2.12 5.39 12.40
C GLN C 51 -2.83 6.73 12.68
N GLY C 52 -4.02 6.67 13.25
CA GLY C 52 -4.79 7.90 13.55
C GLY C 52 -5.56 8.40 12.32
N TYR C 53 -5.03 9.44 11.64
CA TYR C 53 -5.67 10.00 10.43
C TYR C 53 -4.61 10.50 9.44
N SER C 54 -3.88 11.56 9.81
CA SER C 54 -2.80 12.10 8.97
C SER C 54 -1.70 11.05 8.88
N PRO C 55 -0.80 11.08 7.88
CA PRO C 55 0.31 10.09 7.68
C PRO C 55 0.58 9.16 8.91
N LEU C 56 1.81 9.13 9.47
CA LEU C 56 2.07 8.31 10.66
C LEU C 56 2.31 9.21 11.90
N SER C 57 2.56 10.51 11.66
CA SER C 57 2.80 11.46 12.76
C SER C 57 1.46 11.87 13.40
N GLU C 80 -4.58 2.87 19.65
CA GLU C 80 -4.66 2.18 20.94
C GLU C 80 -5.46 0.87 20.80
N ARG C 81 -6.77 1.00 20.87
CA ARG C 81 -7.72 -0.13 20.74
C ARG C 81 -7.62 -0.81 19.36
N ASP C 82 -7.17 -0.06 18.36
CA ASP C 82 -7.14 -0.52 16.97
C ASP C 82 -6.44 -1.87 16.74
N ARG C 83 -5.68 -2.41 17.71
CA ARG C 83 -5.05 -3.72 17.50
C ARG C 83 -6.10 -4.82 17.69
N ASP C 84 -6.90 -4.70 18.76
CA ASP C 84 -7.97 -5.67 19.00
C ASP C 84 -8.91 -5.64 17.78
N ARG C 85 -9.07 -4.44 17.22
CA ARG C 85 -9.88 -4.24 16.03
C ARG C 85 -9.15 -4.83 14.82
N SER C 86 -7.85 -4.60 14.75
CA SER C 86 -7.07 -5.16 13.65
C SER C 86 -7.16 -6.70 13.73
N ILE C 87 -7.38 -7.23 14.96
CA ILE C 87 -7.59 -8.67 15.15
C ILE C 87 -8.97 -9.04 14.54
N ARG C 88 -9.93 -8.08 14.52
CA ARG C 88 -11.25 -8.39 13.95
C ARG C 88 -11.10 -8.81 12.48
N LEU C 89 -9.93 -8.53 11.88
CA LEU C 89 -9.68 -8.96 10.48
C LEU C 89 -9.89 -10.47 10.35
N VAL C 90 -9.56 -11.25 11.41
CA VAL C 90 -9.75 -12.71 11.39
C VAL C 90 -11.22 -13.01 11.06
N ASN C 91 -12.10 -12.31 11.76
CA ASN C 91 -13.55 -12.42 11.55
C ASN C 91 -13.93 -11.91 10.15
N GLY C 92 -12.99 -11.24 9.47
CA GLY C 92 -13.27 -10.65 8.18
C GLY C 92 -13.83 -11.67 7.18
N SER C 93 -13.62 -12.98 7.41
CA SER C 93 -14.15 -13.99 6.50
C SER C 93 -15.69 -13.89 6.37
N LEU C 94 -16.37 -13.75 7.52
CA LEU C 94 -17.84 -13.65 7.52
C LEU C 94 -18.30 -12.30 6.94
N ALA C 95 -17.55 -11.26 7.27
CA ALA C 95 -17.80 -9.90 6.80
C ALA C 95 -17.52 -9.75 5.31
N LEU C 96 -16.53 -10.51 4.81
CA LEU C 96 -16.05 -10.35 3.44
C LEU C 96 -17.15 -10.52 2.40
N ILE C 97 -18.26 -11.21 2.69
CA ILE C 97 -19.31 -11.27 1.69
C ILE C 97 -20.09 -9.94 1.65
N TRP C 98 -20.10 -9.19 2.76
CA TRP C 98 -20.83 -7.92 2.82
C TRP C 98 -20.18 -6.82 1.93
N ASP C 99 -18.84 -6.64 2.02
CA ASP C 99 -18.17 -5.64 1.18
C ASP C 99 -18.19 -6.07 -0.29
N ASP C 100 -17.88 -7.34 -0.53
CA ASP C 100 -17.82 -7.92 -1.89
C ASP C 100 -19.15 -7.85 -2.66
N LEU C 101 -20.27 -7.99 -1.95
CA LEU C 101 -21.59 -8.04 -2.60
C LEU C 101 -21.92 -6.80 -3.46
N ARG C 102 -21.42 -5.61 -3.10
CA ARG C 102 -21.74 -4.40 -3.89
C ARG C 102 -21.08 -4.41 -5.27
N SER C 103 -20.05 -5.24 -5.49
CA SER C 103 -19.35 -5.27 -6.76
C SER C 103 -20.13 -6.03 -7.84
N LEU C 104 -20.66 -7.20 -7.47
CA LEU C 104 -21.42 -8.05 -8.40
C LEU C 104 -22.80 -7.48 -8.77
N SER C 105 -23.59 -7.23 -7.72
CA SER C 105 -24.96 -6.78 -7.84
C SER C 105 -25.13 -5.27 -7.62
N LEU C 106 -24.46 -4.76 -6.56
CA LEU C 106 -24.54 -3.35 -6.14
C LEU C 106 -25.74 -3.19 -5.15
N PHE C 107 -26.82 -2.46 -5.51
CA PHE C 107 -27.96 -2.30 -4.61
C PHE C 107 -29.28 -2.22 -5.41
N SER C 108 -29.89 -3.40 -5.67
CA SER C 108 -31.16 -3.47 -6.42
C SER C 108 -31.48 -4.93 -6.78
N TYR C 109 -30.45 -5.67 -7.21
CA TYR C 109 -30.61 -7.06 -7.65
C TYR C 109 -31.54 -7.10 -8.86
N HIS C 110 -31.31 -8.10 -9.72
CA HIS C 110 -31.95 -8.25 -11.07
C HIS C 110 -30.94 -7.57 -12.04
N ARG C 111 -30.42 -6.45 -11.55
CA ARG C 111 -29.40 -5.65 -12.17
C ARG C 111 -28.05 -6.40 -12.23
N LEU C 112 -27.80 -7.37 -11.33
CA LEU C 112 -26.48 -8.00 -11.23
C LEU C 112 -26.01 -8.63 -12.56
N ARG C 113 -26.92 -9.13 -13.42
CA ARG C 113 -26.47 -9.62 -14.74
C ARG C 113 -26.05 -8.39 -15.56
N ASP C 114 -26.89 -7.36 -15.46
CA ASP C 114 -26.68 -6.08 -16.11
C ASP C 114 -25.39 -5.43 -15.61
N LEU C 115 -25.03 -5.66 -14.33
CA LEU C 115 -23.88 -5.04 -13.72
C LEU C 115 -22.62 -5.32 -14.51
N LEU C 116 -22.49 -6.53 -15.05
CA LEU C 116 -21.31 -6.82 -15.87
C LEU C 116 -21.27 -5.83 -17.05
N LEU C 117 -22.45 -5.52 -17.60
CA LEU C 117 -22.58 -4.56 -18.69
C LEU C 117 -22.42 -3.12 -18.18
N ILE C 118 -22.89 -2.83 -16.95
CA ILE C 118 -22.78 -1.47 -16.40
C ILE C 118 -21.31 -1.04 -16.41
N VAL C 119 -20.38 -1.96 -16.13
CA VAL C 119 -18.97 -1.57 -16.07
C VAL C 119 -18.53 -0.90 -17.38
N THR C 120 -18.87 -1.50 -18.53
CA THR C 120 -18.53 -0.92 -19.82
C THR C 120 -19.26 0.41 -20.05
N ARG C 121 -20.56 0.39 -19.76
CA ARG C 121 -21.45 1.53 -19.96
C ARG C 121 -21.13 2.73 -19.04
N ILE C 122 -20.73 2.47 -17.80
CA ILE C 122 -20.46 3.56 -16.89
C ILE C 122 -19.18 4.33 -17.28
N VAL C 123 -18.13 3.59 -17.72
CA VAL C 123 -16.87 4.24 -18.11
C VAL C 123 -17.01 5.08 -19.39
N GLU C 124 -17.80 4.59 -20.36
CA GLU C 124 -17.97 5.34 -21.63
C GLU C 124 -18.55 6.72 -21.34
N LEU C 125 -19.49 6.79 -20.40
CA LEU C 125 -20.08 8.08 -20.03
C LEU C 125 -19.01 8.98 -19.41
N LEU C 126 -18.18 8.39 -18.56
CA LEU C 126 -17.11 9.09 -17.86
C LEU C 126 -15.93 9.46 -18.78
N GLY C 127 -15.76 8.73 -19.88
CA GLY C 127 -14.65 8.98 -20.81
C GLY C 127 -14.68 10.39 -21.42
N ARG C 128 -15.84 11.06 -21.37
CA ARG C 128 -15.99 12.40 -21.92
C ARG C 128 -15.18 13.43 -21.09
N ARG C 129 -15.23 13.28 -19.76
CA ARG C 129 -14.52 14.19 -18.84
C ARG C 129 -13.03 13.84 -18.69
N GLY C 130 -12.63 12.63 -19.10
CA GLY C 130 -11.25 12.18 -18.93
C GLY C 130 -10.21 13.09 -19.62
N TRP C 131 -10.62 13.83 -20.65
CA TRP C 131 -9.68 14.72 -21.37
C TRP C 131 -9.01 15.78 -20.49
N GLU C 132 -9.53 15.97 -19.29
CA GLU C 132 -8.98 16.98 -18.38
C GLU C 132 -7.43 16.79 -18.26
N ALA C 133 -6.92 15.62 -18.68
CA ALA C 133 -5.50 15.34 -18.67
C ALA C 133 -4.73 16.40 -19.45
N LEU C 134 -5.14 16.63 -20.71
CA LEU C 134 -4.47 17.61 -21.55
C LEU C 134 -4.75 19.04 -21.12
N LYS C 135 -5.99 19.32 -20.68
CA LYS C 135 -6.35 20.71 -20.31
C LYS C 135 -5.45 21.29 -19.21
N TYR C 136 -5.27 20.55 -18.13
CA TYR C 136 -4.48 21.06 -17.01
C TYR C 136 -2.99 21.03 -17.33
N TRP C 137 -2.54 20.06 -18.13
CA TRP C 137 -1.12 19.95 -18.48
C TRP C 137 -0.63 21.15 -19.31
N TRP C 138 -1.38 21.56 -20.35
CA TRP C 138 -0.97 22.71 -21.16
C TRP C 138 -1.03 23.98 -20.28
N ASN C 139 -2.08 24.07 -19.45
CA ASN C 139 -2.25 25.19 -18.53
C ASN C 139 -1.12 25.19 -17.49
N LEU C 140 -0.69 23.98 -17.09
CA LEU C 140 0.37 23.82 -16.10
C LEU C 140 1.64 24.49 -16.61
N LEU C 141 2.01 24.17 -17.84
CA LEU C 141 3.19 24.77 -18.47
C LEU C 141 3.05 26.28 -18.56
N GLN C 142 1.81 26.76 -18.74
CA GLN C 142 1.55 28.19 -18.87
C GLN C 142 1.98 29.00 -17.63
N TYR C 143 1.62 28.56 -16.40
CA TYR C 143 1.98 29.31 -15.22
C TYR C 143 3.48 29.12 -14.91
N TRP C 144 4.01 27.92 -15.20
CA TRP C 144 5.41 27.60 -14.91
C TRP C 144 6.27 28.55 -15.75
N SER C 145 5.83 28.76 -17.01
CA SER C 145 6.51 29.68 -17.91
C SER C 145 6.53 31.07 -17.27
N GLN C 146 5.43 31.41 -16.57
CA GLN C 146 5.34 32.70 -15.90
C GLN C 146 6.46 32.83 -14.86
N GLU C 147 6.77 31.74 -14.13
CA GLU C 147 7.85 31.80 -13.16
C GLU C 147 9.17 32.15 -13.88
N LEU C 148 9.35 31.55 -15.07
CA LEU C 148 10.55 31.79 -15.87
C LEU C 148 10.63 33.25 -16.30
N LYS C 149 9.50 33.81 -16.75
CA LYS C 149 9.44 35.21 -17.20
C LYS C 149 9.77 36.18 -16.06
N ASN C 150 9.18 35.95 -14.87
CA ASN C 150 9.41 36.84 -13.74
C ASN C 150 10.89 36.80 -13.29
N SER C 151 11.46 35.60 -13.23
CA SER C 151 12.85 35.43 -12.82
C SER C 151 13.82 36.00 -13.87
N ALA C 152 13.57 35.65 -15.14
CA ALA C 152 14.41 36.09 -16.26
C ALA C 152 14.34 37.62 -16.46
N VAL C 153 13.13 38.17 -16.48
CA VAL C 153 12.94 39.61 -16.68
C VAL C 153 13.65 40.41 -15.57
N SER C 154 13.47 40.00 -14.32
CA SER C 154 14.08 40.71 -13.20
C SER C 154 15.61 40.81 -13.37
N LEU C 155 16.25 39.68 -13.67
CA LEU C 155 17.71 39.63 -13.83
C LEU C 155 18.18 40.34 -15.12
N LEU C 156 17.59 39.99 -16.27
CA LEU C 156 17.99 40.58 -17.56
C LEU C 156 17.66 42.07 -17.64
N ASN C 157 16.47 42.46 -17.18
CA ASN C 157 16.05 43.87 -17.23
C ASN C 157 16.95 44.75 -16.39
N ALA C 158 17.28 44.24 -15.22
CA ALA C 158 18.13 44.97 -14.25
C ALA C 158 19.60 45.09 -14.69
N THR C 159 20.18 44.01 -15.22
CA THR C 159 21.60 44.00 -15.63
C THR C 159 21.90 44.83 -16.89
N ALA C 160 21.04 44.70 -17.90
CA ALA C 160 21.25 45.39 -19.18
C ALA C 160 21.36 46.91 -19.02
N ILE C 161 20.72 47.47 -18.00
CA ILE C 161 20.73 48.91 -17.77
C ILE C 161 22.16 49.46 -17.61
N ALA C 162 23.07 48.63 -17.12
CA ALA C 162 24.46 49.03 -16.91
C ALA C 162 25.07 49.70 -18.16
N VAL C 163 24.46 49.50 -19.34
CA VAL C 163 24.99 50.09 -20.57
C VAL C 163 24.31 51.43 -20.90
N GLY C 164 23.04 51.61 -20.49
CA GLY C 164 22.31 52.84 -20.77
C GLY C 164 20.97 52.88 -20.04
N GLU C 165 20.01 53.63 -20.59
CA GLU C 165 18.67 53.77 -19.99
C GLU C 165 17.55 53.35 -20.96
N GLY C 166 17.91 52.76 -22.11
CA GLY C 166 16.92 52.31 -23.10
C GLY C 166 16.76 50.77 -23.06
N THR C 167 17.77 50.08 -22.55
CA THR C 167 17.77 48.63 -22.44
C THR C 167 16.57 48.13 -21.61
N ASP C 168 16.20 48.89 -20.58
CA ASP C 168 15.11 48.50 -19.69
C ASP C 168 13.79 48.31 -20.44
N ARG C 169 13.45 49.28 -21.29
CA ARG C 169 12.20 49.24 -22.05
C ARG C 169 12.14 48.09 -23.07
N VAL C 170 13.21 47.88 -23.83
CA VAL C 170 13.23 46.84 -24.88
C VAL C 170 13.18 45.39 -24.34
N ILE C 171 14.04 45.03 -23.37
CA ILE C 171 14.08 43.65 -22.86
C ILE C 171 12.83 43.29 -22.04
N GLU C 172 12.27 44.25 -21.30
CA GLU C 172 11.08 43.98 -20.49
C GLU C 172 9.83 43.78 -21.36
N VAL C 173 9.65 44.67 -22.35
CA VAL C 173 8.48 44.60 -23.23
C VAL C 173 8.55 43.40 -24.20
N VAL C 174 9.74 43.14 -24.76
CA VAL C 174 9.90 42.04 -25.70
C VAL C 174 9.59 40.68 -25.05
N GLN C 175 10.13 40.43 -23.86
CA GLN C 175 9.87 39.15 -23.17
C GLN C 175 8.37 39.00 -22.89
N GLY C 176 7.82 40.04 -22.30
CA GLY C 176 6.40 40.09 -21.96
C GLY C 176 5.51 39.99 -23.20
N ALA C 177 6.00 40.54 -24.32
CA ALA C 177 5.25 40.50 -25.58
C ALA C 177 5.02 39.06 -26.02
N SER C 178 6.08 38.24 -25.95
CA SER C 178 5.98 36.83 -26.35
C SER C 178 4.99 36.07 -25.47
N ARG C 179 5.07 36.26 -24.15
CA ARG C 179 4.16 35.59 -23.22
C ARG C 179 2.73 36.02 -23.49
N ALA C 180 2.56 37.33 -23.54
CA ALA C 180 1.26 37.96 -23.76
C ALA C 180 0.59 37.52 -25.06
N ILE C 181 1.33 37.56 -26.19
CA ILE C 181 0.76 37.19 -27.49
C ILE C 181 0.50 35.68 -27.61
N ARG C 182 1.20 34.87 -26.80
CA ARG C 182 1.01 33.41 -26.84
C ARG C 182 -0.22 32.95 -26.04
N HIS C 183 -0.91 33.87 -25.37
CA HIS C 183 -2.09 33.54 -24.57
C HIS C 183 -3.28 33.18 -25.48
N ILE C 184 -3.84 31.98 -25.27
CA ILE C 184 -4.97 31.50 -26.06
C ILE C 184 -6.12 31.06 -25.11
N PRO C 185 -7.39 31.37 -25.42
CA PRO C 185 -8.54 30.96 -24.55
C PRO C 185 -8.39 29.54 -23.98
N ARG C 186 -9.00 29.31 -22.81
CA ARG C 186 -8.94 28.00 -22.16
C ARG C 186 -10.28 27.25 -22.26
N ARG C 187 -10.37 26.38 -23.28
CA ARG C 187 -11.58 25.58 -23.51
C ARG C 187 -11.39 24.68 -24.75
N ILE C 188 -10.15 24.22 -24.95
CA ILE C 188 -9.83 23.35 -26.10
C ILE C 188 -10.39 21.95 -25.92
N ARG C 189 -10.35 21.43 -24.69
CA ARG C 189 -10.85 20.08 -24.42
C ARG C 189 -12.37 19.98 -24.70
N GLN C 190 -13.11 21.05 -24.37
CA GLN C 190 -14.56 21.08 -24.56
C GLN C 190 -14.92 21.16 -26.05
N GLY C 191 -14.35 22.13 -26.76
CA GLY C 191 -14.64 22.32 -28.18
C GLY C 191 -14.07 21.18 -29.04
N LEU C 192 -12.83 20.79 -28.75
CA LEU C 192 -12.17 19.72 -29.51
C LEU C 192 -12.85 18.36 -29.31
N GLU C 193 -13.19 18.03 -28.06
CA GLU C 193 -13.81 16.75 -27.75
C GLU C 193 -15.28 16.68 -28.22
N ARG C 194 -15.96 17.82 -28.26
CA ARG C 194 -17.37 17.87 -28.65
C ARG C 194 -17.56 17.83 -30.18
N ILE C 195 -16.59 18.32 -30.95
CA ILE C 195 -16.71 18.32 -32.42
C ILE C 195 -16.69 16.90 -32.97
N LEU C 196 -15.86 16.03 -32.39
CA LEU C 196 -15.76 14.63 -32.85
C LEU C 196 -16.40 13.66 -31.85
N LEU C 197 -17.15 14.18 -30.87
CA LEU C 197 -17.81 13.34 -29.86
C LEU C 197 -16.79 12.49 -29.10
N LEU A 1 34.06 -31.23 -14.23
CA LEU A 1 33.16 -30.25 -13.56
C LEU A 1 32.75 -29.15 -14.56
N LEU A 2 31.45 -29.05 -14.83
CA LEU A 2 30.93 -28.04 -15.75
C LEU A 2 31.56 -28.22 -17.15
N GLU A 3 31.61 -27.15 -17.96
CA GLU A 3 32.16 -27.13 -19.35
C GLU A 3 31.03 -27.31 -20.33
N LEU A 4 31.27 -26.96 -21.60
CA LEU A 4 30.23 -27.09 -22.63
C LEU A 4 29.61 -28.48 -22.61
N ASP A 5 30.42 -29.47 -22.36
CA ASP A 5 29.96 -30.86 -22.34
C ASP A 5 28.95 -31.09 -21.21
N LYS A 6 29.15 -30.41 -20.08
CA LYS A 6 28.23 -30.55 -18.95
C LYS A 6 27.00 -29.68 -19.16
N TRP A 7 27.22 -28.45 -19.63
CA TRP A 7 26.14 -27.49 -19.88
C TRP A 7 25.25 -28.00 -21.02
N ALA A 8 25.88 -28.53 -22.06
CA ALA A 8 25.14 -29.02 -23.23
C ALA A 8 24.12 -30.10 -22.84
N SER A 9 24.39 -30.82 -21.74
CA SER A 9 23.49 -31.87 -21.28
C SER A 9 22.08 -31.31 -21.03
N LEU A 10 22.02 -30.06 -20.54
CA LEU A 10 20.75 -29.39 -20.26
C LEU A 10 19.91 -29.21 -21.54
N TRP A 11 20.57 -29.19 -22.70
CA TRP A 11 19.89 -28.99 -23.98
C TRP A 11 19.03 -30.20 -24.37
N ASN A 12 19.17 -31.32 -23.65
CA ASN A 12 18.38 -32.52 -23.90
C ASN A 12 17.05 -32.48 -23.10
N TRP A 13 16.94 -31.56 -22.14
CA TRP A 13 15.75 -31.43 -21.29
C TRP A 13 14.60 -30.77 -22.06
N PHE A 14 14.91 -29.65 -22.75
CA PHE A 14 13.91 -28.91 -23.52
C PHE A 14 12.76 -28.39 -22.64
N ASP A 15 13.03 -28.19 -21.34
CA ASP A 15 12.00 -27.68 -20.42
C ASP A 15 12.61 -26.75 -19.35
N ILE A 16 13.42 -27.31 -18.45
CA ILE A 16 14.07 -26.53 -17.39
C ILE A 16 15.02 -25.48 -17.98
N THR A 17 15.72 -25.84 -19.06
CA THR A 17 16.69 -24.94 -19.68
C THR A 17 16.08 -23.61 -20.13
N ASN A 18 14.81 -23.61 -20.57
CA ASN A 18 14.21 -22.36 -21.04
C ASN A 18 14.07 -21.34 -19.89
N TRP A 19 13.47 -21.76 -18.76
CA TRP A 19 13.36 -20.86 -17.61
C TRP A 19 14.76 -20.57 -17.05
N LEU A 20 15.57 -21.62 -16.94
CA LEU A 20 16.91 -21.53 -16.41
C LEU A 20 17.80 -20.60 -17.25
N TRP A 21 17.60 -20.59 -18.56
CA TRP A 21 18.38 -19.73 -19.45
C TRP A 21 17.89 -18.28 -19.42
N TYR A 22 16.58 -18.08 -19.17
CA TYR A 22 16.01 -16.73 -19.10
C TYR A 22 15.81 -16.28 -17.65
N ILE A 23 16.26 -17.09 -16.68
CA ILE A 23 16.14 -16.76 -15.28
C ILE A 23 16.92 -15.44 -14.98
N ARG A 24 18.05 -15.25 -15.67
CA ARG A 24 18.86 -14.05 -15.50
C ARG A 24 17.99 -12.81 -15.78
N ILE A 25 17.24 -12.87 -16.87
CA ILE A 25 16.33 -11.79 -17.27
C ILE A 25 15.10 -11.71 -16.31
N PHE A 26 14.85 -12.81 -15.61
CA PHE A 26 13.71 -12.94 -14.71
C PHE A 26 13.73 -11.90 -13.59
N ILE A 27 14.92 -11.60 -13.09
CA ILE A 27 15.08 -10.66 -11.99
C ILE A 27 14.53 -9.29 -12.40
N ILE A 28 14.87 -8.83 -13.60
CA ILE A 28 14.40 -7.54 -14.09
C ILE A 28 12.87 -7.54 -14.17
N ILE A 29 12.28 -8.65 -14.67
CA ILE A 29 10.82 -8.73 -14.80
C ILE A 29 10.13 -8.64 -13.42
N VAL A 30 10.60 -9.43 -12.44
CA VAL A 30 10.00 -9.40 -11.10
C VAL A 30 10.27 -8.04 -10.45
N GLY A 31 11.49 -7.51 -10.64
CA GLY A 31 11.84 -6.20 -10.10
C GLY A 31 10.87 -5.14 -10.62
N SER A 32 10.47 -5.28 -11.88
CA SER A 32 9.53 -4.36 -12.52
C SER A 32 8.17 -4.41 -11.82
N LEU A 33 7.78 -5.63 -11.45
CA LEU A 33 6.48 -5.89 -10.83
C LEU A 33 6.27 -5.13 -9.51
N ILE A 34 7.30 -5.03 -8.68
CA ILE A 34 7.17 -4.33 -7.39
C ILE A 34 6.79 -2.86 -7.62
N GLY A 35 7.40 -2.22 -8.63
CA GLY A 35 7.09 -0.83 -8.97
C GLY A 35 5.64 -0.75 -9.49
N LEU A 36 5.26 -1.73 -10.32
CA LEU A 36 3.89 -1.82 -10.87
C LEU A 36 2.88 -1.85 -9.72
N ARG A 37 3.21 -2.65 -8.72
CA ARG A 37 2.40 -2.85 -7.55
C ARG A 37 2.06 -1.56 -6.80
N ILE A 38 2.92 -0.55 -6.89
CA ILE A 38 2.71 0.70 -6.14
C ILE A 38 1.37 1.37 -6.53
N VAL A 39 0.96 1.28 -7.81
CA VAL A 39 -0.31 1.88 -8.24
C VAL A 39 -1.47 1.36 -7.37
N PHE A 40 -1.35 0.13 -6.85
CA PHE A 40 -2.39 -0.46 -5.99
C PHE A 40 -2.68 0.46 -4.80
N ALA A 41 -1.68 1.24 -4.38
CA ALA A 41 -1.84 2.14 -3.23
C ALA A 41 -3.01 3.08 -3.48
N VAL A 42 -3.22 3.55 -4.73
CA VAL A 42 -4.40 4.39 -5.00
C VAL A 42 -5.68 3.54 -4.81
N LEU A 43 -5.60 2.25 -5.17
CA LEU A 43 -6.71 1.31 -5.01
C LEU A 43 -7.00 1.10 -3.53
N SER A 44 -5.94 1.06 -2.72
CA SER A 44 -6.09 0.88 -1.27
C SER A 44 -6.89 2.03 -0.66
N LEU A 45 -6.74 3.21 -1.26
CA LEU A 45 -7.46 4.40 -0.82
C LEU A 45 -8.97 4.19 -1.05
N VAL A 46 -9.29 3.59 -2.18
CA VAL A 46 -10.66 3.25 -2.55
C VAL A 46 -11.14 2.13 -1.61
N ASN A 47 -10.24 1.19 -1.35
CA ASN A 47 -10.52 0.07 -0.47
C ASN A 47 -10.92 0.59 0.91
N ARG A 48 -10.30 1.69 1.35
CA ARG A 48 -10.60 2.25 2.66
C ARG A 48 -12.10 2.55 2.79
N VAL A 49 -12.68 3.24 1.80
CA VAL A 49 -14.11 3.56 1.83
C VAL A 49 -14.95 2.32 1.45
N ARG A 50 -14.40 1.51 0.56
CA ARG A 50 -15.06 0.30 0.07
C ARG A 50 -15.14 -0.80 1.17
N GLN A 51 -14.21 -0.76 2.15
CA GLN A 51 -14.17 -1.74 3.22
C GLN A 51 -14.78 -1.21 4.54
N GLY A 52 -15.42 -0.03 4.48
CA GLY A 52 -16.03 0.58 5.67
C GLY A 52 -15.05 1.52 6.39
N TYR A 53 -15.25 1.72 7.71
CA TYR A 53 -14.34 2.58 8.49
C TYR A 53 -13.31 1.68 9.20
N SER A 54 -13.78 0.90 10.18
CA SER A 54 -12.90 -0.04 10.89
C SER A 54 -12.41 -1.07 9.85
N PRO A 55 -11.31 -1.79 10.08
CA PRO A 55 -10.75 -2.79 9.13
C PRO A 55 -11.74 -3.24 8.01
N LEU A 56 -12.37 -4.44 8.08
CA LEU A 56 -13.32 -4.87 7.02
C LEU A 56 -14.80 -4.90 7.48
N SER A 57 -15.06 -4.96 8.79
CA SER A 57 -16.45 -5.04 9.30
C SER A 57 -17.09 -3.65 9.49
N GLU A 80 -23.46 0.53 0.47
CA GLU A 80 -23.40 1.92 0.00
C GLU A 80 -23.55 2.02 -1.52
N ARG A 81 -24.32 3.04 -1.93
CA ARG A 81 -24.58 3.37 -3.33
C ARG A 81 -23.32 3.81 -4.08
N ASP A 82 -22.33 4.32 -3.32
CA ASP A 82 -21.11 4.89 -3.90
C ASP A 82 -20.36 3.95 -4.86
N ARG A 83 -20.78 2.69 -5.02
CA ARG A 83 -20.09 1.79 -5.97
C ARG A 83 -20.09 2.43 -7.36
N ASP A 84 -21.16 3.19 -7.69
CA ASP A 84 -21.21 3.91 -8.95
C ASP A 84 -20.00 4.87 -8.99
N ARG A 85 -19.67 5.42 -7.82
CA ARG A 85 -18.51 6.30 -7.66
C ARG A 85 -17.22 5.47 -7.76
N SER A 86 -17.28 4.17 -7.39
CA SER A 86 -16.10 3.32 -7.50
C SER A 86 -15.74 3.25 -8.98
N ILE A 87 -16.75 3.02 -9.83
CA ILE A 87 -16.52 3.03 -11.29
C ILE A 87 -15.98 4.41 -11.68
N ARG A 88 -16.45 5.46 -10.99
CA ARG A 88 -16.00 6.80 -11.31
C ARG A 88 -14.46 6.90 -11.13
N LEU A 89 -13.84 5.87 -10.52
CA LEU A 89 -12.38 5.83 -10.37
C LEU A 89 -11.71 5.98 -11.74
N VAL A 90 -12.35 5.46 -12.80
CA VAL A 90 -11.80 5.57 -14.17
C VAL A 90 -11.55 7.05 -14.50
N ASN A 91 -12.47 7.90 -14.05
CA ASN A 91 -12.41 9.35 -14.22
C ASN A 91 -11.24 9.95 -13.46
N GLY A 92 -10.62 9.14 -12.60
CA GLY A 92 -9.54 9.60 -11.74
C GLY A 92 -8.42 10.24 -12.54
N SER A 93 -8.36 9.96 -13.85
CA SER A 93 -7.31 10.55 -14.68
C SER A 93 -7.35 12.10 -14.65
N LEU A 94 -8.54 12.72 -14.65
CA LEU A 94 -8.63 14.19 -14.61
C LEU A 94 -8.20 14.71 -13.23
N ALA A 95 -8.73 14.05 -12.21
CA ALA A 95 -8.46 14.37 -10.81
C ALA A 95 -7.01 14.07 -10.42
N LEU A 96 -6.41 13.05 -11.04
CA LEU A 96 -5.08 12.61 -10.66
C LEU A 96 -4.08 13.74 -10.77
N ILE A 97 -4.24 14.68 -11.72
CA ILE A 97 -3.29 15.78 -11.74
C ILE A 97 -3.68 16.75 -10.60
N TRP A 98 -4.97 16.76 -10.19
CA TRP A 98 -5.40 17.68 -9.14
C TRP A 98 -4.89 17.36 -7.71
N ASP A 99 -4.98 16.10 -7.21
CA ASP A 99 -4.51 15.85 -5.81
C ASP A 99 -2.97 15.91 -5.63
N ASP A 100 -2.21 15.17 -6.46
CA ASP A 100 -0.73 15.13 -6.34
C ASP A 100 0.02 16.38 -6.82
N LEU A 101 -0.31 16.87 -8.02
CA LEU A 101 0.40 18.02 -8.61
C LEU A 101 0.13 19.37 -7.94
N ARG A 102 -1.13 19.69 -7.64
CA ARG A 102 -1.45 21.00 -7.05
C ARG A 102 -0.76 21.22 -5.68
N SER A 103 -0.30 20.13 -5.04
CA SER A 103 0.34 20.25 -3.72
C SER A 103 1.80 20.77 -3.77
N LEU A 104 2.64 20.22 -4.68
CA LEU A 104 4.06 20.65 -4.74
C LEU A 104 4.21 22.11 -5.25
N SER A 105 3.27 22.58 -6.07
CA SER A 105 3.31 23.94 -6.58
C SER A 105 2.51 24.89 -5.64
N LEU A 106 1.76 24.31 -4.68
CA LEU A 106 0.99 25.08 -3.69
C LEU A 106 -0.13 25.94 -4.29
N PHE A 107 -0.90 26.58 -3.39
CA PHE A 107 -2.03 27.43 -3.77
C PHE A 107 -1.57 28.53 -4.75
N SER A 108 -0.77 29.48 -4.25
CA SER A 108 -0.26 30.56 -5.08
C SER A 108 0.79 30.02 -6.04
N TYR A 109 0.76 30.47 -7.30
CA TYR A 109 1.71 30.00 -8.30
C TYR A 109 2.92 30.95 -8.36
N HIS A 110 4.08 30.35 -8.09
CA HIS A 110 5.41 31.01 -7.99
C HIS A 110 6.25 30.10 -7.05
N ARG A 111 5.53 29.48 -6.12
CA ARG A 111 6.02 28.54 -5.12
C ARG A 111 6.73 27.32 -5.74
N LEU A 112 6.37 26.92 -6.97
CA LEU A 112 6.92 25.66 -7.53
C LEU A 112 8.45 25.68 -7.57
N ARG A 113 9.10 26.78 -7.95
CA ARG A 113 10.57 26.82 -7.88
C ARG A 113 10.96 26.83 -6.38
N ASP A 114 10.11 27.48 -5.59
CA ASP A 114 10.24 27.55 -4.15
C ASP A 114 10.17 26.14 -3.54
N LEU A 115 9.39 25.26 -4.18
CA LEU A 115 9.15 23.93 -3.68
C LEU A 115 10.45 23.17 -3.43
N LEU A 116 11.46 23.33 -4.28
CA LEU A 116 12.71 22.61 -4.04
C LEU A 116 13.46 23.12 -2.80
N LEU A 117 13.57 24.44 -2.58
CA LEU A 117 14.29 24.92 -1.37
C LEU A 117 13.43 24.77 -0.09
N ILE A 118 12.11 24.93 -0.18
CA ILE A 118 11.25 24.80 1.01
C ILE A 118 11.47 23.43 1.68
N VAL A 119 11.66 22.38 0.87
CA VAL A 119 11.84 21.02 1.41
C VAL A 119 13.01 20.96 2.41
N THR A 120 14.15 21.56 2.06
CA THR A 120 15.32 21.57 2.94
C THR A 120 15.05 22.32 4.24
N ARG A 121 14.25 23.39 4.18
CA ARG A 121 13.96 24.21 5.38
C ARG A 121 13.13 23.44 6.40
N ILE A 122 12.18 22.63 5.93
CA ILE A 122 11.34 21.86 6.85
C ILE A 122 12.21 20.81 7.54
N VAL A 123 13.01 20.09 6.74
CA VAL A 123 13.90 19.06 7.26
C VAL A 123 15.00 19.71 8.13
N GLU A 124 15.53 20.85 7.68
CA GLU A 124 16.58 21.54 8.42
C GLU A 124 16.03 22.03 9.76
N LEU A 125 14.82 22.58 9.74
CA LEU A 125 14.18 23.08 10.96
C LEU A 125 13.94 21.94 11.94
N LEU A 126 13.32 20.86 11.45
CA LEU A 126 13.03 19.69 12.29
C LEU A 126 14.29 18.84 12.56
N GLY A 127 15.38 19.09 11.81
CA GLY A 127 16.61 18.31 11.96
C GLY A 127 17.15 18.42 13.39
N ARG A 128 17.12 19.63 13.96
CA ARG A 128 17.56 19.81 15.35
C ARG A 128 16.66 18.99 16.26
N ARG A 129 15.37 18.91 15.88
CA ARG A 129 14.37 18.12 16.61
C ARG A 129 14.53 16.62 16.29
N GLY A 130 15.30 16.30 15.23
CA GLY A 130 15.51 14.93 14.78
C GLY A 130 16.04 14.02 15.89
N TRP A 131 16.67 14.59 16.92
CA TRP A 131 17.20 13.78 18.03
C TRP A 131 16.11 12.93 18.67
N GLU A 132 14.84 13.22 18.38
CA GLU A 132 13.74 12.44 18.93
C GLU A 132 13.97 10.93 18.70
N ALA A 133 14.96 10.57 17.85
CA ALA A 133 15.36 9.18 17.63
C ALA A 133 15.68 8.58 19.00
N LEU A 134 16.51 9.27 19.77
CA LEU A 134 16.80 8.79 21.10
C LEU A 134 15.50 8.82 21.92
N LYS A 135 14.68 9.87 21.72
CA LYS A 135 13.39 10.02 22.45
C LYS A 135 12.40 8.84 22.25
N TYR A 136 12.17 8.41 21.01
CA TYR A 136 11.14 7.40 20.77
C TYR A 136 11.47 6.07 21.43
N TRP A 137 12.68 5.52 21.21
CA TRP A 137 13.06 4.27 21.86
C TRP A 137 13.35 4.43 23.35
N TRP A 138 13.83 5.62 23.77
CA TRP A 138 14.11 5.85 25.19
C TRP A 138 12.86 5.54 26.02
N ASN A 139 11.71 6.05 25.56
CA ASN A 139 10.45 5.83 26.27
C ASN A 139 10.04 4.36 26.19
N LEU A 140 10.23 3.76 25.01
CA LEU A 140 9.84 2.36 24.79
C LEU A 140 10.58 1.41 25.78
N LEU A 141 11.91 1.53 25.82
CA LEU A 141 12.74 0.69 26.68
C LEU A 141 12.61 1.04 28.17
N GLN A 142 12.48 2.32 28.48
CA GLN A 142 12.40 2.76 29.88
C GLN A 142 11.20 2.17 30.64
N TYR A 143 9.99 2.20 30.06
CA TYR A 143 8.85 1.69 30.75
C TYR A 143 8.84 0.17 30.78
N TRP A 144 9.32 -0.52 29.73
CA TRP A 144 9.27 -2.00 29.73
C TRP A 144 10.23 -2.53 30.77
N SER A 145 11.37 -1.85 30.93
CA SER A 145 12.34 -2.23 31.95
C SER A 145 11.66 -2.18 33.32
N GLN A 146 10.78 -1.17 33.50
CA GLN A 146 10.05 -1.00 34.75
C GLN A 146 9.14 -2.21 35.03
N GLU A 147 8.44 -2.71 33.99
CA GLU A 147 7.57 -3.88 34.14
C GLU A 147 8.43 -5.13 34.37
N LEU A 148 9.60 -5.20 33.70
CA LEU A 148 10.51 -6.33 33.82
C LEU A 148 11.14 -6.42 35.22
N LYS A 149 11.58 -5.28 35.77
CA LYS A 149 12.18 -5.26 37.11
C LYS A 149 11.14 -5.71 38.14
N ASN A 150 9.88 -5.33 37.92
CA ASN A 150 8.79 -5.70 38.83
C ASN A 150 8.61 -7.23 38.84
N SER A 151 8.84 -7.87 37.68
CA SER A 151 8.72 -9.33 37.58
C SER A 151 9.78 -10.02 38.45
N ALA A 152 11.03 -9.56 38.33
CA ALA A 152 12.16 -10.15 39.07
C ALA A 152 12.03 -9.93 40.59
N VAL A 153 11.72 -8.69 40.99
CA VAL A 153 11.58 -8.36 42.41
C VAL A 153 10.40 -9.11 43.03
N SER A 154 9.29 -9.18 42.28
CA SER A 154 8.08 -9.85 42.75
C SER A 154 8.32 -11.34 42.96
N LEU A 155 8.98 -11.98 41.98
CA LEU A 155 9.26 -13.42 42.04
C LEU A 155 10.21 -13.76 43.20
N LEU A 156 11.34 -13.06 43.27
CA LEU A 156 12.32 -13.30 44.33
C LEU A 156 11.72 -12.99 45.71
N ASN A 157 10.98 -11.88 45.79
CA ASN A 157 10.33 -11.47 47.04
C ASN A 157 9.22 -12.47 47.41
N ALA A 158 8.50 -12.93 46.40
CA ALA A 158 7.39 -13.87 46.60
C ALA A 158 7.85 -15.27 47.04
N THR A 159 8.90 -15.78 46.39
CA THR A 159 9.40 -17.14 46.65
C THR A 159 10.13 -17.31 47.99
N ALA A 160 11.02 -16.38 48.35
CA ALA A 160 11.83 -16.53 49.58
C ALA A 160 10.98 -16.72 50.85
N ILE A 161 9.75 -16.18 50.90
CA ILE A 161 8.91 -16.36 52.10
C ILE A 161 8.69 -17.87 52.35
N ALA A 162 8.72 -18.68 51.28
CA ALA A 162 8.54 -20.12 51.39
C ALA A 162 9.51 -20.73 52.41
N VAL A 163 10.68 -20.10 52.59
CA VAL A 163 11.69 -20.58 53.54
C VAL A 163 11.52 -19.95 54.94
N GLY A 164 10.84 -18.80 54.99
CA GLY A 164 10.63 -18.09 56.25
C GLY A 164 11.62 -16.93 56.35
N GLU A 165 11.92 -16.50 57.59
CA GLU A 165 12.87 -15.41 57.80
C GLU A 165 12.45 -14.18 56.96
N GLY A 166 13.31 -13.16 56.89
CA GLY A 166 13.02 -11.95 56.12
C GLY A 166 14.06 -11.74 55.01
N THR A 167 14.24 -12.77 54.16
CA THR A 167 15.20 -12.68 53.05
C THR A 167 14.71 -11.67 52.01
N ASP A 168 13.40 -11.68 51.78
CA ASP A 168 12.77 -10.80 50.80
C ASP A 168 12.98 -9.33 51.13
N ARG A 169 13.20 -9.01 52.42
CA ARG A 169 13.42 -7.63 52.82
C ARG A 169 14.62 -7.06 52.03
N VAL A 170 15.72 -7.81 52.04
CA VAL A 170 16.93 -7.38 51.32
C VAL A 170 16.76 -7.39 49.80
N ILE A 171 15.99 -8.35 49.24
CA ILE A 171 15.81 -8.42 47.76
C ILE A 171 15.06 -7.18 47.24
N GLU A 172 13.98 -6.79 47.92
CA GLU A 172 13.18 -5.63 47.53
C GLU A 172 13.95 -4.31 47.61
N VAL A 173 14.67 -4.11 48.71
CA VAL A 173 15.40 -2.87 48.95
C VAL A 173 16.65 -2.69 48.03
N VAL A 174 17.51 -3.71 47.94
CA VAL A 174 18.73 -3.60 47.14
C VAL A 174 18.45 -3.49 45.63
N GLN A 175 17.57 -4.36 45.11
CA GLN A 175 17.27 -4.37 43.68
C GLN A 175 16.45 -3.14 43.28
N GLY A 176 15.40 -2.84 44.05
CA GLY A 176 14.53 -1.69 43.76
C GLY A 176 15.30 -0.37 43.81
N ALA A 177 16.26 -0.25 44.74
CA ALA A 177 17.04 0.98 44.88
C ALA A 177 17.97 1.20 43.68
N SER A 178 18.66 0.15 43.25
CA SER A 178 19.60 0.25 42.13
C SER A 178 18.88 0.50 40.80
N ARG A 179 17.79 -0.23 40.58
CA ARG A 179 17.01 -0.10 39.34
C ARG A 179 16.42 1.31 39.20
N ALA A 180 15.77 1.79 40.26
CA ALA A 180 15.11 3.11 40.25
C ALA A 180 16.11 4.27 40.33
N ILE A 181 17.18 4.12 41.12
CA ILE A 181 18.15 5.22 41.28
C ILE A 181 18.87 5.56 39.97
N ARG A 182 19.19 4.54 39.15
CA ARG A 182 19.89 4.77 37.88
C ARG A 182 19.04 5.58 36.88
N HIS A 183 17.78 5.89 37.23
CA HIS A 183 16.90 6.66 36.35
C HIS A 183 17.53 8.01 36.04
N ILE A 184 17.73 8.84 37.07
CA ILE A 184 18.32 10.18 36.92
C ILE A 184 17.41 11.09 36.04
N PRO A 185 17.12 12.34 36.44
CA PRO A 185 16.25 13.25 35.65
C PRO A 185 17.04 14.08 34.63
N ARG A 186 17.96 13.42 33.92
CA ARG A 186 18.79 14.08 32.90
C ARG A 186 18.50 13.50 31.52
N ARG A 187 18.05 14.36 30.59
CA ARG A 187 17.72 13.93 29.23
C ARG A 187 18.79 14.37 28.23
N ILE A 188 19.31 13.38 27.49
CA ILE A 188 20.34 13.62 26.47
C ILE A 188 19.84 14.59 25.40
N ARG A 189 18.56 14.48 25.05
CA ARG A 189 17.95 15.29 24.01
C ARG A 189 17.96 16.77 24.41
N GLN A 190 17.73 17.06 25.70
CA GLN A 190 17.73 18.44 26.19
C GLN A 190 19.13 19.05 26.10
N GLY A 191 20.11 18.37 26.71
CA GLY A 191 21.50 18.86 26.73
C GLY A 191 22.13 18.89 25.35
N LEU A 192 21.94 17.83 24.55
CA LEU A 192 22.53 17.75 23.21
C LEU A 192 22.05 18.88 22.30
N GLU A 193 20.74 19.14 22.30
CA GLU A 193 20.15 20.19 21.45
C GLU A 193 20.68 21.57 21.86
N ARG A 194 20.85 21.77 23.16
CA ARG A 194 21.35 23.04 23.69
C ARG A 194 22.85 23.21 23.47
N ILE A 195 23.58 22.09 23.30
CA ILE A 195 25.04 22.14 23.13
C ILE A 195 25.47 22.04 21.64
N LEU A 196 24.59 21.57 20.75
CA LEU A 196 24.95 21.44 19.32
C LEU A 196 24.70 22.73 18.54
N LEU A 197 24.32 23.82 19.24
CA LEU A 197 24.07 25.10 18.58
C LEU A 197 25.39 25.74 18.15
N LEU B 1 31.45 -22.89 -27.37
CA LEU B 1 30.05 -22.37 -27.42
C LEU B 1 29.87 -21.34 -26.28
N LEU B 2 30.30 -21.70 -25.08
CA LEU B 2 30.17 -20.81 -23.92
C LEU B 2 31.41 -20.89 -23.00
N GLU B 3 31.53 -21.97 -22.24
CA GLU B 3 32.64 -22.17 -21.31
C GLU B 3 34.01 -22.00 -21.99
N LEU B 4 34.83 -21.12 -21.40
CA LEU B 4 36.21 -20.80 -21.83
C LEU B 4 36.27 -19.85 -23.04
N ASP B 5 35.29 -19.92 -23.91
CA ASP B 5 35.28 -19.06 -25.10
C ASP B 5 34.53 -17.76 -24.88
N LYS B 6 33.44 -17.83 -24.14
CA LYS B 6 32.63 -16.65 -23.86
C LYS B 6 33.21 -15.82 -22.72
N TRP B 7 33.83 -16.48 -21.75
CA TRP B 7 34.39 -15.77 -20.59
C TRP B 7 35.67 -15.04 -20.95
N ALA B 8 36.52 -15.66 -21.78
CA ALA B 8 37.80 -15.04 -22.17
C ALA B 8 37.61 -14.01 -23.28
N SER B 9 36.77 -14.34 -24.26
CA SER B 9 36.49 -13.44 -25.37
C SER B 9 35.81 -12.16 -24.87
N LEU B 10 35.19 -12.23 -23.69
CA LEU B 10 34.49 -11.07 -23.10
C LEU B 10 35.48 -9.96 -22.71
N TRP B 11 36.74 -10.34 -22.41
CA TRP B 11 37.76 -9.34 -22.03
C TRP B 11 38.28 -8.54 -23.24
N ASN B 12 37.82 -8.90 -24.45
CA ASN B 12 38.29 -8.21 -25.67
C ASN B 12 37.72 -6.79 -25.76
N TRP B 13 36.43 -6.64 -25.47
CA TRP B 13 35.77 -5.32 -25.53
C TRP B 13 35.56 -4.75 -24.12
N PHE B 14 34.96 -5.55 -23.23
CA PHE B 14 34.71 -5.13 -21.84
C PHE B 14 33.79 -3.90 -21.75
N ASP B 15 32.48 -4.17 -21.59
CA ASP B 15 31.48 -3.11 -21.44
C ASP B 15 30.18 -3.70 -20.86
N ILE B 16 29.58 -4.62 -21.61
CA ILE B 16 28.35 -5.30 -21.17
C ILE B 16 28.66 -6.18 -19.92
N THR B 17 29.87 -6.76 -19.91
CA THR B 17 30.29 -7.67 -18.84
C THR B 17 30.08 -7.06 -17.46
N ASN B 18 30.22 -5.73 -17.32
CA ASN B 18 30.00 -5.08 -16.03
C ASN B 18 28.57 -5.40 -15.58
N TRP B 19 27.64 -5.16 -16.50
CA TRP B 19 26.22 -5.46 -16.29
C TRP B 19 26.02 -6.98 -16.13
N LEU B 20 26.81 -7.78 -16.86
CA LEU B 20 26.66 -9.23 -16.86
C LEU B 20 26.76 -9.84 -15.47
N TRP B 21 27.64 -9.33 -14.57
CA TRP B 21 27.75 -9.92 -13.22
C TRP B 21 27.61 -8.90 -12.09
N TYR B 22 27.49 -7.59 -12.37
CA TYR B 22 27.29 -6.62 -11.27
C TYR B 22 25.85 -6.75 -10.77
N ILE B 23 24.94 -7.18 -11.64
CA ILE B 23 23.55 -7.43 -11.30
C ILE B 23 23.48 -8.49 -10.19
N ARG B 24 24.40 -9.46 -10.23
CA ARG B 24 24.43 -10.58 -9.27
C ARG B 24 24.40 -10.04 -7.83
N ILE B 25 25.24 -9.04 -7.51
CA ILE B 25 25.22 -8.43 -6.17
C ILE B 25 23.89 -7.65 -6.04
N PHE B 26 23.50 -7.03 -7.15
CA PHE B 26 22.27 -6.23 -7.24
C PHE B 26 21.02 -7.06 -6.92
N ILE B 27 21.08 -8.38 -7.12
CA ILE B 27 19.92 -9.25 -6.89
C ILE B 27 19.44 -9.15 -5.44
N ILE B 28 20.38 -9.19 -4.48
CA ILE B 28 20.02 -9.10 -3.06
C ILE B 28 19.37 -7.74 -2.77
N ILE B 29 19.88 -6.68 -3.40
CA ILE B 29 19.32 -5.33 -3.22
C ILE B 29 17.85 -5.34 -3.65
N VAL B 30 17.54 -6.04 -4.76
CA VAL B 30 16.16 -6.15 -5.22
C VAL B 30 15.33 -6.79 -4.10
N GLY B 31 15.86 -7.84 -3.46
CA GLY B 31 15.17 -8.50 -2.36
C GLY B 31 14.86 -7.47 -1.26
N SER B 32 15.84 -6.61 -0.98
CA SER B 32 15.69 -5.54 -0.01
C SER B 32 14.59 -4.59 -0.47
N LEU B 33 14.55 -4.36 -1.79
CA LEU B 33 13.57 -3.46 -2.40
C LEU B 33 12.13 -3.92 -2.13
N ILE B 34 11.89 -5.23 -2.25
CA ILE B 34 10.55 -5.78 -2.06
C ILE B 34 10.02 -5.51 -0.64
N GLY B 35 10.87 -5.63 0.40
CA GLY B 35 10.45 -5.35 1.78
C GLY B 35 10.10 -3.85 1.93
N LEU B 36 10.75 -3.02 1.14
CA LEU B 36 10.54 -1.58 1.14
C LEU B 36 9.06 -1.26 0.88
N ARG B 37 8.44 -2.04 0.00
CA ARG B 37 7.04 -1.88 -0.36
C ARG B 37 6.12 -1.94 0.86
N ILE B 38 6.51 -2.69 1.90
CA ILE B 38 5.68 -2.79 3.11
C ILE B 38 5.54 -1.36 3.70
N VAL B 39 6.64 -0.59 3.66
CA VAL B 39 6.65 0.80 4.12
C VAL B 39 5.77 1.66 3.19
N PHE B 40 5.68 1.27 1.91
CA PHE B 40 4.87 1.99 0.93
C PHE B 40 3.42 2.10 1.42
N ALA B 41 2.97 1.15 2.24
CA ALA B 41 1.58 1.19 2.74
C ALA B 41 1.33 2.53 3.43
N VAL B 42 2.33 3.09 4.14
CA VAL B 42 2.15 4.40 4.79
C VAL B 42 1.91 5.51 3.72
N LEU B 43 2.60 5.40 2.57
CA LEU B 43 2.45 6.37 1.46
C LEU B 43 0.95 6.52 1.10
N SER B 44 0.20 5.42 1.16
CA SER B 44 -1.22 5.47 0.80
C SER B 44 -1.99 6.40 1.76
N LEU B 45 -1.59 6.41 3.03
CA LEU B 45 -2.21 7.28 4.02
C LEU B 45 -1.93 8.74 3.63
N VAL B 46 -0.70 8.99 3.16
CA VAL B 46 -0.30 10.32 2.67
C VAL B 46 -1.21 10.67 1.48
N ASN B 47 -1.54 9.64 0.65
CA ASN B 47 -2.43 9.83 -0.49
C ASN B 47 -3.80 10.27 -0.01
N ARG B 48 -4.28 9.63 1.06
CA ARG B 48 -5.59 9.93 1.63
C ARG B 48 -5.67 11.41 1.96
N VAL B 49 -4.57 11.93 2.46
CA VAL B 49 -4.46 13.34 2.79
C VAL B 49 -4.47 14.17 1.52
N ARG B 50 -3.70 13.70 0.54
CA ARG B 50 -3.60 14.40 -0.74
C ARG B 50 -4.90 14.44 -1.55
N GLN B 51 -5.63 13.32 -1.61
CA GLN B 51 -6.88 13.25 -2.39
C GLN B 51 -8.15 13.34 -1.55
N GLY B 52 -8.02 13.05 -0.26
CA GLY B 52 -9.16 13.08 0.68
C GLY B 52 -9.46 11.68 1.25
N TYR B 53 -10.33 10.91 0.56
CA TYR B 53 -10.69 9.54 1.02
C TYR B 53 -11.46 8.79 -0.07
N SER B 54 -12.54 9.37 -0.61
CA SER B 54 -13.29 8.72 -1.69
C SER B 54 -12.33 8.60 -2.89
N PRO B 55 -12.53 7.65 -3.83
CA PRO B 55 -11.66 7.41 -5.03
C PRO B 55 -10.73 8.60 -5.41
N LEU B 56 -10.64 8.96 -6.70
CA LEU B 56 -9.77 10.08 -7.09
C LEU B 56 -10.62 11.29 -7.54
N SER B 57 -11.87 11.07 -7.95
CA SER B 57 -12.75 12.16 -8.38
C SER B 57 -13.07 13.09 -7.19
N GLU B 80 -3.92 20.33 -1.58
CA GLU B 80 -2.98 21.45 -1.79
C GLU B 80 -2.00 21.63 -0.61
N ARG B 81 -2.47 22.22 0.46
CA ARG B 81 -1.65 22.50 1.66
C ARG B 81 -1.03 21.21 2.24
N ASP B 82 -1.66 20.07 2.00
CA ASP B 82 -1.21 18.79 2.53
C ASP B 82 0.25 18.45 2.16
N ARG B 83 0.91 19.25 1.31
CA ARG B 83 2.31 18.96 0.92
C ARG B 83 3.24 19.27 2.09
N ASP B 84 3.08 20.43 2.73
CA ASP B 84 3.92 20.76 3.88
C ASP B 84 3.65 19.74 4.99
N ARG B 85 2.38 19.33 5.12
CA ARG B 85 2.00 18.32 6.11
C ARG B 85 2.67 17.00 5.74
N SER B 86 2.65 16.67 4.43
CA SER B 86 3.26 15.43 3.96
C SER B 86 4.74 15.43 4.39
N ILE B 87 5.41 16.60 4.30
CA ILE B 87 6.80 16.68 4.79
C ILE B 87 6.79 16.34 6.27
N ARG B 88 5.74 16.75 6.98
CA ARG B 88 5.67 16.49 8.40
C ARG B 88 5.73 14.98 8.66
N LEU B 89 5.51 14.17 7.61
CA LEU B 89 5.59 12.72 7.73
C LEU B 89 6.97 12.33 8.30
N VAL B 90 8.01 13.13 7.98
CA VAL B 90 9.37 12.85 8.51
C VAL B 90 9.32 12.78 10.06
N ASN B 91 8.43 13.58 10.64
CA ASN B 91 8.21 13.63 12.10
C ASN B 91 7.74 12.25 12.61
N GLY B 92 7.36 11.37 11.69
CA GLY B 92 6.81 10.07 12.03
C GLY B 92 7.73 9.23 12.90
N SER B 93 9.03 9.52 12.94
CA SER B 93 9.94 8.72 13.77
C SER B 93 9.53 8.75 15.24
N LEU B 94 9.23 9.95 15.77
CA LEU B 94 8.80 10.06 17.18
C LEU B 94 7.40 9.49 17.38
N ALA B 95 6.54 9.78 16.42
CA ALA B 95 5.15 9.33 16.43
C ALA B 95 5.06 7.80 16.30
N LEU B 96 5.98 7.20 15.54
CA LEU B 96 5.93 5.76 15.30
C LEU B 96 5.97 4.96 16.60
N ILE B 97 6.70 5.43 17.63
CA ILE B 97 6.71 4.67 18.86
C ILE B 97 5.40 4.89 19.63
N TRP B 98 4.87 6.12 19.61
CA TRP B 98 3.65 6.44 20.36
C TRP B 98 2.41 5.61 19.96
N ASP B 99 2.13 5.44 18.66
CA ASP B 99 0.93 4.68 18.25
C ASP B 99 1.08 3.20 18.66
N ASP B 100 2.23 2.61 18.36
CA ASP B 100 2.50 1.21 18.70
C ASP B 100 2.68 1.00 20.22
N LEU B 101 3.34 1.96 20.88
CA LEU B 101 3.62 1.88 22.32
C LEU B 101 2.34 1.74 23.15
N ARG B 102 1.35 2.56 22.86
CA ARG B 102 0.10 2.54 23.61
C ARG B 102 -0.74 1.30 23.30
N SER B 103 -0.53 0.67 22.12
CA SER B 103 -1.32 -0.51 21.77
C SER B 103 -0.83 -1.78 22.48
N LEU B 104 0.49 -2.04 22.49
CA LEU B 104 1.04 -3.25 23.14
C LEU B 104 0.95 -3.24 24.68
N SER B 105 1.29 -2.12 25.32
CA SER B 105 1.28 -2.05 26.79
C SER B 105 0.00 -1.41 27.35
N LEU B 106 -0.74 -0.65 26.52
CA LEU B 106 -1.96 0.04 26.98
C LEU B 106 -1.59 1.04 28.08
N PHE B 107 -2.49 1.98 28.36
CA PHE B 107 -2.23 3.01 29.37
C PHE B 107 -1.86 2.39 30.73
N SER B 108 -2.59 1.34 31.12
CA SER B 108 -2.33 0.65 32.39
C SER B 108 -1.05 -0.19 32.29
N TYR B 109 -0.39 -0.47 33.44
CA TYR B 109 0.83 -1.29 33.42
C TYR B 109 0.59 -2.67 34.00
N HIS B 110 1.58 -3.57 33.79
CA HIS B 110 1.45 -5.01 34.15
C HIS B 110 0.64 -5.72 33.02
N ARG B 111 -0.03 -4.92 32.18
CA ARG B 111 -0.82 -5.34 31.04
C ARG B 111 0.08 -5.83 29.89
N LEU B 112 1.32 -5.31 29.79
CA LEU B 112 2.20 -5.66 28.64
C LEU B 112 2.40 -7.17 28.59
N ARG B 113 2.55 -7.81 29.74
CA ARG B 113 2.67 -9.27 29.79
C ARG B 113 1.33 -9.89 29.39
N ASP B 114 0.24 -9.21 29.80
CA ASP B 114 -1.12 -9.63 29.49
C ASP B 114 -1.38 -9.51 27.98
N LEU B 115 -0.76 -8.52 27.31
CA LEU B 115 -1.01 -8.29 25.89
C LEU B 115 -0.70 -9.55 25.08
N LEU B 116 0.37 -10.28 25.42
CA LEU B 116 0.70 -11.48 24.67
C LEU B 116 -0.37 -12.56 24.84
N LEU B 117 -0.94 -12.68 26.03
CA LEU B 117 -1.98 -13.68 26.29
C LEU B 117 -3.33 -13.30 25.68
N ILE B 118 -3.73 -12.03 25.82
CA ILE B 118 -5.04 -11.60 25.32
C ILE B 118 -5.15 -11.77 23.81
N VAL B 119 -4.08 -11.52 23.03
CA VAL B 119 -4.20 -11.65 21.57
C VAL B 119 -4.72 -13.06 21.23
N THR B 120 -4.22 -14.07 21.95
CA THR B 120 -4.70 -15.44 21.73
C THR B 120 -6.19 -15.52 22.09
N ARG B 121 -6.59 -14.77 23.12
CA ARG B 121 -7.97 -14.75 23.58
C ARG B 121 -8.91 -14.06 22.60
N ILE B 122 -8.44 -13.00 21.91
CA ILE B 122 -9.30 -12.29 20.95
C ILE B 122 -9.78 -13.28 19.89
N VAL B 123 -8.86 -14.07 19.34
CA VAL B 123 -9.24 -15.06 18.34
C VAL B 123 -10.15 -16.13 18.96
N GLU B 124 -9.90 -16.51 20.22
CA GLU B 124 -10.70 -17.54 20.88
C GLU B 124 -12.15 -17.06 21.04
N LEU B 125 -12.32 -15.81 21.48
CA LEU B 125 -13.66 -15.23 21.67
C LEU B 125 -14.40 -15.12 20.33
N LEU B 126 -13.72 -14.54 19.35
CA LEU B 126 -14.29 -14.34 18.01
C LEU B 126 -14.34 -15.64 17.19
N GLY B 127 -13.65 -16.69 17.65
CA GLY B 127 -13.60 -17.96 16.91
C GLY B 127 -15.00 -18.57 16.73
N ARG B 128 -15.92 -18.25 17.64
CA ARG B 128 -17.31 -18.73 17.55
C ARG B 128 -18.02 -18.05 16.37
N ARG B 129 -17.72 -16.76 16.19
CA ARG B 129 -18.30 -15.94 15.14
C ARG B 129 -17.60 -16.12 13.78
N GLY B 130 -16.41 -16.74 13.79
CA GLY B 130 -15.62 -16.91 12.56
C GLY B 130 -16.39 -17.60 11.43
N TRP B 131 -17.43 -18.37 11.77
CA TRP B 131 -18.24 -19.06 10.76
C TRP B 131 -19.10 -18.15 9.91
N GLU B 132 -19.23 -16.88 10.30
CA GLU B 132 -20.06 -15.96 9.52
C GLU B 132 -19.64 -15.99 8.01
N ALA B 133 -18.49 -16.65 7.69
CA ALA B 133 -18.09 -16.87 6.31
C ALA B 133 -19.25 -17.60 5.61
N LEU B 134 -19.71 -18.69 6.24
CA LEU B 134 -20.81 -19.50 5.70
C LEU B 134 -22.16 -18.76 5.62
N LYS B 135 -22.52 -17.94 6.64
CA LYS B 135 -23.87 -17.30 6.60
C LYS B 135 -24.07 -16.47 5.33
N TYR B 136 -23.09 -15.64 5.00
CA TYR B 136 -23.18 -14.78 3.84
C TYR B 136 -23.10 -15.59 2.54
N TRP B 137 -22.28 -16.65 2.54
CA TRP B 137 -22.10 -17.49 1.35
C TRP B 137 -23.42 -18.01 0.78
N TRP B 138 -24.29 -18.60 1.59
CA TRP B 138 -25.58 -19.06 1.02
C TRP B 138 -26.42 -17.84 0.64
N ASN B 139 -26.29 -16.74 1.38
CA ASN B 139 -27.06 -15.53 1.09
C ASN B 139 -26.80 -15.01 -0.33
N LEU B 140 -25.53 -14.83 -0.73
CA LEU B 140 -25.21 -14.34 -2.09
C LEU B 140 -25.68 -15.34 -3.16
N LEU B 141 -25.30 -16.61 -2.99
CA LEU B 141 -25.67 -17.64 -3.97
C LEU B 141 -27.19 -17.74 -4.13
N GLN B 142 -27.93 -17.48 -3.03
CA GLN B 142 -29.38 -17.56 -3.02
C GLN B 142 -30.06 -16.50 -3.92
N TYR B 143 -29.65 -15.23 -3.83
CA TYR B 143 -30.29 -14.20 -4.61
C TYR B 143 -29.92 -14.27 -6.10
N TRP B 144 -28.68 -14.69 -6.42
CA TRP B 144 -28.26 -14.72 -7.83
C TRP B 144 -29.04 -15.82 -8.56
N SER B 145 -29.22 -16.97 -7.90
CA SER B 145 -30.00 -18.06 -8.47
C SER B 145 -31.42 -17.57 -8.76
N GLN B 146 -31.94 -16.74 -7.84
CA GLN B 146 -33.28 -16.16 -7.97
C GLN B 146 -33.36 -15.30 -9.24
N GLU B 147 -32.36 -14.46 -9.47
CA GLU B 147 -32.33 -13.58 -10.64
C GLU B 147 -32.14 -14.39 -11.93
N LEU B 148 -31.42 -15.53 -11.84
CA LEU B 148 -31.18 -16.36 -13.01
C LEU B 148 -32.51 -16.91 -13.56
N LYS B 149 -33.37 -17.38 -12.65
CA LYS B 149 -34.68 -17.91 -13.04
C LYS B 149 -35.57 -16.80 -13.60
N ASN B 150 -35.46 -15.60 -13.02
CA ASN B 150 -36.26 -14.45 -13.46
C ASN B 150 -35.89 -14.06 -14.89
N SER B 151 -34.59 -14.11 -15.21
CA SER B 151 -34.14 -13.77 -16.57
C SER B 151 -34.58 -14.83 -17.59
N ALA B 152 -34.38 -16.10 -17.23
CA ALA B 152 -34.73 -17.22 -18.11
C ALA B 152 -36.24 -17.30 -18.37
N VAL B 153 -37.04 -17.20 -17.30
CA VAL B 153 -38.51 -17.28 -17.44
C VAL B 153 -39.06 -16.12 -18.26
N SER B 154 -38.51 -14.93 -18.07
CA SER B 154 -38.97 -13.75 -18.82
C SER B 154 -38.86 -14.00 -20.32
N LEU B 155 -37.70 -14.51 -20.75
CA LEU B 155 -37.44 -14.78 -22.17
C LEU B 155 -38.25 -15.98 -22.70
N LEU B 156 -38.17 -17.12 -22.00
CA LEU B 156 -38.86 -18.34 -22.42
C LEU B 156 -40.39 -18.19 -22.36
N ASN B 157 -40.90 -17.59 -21.28
CA ASN B 157 -42.34 -17.39 -21.11
C ASN B 157 -42.88 -16.46 -22.19
N ALA B 158 -42.11 -15.43 -22.52
CA ALA B 158 -42.52 -14.45 -23.53
C ALA B 158 -42.66 -15.12 -24.90
N THR B 159 -41.69 -15.97 -25.23
CA THR B 159 -41.68 -16.69 -26.51
C THR B 159 -42.75 -17.81 -26.51
N ALA B 160 -43.08 -18.33 -25.33
CA ALA B 160 -44.03 -19.42 -25.18
C ALA B 160 -45.45 -19.00 -25.61
N ILE B 161 -45.75 -17.72 -25.49
CA ILE B 161 -47.07 -17.19 -25.81
C ILE B 161 -47.46 -17.49 -27.26
N ALA B 162 -46.46 -17.62 -28.16
CA ALA B 162 -46.74 -17.95 -29.56
C ALA B 162 -47.62 -19.20 -29.63
N VAL B 163 -47.98 -19.61 -30.85
CA VAL B 163 -48.85 -20.79 -31.08
C VAL B 163 -50.06 -20.80 -30.13
N GLY B 164 -50.86 -21.87 -30.20
CA GLY B 164 -52.03 -22.02 -29.34
C GLY B 164 -51.63 -22.62 -28.00
N GLU B 165 -52.60 -23.13 -27.24
CA GLU B 165 -52.32 -23.73 -25.93
C GLU B 165 -51.68 -22.68 -25.00
N GLY B 166 -51.72 -22.95 -23.69
CA GLY B 166 -51.15 -22.03 -22.70
C GLY B 166 -49.71 -22.43 -22.36
N THR B 167 -48.78 -22.19 -23.29
CA THR B 167 -47.37 -22.53 -23.09
C THR B 167 -46.82 -21.83 -21.82
N ASP B 168 -47.26 -20.59 -21.55
CA ASP B 168 -46.79 -19.86 -20.38
C ASP B 168 -47.09 -20.62 -19.08
N ARG B 169 -48.11 -21.47 -19.09
CA ARG B 169 -48.48 -22.24 -17.91
C ARG B 169 -47.36 -23.21 -17.52
N VAL B 170 -46.84 -23.95 -18.51
CA VAL B 170 -45.78 -24.94 -18.29
C VAL B 170 -44.43 -24.31 -17.89
N ILE B 171 -44.01 -23.24 -18.58
CA ILE B 171 -42.71 -22.59 -18.30
C ILE B 171 -42.63 -22.02 -16.87
N GLU B 172 -43.67 -21.29 -16.44
CA GLU B 172 -43.67 -20.67 -15.12
C GLU B 172 -43.85 -21.68 -13.97
N VAL B 173 -44.70 -22.70 -14.17
CA VAL B 173 -44.93 -23.70 -13.11
C VAL B 173 -43.69 -24.54 -12.83
N VAL B 174 -42.98 -24.96 -13.90
CA VAL B 174 -41.78 -25.79 -13.73
C VAL B 174 -40.70 -24.99 -12.98
N GLN B 175 -40.44 -23.75 -13.40
CA GLN B 175 -39.45 -22.91 -12.73
C GLN B 175 -39.90 -22.58 -11.32
N GLY B 176 -41.13 -22.13 -11.18
CA GLY B 176 -41.68 -21.76 -9.88
C GLY B 176 -41.72 -22.96 -8.95
N ALA B 177 -41.93 -24.17 -9.50
CA ALA B 177 -42.01 -25.37 -8.68
C ALA B 177 -40.68 -25.75 -8.01
N SER B 178 -39.58 -25.71 -8.76
CA SER B 178 -38.25 -26.10 -8.20
C SER B 178 -37.66 -25.05 -7.23
N ARG B 179 -37.69 -23.77 -7.60
CA ARG B 179 -37.14 -22.71 -6.75
C ARG B 179 -37.98 -22.49 -5.52
N ALA B 180 -39.27 -22.31 -5.75
CA ALA B 180 -40.22 -22.07 -4.65
C ALA B 180 -40.30 -23.26 -3.67
N ILE B 181 -40.18 -24.50 -4.18
CA ILE B 181 -40.29 -25.68 -3.29
C ILE B 181 -39.07 -25.82 -2.36
N ARG B 182 -37.85 -25.53 -2.85
CA ARG B 182 -36.65 -25.66 -2.00
C ARG B 182 -36.71 -24.67 -0.82
N HIS B 183 -37.45 -23.57 -0.98
CA HIS B 183 -37.61 -22.56 0.07
C HIS B 183 -36.24 -22.19 0.69
N ILE B 184 -36.27 -21.42 1.79
CA ILE B 184 -35.05 -21.00 2.48
C ILE B 184 -34.96 -21.68 3.87
N PRO B 185 -33.82 -22.25 4.28
CA PRO B 185 -33.69 -22.91 5.61
C PRO B 185 -33.39 -21.91 6.73
N ARG B 186 -33.87 -22.22 7.94
CA ARG B 186 -33.65 -21.36 9.10
C ARG B 186 -32.16 -21.08 9.32
N ARG B 187 -31.86 -20.20 10.28
CA ARG B 187 -30.48 -19.83 10.59
C ARG B 187 -29.60 -21.06 10.82
N ILE B 188 -28.84 -21.45 9.78
CA ILE B 188 -27.94 -22.61 9.90
C ILE B 188 -26.95 -22.37 11.02
N ARG B 189 -26.41 -21.15 11.09
CA ARG B 189 -25.44 -20.79 12.12
C ARG B 189 -26.03 -20.97 13.52
N GLN B 190 -27.32 -20.65 13.68
CA GLN B 190 -27.97 -20.78 14.98
C GLN B 190 -27.90 -22.22 15.49
N GLY B 191 -28.31 -23.17 14.64
CA GLY B 191 -28.30 -24.59 15.01
C GLY B 191 -26.87 -25.17 15.07
N LEU B 192 -26.05 -24.85 14.07
CA LEU B 192 -24.68 -25.35 14.00
C LEU B 192 -23.83 -24.82 15.17
N GLU B 193 -23.90 -23.51 15.41
CA GLU B 193 -23.13 -22.90 16.51
C GLU B 193 -23.58 -23.42 17.88
N ARG B 194 -24.88 -23.73 18.01
CA ARG B 194 -25.41 -24.22 19.29
C ARG B 194 -24.84 -25.61 19.64
N ILE B 195 -24.66 -26.47 18.64
CA ILE B 195 -24.15 -27.83 18.86
C ILE B 195 -22.61 -27.89 18.79
N LEU B 196 -22.03 -27.17 17.83
CA LEU B 196 -20.57 -27.17 17.64
C LEU B 196 -19.89 -26.10 18.52
N LEU B 197 -20.63 -25.07 18.91
CA LEU B 197 -20.07 -23.99 19.75
C LEU B 197 -18.90 -23.31 19.02
N LEU C 1 38.65 -15.30 -16.79
CA LEU C 1 37.82 -16.11 -17.73
C LEU C 1 37.26 -17.37 -17.02
N LEU C 2 37.26 -17.36 -15.68
CA LEU C 2 36.77 -18.51 -14.90
C LEU C 2 37.53 -19.77 -15.29
N GLU C 3 37.33 -20.88 -14.56
CA GLU C 3 38.04 -22.12 -14.85
C GLU C 3 37.54 -23.30 -13.99
N LEU C 4 37.84 -24.51 -14.45
CA LEU C 4 37.44 -25.73 -13.75
C LEU C 4 37.94 -25.72 -12.31
N ASP C 5 39.19 -25.33 -12.15
CA ASP C 5 39.83 -25.28 -10.85
C ASP C 5 39.18 -24.25 -9.92
N LYS C 6 38.43 -23.30 -10.49
CA LYS C 6 37.76 -22.28 -9.68
C LYS C 6 36.46 -22.82 -9.09
N TRP C 7 35.69 -23.56 -9.90
CA TRP C 7 34.41 -24.11 -9.45
C TRP C 7 34.62 -25.31 -8.52
N ALA C 8 35.51 -26.22 -8.92
CA ALA C 8 35.77 -27.43 -8.14
C ALA C 8 36.49 -27.12 -6.81
N SER C 9 37.33 -26.09 -6.80
CA SER C 9 38.06 -25.71 -5.59
C SER C 9 37.13 -25.16 -4.51
N LEU C 10 35.96 -24.64 -4.91
CA LEU C 10 35.01 -24.07 -3.94
C LEU C 10 34.36 -25.16 -3.10
N TRP C 11 34.15 -26.34 -3.68
CA TRP C 11 33.52 -27.45 -2.94
C TRP C 11 34.34 -27.82 -1.69
N ASN C 12 35.64 -27.51 -1.72
CA ASN C 12 36.53 -27.80 -0.61
C ASN C 12 36.21 -26.91 0.60
N TRP C 13 35.93 -25.62 0.33
CA TRP C 13 35.61 -24.68 1.39
C TRP C 13 34.35 -25.15 2.14
N PHE C 14 33.38 -25.64 1.36
CA PHE C 14 32.13 -26.16 1.90
C PHE C 14 31.38 -25.13 2.76
N ASP C 15 30.06 -25.33 2.88
CA ASP C 15 29.16 -24.46 3.66
C ASP C 15 28.83 -23.18 2.87
N ILE C 16 29.88 -22.54 2.36
CA ILE C 16 29.73 -21.32 1.57
C ILE C 16 29.06 -21.64 0.22
N THR C 17 29.46 -22.76 -0.39
CA THR C 17 28.92 -23.15 -1.69
C THR C 17 27.39 -23.18 -1.67
N ASN C 18 26.81 -23.54 -0.53
CA ASN C 18 25.34 -23.59 -0.41
C ASN C 18 24.75 -22.22 -0.75
N TRP C 19 25.28 -21.17 -0.13
CA TRP C 19 24.81 -19.81 -0.42
C TRP C 19 25.17 -19.46 -1.88
N LEU C 20 26.35 -19.87 -2.32
CA LEU C 20 26.83 -19.57 -3.66
C LEU C 20 25.93 -20.15 -4.78
N TRP C 21 25.34 -21.33 -4.56
CA TRP C 21 24.51 -21.96 -5.60
C TRP C 21 23.02 -22.13 -5.24
N TYR C 22 22.59 -21.73 -4.03
CA TYR C 22 21.17 -21.87 -3.65
C TYR C 22 20.42 -20.53 -3.69
N ILE C 23 21.13 -19.44 -3.96
CA ILE C 23 20.48 -18.12 -4.07
C ILE C 23 19.44 -18.11 -5.19
N ARG C 24 19.73 -18.84 -6.28
CA ARG C 24 18.82 -18.90 -7.43
C ARG C 24 17.41 -19.29 -6.98
N ILE C 25 17.31 -20.34 -6.14
CA ILE C 25 16.01 -20.76 -5.63
C ILE C 25 15.38 -19.60 -4.83
N PHE C 26 16.23 -18.92 -4.04
CA PHE C 26 15.80 -17.80 -3.21
C PHE C 26 15.23 -16.63 -4.03
N ILE C 27 15.77 -16.39 -5.23
CA ILE C 27 15.31 -15.27 -6.08
C ILE C 27 13.86 -15.47 -6.49
N ILE C 28 13.55 -16.64 -7.07
CA ILE C 28 12.19 -16.94 -7.52
C ILE C 28 11.17 -16.73 -6.39
N ILE C 29 11.56 -17.06 -5.15
CA ILE C 29 10.65 -16.89 -4.00
C ILE C 29 10.21 -15.44 -3.92
N VAL C 30 11.14 -14.51 -4.21
CA VAL C 30 10.83 -13.08 -4.19
C VAL C 30 9.67 -12.81 -5.15
N GLY C 31 9.69 -13.48 -6.32
CA GLY C 31 8.60 -13.36 -7.31
C GLY C 31 7.28 -13.74 -6.65
N SER C 32 7.29 -14.80 -5.83
CA SER C 32 6.10 -15.22 -5.10
C SER C 32 5.73 -14.17 -4.06
N LEU C 33 6.75 -13.59 -3.44
CA LEU C 33 6.59 -12.59 -2.40
C LEU C 33 5.82 -11.35 -2.90
N ILE C 34 6.06 -10.92 -4.14
CA ILE C 34 5.36 -9.74 -4.65
C ILE C 34 3.81 -9.93 -4.62
N GLY C 35 3.31 -11.12 -4.98
CA GLY C 35 1.85 -11.35 -5.00
C GLY C 35 1.20 -11.25 -3.59
N LEU C 36 1.84 -11.86 -2.58
CA LEU C 36 1.33 -11.83 -1.19
C LEU C 36 1.36 -10.39 -0.62
N ARG C 37 2.35 -9.61 -1.03
CA ARG C 37 2.53 -8.22 -0.56
C ARG C 37 1.23 -7.41 -0.72
N ILE C 38 0.36 -7.77 -1.67
CA ILE C 38 -0.86 -6.97 -1.91
C ILE C 38 -1.70 -6.85 -0.66
N VAL C 39 -1.73 -7.89 0.18
CA VAL C 39 -2.57 -7.82 1.38
C VAL C 39 -2.23 -6.54 2.19
N PHE C 40 -0.97 -6.12 2.09
CA PHE C 40 -0.50 -4.95 2.80
C PHE C 40 -1.37 -3.73 2.46
N ALA C 41 -1.91 -3.69 1.24
CA ALA C 41 -2.77 -2.58 0.83
C ALA C 41 -4.00 -2.47 1.75
N VAL C 42 -4.68 -3.61 2.04
CA VAL C 42 -5.83 -3.57 2.97
C VAL C 42 -5.34 -3.30 4.39
N LEU C 43 -4.18 -3.86 4.71
CA LEU C 43 -3.51 -3.68 6.01
C LEU C 43 -3.41 -2.17 6.30
N SER C 44 -3.16 -1.37 5.26
CA SER C 44 -2.99 0.08 5.43
C SER C 44 -4.27 0.70 6.01
N LEU C 45 -5.43 0.13 5.67
CA LEU C 45 -6.70 0.61 6.22
C LEU C 45 -6.68 0.48 7.74
N VAL C 46 -6.12 -0.64 8.21
CA VAL C 46 -5.97 -0.90 9.65
C VAL C 46 -4.94 0.10 10.20
N ASN C 47 -3.88 0.35 9.42
CA ASN C 47 -2.82 1.29 9.81
C ASN C 47 -3.41 2.68 10.04
N ARG C 48 -4.40 3.06 9.22
CA ARG C 48 -5.05 4.37 9.38
C ARG C 48 -5.69 4.45 10.75
N VAL C 49 -6.33 3.36 11.15
CA VAL C 49 -7.01 3.26 12.43
C VAL C 49 -5.98 3.26 13.56
N ARG C 50 -4.94 2.45 13.36
CA ARG C 50 -3.87 2.28 14.35
C ARG C 50 -2.93 3.50 14.43
N GLN C 51 -2.82 4.27 13.35
CA GLN C 51 -1.91 5.45 13.33
C GLN C 51 -2.62 6.79 13.52
N GLY C 52 -3.91 6.75 13.84
CA GLY C 52 -4.69 7.98 14.05
C GLY C 52 -5.47 8.39 12.78
N TYR C 53 -4.88 9.31 11.98
CA TYR C 53 -5.53 9.79 10.74
C TYR C 53 -4.50 10.02 9.63
N SER C 54 -3.59 10.97 9.86
CA SER C 54 -2.57 11.32 8.88
C SER C 54 -1.39 10.33 8.93
N PRO C 55 -0.59 10.25 7.85
CA PRO C 55 0.58 9.34 7.73
C PRO C 55 1.05 8.70 9.07
N LEU C 56 2.19 9.13 9.64
CA LEU C 56 2.68 8.54 10.89
C LEU C 56 2.56 9.52 12.07
N SER C 57 2.46 10.83 11.79
CA SER C 57 2.36 11.83 12.86
C SER C 57 0.87 12.14 13.19
N GLU C 80 -5.13 2.55 19.75
CA GLU C 80 -5.15 1.78 21.02
C GLU C 80 -5.98 0.47 20.92
N ARG C 81 -7.23 0.50 21.37
CA ARG C 81 -8.11 -0.68 21.35
C ARG C 81 -8.28 -1.27 19.95
N ASP C 82 -8.13 -0.43 18.93
CA ASP C 82 -8.29 -0.87 17.54
C ASP C 82 -7.35 -2.06 17.21
N ARG C 83 -6.31 -2.28 18.03
CA ARG C 83 -5.38 -3.39 17.79
C ARG C 83 -6.11 -4.70 18.01
N ASP C 84 -6.86 -4.80 19.11
CA ASP C 84 -7.61 -6.03 19.38
C ASP C 84 -8.64 -6.22 18.26
N ARG C 85 -9.12 -5.10 17.67
CA ARG C 85 -10.07 -5.19 16.57
C ARG C 85 -9.37 -5.68 15.33
N SER C 86 -8.13 -5.22 15.11
CA SER C 86 -7.36 -5.68 13.98
C SER C 86 -7.14 -7.19 14.19
N ILE C 87 -6.99 -7.64 15.46
CA ILE C 87 -6.92 -9.10 15.74
C ILE C 87 -8.24 -9.72 15.30
N ARG C 88 -9.35 -9.03 15.60
CA ARG C 88 -10.67 -9.53 15.23
C ARG C 88 -10.69 -9.67 13.69
N LEU C 89 -9.97 -8.79 13.01
CA LEU C 89 -9.86 -8.85 11.55
C LEU C 89 -9.36 -10.23 11.07
N VAL C 90 -8.78 -11.05 11.97
CA VAL C 90 -8.36 -12.42 11.60
C VAL C 90 -9.62 -13.12 11.05
N ASN C 91 -10.66 -13.02 11.85
CA ASN C 91 -12.00 -13.51 11.57
C ASN C 91 -12.67 -12.71 10.43
N GLY C 92 -12.01 -11.61 10.07
CA GLY C 92 -12.50 -10.66 9.09
C GLY C 92 -12.87 -11.33 7.77
N SER C 93 -12.40 -12.55 7.54
CA SER C 93 -12.72 -13.27 6.30
C SER C 93 -14.24 -13.34 6.17
N LEU C 94 -14.95 -13.53 7.30
CA LEU C 94 -16.41 -13.56 7.26
C LEU C 94 -16.94 -12.18 6.83
N ALA C 95 -16.35 -11.13 7.41
CA ALA C 95 -16.69 -9.74 7.10
C ALA C 95 -16.41 -9.45 5.62
N LEU C 96 -15.38 -10.09 5.09
CA LEU C 96 -14.94 -9.85 3.72
C LEU C 96 -16.06 -10.12 2.72
N ILE C 97 -17.03 -11.01 3.01
CA ILE C 97 -18.11 -11.18 2.06
C ILE C 97 -19.09 -10.00 2.17
N TRP C 98 -19.12 -9.36 3.35
CA TRP C 98 -20.02 -8.23 3.63
C TRP C 98 -19.74 -6.97 2.78
N ASP C 99 -18.47 -6.55 2.66
CA ASP C 99 -18.15 -5.33 1.88
C ASP C 99 -18.35 -5.54 0.36
N ASP C 100 -17.94 -6.70 -0.14
CA ASP C 100 -18.03 -7.00 -1.57
C ASP C 100 -19.47 -7.21 -2.08
N LEU C 101 -20.33 -7.84 -1.29
CA LEU C 101 -21.70 -8.17 -1.71
C LEU C 101 -22.60 -6.98 -2.12
N ARG C 102 -22.46 -5.81 -1.50
CA ARG C 102 -23.35 -4.69 -1.82
C ARG C 102 -23.05 -4.03 -3.18
N SER C 103 -21.80 -4.10 -3.66
CA SER C 103 -21.44 -3.45 -4.93
C SER C 103 -21.90 -4.22 -6.20
N LEU C 104 -21.67 -5.53 -6.25
CA LEU C 104 -22.03 -6.31 -7.45
C LEU C 104 -23.54 -6.44 -7.66
N SER C 105 -24.30 -6.59 -6.58
CA SER C 105 -25.76 -6.72 -6.70
C SER C 105 -26.47 -5.38 -6.43
N LEU C 106 -25.74 -4.38 -5.90
CA LEU C 106 -26.33 -3.07 -5.60
C LEU C 106 -27.60 -3.22 -4.76
N PHE C 107 -28.25 -2.09 -4.44
CA PHE C 107 -29.47 -2.09 -3.64
C PHE C 107 -30.59 -2.78 -4.44
N SER C 108 -31.55 -3.38 -3.71
CA SER C 108 -32.68 -4.09 -4.35
C SER C 108 -32.14 -5.30 -5.11
N TYR C 109 -32.85 -6.43 -5.04
CA TYR C 109 -32.40 -7.65 -5.71
C TYR C 109 -33.00 -7.79 -7.12
N HIS C 110 -32.12 -7.60 -8.10
CA HIS C 110 -32.41 -7.64 -9.55
C HIS C 110 -31.21 -7.05 -10.31
N ARG C 111 -30.49 -6.15 -9.62
CA ARG C 111 -29.33 -5.45 -10.12
C ARG C 111 -28.14 -6.36 -10.51
N LEU C 112 -27.98 -7.54 -9.88
CA LEU C 112 -26.77 -8.35 -10.15
C LEU C 112 -26.63 -8.69 -11.63
N ARG C 113 -27.72 -8.95 -12.33
CA ARG C 113 -27.65 -9.19 -13.76
C ARG C 113 -27.32 -7.87 -14.45
N ASP C 114 -27.93 -6.81 -13.94
CA ASP C 114 -27.70 -5.45 -14.40
C ASP C 114 -26.23 -5.05 -14.23
N LEU C 115 -25.56 -5.58 -13.18
CA LEU C 115 -24.20 -5.16 -12.85
C LEU C 115 -23.24 -5.31 -14.03
N LEU C 116 -23.35 -6.37 -14.84
CA LEU C 116 -22.42 -6.50 -15.97
C LEU C 116 -22.72 -5.43 -17.03
N LEU C 117 -24.00 -5.12 -17.22
CA LEU C 117 -24.39 -4.11 -18.21
C LEU C 117 -24.09 -2.69 -17.72
N ILE C 118 -24.27 -2.45 -16.42
CA ILE C 118 -24.04 -1.11 -15.86
C ILE C 118 -22.57 -0.72 -16.07
N VAL C 119 -21.65 -1.63 -15.76
CA VAL C 119 -20.23 -1.31 -15.88
C VAL C 119 -19.88 -0.80 -17.29
N THR C 120 -20.36 -1.49 -18.33
CA THR C 120 -20.11 -1.05 -19.70
C THR C 120 -20.77 0.29 -19.96
N ARG C 121 -21.97 0.48 -19.39
CA ARG C 121 -22.74 1.70 -19.58
C ARG C 121 -22.05 2.93 -18.99
N ILE C 122 -21.42 2.80 -17.82
CA ILE C 122 -20.76 3.95 -17.20
C ILE C 122 -19.62 4.43 -18.07
N VAL C 123 -18.78 3.50 -18.53
CA VAL C 123 -17.61 3.87 -19.34
C VAL C 123 -18.04 4.50 -20.66
N GLU C 124 -19.10 3.97 -21.27
CA GLU C 124 -19.56 4.50 -22.55
C GLU C 124 -20.11 5.91 -22.37
N LEU C 125 -20.90 6.10 -21.31
CA LEU C 125 -21.49 7.41 -21.00
C LEU C 125 -20.42 8.45 -20.65
N LEU C 126 -19.57 8.09 -19.69
CA LEU C 126 -18.52 8.96 -19.18
C LEU C 126 -17.31 9.09 -20.12
N GLY C 127 -17.20 8.23 -21.15
CA GLY C 127 -16.04 8.29 -22.04
C GLY C 127 -15.94 9.65 -22.75
N ARG C 128 -17.04 10.39 -22.82
CA ARG C 128 -17.06 11.71 -23.44
C ARG C 128 -16.41 12.79 -22.56
N ARG C 129 -16.76 12.79 -21.26
CA ARG C 129 -16.23 13.77 -20.30
C ARG C 129 -14.83 13.39 -19.77
N GLY C 130 -14.42 12.13 -19.97
CA GLY C 130 -13.11 11.65 -19.47
C GLY C 130 -11.94 12.52 -19.98
N TRP C 131 -12.14 13.20 -21.09
CA TRP C 131 -11.11 14.06 -21.71
C TRP C 131 -10.55 15.15 -20.80
N GLU C 132 -11.20 15.43 -19.67
CA GLU C 132 -10.69 16.48 -18.77
C GLU C 132 -9.17 16.25 -18.47
N ALA C 133 -8.62 15.07 -18.85
CA ALA C 133 -7.18 14.81 -18.73
C ALA C 133 -6.44 15.94 -19.47
N LEU C 134 -6.96 16.23 -20.68
CA LEU C 134 -6.43 17.27 -21.54
C LEU C 134 -6.51 18.63 -20.81
N LYS C 135 -7.62 18.85 -20.08
CA LYS C 135 -7.83 20.14 -19.37
C LYS C 135 -6.68 20.49 -18.39
N TYR C 136 -6.27 19.54 -17.56
CA TYR C 136 -5.24 19.83 -16.57
C TYR C 136 -3.86 19.97 -17.16
N TRP C 137 -3.51 19.11 -18.13
CA TRP C 137 -2.18 19.15 -18.72
C TRP C 137 -1.89 20.50 -19.40
N TRP C 138 -2.91 21.14 -19.97
CA TRP C 138 -2.71 22.46 -20.58
C TRP C 138 -2.44 23.48 -19.47
N ASN C 139 -3.27 23.44 -18.41
CA ASN C 139 -3.10 24.35 -17.27
C ASN C 139 -1.76 24.08 -16.56
N LEU C 140 -1.37 22.81 -16.53
CA LEU C 140 -0.15 22.34 -15.88
C LEU C 140 1.11 22.97 -16.50
N LEU C 141 1.22 22.88 -17.83
CA LEU C 141 2.37 23.44 -18.54
C LEU C 141 2.32 24.98 -18.58
N GLN C 142 1.11 25.51 -18.63
CA GLN C 142 0.91 26.96 -18.71
C GLN C 142 1.42 27.71 -17.47
N TYR C 143 1.11 27.23 -16.24
CA TYR C 143 1.55 27.92 -15.07
C TYR C 143 3.05 27.74 -14.85
N TRP C 144 3.61 26.54 -15.13
CA TRP C 144 5.05 26.34 -14.88
C TRP C 144 5.84 27.23 -15.85
N SER C 145 5.31 27.41 -17.06
CA SER C 145 5.94 28.31 -18.04
C SER C 145 6.00 29.72 -17.42
N GLN C 146 4.95 30.07 -16.68
CA GLN C 146 4.87 31.37 -16.02
C GLN C 146 6.02 31.55 -15.02
N GLU C 147 6.40 30.48 -14.29
CA GLU C 147 7.50 30.58 -13.33
C GLU C 147 8.79 30.97 -14.09
N LEU C 148 8.94 30.40 -15.30
CA LEU C 148 10.10 30.69 -16.15
C LEU C 148 10.11 32.16 -16.55
N LYS C 149 8.93 32.73 -16.83
CA LYS C 149 8.84 34.13 -17.26
C LYS C 149 9.43 35.08 -16.21
N ASN C 150 9.03 34.95 -14.94
CA ASN C 150 9.55 35.84 -13.88
C ASN C 150 11.05 35.65 -13.67
N SER C 151 11.54 34.42 -13.85
CA SER C 151 12.97 34.14 -13.68
C SER C 151 13.78 35.01 -14.67
N ALA C 152 13.30 35.07 -15.91
CA ALA C 152 13.96 35.85 -16.96
C ALA C 152 13.90 37.35 -16.65
N VAL C 153 12.74 37.85 -16.20
CA VAL C 153 12.59 39.27 -15.90
C VAL C 153 13.68 39.72 -14.92
N SER C 154 13.89 38.93 -13.87
CA SER C 154 14.89 39.27 -12.86
C SER C 154 16.28 39.39 -13.44
N LEU C 155 16.78 38.32 -14.09
CA LEU C 155 18.13 38.32 -14.64
C LEU C 155 18.30 39.16 -15.93
N LEU C 156 17.47 38.91 -16.94
CA LEU C 156 17.58 39.62 -18.22
C LEU C 156 17.28 41.12 -18.11
N ASN C 157 16.21 41.49 -17.38
CA ASN C 157 15.85 42.90 -17.25
C ASN C 157 16.82 43.66 -16.36
N ALA C 158 17.29 43.00 -15.30
CA ALA C 158 18.22 43.65 -14.36
C ALA C 158 19.55 44.00 -15.02
N THR C 159 20.07 43.07 -15.83
CA THR C 159 21.35 43.29 -16.52
C THR C 159 21.19 44.30 -17.67
N ALA C 160 19.99 44.38 -18.24
CA ALA C 160 19.70 45.28 -19.36
C ALA C 160 19.98 46.76 -19.02
N ILE C 161 19.72 47.17 -17.78
CA ILE C 161 19.94 48.57 -17.38
C ILE C 161 21.41 48.98 -17.62
N ALA C 162 22.33 48.01 -17.55
CA ALA C 162 23.75 48.31 -17.79
C ALA C 162 23.99 48.82 -19.22
N VAL C 163 22.96 48.76 -20.08
CA VAL C 163 23.08 49.19 -21.48
C VAL C 163 22.60 50.66 -21.62
N GLY C 164 22.97 51.50 -20.64
CA GLY C 164 22.61 52.92 -20.66
C GLY C 164 21.09 53.15 -20.50
N GLU C 165 20.37 52.15 -19.96
CA GLU C 165 18.92 52.26 -19.74
C GLU C 165 18.17 52.46 -21.06
N GLY C 166 17.30 51.50 -21.39
CA GLY C 166 16.50 51.53 -22.62
C GLY C 166 16.15 50.11 -23.07
N THR C 167 17.05 49.17 -22.76
CA THR C 167 16.87 47.76 -23.06
C THR C 167 15.70 47.17 -22.26
N ASP C 168 15.51 47.66 -21.03
CA ASP C 168 14.47 47.13 -20.15
C ASP C 168 13.09 47.23 -20.80
N ARG C 169 12.91 48.18 -21.71
CA ARG C 169 11.64 48.29 -22.42
C ARG C 169 11.50 47.08 -23.36
N VAL C 170 12.60 46.77 -24.06
CA VAL C 170 12.64 45.64 -25.01
C VAL C 170 12.53 44.26 -24.31
N ILE C 171 13.27 44.07 -23.20
CA ILE C 171 13.27 42.78 -22.49
C ILE C 171 11.86 42.39 -22.00
N GLU C 172 11.16 43.33 -21.35
CA GLU C 172 9.82 43.05 -20.82
C GLU C 172 8.75 42.96 -21.93
N VAL C 173 8.82 43.85 -22.92
CA VAL C 173 7.84 43.87 -24.01
C VAL C 173 7.92 42.59 -24.87
N VAL C 174 9.14 42.23 -25.31
CA VAL C 174 9.32 41.04 -26.15
C VAL C 174 8.93 39.77 -25.37
N GLN C 175 9.40 39.68 -24.13
CA GLN C 175 9.10 38.51 -23.28
C GLN C 175 7.59 38.38 -23.08
N GLY C 176 6.94 39.50 -22.75
CA GLY C 176 5.49 39.51 -22.53
C GLY C 176 4.72 39.06 -23.77
N ALA C 177 5.27 39.34 -24.95
CA ALA C 177 4.63 38.97 -26.21
C ALA C 177 4.61 37.45 -26.40
N SER C 178 5.74 36.80 -26.13
CA SER C 178 5.87 35.33 -26.31
C SER C 178 5.11 34.53 -25.24
N ARG C 179 5.24 34.90 -23.97
CA ARG C 179 4.60 34.16 -22.89
C ARG C 179 3.08 34.32 -22.92
N ALA C 180 2.66 35.56 -22.97
CA ALA C 180 1.24 35.91 -23.00
C ALA C 180 0.52 35.30 -24.22
N ILE C 181 1.10 35.41 -25.41
CA ILE C 181 0.47 34.85 -26.62
C ILE C 181 0.28 33.34 -26.50
N ARG C 182 1.25 32.66 -25.89
CA ARG C 182 1.17 31.20 -25.73
C ARG C 182 -0.02 30.79 -24.83
N HIS C 183 -0.60 31.76 -24.10
CA HIS C 183 -1.75 31.50 -23.23
C HIS C 183 -2.99 31.15 -24.05
N ILE C 184 -3.45 29.91 -23.91
CA ILE C 184 -4.64 29.43 -24.64
C ILE C 184 -5.85 29.39 -23.68
N PRO C 185 -7.08 29.70 -24.14
CA PRO C 185 -8.29 29.69 -23.25
C PRO C 185 -8.69 28.26 -22.84
N ARG C 186 -9.91 28.12 -22.29
CA ARG C 186 -10.43 26.82 -21.84
C ARG C 186 -11.68 26.44 -22.66
N ARG C 187 -12.36 25.34 -22.26
CA ARG C 187 -13.56 24.86 -22.98
C ARG C 187 -13.20 24.36 -24.40
N ILE C 188 -11.90 24.15 -24.66
CA ILE C 188 -11.45 23.68 -25.98
C ILE C 188 -11.90 22.23 -26.21
N ARG C 189 -11.59 21.38 -25.25
CA ARG C 189 -11.95 19.97 -25.28
C ARG C 189 -13.49 19.82 -25.39
N GLN C 190 -14.23 20.71 -24.69
CA GLN C 190 -15.68 20.65 -24.71
C GLN C 190 -16.19 20.80 -26.15
N GLY C 191 -15.66 21.80 -26.87
CA GLY C 191 -16.07 22.03 -28.26
C GLY C 191 -15.70 20.83 -29.13
N LEU C 192 -14.49 20.31 -28.91
CA LEU C 192 -14.01 19.15 -29.66
C LEU C 192 -14.88 17.91 -29.36
N GLU C 193 -15.39 17.84 -28.12
CA GLU C 193 -16.23 16.71 -27.71
C GLU C 193 -17.53 16.70 -28.53
N ARG C 194 -18.10 17.88 -28.78
CA ARG C 194 -19.33 18.00 -29.56
C ARG C 194 -19.09 17.56 -31.01
N ILE C 195 -17.92 17.92 -31.55
CA ILE C 195 -17.57 17.56 -32.94
C ILE C 195 -17.34 16.05 -33.08
N LEU C 196 -17.29 15.31 -31.96
CA LEU C 196 -17.07 13.86 -31.99
C LEU C 196 -18.39 13.09 -32.17
N LEU C 197 -19.52 13.77 -31.97
CA LEU C 197 -20.84 13.13 -32.12
C LEU C 197 -21.89 14.18 -32.49
N LEU A 1 34.39 -29.50 -11.09
CA LEU A 1 34.92 -28.69 -12.23
C LEU A 1 33.85 -28.60 -13.33
N LEU A 2 33.39 -27.39 -13.64
CA LEU A 2 32.39 -27.20 -14.68
C LEU A 2 32.91 -27.74 -16.02
N GLU A 3 32.14 -27.54 -17.10
CA GLU A 3 32.54 -28.01 -18.42
C GLU A 3 32.02 -27.07 -19.51
N LEU A 4 32.90 -26.72 -20.45
CA LEU A 4 32.55 -25.83 -21.55
C LEU A 4 31.52 -26.49 -22.46
N ASP A 5 31.79 -27.74 -22.81
CA ASP A 5 30.90 -28.52 -23.68
C ASP A 5 29.54 -28.78 -23.03
N LYS A 6 29.49 -28.70 -21.69
CA LYS A 6 28.23 -28.93 -20.97
C LYS A 6 27.26 -27.77 -21.20
N TRP A 7 27.81 -26.55 -21.24
CA TRP A 7 26.99 -25.36 -21.46
C TRP A 7 26.28 -25.46 -22.81
N ALA A 8 27.05 -25.85 -23.82
CA ALA A 8 26.52 -25.99 -25.19
C ALA A 8 25.52 -27.15 -25.28
N SER A 9 25.79 -28.24 -24.53
CA SER A 9 24.91 -29.40 -24.54
C SER A 9 23.55 -29.07 -23.92
N LEU A 10 23.53 -28.09 -23.01
CA LEU A 10 22.30 -27.68 -22.34
C LEU A 10 21.28 -27.15 -23.35
N TRP A 11 21.76 -26.49 -24.41
CA TRP A 11 20.85 -25.94 -25.43
C TRP A 11 20.02 -27.06 -26.08
N ASN A 12 20.54 -28.29 -26.07
CA ASN A 12 19.85 -29.44 -26.66
C ASN A 12 18.82 -30.01 -25.65
N TRP A 13 19.17 -29.97 -24.36
CA TRP A 13 18.30 -30.48 -23.30
C TRP A 13 16.88 -29.90 -23.44
N PHE A 14 16.81 -28.60 -23.77
CA PHE A 14 15.53 -27.90 -23.96
C PHE A 14 14.61 -28.01 -22.72
N ASP A 15 13.70 -27.03 -22.58
CA ASP A 15 12.73 -26.95 -21.47
C ASP A 15 13.44 -26.49 -20.20
N ILE A 16 14.44 -27.24 -19.80
CA ILE A 16 15.23 -26.96 -18.60
C ILE A 16 16.11 -25.71 -18.75
N THR A 17 16.68 -25.52 -19.96
CA THR A 17 17.59 -24.40 -20.23
C THR A 17 16.93 -23.02 -20.19
N ASN A 18 15.67 -22.92 -20.63
CA ASN A 18 15.00 -21.61 -20.68
C ASN A 18 14.87 -20.99 -19.29
N TRP A 19 14.36 -21.74 -18.30
CA TRP A 19 14.23 -21.20 -16.94
C TRP A 19 15.65 -20.92 -16.40
N LEU A 20 16.55 -21.87 -16.63
CA LEU A 20 17.93 -21.76 -16.19
C LEU A 20 18.61 -20.51 -16.79
N TRP A 21 18.26 -20.16 -18.04
CA TRP A 21 18.88 -19.01 -18.71
C TRP A 21 17.91 -17.82 -18.89
N TYR A 22 16.83 -17.73 -18.09
CA TYR A 22 15.90 -16.59 -18.22
C TYR A 22 15.52 -15.97 -16.86
N ILE A 23 15.83 -16.65 -15.74
CA ILE A 23 15.49 -16.10 -14.43
C ILE A 23 16.19 -14.74 -14.21
N ARG A 24 17.44 -14.61 -14.66
CA ARG A 24 18.19 -13.35 -14.52
C ARG A 24 17.40 -12.21 -15.14
N ILE A 25 16.90 -12.45 -16.35
CA ILE A 25 16.07 -11.47 -17.06
C ILE A 25 14.72 -11.34 -16.34
N PHE A 26 14.27 -12.46 -15.76
CA PHE A 26 13.00 -12.51 -15.05
C PHE A 26 12.99 -11.54 -13.87
N ILE A 27 14.09 -11.46 -13.12
CA ILE A 27 14.16 -10.56 -11.96
C ILE A 27 13.95 -9.12 -12.41
N ILE A 28 14.52 -8.75 -13.57
CA ILE A 28 14.36 -7.40 -14.10
C ILE A 28 12.87 -7.11 -14.30
N ILE A 29 12.14 -8.08 -14.86
CA ILE A 29 10.69 -7.93 -15.06
C ILE A 29 10.01 -7.78 -13.70
N VAL A 30 10.43 -8.60 -12.72
CA VAL A 30 9.88 -8.52 -11.36
C VAL A 30 10.11 -7.10 -10.82
N GLY A 31 11.30 -6.55 -11.06
CA GLY A 31 11.62 -5.18 -10.63
C GLY A 31 10.55 -4.22 -11.17
N SER A 32 10.15 -4.45 -12.42
CA SER A 32 9.10 -3.66 -13.05
C SER A 32 7.75 -3.96 -12.37
N LEU A 33 7.53 -5.23 -12.02
CA LEU A 33 6.29 -5.69 -11.39
C LEU A 33 6.05 -5.02 -10.03
N ILE A 34 7.08 -4.98 -9.18
CA ILE A 34 6.94 -4.39 -7.84
C ILE A 34 6.74 -2.89 -7.95
N GLY A 35 7.47 -2.24 -8.87
CA GLY A 35 7.33 -0.81 -9.08
C GLY A 35 5.88 -0.50 -9.50
N LEU A 36 5.27 -1.42 -10.24
CA LEU A 36 3.87 -1.29 -10.68
C LEU A 36 2.97 -1.10 -9.44
N ARG A 37 3.32 -1.80 -8.37
CA ARG A 37 2.60 -1.76 -7.10
C ARG A 37 2.48 -0.35 -6.53
N ILE A 38 3.45 0.53 -6.81
CA ILE A 38 3.43 1.88 -6.24
C ILE A 38 2.14 2.62 -6.66
N VAL A 39 1.71 2.43 -7.92
CA VAL A 39 0.47 3.04 -8.41
C VAL A 39 -0.74 2.40 -7.67
N PHE A 40 -0.59 1.13 -7.31
CA PHE A 40 -1.62 0.40 -6.57
C PHE A 40 -1.98 1.14 -5.28
N ALA A 41 -1.01 1.88 -4.74
CA ALA A 41 -1.23 2.61 -3.49
C ALA A 41 -2.40 3.58 -3.64
N VAL A 42 -2.54 4.23 -4.82
CA VAL A 42 -3.68 5.12 -5.04
C VAL A 42 -4.99 4.30 -5.05
N LEU A 43 -4.93 3.08 -5.60
CA LEU A 43 -6.08 2.16 -5.64
C LEU A 43 -6.51 1.79 -4.22
N SER A 44 -5.53 1.61 -3.32
CA SER A 44 -5.84 1.24 -1.93
C SER A 44 -6.65 2.36 -1.27
N LEU A 45 -6.31 3.61 -1.61
CA LEU A 45 -7.03 4.76 -1.09
C LEU A 45 -8.49 4.67 -1.51
N VAL A 46 -8.68 4.29 -2.77
CA VAL A 46 -10.01 4.10 -3.34
C VAL A 46 -10.67 2.88 -2.70
N ASN A 47 -9.87 1.86 -2.43
CA ASN A 47 -10.35 0.64 -1.81
C ASN A 47 -10.90 0.94 -0.43
N ARG A 48 -10.24 1.85 0.31
CA ARG A 48 -10.66 2.21 1.66
C ARG A 48 -12.09 2.70 1.69
N VAL A 49 -12.44 3.62 0.79
CA VAL A 49 -13.81 4.14 0.74
C VAL A 49 -14.78 3.02 0.38
N ARG A 50 -14.34 2.10 -0.48
CA ARG A 50 -15.18 0.97 -0.86
C ARG A 50 -15.27 -0.07 0.30
N GLN A 51 -14.21 -0.16 1.10
CA GLN A 51 -14.14 -1.11 2.21
C GLN A 51 -14.77 -0.55 3.49
N GLY A 52 -15.41 0.61 3.41
CA GLY A 52 -16.03 1.24 4.59
C GLY A 52 -15.14 2.36 5.16
N TYR A 53 -14.28 2.01 6.13
CA TYR A 53 -13.39 2.99 6.77
C TYR A 53 -12.47 2.27 7.80
N SER A 54 -13.05 1.87 8.92
CA SER A 54 -12.35 1.15 9.99
C SER A 54 -12.83 -0.30 9.94
N PRO A 55 -12.11 -1.28 10.51
CA PRO A 55 -12.50 -2.72 10.45
C PRO A 55 -13.99 -2.92 10.05
N LEU A 56 -14.15 -3.30 8.79
CA LEU A 56 -15.47 -3.44 8.15
C LEU A 56 -16.37 -4.55 8.70
N SER A 57 -16.11 -5.06 9.90
CA SER A 57 -16.98 -6.11 10.48
C SER A 57 -18.43 -5.63 10.74
N GLU A 80 -23.05 0.62 1.34
CA GLU A 80 -23.04 2.02 0.93
C GLU A 80 -23.25 2.25 -0.59
N ARG A 81 -23.42 3.54 -0.90
CA ARG A 81 -23.61 4.10 -2.25
C ARG A 81 -22.33 4.07 -3.11
N ASP A 82 -21.18 4.01 -2.44
CA ASP A 82 -19.85 4.17 -3.05
C ASP A 82 -19.55 3.28 -4.29
N ARG A 83 -20.40 2.34 -4.74
CA ARG A 83 -20.05 1.55 -5.96
C ARG A 83 -19.75 2.52 -7.11
N ASP A 84 -20.61 3.51 -7.30
CA ASP A 84 -20.38 4.51 -8.36
C ASP A 84 -19.04 5.19 -8.11
N ARG A 85 -18.63 5.30 -6.82
CA ARG A 85 -17.34 5.92 -6.54
C ARG A 85 -16.20 4.97 -6.97
N SER A 86 -16.34 3.68 -6.67
CA SER A 86 -15.34 2.70 -7.11
C SER A 86 -15.24 2.80 -8.63
N ILE A 87 -16.41 2.94 -9.26
CA ILE A 87 -16.50 3.12 -10.70
C ILE A 87 -15.89 4.50 -11.06
N ARG A 88 -16.10 5.50 -10.19
CA ARG A 88 -15.54 6.84 -10.42
C ARG A 88 -14.01 6.79 -10.53
N LEU A 89 -13.41 5.71 -10.03
CA LEU A 89 -11.95 5.52 -10.09
C LEU A 89 -11.46 5.64 -11.53
N VAL A 90 -12.17 5.01 -12.47
CA VAL A 90 -11.76 5.05 -13.90
C VAL A 90 -11.63 6.51 -14.37
N ASN A 91 -12.59 7.34 -14.00
CA ASN A 91 -12.59 8.78 -14.36
C ASN A 91 -11.50 9.56 -13.59
N GLY A 92 -10.92 8.94 -12.56
CA GLY A 92 -9.92 9.60 -11.72
C GLY A 92 -8.72 10.13 -12.53
N SER A 93 -8.53 9.64 -13.75
CA SER A 93 -7.39 10.08 -14.59
C SER A 93 -7.41 11.60 -14.83
N LEU A 94 -8.57 12.16 -15.19
CA LEU A 94 -8.65 13.62 -15.43
C LEU A 94 -8.51 14.38 -14.12
N ALA A 95 -9.16 13.87 -13.07
CA ALA A 95 -9.11 14.44 -11.73
C ALA A 95 -7.70 14.41 -11.17
N LEU A 96 -6.93 13.39 -11.54
CA LEU A 96 -5.61 13.16 -10.98
C LEU A 96 -4.67 14.36 -11.16
N ILE A 97 -4.92 15.28 -12.09
CA ILE A 97 -4.03 16.42 -12.21
C ILE A 97 -4.25 17.37 -10.99
N TRP A 98 -5.50 17.42 -10.49
CA TRP A 98 -5.86 18.32 -9.36
C TRP A 98 -5.29 17.97 -7.95
N ASP A 99 -5.36 16.69 -7.51
CA ASP A 99 -4.91 16.35 -6.12
C ASP A 99 -3.39 16.48 -5.89
N ASP A 100 -2.57 15.93 -6.80
CA ASP A 100 -1.09 15.96 -6.64
C ASP A 100 -0.48 17.35 -6.82
N LEU A 101 -0.89 18.07 -7.85
CA LEU A 101 -0.33 19.40 -8.16
C LEU A 101 -0.69 20.50 -7.17
N ARG A 102 -1.96 20.61 -6.78
CA ARG A 102 -2.38 21.68 -5.86
C ARG A 102 -1.48 21.73 -4.62
N SER A 103 -1.10 20.55 -4.10
CA SER A 103 -0.22 20.47 -2.94
C SER A 103 1.24 20.74 -3.34
N LEU A 104 1.61 20.24 -4.52
CA LEU A 104 2.97 20.38 -5.05
C LEU A 104 3.37 21.86 -5.25
N SER A 105 2.55 22.60 -5.99
CA SER A 105 2.82 24.01 -6.30
C SER A 105 2.04 24.95 -5.34
N LEU A 106 1.10 24.41 -4.55
CA LEU A 106 0.28 25.22 -3.61
C LEU A 106 -0.70 26.12 -4.38
N PHE A 107 -1.71 26.65 -3.67
CA PHE A 107 -2.72 27.52 -4.30
C PHE A 107 -2.15 28.90 -4.68
N SER A 108 -1.37 29.50 -3.78
CA SER A 108 -0.77 30.81 -4.04
C SER A 108 0.19 30.76 -5.23
N TYR A 109 0.66 29.55 -5.54
CA TYR A 109 1.60 29.29 -6.61
C TYR A 109 2.96 29.95 -6.33
N HIS A 110 3.96 29.65 -7.21
CA HIS A 110 5.37 30.08 -7.06
C HIS A 110 6.10 29.05 -6.17
N ARG A 111 5.34 28.12 -5.60
CA ARG A 111 5.81 27.06 -4.75
C ARG A 111 6.58 25.98 -5.53
N LEU A 112 6.27 25.74 -6.81
CA LEU A 112 6.90 24.60 -7.52
C LEU A 112 8.43 24.68 -7.58
N ARG A 113 9.04 25.84 -7.90
CA ARG A 113 10.52 25.94 -7.87
C ARG A 113 10.98 25.90 -6.41
N ASP A 114 10.25 26.64 -5.58
CA ASP A 114 10.49 26.74 -4.15
C ASP A 114 10.37 25.38 -3.48
N LEU A 115 9.52 24.49 -4.01
CA LEU A 115 9.29 23.20 -3.38
C LEU A 115 10.61 22.45 -3.21
N LEU A 116 11.49 22.55 -4.21
CA LEU A 116 12.79 21.88 -4.09
C LEU A 116 13.60 22.47 -2.93
N LEU A 117 13.50 23.78 -2.71
CA LEU A 117 14.25 24.44 -1.63
C LEU A 117 13.65 24.16 -0.24
N ILE A 118 12.34 24.33 -0.10
CA ILE A 118 11.69 24.12 1.18
C ILE A 118 11.95 22.71 1.72
N VAL A 119 11.98 21.70 0.83
CA VAL A 119 12.20 20.33 1.31
C VAL A 119 13.49 20.22 2.13
N THR A 120 14.62 20.76 1.63
CA THR A 120 15.88 20.73 2.39
C THR A 120 15.80 21.55 3.67
N ARG A 121 15.08 22.67 3.60
CA ARG A 121 14.96 23.59 4.72
C ARG A 121 14.15 23.01 5.89
N ILE A 122 13.02 22.36 5.60
CA ILE A 122 12.20 21.80 6.65
C ILE A 122 12.91 20.61 7.34
N VAL A 123 13.61 19.78 6.56
CA VAL A 123 14.30 18.62 7.13
C VAL A 123 15.43 19.06 8.08
N GLU A 124 16.13 20.15 7.73
CA GLU A 124 17.22 20.63 8.58
C GLU A 124 16.66 21.07 9.93
N LEU A 125 15.54 21.80 9.90
CA LEU A 125 14.88 22.26 11.13
C LEU A 125 14.37 21.03 11.91
N LEU A 126 13.79 20.09 11.17
CA LEU A 126 13.23 18.86 11.74
C LEU A 126 14.36 17.99 12.34
N GLY A 127 15.59 18.13 11.84
CA GLY A 127 16.72 17.34 12.34
C GLY A 127 16.97 17.57 13.84
N ARG A 128 16.86 18.83 14.30
CA ARG A 128 17.10 19.15 15.72
C ARG A 128 15.97 18.66 16.63
N ARG A 129 14.72 19.01 16.26
CA ARG A 129 13.54 18.58 17.04
C ARG A 129 13.30 17.06 16.89
N GLY A 130 13.71 16.54 15.74
CA GLY A 130 13.57 15.13 15.39
C GLY A 130 14.22 14.19 16.40
N TRP A 131 15.19 14.69 17.18
CA TRP A 131 15.90 13.83 18.14
C TRP A 131 14.97 13.14 19.15
N GLU A 132 13.72 13.58 19.25
CA GLU A 132 12.78 12.88 20.15
C GLU A 132 12.79 11.35 19.82
N ALA A 133 13.42 10.97 18.68
CA ALA A 133 13.61 9.57 18.29
C ALA A 133 14.32 8.86 19.44
N LEU A 134 15.44 9.44 19.88
CA LEU A 134 16.19 8.86 21.00
C LEU A 134 15.28 8.82 22.22
N LYS A 135 14.47 9.88 22.42
CA LYS A 135 13.54 9.92 23.56
C LYS A 135 12.58 8.71 23.46
N TYR A 136 12.11 8.43 22.25
CA TYR A 136 11.19 7.34 22.01
C TYR A 136 11.80 6.03 22.57
N TRP A 137 13.05 5.75 22.23
CA TRP A 137 13.72 4.54 22.72
C TRP A 137 14.09 4.63 24.21
N TRP A 138 14.37 5.83 24.72
CA TRP A 138 14.72 5.98 26.14
C TRP A 138 13.50 5.63 27.01
N ASN A 139 12.33 6.17 26.63
CA ASN A 139 11.08 5.94 27.36
C ASN A 139 10.60 4.48 27.25
N LEU A 140 10.56 3.96 26.02
CA LEU A 140 10.08 2.59 25.78
C LEU A 140 10.92 1.54 26.55
N LEU A 141 12.24 1.67 26.53
CA LEU A 141 13.11 0.73 27.23
C LEU A 141 12.91 0.83 28.75
N GLN A 142 12.62 2.05 29.22
CA GLN A 142 12.43 2.31 30.65
C GLN A 142 11.18 1.62 31.23
N TYR A 143 10.04 1.67 30.52
CA TYR A 143 8.82 1.09 31.02
C TYR A 143 8.84 -0.45 30.99
N TRP A 144 9.39 -1.07 29.92
CA TRP A 144 9.39 -2.54 29.87
C TRP A 144 10.34 -3.04 30.96
N SER A 145 11.41 -2.26 31.21
CA SER A 145 12.33 -2.55 32.29
C SER A 145 11.52 -2.60 33.59
N GLN A 146 10.51 -1.73 33.68
CA GLN A 146 9.64 -1.66 34.86
C GLN A 146 8.94 -3.02 35.05
N GLU A 147 8.44 -3.67 33.98
CA GLU A 147 7.80 -4.96 34.15
C GLU A 147 8.79 -5.98 34.75
N LEU A 148 10.09 -5.83 34.44
CA LEU A 148 11.11 -6.76 34.93
C LEU A 148 11.29 -6.65 36.45
N LYS A 149 11.34 -5.42 36.98
CA LYS A 149 11.52 -5.22 38.42
C LYS A 149 10.32 -5.79 39.19
N ASN A 150 9.11 -5.54 38.68
CA ASN A 150 7.88 -6.02 39.33
C ASN A 150 7.80 -7.55 39.33
N SER A 151 8.18 -8.16 38.21
CA SER A 151 8.15 -9.62 38.08
C SER A 151 9.21 -10.29 38.96
N ALA A 152 10.43 -9.74 38.93
CA ALA A 152 11.55 -10.29 39.70
C ALA A 152 11.33 -10.15 41.21
N VAL A 153 10.91 -8.96 41.66
CA VAL A 153 10.70 -8.72 43.09
C VAL A 153 9.60 -9.65 43.63
N SER A 154 8.48 -9.77 42.91
CA SER A 154 7.36 -10.60 43.33
C SER A 154 7.79 -12.06 43.52
N LEU A 155 8.59 -12.59 42.59
CA LEU A 155 9.05 -13.99 42.66
C LEU A 155 10.11 -14.19 43.76
N LEU A 156 11.16 -13.37 43.74
CA LEU A 156 12.24 -13.50 44.72
C LEU A 156 11.73 -13.20 46.15
N ASN A 157 10.92 -12.13 46.30
CA ASN A 157 10.34 -11.77 47.61
C ASN A 157 9.45 -12.89 48.11
N ALA A 158 8.73 -13.54 47.19
CA ALA A 158 7.84 -14.65 47.53
C ALA A 158 8.65 -15.84 48.05
N THR A 159 9.76 -16.12 47.37
CA THR A 159 10.65 -17.22 47.73
C THR A 159 11.41 -16.90 49.02
N ALA A 160 11.62 -15.61 49.30
CA ALA A 160 12.33 -15.18 50.49
C ALA A 160 11.64 -15.69 51.76
N ILE A 161 10.33 -15.86 51.67
CA ILE A 161 9.50 -16.32 52.78
C ILE A 161 9.75 -17.81 53.10
N ALA A 162 10.12 -18.59 52.07
CA ALA A 162 10.37 -20.02 52.25
C ALA A 162 11.87 -20.33 52.38
N VAL A 163 12.63 -19.46 53.08
CA VAL A 163 14.07 -19.70 53.25
C VAL A 163 14.56 -19.33 54.67
N GLY A 164 14.03 -18.23 55.26
CA GLY A 164 14.46 -17.81 56.60
C GLY A 164 13.52 -16.79 57.24
N GLU A 165 14.08 -15.90 58.07
CA GLU A 165 13.31 -14.88 58.79
C GLU A 165 12.84 -13.74 57.86
N GLY A 166 13.65 -12.68 57.69
CA GLY A 166 13.28 -11.53 56.84
C GLY A 166 14.12 -11.46 55.57
N THR A 167 14.00 -12.48 54.74
CA THR A 167 14.73 -12.55 53.47
C THR A 167 14.21 -11.49 52.47
N ASP A 168 12.90 -11.20 52.48
CA ASP A 168 12.32 -10.22 51.54
C ASP A 168 13.00 -8.85 51.71
N ARG A 169 13.44 -8.54 52.94
CA ARG A 169 14.10 -7.26 53.21
C ARG A 169 15.24 -7.07 52.19
N VAL A 170 16.02 -8.14 51.99
CA VAL A 170 17.13 -8.12 51.04
C VAL A 170 16.64 -7.98 49.60
N ILE A 171 15.56 -8.69 49.24
CA ILE A 171 15.04 -8.66 47.86
C ILE A 171 14.62 -7.24 47.44
N GLU A 172 13.83 -6.59 48.28
CA GLU A 172 13.29 -5.27 47.95
C GLU A 172 14.35 -4.15 47.99
N VAL A 173 15.24 -4.16 48.99
CA VAL A 173 16.24 -3.10 49.11
C VAL A 173 17.33 -3.17 48.02
N VAL A 174 17.93 -4.36 47.84
CA VAL A 174 19.01 -4.54 46.85
C VAL A 174 18.49 -4.43 45.41
N GLN A 175 17.40 -5.15 45.11
CA GLN A 175 16.84 -5.16 43.76
C GLN A 175 16.14 -3.85 43.42
N GLY A 176 15.28 -3.40 44.33
CA GLY A 176 14.53 -2.15 44.14
C GLY A 176 15.47 -0.96 43.99
N ALA A 177 16.60 -1.00 44.71
CA ALA A 177 17.57 0.09 44.67
C ALA A 177 18.26 0.17 43.30
N SER A 178 18.68 -0.99 42.77
CA SER A 178 19.35 -1.04 41.47
C SER A 178 18.46 -0.47 40.35
N ARG A 179 17.19 -0.89 40.33
CA ARG A 179 16.25 -0.45 39.32
C ARG A 179 16.05 1.07 39.35
N ALA A 180 15.77 1.56 40.55
CA ALA A 180 15.53 2.98 40.78
C ALA A 180 16.73 3.84 40.36
N ILE A 181 17.94 3.40 40.74
CA ILE A 181 19.16 4.14 40.38
C ILE A 181 19.26 4.23 38.84
N ARG A 182 18.80 3.18 38.13
CA ARG A 182 18.84 3.17 36.67
C ARG A 182 17.75 4.08 36.07
N HIS A 183 16.89 4.66 36.92
CA HIS A 183 15.81 5.55 36.46
C HIS A 183 16.37 6.86 35.87
N ILE A 184 17.60 7.21 36.23
CA ILE A 184 18.23 8.45 35.73
C ILE A 184 18.25 8.44 34.18
N PRO A 185 17.51 9.33 33.51
CA PRO A 185 17.50 9.37 32.01
C PRO A 185 18.63 10.24 31.44
N ARG A 186 19.09 11.24 32.24
CA ARG A 186 20.17 12.15 31.85
C ARG A 186 19.70 13.22 30.84
N ARG A 187 18.48 13.06 30.27
CA ARG A 187 17.94 14.00 29.30
C ARG A 187 18.99 14.36 28.23
N ILE A 188 19.34 13.36 27.41
CA ILE A 188 20.34 13.54 26.35
C ILE A 188 19.81 14.45 25.24
N ARG A 189 18.52 14.27 24.91
CA ARG A 189 17.87 15.05 23.86
C ARG A 189 17.98 16.55 24.13
N GLN A 190 17.66 16.96 25.35
CA GLN A 190 17.70 18.38 25.73
C GLN A 190 19.14 18.92 25.73
N GLY A 191 20.08 18.16 26.30
CA GLY A 191 21.47 18.61 26.37
C GLY A 191 22.12 18.71 24.99
N LEU A 192 21.92 17.69 24.15
CA LEU A 192 22.50 17.69 22.81
C LEU A 192 22.03 18.91 22.00
N GLU A 193 20.74 19.23 22.11
CA GLU A 193 20.18 20.37 21.39
C GLU A 193 20.79 21.68 21.86
N ARG A 194 21.04 21.80 23.17
CA ARG A 194 21.62 23.02 23.75
C ARG A 194 23.13 23.13 23.49
N ILE A 195 23.81 21.98 23.45
CA ILE A 195 25.26 21.96 23.21
C ILE A 195 25.58 22.53 21.81
N LEU A 196 24.72 22.24 20.82
CA LEU A 196 24.94 22.72 19.46
C LEU A 196 24.34 24.13 19.25
N LEU A 197 23.32 24.48 20.05
CA LEU A 197 22.69 25.80 19.96
C LEU A 197 23.56 26.86 20.65
N LEU B 1 33.34 -22.18 -27.04
CA LEU B 1 31.95 -21.69 -27.22
C LEU B 1 31.53 -20.85 -26.02
N LEU B 2 31.67 -21.43 -24.82
CA LEU B 2 31.29 -20.73 -23.59
C LEU B 2 32.42 -20.77 -22.54
N GLU B 3 32.15 -20.14 -21.41
CA GLU B 3 33.09 -20.07 -20.30
C GLU B 3 34.47 -19.54 -20.70
N LEU B 4 34.45 -18.68 -21.71
CA LEU B 4 35.65 -18.02 -22.22
C LEU B 4 35.30 -17.07 -23.37
N ASP B 5 34.50 -17.55 -24.32
CA ASP B 5 34.13 -16.73 -25.49
C ASP B 5 33.11 -15.65 -25.14
N LYS B 6 32.17 -15.96 -24.26
CA LYS B 6 31.17 -14.98 -23.84
C LYS B 6 31.77 -14.02 -22.81
N TRP B 7 32.63 -14.55 -21.93
CA TRP B 7 33.27 -13.74 -20.89
C TRP B 7 34.40 -12.86 -21.45
N ALA B 8 35.26 -13.44 -22.29
CA ALA B 8 36.40 -12.70 -22.87
C ALA B 8 35.94 -11.65 -23.90
N SER B 9 34.70 -11.80 -24.40
CA SER B 9 34.15 -10.86 -25.38
C SER B 9 33.85 -9.49 -24.74
N LEU B 10 33.52 -9.48 -23.45
CA LEU B 10 33.19 -8.22 -22.75
C LEU B 10 34.42 -7.33 -22.52
N TRP B 11 35.62 -7.93 -22.45
CA TRP B 11 36.85 -7.16 -22.22
C TRP B 11 37.21 -6.25 -23.41
N ASN B 12 36.58 -6.48 -24.57
CA ASN B 12 36.85 -5.71 -25.77
C ASN B 12 36.00 -4.43 -25.86
N TRP B 13 35.06 -4.23 -24.92
CA TRP B 13 34.19 -3.06 -24.94
C TRP B 13 33.44 -2.90 -23.60
N PHE B 14 34.19 -2.56 -22.55
CA PHE B 14 33.62 -2.40 -21.22
C PHE B 14 32.51 -1.34 -21.19
N ASP B 15 31.28 -1.81 -20.98
CA ASP B 15 30.10 -0.94 -20.91
C ASP B 15 28.96 -1.71 -20.19
N ILE B 16 28.45 -2.74 -20.86
CA ILE B 16 27.40 -3.61 -20.33
C ILE B 16 27.95 -4.45 -19.15
N THR B 17 29.21 -4.85 -19.27
CA THR B 17 29.88 -5.70 -18.29
C THR B 17 29.73 -5.21 -16.85
N ASN B 18 29.67 -3.89 -16.62
CA ASN B 18 29.55 -3.37 -15.26
C ASN B 18 28.31 -3.98 -14.59
N TRP B 19 27.17 -3.92 -15.29
CA TRP B 19 25.92 -4.49 -14.80
C TRP B 19 26.04 -6.03 -14.74
N LEU B 20 26.60 -6.62 -15.80
CA LEU B 20 26.73 -8.08 -15.92
C LEU B 20 27.62 -8.69 -14.81
N TRP B 21 28.66 -7.97 -14.41
CA TRP B 21 29.59 -8.49 -13.40
C TRP B 21 28.93 -8.64 -12.02
N TYR B 22 28.36 -7.55 -11.49
CA TYR B 22 27.73 -7.59 -10.16
C TYR B 22 26.20 -7.66 -10.23
N ILE B 23 25.67 -8.51 -11.12
CA ILE B 23 24.21 -8.66 -11.25
C ILE B 23 23.65 -9.18 -9.91
N ARG B 24 24.39 -10.05 -9.21
CA ARG B 24 23.94 -10.58 -7.93
C ARG B 24 23.57 -9.44 -6.99
N ILE B 25 24.43 -8.41 -6.95
CA ILE B 25 24.17 -7.23 -6.14
C ILE B 25 22.85 -6.57 -6.60
N PHE B 26 22.56 -6.69 -7.90
CA PHE B 26 21.35 -6.12 -8.48
C PHE B 26 20.10 -6.91 -8.05
N ILE B 27 20.16 -8.24 -8.17
CA ILE B 27 19.03 -9.11 -7.81
C ILE B 27 18.74 -8.98 -6.29
N ILE B 28 19.79 -9.16 -5.47
CA ILE B 28 19.64 -9.08 -4.00
C ILE B 28 18.93 -7.78 -3.61
N ILE B 29 19.22 -6.69 -4.33
CA ILE B 29 18.63 -5.39 -4.04
C ILE B 29 17.10 -5.47 -4.25
N VAL B 30 16.67 -6.16 -5.33
CA VAL B 30 15.25 -6.31 -5.65
C VAL B 30 14.53 -7.04 -4.51
N GLY B 31 15.11 -8.15 -4.03
CA GLY B 31 14.53 -8.93 -2.92
C GLY B 31 14.20 -8.00 -1.77
N SER B 32 15.17 -7.16 -1.43
CA SER B 32 15.02 -6.16 -0.38
C SER B 32 13.96 -5.13 -0.80
N LEU B 33 13.98 -4.80 -2.10
CA LEU B 33 13.08 -3.80 -2.67
C LEU B 33 11.60 -4.14 -2.47
N ILE B 34 11.22 -5.43 -2.50
CA ILE B 34 9.81 -5.81 -2.33
C ILE B 34 9.36 -5.47 -0.89
N GLY B 35 10.22 -5.74 0.10
CA GLY B 35 9.91 -5.41 1.50
C GLY B 35 9.73 -3.89 1.64
N LEU B 36 10.41 -3.14 0.77
CA LEU B 36 10.33 -1.68 0.75
C LEU B 36 8.88 -1.24 0.55
N ARG B 37 8.18 -1.96 -0.33
CA ARG B 37 6.77 -1.68 -0.64
C ARG B 37 5.90 -1.72 0.62
N ILE B 38 6.26 -2.51 1.62
CA ILE B 38 5.46 -2.59 2.86
C ILE B 38 5.40 -1.19 3.51
N VAL B 39 6.49 -0.44 3.44
CA VAL B 39 6.55 0.92 3.99
C VAL B 39 5.56 1.85 3.22
N PHE B 40 5.29 1.55 1.95
CA PHE B 40 4.38 2.35 1.11
C PHE B 40 3.02 2.50 1.81
N ALA B 41 2.66 1.53 2.64
CA ALA B 41 1.38 1.57 3.35
C ALA B 41 1.30 2.87 4.17
N VAL B 42 2.43 3.32 4.75
CA VAL B 42 2.42 4.60 5.50
C VAL B 42 2.17 5.76 4.49
N LEU B 43 2.72 5.61 3.28
CA LEU B 43 2.54 6.60 2.20
C LEU B 43 1.04 6.78 1.90
N SER B 44 0.28 5.67 1.99
CA SER B 44 -1.17 5.71 1.71
C SER B 44 -1.86 6.66 2.70
N LEU B 45 -1.32 6.72 3.92
CA LEU B 45 -1.83 7.60 4.97
C LEU B 45 -1.70 9.05 4.50
N VAL B 46 -0.54 9.37 3.96
CA VAL B 46 -0.23 10.68 3.39
C VAL B 46 -1.10 10.91 2.14
N ASN B 47 -1.30 9.84 1.37
CA ASN B 47 -2.10 9.89 0.16
C ASN B 47 -3.54 10.29 0.52
N ARG B 48 -4.03 9.82 1.67
CA ARG B 48 -5.40 10.18 2.11
C ARG B 48 -5.51 11.69 2.16
N VAL B 49 -4.44 12.29 2.65
CA VAL B 49 -4.35 13.72 2.81
C VAL B 49 -4.35 14.39 1.45
N ARG B 50 -3.57 13.83 0.53
CA ARG B 50 -3.48 14.38 -0.83
C ARG B 50 -4.78 14.22 -1.61
N GLN B 51 -5.37 13.04 -1.49
CA GLN B 51 -6.57 12.65 -2.24
C GLN B 51 -7.86 12.78 -1.43
N GLY B 52 -7.75 13.36 -0.25
CA GLY B 52 -8.91 13.48 0.67
C GLY B 52 -9.20 12.12 1.32
N TYR B 53 -9.81 11.22 0.55
CA TYR B 53 -10.11 9.86 1.02
C TYR B 53 -10.69 9.03 -0.13
N SER B 54 -11.65 9.62 -0.82
CA SER B 54 -12.29 9.02 -1.98
C SER B 54 -11.47 9.37 -3.22
N PRO B 55 -11.60 8.63 -4.34
CA PRO B 55 -10.80 8.89 -5.58
C PRO B 55 -10.52 10.40 -5.84
N LEU B 56 -9.70 10.70 -6.85
CA LEU B 56 -9.34 12.09 -7.15
C LEU B 56 -10.52 12.93 -7.64
N SER B 57 -11.65 12.30 -7.98
CA SER B 57 -12.84 13.03 -8.42
C SER B 57 -13.49 13.71 -7.20
N GLU B 80 -3.95 19.72 -0.44
CA GLU B 80 -2.91 20.77 -0.53
C GLU B 80 -1.94 20.70 0.64
N ARG B 81 -2.50 20.69 1.83
CA ARG B 81 -1.78 20.65 3.10
C ARG B 81 -0.85 19.42 3.24
N ASP B 82 -1.17 18.33 2.53
CA ASP B 82 -0.40 17.09 2.67
C ASP B 82 1.10 17.26 2.45
N ARG B 83 1.56 18.13 1.55
CA ARG B 83 3.00 18.23 1.31
C ARG B 83 3.76 18.61 2.57
N ASP B 84 3.28 19.61 3.31
CA ASP B 84 3.97 20.00 4.54
C ASP B 84 3.94 18.82 5.54
N ARG B 85 2.78 18.17 5.66
CA ARG B 85 2.61 17.05 6.58
C ARG B 85 3.36 15.80 6.10
N SER B 86 3.50 15.65 4.78
CA SER B 86 4.18 14.50 4.20
C SER B 86 5.63 14.54 4.68
N ILE B 87 6.25 15.73 4.67
CA ILE B 87 7.62 15.85 5.23
C ILE B 87 7.55 15.50 6.72
N ARG B 88 6.45 15.89 7.39
CA ARG B 88 6.30 15.57 8.81
C ARG B 88 6.33 14.04 9.02
N LEU B 89 6.25 13.25 7.94
CA LEU B 89 6.34 11.78 8.07
C LEU B 89 7.65 11.44 8.80
N VAL B 90 8.72 12.21 8.55
CA VAL B 90 10.00 12.01 9.24
C VAL B 90 9.79 12.10 10.77
N ASN B 91 8.80 12.88 11.18
CA ASN B 91 8.42 13.07 12.59
C ASN B 91 7.98 11.73 13.22
N GLY B 92 7.80 10.70 12.40
CA GLY B 92 7.28 9.43 12.88
C GLY B 92 8.10 8.85 14.04
N SER B 93 9.35 9.31 14.22
CA SER B 93 10.19 8.79 15.32
C SER B 93 9.53 8.99 16.70
N LEU B 94 9.00 10.21 17.00
CA LEU B 94 8.32 10.41 18.31
C LEU B 94 7.06 9.55 18.34
N ALA B 95 6.32 9.68 17.25
CA ALA B 95 5.06 9.02 17.03
C ALA B 95 5.11 7.51 17.11
N LEU B 96 6.23 6.85 16.70
CA LEU B 96 6.20 5.39 16.65
C LEU B 96 5.83 4.84 18.03
N ILE B 97 6.43 5.32 19.15
CA ILE B 97 5.89 4.83 20.45
C ILE B 97 4.44 5.31 20.60
N TRP B 98 4.11 6.51 20.12
CA TRP B 98 2.77 7.04 20.41
C TRP B 98 1.60 6.30 19.70
N ASP B 99 1.62 6.10 18.37
CA ASP B 99 0.53 5.31 17.73
C ASP B 99 0.64 3.78 17.96
N ASP B 100 1.84 3.25 17.64
CA ASP B 100 2.14 1.81 17.70
C ASP B 100 2.30 1.15 19.09
N LEU B 101 3.08 1.78 19.97
CA LEU B 101 3.38 1.17 21.27
C LEU B 101 2.19 1.08 22.24
N ARG B 102 1.44 2.15 22.39
CA ARG B 102 0.32 2.17 23.34
C ARG B 102 -0.59 0.95 23.20
N SER B 103 -0.62 0.29 22.02
CA SER B 103 -1.49 -0.87 21.85
C SER B 103 -0.97 -2.17 22.51
N LEU B 104 0.31 -2.53 22.29
CA LEU B 104 0.86 -3.78 22.88
C LEU B 104 1.06 -3.77 24.41
N SER B 105 1.52 -2.67 25.01
CA SER B 105 1.79 -2.62 26.45
C SER B 105 0.66 -1.95 27.25
N LEU B 106 0.04 -0.91 26.66
CA LEU B 106 -1.07 -0.16 27.30
C LEU B 106 -0.51 0.86 28.32
N PHE B 107 -1.41 1.58 28.99
CA PHE B 107 -1.02 2.60 29.98
C PHE B 107 -1.04 2.07 31.42
N SER B 108 -0.98 0.74 31.59
CA SER B 108 -1.00 0.13 32.92
C SER B 108 0.42 -0.27 33.35
N TYR B 109 1.09 -1.03 32.48
CA TYR B 109 2.47 -1.50 32.72
C TYR B 109 2.51 -2.58 33.82
N HIS B 110 3.58 -3.39 33.82
CA HIS B 110 3.73 -4.55 34.74
C HIS B 110 2.87 -5.67 34.12
N ARG B 111 1.58 -5.39 34.09
CA ARG B 111 0.54 -6.20 33.46
C ARG B 111 0.80 -6.39 31.95
N LEU B 112 1.55 -5.45 31.36
CA LEU B 112 1.73 -5.33 29.92
C LEU B 112 2.22 -6.60 29.23
N ARG B 113 2.98 -7.48 29.89
CA ARG B 113 3.29 -8.76 29.21
C ARG B 113 1.97 -9.51 29.00
N ASP B 114 1.02 -9.34 29.93
CA ASP B 114 -0.30 -9.96 29.85
C ASP B 114 -1.06 -9.40 28.65
N LEU B 115 -0.85 -8.11 28.33
CA LEU B 115 -1.58 -7.48 27.24
C LEU B 115 -1.38 -8.24 25.92
N LEU B 116 -0.17 -8.72 25.66
CA LEU B 116 0.08 -9.45 24.41
C LEU B 116 -0.85 -10.68 24.33
N LEU B 117 -1.09 -11.34 25.46
CA LEU B 117 -1.95 -12.53 25.49
C LEU B 117 -3.40 -12.22 25.08
N ILE B 118 -3.91 -11.01 25.36
CA ILE B 118 -5.28 -10.66 24.97
C ILE B 118 -5.47 -10.86 23.46
N VAL B 119 -4.44 -10.57 22.68
CA VAL B 119 -4.54 -10.70 21.23
C VAL B 119 -4.96 -12.14 20.83
N THR B 120 -4.35 -13.15 21.44
CA THR B 120 -4.67 -14.56 21.13
C THR B 120 -6.12 -14.92 21.48
N ARG B 121 -6.55 -14.58 22.70
CA ARG B 121 -7.91 -14.90 23.14
C ARG B 121 -8.97 -14.21 22.27
N ILE B 122 -8.71 -12.98 21.77
CA ILE B 122 -9.69 -12.32 20.92
C ILE B 122 -9.92 -13.19 19.67
N VAL B 123 -8.84 -13.78 19.14
CA VAL B 123 -8.98 -14.66 17.97
C VAL B 123 -9.90 -15.83 18.31
N GLU B 124 -9.75 -16.38 19.52
CA GLU B 124 -10.58 -17.51 19.95
C GLU B 124 -12.06 -17.12 20.01
N LEU B 125 -12.34 -15.94 20.59
CA LEU B 125 -13.72 -15.44 20.70
C LEU B 125 -14.31 -15.17 19.31
N LEU B 126 -13.50 -14.53 18.47
CA LEU B 126 -13.90 -14.18 17.11
C LEU B 126 -13.99 -15.43 16.21
N GLY B 127 -13.25 -16.50 16.58
CA GLY B 127 -13.27 -17.75 15.81
C GLY B 127 -14.68 -18.35 15.77
N ARG B 128 -15.42 -18.20 16.87
CA ARG B 128 -16.80 -18.72 16.97
C ARG B 128 -17.66 -18.14 15.83
N ARG B 129 -17.40 -16.88 15.49
CA ARG B 129 -18.11 -16.19 14.42
C ARG B 129 -17.57 -16.57 13.03
N GLY B 130 -16.41 -17.22 12.98
CA GLY B 130 -15.76 -17.57 11.71
C GLY B 130 -16.68 -18.35 10.77
N TRP B 131 -17.70 -19.02 11.31
CA TRP B 131 -18.64 -19.78 10.46
C TRP B 131 -19.29 -18.89 9.39
N GLU B 132 -19.17 -17.57 9.52
CA GLU B 132 -19.77 -16.67 8.55
C GLU B 132 -19.35 -17.06 7.09
N ALA B 133 -18.36 -17.96 6.97
CA ALA B 133 -17.91 -18.47 5.68
C ALA B 133 -19.10 -19.02 4.91
N LEU B 134 -19.84 -19.93 5.56
CA LEU B 134 -21.02 -20.50 4.93
C LEU B 134 -22.06 -19.40 4.75
N LYS B 135 -22.16 -18.48 5.72
CA LYS B 135 -23.19 -17.43 5.64
C LYS B 135 -23.08 -16.60 4.36
N TYR B 136 -21.88 -16.10 4.00
CA TYR B 136 -21.81 -15.23 2.83
C TYR B 136 -21.93 -15.90 1.47
N TRP B 137 -21.15 -16.95 1.16
CA TRP B 137 -21.25 -17.53 -0.19
C TRP B 137 -22.54 -18.33 -0.43
N TRP B 138 -23.09 -18.96 0.62
CA TRP B 138 -24.35 -19.70 0.45
C TRP B 138 -25.51 -18.70 0.21
N ASN B 139 -25.55 -17.64 1.02
CA ASN B 139 -26.59 -16.62 0.90
C ASN B 139 -26.46 -15.84 -0.41
N LEU B 140 -25.21 -15.46 -0.72
CA LEU B 140 -24.94 -14.69 -1.93
C LEU B 140 -25.39 -15.44 -3.18
N LEU B 141 -24.99 -16.70 -3.33
CA LEU B 141 -25.40 -17.47 -4.50
C LEU B 141 -26.93 -17.63 -4.52
N GLN B 142 -27.54 -17.69 -3.34
CA GLN B 142 -28.98 -17.87 -3.21
C GLN B 142 -29.79 -16.77 -3.92
N TYR B 143 -29.45 -15.47 -3.74
CA TYR B 143 -30.21 -14.43 -4.41
C TYR B 143 -29.90 -14.42 -5.92
N TRP B 144 -28.65 -14.77 -6.28
CA TRP B 144 -28.21 -14.76 -7.67
C TRP B 144 -29.01 -15.80 -8.46
N SER B 145 -29.18 -16.99 -7.85
CA SER B 145 -29.97 -18.05 -8.45
C SER B 145 -31.38 -17.53 -8.71
N GLN B 146 -31.88 -16.70 -7.79
CA GLN B 146 -33.21 -16.12 -7.92
C GLN B 146 -33.32 -15.27 -9.21
N GLU B 147 -32.29 -14.46 -9.54
CA GLU B 147 -32.37 -13.65 -10.75
C GLU B 147 -32.29 -14.56 -11.99
N LEU B 148 -31.50 -15.65 -11.90
CA LEU B 148 -31.34 -16.57 -13.02
C LEU B 148 -32.70 -17.16 -13.44
N LYS B 149 -33.50 -17.59 -12.45
CA LYS B 149 -34.82 -18.14 -12.75
C LYS B 149 -35.75 -17.07 -13.33
N ASN B 150 -35.64 -15.84 -12.84
CA ASN B 150 -36.50 -14.75 -13.29
C ASN B 150 -36.26 -14.43 -14.78
N SER B 151 -34.99 -14.41 -15.19
CA SER B 151 -34.65 -14.14 -16.59
C SER B 151 -35.21 -15.25 -17.48
N ALA B 152 -35.01 -16.50 -17.06
CA ALA B 152 -35.49 -17.66 -17.81
C ALA B 152 -37.02 -17.67 -17.86
N VAL B 153 -37.65 -17.27 -16.75
CA VAL B 153 -39.12 -17.24 -16.68
C VAL B 153 -39.68 -16.26 -17.73
N SER B 154 -39.09 -15.07 -17.82
CA SER B 154 -39.56 -14.06 -18.75
C SER B 154 -39.57 -14.61 -20.19
N LEU B 155 -38.43 -15.09 -20.67
CA LEU B 155 -38.32 -15.58 -22.04
C LEU B 155 -39.13 -16.88 -22.28
N LEU B 156 -38.92 -17.91 -21.43
CA LEU B 156 -39.62 -19.18 -21.62
C LEU B 156 -41.15 -19.07 -21.40
N ASN B 157 -41.60 -18.31 -20.39
CA ASN B 157 -43.05 -18.13 -20.13
C ASN B 157 -43.73 -17.52 -21.36
N ALA B 158 -43.04 -16.56 -21.96
CA ALA B 158 -43.55 -15.85 -23.13
C ALA B 158 -43.58 -16.76 -24.38
N THR B 159 -42.52 -17.54 -24.57
CA THR B 159 -42.43 -18.44 -25.72
C THR B 159 -43.42 -19.60 -25.61
N ALA B 160 -43.79 -19.97 -24.38
CA ALA B 160 -44.71 -21.07 -24.14
C ALA B 160 -46.12 -20.74 -24.66
N ILE B 161 -46.45 -19.44 -24.68
CA ILE B 161 -47.78 -18.98 -25.13
C ILE B 161 -47.95 -19.16 -26.65
N ALA B 162 -46.85 -19.09 -27.41
CA ALA B 162 -46.91 -19.24 -28.86
C ALA B 162 -47.74 -20.48 -29.25
N VAL B 163 -47.78 -21.47 -28.35
CA VAL B 163 -48.54 -22.70 -28.57
C VAL B 163 -50.04 -22.38 -28.68
N GLY B 164 -50.52 -21.53 -27.76
CA GLY B 164 -51.93 -21.16 -27.73
C GLY B 164 -52.69 -22.04 -26.74
N GLU B 165 -52.07 -22.30 -25.58
CA GLU B 165 -52.65 -23.14 -24.54
C GLU B 165 -52.12 -22.71 -23.17
N GLY B 166 -52.33 -23.55 -22.14
CA GLY B 166 -51.87 -23.23 -20.77
C GLY B 166 -50.42 -23.68 -20.55
N THR B 167 -49.59 -23.54 -21.59
CA THR B 167 -48.17 -23.93 -21.51
C THR B 167 -47.44 -23.08 -20.46
N ASP B 168 -47.82 -21.79 -20.34
CA ASP B 168 -47.18 -20.88 -19.39
C ASP B 168 -47.34 -21.42 -17.96
N ARG B 169 -48.51 -21.97 -17.65
CA ARG B 169 -48.77 -22.52 -16.33
C ARG B 169 -47.75 -23.62 -16.01
N VAL B 170 -47.34 -24.38 -17.03
CA VAL B 170 -46.37 -25.47 -16.86
C VAL B 170 -44.96 -24.95 -16.49
N ILE B 171 -44.44 -23.97 -17.24
CA ILE B 171 -43.11 -23.44 -16.95
C ILE B 171 -43.08 -22.62 -15.66
N GLU B 172 -44.14 -21.85 -15.41
CA GLU B 172 -44.21 -21.00 -14.22
C GLU B 172 -44.41 -21.83 -12.93
N VAL B 173 -45.24 -22.87 -12.99
CA VAL B 173 -45.50 -23.70 -11.80
C VAL B 173 -44.23 -24.45 -11.37
N VAL B 174 -43.49 -25.00 -12.33
CA VAL B 174 -42.25 -25.72 -12.01
C VAL B 174 -41.24 -24.75 -11.39
N GLN B 175 -41.21 -23.50 -11.88
CA GLN B 175 -40.30 -22.49 -11.37
C GLN B 175 -40.55 -22.25 -9.87
N GLY B 176 -41.82 -22.07 -9.51
CA GLY B 176 -42.18 -21.83 -8.12
C GLY B 176 -41.72 -22.99 -7.23
N ALA B 177 -41.75 -24.20 -7.78
CA ALA B 177 -41.36 -25.40 -7.03
C ALA B 177 -39.85 -25.48 -6.68
N SER B 178 -38.95 -25.19 -7.64
CA SER B 178 -37.50 -25.30 -7.37
C SER B 178 -36.97 -24.17 -6.45
N ARG B 179 -37.34 -22.90 -6.72
CA ARG B 179 -36.89 -21.79 -5.87
C ARG B 179 -37.36 -22.02 -4.45
N ALA B 180 -38.65 -22.25 -4.39
CA ALA B 180 -39.34 -22.44 -3.10
C ALA B 180 -38.77 -23.60 -2.28
N ILE B 181 -38.45 -24.73 -2.93
CA ILE B 181 -37.87 -25.88 -2.22
C ILE B 181 -36.38 -25.60 -1.87
N ARG B 182 -35.74 -24.72 -2.65
CA ARG B 182 -34.33 -24.37 -2.42
C ARG B 182 -34.19 -23.04 -1.65
N HIS B 183 -35.31 -22.45 -1.23
CA HIS B 183 -35.31 -21.17 -0.53
C HIS B 183 -34.44 -21.24 0.77
N ILE B 184 -35.05 -21.27 1.97
CA ILE B 184 -34.28 -21.32 3.21
C ILE B 184 -35.07 -22.11 4.30
N PRO B 185 -34.49 -23.16 4.93
CA PRO B 185 -35.20 -23.93 5.99
C PRO B 185 -35.40 -23.10 7.27
N ARG B 186 -34.28 -22.80 7.97
CA ARG B 186 -34.33 -22.02 9.21
C ARG B 186 -32.92 -21.72 9.72
N ARG B 187 -32.74 -20.50 10.25
CA ARG B 187 -31.45 -20.00 10.81
C ARG B 187 -30.27 -20.96 10.64
N ILE B 188 -29.55 -20.81 9.53
CA ILE B 188 -28.38 -21.66 9.23
C ILE B 188 -27.18 -21.30 10.12
N ARG B 189 -26.88 -20.00 10.22
CA ARG B 189 -25.75 -19.53 11.02
C ARG B 189 -25.96 -19.74 12.53
N GLN B 190 -27.14 -19.35 13.02
CA GLN B 190 -27.46 -19.45 14.45
C GLN B 190 -27.65 -20.90 14.93
N GLY B 191 -28.30 -21.72 14.10
CA GLY B 191 -28.56 -23.12 14.49
C GLY B 191 -27.27 -23.94 14.54
N LEU B 192 -26.41 -23.79 13.52
CA LEU B 192 -25.16 -24.55 13.47
C LEU B 192 -24.14 -24.07 14.51
N GLU B 193 -23.99 -22.75 14.67
CA GLU B 193 -23.03 -22.20 15.64
C GLU B 193 -23.42 -22.60 17.07
N ARG B 194 -24.72 -22.80 17.31
CA ARG B 194 -25.21 -23.19 18.64
C ARG B 194 -24.91 -24.66 18.95
N ILE B 195 -25.02 -25.54 17.94
CA ILE B 195 -24.79 -26.98 18.17
C ILE B 195 -23.34 -27.43 17.91
N LEU B 196 -22.54 -26.62 17.18
CA LEU B 196 -21.15 -27.01 16.90
C LEU B 196 -20.17 -26.59 18.01
N LEU B 197 -20.70 -26.06 19.13
CA LEU B 197 -19.86 -25.64 20.25
C LEU B 197 -19.58 -26.83 21.18
N LEU C 1 37.21 -13.36 -18.75
CA LEU C 1 37.35 -14.72 -19.34
C LEU C 1 37.10 -15.83 -18.30
N LEU C 2 37.10 -15.49 -17.00
CA LEU C 2 36.88 -16.48 -15.93
C LEU C 2 37.80 -17.70 -16.13
N GLU C 3 37.63 -18.74 -15.30
CA GLU C 3 38.46 -19.95 -15.41
C GLU C 3 37.72 -21.19 -14.89
N LEU C 4 37.87 -22.31 -15.60
CA LEU C 4 37.21 -23.57 -15.22
C LEU C 4 37.78 -24.11 -13.91
N ASP C 5 39.09 -24.00 -13.77
CA ASP C 5 39.77 -24.49 -12.56
C ASP C 5 39.33 -23.71 -11.31
N LYS C 6 38.97 -22.44 -11.51
CA LYS C 6 38.51 -21.60 -10.41
C LYS C 6 37.22 -22.16 -9.81
N TRP C 7 36.32 -22.65 -10.66
CA TRP C 7 35.04 -23.21 -10.21
C TRP C 7 35.30 -24.39 -9.26
N ALA C 8 36.21 -25.27 -9.66
CA ALA C 8 36.56 -26.44 -8.85
C ALA C 8 37.16 -26.03 -7.51
N SER C 9 37.98 -24.98 -7.53
CA SER C 9 38.62 -24.49 -6.30
C SER C 9 37.57 -23.98 -5.30
N LEU C 10 36.37 -23.62 -5.79
CA LEU C 10 35.31 -23.13 -4.92
C LEU C 10 34.68 -24.24 -4.06
N TRP C 11 34.78 -25.49 -4.51
CA TRP C 11 34.22 -26.64 -3.74
C TRP C 11 35.19 -27.10 -2.64
N ASN C 12 36.30 -26.37 -2.44
CA ASN C 12 37.33 -26.76 -1.46
C ASN C 12 37.07 -26.21 -0.04
N TRP C 13 36.08 -25.32 0.15
CA TRP C 13 35.81 -24.79 1.48
C TRP C 13 34.36 -25.12 1.92
N PHE C 14 33.44 -24.18 1.82
CA PHE C 14 32.02 -24.36 2.17
C PHE C 14 31.34 -22.98 2.29
N ASP C 15 30.02 -23.01 2.56
CA ASP C 15 29.18 -21.82 2.73
C ASP C 15 28.90 -21.11 1.41
N ILE C 16 29.95 -20.87 0.62
CA ILE C 16 29.81 -20.17 -0.66
C ILE C 16 29.04 -20.99 -1.72
N THR C 17 29.41 -22.27 -1.89
CA THR C 17 28.73 -23.12 -2.88
C THR C 17 27.24 -23.25 -2.54
N ASN C 18 26.94 -23.24 -1.24
CA ASN C 18 25.57 -23.31 -0.74
C ASN C 18 24.73 -22.18 -1.32
N TRP C 19 25.31 -20.99 -1.32
CA TRP C 19 24.65 -19.79 -1.83
C TRP C 19 24.27 -19.98 -3.32
N LEU C 20 25.15 -20.65 -4.07
CA LEU C 20 24.94 -20.91 -5.50
C LEU C 20 23.74 -21.84 -5.77
N TRP C 21 23.55 -22.86 -4.92
CA TRP C 21 22.48 -23.84 -5.14
C TRP C 21 21.34 -23.75 -4.11
N TYR C 22 21.34 -22.73 -3.25
CA TYR C 22 20.26 -22.58 -2.26
C TYR C 22 19.74 -21.14 -2.25
N ILE C 23 20.64 -20.16 -2.26
CA ILE C 23 20.22 -18.76 -2.31
C ILE C 23 19.62 -18.50 -3.72
N ARG C 24 20.21 -19.11 -4.77
CA ARG C 24 19.73 -18.95 -6.14
C ARG C 24 18.24 -19.28 -6.21
N ILE C 25 17.85 -20.37 -5.53
CA ILE C 25 16.46 -20.80 -5.46
C ILE C 25 15.66 -19.71 -4.70
N PHE C 26 16.30 -19.10 -3.71
CA PHE C 26 15.68 -18.05 -2.91
C PHE C 26 15.26 -16.88 -3.80
N ILE C 27 15.96 -16.69 -4.92
CA ILE C 27 15.65 -15.62 -5.86
C ILE C 27 14.24 -15.84 -6.44
N ILE C 28 13.92 -17.09 -6.78
CA ILE C 28 12.59 -17.43 -7.31
C ILE C 28 11.52 -17.14 -6.24
N ILE C 29 11.87 -17.41 -4.97
CA ILE C 29 10.96 -17.16 -3.86
C ILE C 29 10.57 -15.67 -3.87
N VAL C 30 11.53 -14.79 -4.22
CA VAL C 30 11.26 -13.34 -4.27
C VAL C 30 10.05 -13.09 -5.19
N GLY C 31 9.98 -13.82 -6.31
CA GLY C 31 8.87 -13.70 -7.24
C GLY C 31 7.55 -13.97 -6.52
N SER C 32 7.56 -14.99 -5.66
CA SER C 32 6.39 -15.36 -4.86
C SER C 32 6.09 -14.25 -3.85
N LEU C 33 7.16 -13.67 -3.29
CA LEU C 33 7.04 -12.60 -2.29
C LEU C 33 6.31 -11.37 -2.86
N ILE C 34 6.55 -11.04 -4.14
CA ILE C 34 5.89 -9.87 -4.74
C ILE C 34 4.36 -10.13 -4.83
N GLY C 35 3.94 -11.33 -5.23
CA GLY C 35 2.51 -11.65 -5.29
C GLY C 35 1.89 -11.61 -3.88
N LEU C 36 2.75 -11.63 -2.84
CA LEU C 36 2.33 -11.55 -1.44
C LEU C 36 1.80 -10.13 -1.12
N ARG C 37 2.47 -9.15 -1.71
CA ARG C 37 2.19 -7.72 -1.50
C ARG C 37 0.74 -7.29 -1.77
N ILE C 38 0.01 -7.95 -2.70
CA ILE C 38 -1.36 -7.49 -3.01
C ILE C 38 -2.22 -7.56 -1.75
N VAL C 39 -2.18 -8.67 -1.03
CA VAL C 39 -2.96 -8.81 0.19
C VAL C 39 -2.50 -7.74 1.22
N PHE C 40 -1.22 -7.37 1.16
CA PHE C 40 -0.64 -6.37 2.06
C PHE C 40 -1.45 -5.08 1.98
N ALA C 41 -2.08 -4.81 0.85
CA ALA C 41 -2.86 -3.59 0.69
C ALA C 41 -3.92 -3.53 1.79
N VAL C 42 -4.52 -4.68 2.18
CA VAL C 42 -5.50 -4.68 3.28
C VAL C 42 -4.83 -4.15 4.58
N LEU C 43 -3.55 -4.51 4.77
CA LEU C 43 -2.77 -4.07 5.94
C LEU C 43 -2.74 -2.54 5.99
N SER C 44 -2.65 -1.90 4.82
CA SER C 44 -2.63 -0.44 4.77
C SER C 44 -3.93 0.11 5.35
N LEU C 45 -5.01 -0.63 5.18
CA LEU C 45 -6.28 -0.25 5.73
C LEU C 45 -6.18 -0.26 7.28
N VAL C 46 -5.47 -1.26 7.80
CA VAL C 46 -5.26 -1.42 9.24
C VAL C 46 -4.36 -0.30 9.80
N ASN C 47 -3.23 0.02 9.14
CA ASN C 47 -2.39 1.12 9.64
C ASN C 47 -3.15 2.44 9.58
N ARG C 48 -3.99 2.62 8.54
CA ARG C 48 -4.76 3.86 8.40
C ARG C 48 -5.60 4.10 9.65
N VAL C 49 -6.09 3.00 10.19
CA VAL C 49 -6.92 2.98 11.40
C VAL C 49 -6.03 3.18 12.62
N ARG C 50 -4.92 2.48 12.64
CA ARG C 50 -3.94 2.52 13.74
C ARG C 50 -3.11 3.85 13.80
N GLN C 51 -3.02 4.59 12.70
CA GLN C 51 -2.18 5.82 12.65
C GLN C 51 -2.99 7.12 12.79
N GLY C 52 -4.27 7.00 13.09
CA GLY C 52 -5.15 8.17 13.25
C GLY C 52 -5.78 8.62 11.92
N TYR C 53 -5.05 9.44 11.14
CA TYR C 53 -5.53 9.95 9.85
C TYR C 53 -4.35 10.52 9.04
N SER C 54 -3.83 11.67 9.48
CA SER C 54 -2.69 12.32 8.83
C SER C 54 -1.44 11.45 9.06
N PRO C 55 -0.37 11.60 8.27
CA PRO C 55 0.92 10.83 8.37
C PRO C 55 1.19 10.13 9.75
N LEU C 56 2.47 9.85 10.06
CA LEU C 56 2.79 9.16 11.31
C LEU C 56 2.76 10.12 12.52
N SER C 57 2.90 11.44 12.27
CA SER C 57 2.87 12.42 13.36
C SER C 57 1.45 12.62 13.93
N GLU C 80 -3.56 2.56 19.90
CA GLU C 80 -3.80 1.90 21.20
C GLU C 80 -4.91 0.85 21.10
N ARG C 81 -6.15 1.31 21.11
CA ARG C 81 -7.33 0.44 21.05
C ARG C 81 -7.50 -0.20 19.66
N ASP C 82 -6.99 0.46 18.62
CA ASP C 82 -7.13 -0.04 17.25
C ASP C 82 -6.59 -1.48 17.08
N ARG C 83 -5.94 -2.04 18.11
CA ARG C 83 -5.42 -3.41 18.03
C ARG C 83 -6.56 -4.41 18.13
N ASP C 84 -7.44 -4.20 19.12
CA ASP C 84 -8.60 -5.09 19.28
C ASP C 84 -9.48 -5.00 18.03
N ARG C 85 -9.62 -3.79 17.50
CA ARG C 85 -10.43 -3.55 16.32
C ARG C 85 -9.74 -4.11 15.07
N SER C 86 -8.41 -4.01 15.00
CA SER C 86 -7.69 -4.54 13.86
C SER C 86 -7.85 -6.06 13.84
N ILE C 87 -7.79 -6.71 15.03
CA ILE C 87 -8.01 -8.17 15.11
C ILE C 87 -9.41 -8.47 14.55
N ARG C 88 -10.37 -7.58 14.84
CA ARG C 88 -11.73 -7.76 14.35
C ARG C 88 -11.74 -7.81 12.82
N LEU C 89 -10.73 -7.18 12.19
CA LEU C 89 -10.63 -7.20 10.72
C LEU C 89 -10.63 -8.65 10.21
N VAL C 90 -10.21 -9.61 11.05
CA VAL C 90 -10.22 -11.04 10.64
C VAL C 90 -11.67 -11.41 10.24
N ASN C 91 -12.63 -10.88 10.99
CA ASN C 91 -14.07 -11.05 10.70
C ASN C 91 -14.43 -10.48 9.32
N GLY C 92 -13.51 -9.73 8.73
CA GLY C 92 -13.72 -9.04 7.48
C GLY C 92 -14.18 -9.97 6.35
N SER C 93 -13.99 -11.27 6.51
CA SER C 93 -14.41 -12.21 5.45
C SER C 93 -15.93 -12.04 5.20
N LEU C 94 -16.73 -11.89 6.27
CA LEU C 94 -18.17 -11.67 6.09
C LEU C 94 -18.45 -10.28 5.51
N ALA C 95 -17.74 -9.29 6.03
CA ALA C 95 -17.86 -7.93 5.54
C ALA C 95 -17.52 -7.88 4.04
N LEU C 96 -16.58 -8.73 3.62
CA LEU C 96 -16.13 -8.74 2.24
C LEU C 96 -17.29 -8.99 1.28
N ILE C 97 -18.17 -9.97 1.54
CA ILE C 97 -19.28 -10.18 0.65
C ILE C 97 -20.17 -8.92 0.60
N TRP C 98 -20.36 -8.27 1.76
CA TRP C 98 -21.24 -7.09 1.87
C TRP C 98 -20.71 -5.85 1.11
N ASP C 99 -19.41 -5.51 1.25
CA ASP C 99 -18.89 -4.34 0.52
C ASP C 99 -18.97 -4.63 -1.00
N ASP C 100 -18.70 -5.88 -1.34
CA ASP C 100 -18.76 -6.39 -2.71
C ASP C 100 -20.20 -6.47 -3.22
N LEU C 101 -21.15 -6.81 -2.33
CA LEU C 101 -22.56 -7.01 -2.72
C LEU C 101 -23.17 -5.77 -3.39
N ARG C 102 -22.97 -4.58 -2.79
CA ARG C 102 -23.51 -3.36 -3.39
C ARG C 102 -22.78 -3.08 -4.71
N SER C 103 -21.50 -3.42 -4.75
CA SER C 103 -20.69 -3.21 -5.93
C SER C 103 -21.13 -4.13 -7.07
N LEU C 104 -21.35 -5.40 -6.72
CA LEU C 104 -21.74 -6.43 -7.68
C LEU C 104 -23.18 -6.29 -8.24
N SER C 105 -24.14 -6.25 -7.32
CA SER C 105 -25.56 -6.22 -7.66
C SER C 105 -26.22 -4.83 -7.61
N LEU C 106 -25.54 -3.81 -7.07
CA LEU C 106 -26.13 -2.46 -6.94
C LEU C 106 -27.36 -2.51 -6.00
N PHE C 107 -28.05 -1.37 -5.85
CA PHE C 107 -29.22 -1.27 -4.98
C PHE C 107 -30.23 -2.38 -5.30
N SER C 108 -30.88 -2.30 -6.48
CA SER C 108 -31.86 -3.31 -6.88
C SER C 108 -31.16 -4.66 -6.97
N TYR C 109 -31.92 -5.76 -7.16
CA TYR C 109 -31.29 -7.10 -7.25
C TYR C 109 -31.34 -7.69 -8.66
N HIS C 110 -32.17 -7.15 -9.56
CA HIS C 110 -32.18 -7.63 -10.96
C HIS C 110 -30.91 -7.11 -11.70
N ARG C 111 -30.11 -6.31 -10.98
CA ARG C 111 -28.90 -5.66 -11.46
C ARG C 111 -27.66 -6.55 -11.73
N LEU C 112 -27.49 -7.72 -11.07
CA LEU C 112 -26.21 -8.43 -11.21
C LEU C 112 -25.87 -8.73 -12.68
N ARG C 113 -26.83 -9.15 -13.51
CA ARG C 113 -26.55 -9.35 -14.94
C ARG C 113 -26.34 -7.98 -15.61
N ASP C 114 -27.06 -6.97 -15.11
CA ASP C 114 -26.95 -5.60 -15.60
C ASP C 114 -25.55 -5.06 -15.35
N LEU C 115 -24.90 -5.48 -14.23
CA LEU C 115 -23.58 -4.94 -13.89
C LEU C 115 -22.59 -5.13 -15.03
N LEU C 116 -22.62 -6.25 -15.75
CA LEU C 116 -21.67 -6.39 -16.86
C LEU C 116 -21.91 -5.22 -17.84
N LEU C 117 -23.18 -4.83 -18.01
CA LEU C 117 -23.53 -3.70 -18.87
C LEU C 117 -23.20 -2.35 -18.20
N ILE C 118 -23.38 -2.26 -16.88
CA ILE C 118 -23.11 -1.00 -16.17
C ILE C 118 -21.64 -0.61 -16.35
N VAL C 119 -20.71 -1.59 -16.34
CA VAL C 119 -19.29 -1.27 -16.48
C VAL C 119 -19.05 -0.51 -17.80
N THR C 120 -19.62 -1.00 -18.91
CA THR C 120 -19.46 -0.31 -20.19
C THR C 120 -20.10 1.09 -20.12
N ARG C 121 -21.20 1.19 -19.37
CA ARG C 121 -21.94 2.45 -19.23
C ARG C 121 -21.04 3.59 -18.74
N ILE C 122 -20.30 3.40 -17.64
CA ILE C 122 -19.44 4.49 -17.15
C ILE C 122 -18.44 4.91 -18.22
N VAL C 123 -17.76 3.95 -18.84
CA VAL C 123 -16.74 4.31 -19.83
C VAL C 123 -17.37 4.94 -21.09
N GLU C 124 -18.54 4.46 -21.51
CA GLU C 124 -19.18 5.02 -22.69
C GLU C 124 -19.67 6.45 -22.41
N LEU C 125 -20.30 6.62 -21.24
CA LEU C 125 -20.81 7.92 -20.82
C LEU C 125 -19.67 8.91 -20.58
N LEU C 126 -18.72 8.49 -19.74
CA LEU C 126 -17.58 9.31 -19.35
C LEU C 126 -16.51 9.45 -20.43
N GLY C 127 -16.57 8.65 -21.50
CA GLY C 127 -15.53 8.70 -22.53
C GLY C 127 -15.46 10.12 -23.14
N ARG C 128 -16.61 10.79 -23.26
CA ARG C 128 -16.65 12.14 -23.84
C ARG C 128 -16.15 13.22 -22.84
N ARG C 129 -16.64 13.18 -21.59
CA ARG C 129 -16.23 14.16 -20.57
C ARG C 129 -14.89 13.78 -19.89
N GLY C 130 -14.50 12.52 -20.01
CA GLY C 130 -13.25 12.00 -19.42
C GLY C 130 -12.03 12.81 -19.88
N TRP C 131 -12.15 13.45 -21.03
CA TRP C 131 -11.08 14.24 -21.62
C TRP C 131 -10.55 15.35 -20.73
N GLU C 132 -11.25 15.67 -19.63
CA GLU C 132 -10.78 16.75 -18.75
C GLU C 132 -9.26 16.53 -18.41
N ALA C 133 -8.71 15.32 -18.69
CA ALA C 133 -7.28 15.06 -18.54
C ALA C 133 -6.54 16.10 -19.38
N LEU C 134 -6.95 16.22 -20.65
CA LEU C 134 -6.37 17.17 -21.59
C LEU C 134 -6.57 18.62 -21.10
N LYS C 135 -7.73 18.94 -20.50
CA LYS C 135 -8.04 20.32 -20.07
C LYS C 135 -6.98 20.88 -19.09
N TYR C 136 -6.65 20.10 -18.08
CA TYR C 136 -5.69 20.56 -17.09
C TYR C 136 -4.31 20.59 -17.69
N TRP C 137 -3.92 19.55 -18.43
CA TRP C 137 -2.58 19.50 -19.00
C TRP C 137 -2.24 20.75 -19.82
N TRP C 138 -3.23 21.40 -20.46
CA TRP C 138 -2.93 22.63 -21.20
C TRP C 138 -2.60 23.75 -20.20
N ASN C 139 -3.45 23.90 -19.17
CA ASN C 139 -3.23 24.90 -18.11
C ASN C 139 -1.99 24.59 -17.25
N LEU C 140 -1.79 23.30 -17.06
CA LEU C 140 -0.74 22.71 -16.22
C LEU C 140 0.67 23.13 -16.65
N LEU C 141 0.96 22.95 -17.93
CA LEU C 141 2.25 23.37 -18.47
C LEU C 141 2.30 24.90 -18.57
N GLN C 142 1.14 25.51 -18.83
CA GLN C 142 1.03 26.95 -18.99
C GLN C 142 1.50 27.73 -17.75
N TYR C 143 1.05 27.34 -16.53
CA TYR C 143 1.43 28.07 -15.35
C TYR C 143 2.89 27.79 -14.96
N TRP C 144 3.38 26.56 -15.17
CA TRP C 144 4.77 26.27 -14.72
C TRP C 144 5.74 27.13 -15.53
N SER C 145 5.44 27.26 -16.83
CA SER C 145 6.23 28.13 -17.70
C SER C 145 6.19 29.55 -17.12
N GLN C 146 5.01 29.93 -16.57
CA GLN C 146 4.85 31.26 -15.98
C GLN C 146 5.77 31.47 -14.76
N GLU C 147 6.05 30.42 -13.93
CA GLU C 147 6.96 30.63 -12.80
C GLU C 147 8.33 31.03 -13.35
N LEU C 148 8.73 30.40 -14.47
CA LEU C 148 10.00 30.73 -15.11
C LEU C 148 9.98 32.15 -15.67
N LYS C 149 8.83 32.61 -16.17
CA LYS C 149 8.68 33.96 -16.73
C LYS C 149 9.07 35.01 -15.68
N ASN C 150 8.55 34.89 -14.46
CA ASN C 150 8.82 35.86 -13.40
C ASN C 150 10.29 35.86 -12.99
N SER C 151 10.89 34.67 -12.90
CA SER C 151 12.30 34.54 -12.50
C SER C 151 13.23 35.08 -13.60
N ALA C 152 12.96 34.67 -14.85
CA ALA C 152 13.79 35.08 -15.99
C ALA C 152 13.67 36.59 -16.26
N VAL C 153 12.44 37.10 -16.28
CA VAL C 153 12.21 38.53 -16.56
C VAL C 153 12.87 39.41 -15.51
N SER C 154 12.72 39.04 -14.23
CA SER C 154 13.28 39.82 -13.13
C SER C 154 14.81 39.98 -13.27
N LEU C 155 15.50 38.87 -13.52
CA LEU C 155 16.96 38.89 -13.65
C LEU C 155 17.43 39.54 -14.96
N LEU C 156 16.90 39.09 -16.10
CA LEU C 156 17.29 39.61 -17.40
C LEU C 156 16.98 41.11 -17.54
N ASN C 157 15.79 41.51 -17.09
CA ASN C 157 15.36 42.92 -17.16
C ASN C 157 16.19 43.80 -16.22
N ALA C 158 16.51 43.26 -15.05
CA ALA C 158 17.27 44.00 -14.03
C ALA C 158 18.72 44.24 -14.47
N THR C 159 19.36 43.22 -15.03
CA THR C 159 20.75 43.33 -15.48
C THR C 159 20.85 44.22 -16.73
N ALA C 160 19.78 44.25 -17.51
CA ALA C 160 19.74 45.03 -18.75
C ALA C 160 20.04 46.52 -18.52
N ILE C 161 19.55 47.09 -17.42
CA ILE C 161 19.78 48.51 -17.13
C ILE C 161 21.29 48.81 -17.07
N ALA C 162 22.10 47.81 -16.71
CA ALA C 162 23.55 47.98 -16.62
C ALA C 162 24.14 48.49 -17.96
N VAL C 163 23.38 48.37 -19.07
CA VAL C 163 23.88 48.82 -20.38
C VAL C 163 23.18 50.12 -20.87
N GLY C 164 22.34 50.72 -20.02
CA GLY C 164 21.65 51.96 -20.36
C GLY C 164 20.14 51.88 -20.09
N GLU C 165 19.35 52.60 -20.89
CA GLU C 165 17.89 52.61 -20.72
C GLU C 165 17.20 52.37 -22.07
N GLY C 166 16.34 51.35 -22.12
CA GLY C 166 15.61 51.00 -23.34
C GLY C 166 15.50 49.47 -23.49
N THR C 167 16.52 48.76 -22.99
CA THR C 167 16.56 47.30 -23.04
C THR C 167 15.50 46.70 -22.12
N ASP C 168 15.24 47.35 -20.98
CA ASP C 168 14.25 46.88 -20.01
C ASP C 168 12.87 46.74 -20.68
N ARG C 169 12.56 47.68 -21.58
CA ARG C 169 11.29 47.67 -22.29
C ARG C 169 11.10 46.35 -23.06
N VAL C 170 12.12 45.96 -23.84
CA VAL C 170 12.05 44.73 -24.65
C VAL C 170 12.00 43.44 -23.81
N ILE C 171 12.70 43.37 -22.66
CA ILE C 171 12.69 42.13 -21.85
C ILE C 171 11.28 41.81 -21.38
N GLU C 172 10.60 42.81 -20.81
CA GLU C 172 9.25 42.62 -20.27
C GLU C 172 8.18 42.44 -21.35
N VAL C 173 8.18 43.32 -22.36
CA VAL C 173 7.17 43.26 -23.41
C VAL C 173 7.35 42.06 -24.36
N VAL C 174 8.58 41.80 -24.82
CA VAL C 174 8.82 40.70 -25.76
C VAL C 174 8.59 39.32 -25.12
N GLN C 175 9.16 39.09 -23.93
CA GLN C 175 9.01 37.78 -23.26
C GLN C 175 7.56 37.56 -22.81
N GLY C 176 6.99 38.55 -22.13
CA GLY C 176 5.64 38.45 -21.62
C GLY C 176 4.59 38.36 -22.74
N ALA C 177 4.83 39.05 -23.86
CA ALA C 177 3.87 39.07 -24.97
C ALA C 177 3.76 37.71 -25.67
N SER C 178 4.89 37.07 -25.95
CA SER C 178 4.89 35.79 -26.68
C SER C 178 4.35 34.63 -25.84
N ARG C 179 4.84 34.50 -24.60
CA ARG C 179 4.42 33.40 -23.72
C ARG C 179 2.97 33.55 -23.27
N ALA C 180 2.65 34.73 -22.74
CA ALA C 180 1.30 35.01 -22.22
C ALA C 180 0.22 34.97 -23.31
N ILE C 181 0.55 35.44 -24.53
CA ILE C 181 -0.44 35.45 -25.63
C ILE C 181 -0.47 34.09 -26.38
N ARG C 182 0.53 33.22 -26.16
CA ARG C 182 0.53 31.92 -26.83
C ARG C 182 -0.69 31.07 -26.41
N HIS C 183 -1.23 31.34 -25.22
CA HIS C 183 -2.40 30.60 -24.72
C HIS C 183 -3.55 31.55 -24.40
N ILE C 184 -4.73 31.25 -24.96
CA ILE C 184 -5.93 32.08 -24.72
C ILE C 184 -7.25 31.29 -24.41
N PRO C 185 -7.53 30.12 -25.01
CA PRO C 185 -8.80 29.37 -24.72
C PRO C 185 -8.72 28.56 -23.42
N ARG C 186 -9.81 27.86 -23.10
CA ARG C 186 -9.89 27.04 -21.89
C ARG C 186 -10.82 25.83 -22.10
N ARG C 187 -11.07 25.45 -23.36
CA ARG C 187 -11.95 24.33 -23.68
C ARG C 187 -11.58 23.74 -25.06
N ILE C 188 -10.42 23.09 -25.12
CA ILE C 188 -9.94 22.48 -26.37
C ILE C 188 -10.79 21.26 -26.71
N ARG C 189 -10.93 20.39 -25.74
CA ARG C 189 -11.71 19.16 -25.88
C ARG C 189 -13.15 19.48 -26.30
N GLN C 190 -13.72 20.56 -25.77
CA GLN C 190 -15.09 20.95 -26.09
C GLN C 190 -15.21 21.25 -27.59
N GLY C 191 -14.31 22.10 -28.09
CA GLY C 191 -14.31 22.46 -29.51
C GLY C 191 -14.00 21.24 -30.37
N LEU C 192 -13.07 20.40 -29.91
CA LEU C 192 -12.68 19.19 -30.63
C LEU C 192 -13.84 18.20 -30.71
N GLU C 193 -14.60 18.08 -29.62
CA GLU C 193 -15.75 17.15 -29.57
C GLU C 193 -16.91 17.66 -30.43
N ARG C 194 -17.05 18.99 -30.52
CA ARG C 194 -18.14 19.59 -31.30
C ARG C 194 -17.89 19.48 -32.82
N ILE C 195 -16.62 19.52 -33.23
CA ILE C 195 -16.27 19.42 -34.65
C ILE C 195 -16.41 17.99 -35.18
N LEU C 196 -16.25 16.99 -34.30
CA LEU C 196 -16.35 15.58 -34.71
C LEU C 196 -17.74 15.01 -34.37
N LEU C 197 -18.40 15.58 -33.36
CA LEU C 197 -19.74 15.12 -32.96
C LEU C 197 -20.82 16.00 -33.60
N LEU A 1 29.97 -30.47 -14.56
CA LEU A 1 29.61 -31.83 -15.05
C LEU A 1 28.45 -31.70 -16.04
N LEU A 2 28.60 -30.76 -16.97
CA LEU A 2 27.60 -30.50 -18.00
C LEU A 2 28.31 -30.19 -19.33
N GLU A 3 27.61 -30.41 -20.44
CA GLU A 3 28.17 -30.15 -21.76
C GLU A 3 27.07 -29.74 -22.73
N LEU A 4 27.43 -29.08 -23.84
CA LEU A 4 26.43 -28.66 -24.81
C LEU A 4 25.61 -29.85 -25.31
N ASP A 5 26.13 -31.06 -25.11
CA ASP A 5 25.42 -32.27 -25.53
C ASP A 5 24.18 -32.45 -24.67
N LYS A 6 24.28 -32.05 -23.40
CA LYS A 6 23.15 -32.13 -22.47
C LYS A 6 22.21 -30.94 -22.69
N TRP A 7 22.80 -29.75 -22.88
CA TRP A 7 22.05 -28.53 -23.10
C TRP A 7 21.34 -28.55 -24.46
N ALA A 8 22.08 -28.93 -25.50
CA ALA A 8 21.54 -28.99 -26.87
C ALA A 8 20.44 -30.04 -26.95
N SER A 9 20.65 -31.20 -26.32
CA SER A 9 19.64 -32.26 -26.31
C SER A 9 18.38 -31.76 -25.57
N LEU A 10 18.58 -30.82 -24.64
CA LEU A 10 17.48 -30.23 -23.87
C LEU A 10 16.47 -29.54 -24.80
N TRP A 11 16.90 -29.14 -26.00
CA TRP A 11 16.03 -28.46 -26.96
C TRP A 11 14.83 -29.35 -27.30
N ASN A 12 14.99 -30.67 -27.18
CA ASN A 12 13.90 -31.62 -27.43
C ASN A 12 12.85 -31.56 -26.30
N TRP A 13 13.19 -30.90 -25.19
CA TRP A 13 12.30 -30.74 -24.04
C TRP A 13 11.57 -29.39 -24.16
N PHE A 14 11.17 -29.06 -25.39
CA PHE A 14 10.48 -27.81 -25.72
C PHE A 14 9.53 -27.31 -24.61
N ASP A 15 8.89 -28.25 -23.89
CA ASP A 15 7.96 -27.88 -22.82
C ASP A 15 8.67 -27.16 -21.66
N ILE A 16 9.45 -27.90 -20.87
CA ILE A 16 10.17 -27.32 -19.72
C ILE A 16 11.29 -26.36 -20.16
N THR A 17 11.99 -26.68 -21.27
CA THR A 17 13.09 -25.83 -21.75
C THR A 17 12.60 -24.37 -21.91
N ASN A 18 11.34 -24.20 -22.28
CA ASN A 18 10.76 -22.86 -22.44
C ASN A 18 10.90 -22.10 -21.11
N TRP A 19 10.49 -22.76 -20.03
CA TRP A 19 10.57 -22.20 -18.69
C TRP A 19 12.04 -21.85 -18.34
N LEU A 20 12.97 -22.67 -18.82
CA LEU A 20 14.40 -22.50 -18.56
C LEU A 20 14.99 -21.23 -19.18
N TRP A 21 14.55 -20.86 -20.41
CA TRP A 21 15.11 -19.67 -21.08
C TRP A 21 14.10 -18.55 -21.32
N TYR A 22 12.90 -18.62 -20.71
CA TYR A 22 11.91 -17.53 -20.86
C TYR A 22 11.73 -16.80 -19.53
N ILE A 23 12.03 -17.49 -18.43
CA ILE A 23 11.93 -16.91 -17.11
C ILE A 23 12.97 -15.78 -16.95
N ARG A 24 14.15 -15.94 -17.57
CA ARG A 24 15.23 -14.95 -17.47
C ARG A 24 14.68 -13.57 -17.86
N ILE A 25 13.93 -13.51 -18.97
CA ILE A 25 13.30 -12.27 -19.41
C ILE A 25 12.21 -11.90 -18.37
N PHE A 26 11.51 -12.94 -17.92
CA PHE A 26 10.44 -12.82 -16.95
C PHE A 26 10.90 -12.21 -15.63
N ILE A 27 12.19 -12.40 -15.28
CA ILE A 27 12.72 -11.87 -14.03
C ILE A 27 12.55 -10.33 -14.02
N ILE A 28 12.98 -9.67 -15.09
CA ILE A 28 12.83 -8.22 -15.19
C ILE A 28 11.35 -7.84 -15.13
N ILE A 29 10.49 -8.66 -15.78
CA ILE A 29 9.05 -8.41 -15.77
C ILE A 29 8.53 -8.46 -14.32
N VAL A 30 9.03 -9.44 -13.53
CA VAL A 30 8.62 -9.55 -12.12
C VAL A 30 8.97 -8.23 -11.42
N GLY A 31 10.18 -7.72 -11.70
CA GLY A 31 10.62 -6.44 -11.13
C GLY A 31 9.60 -5.35 -11.51
N SER A 32 9.10 -5.42 -12.74
CA SER A 32 8.09 -4.49 -13.22
C SER A 32 6.83 -4.62 -12.36
N LEU A 33 6.49 -5.87 -12.01
CA LEU A 33 5.31 -6.18 -11.20
C LEU A 33 5.38 -5.47 -9.84
N ILE A 34 6.57 -5.44 -9.22
CA ILE A 34 6.72 -4.80 -7.91
C ILE A 34 6.50 -3.28 -8.04
N GLY A 35 7.00 -2.67 -9.13
CA GLY A 35 6.80 -1.23 -9.37
C GLY A 35 5.32 -0.95 -9.73
N LEU A 36 4.61 -1.99 -10.18
CA LEU A 36 3.18 -1.89 -10.54
C LEU A 36 2.33 -1.55 -9.29
N ARG A 37 2.74 -2.11 -8.16
CA ARG A 37 2.04 -1.98 -6.88
C ARG A 37 1.81 -0.53 -6.40
N ILE A 38 2.66 0.44 -6.77
CA ILE A 38 2.48 1.81 -6.23
C ILE A 38 1.10 2.36 -6.58
N VAL A 39 0.62 2.10 -7.79
CA VAL A 39 -0.70 2.61 -8.18
C VAL A 39 -1.81 1.96 -7.34
N PHE A 40 -1.59 0.72 -6.90
CA PHE A 40 -2.57 0.00 -6.08
C PHE A 40 -2.90 0.83 -4.83
N ALA A 41 -1.95 1.62 -4.35
CA ALA A 41 -2.17 2.44 -3.16
C ALA A 41 -3.36 3.37 -3.38
N VAL A 42 -3.53 3.91 -4.60
CA VAL A 42 -4.70 4.77 -4.88
C VAL A 42 -5.98 3.90 -4.86
N LEU A 43 -5.85 2.64 -5.33
CA LEU A 43 -6.98 1.70 -5.32
C LEU A 43 -7.40 1.41 -3.89
N SER A 44 -6.43 1.30 -2.97
CA SER A 44 -6.71 1.02 -1.56
C SER A 44 -7.52 2.15 -0.95
N LEU A 45 -7.26 3.38 -1.38
CA LEU A 45 -7.97 4.55 -0.91
C LEU A 45 -9.44 4.39 -1.24
N VAL A 46 -9.68 4.08 -2.51
CA VAL A 46 -11.01 3.84 -3.03
C VAL A 46 -11.58 2.59 -2.33
N ASN A 47 -10.70 1.63 -2.07
CA ASN A 47 -11.07 0.37 -1.45
C ASN A 47 -11.67 0.57 -0.06
N ARG A 48 -11.09 1.47 0.75
CA ARG A 48 -11.62 1.70 2.10
C ARG A 48 -12.99 2.38 2.04
N VAL A 49 -13.18 3.22 1.02
CA VAL A 49 -14.49 3.88 0.83
C VAL A 49 -15.53 2.78 0.59
N ARG A 50 -15.13 1.85 -0.27
CA ARG A 50 -15.97 0.70 -0.61
C ARG A 50 -16.01 -0.35 0.53
N GLN A 51 -15.00 -0.36 1.40
CA GLN A 51 -14.90 -1.33 2.49
C GLN A 51 -15.32 -0.76 3.85
N GLY A 52 -15.86 0.47 3.86
CA GLY A 52 -16.28 1.13 5.11
C GLY A 52 -15.17 2.08 5.63
N TYR A 53 -14.48 1.65 6.71
CA TYR A 53 -13.39 2.46 7.29
C TYR A 53 -12.30 1.56 7.89
N SER A 54 -12.63 0.84 8.97
CA SER A 54 -11.69 -0.05 9.63
C SER A 54 -11.32 -1.20 8.69
N PRO A 55 -10.18 -1.89 8.91
CA PRO A 55 -9.71 -3.02 8.07
C PRO A 55 -10.77 -3.63 7.10
N LEU A 56 -11.30 -4.83 7.38
CA LEU A 56 -12.32 -5.43 6.50
C LEU A 56 -13.72 -5.45 7.17
N SER A 57 -13.75 -5.34 8.51
CA SER A 57 -15.02 -5.38 9.25
C SER A 57 -15.81 -4.08 9.07
N GLU A 80 -20.82 -0.05 -0.44
CA GLU A 80 -20.98 1.27 -1.05
C GLU A 80 -20.98 1.30 -2.59
N ARG A 81 -21.63 2.34 -3.10
CA ARG A 81 -21.73 2.67 -4.52
C ARG A 81 -20.35 2.92 -5.16
N ASP A 82 -19.38 3.28 -4.33
CA ASP A 82 -18.05 3.71 -4.76
C ASP A 82 -17.33 2.76 -5.72
N ARG A 83 -17.87 1.56 -6.03
CA ARG A 83 -17.19 0.67 -7.01
C ARG A 83 -17.37 1.26 -8.41
N ASP A 84 -18.59 1.67 -8.76
CA ASP A 84 -18.80 2.31 -10.07
C ASP A 84 -17.99 3.61 -10.09
N ARG A 85 -17.87 4.24 -8.92
CA ARG A 85 -17.08 5.45 -8.76
C ARG A 85 -15.59 5.11 -8.84
N SER A 86 -15.21 3.91 -8.36
CA SER A 86 -13.81 3.50 -8.41
C SER A 86 -13.37 3.45 -9.86
N ILE A 87 -14.31 3.08 -10.74
CA ILE A 87 -14.04 3.05 -12.19
C ILE A 87 -13.55 4.46 -12.63
N ARG A 88 -13.95 5.50 -11.87
CA ARG A 88 -13.52 6.87 -12.16
C ARG A 88 -11.99 6.99 -12.07
N LEU A 89 -11.35 6.01 -11.42
CA LEU A 89 -9.89 6.00 -11.29
C LEU A 89 -9.25 6.08 -12.68
N VAL A 90 -9.91 5.49 -13.69
CA VAL A 90 -9.42 5.58 -15.08
C VAL A 90 -9.33 7.08 -15.43
N ASN A 91 -10.43 7.77 -15.13
CA ASN A 91 -10.58 9.21 -15.31
C ASN A 91 -9.75 9.99 -14.29
N GLY A 92 -9.23 9.29 -13.28
CA GLY A 92 -8.48 9.90 -12.18
C GLY A 92 -7.31 10.76 -12.68
N SER A 93 -6.89 10.57 -13.94
CA SER A 93 -5.79 11.37 -14.48
C SER A 93 -6.13 12.87 -14.38
N LEU A 94 -7.40 13.25 -14.60
CA LEU A 94 -7.79 14.67 -14.46
C LEU A 94 -7.72 15.07 -12.98
N ALA A 95 -8.20 14.17 -12.14
CA ALA A 95 -8.19 14.37 -10.68
C ALA A 95 -6.74 14.59 -10.23
N LEU A 96 -5.81 13.93 -10.93
CA LEU A 96 -4.40 13.97 -10.59
C LEU A 96 -3.90 15.41 -10.54
N ILE A 97 -4.35 16.30 -11.43
CA ILE A 97 -3.86 17.66 -11.35
C ILE A 97 -4.44 18.43 -10.16
N TRP A 98 -5.63 18.06 -9.65
CA TRP A 98 -6.21 18.84 -8.55
C TRP A 98 -5.45 18.69 -7.21
N ASP A 99 -5.14 17.45 -6.76
CA ASP A 99 -4.40 17.28 -5.48
C ASP A 99 -2.91 17.70 -5.54
N ASP A 100 -2.23 17.15 -6.54
CA ASP A 100 -0.78 17.33 -6.72
C ASP A 100 -0.26 18.71 -7.17
N LEU A 101 -0.89 19.34 -8.16
CA LEU A 101 -0.35 20.59 -8.74
C LEU A 101 -0.14 21.76 -7.76
N ARG A 102 -0.99 21.92 -6.75
CA ARG A 102 -0.83 23.04 -5.81
C ARG A 102 0.20 22.73 -4.73
N SER A 103 0.54 21.44 -4.53
CA SER A 103 1.50 21.09 -3.49
C SER A 103 2.96 21.39 -3.90
N LEU A 104 3.37 21.01 -5.12
CA LEU A 104 4.75 21.30 -5.54
C LEU A 104 5.03 22.80 -5.77
N SER A 105 4.06 23.52 -6.34
CA SER A 105 4.24 24.94 -6.65
C SER A 105 3.63 25.87 -5.57
N LEU A 106 2.84 25.30 -4.64
CA LEU A 106 2.20 26.08 -3.56
C LEU A 106 1.23 27.14 -4.12
N PHE A 107 0.62 27.93 -3.23
CA PHE A 107 -0.33 28.98 -3.61
C PHE A 107 0.39 30.30 -3.87
N SER A 108 -0.30 31.23 -4.56
CA SER A 108 0.27 32.57 -4.89
C SER A 108 1.37 32.49 -5.97
N TYR A 109 1.77 31.28 -6.35
CA TYR A 109 2.80 31.05 -7.35
C TYR A 109 4.07 31.84 -7.05
N HIS A 110 5.11 31.58 -7.87
CA HIS A 110 6.49 32.14 -7.68
C HIS A 110 7.27 31.20 -6.73
N ARG A 111 6.51 30.44 -5.93
CA ARG A 111 7.01 29.49 -4.96
C ARG A 111 7.60 28.21 -5.59
N LEU A 112 7.14 27.82 -6.79
CA LEU A 112 7.57 26.52 -7.35
C LEU A 112 9.10 26.43 -7.50
N ARG A 113 9.77 27.51 -7.85
CA ARG A 113 11.25 27.48 -7.90
C ARG A 113 11.75 27.36 -6.45
N ASP A 114 11.05 28.07 -5.57
CA ASP A 114 11.32 28.07 -4.14
C ASP A 114 11.13 26.66 -3.55
N LEU A 115 10.20 25.86 -4.12
CA LEU A 115 9.87 24.56 -3.55
C LEU A 115 11.11 23.70 -3.37
N LEU A 116 12.06 23.74 -4.30
CA LEU A 116 13.27 22.93 -4.11
C LEU A 116 13.98 23.37 -2.82
N LEU A 117 13.95 24.68 -2.55
CA LEU A 117 14.56 25.23 -1.34
C LEU A 117 13.72 24.94 -0.09
N ILE A 118 12.38 24.97 -0.18
CA ILE A 118 11.56 24.73 1.01
C ILE A 118 11.87 23.37 1.60
N VAL A 119 12.12 22.36 0.74
CA VAL A 119 12.39 21.00 1.26
C VAL A 119 13.55 21.04 2.25
N THR A 120 14.63 21.73 1.89
CA THR A 120 15.78 21.85 2.79
C THR A 120 15.38 22.61 4.06
N ARG A 121 14.51 23.61 3.90
CA ARG A 121 14.05 24.43 5.01
C ARG A 121 13.25 23.62 6.03
N ILE A 122 12.34 22.77 5.56
CA ILE A 122 11.51 21.98 6.46
C ILE A 122 12.40 20.96 7.18
N VAL A 123 13.30 20.32 6.43
CA VAL A 123 14.23 19.35 6.99
C VAL A 123 15.17 20.02 8.00
N GLU A 124 15.60 21.27 7.70
CA GLU A 124 16.51 21.98 8.60
C GLU A 124 15.82 22.28 9.94
N LEU A 125 14.57 22.73 9.86
CA LEU A 125 13.77 23.00 11.06
C LEU A 125 13.53 21.69 11.81
N LEU A 126 13.24 20.66 11.03
CA LEU A 126 12.96 19.32 11.53
C LEU A 126 14.19 18.69 12.21
N GLY A 127 15.39 19.02 11.72
CA GLY A 127 16.63 18.47 12.27
C GLY A 127 16.83 18.84 13.74
N ARG A 128 16.44 20.04 14.14
CA ARG A 128 16.61 20.49 15.52
C ARG A 128 15.66 19.75 16.47
N ARG A 129 14.39 19.66 16.09
CA ARG A 129 13.38 18.97 16.90
C ARG A 129 13.41 17.45 16.69
N GLY A 130 14.08 17.00 15.63
CA GLY A 130 14.16 15.57 15.28
C GLY A 130 14.72 14.72 16.43
N TRP A 131 15.48 15.34 17.36
CA TRP A 131 16.07 14.58 18.48
C TRP A 131 15.03 13.86 19.32
N GLU A 132 13.75 14.22 19.15
CA GLU A 132 12.68 13.53 19.87
C GLU A 132 12.82 11.97 19.62
N ALA A 133 13.69 11.56 18.68
CA ALA A 133 14.02 10.16 18.46
C ALA A 133 14.54 9.58 19.79
N LEU A 134 15.52 10.28 20.36
CA LEU A 134 16.15 9.84 21.60
C LEU A 134 15.20 9.92 22.80
N LYS A 135 14.33 10.95 22.89
CA LYS A 135 13.44 11.04 24.08
C LYS A 135 12.57 9.80 24.23
N TYR A 136 12.02 9.31 23.12
CA TYR A 136 11.11 8.19 23.20
C TYR A 136 11.80 6.84 23.49
N TRP A 137 12.96 6.54 22.88
CA TRP A 137 13.63 5.26 23.18
C TRP A 137 14.06 5.17 24.64
N TRP A 138 14.39 6.29 25.27
CA TRP A 138 14.75 6.26 26.70
C TRP A 138 13.52 5.89 27.52
N ASN A 139 12.40 6.56 27.22
CA ASN A 139 11.14 6.36 27.96
C ASN A 139 10.51 4.96 27.79
N LEU A 140 10.32 4.50 26.54
CA LEU A 140 9.68 3.20 26.31
C LEU A 140 10.49 2.02 26.85
N LEU A 141 11.80 2.02 26.61
CA LEU A 141 12.65 0.93 27.08
C LEU A 141 12.75 0.92 28.61
N GLN A 142 12.73 2.10 29.22
CA GLN A 142 12.82 2.22 30.68
C GLN A 142 11.61 1.62 31.40
N TYR A 143 10.40 1.83 30.88
CA TYR A 143 9.21 1.34 31.52
C TYR A 143 9.09 -0.19 31.42
N TRP A 144 9.44 -0.79 30.27
CA TRP A 144 9.29 -2.25 30.15
C TRP A 144 10.29 -2.92 31.08
N SER A 145 11.47 -2.30 31.23
CA SER A 145 12.49 -2.80 32.14
C SER A 145 11.92 -2.84 33.56
N GLN A 146 11.09 -1.83 33.89
CA GLN A 146 10.48 -1.74 35.22
C GLN A 146 9.59 -2.97 35.47
N GLU A 147 8.80 -3.42 34.48
CA GLU A 147 7.96 -4.60 34.68
C GLU A 147 8.84 -5.85 34.90
N LEU A 148 10.02 -5.86 34.26
CA LEU A 148 10.96 -6.97 34.43
C LEU A 148 11.32 -7.10 35.91
N LYS A 149 11.55 -5.95 36.56
CA LYS A 149 11.88 -5.90 37.98
C LYS A 149 10.72 -6.47 38.82
N ASN A 150 9.48 -6.19 38.40
CA ASN A 150 8.29 -6.65 39.12
C ASN A 150 8.19 -8.18 39.10
N SER A 151 8.55 -8.81 37.98
CA SER A 151 8.49 -10.26 37.87
C SER A 151 9.57 -10.90 38.76
N ALA A 152 10.77 -10.33 38.75
CA ALA A 152 11.88 -10.84 39.53
C ALA A 152 11.62 -10.71 41.04
N VAL A 153 11.16 -9.53 41.48
CA VAL A 153 10.88 -9.30 42.90
C VAL A 153 9.74 -10.18 43.41
N SER A 154 8.64 -10.25 42.64
CA SER A 154 7.48 -11.04 43.04
C SER A 154 7.84 -12.50 43.32
N LEU A 155 8.53 -13.15 42.37
CA LEU A 155 8.90 -14.56 42.53
C LEU A 155 9.97 -14.77 43.61
N LEU A 156 11.07 -14.02 43.54
CA LEU A 156 12.17 -14.18 44.49
C LEU A 156 11.77 -13.80 45.92
N ASN A 157 11.05 -12.69 46.09
CA ASN A 157 10.60 -12.23 47.41
C ASN A 157 9.63 -13.23 48.02
N ALA A 158 8.74 -13.70 47.17
CA ALA A 158 7.69 -14.65 47.57
C ALA A 158 8.30 -15.98 48.04
N THR A 159 9.30 -16.48 47.33
CA THR A 159 9.96 -17.75 47.68
C THR A 159 10.83 -17.59 48.93
N ALA A 160 11.32 -16.38 49.15
CA ALA A 160 12.19 -16.07 50.29
C ALA A 160 11.54 -16.43 51.64
N ILE A 161 10.21 -16.27 51.73
CA ILE A 161 9.49 -16.56 52.97
C ILE A 161 9.55 -18.08 53.28
N ALA A 162 9.66 -18.91 52.24
CA ALA A 162 9.73 -20.37 52.42
C ALA A 162 10.71 -20.77 53.53
N VAL A 163 11.71 -19.92 53.78
CA VAL A 163 12.71 -20.19 54.82
C VAL A 163 12.58 -19.18 55.99
N GLY A 164 12.22 -17.93 55.67
CA GLY A 164 12.06 -16.89 56.69
C GLY A 164 13.39 -16.23 57.02
N GLU A 165 13.65 -16.01 58.32
CA GLU A 165 14.89 -15.38 58.82
C GLU A 165 14.88 -13.87 58.55
N GLY A 166 14.63 -13.48 57.30
CA GLY A 166 14.60 -12.07 56.91
C GLY A 166 15.00 -11.87 55.44
N THR A 167 14.78 -12.90 54.62
CA THR A 167 15.10 -12.85 53.19
C THR A 167 14.17 -11.87 52.46
N ASP A 168 12.91 -11.83 52.91
CA ASP A 168 11.88 -10.99 52.29
C ASP A 168 12.28 -9.50 52.32
N ARG A 169 12.73 -9.02 53.47
CA ARG A 169 13.11 -7.62 53.63
C ARG A 169 14.38 -7.27 52.83
N VAL A 170 15.40 -8.13 52.89
CA VAL A 170 16.66 -7.87 52.20
C VAL A 170 16.55 -7.90 50.66
N ILE A 171 15.95 -8.96 50.07
CA ILE A 171 15.88 -9.05 48.60
C ILE A 171 14.94 -8.01 47.98
N GLU A 172 13.88 -7.62 48.70
CA GLU A 172 12.95 -6.61 48.16
C GLU A 172 13.59 -5.21 48.15
N VAL A 173 14.23 -4.84 49.27
CA VAL A 173 14.85 -3.52 49.39
C VAL A 173 16.12 -3.37 48.53
N VAL A 174 17.02 -4.36 48.61
CA VAL A 174 18.29 -4.31 47.87
C VAL A 174 18.06 -4.28 46.35
N GLN A 175 17.20 -5.17 45.84
CA GLN A 175 16.93 -5.22 44.39
C GLN A 175 16.24 -3.94 43.92
N GLY A 176 15.17 -3.56 44.62
CA GLY A 176 14.40 -2.37 44.29
C GLY A 176 15.21 -1.09 44.48
N ALA A 177 16.13 -1.08 45.46
CA ALA A 177 16.94 0.11 45.76
C ALA A 177 17.91 0.43 44.62
N SER A 178 18.60 -0.59 44.09
CA SER A 178 19.59 -0.39 43.03
C SER A 178 18.95 0.01 41.70
N ARG A 179 17.88 -0.68 41.30
CA ARG A 179 17.22 -0.37 40.03
C ARG A 179 16.61 1.03 40.07
N ALA A 180 15.81 1.26 41.11
CA ALA A 180 15.13 2.54 41.28
C ALA A 180 16.12 3.70 41.46
N ILE A 181 17.18 3.51 42.27
CA ILE A 181 18.16 4.58 42.51
C ILE A 181 18.98 4.90 41.24
N ARG A 182 19.02 3.96 40.29
CA ARG A 182 19.79 4.16 39.05
C ARG A 182 19.22 5.34 38.23
N HIS A 183 17.97 5.77 38.54
CA HIS A 183 17.34 6.88 37.85
C HIS A 183 18.04 8.20 38.20
N ILE A 184 18.99 8.61 37.35
CA ILE A 184 19.75 9.84 37.57
C ILE A 184 19.42 10.90 36.47
N PRO A 185 19.16 12.17 36.80
CA PRO A 185 18.84 13.21 35.78
C PRO A 185 19.84 13.20 34.61
N ARG A 186 19.34 12.90 33.41
CA ARG A 186 20.18 12.85 32.21
C ARG A 186 19.74 13.92 31.20
N ARG A 187 18.47 13.88 30.80
CA ARG A 187 17.94 14.83 29.83
C ARG A 187 18.84 14.90 28.58
N ILE A 188 18.63 13.95 27.66
CA ILE A 188 19.42 13.88 26.43
C ILE A 188 19.11 15.07 25.50
N ARG A 189 17.83 15.32 25.30
CA ARG A 189 17.33 16.35 24.42
C ARG A 189 17.64 17.76 24.94
N GLN A 190 17.40 17.99 26.23
CA GLN A 190 17.65 19.30 26.84
C GLN A 190 19.15 19.58 26.90
N GLY A 191 19.94 18.56 27.25
CA GLY A 191 21.38 18.69 27.35
C GLY A 191 22.01 19.00 25.99
N LEU A 192 21.50 18.33 24.95
CA LEU A 192 22.01 18.52 23.58
C LEU A 192 21.64 19.92 23.05
N GLU A 193 20.42 20.38 23.37
CA GLU A 193 19.94 21.68 22.91
C GLU A 193 20.69 22.84 23.56
N ARG A 194 20.99 22.73 24.86
CA ARG A 194 21.67 23.81 25.59
C ARG A 194 23.19 23.77 25.43
N ILE A 195 23.74 22.57 25.14
CA ILE A 195 25.20 22.40 25.00
C ILE A 195 25.67 22.50 23.54
N LEU A 196 24.89 21.97 22.59
CA LEU A 196 25.30 21.97 21.18
C LEU A 196 24.86 23.26 20.45
N LEU A 197 24.43 24.29 21.19
CA LEU A 197 24.01 25.56 20.58
C LEU A 197 24.84 26.72 21.16
N LEU B 1 23.31 -24.78 -28.46
CA LEU B 1 24.58 -25.29 -27.86
C LEU B 1 25.24 -24.15 -27.08
N LEU B 2 25.94 -24.46 -25.99
CA LEU B 2 26.58 -23.43 -25.17
C LEU B 2 28.08 -23.81 -24.93
N GLU B 3 28.54 -23.90 -23.66
CA GLU B 3 29.93 -24.28 -23.30
C GLU B 3 30.95 -23.13 -23.48
N LEU B 4 32.23 -23.47 -23.24
CA LEU B 4 33.36 -22.54 -23.31
C LEU B 4 33.23 -21.51 -24.43
N ASP B 5 32.69 -21.94 -25.56
CA ASP B 5 32.55 -21.05 -26.72
C ASP B 5 31.48 -19.97 -26.51
N LYS B 6 30.41 -20.34 -25.81
CA LYS B 6 29.33 -19.40 -25.55
C LYS B 6 29.68 -18.46 -24.40
N TRP B 7 30.30 -19.01 -23.35
CA TRP B 7 30.67 -18.23 -22.18
C TRP B 7 31.87 -17.32 -22.48
N ALA B 8 32.86 -17.84 -23.21
CA ALA B 8 34.06 -17.06 -23.54
C ALA B 8 33.74 -15.97 -24.56
N SER B 9 32.95 -16.30 -25.57
CA SER B 9 32.57 -15.32 -26.61
C SER B 9 31.89 -14.11 -25.99
N LEU B 10 31.30 -14.28 -24.80
CA LEU B 10 30.61 -13.21 -24.10
C LEU B 10 31.60 -12.13 -23.62
N TRP B 11 32.87 -12.53 -23.41
CA TRP B 11 33.90 -11.60 -22.94
C TRP B 11 34.14 -10.46 -23.93
N ASN B 12 33.96 -10.73 -25.23
CA ASN B 12 34.14 -9.70 -26.26
C ASN B 12 33.13 -8.55 -26.11
N TRP B 13 32.10 -8.76 -25.27
CA TRP B 13 31.06 -7.75 -25.03
C TRP B 13 30.56 -7.91 -23.59
N PHE B 14 31.49 -7.69 -22.67
CA PHE B 14 31.22 -7.81 -21.23
C PHE B 14 30.16 -6.81 -20.73
N ASP B 15 29.80 -5.81 -21.55
CA ASP B 15 28.82 -4.81 -21.15
C ASP B 15 27.50 -5.46 -20.71
N ILE B 16 26.81 -6.13 -21.65
CA ILE B 16 25.54 -6.81 -21.33
C ILE B 16 25.79 -7.92 -20.30
N THR B 17 26.93 -8.58 -20.43
CA THR B 17 27.32 -9.68 -19.54
C THR B 17 27.18 -9.28 -18.06
N ASN B 18 27.42 -7.99 -17.75
CA ASN B 18 27.32 -7.52 -16.37
C ASN B 18 25.93 -7.84 -15.80
N TRP B 19 24.89 -7.48 -16.55
CA TRP B 19 23.51 -7.76 -16.11
C TRP B 19 23.31 -9.29 -16.02
N LEU B 20 23.93 -10.04 -16.94
CA LEU B 20 23.82 -11.49 -16.97
C LEU B 20 24.28 -12.10 -15.64
N TRP B 21 25.31 -11.49 -15.03
CA TRP B 21 25.84 -11.98 -13.76
C TRP B 21 25.35 -11.13 -12.57
N TYR B 22 24.36 -10.24 -12.79
CA TYR B 22 23.84 -9.40 -11.71
C TYR B 22 22.33 -9.60 -11.48
N ILE B 23 21.65 -10.39 -12.35
CA ILE B 23 20.21 -10.63 -12.14
C ILE B 23 19.99 -11.40 -10.83
N ARG B 24 20.90 -12.34 -10.52
CA ARG B 24 20.80 -13.10 -9.27
C ARG B 24 20.89 -12.12 -8.10
N ILE B 25 21.87 -11.22 -8.19
CA ILE B 25 22.08 -10.18 -7.19
C ILE B 25 20.85 -9.28 -7.11
N PHE B 26 20.33 -8.95 -8.29
CA PHE B 26 19.18 -8.07 -8.43
C PHE B 26 17.91 -8.70 -7.87
N ILE B 27 17.78 -10.02 -8.00
CA ILE B 27 16.60 -10.73 -7.50
C ILE B 27 16.51 -10.53 -5.98
N ILE B 28 17.62 -10.79 -5.27
CA ILE B 28 17.65 -10.63 -3.81
C ILE B 28 17.25 -9.19 -3.46
N ILE B 29 17.78 -8.20 -4.18
CA ILE B 29 17.47 -6.80 -3.93
C ILE B 29 15.95 -6.59 -4.13
N VAL B 30 15.40 -7.18 -5.20
CA VAL B 30 13.96 -7.08 -5.46
C VAL B 30 13.20 -7.70 -4.27
N GLY B 31 13.71 -8.84 -3.78
CA GLY B 31 13.10 -9.50 -2.62
C GLY B 31 13.01 -8.53 -1.46
N SER B 32 14.07 -7.74 -1.26
CA SER B 32 14.10 -6.73 -0.21
C SER B 32 13.08 -5.63 -0.54
N LEU B 33 12.99 -5.31 -1.83
CA LEU B 33 12.09 -4.26 -2.32
C LEU B 33 10.62 -4.55 -1.98
N ILE B 34 10.23 -5.84 -1.97
CA ILE B 34 8.83 -6.18 -1.68
C ILE B 34 8.49 -5.81 -0.21
N GLY B 35 9.39 -6.13 0.72
CA GLY B 35 9.19 -5.78 2.14
C GLY B 35 9.12 -4.25 2.30
N LEU B 36 9.86 -3.54 1.45
CA LEU B 36 9.88 -2.06 1.43
C LEU B 36 8.46 -1.53 1.30
N ARG B 37 7.64 -2.25 0.53
CA ARG B 37 6.25 -1.86 0.31
C ARG B 37 5.51 -1.70 1.64
N ILE B 38 5.89 -2.46 2.68
CA ILE B 38 5.23 -2.34 3.98
C ILE B 38 5.41 -0.89 4.50
N VAL B 39 6.62 -0.35 4.30
CA VAL B 39 6.95 1.01 4.69
C VAL B 39 6.15 2.00 3.82
N PHE B 40 5.86 1.60 2.59
CA PHE B 40 5.06 2.42 1.66
C PHE B 40 3.71 2.76 2.31
N ALA B 41 3.23 1.90 3.21
CA ALA B 41 1.94 2.13 3.85
C ALA B 41 1.96 3.54 4.49
N VAL B 42 3.10 3.96 5.07
CA VAL B 42 3.17 5.33 5.63
C VAL B 42 2.98 6.36 4.50
N LEU B 43 3.49 6.05 3.29
CA LEU B 43 3.36 6.92 2.12
C LEU B 43 1.87 7.05 1.75
N SER B 44 1.12 5.94 1.84
CA SER B 44 -0.30 5.98 1.55
C SER B 44 -1.02 6.87 2.57
N LEU B 45 -0.47 6.91 3.79
CA LEU B 45 -1.05 7.70 4.88
C LEU B 45 -1.07 9.19 4.49
N VAL B 46 0.07 9.73 4.02
CA VAL B 46 0.06 11.13 3.56
C VAL B 46 -0.80 11.22 2.33
N ASN B 47 -0.72 10.18 1.48
CA ASN B 47 -1.50 10.17 0.26
C ASN B 47 -2.97 10.36 0.58
N ARG B 48 -3.42 9.78 1.68
CA ARG B 48 -4.82 9.91 2.10
C ARG B 48 -5.16 11.38 2.36
N VAL B 49 -4.18 12.11 2.85
CA VAL B 49 -4.37 13.52 3.18
C VAL B 49 -4.40 14.36 1.91
N ARG B 50 -3.43 14.11 1.04
CA ARG B 50 -3.36 14.84 -0.25
C ARG B 50 -4.41 14.36 -1.28
N GLN B 51 -4.87 13.11 -1.14
CA GLN B 51 -5.83 12.51 -2.10
C GLN B 51 -7.29 12.65 -1.67
N GLY B 52 -7.53 13.44 -0.62
CA GLY B 52 -8.90 13.63 -0.11
C GLY B 52 -9.64 12.28 0.04
N TYR B 53 -9.06 11.39 0.86
CA TYR B 53 -9.57 10.02 1.15
C TYR B 53 -10.51 9.41 0.07
N SER B 54 -11.76 9.89 -0.06
CA SER B 54 -12.70 9.39 -1.07
C SER B 54 -12.20 9.80 -2.46
N PRO B 55 -12.64 9.16 -3.55
CA PRO B 55 -12.21 9.48 -4.96
C PRO B 55 -11.60 10.88 -5.10
N LEU B 56 -10.51 10.97 -5.87
CA LEU B 56 -9.76 12.23 -6.02
C LEU B 56 -10.55 13.34 -6.73
N SER B 57 -11.70 13.01 -7.33
CA SER B 57 -12.53 14.05 -7.95
C SER B 57 -13.30 14.76 -6.82
N GLU B 80 -3.96 20.48 -0.30
CA GLU B 80 -3.10 21.62 -0.70
C GLU B 80 -1.92 21.79 0.28
N ARG B 81 -2.23 22.31 1.45
CA ARG B 81 -1.25 22.56 2.52
C ARG B 81 -0.56 21.25 2.99
N ASP B 82 -1.24 20.12 2.80
CA ASP B 82 -0.74 18.82 3.26
C ASP B 82 0.68 18.46 2.77
N ARG B 83 1.29 19.25 1.88
CA ARG B 83 2.67 18.94 1.41
C ARG B 83 3.67 19.29 2.50
N ASP B 84 3.54 20.48 3.09
CA ASP B 84 4.42 20.88 4.16
C ASP B 84 4.18 19.95 5.36
N ARG B 85 2.90 19.60 5.57
CA ARG B 85 2.53 18.67 6.64
C ARG B 85 2.98 17.26 6.30
N SER B 86 3.05 16.93 5.00
CA SER B 86 3.52 15.61 4.60
C SER B 86 4.96 15.45 5.08
N ILE B 87 5.75 16.53 4.98
CA ILE B 87 7.15 16.49 5.49
C ILE B 87 7.14 16.06 6.97
N ARG B 88 6.01 16.26 7.67
CA ARG B 88 5.90 15.89 9.09
C ARG B 88 6.14 14.38 9.26
N LEU B 89 5.95 13.61 8.18
CA LEU B 89 6.15 12.14 8.21
C LEU B 89 7.56 11.75 8.70
N VAL B 90 8.62 12.42 8.20
CA VAL B 90 10.00 12.07 8.60
C VAL B 90 10.17 12.14 10.12
N ASN B 91 9.57 13.17 10.73
CA ASN B 91 9.59 13.33 12.20
C ASN B 91 8.81 12.17 12.85
N GLY B 92 8.08 11.41 12.05
CA GLY B 92 7.24 10.34 12.52
C GLY B 92 7.97 9.30 13.35
N SER B 93 9.30 9.24 13.25
CA SER B 93 10.07 8.24 14.01
C SER B 93 9.80 8.38 15.51
N LEU B 94 9.82 9.62 16.02
CA LEU B 94 9.58 9.84 17.45
C LEU B 94 8.10 9.58 17.81
N ALA B 95 7.20 10.08 16.96
CA ALA B 95 5.77 9.90 17.10
C ALA B 95 5.39 8.43 17.06
N LEU B 96 6.17 7.64 16.31
CA LEU B 96 5.82 6.26 16.04
C LEU B 96 5.60 5.46 17.32
N ILE B 97 6.30 5.72 18.45
CA ILE B 97 5.94 4.93 19.62
C ILE B 97 4.59 5.35 20.21
N TRP B 98 4.16 6.61 19.96
CA TRP B 98 2.90 7.10 20.56
C TRP B 98 1.68 6.26 20.16
N ASP B 99 1.52 5.92 18.88
CA ASP B 99 0.36 5.09 18.46
C ASP B 99 0.49 3.65 19.00
N ASP B 100 1.69 3.07 18.81
CA ASP B 100 1.98 1.68 19.21
C ASP B 100 2.07 1.44 20.74
N LEU B 101 2.60 2.41 21.51
CA LEU B 101 2.80 2.22 22.96
C LEU B 101 1.49 1.89 23.67
N ARG B 102 0.43 2.62 23.37
CA ARG B 102 -0.84 2.39 24.05
C ARG B 102 -1.43 1.02 23.71
N SER B 103 -1.11 0.42 22.55
CA SER B 103 -1.71 -0.86 22.23
C SER B 103 -1.06 -2.06 22.97
N LEU B 104 0.29 -2.15 22.97
CA LEU B 104 0.96 -3.27 23.68
C LEU B 104 0.90 -3.16 25.21
N SER B 105 1.15 -1.97 25.78
CA SER B 105 1.17 -1.80 27.24
C SER B 105 -0.15 -1.23 27.82
N LEU B 106 -0.88 -0.43 27.03
CA LEU B 106 -2.13 0.22 27.49
C LEU B 106 -1.82 1.31 28.54
N PHE B 107 -1.96 1.00 29.85
CA PHE B 107 -1.68 2.02 30.89
C PHE B 107 -1.45 1.40 32.30
N SER B 108 -1.50 0.07 32.41
CA SER B 108 -1.27 -0.60 33.70
C SER B 108 0.21 -0.98 33.85
N TYR B 109 0.89 -1.18 32.73
CA TYR B 109 2.31 -1.53 32.68
C TYR B 109 2.56 -2.95 33.19
N HIS B 110 2.29 -3.29 34.46
CA HIS B 110 2.46 -4.71 34.91
C HIS B 110 1.83 -5.68 33.86
N ARG B 111 0.85 -5.12 33.13
CA ARG B 111 0.08 -5.73 32.07
C ARG B 111 0.81 -6.06 30.73
N LEU B 112 1.93 -5.37 30.31
CA LEU B 112 2.43 -5.61 28.92
C LEU B 112 2.70 -7.09 28.68
N ARG B 113 3.12 -7.83 29.70
CA ARG B 113 3.29 -9.27 29.54
C ARG B 113 1.88 -9.90 29.38
N ASP B 114 0.90 -9.28 30.06
CA ASP B 114 -0.49 -9.70 30.01
C ASP B 114 -1.10 -9.39 28.64
N LEU B 115 -0.70 -8.28 27.98
CA LEU B 115 -1.29 -7.91 26.70
C LEU B 115 -1.14 -9.04 25.67
N LEU B 116 0.01 -9.72 25.67
CA LEU B 116 0.25 -10.80 24.70
C LEU B 116 -0.78 -11.93 24.80
N LEU B 117 -1.21 -12.26 26.02
CA LEU B 117 -2.18 -13.34 26.22
C LEU B 117 -3.61 -12.96 25.80
N ILE B 118 -3.96 -11.68 25.89
CA ILE B 118 -5.31 -11.25 25.51
C ILE B 118 -5.47 -11.36 23.98
N VAL B 119 -4.39 -11.07 23.22
CA VAL B 119 -4.48 -11.10 21.76
C VAL B 119 -4.97 -12.48 21.28
N THR B 120 -4.41 -13.57 21.82
CA THR B 120 -4.88 -14.91 21.42
C THR B 120 -6.35 -15.11 21.83
N ARG B 121 -6.71 -14.53 22.97
CA ARG B 121 -8.06 -14.63 23.53
C ARG B 121 -9.16 -14.13 22.59
N ILE B 122 -8.95 -12.97 21.94
CA ILE B 122 -9.97 -12.45 21.04
C ILE B 122 -10.11 -13.35 19.81
N VAL B 123 -8.99 -13.86 19.31
CA VAL B 123 -9.02 -14.74 18.15
C VAL B 123 -9.69 -16.08 18.50
N GLU B 124 -9.36 -16.63 19.67
CA GLU B 124 -9.95 -17.91 20.08
C GLU B 124 -11.44 -17.73 20.37
N LEU B 125 -11.77 -16.66 21.08
CA LEU B 125 -13.15 -16.36 21.43
C LEU B 125 -14.02 -16.06 20.19
N LEU B 126 -13.51 -15.20 19.29
CA LEU B 126 -14.26 -14.82 18.10
C LEU B 126 -14.28 -15.92 17.03
N GLY B 127 -13.37 -16.91 17.15
CA GLY B 127 -13.33 -18.00 16.17
C GLY B 127 -14.66 -18.76 16.14
N ARG B 128 -15.40 -18.70 17.25
CA ARG B 128 -16.71 -19.36 17.35
C ARG B 128 -17.72 -18.63 16.45
N ARG B 129 -17.66 -17.29 16.46
CA ARG B 129 -18.55 -16.45 15.66
C ARG B 129 -18.04 -16.30 14.21
N GLY B 130 -16.77 -16.67 13.98
CA GLY B 130 -16.15 -16.56 12.65
C GLY B 130 -16.94 -17.31 11.57
N TRP B 131 -17.74 -18.30 11.98
CA TRP B 131 -18.53 -19.10 11.03
C TRP B 131 -19.45 -18.26 10.15
N GLU B 132 -19.66 -16.99 10.49
CA GLU B 132 -20.53 -16.13 9.67
C GLU B 132 -20.08 -16.20 8.17
N ALA B 133 -18.90 -16.80 7.89
CA ALA B 133 -18.44 -17.03 6.53
C ALA B 133 -19.54 -17.81 5.80
N LEU B 134 -19.97 -18.90 6.45
CA LEU B 134 -21.03 -19.75 5.92
C LEU B 134 -22.35 -18.99 5.82
N LYS B 135 -22.62 -18.10 6.79
CA LYS B 135 -23.91 -17.37 6.81
C LYS B 135 -24.16 -16.59 5.51
N TYR B 136 -23.18 -15.80 5.08
CA TYR B 136 -23.37 -15.02 3.88
C TYR B 136 -23.26 -15.84 2.61
N TRP B 137 -22.28 -16.73 2.53
CA TRP B 137 -22.07 -17.52 1.32
C TRP B 137 -23.31 -18.31 0.93
N TRP B 138 -24.04 -18.87 1.91
CA TRP B 138 -25.25 -19.63 1.60
C TRP B 138 -26.35 -18.67 1.09
N ASN B 139 -26.56 -17.54 1.79
CA ASN B 139 -27.58 -16.56 1.38
C ASN B 139 -27.20 -15.87 0.04
N LEU B 140 -25.90 -15.63 -0.10
CA LEU B 140 -25.32 -14.97 -1.27
C LEU B 140 -25.58 -15.77 -2.55
N LEU B 141 -25.26 -17.05 -2.50
CA LEU B 141 -25.48 -17.95 -3.63
C LEU B 141 -26.98 -18.11 -3.90
N GLN B 142 -27.77 -18.07 -2.83
CA GLN B 142 -29.22 -18.23 -2.92
C GLN B 142 -29.89 -17.16 -3.79
N TYR B 143 -29.55 -15.87 -3.60
CA TYR B 143 -30.18 -14.83 -4.34
C TYR B 143 -29.69 -14.80 -5.80
N TRP B 144 -28.40 -15.07 -6.05
CA TRP B 144 -27.90 -15.00 -7.44
C TRP B 144 -28.59 -16.05 -8.28
N SER B 145 -28.83 -17.22 -7.68
CA SER B 145 -29.56 -18.28 -8.36
C SER B 145 -30.96 -17.75 -8.71
N GLN B 146 -31.53 -16.94 -7.79
CA GLN B 146 -32.84 -16.35 -7.98
C GLN B 146 -32.86 -15.38 -9.18
N GLU B 147 -31.83 -14.52 -9.33
CA GLU B 147 -31.79 -13.58 -10.43
C GLU B 147 -31.59 -14.33 -11.76
N LEU B 148 -30.75 -15.37 -11.74
CA LEU B 148 -30.48 -16.16 -12.94
C LEU B 148 -31.74 -16.94 -13.37
N LYS B 149 -32.45 -17.54 -12.40
CA LYS B 149 -33.67 -18.30 -12.70
C LYS B 149 -34.77 -17.38 -13.24
N ASN B 150 -34.86 -16.17 -12.69
CA ASN B 150 -35.90 -15.22 -13.10
C ASN B 150 -35.73 -14.80 -14.57
N SER B 151 -34.49 -14.56 -15.00
CA SER B 151 -34.22 -14.15 -16.38
C SER B 151 -34.49 -15.29 -17.36
N ALA B 152 -33.96 -16.48 -17.05
CA ALA B 152 -34.12 -17.65 -17.89
C ALA B 152 -35.58 -18.11 -17.97
N VAL B 153 -36.24 -18.20 -16.82
CA VAL B 153 -37.63 -18.65 -16.76
C VAL B 153 -38.56 -17.69 -17.52
N SER B 154 -38.39 -16.38 -17.31
CA SER B 154 -39.24 -15.39 -17.96
C SER B 154 -39.20 -15.55 -19.49
N LEU B 155 -37.99 -15.54 -20.04
CA LEU B 155 -37.81 -15.68 -21.48
C LEU B 155 -38.23 -17.08 -21.94
N LEU B 156 -37.91 -18.10 -21.14
CA LEU B 156 -38.22 -19.49 -21.48
C LEU B 156 -39.72 -19.80 -21.52
N ASN B 157 -40.51 -19.33 -20.54
CA ASN B 157 -41.94 -19.66 -20.53
C ASN B 157 -42.71 -18.95 -21.62
N ALA B 158 -42.44 -17.67 -21.81
CA ALA B 158 -43.15 -16.88 -22.82
C ALA B 158 -42.80 -17.28 -24.26
N THR B 159 -41.51 -17.47 -24.55
CA THR B 159 -41.05 -17.84 -25.90
C THR B 159 -41.38 -19.29 -26.27
N ALA B 160 -41.42 -20.17 -25.26
CA ALA B 160 -41.63 -21.61 -25.49
C ALA B 160 -43.05 -21.99 -25.90
N ILE B 161 -44.07 -21.25 -25.43
CA ILE B 161 -45.46 -21.61 -25.73
C ILE B 161 -45.74 -21.57 -27.24
N ALA B 162 -45.37 -20.46 -27.90
CA ALA B 162 -45.60 -20.30 -29.35
C ALA B 162 -46.98 -20.81 -29.81
N VAL B 163 -47.95 -20.93 -28.86
CA VAL B 163 -49.30 -21.41 -29.15
C VAL B 163 -50.27 -20.88 -28.07
N GLY B 164 -51.38 -21.60 -27.80
CA GLY B 164 -52.35 -21.18 -26.78
C GLY B 164 -52.45 -22.21 -25.63
N GLU B 165 -51.78 -23.37 -25.76
CA GLU B 165 -51.82 -24.42 -24.74
C GLU B 165 -51.29 -23.90 -23.39
N GLY B 166 -51.23 -24.78 -22.39
CA GLY B 166 -50.76 -24.41 -21.05
C GLY B 166 -49.31 -24.86 -20.81
N THR B 167 -48.46 -24.62 -21.80
CA THR B 167 -47.03 -24.98 -21.70
C THR B 167 -46.33 -24.12 -20.62
N ASP B 168 -46.76 -22.87 -20.52
CA ASP B 168 -46.18 -21.90 -19.58
C ASP B 168 -46.31 -22.41 -18.14
N ARG B 169 -47.39 -23.13 -17.85
CA ARG B 169 -47.63 -23.66 -16.51
C ARG B 169 -46.60 -24.75 -16.17
N VAL B 170 -46.30 -25.62 -17.14
CA VAL B 170 -45.36 -26.74 -16.91
C VAL B 170 -43.94 -26.24 -16.58
N ILE B 171 -43.39 -25.33 -17.38
CA ILE B 171 -42.01 -24.84 -17.13
C ILE B 171 -41.96 -24.02 -15.83
N GLU B 172 -43.04 -23.30 -15.53
CA GLU B 172 -43.11 -22.47 -14.32
C GLU B 172 -43.17 -23.33 -13.05
N VAL B 173 -43.80 -24.50 -13.13
CA VAL B 173 -43.91 -25.39 -11.98
C VAL B 173 -42.54 -25.99 -11.62
N VAL B 174 -41.80 -26.46 -12.64
CA VAL B 174 -40.49 -27.07 -12.40
C VAL B 174 -39.50 -26.04 -11.84
N GLN B 175 -39.45 -24.85 -12.46
CA GLN B 175 -38.55 -23.79 -12.01
C GLN B 175 -39.01 -23.22 -10.66
N GLY B 176 -40.32 -23.07 -10.51
CA GLY B 176 -40.89 -22.55 -9.28
C GLY B 176 -40.71 -23.53 -8.12
N ALA B 177 -40.74 -24.82 -8.42
CA ALA B 177 -40.60 -25.85 -7.40
C ALA B 177 -39.19 -25.88 -6.78
N SER B 178 -38.14 -25.82 -7.61
CA SER B 178 -36.76 -25.86 -7.11
C SER B 178 -36.34 -24.57 -6.40
N ARG B 179 -36.61 -23.41 -7.02
CA ARG B 179 -36.21 -22.11 -6.45
C ARG B 179 -37.04 -21.74 -5.22
N ALA B 180 -38.36 -21.80 -5.38
CA ALA B 180 -39.28 -21.42 -4.31
C ALA B 180 -39.20 -22.33 -3.09
N ILE B 181 -39.11 -23.66 -3.30
CA ILE B 181 -39.05 -24.60 -2.17
C ILE B 181 -37.67 -24.54 -1.49
N ARG B 182 -36.61 -24.40 -2.29
CA ARG B 182 -35.25 -24.36 -1.75
C ARG B 182 -34.84 -22.93 -1.31
N HIS B 183 -35.78 -21.97 -1.38
CA HIS B 183 -35.50 -20.58 -1.01
C HIS B 183 -34.75 -20.51 0.35
N ILE B 184 -35.46 -20.67 1.49
CA ILE B 184 -34.81 -20.64 2.81
C ILE B 184 -35.22 -21.88 3.64
N PRO B 185 -34.27 -22.63 4.25
CA PRO B 185 -34.62 -23.84 5.06
C PRO B 185 -34.89 -23.51 6.54
N ARG B 186 -33.83 -23.30 7.34
CA ARG B 186 -34.00 -23.00 8.77
C ARG B 186 -32.66 -22.51 9.38
N ARG B 187 -31.98 -21.62 8.67
CA ARG B 187 -30.70 -21.06 9.14
C ARG B 187 -29.70 -22.17 9.49
N ILE B 188 -28.79 -22.45 8.55
CA ILE B 188 -27.75 -23.47 8.75
C ILE B 188 -26.69 -22.97 9.74
N ARG B 189 -26.36 -21.68 9.64
CA ARG B 189 -25.34 -21.07 10.50
C ARG B 189 -25.71 -21.19 11.99
N GLN B 190 -26.96 -20.88 12.34
CA GLN B 190 -27.43 -20.94 13.73
C GLN B 190 -27.58 -22.37 14.22
N GLY B 191 -28.21 -23.22 13.41
CA GLY B 191 -28.43 -24.62 13.78
C GLY B 191 -27.11 -25.40 13.86
N LEU B 192 -26.24 -25.19 12.87
CA LEU B 192 -24.96 -25.90 12.81
C LEU B 192 -23.98 -25.40 13.89
N GLU B 193 -23.91 -24.07 14.08
CA GLU B 193 -22.98 -23.51 15.07
C GLU B 193 -23.34 -23.90 16.51
N ARG B 194 -24.63 -23.93 16.83
CA ARG B 194 -25.08 -24.25 18.19
C ARG B 194 -25.18 -25.77 18.44
N ILE B 195 -25.32 -26.57 17.38
CA ILE B 195 -25.47 -28.03 17.54
C ILE B 195 -24.15 -28.80 17.32
N LEU B 196 -23.11 -28.16 16.75
CA LEU B 196 -21.84 -28.86 16.52
C LEU B 196 -20.90 -28.78 17.75
N LEU B 197 -21.29 -27.99 18.77
CA LEU B 197 -20.49 -27.87 20.00
C LEU B 197 -21.37 -27.33 21.14
N LEU C 1 34.83 -17.93 -18.29
CA LEU C 1 34.25 -19.15 -18.93
C LEU C 1 33.98 -20.21 -17.85
N LEU C 2 33.00 -21.08 -18.10
CA LEU C 2 32.64 -22.12 -17.15
C LEU C 2 33.32 -23.45 -17.51
N GLU C 3 33.25 -24.42 -16.60
CA GLU C 3 33.85 -25.73 -16.82
C GLU C 3 33.15 -26.77 -15.92
N LEU C 4 33.12 -28.04 -16.35
CA LEU C 4 32.48 -29.08 -15.55
C LEU C 4 33.15 -29.22 -14.16
N ASP C 5 34.36 -28.68 -14.04
CA ASP C 5 35.11 -28.72 -12.80
C ASP C 5 34.49 -27.78 -11.77
N LYS C 6 33.99 -26.64 -12.25
CA LYS C 6 33.35 -25.65 -11.38
C LYS C 6 32.02 -26.19 -10.85
N TRP C 7 31.28 -26.87 -11.73
CA TRP C 7 29.97 -27.42 -11.36
C TRP C 7 30.13 -28.68 -10.50
N ALA C 8 31.02 -29.58 -10.91
CA ALA C 8 31.25 -30.84 -10.20
C ALA C 8 31.92 -30.61 -8.83
N SER C 9 32.78 -29.59 -8.76
CA SER C 9 33.48 -29.28 -7.51
C SER C 9 32.52 -28.81 -6.40
N LEU C 10 31.36 -28.27 -6.80
CA LEU C 10 30.38 -27.77 -5.83
C LEU C 10 29.61 -28.90 -5.13
N TRP C 11 29.49 -30.07 -5.77
CA TRP C 11 28.75 -31.20 -5.16
C TRP C 11 29.38 -31.62 -3.83
N ASN C 12 30.68 -31.33 -3.66
CA ASN C 12 31.39 -31.67 -2.42
C ASN C 12 31.01 -30.68 -1.30
N TRP C 13 30.68 -29.44 -1.70
CA TRP C 13 30.29 -28.40 -0.75
C TRP C 13 28.95 -28.77 -0.10
N PHE C 14 27.89 -28.84 -0.91
CA PHE C 14 26.54 -29.20 -0.46
C PHE C 14 25.86 -28.08 0.35
N ASP C 15 26.63 -27.26 1.07
CA ASP C 15 26.06 -26.18 1.87
C ASP C 15 25.69 -24.97 0.99
N ILE C 16 26.70 -24.27 0.47
CA ILE C 16 26.47 -23.08 -0.37
C ILE C 16 25.83 -23.48 -1.72
N THR C 17 26.27 -24.62 -2.27
CA THR C 17 25.78 -25.12 -3.55
C THR C 17 24.25 -25.17 -3.61
N ASN C 18 23.60 -25.46 -2.47
CA ASN C 18 22.14 -25.54 -2.46
C ASN C 18 21.52 -24.24 -2.99
N TRP C 19 22.06 -23.10 -2.55
CA TRP C 19 21.59 -21.81 -3.00
C TRP C 19 21.76 -21.72 -4.53
N LEU C 20 22.92 -22.14 -5.02
CA LEU C 20 23.22 -22.09 -6.45
C LEU C 20 22.27 -22.96 -7.27
N TRP C 21 21.87 -24.12 -6.71
CA TRP C 21 20.97 -25.03 -7.43
C TRP C 21 19.51 -24.89 -7.00
N TYR C 22 19.20 -23.96 -6.09
CA TYR C 22 17.80 -23.77 -5.65
C TYR C 22 17.32 -22.33 -5.86
N ILE C 23 18.26 -21.40 -6.17
CA ILE C 23 17.92 -20.01 -6.41
C ILE C 23 16.96 -19.89 -7.62
N ARG C 24 17.20 -20.71 -8.65
CA ARG C 24 16.37 -20.70 -9.86
C ARG C 24 14.89 -20.94 -9.49
N ILE C 25 14.68 -21.81 -8.50
CA ILE C 25 13.33 -22.12 -8.02
C ILE C 25 12.82 -20.94 -7.14
N PHE C 26 13.74 -20.33 -6.41
CA PHE C 26 13.43 -19.21 -5.52
C PHE C 26 12.81 -18.03 -6.28
N ILE C 27 13.15 -17.91 -7.55
CA ILE C 27 12.65 -16.81 -8.38
C ILE C 27 11.10 -16.89 -8.44
N ILE C 28 10.58 -18.09 -8.65
CA ILE C 28 9.13 -18.29 -8.72
C ILE C 28 8.49 -18.03 -7.34
N ILE C 29 9.12 -18.55 -6.28
CA ILE C 29 8.59 -18.39 -4.92
C ILE C 29 8.51 -16.91 -4.55
N VAL C 30 9.60 -16.17 -4.81
CA VAL C 30 9.64 -14.74 -4.52
C VAL C 30 8.52 -14.04 -5.30
N GLY C 31 8.30 -14.47 -6.55
CA GLY C 31 7.22 -13.89 -7.36
C GLY C 31 5.88 -14.04 -6.60
N SER C 32 5.76 -15.12 -5.82
CA SER C 32 4.58 -15.38 -5.01
C SER C 32 4.41 -14.30 -3.93
N LEU C 33 5.54 -13.87 -3.36
CA LEU C 33 5.53 -12.86 -2.29
C LEU C 33 4.88 -11.56 -2.79
N ILE C 34 5.15 -11.17 -4.03
CA ILE C 34 4.58 -9.94 -4.57
C ILE C 34 3.03 -10.02 -4.57
N GLY C 35 2.44 -11.18 -4.90
CA GLY C 35 0.98 -11.34 -4.86
C GLY C 35 0.54 -11.26 -3.40
N LEU C 36 1.32 -11.92 -2.52
CA LEU C 36 1.09 -11.89 -1.07
C LEU C 36 1.03 -10.43 -0.61
N ARG C 37 1.85 -9.61 -1.25
CA ARG C 37 1.99 -8.19 -0.95
C ARG C 37 0.65 -7.44 -1.01
N ILE C 38 -0.30 -7.92 -1.79
CA ILE C 38 -1.58 -7.22 -1.95
C ILE C 38 -2.27 -7.07 -0.56
N VAL C 39 -2.15 -8.05 0.36
CA VAL C 39 -2.74 -7.89 1.73
C VAL C 39 -2.23 -6.60 2.37
N PHE C 40 -1.01 -6.20 2.04
CA PHE C 40 -0.41 -5.02 2.65
C PHE C 40 -1.30 -3.79 2.45
N ALA C 41 -2.03 -3.73 1.34
CA ALA C 41 -2.97 -2.63 1.11
C ALA C 41 -4.05 -2.67 2.20
N VAL C 42 -4.51 -3.90 2.51
CA VAL C 42 -5.52 -4.15 3.55
C VAL C 42 -4.91 -3.86 4.95
N LEU C 43 -3.66 -4.28 5.12
CA LEU C 43 -2.90 -4.05 6.37
C LEU C 43 -2.70 -2.53 6.56
N SER C 44 -2.50 -1.80 5.45
CA SER C 44 -2.32 -0.35 5.53
C SER C 44 -3.57 0.31 6.14
N LEU C 45 -4.74 -0.30 5.89
CA LEU C 45 -5.99 0.16 6.45
C LEU C 45 -5.87 0.09 8.00
N VAL C 46 -5.24 -1.00 8.46
CA VAL C 46 -5.00 -1.21 9.89
C VAL C 46 -4.11 -0.07 10.41
N ASN C 47 -3.09 0.30 9.62
CA ASN C 47 -2.19 1.40 9.98
C ASN C 47 -2.98 2.71 10.10
N ARG C 48 -3.96 2.90 9.21
CA ARG C 48 -4.80 4.10 9.21
C ARG C 48 -5.45 4.25 10.60
N VAL C 49 -5.92 3.13 11.10
CA VAL C 49 -6.60 3.08 12.39
C VAL C 49 -5.61 3.41 13.50
N ARG C 50 -4.44 2.81 13.44
CA ARG C 50 -3.40 3.05 14.46
C ARG C 50 -2.72 4.44 14.29
N GLN C 51 -2.78 4.98 13.09
CA GLN C 51 -2.15 6.23 12.74
C GLN C 51 -3.07 7.44 12.85
N GLY C 52 -4.26 7.24 13.41
CA GLY C 52 -5.25 8.33 13.51
C GLY C 52 -5.80 8.63 12.10
N TYR C 53 -5.06 9.44 11.31
CA TYR C 53 -5.47 9.76 9.94
C TYR C 53 -4.36 10.51 9.18
N SER C 54 -3.76 11.53 9.81
CA SER C 54 -2.69 12.31 9.20
C SER C 54 -1.34 11.65 9.50
N PRO C 55 -0.27 11.94 8.73
CA PRO C 55 1.11 11.37 8.88
C PRO C 55 1.40 10.57 10.18
N LEU C 56 2.58 10.76 10.81
CA LEU C 56 2.90 10.01 12.04
C LEU C 56 2.89 10.93 13.26
N SER C 57 3.04 12.25 13.05
CA SER C 57 3.03 13.20 14.17
C SER C 57 1.59 13.45 14.61
N GLU C 80 -4.54 3.15 20.22
CA GLU C 80 -4.85 2.18 21.29
C GLU C 80 -5.77 1.07 20.77
N ARG C 81 -7.01 1.43 20.55
CA ARG C 81 -8.05 0.53 20.05
C ARG C 81 -7.66 -0.11 18.71
N ASP C 82 -6.79 0.56 17.95
CA ASP C 82 -6.38 0.10 16.62
C ASP C 82 -5.87 -1.34 16.64
N ARG C 83 -5.26 -1.79 17.74
CA ARG C 83 -4.77 -3.17 17.82
C ARG C 83 -5.97 -4.11 17.93
N ASP C 84 -6.96 -3.76 18.75
CA ASP C 84 -8.17 -4.57 18.87
C ASP C 84 -8.82 -4.68 17.48
N ARG C 85 -8.79 -3.56 16.73
CA ARG C 85 -9.32 -3.52 15.37
C ARG C 85 -8.42 -4.33 14.43
N SER C 86 -7.10 -4.26 14.65
CA SER C 86 -6.16 -4.98 13.82
C SER C 86 -6.44 -6.48 13.96
N ILE C 87 -6.77 -6.94 15.18
CA ILE C 87 -7.16 -8.36 15.36
C ILE C 87 -8.57 -8.53 14.74
N ARG C 88 -9.41 -7.48 14.83
CA ARG C 88 -10.76 -7.52 14.25
C ARG C 88 -10.68 -7.77 12.74
N LEU C 89 -9.55 -7.38 12.13
CA LEU C 89 -9.34 -7.60 10.68
C LEU C 89 -9.51 -9.08 10.36
N VAL C 90 -9.15 -9.96 11.32
CA VAL C 90 -9.32 -11.41 11.15
C VAL C 90 -10.80 -11.71 10.88
N ASN C 91 -11.65 -10.96 11.60
CA ASN C 91 -13.10 -11.06 11.48
C ASN C 91 -13.56 -10.69 10.06
N GLY C 92 -12.65 -10.11 9.27
CA GLY C 92 -12.96 -9.63 7.94
C GLY C 92 -13.58 -10.69 7.03
N SER C 93 -13.41 -11.97 7.35
CA SER C 93 -13.96 -13.03 6.51
C SER C 93 -15.49 -12.91 6.38
N LEU C 94 -16.20 -12.66 7.49
CA LEU C 94 -17.67 -12.52 7.44
C LEU C 94 -18.06 -11.21 6.72
N ALA C 95 -17.30 -10.15 7.00
CA ALA C 95 -17.52 -8.83 6.41
C ALA C 95 -17.21 -8.76 4.91
N LEU C 96 -16.24 -9.54 4.46
CA LEU C 96 -15.71 -9.42 3.10
C LEU C 96 -16.75 -9.55 2.00
N ILE C 97 -17.83 -10.34 2.13
CA ILE C 97 -18.79 -10.35 1.02
C ILE C 97 -19.66 -9.07 1.01
N TRP C 98 -19.82 -8.43 2.19
CA TRP C 98 -20.67 -7.24 2.31
C TRP C 98 -20.24 -6.06 1.41
N ASP C 99 -18.93 -5.73 1.36
CA ASP C 99 -18.49 -4.61 0.50
C ASP C 99 -18.63 -4.98 -0.99
N ASP C 100 -18.34 -6.24 -1.31
CA ASP C 100 -18.42 -6.74 -2.69
C ASP C 100 -19.86 -6.86 -3.19
N LEU C 101 -20.74 -7.38 -2.34
CA LEU C 101 -22.15 -7.62 -2.72
C LEU C 101 -22.88 -6.34 -3.16
N ARG C 102 -22.72 -5.26 -2.41
CA ARG C 102 -23.42 -4.01 -2.72
C ARG C 102 -23.13 -3.52 -4.14
N SER C 103 -21.85 -3.44 -4.50
CA SER C 103 -21.46 -2.98 -5.83
C SER C 103 -21.71 -4.06 -6.89
N LEU C 104 -21.43 -5.30 -6.52
CA LEU C 104 -21.59 -6.45 -7.42
C LEU C 104 -23.03 -6.61 -7.90
N SER C 105 -24.00 -6.68 -6.96
CA SER C 105 -25.41 -6.84 -7.33
C SER C 105 -26.19 -5.53 -7.35
N LEU C 106 -25.59 -4.43 -6.82
CA LEU C 106 -26.26 -3.12 -6.79
C LEU C 106 -27.53 -3.18 -5.91
N PHE C 107 -27.93 -2.02 -5.39
CA PHE C 107 -29.11 -1.92 -4.53
C PHE C 107 -30.39 -1.85 -5.37
N SER C 108 -30.99 -3.02 -5.65
CA SER C 108 -32.23 -3.13 -6.44
C SER C 108 -32.47 -4.59 -6.86
N TYR C 109 -31.38 -5.35 -6.97
CA TYR C 109 -31.42 -6.75 -7.39
C TYR C 109 -31.94 -6.82 -8.82
N HIS C 110 -31.58 -7.92 -9.51
CA HIS C 110 -31.83 -8.09 -10.96
C HIS C 110 -30.67 -7.37 -11.71
N ARG C 111 -30.00 -6.46 -11.00
CA ARG C 111 -28.86 -5.69 -11.45
C ARG C 111 -27.59 -6.53 -11.58
N LEU C 112 -27.45 -7.63 -10.79
CA LEU C 112 -26.17 -8.38 -10.79
C LEU C 112 -25.80 -8.88 -12.19
N ARG C 113 -26.73 -9.45 -12.95
CA ARG C 113 -26.40 -9.84 -14.33
C ARG C 113 -26.14 -8.55 -15.12
N ASP C 114 -26.85 -7.50 -14.75
CA ASP C 114 -26.69 -6.16 -15.32
C ASP C 114 -25.28 -5.60 -15.02
N LEU C 115 -24.71 -5.96 -13.85
CA LEU C 115 -23.44 -5.40 -13.40
C LEU C 115 -22.32 -5.57 -14.45
N LEU C 116 -22.25 -6.69 -15.17
CA LEU C 116 -21.16 -6.79 -16.17
C LEU C 116 -21.29 -5.65 -17.22
N LEU C 117 -22.52 -5.27 -17.58
CA LEU C 117 -22.74 -4.22 -18.58
C LEU C 117 -22.47 -2.82 -18.03
N ILE C 118 -23.01 -2.50 -16.85
CA ILE C 118 -22.83 -1.15 -16.28
C ILE C 118 -21.36 -0.80 -16.10
N VAL C 119 -20.51 -1.77 -15.71
CA VAL C 119 -19.09 -1.44 -15.55
C VAL C 119 -18.53 -0.89 -16.86
N THR C 120 -18.83 -1.55 -17.99
CA THR C 120 -18.38 -1.05 -19.30
C THR C 120 -19.02 0.31 -19.60
N ARG C 121 -20.31 0.41 -19.29
CA ARG C 121 -21.10 1.62 -19.55
C ARG C 121 -20.58 2.85 -18.79
N ILE C 122 -20.08 2.65 -17.56
CA ILE C 122 -19.59 3.79 -16.77
C ILE C 122 -18.33 4.37 -17.41
N VAL C 123 -17.45 3.50 -17.96
CA VAL C 123 -16.22 3.97 -18.60
C VAL C 123 -16.56 4.81 -19.85
N GLU C 124 -17.55 4.36 -20.62
CA GLU C 124 -17.94 5.07 -21.85
C GLU C 124 -18.46 6.46 -21.52
N LEU C 125 -19.32 6.54 -20.49
CA LEU C 125 -19.90 7.81 -20.07
C LEU C 125 -18.83 8.77 -19.56
N LEU C 126 -17.94 8.26 -18.70
CA LEU C 126 -16.88 9.07 -18.10
C LEU C 126 -15.74 9.37 -19.10
N GLY C 127 -15.61 8.56 -20.15
CA GLY C 127 -14.55 8.74 -21.13
C GLY C 127 -14.66 10.09 -21.87
N ARG C 128 -15.89 10.54 -22.12
CA ARG C 128 -16.13 11.79 -22.84
C ARG C 128 -15.72 13.01 -21.99
N ARG C 129 -16.12 13.02 -20.72
CA ARG C 129 -15.80 14.13 -19.81
C ARG C 129 -14.38 13.98 -19.22
N GLY C 130 -13.90 12.74 -19.15
CA GLY C 130 -12.59 12.43 -18.59
C GLY C 130 -11.44 13.14 -19.31
N TRP C 131 -11.64 13.53 -20.58
CA TRP C 131 -10.57 14.19 -21.35
C TRP C 131 -10.04 15.45 -20.67
N GLU C 132 -10.77 16.00 -19.70
CA GLU C 132 -10.28 17.19 -19.00
C GLU C 132 -8.82 16.91 -18.45
N ALA C 133 -8.37 15.63 -18.51
CA ALA C 133 -7.04 15.23 -18.13
C ALA C 133 -6.03 16.08 -18.90
N LEU C 134 -6.19 16.11 -20.22
CA LEU C 134 -5.31 16.91 -21.06
C LEU C 134 -5.47 18.39 -20.70
N LYS C 135 -6.70 18.82 -20.36
CA LYS C 135 -6.96 20.25 -20.07
C LYS C 135 -6.02 20.78 -18.97
N TYR C 136 -5.90 20.05 -17.88
CA TYR C 136 -5.08 20.51 -16.78
C TYR C 136 -3.59 20.40 -17.11
N TRP C 137 -3.17 19.35 -17.84
CA TRP C 137 -1.76 19.19 -18.18
C TRP C 137 -1.25 20.42 -18.94
N TRP C 138 -2.09 21.06 -19.78
CA TRP C 138 -1.64 22.31 -20.44
C TRP C 138 -1.40 23.34 -19.33
N ASN C 139 -2.35 23.39 -18.37
CA ASN C 139 -2.26 24.31 -17.23
C ASN C 139 -1.00 24.02 -16.39
N LEU C 140 -0.62 22.73 -16.29
CA LEU C 140 0.55 22.34 -15.48
C LEU C 140 1.79 23.07 -16.00
N LEU C 141 2.02 22.98 -17.31
CA LEU C 141 3.16 23.66 -17.93
C LEU C 141 2.91 25.17 -17.98
N GLN C 142 1.64 25.55 -18.13
CA GLN C 142 1.26 26.95 -18.22
C GLN C 142 1.67 27.74 -16.97
N TYR C 143 1.41 27.23 -15.76
CA TYR C 143 1.73 27.95 -14.56
C TYR C 143 3.25 27.95 -14.29
N TRP C 144 3.95 26.82 -14.54
CA TRP C 144 5.37 26.76 -14.25
C TRP C 144 6.12 27.74 -15.16
N SER C 145 5.71 27.74 -16.44
CA SER C 145 6.26 28.66 -17.42
C SER C 145 6.05 30.09 -16.93
N GLN C 146 4.89 30.31 -16.28
CA GLN C 146 4.54 31.63 -15.78
C GLN C 146 5.56 32.14 -14.76
N GLU C 147 6.08 31.30 -13.82
CA GLU C 147 7.07 31.81 -12.89
C GLU C 147 8.38 32.12 -13.62
N LEU C 148 8.67 31.35 -14.68
CA LEU C 148 9.85 31.59 -15.50
C LEU C 148 9.76 33.00 -16.11
N LYS C 149 8.56 33.35 -16.58
CA LYS C 149 8.31 34.65 -17.20
C LYS C 149 8.64 35.79 -16.23
N ASN C 150 8.21 35.66 -14.97
CA ASN C 150 8.45 36.69 -13.97
C ASN C 150 9.95 36.84 -13.67
N SER C 151 10.64 35.70 -13.55
CA SER C 151 12.08 35.70 -13.27
C SER C 151 12.88 36.27 -14.44
N ALA C 152 12.50 35.88 -15.67
CA ALA C 152 13.19 36.33 -16.87
C ALA C 152 13.06 37.84 -17.07
N VAL C 153 11.83 38.36 -16.94
CA VAL C 153 11.58 39.79 -17.11
C VAL C 153 12.44 40.61 -16.14
N SER C 154 12.49 40.19 -14.88
CA SER C 154 13.26 40.90 -13.86
C SER C 154 14.76 41.00 -14.21
N LEU C 155 15.40 39.85 -14.47
CA LEU C 155 16.84 39.82 -14.76
C LEU C 155 17.21 40.33 -16.16
N LEU C 156 16.56 39.80 -17.21
CA LEU C 156 16.90 40.19 -18.59
C LEU C 156 16.68 41.69 -18.83
N ASN C 157 15.56 42.24 -18.34
CA ASN C 157 15.27 43.66 -18.52
C ASN C 157 16.22 44.52 -17.69
N ALA C 158 16.46 44.08 -16.47
CA ALA C 158 17.32 44.83 -15.53
C ALA C 158 18.77 44.95 -16.02
N THR C 159 19.35 43.87 -16.54
CA THR C 159 20.74 43.91 -17.02
C THR C 159 20.88 44.70 -18.32
N ALA C 160 19.88 44.58 -19.19
CA ALA C 160 19.88 45.27 -20.49
C ALA C 160 19.98 46.79 -20.33
N ILE C 161 19.49 47.32 -19.21
CA ILE C 161 19.49 48.77 -18.97
C ILE C 161 20.89 49.38 -19.02
N ALA C 162 21.92 48.59 -18.70
CA ALA C 162 23.31 49.07 -18.72
C ALA C 162 23.73 49.50 -20.14
N VAL C 163 23.38 50.74 -20.52
CA VAL C 163 23.73 51.28 -21.85
C VAL C 163 23.29 52.78 -21.95
N GLY C 164 22.22 53.12 -22.70
CA GLY C 164 21.77 54.51 -22.83
C GLY C 164 20.27 54.65 -22.62
N GLU C 165 19.68 53.75 -21.80
CA GLU C 165 18.23 53.79 -21.50
C GLU C 165 17.39 53.56 -22.76
N GLY C 166 16.44 52.64 -22.68
CA GLY C 166 15.55 52.32 -23.82
C GLY C 166 15.31 50.80 -23.93
N THR C 167 16.19 50.02 -23.31
CA THR C 167 16.09 48.56 -23.33
C THR C 167 14.84 48.04 -22.63
N ASP C 168 14.40 48.72 -21.55
CA ASP C 168 13.22 48.26 -20.78
C ASP C 168 11.98 48.17 -21.68
N ARG C 169 11.85 49.11 -22.63
CA ARG C 169 10.69 49.11 -23.53
C ARG C 169 10.70 47.89 -24.46
N VAL C 170 11.81 47.68 -25.17
CA VAL C 170 11.93 46.58 -26.13
C VAL C 170 11.94 45.18 -25.46
N ILE C 171 12.59 45.05 -24.30
CA ILE C 171 12.69 43.76 -23.60
C ILE C 171 11.33 43.26 -23.08
N GLU C 172 10.59 44.14 -22.39
CA GLU C 172 9.30 43.76 -21.80
C GLU C 172 8.21 43.56 -22.87
N VAL C 173 8.25 44.34 -23.95
CA VAL C 173 7.23 44.23 -25.01
C VAL C 173 7.37 42.93 -25.83
N VAL C 174 8.59 42.62 -26.27
CA VAL C 174 8.81 41.42 -27.10
C VAL C 174 8.60 40.12 -26.32
N GLN C 175 9.17 40.02 -25.12
CA GLN C 175 9.05 38.81 -24.30
C GLN C 175 7.61 38.61 -23.82
N GLY C 176 7.01 39.67 -23.27
CA GLY C 176 5.65 39.61 -22.76
C GLY C 176 4.62 39.40 -23.88
N ALA C 177 4.90 39.93 -25.07
CA ALA C 177 3.98 39.81 -26.20
C ALA C 177 3.86 38.36 -26.69
N SER C 178 5.00 37.68 -26.83
CA SER C 178 5.01 36.30 -27.31
C SER C 178 4.48 35.32 -26.26
N ARG C 179 4.95 35.47 -25.03
CA ARG C 179 4.56 34.59 -23.92
C ARG C 179 3.09 34.77 -23.52
N ALA C 180 2.69 36.03 -23.29
CA ALA C 180 1.31 36.34 -22.86
C ALA C 180 0.27 36.08 -23.96
N ILE C 181 0.57 36.45 -25.21
CA ILE C 181 -0.40 36.28 -26.31
C ILE C 181 -0.51 34.80 -26.76
N ARG C 182 0.55 34.00 -26.53
CA ARG C 182 0.54 32.60 -26.93
C ARG C 182 -0.53 31.80 -26.14
N HIS C 183 -0.94 32.31 -24.97
CA HIS C 183 -1.96 31.64 -24.16
C HIS C 183 -3.17 32.56 -23.95
N ILE C 184 -4.33 32.12 -24.44
CA ILE C 184 -5.56 32.89 -24.31
C ILE C 184 -6.77 31.96 -23.98
N PRO C 185 -7.17 31.03 -24.86
CA PRO C 185 -8.33 30.12 -24.55
C PRO C 185 -8.02 29.13 -23.43
N ARG C 186 -9.08 28.64 -22.76
CA ARG C 186 -8.93 27.68 -21.67
C ARG C 186 -9.75 26.40 -21.94
N ARG C 187 -10.90 26.55 -22.60
CA ARG C 187 -11.76 25.42 -22.91
C ARG C 187 -11.31 24.75 -24.23
N ILE C 188 -10.00 24.53 -24.36
CA ILE C 188 -9.44 23.90 -25.56
C ILE C 188 -9.92 22.45 -25.68
N ARG C 189 -10.07 21.75 -24.53
CA ARG C 189 -10.55 20.37 -24.53
C ARG C 189 -11.91 20.31 -25.25
N GLN C 190 -12.75 21.34 -25.04
CA GLN C 190 -14.06 21.41 -25.67
C GLN C 190 -13.89 21.55 -27.18
N GLY C 191 -12.96 22.41 -27.59
CA GLY C 191 -12.68 22.61 -29.01
C GLY C 191 -12.25 21.29 -29.65
N LEU C 192 -11.43 20.52 -28.92
CA LEU C 192 -10.96 19.22 -29.40
C LEU C 192 -12.14 18.27 -29.52
N GLU C 193 -13.03 18.27 -28.52
CA GLU C 193 -14.22 17.42 -28.55
C GLU C 193 -15.16 17.81 -29.70
N ARG C 194 -15.24 19.11 -29.97
CA ARG C 194 -16.10 19.63 -31.04
C ARG C 194 -15.50 19.32 -32.43
N ILE C 195 -14.18 19.42 -32.56
CA ILE C 195 -13.51 19.16 -33.84
C ILE C 195 -13.65 17.68 -34.27
N LEU C 196 -14.12 16.81 -33.35
CA LEU C 196 -14.28 15.38 -33.66
C LEU C 196 -15.65 15.09 -34.26
N LEU C 197 -16.65 15.94 -33.97
CA LEU C 197 -18.00 15.75 -34.52
C LEU C 197 -18.51 17.03 -35.18
N LEU A 1 32.14 -32.09 -13.49
CA LEU A 1 31.47 -31.07 -12.64
C LEU A 1 30.72 -30.08 -13.55
N LEU A 2 31.45 -29.52 -14.51
CA LEU A 2 30.88 -28.54 -15.45
C LEU A 2 31.91 -28.24 -16.55
N GLU A 3 31.45 -27.63 -17.65
CA GLU A 3 32.34 -27.29 -18.77
C GLU A 3 31.52 -26.76 -19.96
N LEU A 4 32.22 -26.36 -21.03
CA LEU A 4 31.57 -25.84 -22.23
C LEU A 4 30.66 -26.91 -22.82
N ASP A 5 31.24 -28.09 -23.02
CA ASP A 5 30.52 -29.23 -23.59
C ASP A 5 29.38 -29.70 -22.69
N LYS A 6 29.45 -29.35 -21.40
CA LYS A 6 28.41 -29.74 -20.45
C LYS A 6 27.14 -28.92 -20.66
N TRP A 7 27.31 -27.62 -20.96
CA TRP A 7 26.18 -26.73 -21.20
C TRP A 7 25.45 -27.13 -22.48
N ALA A 8 26.22 -27.38 -23.54
CA ALA A 8 25.65 -27.78 -24.82
C ALA A 8 24.90 -29.12 -24.70
N SER A 9 25.37 -29.98 -23.81
CA SER A 9 24.75 -31.28 -23.58
C SER A 9 23.35 -31.13 -22.96
N LEU A 10 23.09 -29.98 -22.32
CA LEU A 10 21.80 -29.74 -21.66
C LEU A 10 20.68 -29.44 -22.67
N TRP A 11 21.05 -28.95 -23.87
CA TRP A 11 20.05 -28.61 -24.89
C TRP A 11 19.18 -29.81 -25.32
N ASN A 12 19.49 -31.02 -24.86
CA ASN A 12 18.69 -32.20 -25.24
C ASN A 12 17.49 -32.42 -24.29
N TRP A 13 17.40 -31.63 -23.21
CA TRP A 13 16.31 -31.75 -22.25
C TRP A 13 15.04 -31.09 -22.77
N PHE A 14 15.17 -29.85 -23.27
CA PHE A 14 14.04 -29.10 -23.79
C PHE A 14 12.90 -28.96 -22.76
N ASP A 15 13.23 -29.17 -21.48
CA ASP A 15 12.24 -29.06 -20.39
C ASP A 15 12.74 -28.07 -19.31
N ILE A 16 13.67 -28.52 -18.46
CA ILE A 16 14.23 -27.68 -17.39
C ILE A 16 15.10 -26.56 -18.00
N THR A 17 15.83 -26.88 -19.07
CA THR A 17 16.72 -25.92 -19.72
C THR A 17 15.99 -24.61 -20.05
N ASN A 18 14.69 -24.71 -20.38
CA ASN A 18 13.89 -23.52 -20.69
C ASN A 18 13.95 -22.57 -19.49
N TRP A 19 13.69 -23.13 -18.31
CA TRP A 19 13.75 -22.39 -17.06
C TRP A 19 15.18 -21.90 -16.81
N LEU A 20 16.16 -22.77 -17.07
CA LEU A 20 17.57 -22.45 -16.87
C LEU A 20 18.01 -21.24 -17.72
N TRP A 21 17.49 -21.14 -18.95
CA TRP A 21 17.88 -20.04 -19.84
C TRP A 21 16.87 -18.88 -19.86
N TYR A 22 15.64 -19.12 -19.39
CA TYR A 22 14.62 -18.05 -19.38
C TYR A 22 14.54 -17.33 -18.03
N ILE A 23 15.17 -17.90 -16.99
CA ILE A 23 15.17 -17.27 -15.65
C ILE A 23 15.82 -15.89 -15.70
N ARG A 24 16.88 -15.74 -16.51
CA ARG A 24 17.59 -14.47 -16.62
C ARG A 24 16.61 -13.34 -16.98
N ILE A 25 15.76 -13.60 -17.97
CA ILE A 25 14.75 -12.62 -18.42
C ILE A 25 13.54 -12.64 -17.45
N PHE A 26 13.26 -13.80 -16.87
CA PHE A 26 12.14 -13.98 -15.95
C PHE A 26 12.29 -13.13 -14.69
N ILE A 27 13.49 -13.14 -14.12
CA ILE A 27 13.77 -12.43 -12.88
C ILE A 27 13.64 -10.91 -13.03
N ILE A 28 14.09 -10.32 -14.14
CA ILE A 28 13.91 -8.87 -14.33
C ILE A 28 12.41 -8.55 -14.26
N ILE A 29 11.58 -9.44 -14.85
CA ILE A 29 10.13 -9.30 -14.82
C ILE A 29 9.67 -9.43 -13.33
N VAL A 30 10.27 -10.39 -12.60
CA VAL A 30 9.96 -10.59 -11.19
C VAL A 30 10.15 -9.27 -10.42
N GLY A 31 11.18 -8.51 -10.78
CA GLY A 31 11.45 -7.22 -10.11
C GLY A 31 10.51 -6.11 -10.60
N SER A 32 10.04 -6.24 -11.85
CA SER A 32 9.16 -5.24 -12.48
C SER A 32 7.77 -5.09 -11.84
N LEU A 33 7.12 -6.22 -11.55
CA LEU A 33 5.77 -6.19 -11.00
C LEU A 33 5.69 -5.44 -9.67
N ILE A 34 6.76 -5.47 -8.85
CA ILE A 34 6.73 -4.82 -7.55
C ILE A 34 6.39 -3.33 -7.72
N GLY A 35 6.96 -2.66 -8.75
CA GLY A 35 6.63 -1.27 -9.00
C GLY A 35 5.15 -1.17 -9.37
N LEU A 36 4.65 -2.21 -10.06
CA LEU A 36 3.25 -2.29 -10.47
C LEU A 36 2.35 -2.33 -9.23
N ARG A 37 2.82 -3.03 -8.19
CA ARG A 37 2.11 -3.18 -6.91
C ARG A 37 1.78 -1.82 -6.29
N ILE A 38 2.58 -0.79 -6.58
CA ILE A 38 2.38 0.53 -5.96
C ILE A 38 0.97 1.08 -6.26
N VAL A 39 0.41 0.82 -7.46
CA VAL A 39 -0.95 1.32 -7.77
C VAL A 39 -1.94 0.89 -6.68
N PHE A 40 -1.67 -0.27 -6.10
CA PHE A 40 -2.52 -0.81 -5.06
C PHE A 40 -2.66 0.18 -3.91
N ALA A 41 -1.62 1.00 -3.67
CA ALA A 41 -1.67 1.99 -2.59
C ALA A 41 -2.84 2.97 -2.83
N VAL A 42 -2.98 3.49 -4.07
CA VAL A 42 -4.11 4.38 -4.40
C VAL A 42 -5.41 3.55 -4.39
N LEU A 43 -5.29 2.31 -4.84
CA LEU A 43 -6.38 1.35 -4.89
C LEU A 43 -6.91 1.14 -3.44
N SER A 44 -5.98 1.14 -2.46
CA SER A 44 -6.34 0.97 -1.05
C SER A 44 -7.24 2.11 -0.59
N LEU A 45 -6.99 3.32 -1.11
CA LEU A 45 -7.79 4.49 -0.76
C LEU A 45 -9.24 4.23 -1.18
N VAL A 46 -9.38 3.66 -2.37
CA VAL A 46 -10.69 3.29 -2.90
C VAL A 46 -11.22 2.09 -2.10
N ASN A 47 -10.31 1.20 -1.72
CA ASN A 47 -10.65 0.03 -0.94
C ASN A 47 -11.30 0.44 0.37
N ARG A 48 -10.84 1.55 0.98
CA ARG A 48 -11.40 2.00 2.26
C ARG A 48 -12.91 2.16 2.15
N VAL A 49 -13.33 2.85 1.10
CA VAL A 49 -14.73 3.11 0.87
C VAL A 49 -15.46 1.89 0.33
N ARG A 50 -14.74 1.02 -0.38
CA ARG A 50 -15.37 -0.20 -0.92
C ARG A 50 -15.67 -1.22 0.21
N GLN A 51 -14.72 -1.44 1.14
CA GLN A 51 -14.91 -2.42 2.22
C GLN A 51 -15.24 -1.80 3.58
N GLY A 52 -15.40 -0.49 3.62
CA GLY A 52 -15.72 0.24 4.86
C GLY A 52 -14.48 0.91 5.49
N TYR A 53 -14.72 1.88 6.38
CA TYR A 53 -13.64 2.63 7.06
C TYR A 53 -12.55 1.70 7.62
N SER A 54 -12.91 0.92 8.65
CA SER A 54 -11.99 0.02 9.31
C SER A 54 -11.56 -1.10 8.35
N PRO A 55 -10.38 -1.70 8.56
CA PRO A 55 -9.84 -2.81 7.74
C PRO A 55 -10.90 -3.58 6.90
N LEU A 56 -11.24 -4.85 7.26
CA LEU A 56 -12.22 -5.62 6.49
C LEU A 56 -13.55 -5.83 7.25
N SER A 57 -13.53 -5.69 8.58
CA SER A 57 -14.73 -5.91 9.41
C SER A 57 -15.77 -4.78 9.28
N GLU A 80 -21.39 0.46 0.07
CA GLU A 80 -22.15 1.50 -0.65
C GLU A 80 -22.10 1.41 -2.19
N ARG A 81 -22.94 2.26 -2.79
CA ARG A 81 -23.13 2.44 -4.23
C ARG A 81 -21.83 2.83 -4.97
N ASP A 82 -20.89 3.40 -4.22
CA ASP A 82 -19.67 3.99 -4.80
C ASP A 82 -18.88 3.07 -5.75
N ARG A 83 -19.24 1.78 -5.93
CA ARG A 83 -18.51 0.93 -6.90
C ARG A 83 -18.68 1.53 -8.29
N ASP A 84 -19.90 1.95 -8.61
CA ASP A 84 -20.16 2.61 -9.89
C ASP A 84 -19.25 3.84 -9.97
N ARG A 85 -19.06 4.50 -8.82
CA ARG A 85 -18.16 5.64 -8.75
C ARG A 85 -16.71 5.15 -8.83
N SER A 86 -16.44 3.91 -8.40
CA SER A 86 -15.08 3.35 -8.46
C SER A 86 -14.64 3.33 -9.91
N ILE A 87 -15.61 3.12 -10.83
CA ILE A 87 -15.32 3.15 -12.27
C ILE A 87 -14.59 4.46 -12.60
N ARG A 88 -14.80 5.51 -11.78
CA ARG A 88 -14.12 6.80 -12.00
C ARG A 88 -12.59 6.62 -11.93
N LEU A 89 -12.13 5.43 -11.47
CA LEU A 89 -10.69 5.13 -11.39
C LEU A 89 -10.08 5.34 -12.77
N VAL A 90 -10.76 4.86 -13.82
CA VAL A 90 -10.27 5.05 -15.20
C VAL A 90 -10.09 6.56 -15.43
N ASN A 91 -11.10 7.30 -15.00
CA ASN A 91 -11.13 8.76 -15.07
C ASN A 91 -10.16 9.40 -14.07
N GLY A 92 -9.62 8.60 -13.13
CA GLY A 92 -8.75 9.11 -12.08
C GLY A 92 -7.54 9.87 -12.64
N SER A 93 -7.19 9.66 -13.91
CA SER A 93 -6.05 10.34 -14.51
C SER A 93 -6.22 11.87 -14.43
N LEU A 94 -7.39 12.39 -14.78
CA LEU A 94 -7.62 13.85 -14.74
C LEU A 94 -7.67 14.32 -13.28
N ALA A 95 -8.43 13.60 -12.45
CA ALA A 95 -8.54 13.94 -11.03
C ALA A 95 -7.16 13.90 -10.38
N LEU A 96 -6.32 12.99 -10.86
CA LEU A 96 -5.00 12.80 -10.30
C LEU A 96 -4.19 14.09 -10.37
N ILE A 97 -4.43 14.97 -11.37
CA ILE A 97 -3.67 16.22 -11.41
C ILE A 97 -4.22 17.19 -10.36
N TRP A 98 -5.51 17.03 -9.97
CA TRP A 98 -6.09 17.95 -8.99
C TRP A 98 -5.49 17.77 -7.57
N ASP A 99 -5.39 16.53 -7.06
CA ASP A 99 -4.80 16.32 -5.72
C ASP A 99 -3.28 16.53 -5.67
N ASP A 100 -2.56 15.88 -6.59
CA ASP A 100 -1.09 15.89 -6.64
C ASP A 100 -0.40 17.21 -7.08
N LEU A 101 -0.89 17.84 -8.14
CA LEU A 101 -0.22 19.04 -8.70
C LEU A 101 -0.11 20.23 -7.70
N ARG A 102 -1.03 20.40 -6.75
CA ARG A 102 -0.94 21.53 -5.80
C ARG A 102 0.23 21.39 -4.80
N SER A 103 0.76 20.18 -4.64
CA SER A 103 1.83 19.95 -3.65
C SER A 103 3.20 20.51 -4.10
N LEU A 104 3.59 20.24 -5.34
CA LEU A 104 4.89 20.74 -5.85
C LEU A 104 4.94 22.26 -6.01
N SER A 105 3.83 22.88 -6.40
CA SER A 105 3.80 24.33 -6.59
C SER A 105 3.22 25.04 -5.36
N LEU A 106 2.07 24.56 -4.87
CA LEU A 106 1.42 25.15 -3.68
C LEU A 106 0.99 26.62 -3.94
N PHE A 107 -0.06 27.05 -3.23
CA PHE A 107 -0.62 28.41 -3.35
C PHE A 107 0.46 29.49 -3.38
N SER A 108 0.04 30.73 -3.72
CA SER A 108 0.93 31.92 -3.79
C SER A 108 1.77 31.95 -5.08
N TYR A 109 2.00 30.78 -5.68
CA TYR A 109 2.81 30.66 -6.89
C TYR A 109 4.12 31.46 -6.77
N HIS A 110 4.93 31.47 -7.84
CA HIS A 110 6.30 32.07 -7.82
C HIS A 110 7.26 31.12 -7.02
N ARG A 111 6.65 30.39 -6.10
CA ARG A 111 7.23 29.43 -5.19
C ARG A 111 7.68 28.10 -5.82
N LEU A 112 7.14 27.63 -6.96
CA LEU A 112 7.53 26.26 -7.43
C LEU A 112 9.07 26.23 -7.55
N ARG A 113 9.67 27.38 -7.85
CA ARG A 113 11.14 27.49 -7.85
C ARG A 113 11.59 27.38 -6.37
N ASP A 114 10.76 27.93 -5.47
CA ASP A 114 10.97 27.86 -4.03
C ASP A 114 10.88 26.41 -3.55
N LEU A 115 10.03 25.57 -4.22
CA LEU A 115 9.83 24.18 -3.77
C LEU A 115 11.18 23.46 -3.67
N LEU A 116 12.08 23.70 -4.61
CA LEU A 116 13.39 23.04 -4.53
C LEU A 116 14.20 23.48 -3.32
N LEU A 117 14.23 24.78 -3.01
CA LEU A 117 15.00 25.28 -1.85
C LEU A 117 14.31 24.98 -0.52
N ILE A 118 12.96 25.00 -0.47
CA ILE A 118 12.26 24.72 0.78
C ILE A 118 12.42 23.26 1.17
N VAL A 119 12.44 22.34 0.18
CA VAL A 119 12.58 20.92 0.50
C VAL A 119 13.84 20.73 1.36
N THR A 120 14.92 21.42 1.00
CA THR A 120 16.16 21.38 1.79
C THR A 120 15.91 21.98 3.17
N ARG A 121 15.13 23.07 3.21
CA ARG A 121 14.80 23.77 4.45
C ARG A 121 13.98 22.87 5.39
N ILE A 122 13.10 22.06 4.82
CA ILE A 122 12.24 21.18 5.58
C ILE A 122 13.06 20.19 6.41
N VAL A 123 14.04 19.54 5.79
CA VAL A 123 14.86 18.57 6.52
C VAL A 123 15.72 19.26 7.58
N GLU A 124 16.25 20.44 7.24
CA GLU A 124 17.06 21.20 8.17
C GLU A 124 16.22 21.72 9.34
N LEU A 125 15.04 22.23 9.01
CA LEU A 125 14.12 22.75 10.02
C LEU A 125 13.64 21.63 10.95
N LEU A 126 13.14 20.55 10.34
CA LEU A 126 12.64 19.41 11.10
C LEU A 126 13.78 18.57 11.67
N GLY A 127 15.02 18.80 11.18
CA GLY A 127 16.19 18.06 11.67
C GLY A 127 16.48 18.43 13.15
N ARG A 128 16.37 19.72 13.47
CA ARG A 128 16.60 20.19 14.84
C ARG A 128 15.64 19.52 15.81
N ARG A 129 14.34 19.55 15.46
CA ARG A 129 13.30 18.94 16.29
C ARG A 129 13.26 17.42 16.10
N GLY A 130 13.84 16.92 15.00
CA GLY A 130 13.85 15.50 14.68
C GLY A 130 14.49 14.64 15.76
N TRP A 131 15.35 15.24 16.60
CA TRP A 131 16.05 14.47 17.63
C TRP A 131 15.13 13.74 18.60
N GLU A 132 13.84 14.10 18.63
CA GLU A 132 12.91 13.29 19.45
C GLU A 132 13.05 11.81 19.01
N ALA A 133 13.71 11.56 17.85
CA ALA A 133 13.99 10.22 17.35
C ALA A 133 14.73 9.43 18.42
N LEU A 134 15.80 10.03 18.98
CA LEU A 134 16.56 9.36 20.04
C LEU A 134 15.61 9.10 21.21
N LYS A 135 14.83 10.13 21.58
CA LYS A 135 13.85 9.98 22.68
C LYS A 135 12.86 8.85 22.38
N TYR A 136 12.49 8.74 21.12
CA TYR A 136 11.48 7.81 20.68
C TYR A 136 11.85 6.38 21.14
N TRP A 137 13.05 5.91 20.83
CA TRP A 137 13.51 4.61 21.35
C TRP A 137 13.89 4.69 22.84
N TRP A 138 14.36 5.86 23.26
CA TRP A 138 14.75 6.08 24.67
C TRP A 138 13.60 5.70 25.60
N ASN A 139 12.41 6.20 25.27
CA ASN A 139 11.20 5.93 26.05
C ASN A 139 10.78 4.48 25.93
N LEU A 140 10.84 3.95 24.71
CA LEU A 140 10.42 2.58 24.43
C LEU A 140 11.21 1.54 25.24
N LEU A 141 12.54 1.59 25.21
CA LEU A 141 13.33 0.61 25.95
C LEU A 141 13.29 0.84 27.47
N GLN A 142 13.17 2.09 27.91
CA GLN A 142 13.16 2.41 29.34
C GLN A 142 11.95 1.79 30.09
N TYR A 143 10.71 1.93 29.57
CA TYR A 143 9.58 1.39 30.26
C TYR A 143 9.54 -0.15 30.14
N TRP A 144 9.99 -0.68 29.01
CA TRP A 144 9.99 -2.12 28.79
C TRP A 144 10.92 -2.74 29.84
N SER A 145 12.02 -2.04 30.15
CA SER A 145 12.93 -2.49 31.19
C SER A 145 12.14 -2.62 32.49
N GLN A 146 11.17 -1.70 32.69
CA GLN A 146 10.33 -1.72 33.88
C GLN A 146 9.53 -3.04 33.96
N GLU A 147 8.96 -3.53 32.84
CA GLU A 147 8.20 -4.78 32.87
C GLU A 147 9.08 -5.94 33.32
N LEU A 148 10.39 -5.88 33.00
CA LEU A 148 11.33 -6.93 33.40
C LEU A 148 11.52 -6.91 34.92
N LYS A 149 11.67 -5.71 35.48
CA LYS A 149 11.86 -5.54 36.92
C LYS A 149 10.67 -6.08 37.71
N ASN A 150 9.45 -5.72 37.27
CA ASN A 150 8.23 -6.14 37.96
C ASN A 150 8.03 -7.65 37.92
N SER A 151 8.29 -8.26 36.75
CA SER A 151 8.12 -9.70 36.58
C SER A 151 9.12 -10.51 37.41
N ALA A 152 10.40 -10.12 37.35
CA ALA A 152 11.45 -10.83 38.08
C ALA A 152 11.29 -10.71 39.60
N VAL A 153 11.04 -9.49 40.09
CA VAL A 153 10.89 -9.24 41.52
C VAL A 153 9.68 -10.01 42.10
N SER A 154 8.53 -9.94 41.40
CA SER A 154 7.32 -10.61 41.88
C SER A 154 7.52 -12.13 42.01
N LEU A 155 8.07 -12.76 40.97
CA LEU A 155 8.28 -14.21 40.98
C LEU A 155 9.29 -14.63 42.05
N LEU A 156 10.47 -14.00 42.06
CA LEU A 156 11.52 -14.34 43.03
C LEU A 156 11.11 -13.99 44.47
N ASN A 157 10.47 -12.83 44.67
CA ASN A 157 10.01 -12.41 46.02
C ASN A 157 9.05 -13.45 46.60
N ALA A 158 8.20 -13.96 45.74
CA ALA A 158 7.20 -14.97 46.12
C ALA A 158 7.87 -16.30 46.47
N THR A 159 8.85 -16.71 45.66
CA THR A 159 9.59 -17.96 45.91
C THR A 159 10.53 -17.81 47.12
N ALA A 160 10.97 -16.57 47.36
CA ALA A 160 11.90 -16.25 48.43
C ALA A 160 11.36 -16.66 49.82
N ILE A 161 10.03 -16.70 50.00
CA ILE A 161 9.46 -17.06 51.30
C ILE A 161 9.97 -18.45 51.72
N ALA A 162 9.87 -19.43 50.82
CA ALA A 162 10.33 -20.82 51.07
C ALA A 162 10.29 -21.23 52.57
N VAL A 163 11.37 -20.94 53.32
CA VAL A 163 11.44 -21.27 54.75
C VAL A 163 10.56 -20.32 55.60
N GLY A 164 10.68 -19.02 55.37
CA GLY A 164 9.91 -18.02 56.10
C GLY A 164 10.88 -16.96 56.65
N GLU A 165 10.77 -16.66 57.96
CA GLU A 165 11.65 -15.67 58.61
C GLU A 165 11.36 -14.24 58.11
N GLY A 166 11.70 -13.96 56.84
CA GLY A 166 11.49 -12.64 56.26
C GLY A 166 12.40 -12.43 55.05
N THR A 167 12.58 -13.49 54.25
CA THR A 167 13.42 -13.42 53.05
C THR A 167 12.81 -12.49 52.00
N ASP A 168 11.49 -12.51 51.90
CA ASP A 168 10.76 -11.73 50.90
C ASP A 168 11.03 -10.22 51.02
N ARG A 169 11.02 -9.69 52.23
CA ARG A 169 11.27 -8.27 52.45
C ARG A 169 12.69 -7.88 51.98
N VAL A 170 13.64 -8.79 52.15
CA VAL A 170 15.03 -8.52 51.78
C VAL A 170 15.22 -8.38 50.25
N ILE A 171 14.72 -9.34 49.46
CA ILE A 171 14.91 -9.29 48.00
C ILE A 171 14.11 -8.16 47.32
N GLU A 172 12.96 -7.80 47.91
CA GLU A 172 12.12 -6.74 47.33
C GLU A 172 12.75 -5.36 47.51
N VAL A 173 13.23 -5.05 48.72
CA VAL A 173 13.83 -3.74 49.01
C VAL A 173 15.16 -3.53 48.26
N VAL A 174 16.03 -4.55 48.26
CA VAL A 174 17.34 -4.46 47.59
C VAL A 174 17.19 -4.35 46.07
N GLN A 175 16.21 -5.06 45.51
CA GLN A 175 15.98 -5.05 44.07
C GLN A 175 15.53 -3.67 43.61
N GLY A 176 14.53 -3.14 44.29
CA GLY A 176 13.97 -1.83 43.97
C GLY A 176 15.01 -0.73 44.10
N ALA A 177 15.82 -0.82 45.16
CA ALA A 177 16.86 0.17 45.43
C ALA A 177 17.99 0.13 44.40
N SER A 178 18.47 -1.07 44.05
CA SER A 178 19.60 -1.21 43.13
C SER A 178 19.25 -0.85 41.68
N ARG A 179 18.13 -1.35 41.15
CA ARG A 179 17.75 -1.07 39.76
C ARG A 179 17.33 0.39 39.54
N ALA A 180 16.40 0.87 40.36
CA ALA A 180 15.87 2.22 40.23
C ALA A 180 16.92 3.31 40.53
N ILE A 181 17.76 3.13 41.57
CA ILE A 181 18.76 4.15 41.91
C ILE A 181 19.96 4.11 40.94
N ARG A 182 20.25 2.95 40.34
CA ARG A 182 21.38 2.84 39.40
C ARG A 182 21.13 3.72 38.15
N HIS A 183 19.87 4.14 37.92
CA HIS A 183 19.54 4.98 36.77
C HIS A 183 20.41 6.25 36.78
N ILE A 184 20.91 6.63 35.60
CA ILE A 184 21.75 7.83 35.46
C ILE A 184 21.02 8.87 34.59
N PRO A 185 20.27 9.82 35.16
CA PRO A 185 19.51 10.84 34.37
C PRO A 185 20.44 11.86 33.70
N ARG A 186 20.72 11.65 32.41
CA ARG A 186 21.57 12.56 31.64
C ARG A 186 20.90 12.87 30.29
N ARG A 187 19.94 13.79 30.33
CA ARG A 187 19.17 14.19 29.13
C ARG A 187 20.10 14.46 27.94
N ILE A 188 20.31 13.42 27.11
CA ILE A 188 21.17 13.53 25.93
C ILE A 188 20.56 14.42 24.85
N ARG A 189 19.26 14.26 24.63
CA ARG A 189 18.54 14.99 23.60
C ARG A 189 18.45 16.50 23.93
N GLN A 190 18.12 16.82 25.18
CA GLN A 190 18.00 18.22 25.61
C GLN A 190 19.36 18.92 25.57
N GLY A 191 20.37 18.25 26.10
CA GLY A 191 21.73 18.80 26.16
C GLY A 191 22.32 19.02 24.76
N LEU A 192 22.06 18.08 23.84
CA LEU A 192 22.60 18.17 22.49
C LEU A 192 22.07 19.39 21.74
N GLU A 193 20.74 19.58 21.78
CA GLU A 193 20.12 20.72 21.09
C GLU A 193 20.60 22.05 21.67
N ARG A 194 20.79 22.11 23.00
CA ARG A 194 21.23 23.34 23.66
C ARG A 194 22.71 23.66 23.37
N ILE A 195 23.52 22.63 23.06
CA ILE A 195 24.95 22.83 22.78
C ILE A 195 25.27 22.77 21.28
N LEU A 196 24.24 22.61 20.43
CA LEU A 196 24.46 22.53 18.98
C LEU A 196 24.48 23.93 18.34
N LEU A 197 24.55 24.98 19.16
CA LEU A 197 24.57 26.36 18.67
C LEU A 197 25.94 26.70 18.06
N LEU B 1 26.71 -22.51 -26.36
CA LEU B 1 27.95 -22.97 -25.69
C LEU B 1 28.39 -21.90 -24.70
N LEU B 2 28.74 -22.33 -23.49
CA LEU B 2 29.15 -21.41 -22.42
C LEU B 2 30.56 -21.75 -21.89
N GLU B 3 31.01 -20.98 -20.90
CA GLU B 3 32.30 -21.20 -20.21
C GLU B 3 33.54 -20.74 -21.01
N LEU B 4 34.18 -19.71 -20.46
CA LEU B 4 35.44 -19.13 -20.97
C LEU B 4 35.29 -18.31 -22.23
N ASP B 5 34.42 -18.72 -23.13
CA ASP B 5 34.25 -17.99 -24.38
C ASP B 5 33.16 -16.94 -24.30
N LYS B 6 32.08 -17.24 -23.58
CA LYS B 6 30.98 -16.31 -23.43
C LYS B 6 31.27 -15.27 -22.34
N TRP B 7 32.01 -15.69 -21.29
CA TRP B 7 32.33 -14.77 -20.20
C TRP B 7 33.39 -13.76 -20.63
N ALA B 8 34.43 -14.23 -21.32
CA ALA B 8 35.52 -13.36 -21.77
C ALA B 8 35.11 -12.40 -22.89
N SER B 9 34.08 -12.77 -23.65
CA SER B 9 33.60 -11.96 -24.77
C SER B 9 32.88 -10.70 -24.29
N LEU B 10 32.28 -10.74 -23.09
CA LEU B 10 31.54 -9.59 -22.56
C LEU B 10 32.44 -8.48 -22.00
N TRP B 11 33.64 -8.81 -21.51
CA TRP B 11 34.53 -7.79 -20.93
C TRP B 11 34.90 -6.70 -21.93
N ASN B 12 34.69 -6.95 -23.23
CA ASN B 12 35.01 -5.96 -24.27
C ASN B 12 33.96 -4.81 -24.26
N TRP B 13 32.88 -4.97 -23.50
CA TRP B 13 31.82 -3.98 -23.40
C TRP B 13 32.21 -2.86 -22.43
N PHE B 14 32.67 -3.25 -21.23
CA PHE B 14 33.08 -2.30 -20.18
C PHE B 14 31.88 -1.47 -19.66
N ASP B 15 30.83 -2.16 -19.19
CA ASP B 15 29.63 -1.51 -18.65
C ASP B 15 28.58 -2.55 -18.24
N ILE B 16 28.18 -3.38 -19.20
CA ILE B 16 27.19 -4.44 -18.97
C ILE B 16 27.72 -5.54 -18.03
N THR B 17 29.02 -5.85 -18.08
CA THR B 17 29.57 -6.95 -17.26
C THR B 17 29.15 -6.80 -15.80
N ASN B 18 29.02 -5.55 -15.33
CA ASN B 18 28.56 -5.32 -13.96
C ASN B 18 27.19 -5.99 -13.73
N TRP B 19 26.33 -5.92 -14.75
CA TRP B 19 24.99 -6.54 -14.68
C TRP B 19 25.11 -8.08 -14.61
N LEU B 20 25.99 -8.64 -15.44
CA LEU B 20 26.16 -10.09 -15.54
C LEU B 20 26.72 -10.75 -14.26
N TRP B 21 27.68 -10.11 -13.59
CA TRP B 21 28.30 -10.71 -12.39
C TRP B 21 27.77 -10.12 -11.07
N TYR B 22 26.67 -9.38 -11.11
CA TYR B 22 26.10 -8.80 -9.88
C TYR B 22 24.56 -8.83 -9.91
N ILE B 23 23.99 -9.43 -10.95
CA ILE B 23 22.54 -9.58 -11.07
C ILE B 23 22.03 -10.39 -9.85
N ARG B 24 22.80 -11.40 -9.41
CA ARG B 24 22.39 -12.19 -8.23
C ARG B 24 22.30 -11.26 -6.99
N ILE B 25 23.23 -10.29 -6.92
CA ILE B 25 23.25 -9.31 -5.84
C ILE B 25 22.04 -8.36 -6.01
N PHE B 26 21.67 -8.14 -7.27
CA PHE B 26 20.55 -7.28 -7.62
C PHE B 26 19.24 -7.80 -7.01
N ILE B 27 19.06 -9.11 -7.07
CA ILE B 27 17.84 -9.75 -6.55
C ILE B 27 17.70 -9.50 -5.06
N ILE B 28 18.81 -9.52 -4.32
CA ILE B 28 18.77 -9.26 -2.89
C ILE B 28 18.22 -7.85 -2.63
N ILE B 29 18.66 -6.89 -3.45
CA ILE B 29 18.21 -5.50 -3.33
C ILE B 29 16.72 -5.43 -3.74
N VAL B 30 16.35 -6.13 -4.81
CA VAL B 30 14.96 -6.14 -5.25
C VAL B 30 14.08 -6.71 -4.13
N GLY B 31 14.58 -7.74 -3.43
CA GLY B 31 13.86 -8.34 -2.30
C GLY B 31 13.70 -7.31 -1.18
N SER B 32 14.77 -6.54 -0.96
CA SER B 32 14.78 -5.46 0.03
C SER B 32 13.69 -4.44 -0.32
N LEU B 33 13.55 -4.21 -1.63
CA LEU B 33 12.60 -3.24 -2.15
C LEU B 33 11.17 -3.59 -1.69
N ILE B 34 10.88 -4.89 -1.57
CA ILE B 34 9.55 -5.32 -1.13
C ILE B 34 9.34 -4.94 0.35
N GLY B 35 10.37 -5.12 1.18
CA GLY B 35 10.30 -4.75 2.61
C GLY B 35 10.08 -3.23 2.73
N LEU B 36 10.77 -2.49 1.86
CA LEU B 36 10.62 -1.03 1.79
C LEU B 36 9.14 -0.70 1.56
N ARG B 37 8.49 -1.55 0.76
CA ARG B 37 7.07 -1.43 0.45
C ARG B 37 6.23 -1.42 1.74
N ILE B 38 6.71 -2.10 2.80
CA ILE B 38 5.97 -2.14 4.06
C ILE B 38 5.81 -0.68 4.57
N VAL B 39 6.88 0.09 4.48
CA VAL B 39 6.87 1.51 4.87
C VAL B 39 5.95 2.31 3.92
N PHE B 40 5.85 1.88 2.67
CA PHE B 40 4.98 2.53 1.69
C PHE B 40 3.53 2.56 2.21
N ALA B 41 3.17 1.59 3.04
CA ALA B 41 1.80 1.53 3.56
C ALA B 41 1.47 2.83 4.30
N VAL B 42 2.43 3.43 5.04
CA VAL B 42 2.16 4.70 5.72
C VAL B 42 1.96 5.82 4.68
N LEU B 43 2.72 5.76 3.57
CA LEU B 43 2.64 6.73 2.48
C LEU B 43 1.19 6.81 1.98
N SER B 44 0.47 5.68 1.96
CA SER B 44 -0.90 5.68 1.46
C SER B 44 -1.80 6.59 2.30
N LEU B 45 -1.60 6.56 3.62
CA LEU B 45 -2.37 7.44 4.51
C LEU B 45 -2.06 8.90 4.16
N VAL B 46 -0.78 9.17 3.92
CA VAL B 46 -0.30 10.50 3.53
C VAL B 46 -0.96 10.88 2.19
N ASN B 47 -0.96 9.91 1.27
CA ASN B 47 -1.55 10.07 -0.05
C ASN B 47 -3.05 10.35 0.06
N ARG B 48 -3.69 9.71 1.04
CA ARG B 48 -5.13 9.88 1.27
C ARG B 48 -5.43 11.30 1.70
N VAL B 49 -4.55 11.87 2.52
CA VAL B 49 -4.75 13.22 3.00
C VAL B 49 -4.79 14.16 1.79
N ARG B 50 -3.85 13.97 0.86
CA ARG B 50 -3.83 14.76 -0.39
C ARG B 50 -4.91 14.31 -1.40
N GLN B 51 -5.28 13.04 -1.35
CA GLN B 51 -6.23 12.45 -2.30
C GLN B 51 -7.66 12.28 -1.79
N GLY B 52 -7.94 12.83 -0.61
CA GLY B 52 -9.27 12.70 0.00
C GLY B 52 -9.61 11.20 0.24
N TYR B 53 -10.62 10.91 1.08
CA TYR B 53 -10.98 9.52 1.38
C TYR B 53 -11.39 8.75 0.12
N SER B 54 -12.33 9.30 -0.65
CA SER B 54 -12.80 8.65 -1.87
C SER B 54 -11.68 8.65 -2.92
N PRO B 55 -11.70 7.75 -3.91
CA PRO B 55 -10.67 7.63 -4.99
C PRO B 55 -9.82 8.92 -5.25
N LEU B 56 -9.75 9.42 -6.51
CA LEU B 56 -8.96 10.63 -6.79
C LEU B 56 -9.84 11.84 -7.12
N SER B 57 -11.10 11.60 -7.52
CA SER B 57 -12.02 12.70 -7.85
C SER B 57 -12.48 13.40 -6.57
N GLU B 80 -3.79 20.45 -1.04
CA GLU B 80 -2.90 21.56 -1.43
C GLU B 80 -1.98 21.97 -0.27
N ARG B 81 -2.50 22.80 0.61
CA ARG B 81 -1.75 23.33 1.75
C ARG B 81 -1.25 22.23 2.70
N ASP B 82 -1.95 21.09 2.73
CA ASP B 82 -1.61 19.99 3.62
C ASP B 82 -0.18 19.45 3.41
N ARG B 83 0.41 19.65 2.22
CA ARG B 83 1.79 19.16 1.96
C ARG B 83 2.77 19.76 2.95
N ASP B 84 2.61 21.03 3.27
CA ASP B 84 3.51 21.68 4.22
C ASP B 84 3.43 20.93 5.54
N ARG B 85 2.20 20.58 5.96
CA ARG B 85 2.00 19.82 7.19
C ARG B 85 2.47 18.37 7.04
N SER B 86 2.28 17.77 5.86
CA SER B 86 2.71 16.38 5.67
C SER B 86 4.20 16.25 5.96
N ILE B 87 4.97 17.33 5.73
CA ILE B 87 6.42 17.30 6.05
C ILE B 87 6.61 16.96 7.54
N ARG B 88 5.62 17.26 8.40
CA ARG B 88 5.74 16.89 9.83
C ARG B 88 5.89 15.36 9.96
N LEU B 89 5.65 14.63 8.85
CA LEU B 89 5.79 13.18 8.82
C LEU B 89 7.19 12.78 9.31
N VAL B 90 8.21 13.62 9.03
CA VAL B 90 9.58 13.31 9.50
C VAL B 90 9.56 13.19 11.04
N ASN B 91 8.81 14.10 11.69
CA ASN B 91 8.64 14.07 13.17
C ASN B 91 7.97 12.76 13.60
N GLY B 92 7.44 12.00 12.63
CA GLY B 92 6.70 10.78 12.89
C GLY B 92 7.49 9.76 13.72
N SER B 93 8.83 9.90 13.74
CA SER B 93 9.65 8.98 14.54
C SER B 93 9.19 9.07 16.01
N LEU B 94 8.88 10.29 16.44
CA LEU B 94 8.39 10.55 17.80
C LEU B 94 7.04 9.82 17.98
N ALA B 95 6.17 10.03 17.01
CA ALA B 95 4.82 9.46 17.00
C ALA B 95 4.80 7.93 17.04
N LEU B 96 5.80 7.28 16.42
CA LEU B 96 5.80 5.82 16.34
C LEU B 96 5.77 5.15 17.71
N ILE B 97 6.58 5.60 18.70
CA ILE B 97 6.52 4.97 20.02
C ILE B 97 5.13 5.22 20.64
N TRP B 98 4.60 6.44 20.51
CA TRP B 98 3.31 6.79 21.11
C TRP B 98 2.10 6.00 20.59
N ASP B 99 1.92 5.83 19.26
CA ASP B 99 0.75 5.07 18.76
C ASP B 99 0.86 3.58 19.13
N ASP B 100 2.06 3.02 18.94
CA ASP B 100 2.33 1.62 19.24
C ASP B 100 2.34 1.31 20.75
N LEU B 101 2.92 2.21 21.56
CA LEU B 101 3.03 1.97 23.01
C LEU B 101 1.68 1.77 23.72
N ARG B 102 0.70 2.62 23.44
CA ARG B 102 -0.61 2.50 24.12
C ARG B 102 -1.29 1.18 23.75
N SER B 103 -1.13 0.75 22.52
CA SER B 103 -1.74 -0.49 22.06
C SER B 103 -0.96 -1.70 22.58
N LEU B 104 0.37 -1.62 22.49
CA LEU B 104 1.25 -2.72 22.91
C LEU B 104 1.28 -2.95 24.43
N SER B 105 1.58 -1.91 25.22
CA SER B 105 1.65 -2.06 26.68
C SER B 105 0.38 -1.60 27.40
N LEU B 106 -0.11 -0.39 27.05
CA LEU B 106 -1.32 0.21 27.65
C LEU B 106 -1.01 0.89 29.00
N PHE B 107 -0.65 2.18 28.92
CA PHE B 107 -0.34 3.06 30.08
C PHE B 107 0.02 2.34 31.40
N SER B 108 -0.99 1.83 32.14
CA SER B 108 -0.82 1.19 33.44
C SER B 108 0.50 0.39 33.59
N TYR B 109 0.98 -0.20 32.50
CA TYR B 109 2.19 -1.03 32.53
C TYR B 109 1.96 -2.25 33.43
N HIS B 110 2.97 -3.14 33.55
CA HIS B 110 2.83 -4.41 34.31
C HIS B 110 2.00 -5.39 33.45
N ARG B 111 0.88 -4.89 32.98
CA ARG B 111 -0.06 -5.57 32.10
C ARG B 111 0.57 -5.88 30.74
N LEU B 112 1.56 -5.07 30.31
CA LEU B 112 2.11 -5.18 28.95
C LEU B 112 2.63 -6.57 28.59
N ARG B 113 3.14 -7.34 29.56
CA ARG B 113 3.55 -8.71 29.23
C ARG B 113 2.28 -9.52 28.94
N ASP B 114 1.25 -9.26 29.75
CA ASP B 114 -0.06 -9.89 29.61
C ASP B 114 -0.75 -9.43 28.32
N LEU B 115 -0.52 -8.17 27.92
CA LEU B 115 -1.17 -7.61 26.75
C LEU B 115 -0.87 -8.43 25.52
N LEU B 116 0.36 -8.95 25.38
CA LEU B 116 0.69 -9.74 24.19
C LEU B 116 -0.22 -10.98 24.10
N LEU B 117 -0.54 -11.57 25.25
CA LEU B 117 -1.40 -12.77 25.28
C LEU B 117 -2.88 -12.45 25.01
N ILE B 118 -3.41 -11.41 25.67
CA ILE B 118 -4.83 -11.07 25.50
C ILE B 118 -5.17 -10.81 24.04
N VAL B 119 -4.24 -10.19 23.26
CA VAL B 119 -4.56 -9.93 21.83
C VAL B 119 -4.83 -11.28 21.13
N THR B 120 -3.97 -12.28 21.37
CA THR B 120 -4.18 -13.61 20.77
C THR B 120 -5.46 -14.23 21.30
N ARG B 121 -5.80 -13.98 22.56
CA ARG B 121 -7.00 -14.58 23.12
C ARG B 121 -8.30 -13.98 22.57
N ILE B 122 -8.36 -12.67 22.28
CA ILE B 122 -9.61 -12.09 21.78
C ILE B 122 -10.03 -12.80 20.50
N VAL B 123 -9.04 -13.13 19.65
CA VAL B 123 -9.30 -13.87 18.43
C VAL B 123 -9.77 -15.30 18.77
N GLU B 124 -9.21 -15.92 19.84
CA GLU B 124 -9.61 -17.30 20.18
C GLU B 124 -11.08 -17.32 20.63
N LEU B 125 -11.44 -16.37 21.48
CA LEU B 125 -12.80 -16.22 21.98
C LEU B 125 -13.77 -15.87 20.85
N LEU B 126 -13.36 -14.93 20.01
CA LEU B 126 -14.19 -14.44 18.90
C LEU B 126 -14.25 -15.44 17.72
N GLY B 127 -13.37 -16.44 17.72
CA GLY B 127 -13.34 -17.42 16.62
C GLY B 127 -14.67 -18.18 16.48
N ARG B 128 -15.49 -18.17 17.53
CA ARG B 128 -16.80 -18.84 17.50
C ARG B 128 -17.77 -18.13 16.53
N ARG B 129 -17.63 -16.81 16.43
CA ARG B 129 -18.49 -15.99 15.55
C ARG B 129 -18.01 -16.00 14.08
N GLY B 130 -16.77 -16.43 13.85
CA GLY B 130 -16.20 -16.47 12.49
C GLY B 130 -17.05 -17.29 11.51
N TRP B 131 -17.83 -18.23 12.03
CA TRP B 131 -18.68 -19.09 11.17
C TRP B 131 -19.65 -18.30 10.29
N GLU B 132 -19.85 -17.02 10.59
CA GLU B 132 -20.79 -16.21 9.81
C GLU B 132 -20.47 -16.33 8.29
N ALA B 133 -19.30 -16.90 7.94
CA ALA B 133 -18.91 -17.16 6.56
C ALA B 133 -19.99 -18.00 5.87
N LEU B 134 -20.32 -19.13 6.51
CA LEU B 134 -21.34 -20.05 6.01
C LEU B 134 -22.70 -19.36 5.97
N LYS B 135 -22.97 -18.51 6.96
CA LYS B 135 -24.27 -17.84 7.08
C LYS B 135 -24.64 -17.04 5.81
N TYR B 136 -23.75 -16.22 5.30
CA TYR B 136 -24.08 -15.45 4.11
C TYR B 136 -24.06 -16.35 2.89
N TRP B 137 -23.11 -17.30 2.85
CA TRP B 137 -22.98 -18.20 1.70
C TRP B 137 -24.29 -18.95 1.37
N TRP B 138 -25.02 -19.46 2.37
CA TRP B 138 -26.29 -20.15 2.06
C TRP B 138 -27.33 -19.12 1.57
N ASN B 139 -27.40 -17.97 2.26
CA ASN B 139 -28.31 -16.90 1.85
C ASN B 139 -27.96 -16.41 0.43
N LEU B 140 -26.65 -16.40 0.15
CA LEU B 140 -26.10 -15.95 -1.11
C LEU B 140 -26.67 -16.77 -2.26
N LEU B 141 -26.59 -18.09 -2.16
CA LEU B 141 -27.09 -18.96 -3.22
C LEU B 141 -28.60 -18.83 -3.43
N GLN B 142 -29.36 -18.56 -2.37
CA GLN B 142 -30.83 -18.47 -2.49
C GLN B 142 -31.30 -17.28 -3.37
N TYR B 143 -30.79 -16.04 -3.15
CA TYR B 143 -31.21 -14.92 -3.95
C TYR B 143 -30.61 -15.00 -5.37
N TRP B 144 -29.39 -15.53 -5.47
CA TRP B 144 -28.70 -15.60 -6.74
C TRP B 144 -29.54 -16.47 -7.68
N SER B 145 -30.10 -17.55 -7.12
CA SER B 145 -30.97 -18.43 -7.89
C SER B 145 -32.12 -17.59 -8.45
N GLN B 146 -32.60 -16.63 -7.64
CA GLN B 146 -33.71 -15.77 -8.06
C GLN B 146 -33.38 -14.94 -9.33
N GLU B 147 -32.14 -14.39 -9.50
CA GLU B 147 -31.88 -13.61 -10.70
C GLU B 147 -31.84 -14.53 -11.95
N LEU B 148 -31.35 -15.75 -11.77
CA LEU B 148 -31.25 -16.69 -12.89
C LEU B 148 -32.64 -17.12 -13.35
N LYS B 149 -33.54 -17.46 -12.41
CA LYS B 149 -34.89 -17.89 -12.77
C LYS B 149 -35.69 -16.75 -13.40
N ASN B 150 -35.51 -15.52 -12.90
CA ASN B 150 -36.25 -14.37 -13.42
C ASN B 150 -35.87 -14.08 -14.88
N SER B 151 -34.57 -14.14 -15.17
CA SER B 151 -34.07 -13.89 -16.52
C SER B 151 -34.48 -15.02 -17.46
N ALA B 152 -34.29 -16.26 -17.02
CA ALA B 152 -34.61 -17.43 -17.82
C ALA B 152 -36.12 -17.57 -18.08
N VAL B 153 -36.92 -17.43 -17.03
CA VAL B 153 -38.38 -17.57 -17.18
C VAL B 153 -38.94 -16.52 -18.15
N SER B 154 -38.46 -15.28 -18.04
CA SER B 154 -38.92 -14.20 -18.91
C SER B 154 -38.73 -14.57 -20.39
N LEU B 155 -37.51 -14.95 -20.75
CA LEU B 155 -37.20 -15.31 -22.14
C LEU B 155 -37.83 -16.64 -22.57
N LEU B 156 -37.63 -17.69 -21.77
CA LEU B 156 -38.14 -19.03 -22.09
C LEU B 156 -39.68 -19.09 -22.12
N ASN B 157 -40.34 -18.46 -21.15
CA ASN B 157 -41.80 -18.50 -21.09
C ASN B 157 -42.45 -17.69 -22.20
N ALA B 158 -41.87 -16.53 -22.51
CA ALA B 158 -42.41 -15.65 -23.54
C ALA B 158 -42.39 -16.33 -24.91
N THR B 159 -41.28 -16.99 -25.25
CA THR B 159 -41.17 -17.70 -26.54
C THR B 159 -42.04 -18.98 -26.51
N ALA B 160 -42.19 -19.54 -25.32
CA ALA B 160 -42.97 -20.76 -25.10
C ALA B 160 -44.46 -20.56 -25.39
N ILE B 161 -44.95 -19.33 -25.25
CA ILE B 161 -46.39 -19.04 -25.41
C ILE B 161 -46.91 -19.49 -26.77
N ALA B 162 -46.07 -19.53 -27.81
CA ALA B 162 -46.51 -20.02 -29.14
C ALA B 162 -47.38 -21.27 -28.94
N VAL B 163 -48.35 -21.51 -29.84
CA VAL B 163 -49.33 -22.63 -29.77
C VAL B 163 -50.63 -22.09 -29.15
N GLY B 164 -50.52 -21.52 -27.95
CA GLY B 164 -51.67 -20.96 -27.25
C GLY B 164 -52.55 -22.05 -26.64
N GLU B 165 -51.94 -23.18 -26.28
CA GLU B 165 -52.68 -24.30 -25.67
C GLU B 165 -52.50 -24.34 -24.15
N GLY B 166 -51.49 -23.62 -23.63
CA GLY B 166 -51.22 -23.60 -22.19
C GLY B 166 -49.72 -23.70 -21.87
N THR B 167 -48.87 -23.38 -22.86
CA THR B 167 -47.43 -23.45 -22.69
C THR B 167 -46.91 -22.56 -21.54
N ASP B 168 -47.53 -21.38 -21.33
CA ASP B 168 -47.08 -20.47 -20.26
C ASP B 168 -47.13 -21.15 -18.88
N ARG B 169 -48.06 -22.10 -18.71
CA ARG B 169 -48.21 -22.79 -17.43
C ARG B 169 -47.09 -23.83 -17.18
N VAL B 170 -46.70 -24.58 -18.21
CA VAL B 170 -45.66 -25.62 -18.06
C VAL B 170 -44.28 -25.01 -17.74
N ILE B 171 -43.95 -23.90 -18.42
CA ILE B 171 -42.66 -23.23 -18.22
C ILE B 171 -42.60 -22.56 -16.82
N GLU B 172 -43.65 -21.82 -16.47
CA GLU B 172 -43.71 -21.11 -15.20
C GLU B 172 -43.90 -22.05 -13.99
N VAL B 173 -44.59 -23.18 -14.18
CA VAL B 173 -44.84 -24.12 -13.08
C VAL B 173 -43.55 -24.87 -12.69
N VAL B 174 -42.79 -25.34 -13.69
CA VAL B 174 -41.55 -26.09 -13.41
C VAL B 174 -40.51 -25.19 -12.74
N GLN B 175 -40.27 -23.99 -13.30
CA GLN B 175 -39.30 -23.05 -12.73
C GLN B 175 -39.71 -22.64 -11.31
N GLY B 176 -41.00 -22.30 -11.15
CA GLY B 176 -41.53 -21.91 -9.84
C GLY B 176 -41.41 -23.05 -8.82
N ALA B 177 -41.50 -24.29 -9.29
CA ALA B 177 -41.43 -25.46 -8.43
C ALA B 177 -40.06 -25.62 -7.75
N SER B 178 -38.96 -25.45 -8.51
CA SER B 178 -37.61 -25.63 -7.97
C SER B 178 -37.21 -24.50 -7.00
N ARG B 179 -37.46 -23.25 -7.41
CA ARG B 179 -37.12 -22.07 -6.60
C ARG B 179 -37.95 -22.05 -5.31
N ALA B 180 -39.24 -22.18 -5.49
CA ALA B 180 -40.19 -22.16 -4.36
C ALA B 180 -39.88 -23.28 -3.34
N ILE B 181 -39.50 -24.47 -3.81
CA ILE B 181 -39.18 -25.59 -2.89
C ILE B 181 -37.83 -25.34 -2.16
N ARG B 182 -36.97 -24.50 -2.75
CA ARG B 182 -35.66 -24.18 -2.16
C ARG B 182 -35.78 -23.34 -0.87
N HIS B 183 -37.02 -23.08 -0.40
CA HIS B 183 -37.28 -22.28 0.82
C HIS B 183 -36.15 -22.38 1.86
N ILE B 184 -35.84 -21.24 2.49
CA ILE B 184 -34.79 -21.17 3.51
C ILE B 184 -34.91 -22.29 4.57
N PRO B 185 -33.86 -22.55 5.36
CA PRO B 185 -33.87 -23.60 6.41
C PRO B 185 -34.30 -23.06 7.79
N ARG B 186 -34.02 -23.82 8.86
CA ARG B 186 -34.41 -23.41 10.22
C ARG B 186 -33.18 -22.92 11.02
N ARG B 187 -32.90 -21.62 10.92
CA ARG B 187 -31.80 -20.97 11.65
C ARG B 187 -30.52 -21.84 11.69
N ILE B 188 -29.69 -21.71 10.66
CA ILE B 188 -28.42 -22.46 10.58
C ILE B 188 -27.39 -21.89 11.57
N ARG B 189 -27.39 -20.57 11.76
CA ARG B 189 -26.45 -19.90 12.64
C ARG B 189 -26.66 -20.29 14.11
N GLN B 190 -27.92 -20.26 14.57
CA GLN B 190 -28.23 -20.56 15.97
C GLN B 190 -28.03 -22.06 16.29
N GLY B 191 -28.56 -22.94 15.44
CA GLY B 191 -28.45 -24.38 15.68
C GLY B 191 -27.00 -24.84 15.76
N LEU B 192 -26.14 -24.37 14.84
CA LEU B 192 -24.73 -24.75 14.83
C LEU B 192 -23.95 -24.05 15.94
N GLU B 193 -24.33 -22.80 16.26
CA GLU B 193 -23.64 -22.04 17.31
C GLU B 193 -23.92 -22.63 18.69
N ARG B 194 -25.09 -23.24 18.88
CA ARG B 194 -25.45 -23.82 20.18
C ARG B 194 -24.81 -25.18 20.37
N ILE B 195 -24.75 -25.98 19.30
CA ILE B 195 -24.17 -27.34 19.38
C ILE B 195 -22.63 -27.28 19.23
N LEU B 196 -22.14 -26.36 18.40
CA LEU B 196 -20.70 -26.23 18.16
C LEU B 196 -20.04 -25.22 19.12
N LEU B 197 -20.83 -24.27 19.64
CA LEU B 197 -20.31 -23.26 20.57
C LEU B 197 -19.12 -22.53 19.94
N LEU C 1 40.17 -18.16 -16.37
CA LEU C 1 38.87 -17.47 -16.08
C LEU C 1 38.06 -18.32 -15.10
N LEU C 2 37.57 -19.48 -15.56
CA LEU C 2 36.78 -20.38 -14.73
C LEU C 2 37.21 -21.85 -15.00
N GLU C 3 36.36 -22.68 -15.65
CA GLU C 3 36.67 -24.08 -15.98
C GLU C 3 36.45 -25.03 -14.77
N LEU C 4 36.58 -26.33 -15.04
CA LEU C 4 36.36 -27.37 -14.04
C LEU C 4 37.04 -27.09 -12.70
N ASP C 5 38.32 -26.75 -12.77
CA ASP C 5 39.11 -26.52 -11.55
C ASP C 5 38.62 -25.31 -10.74
N LYS C 6 37.93 -24.37 -11.37
CA LYS C 6 37.45 -23.19 -10.64
C LYS C 6 36.15 -23.50 -9.89
N TRP C 7 35.24 -24.21 -10.54
CA TRP C 7 33.96 -24.59 -9.93
C TRP C 7 34.14 -25.71 -8.92
N ALA C 8 34.92 -26.73 -9.29
CA ALA C 8 35.14 -27.89 -8.41
C ALA C 8 35.83 -27.48 -7.10
N SER C 9 36.64 -26.41 -7.14
CA SER C 9 37.36 -25.95 -5.95
C SER C 9 36.38 -25.45 -4.87
N LEU C 10 35.19 -25.02 -5.30
CA LEU C 10 34.17 -24.51 -4.38
C LEU C 10 33.71 -25.59 -3.40
N TRP C 11 33.73 -26.86 -3.84
CA TRP C 11 33.28 -27.97 -2.97
C TRP C 11 34.14 -28.06 -1.71
N ASN C 12 35.39 -27.61 -1.77
CA ASN C 12 36.28 -27.63 -0.61
C ASN C 12 35.83 -26.64 0.49
N TRP C 13 34.79 -25.84 0.19
CA TRP C 13 34.25 -24.86 1.13
C TRP C 13 32.87 -24.41 0.63
N PHE C 14 31.89 -25.29 0.85
CA PHE C 14 30.50 -25.06 0.41
C PHE C 14 29.86 -23.81 1.05
N ASP C 15 30.58 -23.12 1.95
CA ASP C 15 30.03 -21.94 2.62
C ASP C 15 29.41 -20.97 1.61
N ILE C 16 30.24 -20.45 0.69
CA ILE C 16 29.77 -19.53 -0.34
C ILE C 16 28.86 -20.28 -1.34
N THR C 17 29.28 -21.48 -1.72
CA THR C 17 28.53 -22.31 -2.68
C THR C 17 27.07 -22.50 -2.29
N ASN C 18 26.80 -22.64 -0.99
CA ASN C 18 25.43 -22.86 -0.52
C ASN C 18 24.53 -21.70 -0.92
N TRP C 19 24.97 -20.47 -0.63
CA TRP C 19 24.22 -19.27 -0.96
C TRP C 19 24.11 -19.08 -2.50
N LEU C 20 25.24 -19.29 -3.19
CA LEU C 20 25.33 -19.12 -4.64
C LEU C 20 24.43 -20.10 -5.39
N TRP C 21 24.41 -21.37 -4.97
CA TRP C 21 23.60 -22.39 -5.65
C TRP C 21 22.15 -22.35 -5.15
N TYR C 22 21.96 -22.15 -3.84
CA TYR C 22 20.59 -22.07 -3.29
C TYR C 22 19.92 -20.76 -3.72
N ILE C 23 20.72 -19.85 -4.30
CA ILE C 23 20.23 -18.58 -4.81
C ILE C 23 19.19 -18.90 -5.92
N ARG C 24 19.45 -19.97 -6.69
CA ARG C 24 18.54 -20.39 -7.77
C ARG C 24 17.13 -20.56 -7.20
N ILE C 25 17.03 -21.26 -6.06
CA ILE C 25 15.75 -21.48 -5.39
C ILE C 25 15.29 -20.14 -4.78
N PHE C 26 16.26 -19.36 -4.28
CA PHE C 26 16.01 -18.08 -3.66
C PHE C 26 15.33 -17.10 -4.63
N ILE C 27 15.61 -17.23 -5.93
CA ILE C 27 15.04 -16.33 -6.93
C ILE C 27 13.50 -16.53 -7.04
N ILE C 28 13.06 -17.79 -7.22
CA ILE C 28 11.63 -18.11 -7.33
C ILE C 28 10.87 -17.62 -6.07
N ILE C 29 11.51 -17.76 -4.90
CA ILE C 29 10.89 -17.34 -3.64
C ILE C 29 10.54 -15.84 -3.70
N VAL C 30 11.43 -15.03 -4.29
CA VAL C 30 11.21 -13.58 -4.41
C VAL C 30 9.88 -13.34 -5.15
N GLY C 31 9.65 -14.10 -6.23
CA GLY C 31 8.42 -13.97 -7.01
C GLY C 31 7.20 -14.20 -6.13
N SER C 32 7.26 -15.26 -5.31
CA SER C 32 6.17 -15.59 -4.39
C SER C 32 5.96 -14.46 -3.37
N LEU C 33 7.07 -13.86 -2.93
CA LEU C 33 7.03 -12.81 -1.94
C LEU C 33 6.19 -11.62 -2.43
N ILE C 34 6.39 -11.20 -3.68
CA ILE C 34 5.65 -10.06 -4.24
C ILE C 34 4.12 -10.33 -4.17
N GLY C 35 3.70 -11.55 -4.51
CA GLY C 35 2.26 -11.89 -4.48
C GLY C 35 1.71 -11.73 -3.05
N LEU C 36 2.60 -11.82 -2.06
CA LEU C 36 2.27 -11.66 -0.64
C LEU C 36 1.91 -10.18 -0.32
N ARG C 37 2.62 -9.26 -0.98
CA ARG C 37 2.51 -7.81 -0.78
C ARG C 37 1.07 -7.25 -0.96
N ILE C 38 0.21 -7.87 -1.78
CA ILE C 38 -1.14 -7.29 -2.02
C ILE C 38 -1.89 -7.15 -0.69
N VAL C 39 -1.69 -8.08 0.22
CA VAL C 39 -2.35 -8.01 1.52
C VAL C 39 -2.06 -6.65 2.20
N PHE C 40 -0.92 -6.04 1.87
CA PHE C 40 -0.53 -4.77 2.49
C PHE C 40 -1.63 -3.73 2.32
N ALA C 41 -2.41 -3.84 1.25
CA ALA C 41 -3.49 -2.88 1.01
C ALA C 41 -4.46 -2.91 2.18
N VAL C 42 -4.86 -4.11 2.65
CA VAL C 42 -5.75 -4.18 3.82
C VAL C 42 -4.98 -3.73 5.09
N LEU C 43 -3.68 -4.05 5.15
CA LEU C 43 -2.80 -3.68 6.27
C LEU C 43 -2.71 -2.16 6.41
N SER C 44 -2.69 -1.44 5.27
CA SER C 44 -2.61 0.02 5.30
C SER C 44 -3.83 0.62 5.98
N LEU C 45 -4.98 -0.04 5.83
CA LEU C 45 -6.19 0.42 6.46
C LEU C 45 -6.03 0.32 7.97
N VAL C 46 -5.45 -0.79 8.39
CA VAL C 46 -5.18 -1.05 9.82
C VAL C 46 -4.17 0.00 10.31
N ASN C 47 -3.19 0.32 9.45
CA ASN C 47 -2.16 1.28 9.79
C ASN C 47 -2.73 2.65 10.13
N ARG C 48 -3.67 3.16 9.31
CA ARG C 48 -4.23 4.49 9.58
C ARG C 48 -5.09 4.47 10.83
N VAL C 49 -5.76 3.34 11.09
CA VAL C 49 -6.58 3.23 12.29
C VAL C 49 -5.67 3.36 13.50
N ARG C 50 -4.55 2.63 13.45
CA ARG C 50 -3.57 2.68 14.55
C ARG C 50 -2.69 3.96 14.55
N GLN C 51 -2.68 4.71 13.44
CA GLN C 51 -1.81 5.91 13.33
C GLN C 51 -2.52 7.24 13.59
N GLY C 52 -3.76 7.20 14.04
CA GLY C 52 -4.52 8.44 14.32
C GLY C 52 -5.35 8.93 13.13
N TYR C 53 -4.70 9.62 12.16
CA TYR C 53 -5.41 10.15 10.98
C TYR C 53 -4.41 10.71 9.93
N SER C 54 -3.78 11.84 10.25
CA SER C 54 -2.80 12.47 9.35
C SER C 54 -1.55 11.58 9.29
N PRO C 55 -0.69 11.69 8.26
CA PRO C 55 0.55 10.87 8.08
C PRO C 55 0.97 10.03 9.32
N LEU C 56 2.14 10.29 9.93
CA LEU C 56 2.54 9.56 11.15
C LEU C 56 2.49 10.50 12.38
N SER C 57 2.54 11.82 12.13
CA SER C 57 2.52 12.81 13.19
C SER C 57 1.08 13.16 13.62
N GLU C 80 -3.74 3.29 20.47
CA GLU C 80 -4.16 2.47 21.62
C GLU C 80 -5.05 1.26 21.21
N ARG C 81 -6.35 1.35 21.44
CA ARG C 81 -7.32 0.29 21.15
C ARG C 81 -7.34 -0.16 19.69
N ASP C 82 -6.93 0.71 18.76
CA ASP C 82 -7.01 0.39 17.33
C ASP C 82 -6.32 -0.94 16.93
N ARG C 83 -5.59 -1.59 17.85
CA ARG C 83 -4.97 -2.89 17.52
C ARG C 83 -6.02 -3.99 17.57
N ASP C 84 -7.07 -3.80 18.40
CA ASP C 84 -8.15 -4.78 18.47
C ASP C 84 -8.77 -4.95 17.07
N ARG C 85 -8.73 -3.87 16.28
CA ARG C 85 -9.24 -3.90 14.91
C ARG C 85 -8.35 -4.77 14.04
N SER C 86 -7.04 -4.60 14.21
CA SER C 86 -6.07 -5.37 13.48
C SER C 86 -6.32 -6.86 13.74
N ILE C 87 -6.57 -7.20 15.00
CA ILE C 87 -6.92 -8.60 15.35
C ILE C 87 -8.34 -8.89 14.80
N ARG C 88 -9.19 -7.85 14.75
CA ARG C 88 -10.55 -8.01 14.21
C ARG C 88 -10.50 -8.47 12.75
N LEU C 89 -9.36 -8.22 12.09
CA LEU C 89 -9.15 -8.64 10.69
C LEU C 89 -9.39 -10.15 10.54
N VAL C 90 -9.00 -10.94 11.56
CA VAL C 90 -9.18 -12.40 11.51
C VAL C 90 -10.65 -12.73 11.23
N ASN C 91 -11.52 -12.04 11.95
CA ASN C 91 -12.97 -12.18 11.79
C ASN C 91 -13.44 -11.55 10.47
N GLY C 92 -12.56 -10.80 9.81
CA GLY C 92 -12.90 -10.10 8.57
C GLY C 92 -13.44 -11.05 7.50
N SER C 93 -13.17 -12.35 7.63
CA SER C 93 -13.64 -13.33 6.65
C SER C 93 -15.16 -13.29 6.51
N LEU C 94 -15.90 -13.15 7.62
CA LEU C 94 -17.36 -13.08 7.56
C LEU C 94 -17.78 -11.75 6.93
N ALA C 95 -17.10 -10.67 7.31
CA ALA C 95 -17.37 -9.35 6.75
C ALA C 95 -17.13 -9.34 5.24
N LEU C 96 -16.17 -10.14 4.79
CA LEU C 96 -15.74 -10.16 3.41
C LEU C 96 -16.88 -10.44 2.43
N ILE C 97 -17.95 -11.17 2.81
CA ILE C 97 -19.04 -11.37 1.85
C ILE C 97 -19.90 -10.10 1.72
N TRP C 98 -19.91 -9.24 2.76
CA TRP C 98 -20.74 -8.00 2.74
C TRP C 98 -20.31 -6.98 1.66
N ASP C 99 -18.99 -6.69 1.51
CA ASP C 99 -18.55 -5.67 0.53
C ASP C 99 -18.79 -6.12 -0.94
N ASP C 100 -18.35 -7.34 -1.28
CA ASP C 100 -18.50 -7.88 -2.65
C ASP C 100 -19.97 -8.10 -3.02
N LEU C 101 -20.75 -8.62 -2.07
CA LEU C 101 -22.16 -8.95 -2.30
C LEU C 101 -22.98 -7.71 -2.73
N ARG C 102 -22.78 -6.58 -2.06
CA ARG C 102 -23.54 -5.38 -2.35
C ARG C 102 -23.02 -4.58 -3.56
N SER C 103 -21.70 -4.49 -3.72
CA SER C 103 -21.12 -3.71 -4.82
C SER C 103 -21.32 -4.36 -6.19
N LEU C 104 -21.07 -5.67 -6.29
CA LEU C 104 -21.23 -6.40 -7.55
C LEU C 104 -22.71 -6.54 -8.01
N SER C 105 -23.59 -6.82 -7.07
CA SER C 105 -25.02 -7.01 -7.37
C SER C 105 -25.87 -5.73 -7.11
N LEU C 106 -25.31 -4.76 -6.37
CA LEU C 106 -25.97 -3.47 -6.07
C LEU C 106 -27.00 -3.48 -4.91
N PHE C 107 -28.29 -3.83 -5.17
CA PHE C 107 -29.33 -3.77 -4.12
C PHE C 107 -30.03 -5.14 -3.84
N SER C 108 -31.34 -5.31 -4.19
CA SER C 108 -32.06 -6.57 -3.90
C SER C 108 -31.98 -7.54 -5.07
N TYR C 109 -30.83 -7.55 -5.72
CA TYR C 109 -30.57 -8.42 -6.85
C TYR C 109 -31.36 -8.01 -8.09
N HIS C 110 -31.07 -8.68 -9.23
CA HIS C 110 -31.63 -8.36 -10.58
C HIS C 110 -30.69 -7.32 -11.25
N ARG C 111 -30.04 -6.51 -10.42
CA ARG C 111 -29.08 -5.48 -10.82
C ARG C 111 -27.76 -6.10 -11.33
N LEU C 112 -27.44 -7.31 -10.84
CA LEU C 112 -26.15 -7.96 -11.20
C LEU C 112 -26.07 -8.13 -12.72
N ARG C 113 -27.20 -8.43 -13.38
CA ARG C 113 -27.17 -8.52 -14.84
C ARG C 113 -26.93 -7.10 -15.38
N ASP C 114 -27.50 -6.12 -14.69
CA ASP C 114 -27.34 -4.72 -15.02
C ASP C 114 -25.89 -4.25 -14.81
N LEU C 115 -25.18 -4.83 -13.80
CA LEU C 115 -23.81 -4.39 -13.53
C LEU C 115 -22.94 -4.55 -14.78
N LEU C 116 -23.14 -5.62 -15.55
CA LEU C 116 -22.32 -5.81 -16.74
C LEU C 116 -22.55 -4.70 -17.77
N LEU C 117 -23.80 -4.31 -17.98
CA LEU C 117 -24.12 -3.26 -18.95
C LEU C 117 -23.76 -1.87 -18.44
N ILE C 118 -24.06 -1.58 -17.18
CA ILE C 118 -23.77 -0.25 -16.63
C ILE C 118 -22.28 -0.01 -16.59
N VAL C 119 -21.46 -1.04 -16.26
CA VAL C 119 -20.01 -0.83 -16.22
C VAL C 119 -19.56 -0.27 -17.58
N THR C 120 -20.03 -0.88 -18.67
CA THR C 120 -19.69 -0.38 -20.01
C THR C 120 -20.23 1.03 -20.21
N ARG C 121 -21.42 1.31 -19.68
CA ARG C 121 -22.05 2.62 -19.85
C ARG C 121 -21.33 3.73 -19.07
N ILE C 122 -20.84 3.44 -17.86
CA ILE C 122 -20.14 4.46 -17.09
C ILE C 122 -18.95 4.96 -17.92
N VAL C 123 -18.29 4.04 -18.62
CA VAL C 123 -17.16 4.39 -19.48
C VAL C 123 -17.64 5.29 -20.63
N GLU C 124 -18.84 5.03 -21.17
CA GLU C 124 -19.34 5.85 -22.27
C GLU C 124 -19.65 7.27 -21.78
N LEU C 125 -20.29 7.38 -20.62
CA LEU C 125 -20.62 8.67 -20.03
C LEU C 125 -19.37 9.46 -19.67
N LEU C 126 -18.48 8.81 -18.92
CA LEU C 126 -17.23 9.43 -18.45
C LEU C 126 -16.17 9.55 -19.57
N GLY C 127 -16.37 8.85 -20.70
CA GLY C 127 -15.41 8.88 -21.79
C GLY C 127 -15.20 10.29 -22.35
N ARG C 128 -16.29 11.05 -22.50
CA ARG C 128 -16.22 12.42 -23.03
C ARG C 128 -15.51 13.35 -22.03
N ARG C 129 -15.79 13.14 -20.75
CA ARG C 129 -15.19 13.97 -19.68
C ARG C 129 -13.77 13.50 -19.31
N GLY C 130 -13.39 12.29 -19.73
CA GLY C 130 -12.06 11.75 -19.42
C GLY C 130 -10.94 12.67 -19.95
N TRP C 131 -11.25 13.46 -20.98
CA TRP C 131 -10.27 14.39 -21.57
C TRP C 131 -9.71 15.38 -20.57
N GLU C 132 -10.34 15.50 -19.41
CA GLU C 132 -9.87 16.41 -18.39
C GLU C 132 -8.33 16.16 -18.11
N ALA C 133 -7.78 15.06 -18.66
CA ALA C 133 -6.34 14.76 -18.54
C ALA C 133 -5.55 15.97 -19.05
N LEU C 134 -5.88 16.39 -20.28
CA LEU C 134 -5.22 17.54 -20.88
C LEU C 134 -5.63 18.85 -20.20
N LYS C 135 -6.90 18.96 -19.75
CA LYS C 135 -7.38 20.22 -19.15
C LYS C 135 -6.48 20.66 -18.00
N TYR C 136 -6.14 19.77 -17.09
CA TYR C 136 -5.29 20.15 -15.97
C TYR C 136 -3.85 20.34 -16.46
N TRP C 137 -3.41 19.52 -17.42
CA TRP C 137 -2.06 19.63 -17.96
C TRP C 137 -1.85 20.98 -18.67
N TRP C 138 -2.91 21.51 -19.30
CA TRP C 138 -2.80 22.83 -19.96
C TRP C 138 -2.59 23.88 -18.89
N ASN C 139 -3.41 23.80 -17.83
CA ASN C 139 -3.31 24.72 -16.70
C ASN C 139 -1.94 24.57 -16.02
N LEU C 140 -1.44 23.33 -16.00
CA LEU C 140 -0.16 22.98 -15.38
C LEU C 140 1.02 23.72 -16.05
N LEU C 141 1.09 23.62 -17.37
CA LEU C 141 2.16 24.25 -18.16
C LEU C 141 2.05 25.78 -18.20
N GLN C 142 0.83 26.31 -18.24
CA GLN C 142 0.64 27.75 -18.36
C GLN C 142 1.07 28.54 -17.11
N TYR C 143 0.73 28.05 -15.89
CA TYR C 143 1.08 28.76 -14.69
C TYR C 143 2.59 28.65 -14.37
N TRP C 144 3.23 27.48 -14.63
CA TRP C 144 4.66 27.37 -14.31
C TRP C 144 5.43 28.30 -15.23
N SER C 145 5.03 28.32 -16.50
CA SER C 145 5.65 29.20 -17.50
C SER C 145 5.53 30.64 -17.02
N GLN C 146 4.39 30.97 -16.39
CA GLN C 146 4.12 32.31 -15.90
C GLN C 146 5.18 32.74 -14.89
N GLU C 147 5.60 31.83 -13.99
CA GLU C 147 6.64 32.19 -13.01
C GLU C 147 7.97 32.40 -13.73
N LEU C 148 8.17 31.67 -14.83
CA LEU C 148 9.37 31.81 -15.65
C LEU C 148 9.43 33.25 -16.18
N LYS C 149 8.28 33.77 -16.63
CA LYS C 149 8.19 35.13 -17.15
C LYS C 149 8.67 36.13 -16.10
N ASN C 150 8.22 35.93 -14.86
CA ASN C 150 8.59 36.82 -13.76
C ASN C 150 10.09 36.77 -13.49
N SER C 151 10.68 35.58 -13.62
CA SER C 151 12.12 35.42 -13.43
C SER C 151 12.87 36.11 -14.56
N ALA C 152 12.34 35.99 -15.79
CA ALA C 152 12.95 36.60 -16.97
C ALA C 152 12.92 38.13 -16.90
N VAL C 153 11.77 38.71 -16.55
CA VAL C 153 11.64 40.16 -16.46
C VAL C 153 12.64 40.73 -15.45
N SER C 154 12.73 40.11 -14.28
CA SER C 154 13.64 40.58 -13.23
C SER C 154 15.09 40.67 -13.73
N LEU C 155 15.62 39.56 -14.22
CA LEU C 155 17.01 39.51 -14.70
C LEU C 155 17.23 40.21 -16.04
N LEU C 156 16.44 39.87 -17.07
CA LEU C 156 16.61 40.43 -18.41
C LEU C 156 16.32 41.95 -18.46
N ASN C 157 15.24 42.39 -17.80
CA ASN C 157 14.88 43.82 -17.80
C ASN C 157 15.84 44.65 -16.93
N ALA C 158 16.32 44.06 -15.83
CA ALA C 158 17.21 44.77 -14.91
C ALA C 158 18.58 45.04 -15.54
N THR C 159 19.13 44.05 -16.24
CA THR C 159 20.43 44.20 -16.89
C THR C 159 20.33 45.14 -18.11
N ALA C 160 19.13 45.18 -18.71
CA ALA C 160 18.88 46.01 -19.89
C ALA C 160 19.19 47.49 -19.63
N ILE C 161 18.85 48.00 -18.45
CA ILE C 161 19.10 49.42 -18.11
C ILE C 161 20.61 49.74 -18.19
N ALA C 162 21.47 48.76 -17.95
CA ALA C 162 22.92 48.96 -17.98
C ALA C 162 23.50 48.77 -19.39
N VAL C 163 23.11 49.66 -20.33
CA VAL C 163 23.60 49.60 -21.71
C VAL C 163 23.11 50.80 -22.55
N GLY C 164 21.95 51.34 -22.20
CA GLY C 164 21.40 52.49 -22.92
C GLY C 164 20.30 53.19 -22.11
N GLU C 165 19.17 53.50 -22.77
CA GLU C 165 18.05 54.17 -22.10
C GLU C 165 16.69 53.71 -22.67
N GLY C 166 16.70 52.62 -23.46
CA GLY C 166 15.46 52.07 -24.04
C GLY C 166 15.51 50.53 -24.15
N THR C 167 16.51 49.91 -23.49
CA THR C 167 16.67 48.45 -23.49
C THR C 167 15.52 47.79 -22.71
N ASP C 168 15.08 48.45 -21.64
CA ASP C 168 14.02 47.93 -20.78
C ASP C 168 12.73 47.69 -21.59
N ARG C 169 12.43 48.62 -22.50
CA ARG C 169 11.24 48.53 -23.34
C ARG C 169 11.26 47.25 -24.19
N VAL C 170 12.38 46.98 -24.86
CA VAL C 170 12.49 45.79 -25.72
C VAL C 170 12.40 44.48 -24.93
N ILE C 171 12.88 44.45 -23.68
CA ILE C 171 12.83 43.22 -22.87
C ILE C 171 11.37 42.80 -22.63
N GLU C 172 10.57 43.76 -22.20
CA GLU C 172 9.16 43.49 -21.89
C GLU C 172 8.31 43.27 -23.14
N VAL C 173 8.68 43.91 -24.25
CA VAL C 173 7.95 43.77 -25.51
C VAL C 173 8.10 42.34 -26.08
N VAL C 174 9.33 41.82 -26.12
CA VAL C 174 9.57 40.48 -26.69
C VAL C 174 8.97 39.35 -25.85
N GLN C 175 9.22 39.33 -24.53
CA GLN C 175 8.66 38.28 -23.68
C GLN C 175 7.16 38.47 -23.47
N GLY C 176 6.76 39.72 -23.22
CA GLY C 176 5.36 40.05 -22.99
C GLY C 176 4.50 39.67 -24.19
N ALA C 177 5.02 39.91 -25.39
CA ALA C 177 4.29 39.60 -26.61
C ALA C 177 4.11 38.09 -26.82
N SER C 178 5.17 37.30 -26.62
CA SER C 178 5.11 35.85 -26.84
C SER C 178 4.31 35.08 -25.77
N ARG C 179 4.56 35.36 -24.48
CA ARG C 179 3.84 34.65 -23.41
C ARG C 179 2.38 35.07 -23.33
N ALA C 180 2.15 36.38 -23.26
CA ALA C 180 0.79 36.93 -23.15
C ALA C 180 -0.10 36.50 -24.33
N ILE C 181 0.42 36.53 -25.57
CA ILE C 181 -0.39 36.12 -26.74
C ILE C 181 -0.78 34.64 -26.61
N ARG C 182 0.15 33.83 -26.06
CA ARG C 182 -0.10 32.39 -25.88
C ARG C 182 -1.12 32.13 -24.75
N HIS C 183 -1.67 33.18 -24.14
CA HIS C 183 -2.66 33.03 -23.06
C HIS C 183 -4.09 33.24 -23.60
N ILE C 184 -4.32 32.86 -24.87
CA ILE C 184 -5.63 33.02 -25.50
C ILE C 184 -6.46 31.69 -25.59
N PRO C 185 -5.87 30.48 -25.64
CA PRO C 185 -6.68 29.23 -25.74
C PRO C 185 -7.29 28.81 -24.39
N ARG C 186 -8.62 28.69 -24.36
CA ARG C 186 -9.35 28.28 -23.17
C ARG C 186 -10.42 27.25 -23.52
N ARG C 187 -10.79 26.39 -22.55
CA ARG C 187 -11.79 25.34 -22.80
C ARG C 187 -11.42 24.55 -24.07
N ILE C 188 -10.15 24.17 -24.15
CA ILE C 188 -9.64 23.45 -25.31
C ILE C 188 -10.11 21.99 -25.33
N ARG C 189 -10.29 21.37 -24.15
CA ARG C 189 -10.71 19.97 -24.09
C ARG C 189 -12.15 19.77 -24.62
N GLN C 190 -13.08 20.67 -24.26
CA GLN C 190 -14.47 20.55 -24.72
C GLN C 190 -14.57 20.88 -26.21
N GLY C 191 -13.80 21.89 -26.64
CA GLY C 191 -13.81 22.29 -28.04
C GLY C 191 -13.16 21.24 -28.94
N LEU C 192 -12.01 20.70 -28.50
CA LEU C 192 -11.30 19.68 -29.28
C LEU C 192 -12.01 18.33 -29.19
N GLU C 193 -12.56 17.99 -28.01
CA GLU C 193 -13.25 16.71 -27.84
C GLU C 193 -14.58 16.68 -28.60
N ARG C 194 -15.29 17.82 -28.62
CA ARG C 194 -16.60 17.89 -29.29
C ARG C 194 -16.48 18.16 -30.80
N ILE C 195 -15.48 18.95 -31.21
CA ILE C 195 -15.30 19.27 -32.64
C ILE C 195 -15.00 18.00 -33.47
N LEU C 196 -14.71 16.88 -32.81
CA LEU C 196 -14.40 15.62 -33.49
C LEU C 196 -15.68 14.82 -33.81
N LEU C 197 -16.82 15.22 -33.23
CA LEU C 197 -18.09 14.53 -33.46
C LEU C 197 -19.25 15.34 -32.88
N LEU A 1 29.51 -32.20 -16.75
CA LEU A 1 29.53 -30.71 -16.89
C LEU A 1 29.15 -30.36 -18.33
N LEU A 2 29.07 -29.05 -18.63
CA LEU A 2 28.73 -28.60 -19.98
C LEU A 2 29.73 -29.17 -20.99
N GLU A 3 29.59 -28.80 -22.27
CA GLU A 3 30.51 -29.33 -23.30
C GLU A 3 30.35 -28.65 -24.66
N LEU A 4 29.71 -27.48 -24.71
CA LEU A 4 29.47 -26.73 -25.95
C LEU A 4 28.40 -27.45 -26.81
N ASP A 5 28.42 -28.77 -26.79
CA ASP A 5 27.45 -29.58 -27.52
C ASP A 5 26.18 -29.75 -26.69
N LYS A 6 26.32 -29.67 -25.36
CA LYS A 6 25.19 -29.80 -24.45
C LYS A 6 24.16 -28.69 -24.72
N TRP A 7 24.65 -27.49 -25.06
CA TRP A 7 23.77 -26.35 -25.32
C TRP A 7 23.02 -26.53 -26.65
N ALA A 8 23.74 -26.93 -27.69
CA ALA A 8 23.13 -27.12 -29.02
C ALA A 8 22.09 -28.24 -28.99
N SER A 9 22.39 -29.30 -28.23
CA SER A 9 21.48 -30.44 -28.11
C SER A 9 20.10 -29.99 -27.58
N LEU A 10 20.11 -28.97 -26.72
CA LEU A 10 18.87 -28.44 -26.14
C LEU A 10 17.95 -27.81 -27.20
N TRP A 11 18.52 -27.38 -28.33
CA TRP A 11 17.70 -26.77 -29.39
C TRP A 11 16.64 -27.76 -29.89
N ASN A 12 16.92 -29.06 -29.77
CA ASN A 12 15.96 -30.10 -30.17
C ASN A 12 14.72 -30.03 -29.26
N TRP A 13 14.92 -29.55 -28.02
CA TRP A 13 13.84 -29.43 -27.04
C TRP A 13 13.00 -28.16 -27.27
N PHE A 14 13.13 -27.54 -28.46
CA PHE A 14 12.42 -26.29 -28.82
C PHE A 14 11.03 -26.18 -28.18
N ASP A 15 11.01 -25.56 -27.00
CA ASP A 15 9.78 -25.34 -26.22
C ASP A 15 10.15 -24.82 -24.82
N ILE A 16 10.95 -25.61 -24.10
CA ILE A 16 11.39 -25.28 -22.75
C ILE A 16 12.36 -24.08 -22.75
N THR A 17 13.21 -24.03 -23.77
CA THR A 17 14.26 -23.01 -23.91
C THR A 17 13.74 -21.57 -23.77
N ASN A 18 12.50 -21.29 -24.21
CA ASN A 18 11.98 -19.92 -24.13
C ASN A 18 12.03 -19.37 -22.70
N TRP A 19 11.54 -20.14 -21.72
CA TRP A 19 11.57 -19.71 -20.32
C TRP A 19 13.04 -19.60 -19.87
N LEU A 20 13.84 -20.58 -20.22
CA LEU A 20 15.26 -20.60 -19.87
C LEU A 20 16.01 -19.38 -20.42
N TRP A 21 15.64 -18.92 -21.63
CA TRP A 21 16.33 -17.79 -22.26
C TRP A 21 15.50 -16.49 -22.26
N TYR A 22 14.32 -16.46 -21.63
CA TYR A 22 13.52 -15.22 -21.60
C TYR A 22 13.19 -14.77 -20.17
N ILE A 23 13.51 -15.61 -19.19
CA ILE A 23 13.25 -15.28 -17.80
C ILE A 23 14.17 -14.12 -17.35
N ARG A 24 15.42 -14.12 -17.86
CA ARG A 24 16.38 -13.06 -17.51
C ARG A 24 15.76 -11.69 -17.77
N ILE A 25 15.09 -11.56 -18.92
CA ILE A 25 14.42 -10.32 -19.29
C ILE A 25 13.09 -10.19 -18.50
N PHE A 26 12.49 -11.34 -18.18
CA PHE A 26 11.24 -11.39 -17.46
C PHE A 26 11.35 -10.70 -16.10
N ILE A 27 12.48 -10.90 -15.41
CA ILE A 27 12.69 -10.28 -14.10
C ILE A 27 12.65 -8.75 -14.29
N ILE A 28 13.21 -8.26 -15.39
CA ILE A 28 13.19 -6.81 -15.69
C ILE A 28 11.73 -6.33 -15.62
N ILE A 29 10.83 -7.15 -16.17
CA ILE A 29 9.40 -6.84 -16.18
C ILE A 29 8.86 -6.84 -14.74
N VAL A 30 9.30 -7.83 -13.96
CA VAL A 30 8.86 -7.94 -12.55
C VAL A 30 9.21 -6.64 -11.81
N GLY A 31 10.43 -6.12 -12.03
CA GLY A 31 10.86 -4.87 -11.40
C GLY A 31 9.85 -3.76 -11.72
N SER A 32 9.39 -3.75 -12.96
CA SER A 32 8.39 -2.78 -13.41
C SER A 32 7.06 -3.04 -12.69
N LEU A 33 6.75 -4.33 -12.51
CA LEU A 33 5.50 -4.76 -11.86
C LEU A 33 5.41 -4.20 -10.43
N ILE A 34 6.52 -4.28 -9.67
CA ILE A 34 6.53 -3.80 -8.29
C ILE A 34 6.35 -2.27 -8.21
N GLY A 35 6.97 -1.50 -9.11
CA GLY A 35 6.81 -0.03 -9.09
C GLY A 35 5.32 0.32 -9.29
N LEU A 36 4.62 -0.52 -10.05
CA LEU A 36 3.18 -0.37 -10.32
C LEU A 36 2.41 -0.24 -8.99
N ARG A 37 2.87 -0.99 -7.99
CA ARG A 37 2.24 -1.01 -6.67
C ARG A 37 2.11 0.39 -6.05
N ILE A 38 3.04 1.32 -6.37
CA ILE A 38 2.95 2.66 -5.78
C ILE A 38 1.62 3.31 -6.22
N VAL A 39 1.23 3.07 -7.48
CA VAL A 39 -0.02 3.56 -8.03
C VAL A 39 -1.21 2.87 -7.32
N PHE A 40 -1.01 1.62 -6.91
CA PHE A 40 -2.03 0.85 -6.20
C PHE A 40 -2.48 1.59 -4.94
N ALA A 41 -1.57 2.39 -4.36
CA ALA A 41 -1.88 3.12 -3.13
C ALA A 41 -3.12 3.99 -3.36
N VAL A 42 -3.26 4.60 -4.55
CA VAL A 42 -4.47 5.40 -4.82
C VAL A 42 -5.73 4.51 -4.66
N LEU A 43 -5.59 3.23 -5.06
CA LEU A 43 -6.66 2.24 -4.96
C LEU A 43 -7.11 2.04 -3.51
N SER A 44 -6.15 2.07 -2.57
CA SER A 44 -6.47 1.83 -1.15
C SER A 44 -7.44 2.88 -0.61
N LEU A 45 -7.35 4.12 -1.11
CA LEU A 45 -8.26 5.16 -0.70
C LEU A 45 -9.68 4.78 -1.12
N VAL A 46 -9.77 4.22 -2.32
CA VAL A 46 -11.03 3.74 -2.87
C VAL A 46 -11.44 2.46 -2.09
N ASN A 47 -10.44 1.67 -1.72
CA ASN A 47 -10.64 0.43 -0.97
C ASN A 47 -11.25 0.69 0.40
N ARG A 48 -10.79 1.76 1.09
CA ARG A 48 -11.28 2.08 2.45
C ARG A 48 -12.74 2.54 2.42
N VAL A 49 -13.05 3.42 1.48
CA VAL A 49 -14.41 3.95 1.35
C VAL A 49 -15.40 2.86 0.97
N ARG A 50 -15.02 1.96 0.06
CA ARG A 50 -15.94 0.89 -0.37
C ARG A 50 -16.13 -0.22 0.70
N GLN A 51 -15.17 -0.36 1.63
CA GLN A 51 -15.24 -1.41 2.67
C GLN A 51 -15.72 -0.87 4.03
N GLY A 52 -16.15 0.39 4.06
CA GLY A 52 -16.60 1.03 5.31
C GLY A 52 -15.51 1.95 5.88
N TYR A 53 -15.02 1.62 7.09
CA TYR A 53 -13.96 2.42 7.74
C TYR A 53 -12.88 1.52 8.32
N SER A 54 -13.18 0.81 9.42
CA SER A 54 -12.22 -0.08 10.06
C SER A 54 -11.82 -1.20 9.08
N PRO A 55 -10.67 -1.87 9.26
CA PRO A 55 -10.17 -2.97 8.37
C PRO A 55 -11.24 -3.50 7.35
N LEU A 56 -11.70 -4.75 7.48
CA LEU A 56 -12.71 -5.29 6.57
C LEU A 56 -14.06 -5.47 7.30
N SER A 57 -14.02 -5.54 8.65
CA SER A 57 -15.24 -5.73 9.44
C SER A 57 -16.10 -4.46 9.50
N GLU A 80 -20.62 -0.05 1.24
CA GLU A 80 -20.65 1.24 0.53
C GLU A 80 -21.04 1.09 -0.95
N ARG A 81 -21.91 2.02 -1.37
CA ARG A 81 -22.39 2.14 -2.74
C ARG A 81 -21.31 2.66 -3.70
N ASP A 82 -20.33 3.36 -3.13
CA ASP A 82 -19.26 4.03 -3.88
C ASP A 82 -18.52 3.14 -4.90
N ARG A 83 -18.77 1.83 -4.98
CA ARG A 83 -18.10 0.99 -5.99
C ARG A 83 -18.36 1.55 -7.37
N ASP A 84 -19.57 2.08 -7.61
CA ASP A 84 -19.87 2.73 -8.88
C ASP A 84 -18.87 3.88 -9.05
N ARG A 85 -18.57 4.55 -7.93
CA ARG A 85 -17.58 5.62 -7.88
C ARG A 85 -16.16 5.05 -8.01
N SER A 86 -15.95 3.78 -7.60
CA SER A 86 -14.61 3.18 -7.74
C SER A 86 -14.28 3.14 -9.23
N ILE A 87 -15.29 2.82 -10.04
CA ILE A 87 -15.13 2.83 -11.50
C ILE A 87 -14.71 4.24 -11.93
N ARG A 88 -15.08 5.27 -11.14
CA ARG A 88 -14.70 6.64 -11.49
C ARG A 88 -13.17 6.74 -11.57
N LEU A 89 -12.46 5.75 -11.01
CA LEU A 89 -11.00 5.70 -11.07
C LEU A 89 -10.52 5.79 -12.53
N VAL A 90 -11.35 5.32 -13.49
CA VAL A 90 -10.97 5.38 -14.92
C VAL A 90 -10.66 6.83 -15.28
N ASN A 91 -11.61 7.70 -14.97
CA ASN A 91 -11.47 9.15 -15.15
C ASN A 91 -10.47 9.73 -14.14
N GLY A 92 -10.05 8.93 -13.16
CA GLY A 92 -9.17 9.39 -12.09
C GLY A 92 -7.90 10.04 -12.67
N SER A 93 -7.58 9.78 -13.95
CA SER A 93 -6.44 10.45 -14.57
C SER A 93 -6.71 11.96 -14.47
N LEU A 94 -7.98 12.33 -14.64
CA LEU A 94 -8.42 13.72 -14.55
C LEU A 94 -8.20 14.27 -13.13
N ALA A 95 -8.49 13.43 -12.15
CA ALA A 95 -8.28 13.77 -10.76
C ALA A 95 -6.81 14.12 -10.50
N LEU A 96 -5.93 13.47 -11.26
CA LEU A 96 -4.51 13.57 -11.06
C LEU A 96 -3.96 15.00 -11.15
N ILE A 97 -4.45 15.92 -12.03
CA ILE A 97 -3.83 17.23 -12.01
C ILE A 97 -4.09 17.95 -10.65
N TRP A 98 -5.31 17.90 -10.07
CA TRP A 98 -5.55 18.68 -8.83
C TRP A 98 -4.84 18.20 -7.51
N ASP A 99 -4.87 16.90 -7.13
CA ASP A 99 -4.22 16.50 -5.85
C ASP A 99 -2.68 16.58 -5.89
N ASP A 100 -2.07 15.98 -6.92
CA ASP A 100 -0.61 15.93 -7.06
C ASP A 100 0.06 17.27 -7.41
N LEU A 101 -0.50 18.01 -8.36
CA LEU A 101 0.10 19.27 -8.83
C LEU A 101 0.07 20.42 -7.81
N ARG A 102 -1.07 20.63 -7.15
CA ARG A 102 -1.19 21.75 -6.21
C ARG A 102 -0.11 21.72 -5.13
N SER A 103 0.49 20.56 -4.86
CA SER A 103 1.49 20.44 -3.79
C SER A 103 2.89 20.99 -4.16
N LEU A 104 3.43 20.66 -5.36
CA LEU A 104 4.78 21.13 -5.72
C LEU A 104 4.87 22.64 -5.98
N SER A 105 3.78 23.28 -6.43
CA SER A 105 3.81 24.70 -6.74
C SER A 105 3.26 25.56 -5.60
N LEU A 106 2.31 25.02 -4.81
CA LEU A 106 1.71 25.75 -3.69
C LEU A 106 0.80 26.90 -4.18
N PHE A 107 0.30 27.72 -3.25
CA PHE A 107 -0.60 28.84 -3.59
C PHE A 107 0.18 30.08 -4.08
N SER A 108 1.12 29.86 -5.00
CA SER A 108 1.93 30.93 -5.57
C SER A 108 2.63 30.42 -6.83
N TYR A 109 2.37 31.05 -7.97
CA TYR A 109 2.94 30.58 -9.24
C TYR A 109 4.23 31.33 -9.63
N HIS A 110 5.26 31.03 -8.84
CA HIS A 110 6.65 31.53 -8.93
C HIS A 110 7.50 30.67 -7.96
N ARG A 111 6.85 30.41 -6.82
CA ARG A 111 7.29 29.60 -5.71
C ARG A 111 7.67 28.17 -6.09
N LEU A 112 7.14 27.62 -7.20
CA LEU A 112 7.31 26.16 -7.50
C LEU A 112 8.79 25.74 -7.52
N ARG A 113 9.68 26.50 -8.14
CA ARG A 113 11.10 26.12 -8.11
C ARG A 113 11.64 26.32 -6.68
N ASP A 114 11.08 27.33 -6.01
CA ASP A 114 11.42 27.66 -4.64
C ASP A 114 10.92 26.59 -3.67
N LEU A 115 9.77 25.95 -3.98
CA LEU A 115 9.18 24.99 -3.08
C LEU A 115 10.14 23.86 -2.76
N LEU A 116 10.93 23.40 -3.75
CA LEU A 116 11.85 22.29 -3.49
C LEU A 116 12.83 22.64 -2.36
N LEU A 117 13.27 23.90 -2.29
CA LEU A 117 14.21 24.33 -1.25
C LEU A 117 13.58 24.33 0.15
N ILE A 118 12.30 24.74 0.24
CA ILE A 118 11.62 24.80 1.55
C ILE A 118 11.52 23.39 2.15
N VAL A 119 11.30 22.36 1.30
CA VAL A 119 11.20 20.98 1.79
C VAL A 119 12.47 20.66 2.60
N THR A 120 13.62 21.11 2.09
CA THR A 120 14.88 20.91 2.81
C THR A 120 14.83 21.66 4.15
N ARG A 121 14.18 22.83 4.14
CA ARG A 121 14.04 23.66 5.33
C ARG A 121 13.37 22.91 6.47
N ILE A 122 12.30 22.17 6.16
CA ILE A 122 11.59 21.41 7.17
C ILE A 122 12.52 20.31 7.71
N VAL A 123 13.30 19.69 6.82
CA VAL A 123 14.23 18.63 7.21
C VAL A 123 15.32 19.17 8.15
N GLU A 124 15.93 20.34 7.81
CA GLU A 124 16.98 20.90 8.69
C GLU A 124 16.38 21.24 10.05
N LEU A 125 15.17 21.82 10.04
CA LEU A 125 14.46 22.14 11.27
C LEU A 125 14.16 20.83 12.01
N LEU A 126 13.74 19.82 11.23
CA LEU A 126 13.42 18.50 11.75
C LEU A 126 14.67 17.84 12.36
N GLY A 127 15.85 18.15 11.82
CA GLY A 127 17.09 17.56 12.34
C GLY A 127 17.31 17.94 13.81
N ARG A 128 16.95 19.18 14.17
CA ARG A 128 17.14 19.69 15.53
C ARG A 128 16.09 19.14 16.52
N ARG A 129 14.81 19.23 16.15
CA ARG A 129 13.71 18.75 17.01
C ARG A 129 13.50 17.22 16.88
N GLY A 130 13.93 16.69 15.74
CA GLY A 130 13.81 15.28 15.39
C GLY A 130 14.45 14.34 16.42
N TRP A 131 15.41 14.84 17.21
CA TRP A 131 16.09 13.97 18.17
C TRP A 131 15.15 13.27 19.13
N GLU A 132 13.89 13.73 19.19
CA GLU A 132 12.90 13.04 20.01
C GLU A 132 12.90 11.51 19.59
N ALA A 133 13.58 11.17 18.46
CA ALA A 133 13.75 9.81 18.02
C ALA A 133 14.38 9.03 19.17
N LEU A 134 15.51 9.53 19.71
CA LEU A 134 16.13 8.84 20.84
C LEU A 134 15.09 8.77 21.97
N LYS A 135 14.28 9.82 22.11
CA LYS A 135 13.21 9.82 23.11
C LYS A 135 12.25 8.62 22.83
N TYR A 136 12.01 8.28 21.55
CA TYR A 136 11.04 7.22 21.21
C TYR A 136 11.35 5.90 21.94
N TRP A 137 12.56 5.42 21.83
CA TRP A 137 12.96 4.22 22.56
C TRP A 137 13.18 4.44 24.05
N TRP A 138 13.57 5.66 24.43
CA TRP A 138 13.79 5.97 25.84
C TRP A 138 12.52 5.61 26.65
N ASN A 139 11.35 6.00 26.12
CA ASN A 139 10.07 5.72 26.77
C ASN A 139 9.74 4.23 26.77
N LEU A 140 9.92 3.58 25.61
CA LEU A 140 9.60 2.15 25.48
C LEU A 140 10.48 1.27 26.41
N LEU A 141 11.80 1.47 26.38
CA LEU A 141 12.72 0.68 27.19
C LEU A 141 12.62 0.99 28.69
N GLN A 142 12.34 2.24 29.06
CA GLN A 142 12.27 2.60 30.48
C GLN A 142 11.07 1.96 31.19
N TYR A 143 9.90 1.85 30.54
CA TYR A 143 8.77 1.26 31.19
C TYR A 143 8.97 -0.25 31.32
N TRP A 144 9.63 -0.88 30.33
CA TRP A 144 9.82 -2.33 30.39
C TRP A 144 10.72 -2.64 31.58
N SER A 145 11.65 -1.72 31.87
CA SER A 145 12.50 -1.83 33.03
C SER A 145 11.60 -1.90 34.27
N GLN A 146 10.49 -1.13 34.22
CA GLN A 146 9.53 -1.08 35.32
C GLN A 146 8.94 -2.48 35.60
N GLU A 147 8.53 -3.27 34.57
CA GLU A 147 7.98 -4.59 34.87
C GLU A 147 9.04 -5.46 35.58
N LEU A 148 10.32 -5.24 35.24
CA LEU A 148 11.41 -6.01 35.85
C LEU A 148 11.46 -5.79 37.37
N LYS A 149 11.31 -4.54 37.80
CA LYS A 149 11.33 -4.21 39.24
C LYS A 149 10.14 -4.84 39.96
N ASN A 150 8.94 -4.68 39.42
CA ASN A 150 7.72 -5.23 40.03
C ASN A 150 7.72 -6.76 40.05
N SER A 151 8.14 -7.36 38.93
CA SER A 151 8.18 -8.82 38.82
C SER A 151 9.26 -9.42 39.72
N ALA A 152 10.43 -8.76 39.76
CA ALA A 152 11.56 -9.24 40.56
C ALA A 152 11.25 -9.19 42.07
N VAL A 153 10.71 -8.07 42.54
CA VAL A 153 10.42 -7.92 43.98
C VAL A 153 9.36 -8.93 44.44
N SER A 154 8.28 -9.07 43.68
CA SER A 154 7.20 -9.98 44.03
C SER A 154 7.69 -11.44 44.22
N LEU A 155 8.33 -11.98 43.18
CA LEU A 155 8.80 -13.36 43.22
C LEU A 155 9.93 -13.60 44.22
N LEU A 156 11.00 -12.79 44.16
CA LEU A 156 12.15 -12.98 45.05
C LEU A 156 11.82 -12.70 46.53
N ASN A 157 11.07 -11.63 46.81
CA ASN A 157 10.72 -11.28 48.20
C ASN A 157 9.85 -12.35 48.85
N ALA A 158 8.86 -12.85 48.11
CA ALA A 158 7.95 -13.87 48.65
C ALA A 158 8.64 -15.23 48.83
N THR A 159 9.42 -15.64 47.82
CA THR A 159 10.14 -16.92 47.86
C THR A 159 11.34 -16.89 48.82
N ALA A 160 11.94 -15.72 48.99
CA ALA A 160 13.13 -15.56 49.81
C ALA A 160 12.95 -16.01 51.28
N ILE A 161 11.78 -15.76 51.87
CA ILE A 161 11.58 -16.11 53.29
C ILE A 161 11.62 -17.62 53.52
N ALA A 162 10.84 -18.38 52.74
CA ALA A 162 10.77 -19.84 52.90
C ALA A 162 10.55 -20.28 54.38
N VAL A 163 10.25 -19.33 55.27
CA VAL A 163 10.01 -19.60 56.70
C VAL A 163 9.21 -18.39 57.29
N GLY A 164 9.36 -18.12 58.60
CA GLY A 164 8.67 -16.99 59.24
C GLY A 164 9.63 -16.26 60.19
N GLU A 165 10.67 -15.62 59.63
CA GLU A 165 11.66 -14.90 60.44
C GLU A 165 11.66 -13.39 60.12
N GLY A 166 12.18 -13.00 58.94
CA GLY A 166 12.24 -11.59 58.54
C GLY A 166 13.15 -11.39 57.32
N THR A 167 13.13 -12.37 56.41
CA THR A 167 13.92 -12.31 55.18
C THR A 167 13.50 -11.15 54.28
N ASP A 168 12.20 -10.84 54.28
CA ASP A 168 11.64 -9.81 53.41
C ASP A 168 12.30 -8.45 53.63
N ARG A 169 12.83 -8.21 54.83
CA ARG A 169 13.49 -6.94 55.12
C ARG A 169 14.72 -6.74 54.22
N VAL A 170 15.58 -7.77 54.15
CA VAL A 170 16.83 -7.71 53.35
C VAL A 170 16.56 -7.64 51.83
N ILE A 171 15.68 -8.50 51.32
CA ILE A 171 15.40 -8.55 49.87
C ILE A 171 14.77 -7.23 49.37
N GLU A 172 13.80 -6.70 50.11
CA GLU A 172 13.11 -5.47 49.70
C GLU A 172 13.99 -4.21 49.85
N VAL A 173 14.76 -4.11 50.93
CA VAL A 173 15.60 -2.93 51.16
C VAL A 173 16.73 -2.82 50.12
N VAL A 174 17.43 -3.95 49.87
CA VAL A 174 18.54 -3.96 48.90
C VAL A 174 18.02 -3.72 47.48
N GLN A 175 16.89 -4.35 47.15
CA GLN A 175 16.29 -4.21 45.82
C GLN A 175 15.95 -2.75 45.51
N GLY A 176 15.26 -2.11 46.45
CA GLY A 176 14.85 -0.71 46.28
C GLY A 176 16.05 0.22 46.16
N ALA A 177 17.15 -0.10 46.84
CA ALA A 177 18.36 0.71 46.82
C ALA A 177 19.02 0.72 45.44
N SER A 178 19.12 -0.44 44.80
CA SER A 178 19.77 -0.55 43.49
C SER A 178 18.91 0.06 42.37
N ARG A 179 17.63 -0.28 42.34
CA ARG A 179 16.71 0.21 41.29
C ARG A 179 16.48 1.71 41.39
N ALA A 180 16.11 2.15 42.58
CA ALA A 180 15.83 3.57 42.83
C ALA A 180 17.05 4.45 42.52
N ILE A 181 18.22 4.06 43.03
CA ILE A 181 19.45 4.84 42.79
C ILE A 181 19.85 4.78 41.30
N ARG A 182 19.43 3.73 40.58
CA ARG A 182 19.76 3.60 39.16
C ARG A 182 19.15 4.75 38.33
N HIS A 183 18.07 5.35 38.84
CA HIS A 183 17.40 6.46 38.15
C HIS A 183 18.38 7.62 37.95
N ILE A 184 18.57 8.04 36.69
CA ILE A 184 19.48 9.12 36.36
C ILE A 184 18.72 10.32 35.74
N PRO A 185 18.63 11.49 36.41
CA PRO A 185 17.92 12.67 35.87
C PRO A 185 18.87 13.59 35.07
N ARG A 186 19.38 13.06 33.95
CA ARG A 186 20.30 13.80 33.09
C ARG A 186 19.60 14.28 31.81
N ARG A 187 18.80 13.39 31.21
CA ARG A 187 18.09 13.70 29.96
C ARG A 187 19.12 13.99 28.85
N ILE A 188 19.27 13.05 27.92
CA ILE A 188 20.23 13.19 26.83
C ILE A 188 19.89 14.40 25.95
N ARG A 189 18.59 14.62 25.73
CA ARG A 189 18.11 15.71 24.89
C ARG A 189 18.58 17.07 25.42
N GLN A 190 18.39 17.29 26.72
CA GLN A 190 18.78 18.55 27.35
C GLN A 190 20.29 18.79 27.22
N GLY A 191 21.07 17.73 27.47
CA GLY A 191 22.53 17.81 27.41
C GLY A 191 23.04 17.99 25.97
N LEU A 192 22.36 17.38 25.00
CA LEU A 192 22.77 17.46 23.59
C LEU A 192 22.53 18.85 22.99
N GLU A 193 21.31 19.38 23.18
CA GLU A 193 20.95 20.70 22.64
C GLU A 193 21.78 21.82 23.26
N ARG A 194 22.01 21.74 24.58
CA ARG A 194 22.77 22.78 25.29
C ARG A 194 24.28 22.68 25.07
N ILE A 195 24.79 21.47 24.81
CA ILE A 195 26.24 21.30 24.61
C ILE A 195 26.67 21.61 23.16
N LEU A 196 25.84 21.23 22.19
CA LEU A 196 26.17 21.46 20.78
C LEU A 196 25.71 22.85 20.30
N LEU A 197 24.70 23.42 20.95
CA LEU A 197 24.19 24.74 20.56
C LEU A 197 23.36 25.38 21.69
N LEU B 1 28.60 -21.62 -31.68
CA LEU B 1 27.65 -22.35 -30.78
C LEU B 1 28.06 -22.15 -29.32
N LEU B 2 27.99 -20.90 -28.86
CA LEU B 2 28.34 -20.58 -27.47
C LEU B 2 29.77 -21.07 -27.15
N GLU B 3 30.21 -20.75 -25.93
CA GLU B 3 31.55 -21.15 -25.43
C GLU B 3 32.70 -20.47 -26.19
N LEU B 4 33.24 -19.43 -25.55
CA LEU B 4 34.38 -18.65 -26.06
C LEU B 4 34.05 -17.80 -27.28
N ASP B 5 33.06 -18.19 -28.07
CA ASP B 5 32.71 -17.39 -29.25
C ASP B 5 31.63 -16.38 -28.92
N LYS B 6 30.69 -16.79 -28.08
CA LYS B 6 29.60 -15.91 -27.65
C LYS B 6 30.06 -15.02 -26.50
N TRP B 7 30.82 -15.60 -25.57
CA TRP B 7 31.31 -14.88 -24.39
C TRP B 7 32.40 -13.89 -24.75
N ALA B 8 33.29 -14.27 -25.68
CA ALA B 8 34.40 -13.39 -26.08
C ALA B 8 33.87 -12.17 -26.85
N SER B 9 32.80 -12.35 -27.62
CA SER B 9 32.21 -11.25 -28.40
C SER B 9 31.74 -10.12 -27.48
N LEU B 10 31.40 -10.47 -26.24
CA LEU B 10 30.92 -9.48 -25.25
C LEU B 10 32.04 -8.50 -24.87
N TRP B 11 33.30 -8.90 -25.03
CA TRP B 11 34.42 -8.01 -24.68
C TRP B 11 34.33 -6.71 -25.49
N ASN B 12 33.67 -6.77 -26.66
CA ASN B 12 33.47 -5.58 -27.49
C ASN B 12 32.23 -4.81 -27.00
N TRP B 13 31.30 -5.52 -26.35
CA TRP B 13 30.07 -4.92 -25.82
C TRP B 13 30.43 -4.01 -24.63
N PHE B 14 31.26 -4.54 -23.71
CA PHE B 14 31.75 -3.80 -22.54
C PHE B 14 30.61 -3.23 -21.63
N ASP B 15 30.13 -2.00 -21.90
CA ASP B 15 29.11 -1.36 -21.07
C ASP B 15 27.93 -2.29 -20.79
N ILE B 16 27.26 -2.72 -21.86
CA ILE B 16 26.10 -3.63 -21.74
C ILE B 16 26.53 -4.93 -21.05
N THR B 17 27.75 -5.43 -21.33
CA THR B 17 28.24 -6.66 -20.72
C THR B 17 28.13 -6.59 -19.19
N ASN B 18 28.47 -5.44 -18.61
CA ASN B 18 28.43 -5.28 -17.16
C ASN B 18 27.03 -5.58 -16.63
N TRP B 19 26.01 -4.96 -17.25
CA TRP B 19 24.63 -5.21 -16.85
C TRP B 19 24.28 -6.68 -17.13
N LEU B 20 24.79 -7.24 -18.24
CA LEU B 20 24.52 -8.63 -18.60
C LEU B 20 24.98 -9.60 -17.49
N TRP B 21 26.11 -9.29 -16.84
CA TRP B 21 26.64 -10.18 -15.79
C TRP B 21 26.39 -9.65 -14.37
N TYR B 22 25.88 -8.41 -14.23
CA TYR B 22 25.60 -7.86 -12.89
C TYR B 22 24.10 -7.93 -12.56
N ILE B 23 23.35 -8.72 -13.34
CA ILE B 23 21.91 -8.88 -13.10
C ILE B 23 21.66 -9.64 -11.80
N ARG B 24 22.54 -10.61 -11.48
CA ARG B 24 22.41 -11.41 -10.27
C ARG B 24 22.30 -10.50 -9.05
N ILE B 25 23.16 -9.48 -9.01
CA ILE B 25 23.12 -8.49 -7.92
C ILE B 25 21.79 -7.73 -8.02
N PHE B 26 21.41 -7.36 -9.24
CA PHE B 26 20.18 -6.62 -9.50
C PHE B 26 18.94 -7.42 -9.03
N ILE B 27 19.04 -8.74 -9.11
CA ILE B 27 17.96 -9.63 -8.71
C ILE B 27 17.72 -9.52 -7.19
N ILE B 28 18.81 -9.53 -6.43
CA ILE B 28 18.72 -9.46 -4.97
C ILE B 28 18.04 -8.15 -4.53
N ILE B 29 18.38 -7.04 -5.20
CA ILE B 29 17.79 -5.73 -4.85
C ILE B 29 16.29 -5.76 -5.08
N VAL B 30 15.87 -6.31 -6.23
CA VAL B 30 14.44 -6.39 -6.57
C VAL B 30 13.71 -7.31 -5.58
N GLY B 31 14.30 -8.49 -5.30
CA GLY B 31 13.70 -9.44 -4.35
C GLY B 31 13.50 -8.74 -3.01
N SER B 32 14.51 -7.97 -2.60
CA SER B 32 14.47 -7.18 -1.37
C SER B 32 13.42 -6.08 -1.47
N LEU B 33 13.31 -5.48 -2.66
CA LEU B 33 12.42 -4.35 -2.92
C LEU B 33 10.95 -4.68 -2.61
N ILE B 34 10.50 -5.93 -2.84
CA ILE B 34 9.10 -6.26 -2.55
C ILE B 34 8.82 -6.08 -1.05
N GLY B 35 9.74 -6.56 -0.20
CA GLY B 35 9.59 -6.42 1.26
C GLY B 35 9.73 -4.95 1.66
N LEU B 36 10.62 -4.22 0.96
CA LEU B 36 10.82 -2.79 1.20
C LEU B 36 9.45 -2.08 1.09
N ARG B 37 8.66 -2.57 0.15
CA ARG B 37 7.32 -2.10 -0.15
C ARG B 37 6.40 -2.15 1.07
N ILE B 38 6.66 -3.05 2.02
CA ILE B 38 5.78 -3.19 3.18
C ILE B 38 5.71 -1.84 3.95
N VAL B 39 6.84 -1.14 4.12
CA VAL B 39 6.83 0.17 4.80
C VAL B 39 6.09 1.21 3.91
N PHE B 40 6.14 1.00 2.59
CA PHE B 40 5.47 1.87 1.62
C PHE B 40 3.99 1.97 1.95
N ALA B 41 3.43 0.95 2.59
CA ALA B 41 2.00 0.96 2.93
C ALA B 41 1.71 2.22 3.76
N VAL B 42 2.63 2.65 4.64
CA VAL B 42 2.41 3.87 5.42
C VAL B 42 2.28 5.10 4.48
N LEU B 43 3.06 5.10 3.37
CA LEU B 43 3.05 6.19 2.37
C LEU B 43 1.61 6.45 1.85
N SER B 44 0.78 5.40 1.67
CA SER B 44 -0.58 5.63 1.18
C SER B 44 -1.35 6.53 2.16
N LEU B 45 -1.01 6.41 3.45
CA LEU B 45 -1.62 7.26 4.47
C LEU B 45 -1.26 8.73 4.14
N VAL B 46 -0.02 8.92 3.71
CA VAL B 46 0.49 10.23 3.30
C VAL B 46 -0.31 10.69 2.08
N ASN B 47 -0.51 9.76 1.13
CA ASN B 47 -1.29 10.04 -0.09
C ASN B 47 -2.71 10.49 0.29
N ARG B 48 -3.25 9.90 1.35
CA ARG B 48 -4.60 10.22 1.83
C ARG B 48 -4.65 11.66 2.30
N VAL B 49 -3.65 12.05 3.08
CA VAL B 49 -3.61 13.39 3.62
C VAL B 49 -3.49 14.40 2.50
N ARG B 50 -2.62 14.14 1.55
CA ARG B 50 -2.43 15.07 0.42
C ARG B 50 -3.57 15.04 -0.62
N GLN B 51 -4.16 13.86 -0.85
CA GLN B 51 -5.20 13.70 -1.91
C GLN B 51 -6.65 13.66 -1.40
N GLY B 52 -6.80 13.34 -0.14
CA GLY B 52 -8.14 13.22 0.50
C GLY B 52 -8.41 11.77 0.98
N TYR B 53 -9.55 11.17 0.58
CA TYR B 53 -9.86 9.78 0.98
C TYR B 53 -10.90 9.18 0.02
N SER B 54 -11.94 9.97 -0.26
CA SER B 54 -12.99 9.57 -1.17
C SER B 54 -12.37 9.38 -2.55
N PRO B 55 -13.00 8.66 -3.49
CA PRO B 55 -12.47 8.40 -4.86
C PRO B 55 -11.51 9.48 -5.38
N LEU B 56 -10.87 9.22 -6.52
CA LEU B 56 -9.91 10.18 -7.05
C LEU B 56 -10.60 11.49 -7.45
N SER B 57 -11.92 11.48 -7.68
CA SER B 57 -12.63 12.72 -8.00
C SER B 57 -13.08 13.45 -6.71
N GLU B 80 -4.39 19.06 -0.89
CA GLU B 80 -3.70 20.06 -1.71
C GLU B 80 -2.65 20.84 -0.89
N ARG B 81 -3.10 21.52 0.13
CA ARG B 81 -2.23 22.30 1.03
C ARG B 81 -1.41 21.40 1.96
N ASP B 82 -1.96 20.23 2.30
CA ASP B 82 -1.36 19.30 3.25
C ASP B 82 0.07 18.85 2.93
N ARG B 83 0.65 19.21 1.77
CA ARG B 83 2.03 18.77 1.46
C ARG B 83 2.99 19.21 2.54
N ASP B 84 2.86 20.45 3.00
CA ASP B 84 3.74 20.94 4.08
C ASP B 84 3.54 20.04 5.30
N ARG B 85 2.28 19.68 5.56
CA ARG B 85 1.94 18.80 6.68
C ARG B 85 2.41 17.35 6.40
N SER B 86 2.56 16.99 5.13
CA SER B 86 3.01 15.65 4.79
C SER B 86 4.47 15.47 5.21
N ILE B 87 5.33 16.49 4.93
CA ILE B 87 6.74 16.39 5.40
C ILE B 87 6.75 16.18 6.93
N ARG B 88 5.67 16.57 7.61
CA ARG B 88 5.58 16.42 9.07
C ARG B 88 5.72 14.93 9.44
N LEU B 89 5.47 14.04 8.47
CA LEU B 89 5.61 12.59 8.66
C LEU B 89 7.02 12.25 9.16
N VAL B 90 8.03 13.00 8.71
CA VAL B 90 9.43 12.71 9.09
C VAL B 90 9.56 12.69 10.61
N ASN B 91 8.96 13.68 11.30
CA ASN B 91 8.99 13.71 12.77
C ASN B 91 8.17 12.55 13.34
N GLY B 92 7.38 11.90 12.50
CA GLY B 92 6.53 10.80 12.92
C GLY B 92 7.32 9.68 13.61
N SER B 93 8.64 9.62 13.37
CA SER B 93 9.48 8.58 13.97
C SER B 93 9.39 8.59 15.50
N LEU B 94 9.47 9.78 16.13
CA LEU B 94 9.36 9.87 17.59
C LEU B 94 7.96 9.39 18.02
N ALA B 95 6.96 9.75 17.22
CA ALA B 95 5.57 9.37 17.44
C ALA B 95 5.36 7.86 17.25
N LEU B 96 6.15 7.26 16.34
CA LEU B 96 5.98 5.85 15.96
C LEU B 96 6.07 4.91 17.15
N ILE B 97 6.80 5.26 18.23
CA ILE B 97 6.82 4.37 19.37
C ILE B 97 5.47 4.45 20.13
N TRP B 98 4.87 5.66 20.15
CA TRP B 98 3.63 5.93 20.89
C TRP B 98 2.37 5.18 20.40
N ASP B 99 2.06 5.12 19.08
CA ASP B 99 0.84 4.43 18.64
C ASP B 99 0.90 2.97 19.12
N ASP B 100 2.04 2.34 18.89
CA ASP B 100 2.28 0.95 19.30
C ASP B 100 2.41 0.79 20.83
N LEU B 101 3.06 1.76 21.49
CA LEU B 101 3.34 1.69 22.95
C LEU B 101 2.08 1.57 23.81
N ARG B 102 1.05 2.35 23.52
CA ARG B 102 -0.14 2.33 24.37
C ARG B 102 -0.87 0.98 24.38
N SER B 103 -0.87 0.22 23.29
CA SER B 103 -1.62 -1.05 23.28
C SER B 103 -0.91 -2.21 24.03
N LEU B 104 0.39 -2.43 23.79
CA LEU B 104 1.09 -3.54 24.46
C LEU B 104 1.31 -3.38 25.98
N SER B 105 1.67 -2.19 26.48
CA SER B 105 1.97 -2.04 27.92
C SER B 105 0.83 -1.47 28.80
N LEU B 106 -0.26 -0.94 28.20
CA LEU B 106 -1.36 -0.29 28.96
C LEU B 106 -1.61 -0.86 30.38
N PHE B 107 -1.63 0.07 31.35
CA PHE B 107 -1.91 -0.21 32.78
C PHE B 107 -1.12 -1.37 33.39
N SER B 108 -0.85 -1.24 34.71
CA SER B 108 -0.17 -2.27 35.52
C SER B 108 1.33 -2.47 35.14
N TYR B 109 1.61 -2.59 33.84
CA TYR B 109 2.95 -2.81 33.32
C TYR B 109 3.43 -4.26 33.54
N HIS B 110 3.31 -4.86 34.74
CA HIS B 110 3.69 -6.30 34.87
C HIS B 110 2.88 -7.11 33.81
N ARG B 111 1.70 -6.57 33.53
CA ARG B 111 0.74 -7.04 32.54
C ARG B 111 1.29 -6.98 31.09
N LEU B 112 2.27 -6.08 30.85
CA LEU B 112 2.72 -5.81 29.49
C LEU B 112 3.19 -7.05 28.73
N ARG B 113 3.73 -8.07 29.39
CA ARG B 113 4.02 -9.33 28.69
C ARG B 113 2.70 -10.02 28.36
N ASP B 114 1.74 -9.91 29.28
CA ASP B 114 0.41 -10.49 29.13
C ASP B 114 -0.38 -9.80 28.02
N LEU B 115 -0.21 -8.47 27.85
CA LEU B 115 -0.94 -7.75 26.82
C LEU B 115 -0.65 -8.35 25.43
N LEU B 116 0.59 -8.77 25.19
CA LEU B 116 0.95 -9.33 23.90
C LEU B 116 0.22 -10.65 23.64
N LEU B 117 0.09 -11.52 24.66
CA LEU B 117 -0.61 -12.81 24.46
C LEU B 117 -2.13 -12.68 24.36
N ILE B 118 -2.72 -11.66 25.03
CA ILE B 118 -4.18 -11.48 24.96
C ILE B 118 -4.64 -11.26 23.52
N VAL B 119 -3.84 -10.57 22.69
CA VAL B 119 -4.29 -10.31 21.32
C VAL B 119 -4.68 -11.63 20.63
N THR B 120 -3.89 -12.68 20.87
CA THR B 120 -4.19 -14.00 20.33
C THR B 120 -5.51 -14.53 20.90
N ARG B 121 -5.78 -14.22 22.17
CA ARG B 121 -6.99 -14.72 22.85
C ARG B 121 -8.30 -14.36 22.16
N ILE B 122 -8.42 -13.16 21.55
CA ILE B 122 -9.70 -12.82 20.90
C ILE B 122 -9.96 -13.70 19.68
N VAL B 123 -8.92 -14.04 18.90
CA VAL B 123 -9.13 -14.86 17.69
C VAL B 123 -9.79 -16.22 18.07
N GLU B 124 -9.39 -16.79 19.21
CA GLU B 124 -9.98 -18.08 19.63
C GLU B 124 -11.47 -17.91 19.91
N LEU B 125 -11.82 -16.83 20.62
CA LEU B 125 -13.22 -16.54 20.94
C LEU B 125 -14.03 -16.26 19.66
N LEU B 126 -13.48 -15.40 18.81
CA LEU B 126 -14.14 -15.02 17.55
C LEU B 126 -14.15 -16.18 16.54
N GLY B 127 -13.34 -17.21 16.78
CA GLY B 127 -13.31 -18.37 15.88
C GLY B 127 -14.70 -19.01 15.83
N ARG B 128 -15.48 -18.81 16.90
CA ARG B 128 -16.85 -19.32 16.98
C ARG B 128 -17.72 -18.60 15.93
N ARG B 129 -17.53 -17.29 15.83
CA ARG B 129 -18.29 -16.45 14.89
C ARG B 129 -17.71 -16.51 13.47
N GLY B 130 -16.47 -17.01 13.31
CA GLY B 130 -15.84 -17.10 11.98
C GLY B 130 -16.73 -17.88 11.00
N TRP B 131 -17.53 -18.81 11.53
CA TRP B 131 -18.46 -19.61 10.74
C TRP B 131 -19.48 -18.74 9.99
N GLU B 132 -19.57 -17.45 10.37
CA GLU B 132 -20.46 -16.55 9.67
C GLU B 132 -20.15 -16.62 8.12
N ALA B 133 -19.04 -17.29 7.74
CA ALA B 133 -18.71 -17.54 6.36
C ALA B 133 -19.88 -18.31 5.72
N LEU B 134 -20.45 -19.29 6.48
CA LEU B 134 -21.56 -20.09 5.95
C LEU B 134 -22.83 -19.23 5.81
N LYS B 135 -23.16 -18.43 6.84
CA LYS B 135 -24.47 -17.70 6.76
C LYS B 135 -24.57 -16.81 5.53
N TYR B 136 -23.57 -15.99 5.23
CA TYR B 136 -23.66 -15.09 4.09
C TYR B 136 -23.49 -15.77 2.72
N TRP B 137 -22.41 -16.56 2.54
CA TRP B 137 -22.17 -17.21 1.25
C TRP B 137 -23.35 -18.11 0.86
N TRP B 138 -24.01 -18.68 1.86
CA TRP B 138 -25.17 -19.53 1.65
C TRP B 138 -26.33 -18.68 1.10
N ASN B 139 -26.56 -17.52 1.74
CA ASN B 139 -27.61 -16.59 1.30
C ASN B 139 -27.25 -15.97 -0.07
N LEU B 140 -25.96 -15.71 -0.28
CA LEU B 140 -25.45 -15.10 -1.52
C LEU B 140 -25.82 -15.98 -2.72
N LEU B 141 -25.55 -17.27 -2.62
CA LEU B 141 -25.85 -18.21 -3.71
C LEU B 141 -27.37 -18.34 -3.90
N GLN B 142 -28.13 -18.23 -2.80
CA GLN B 142 -29.59 -18.38 -2.84
C GLN B 142 -30.27 -17.27 -3.67
N TYR B 143 -29.91 -15.99 -3.46
CA TYR B 143 -30.53 -14.92 -4.16
C TYR B 143 -30.09 -14.87 -5.63
N TRP B 144 -28.81 -15.11 -5.91
CA TRP B 144 -28.34 -15.02 -7.31
C TRP B 144 -29.01 -16.14 -8.11
N SER B 145 -29.23 -17.29 -7.47
CA SER B 145 -29.92 -18.39 -8.10
C SER B 145 -31.31 -17.89 -8.54
N GLN B 146 -31.89 -17.02 -7.71
CA GLN B 146 -33.19 -16.43 -8.00
C GLN B 146 -33.16 -15.61 -9.31
N GLU B 147 -32.13 -14.75 -9.50
CA GLU B 147 -32.04 -13.96 -10.72
C GLU B 147 -31.83 -14.85 -11.95
N LEU B 148 -31.06 -15.93 -11.79
CA LEU B 148 -30.79 -16.85 -12.89
C LEU B 148 -32.03 -17.65 -13.30
N LYS B 149 -32.77 -18.17 -12.31
CA LYS B 149 -33.97 -18.95 -12.59
C LYS B 149 -35.06 -18.10 -13.23
N ASN B 150 -35.24 -16.88 -12.71
CA ASN B 150 -36.29 -15.98 -13.19
C ASN B 150 -36.10 -15.56 -14.66
N SER B 151 -34.86 -15.21 -15.05
CA SER B 151 -34.60 -14.77 -16.42
C SER B 151 -34.75 -15.92 -17.42
N ALA B 152 -34.14 -17.07 -17.11
CA ALA B 152 -34.20 -18.25 -17.98
C ALA B 152 -35.62 -18.79 -18.09
N VAL B 153 -36.29 -18.94 -16.94
CA VAL B 153 -37.66 -19.46 -16.94
C VAL B 153 -38.64 -18.49 -17.60
N SER B 154 -38.42 -17.18 -17.42
CA SER B 154 -39.30 -16.17 -18.01
C SER B 154 -39.37 -16.38 -19.51
N LEU B 155 -38.21 -16.62 -20.13
CA LEU B 155 -38.15 -16.86 -21.56
C LEU B 155 -38.87 -18.17 -21.93
N LEU B 156 -38.68 -19.21 -21.10
CA LEU B 156 -39.30 -20.52 -21.36
C LEU B 156 -40.84 -20.48 -21.24
N ASN B 157 -41.35 -19.81 -20.20
CA ASN B 157 -42.81 -19.73 -20.00
C ASN B 157 -43.44 -18.93 -21.15
N ALA B 158 -42.75 -17.86 -21.54
CA ALA B 158 -43.23 -16.98 -22.61
C ALA B 158 -43.30 -17.72 -23.94
N THR B 159 -42.27 -18.52 -24.24
CA THR B 159 -42.22 -19.30 -25.49
C THR B 159 -43.24 -20.45 -25.46
N ALA B 160 -43.55 -20.94 -24.26
CA ALA B 160 -44.50 -22.04 -24.09
C ALA B 160 -45.86 -21.71 -24.72
N ILE B 161 -46.25 -20.43 -24.70
CA ILE B 161 -47.53 -20.00 -25.26
C ILE B 161 -47.60 -20.38 -26.76
N ALA B 162 -46.45 -20.45 -27.43
CA ALA B 162 -46.40 -20.82 -28.86
C ALA B 162 -47.25 -22.08 -29.12
N VAL B 163 -47.40 -22.92 -28.08
CA VAL B 163 -48.20 -24.14 -28.17
C VAL B 163 -49.47 -23.98 -27.33
N GLY B 164 -50.63 -24.27 -27.93
CA GLY B 164 -51.92 -24.16 -27.25
C GLY B 164 -51.98 -25.12 -26.06
N GLU B 165 -53.20 -25.58 -25.73
CA GLU B 165 -53.44 -26.50 -24.62
C GLU B 165 -53.18 -25.83 -23.27
N GLY B 166 -51.91 -25.51 -22.97
CA GLY B 166 -51.55 -24.86 -21.71
C GLY B 166 -50.11 -25.18 -21.30
N THR B 167 -49.16 -24.86 -22.19
CA THR B 167 -47.74 -25.10 -21.92
C THR B 167 -47.25 -24.20 -20.78
N ASP B 168 -47.77 -22.96 -20.75
CA ASP B 168 -47.39 -21.99 -19.73
C ASP B 168 -47.69 -22.49 -18.31
N ARG B 169 -48.69 -23.37 -18.19
CA ARG B 169 -49.09 -23.90 -16.88
C ARG B 169 -48.03 -24.81 -16.26
N VAL B 170 -47.57 -25.82 -17.01
CA VAL B 170 -46.58 -26.77 -16.49
C VAL B 170 -45.20 -26.10 -16.25
N ILE B 171 -44.75 -25.27 -17.18
CA ILE B 171 -43.44 -24.59 -17.06
C ILE B 171 -43.37 -23.70 -15.80
N GLU B 172 -44.40 -22.89 -15.57
CA GLU B 172 -44.42 -21.98 -14.43
C GLU B 172 -44.45 -22.73 -13.09
N VAL B 173 -45.28 -23.79 -13.00
CA VAL B 173 -45.41 -24.55 -11.76
C VAL B 173 -44.09 -25.26 -11.38
N VAL B 174 -43.40 -25.87 -12.36
CA VAL B 174 -42.14 -26.58 -12.07
C VAL B 174 -41.11 -25.60 -11.50
N GLN B 175 -41.07 -24.36 -12.00
CA GLN B 175 -40.10 -23.37 -11.51
C GLN B 175 -40.35 -23.11 -10.00
N GLY B 176 -41.61 -22.87 -9.66
CA GLY B 176 -41.99 -22.56 -8.28
C GLY B 176 -41.65 -23.69 -7.29
N ALA B 177 -41.88 -24.93 -7.69
CA ALA B 177 -41.63 -26.07 -6.78
C ALA B 177 -40.14 -26.27 -6.47
N SER B 178 -39.28 -26.21 -7.49
CA SER B 178 -37.85 -26.44 -7.28
C SER B 178 -37.13 -25.29 -6.57
N ARG B 179 -37.41 -24.05 -6.99
CA ARG B 179 -36.77 -22.87 -6.41
C ARG B 179 -37.25 -22.60 -5.00
N ALA B 180 -38.56 -22.55 -4.86
CA ALA B 180 -39.21 -22.25 -3.57
C ALA B 180 -38.81 -23.28 -2.49
N ILE B 181 -38.81 -24.58 -2.82
CA ILE B 181 -38.45 -25.61 -1.83
C ILE B 181 -36.95 -25.50 -1.49
N ARG B 182 -36.12 -25.18 -2.50
CA ARG B 182 -34.67 -25.06 -2.28
C ARG B 182 -34.31 -23.73 -1.59
N HIS B 183 -35.27 -22.80 -1.48
CA HIS B 183 -35.03 -21.50 -0.84
C HIS B 183 -34.31 -21.68 0.51
N ILE B 184 -35.00 -22.30 1.48
CA ILE B 184 -34.42 -22.53 2.81
C ILE B 184 -35.08 -23.76 3.49
N PRO B 185 -34.33 -24.80 3.88
CA PRO B 185 -34.92 -26.00 4.54
C PRO B 185 -35.65 -25.65 5.84
N ARG B 186 -34.94 -24.98 6.75
CA ARG B 186 -35.51 -24.57 8.04
C ARG B 186 -34.70 -23.42 8.64
N ARG B 187 -33.45 -23.71 9.02
CA ARG B 187 -32.55 -22.70 9.61
C ARG B 187 -31.16 -23.31 9.84
N ILE B 188 -30.34 -23.31 8.79
CA ILE B 188 -28.99 -23.88 8.84
C ILE B 188 -28.13 -23.20 9.92
N ARG B 189 -28.26 -21.89 10.03
CA ARG B 189 -27.47 -21.09 10.95
C ARG B 189 -27.80 -21.40 12.42
N GLN B 190 -29.09 -21.42 12.76
CA GLN B 190 -29.52 -21.70 14.13
C GLN B 190 -29.31 -23.19 14.49
N GLY B 191 -29.81 -24.08 13.64
CA GLY B 191 -29.72 -25.52 13.89
C GLY B 191 -28.28 -26.04 13.92
N LEU B 192 -27.45 -25.61 12.96
CA LEU B 192 -26.05 -26.08 12.91
C LEU B 192 -25.21 -25.48 14.04
N GLU B 193 -25.45 -24.21 14.38
CA GLU B 193 -24.70 -23.54 15.44
C GLU B 193 -24.96 -24.20 16.79
N ARG B 194 -26.22 -24.61 17.04
CA ARG B 194 -26.59 -25.24 18.30
C ARG B 194 -25.96 -26.63 18.43
N ILE B 195 -25.92 -27.39 17.33
CA ILE B 195 -25.34 -28.74 17.34
C ILE B 195 -23.80 -28.70 17.14
N LEU B 196 -23.21 -27.50 17.07
CA LEU B 196 -21.76 -27.35 16.89
C LEU B 196 -21.05 -27.36 18.26
N LEU B 197 -21.76 -26.97 19.32
CA LEU B 197 -21.17 -26.95 20.67
C LEU B 197 -22.26 -27.20 21.72
N LEU C 1 34.93 -15.11 -20.47
CA LEU C 1 34.82 -16.09 -21.60
C LEU C 1 34.05 -17.34 -21.14
N LEU C 2 34.22 -17.74 -19.86
CA LEU C 2 33.55 -18.92 -19.31
C LEU C 2 33.97 -20.19 -20.07
N GLU C 3 34.38 -21.21 -19.31
CA GLU C 3 34.83 -22.47 -19.91
C GLU C 3 34.44 -23.67 -19.02
N LEU C 4 34.44 -24.85 -19.63
CA LEU C 4 34.07 -26.09 -18.95
C LEU C 4 34.81 -26.28 -17.64
N ASP C 5 36.13 -26.13 -17.68
CA ASP C 5 36.97 -26.32 -16.50
C ASP C 5 36.68 -25.28 -15.40
N LYS C 6 36.04 -24.17 -15.77
CA LYS C 6 35.71 -23.12 -14.81
C LYS C 6 34.44 -23.49 -14.03
N TRP C 7 33.49 -24.14 -14.72
CA TRP C 7 32.23 -24.55 -14.09
C TRP C 7 32.47 -25.64 -13.05
N ALA C 8 33.27 -26.65 -13.42
CA ALA C 8 33.58 -27.77 -12.52
C ALA C 8 34.40 -27.31 -11.32
N SER C 9 35.38 -26.44 -11.57
CA SER C 9 36.24 -25.93 -10.50
C SER C 9 35.43 -25.13 -9.48
N LEU C 10 34.29 -24.58 -9.92
CA LEU C 10 33.43 -23.78 -9.05
C LEU C 10 32.85 -24.63 -7.91
N TRP C 11 32.58 -25.91 -8.17
CA TRP C 11 32.03 -26.80 -7.15
C TRP C 11 32.97 -26.93 -5.95
N ASN C 12 34.28 -26.92 -6.21
CA ASN C 12 35.28 -27.03 -5.14
C ASN C 12 35.26 -25.80 -4.22
N TRP C 13 34.94 -24.63 -4.78
CA TRP C 13 34.90 -23.39 -4.01
C TRP C 13 33.95 -23.55 -2.81
N PHE C 14 32.83 -24.23 -3.05
CA PHE C 14 31.82 -24.49 -2.02
C PHE C 14 31.27 -23.19 -1.44
N ASP C 15 30.00 -23.26 -1.00
CA ASP C 15 29.26 -22.13 -0.41
C ASP C 15 28.81 -21.15 -1.48
N ILE C 16 29.74 -20.73 -2.32
CA ILE C 16 29.45 -19.76 -3.39
C ILE C 16 28.54 -20.35 -4.50
N THR C 17 28.89 -21.55 -5.00
CA THR C 17 28.14 -22.21 -6.07
C THR C 17 26.68 -22.46 -5.67
N ASN C 18 26.45 -22.73 -4.39
CA ASN C 18 25.10 -23.02 -3.90
C ASN C 18 24.13 -21.87 -4.20
N TRP C 19 24.51 -20.64 -3.88
CA TRP C 19 23.65 -19.49 -4.12
C TRP C 19 23.41 -19.25 -5.62
N LEU C 20 24.46 -19.37 -6.45
CA LEU C 20 24.31 -19.13 -7.89
C LEU C 20 23.26 -20.04 -8.53
N TRP C 21 23.16 -21.30 -8.07
CA TRP C 21 22.21 -22.26 -8.65
C TRP C 21 20.93 -22.42 -7.81
N TYR C 22 20.90 -21.89 -6.58
CA TYR C 22 19.72 -22.02 -5.71
C TYR C 22 18.85 -20.76 -5.79
N ILE C 23 19.49 -19.60 -5.99
CA ILE C 23 18.79 -18.34 -6.12
C ILE C 23 17.94 -18.36 -7.40
N ARG C 24 18.46 -19.01 -8.46
CA ARG C 24 17.76 -19.09 -9.75
C ARG C 24 16.34 -19.61 -9.55
N ILE C 25 16.19 -20.61 -8.66
CA ILE C 25 14.86 -21.14 -8.32
C ILE C 25 14.10 -20.03 -7.56
N PHE C 26 14.83 -19.37 -6.67
CA PHE C 26 14.30 -18.31 -5.83
C PHE C 26 13.74 -17.14 -6.65
N ILE C 27 14.27 -16.94 -7.87
CA ILE C 27 13.82 -15.83 -8.72
C ILE C 27 12.32 -15.95 -9.03
N ILE C 28 11.88 -17.15 -9.41
CA ILE C 28 10.47 -17.37 -9.74
C ILE C 28 9.61 -17.03 -8.52
N ILE C 29 10.05 -17.48 -7.33
CA ILE C 29 9.34 -17.21 -6.09
C ILE C 29 9.28 -15.69 -5.84
N VAL C 30 10.36 -14.98 -6.16
CA VAL C 30 10.40 -13.52 -6.00
C VAL C 30 9.24 -12.91 -6.81
N GLY C 31 8.98 -13.46 -8.00
CA GLY C 31 7.89 -12.96 -8.85
C GLY C 31 6.52 -13.43 -8.30
N SER C 32 6.52 -14.58 -7.63
CA SER C 32 5.29 -15.16 -7.04
C SER C 32 4.73 -14.31 -5.92
N LEU C 33 5.63 -13.93 -5.04
CA LEU C 33 5.31 -13.18 -3.85
C LEU C 33 4.89 -11.73 -4.15
N ILE C 34 5.44 -11.10 -5.19
CA ILE C 34 5.01 -9.72 -5.52
C ILE C 34 3.47 -9.73 -5.73
N GLY C 35 2.92 -10.76 -6.39
CA GLY C 35 1.46 -10.84 -6.54
C GLY C 35 0.84 -10.92 -5.13
N LEU C 36 1.53 -11.62 -4.21
CA LEU C 36 1.13 -11.77 -2.80
C LEU C 36 1.04 -10.38 -2.12
N ARG C 37 1.95 -9.48 -2.50
CA ARG C 37 2.05 -8.13 -1.91
C ARG C 37 0.72 -7.34 -1.98
N ILE C 38 -0.15 -7.57 -2.95
CA ILE C 38 -1.38 -6.76 -3.05
C ILE C 38 -2.21 -6.87 -1.79
N VAL C 39 -2.23 -8.04 -1.18
CA VAL C 39 -3.01 -8.22 0.03
C VAL C 39 -2.58 -7.20 1.12
N PHE C 40 -1.30 -6.79 1.09
CA PHE C 40 -0.75 -5.83 2.06
C PHE C 40 -1.59 -4.56 2.08
N ALA C 41 -2.23 -4.22 0.97
CA ALA C 41 -3.04 -3.01 0.91
C ALA C 41 -4.11 -3.07 2.01
N VAL C 42 -4.68 -4.27 2.29
CA VAL C 42 -5.68 -4.38 3.38
C VAL C 42 -5.02 -3.98 4.74
N LEU C 43 -3.74 -4.35 4.91
CA LEU C 43 -2.97 -4.01 6.11
C LEU C 43 -2.88 -2.48 6.24
N SER C 44 -2.77 -1.76 5.10
CA SER C 44 -2.68 -0.30 5.14
C SER C 44 -3.94 0.29 5.76
N LEU C 45 -5.08 -0.38 5.58
CA LEU C 45 -6.33 0.04 6.17
C LEU C 45 -6.20 -0.08 7.70
N VAL C 46 -5.56 -1.17 8.13
CA VAL C 46 -5.30 -1.42 9.55
C VAL C 46 -4.29 -0.39 10.07
N ASN C 47 -3.34 -0.02 9.20
CA ASN C 47 -2.29 0.93 9.53
C ASN C 47 -2.86 2.33 9.85
N ARG C 48 -3.86 2.78 9.09
CA ARG C 48 -4.43 4.10 9.29
C ARG C 48 -5.19 4.19 10.62
N VAL C 49 -5.81 3.07 11.00
CA VAL C 49 -6.54 3.00 12.26
C VAL C 49 -5.55 3.17 13.41
N ARG C 50 -4.42 2.46 13.31
CA ARG C 50 -3.38 2.55 14.35
C ARG C 50 -2.56 3.87 14.27
N GLN C 51 -2.66 4.59 13.14
CA GLN C 51 -1.89 5.82 12.91
C GLN C 51 -2.61 7.09 13.38
N GLY C 52 -3.74 6.95 14.06
CA GLY C 52 -4.52 8.11 14.50
C GLY C 52 -5.23 8.78 13.30
N TYR C 53 -4.46 9.45 12.43
CA TYR C 53 -5.03 10.11 11.23
C TYR C 53 -3.89 10.53 10.25
N SER C 54 -3.23 11.68 10.51
CA SER C 54 -2.11 12.13 9.68
C SER C 54 -0.93 11.18 9.87
N PRO C 55 0.05 11.10 8.95
CA PRO C 55 1.22 10.17 9.02
C PRO C 55 1.43 9.48 10.41
N LEU C 56 2.56 9.68 11.10
CA LEU C 56 2.74 9.07 12.43
C LEU C 56 2.72 10.14 13.54
N SER C 57 2.99 11.41 13.18
CA SER C 57 3.00 12.49 14.16
C SER C 57 1.57 12.75 14.66
N GLU C 80 -4.43 2.98 20.79
CA GLU C 80 -4.94 2.17 21.90
C GLU C 80 -5.81 0.99 21.41
N ARG C 81 -7.09 1.25 21.23
CA ARG C 81 -8.09 0.27 20.79
C ARG C 81 -7.73 -0.37 19.45
N ASP C 82 -6.96 0.35 18.63
CA ASP C 82 -6.63 -0.11 17.27
C ASP C 82 -6.02 -1.51 17.20
N ARG C 83 -5.28 -1.99 18.21
CA ARG C 83 -4.68 -3.34 18.12
C ARG C 83 -5.70 -4.44 18.39
N ASP C 84 -6.50 -4.30 19.45
CA ASP C 84 -7.52 -5.30 19.75
C ASP C 84 -8.61 -5.22 18.68
N ARG C 85 -8.89 -3.99 18.25
CA ARG C 85 -9.88 -3.73 17.23
C ARG C 85 -9.38 -4.20 15.86
N SER C 86 -8.10 -3.95 15.55
CA SER C 86 -7.53 -4.38 14.26
C SER C 86 -7.69 -5.89 14.12
N ILE C 87 -7.63 -6.63 15.25
CA ILE C 87 -7.82 -8.09 15.20
C ILE C 87 -9.14 -8.41 14.48
N ARG C 88 -10.09 -7.47 14.52
CA ARG C 88 -11.39 -7.65 13.88
C ARG C 88 -11.21 -7.89 12.36
N LEU C 89 -10.04 -7.49 11.82
CA LEU C 89 -9.74 -7.72 10.40
C LEU C 89 -9.90 -9.22 10.09
N VAL C 90 -9.54 -10.07 11.07
CA VAL C 90 -9.67 -11.53 10.89
C VAL C 90 -11.15 -11.86 10.58
N ASN C 91 -12.03 -11.06 11.17
CA ASN C 91 -13.48 -11.20 10.98
C ASN C 91 -13.88 -10.79 9.56
N GLY C 92 -12.96 -10.15 8.82
CA GLY C 92 -13.25 -9.62 7.51
C GLY C 92 -13.81 -10.66 6.54
N SER C 93 -13.61 -11.95 6.79
CA SER C 93 -14.14 -12.97 5.86
C SER C 93 -15.68 -12.91 5.82
N LEU C 94 -16.33 -12.86 7.00
CA LEU C 94 -17.79 -12.80 7.06
C LEU C 94 -18.31 -11.43 6.60
N ALA C 95 -17.59 -10.38 6.99
CA ALA C 95 -17.92 -8.99 6.63
C ALA C 95 -17.70 -8.71 5.16
N LEU C 96 -16.69 -9.36 4.56
CA LEU C 96 -16.31 -9.06 3.20
C LEU C 96 -17.50 -9.24 2.26
N ILE C 97 -18.53 -10.04 2.62
CA ILE C 97 -19.66 -10.13 1.73
C ILE C 97 -20.56 -8.87 1.85
N TRP C 98 -20.51 -8.19 3.01
CA TRP C 98 -21.36 -7.01 3.24
C TRP C 98 -21.04 -5.85 2.27
N ASP C 99 -19.74 -5.53 2.08
CA ASP C 99 -19.38 -4.45 1.13
C ASP C 99 -19.71 -4.90 -0.31
N ASP C 100 -19.44 -6.18 -0.56
CA ASP C 100 -19.67 -6.82 -1.86
C ASP C 100 -21.16 -6.99 -2.23
N LEU C 101 -22.03 -7.27 -1.25
CA LEU C 101 -23.46 -7.54 -1.53
C LEU C 101 -24.16 -6.36 -2.23
N ARG C 102 -23.96 -5.14 -1.76
CA ARG C 102 -24.62 -3.97 -2.37
C ARG C 102 -23.87 -3.50 -3.62
N SER C 103 -22.55 -3.65 -3.60
CA SER C 103 -21.72 -3.20 -4.71
C SER C 103 -21.81 -4.15 -5.91
N LEU C 104 -21.72 -5.45 -5.63
CA LEU C 104 -21.77 -6.48 -6.67
C LEU C 104 -23.17 -6.61 -7.30
N SER C 105 -24.19 -6.80 -6.45
CA SER C 105 -25.55 -7.00 -6.92
C SER C 105 -26.40 -5.72 -6.88
N LEU C 106 -26.37 -4.99 -5.74
CA LEU C 106 -27.16 -3.75 -5.55
C LEU C 106 -28.64 -4.08 -5.31
N PHE C 107 -29.38 -3.11 -4.74
CA PHE C 107 -30.81 -3.26 -4.41
C PHE C 107 -31.59 -4.11 -5.44
N SER C 108 -32.12 -3.49 -6.51
CA SER C 108 -32.90 -4.20 -7.53
C SER C 108 -32.18 -5.48 -7.97
N TYR C 109 -32.93 -6.59 -8.09
CA TYR C 109 -32.32 -7.86 -8.51
C TYR C 109 -32.60 -8.15 -9.98
N HIS C 110 -31.70 -8.95 -10.55
CA HIS C 110 -31.62 -9.26 -12.02
C HIS C 110 -30.48 -8.36 -12.52
N ARG C 111 -30.50 -7.14 -11.97
CA ARG C 111 -29.50 -6.11 -12.14
C ARG C 111 -28.11 -6.66 -11.75
N LEU C 112 -28.06 -7.66 -10.84
CA LEU C 112 -26.77 -8.15 -10.32
C LEU C 112 -25.87 -8.67 -11.46
N ARG C 113 -26.41 -9.39 -12.44
CA ARG C 113 -25.60 -9.80 -13.59
C ARG C 113 -25.29 -8.56 -14.43
N ASP C 114 -26.25 -7.67 -14.49
CA ASP C 114 -26.13 -6.40 -15.20
C ASP C 114 -24.99 -5.55 -14.61
N LEU C 115 -24.75 -5.68 -13.28
CA LEU C 115 -23.74 -4.86 -12.63
C LEU C 115 -22.38 -5.07 -13.30
N LEU C 116 -22.06 -6.29 -13.72
CA LEU C 116 -20.79 -6.51 -14.42
C LEU C 116 -20.79 -5.66 -15.72
N LEU C 117 -21.96 -5.52 -16.35
CA LEU C 117 -22.11 -4.75 -17.59
C LEU C 117 -21.99 -3.23 -17.35
N ILE C 118 -22.47 -2.74 -16.20
CA ILE C 118 -22.40 -1.30 -15.94
C ILE C 118 -20.98 -0.76 -16.05
N VAL C 119 -19.96 -1.54 -15.63
CA VAL C 119 -18.58 -1.04 -15.70
C VAL C 119 -18.27 -0.57 -17.14
N THR C 120 -18.67 -1.38 -18.14
CA THR C 120 -18.44 -1.01 -19.54
C THR C 120 -19.22 0.26 -19.92
N ARG C 121 -20.41 0.40 -19.34
CA ARG C 121 -21.28 1.54 -19.63
C ARG C 121 -20.74 2.84 -19.04
N ILE C 122 -20.19 2.78 -17.82
CA ILE C 122 -19.65 3.97 -17.17
C ILE C 122 -18.48 4.56 -17.97
N VAL C 123 -17.54 3.71 -18.41
CA VAL C 123 -16.38 4.22 -19.15
C VAL C 123 -16.80 4.92 -20.44
N GLU C 124 -17.82 4.39 -21.13
CA GLU C 124 -18.28 4.99 -22.37
C GLU C 124 -18.86 6.39 -22.11
N LEU C 125 -19.68 6.48 -21.06
CA LEU C 125 -20.30 7.75 -20.68
C LEU C 125 -19.26 8.78 -20.22
N LEU C 126 -18.43 8.39 -19.26
CA LEU C 126 -17.41 9.26 -18.67
C LEU C 126 -16.19 9.49 -19.58
N GLY C 127 -16.04 8.68 -20.64
CA GLY C 127 -14.88 8.81 -21.53
C GLY C 127 -14.81 10.20 -22.20
N ARG C 128 -15.94 10.92 -22.20
CA ARG C 128 -16.00 12.26 -22.79
C ARG C 128 -15.33 13.30 -21.87
N ARG C 129 -15.42 13.10 -20.55
CA ARG C 129 -14.85 14.03 -19.57
C ARG C 129 -13.35 13.79 -19.34
N GLY C 130 -12.87 12.59 -19.66
CA GLY C 130 -11.47 12.22 -19.46
C GLY C 130 -10.49 13.17 -20.15
N TRP C 131 -10.94 13.85 -21.20
CA TRP C 131 -10.06 14.77 -21.96
C TRP C 131 -9.45 15.89 -21.11
N GLU C 132 -9.96 16.10 -19.90
CA GLU C 132 -9.42 17.16 -19.03
C GLU C 132 -7.86 17.02 -18.93
N ALA C 133 -7.32 15.85 -19.35
CA ALA C 133 -5.89 15.59 -19.35
C ALA C 133 -5.16 16.69 -20.12
N LEU C 134 -5.59 16.93 -21.37
CA LEU C 134 -4.94 17.95 -22.18
C LEU C 134 -5.29 19.35 -21.66
N LYS C 135 -6.54 19.54 -21.21
CA LYS C 135 -6.96 20.89 -20.73
C LYS C 135 -6.11 21.40 -19.54
N TYR C 136 -5.90 20.56 -18.52
CA TYR C 136 -5.15 21.02 -17.36
C TYR C 136 -3.68 21.11 -17.69
N TRP C 137 -3.17 20.19 -18.51
CA TRP C 137 -1.75 20.20 -18.87
C TRP C 137 -1.42 21.50 -19.63
N TRP C 138 -2.39 22.06 -20.39
CA TRP C 138 -2.13 23.31 -21.09
C TRP C 138 -1.92 24.41 -20.05
N ASN C 139 -2.80 24.44 -19.05
CA ASN C 139 -2.71 25.42 -17.96
C ASN C 139 -1.47 25.15 -17.09
N LEU C 140 -1.15 23.86 -16.93
CA LEU C 140 -0.02 23.42 -16.12
C LEU C 140 1.30 24.00 -16.61
N LEU C 141 1.56 23.85 -17.90
CA LEU C 141 2.80 24.37 -18.49
C LEU C 141 2.77 25.90 -18.58
N GLN C 142 1.58 26.47 -18.77
CA GLN C 142 1.44 27.92 -18.92
C GLN C 142 1.86 28.69 -17.67
N TYR C 143 1.40 28.29 -16.46
CA TYR C 143 1.74 29.02 -15.26
C TYR C 143 3.19 28.77 -14.84
N TRP C 144 3.69 27.51 -14.90
CA TRP C 144 5.08 27.25 -14.46
C TRP C 144 6.01 28.03 -15.40
N SER C 145 5.59 28.11 -16.67
CA SER C 145 6.30 28.90 -17.67
C SER C 145 6.37 30.36 -17.17
N GLN C 146 5.27 30.80 -16.52
CA GLN C 146 5.19 32.15 -15.99
C GLN C 146 6.31 32.37 -14.96
N GLU C 147 6.66 31.33 -14.17
CA GLU C 147 7.76 31.48 -13.21
C GLU C 147 9.04 31.82 -14.01
N LEU C 148 9.25 31.10 -15.10
CA LEU C 148 10.39 31.33 -15.98
C LEU C 148 10.33 32.73 -16.59
N LYS C 149 9.10 33.16 -16.94
CA LYS C 149 8.87 34.47 -17.53
C LYS C 149 9.38 35.57 -16.59
N ASN C 150 9.09 35.45 -15.30
CA ASN C 150 9.52 36.45 -14.32
C ASN C 150 11.05 36.48 -14.22
N SER C 151 11.67 35.29 -14.30
CA SER C 151 13.13 35.19 -14.23
C SER C 151 13.79 35.82 -15.45
N ALA C 152 13.25 35.53 -16.64
CA ALA C 152 13.81 36.05 -17.89
C ALA C 152 13.70 37.59 -17.95
N VAL C 153 12.52 38.12 -17.62
CA VAL C 153 12.30 39.57 -17.65
C VAL C 153 13.24 40.27 -16.65
N SER C 154 13.32 39.74 -15.44
CA SER C 154 14.15 40.33 -14.39
C SER C 154 15.65 40.28 -14.72
N LEU C 155 16.13 39.14 -15.19
CA LEU C 155 17.57 38.97 -15.48
C LEU C 155 18.04 39.76 -16.72
N LEU C 156 17.37 39.58 -17.88
CA LEU C 156 17.80 40.27 -19.10
C LEU C 156 17.63 41.80 -19.02
N ASN C 157 16.50 42.25 -18.50
CA ASN C 157 16.24 43.70 -18.38
C ASN C 157 17.18 44.36 -17.37
N ALA C 158 17.37 43.71 -16.23
CA ALA C 158 18.22 44.26 -15.15
C ALA C 158 19.71 44.30 -15.50
N THR C 159 20.22 43.23 -16.10
CA THR C 159 21.64 43.14 -16.44
C THR C 159 22.03 44.15 -17.54
N ALA C 160 21.11 44.40 -18.47
CA ALA C 160 21.38 45.31 -19.58
C ALA C 160 21.41 46.80 -19.18
N ILE C 161 20.70 47.19 -18.10
CA ILE C 161 20.64 48.62 -17.70
C ILE C 161 22.05 49.17 -17.48
N ALA C 162 23.01 48.31 -17.09
CA ALA C 162 24.38 48.75 -16.86
C ALA C 162 24.90 49.68 -17.98
N VAL C 163 24.30 49.57 -19.19
CA VAL C 163 24.71 50.42 -20.32
C VAL C 163 23.91 51.72 -20.35
N GLY C 164 22.63 51.64 -19.96
CA GLY C 164 21.74 52.81 -19.95
C GLY C 164 20.27 52.36 -19.98
N GLU C 165 19.37 53.23 -19.52
CA GLU C 165 17.94 52.92 -19.50
C GLU C 165 17.37 52.87 -20.93
N GLY C 166 16.99 51.66 -21.36
CA GLY C 166 16.42 51.47 -22.69
C GLY C 166 16.07 50.00 -22.93
N THR C 167 16.90 49.10 -22.42
CA THR C 167 16.70 47.66 -22.57
C THR C 167 15.33 47.19 -22.01
N ASP C 168 14.86 47.82 -20.92
CA ASP C 168 13.60 47.41 -20.29
C ASP C 168 12.46 47.48 -21.31
N ARG C 169 12.57 48.35 -22.32
CA ARG C 169 11.56 48.45 -23.35
C ARG C 169 11.58 47.20 -24.25
N VAL C 170 12.75 46.88 -24.80
CA VAL C 170 12.89 45.71 -25.69
C VAL C 170 12.73 44.35 -24.96
N ILE C 171 13.35 44.20 -23.78
CA ILE C 171 13.27 42.91 -23.04
C ILE C 171 11.83 42.57 -22.65
N GLU C 172 11.12 43.54 -22.08
CA GLU C 172 9.74 43.32 -21.61
C GLU C 172 8.73 43.12 -22.75
N VAL C 173 8.89 43.84 -23.86
CA VAL C 173 7.95 43.74 -24.98
C VAL C 173 8.07 42.41 -25.75
N VAL C 174 9.29 42.01 -26.11
CA VAL C 174 9.51 40.78 -26.89
C VAL C 174 9.18 39.51 -26.08
N GLN C 175 9.70 39.41 -24.86
CA GLN C 175 9.49 38.22 -24.02
C GLN C 175 8.04 38.14 -23.55
N GLY C 176 7.53 39.25 -23.02
CA GLY C 176 6.14 39.30 -22.53
C GLY C 176 5.13 39.06 -23.66
N ALA C 177 5.47 39.50 -24.88
CA ALA C 177 4.58 39.34 -26.03
C ALA C 177 4.41 37.87 -26.44
N SER C 178 5.51 37.13 -26.52
CA SER C 178 5.45 35.72 -26.94
C SER C 178 4.80 34.82 -25.88
N ARG C 179 5.20 34.98 -24.62
CA ARG C 179 4.67 34.16 -23.53
C ARG C 179 3.22 34.50 -23.22
N ALA C 180 2.94 35.79 -23.02
CA ALA C 180 1.58 36.24 -22.67
C ALA C 180 0.56 36.03 -23.81
N ILE C 181 0.98 36.23 -25.06
CA ILE C 181 0.04 36.09 -26.20
C ILE C 181 -0.10 34.64 -26.70
N ARG C 182 0.86 33.76 -26.37
CA ARG C 182 0.76 32.36 -26.82
C ARG C 182 -0.45 31.63 -26.20
N HIS C 183 -0.97 32.17 -25.09
CA HIS C 183 -2.11 31.56 -24.39
C HIS C 183 -3.39 32.40 -24.59
N ILE C 184 -4.00 32.29 -25.79
CA ILE C 184 -5.23 33.02 -26.10
C ILE C 184 -6.50 32.14 -26.32
N PRO C 185 -6.42 30.84 -26.69
CA PRO C 185 -7.66 30.02 -26.91
C PRO C 185 -8.35 29.65 -25.59
N ARG C 186 -7.59 29.03 -24.67
CA ARG C 186 -8.12 28.62 -23.34
C ARG C 186 -9.04 27.40 -23.46
N ARG C 187 -10.05 27.47 -24.33
CA ARG C 187 -11.00 26.37 -24.52
C ARG C 187 -10.70 25.58 -25.80
N ILE C 188 -9.57 24.87 -25.81
CA ILE C 188 -9.17 24.07 -26.97
C ILE C 188 -10.05 22.82 -27.07
N ARG C 189 -10.19 22.10 -25.94
CA ARG C 189 -10.99 20.87 -25.91
C ARG C 189 -12.46 21.16 -26.28
N GLN C 190 -12.97 22.32 -25.84
CA GLN C 190 -14.36 22.69 -26.12
C GLN C 190 -14.59 22.84 -27.62
N GLY C 191 -13.75 23.66 -28.27
CA GLY C 191 -13.87 23.89 -29.71
C GLY C 191 -13.56 22.62 -30.50
N LEU C 192 -12.50 21.92 -30.11
CA LEU C 192 -12.07 20.69 -30.78
C LEU C 192 -13.16 19.61 -30.69
N GLU C 193 -13.75 19.46 -29.50
CA GLU C 193 -14.80 18.44 -29.30
C GLU C 193 -16.10 18.82 -30.02
N ARG C 194 -16.38 20.12 -30.16
CA ARG C 194 -17.61 20.58 -30.83
C ARG C 194 -17.54 20.29 -32.33
N ILE C 195 -16.36 20.47 -32.93
CA ILE C 195 -16.18 20.23 -34.37
C ILE C 195 -16.03 18.72 -34.67
N LEU C 196 -15.67 17.92 -33.65
CA LEU C 196 -15.50 16.48 -33.82
C LEU C 196 -16.83 15.74 -33.65
N LEU C 197 -17.77 16.33 -32.90
CA LEU C 197 -19.07 15.70 -32.66
C LEU C 197 -20.09 16.75 -32.19
N LEU A 1 32.87 -28.90 -15.81
CA LEU A 1 33.17 -27.43 -15.76
C LEU A 1 32.87 -26.81 -17.12
N LEU A 2 32.68 -25.48 -17.13
CA LEU A 2 32.40 -24.75 -18.37
C LEU A 2 33.57 -24.95 -19.34
N GLU A 3 33.29 -25.06 -20.65
CA GLU A 3 34.37 -25.27 -21.64
C GLU A 3 33.93 -24.94 -23.07
N LEU A 4 32.85 -24.15 -23.22
CA LEU A 4 32.30 -23.77 -24.54
C LEU A 4 31.48 -24.92 -25.10
N ASP A 5 32.07 -26.10 -25.02
CA ASP A 5 31.41 -27.32 -25.47
C ASP A 5 30.30 -27.70 -24.51
N LYS A 6 30.55 -27.46 -23.21
CA LYS A 6 29.55 -27.76 -22.19
C LYS A 6 28.31 -26.88 -22.40
N TRP A 7 28.53 -25.64 -22.85
CA TRP A 7 27.44 -24.70 -23.11
C TRP A 7 26.55 -25.24 -24.22
N ALA A 8 27.18 -25.71 -25.29
CA ALA A 8 26.45 -26.28 -26.42
C ALA A 8 25.60 -27.49 -25.99
N SER A 9 26.06 -28.19 -24.94
CA SER A 9 25.35 -29.36 -24.42
C SER A 9 23.91 -28.99 -24.02
N LEU A 10 23.73 -27.75 -23.54
CA LEU A 10 22.41 -27.27 -23.11
C LEU A 10 21.40 -27.31 -24.26
N TRP A 11 21.90 -27.26 -25.51
CA TRP A 11 21.03 -27.29 -26.68
C TRP A 11 20.27 -28.63 -26.79
N ASN A 12 20.64 -29.61 -25.96
CA ASN A 12 19.96 -30.92 -25.96
C ASN A 12 18.63 -30.85 -25.21
N TRP A 13 18.48 -29.85 -24.33
CA TRP A 13 17.24 -29.67 -23.55
C TRP A 13 16.34 -28.63 -24.27
N PHE A 14 16.37 -28.67 -25.61
CA PHE A 14 15.61 -27.74 -26.47
C PHE A 14 14.24 -27.35 -25.89
N ASP A 15 14.24 -26.26 -25.12
CA ASP A 15 13.03 -25.70 -24.48
C ASP A 15 13.42 -24.73 -23.35
N ILE A 16 14.12 -25.28 -22.35
CA ILE A 16 14.58 -24.51 -21.19
C ILE A 16 15.67 -23.48 -21.55
N THR A 17 16.54 -23.83 -22.48
CA THR A 17 17.67 -22.96 -22.85
C THR A 17 17.23 -21.54 -23.24
N ASN A 18 16.04 -21.37 -23.84
CA ASN A 18 15.58 -20.03 -24.23
C ASN A 18 15.43 -19.14 -22.99
N TRP A 19 14.72 -19.63 -21.96
CA TRP A 19 14.55 -18.87 -20.73
C TRP A 19 15.93 -18.71 -20.06
N LEU A 20 16.73 -19.78 -20.11
CA LEU A 20 18.08 -19.76 -19.54
C LEU A 20 18.92 -18.67 -20.23
N TRP A 21 18.68 -18.48 -21.54
CA TRP A 21 19.42 -17.48 -22.33
C TRP A 21 18.71 -16.11 -22.29
N TYR A 22 17.46 -16.06 -21.81
CA TYR A 22 16.73 -14.79 -21.71
C TYR A 22 16.52 -14.38 -20.24
N ILE A 23 17.11 -15.16 -19.33
CA ILE A 23 17.01 -14.93 -17.91
C ILE A 23 17.61 -13.56 -17.54
N ARG A 24 18.71 -13.17 -18.22
CA ARG A 24 19.34 -11.86 -17.95
C ARG A 24 18.29 -10.75 -18.14
N ILE A 25 17.55 -10.82 -19.24
CA ILE A 25 16.48 -9.87 -19.54
C ILE A 25 15.36 -10.06 -18.50
N PHE A 26 15.12 -11.32 -18.18
CA PHE A 26 14.08 -11.72 -17.24
C PHE A 26 14.30 -11.10 -15.86
N ILE A 27 15.57 -11.03 -15.46
CA ILE A 27 15.95 -10.44 -14.17
C ILE A 27 15.53 -8.96 -14.17
N ILE A 28 15.81 -8.26 -15.27
CA ILE A 28 15.44 -6.86 -15.43
C ILE A 28 13.91 -6.74 -15.49
N ILE A 29 13.27 -7.73 -16.13
CA ILE A 29 11.81 -7.75 -16.27
C ILE A 29 11.13 -7.82 -14.88
N VAL A 30 11.65 -8.69 -13.99
CA VAL A 30 11.05 -8.83 -12.65
C VAL A 30 11.00 -7.46 -11.98
N GLY A 31 12.08 -6.67 -12.13
CA GLY A 31 12.14 -5.33 -11.57
C GLY A 31 11.00 -4.47 -12.15
N SER A 32 10.65 -4.72 -13.41
CA SER A 32 9.58 -4.01 -14.09
C SER A 32 8.25 -4.27 -13.36
N LEU A 33 8.06 -5.52 -12.91
CA LEU A 33 6.84 -5.91 -12.22
C LEU A 33 6.65 -5.07 -10.96
N ILE A 34 7.73 -4.91 -10.17
CA ILE A 34 7.66 -4.15 -8.91
C ILE A 34 7.37 -2.65 -9.16
N GLY A 35 7.99 -2.03 -10.18
CA GLY A 35 7.70 -0.60 -10.45
C GLY A 35 6.19 -0.43 -10.76
N LEU A 36 5.56 -1.52 -11.20
CA LEU A 36 4.12 -1.57 -11.50
C LEU A 36 3.29 -1.48 -10.21
N ARG A 37 3.80 -2.12 -9.16
CA ARG A 37 3.14 -2.22 -7.85
C ARG A 37 2.75 -0.88 -7.23
N ILE A 38 3.45 0.23 -7.52
CA ILE A 38 3.12 1.51 -6.84
C ILE A 38 1.67 1.88 -7.08
N VAL A 39 1.15 1.59 -8.28
CA VAL A 39 -0.23 1.90 -8.56
C VAL A 39 -1.15 1.24 -7.50
N PHE A 40 -0.71 0.10 -6.94
CA PHE A 40 -1.49 -0.60 -5.90
C PHE A 40 -1.76 0.36 -4.73
N ALA A 41 -0.83 1.30 -4.48
CA ALA A 41 -1.03 2.30 -3.41
C ALA A 41 -2.33 3.07 -3.71
N VAL A 42 -2.55 3.33 -5.00
CA VAL A 42 -3.75 3.99 -5.47
C VAL A 42 -4.95 3.02 -5.27
N LEU A 43 -4.71 1.71 -5.47
CA LEU A 43 -5.72 0.66 -5.29
C LEU A 43 -6.12 0.57 -3.81
N SER A 44 -5.16 0.75 -2.88
CA SER A 44 -5.48 0.66 -1.46
C SER A 44 -6.48 1.77 -1.11
N LEU A 45 -6.38 2.90 -1.81
CA LEU A 45 -7.32 4.00 -1.60
C LEU A 45 -8.72 3.50 -1.95
N VAL A 46 -8.81 2.82 -3.10
CA VAL A 46 -10.06 2.23 -3.59
C VAL A 46 -10.54 1.18 -2.57
N ASN A 47 -9.60 0.41 -2.04
CA ASN A 47 -9.91 -0.61 -1.04
C ASN A 47 -10.56 0.04 0.17
N ARG A 48 -10.10 1.25 0.54
CA ARG A 48 -10.65 1.99 1.67
C ARG A 48 -12.11 2.33 1.43
N VAL A 49 -12.40 2.71 0.20
CA VAL A 49 -13.75 3.07 -0.23
C VAL A 49 -14.63 1.83 -0.24
N ARG A 50 -14.07 0.78 -0.80
CA ARG A 50 -14.77 -0.52 -0.91
C ARG A 50 -14.86 -1.23 0.46
N GLN A 51 -13.94 -0.92 1.36
CA GLN A 51 -13.91 -1.52 2.72
C GLN A 51 -14.55 -0.58 3.76
N GLY A 52 -15.17 0.50 3.29
CA GLY A 52 -15.82 1.48 4.16
C GLY A 52 -14.82 2.39 4.89
N TYR A 53 -14.50 2.02 6.13
CA TYR A 53 -13.61 2.81 6.99
C TYR A 53 -12.70 1.81 7.78
N SER A 54 -12.74 1.81 9.13
CA SER A 54 -11.97 0.86 9.93
C SER A 54 -12.48 -0.54 9.58
N PRO A 55 -11.73 -1.63 9.85
CA PRO A 55 -12.12 -3.03 9.47
C PRO A 55 -13.62 -3.20 9.12
N LEU A 56 -13.88 -3.96 8.05
CA LEU A 56 -15.25 -4.14 7.53
C LEU A 56 -16.20 -4.90 8.49
N SER A 57 -15.75 -5.19 9.73
CA SER A 57 -16.63 -5.83 10.72
C SER A 57 -17.95 -5.03 10.86
N GLU A 80 -22.33 0.22 0.97
CA GLU A 80 -21.95 1.48 0.35
C GLU A 80 -22.36 1.58 -1.13
N ARG A 81 -22.95 2.71 -1.47
CA ARG A 81 -23.41 3.03 -2.83
C ARG A 81 -22.23 3.33 -3.78
N ASP A 82 -21.12 3.76 -3.19
CA ASP A 82 -19.94 4.23 -3.93
C ASP A 82 -19.36 3.29 -5.02
N ARG A 83 -19.83 2.03 -5.19
CA ARG A 83 -19.26 1.18 -6.27
C ARG A 83 -19.48 1.82 -7.64
N ASP A 84 -20.62 2.49 -7.80
CA ASP A 84 -20.90 3.20 -9.04
C ASP A 84 -19.91 4.36 -9.15
N ARG A 85 -19.66 5.03 -8.01
CA ARG A 85 -18.73 6.14 -7.94
C ARG A 85 -17.28 5.66 -8.07
N SER A 86 -17.02 4.38 -7.73
CA SER A 86 -15.67 3.84 -7.83
C SER A 86 -15.24 3.93 -9.29
N ILE A 87 -16.16 3.60 -10.21
CA ILE A 87 -15.84 3.74 -11.65
C ILE A 87 -15.45 5.21 -11.94
N ARG A 88 -15.97 6.16 -11.15
CA ARG A 88 -15.64 7.55 -11.39
C ARG A 88 -14.11 7.75 -11.32
N LEU A 89 -13.43 6.81 -10.64
CA LEU A 89 -11.97 6.85 -10.53
C LEU A 89 -11.32 6.91 -11.92
N VAL A 90 -12.00 6.39 -12.98
CA VAL A 90 -11.44 6.44 -14.34
C VAL A 90 -11.11 7.91 -14.69
N ASN A 91 -12.11 8.79 -14.54
CA ASN A 91 -11.92 10.24 -14.73
C ASN A 91 -11.04 10.79 -13.61
N GLY A 92 -10.78 9.98 -12.59
CA GLY A 92 -10.00 10.41 -11.43
C GLY A 92 -8.67 11.00 -11.87
N SER A 93 -8.22 10.70 -13.10
CA SER A 93 -7.00 11.28 -13.62
C SER A 93 -7.15 12.82 -13.61
N LEU A 94 -8.39 13.29 -13.92
CA LEU A 94 -8.73 14.72 -13.93
C LEU A 94 -8.50 15.29 -12.53
N ALA A 95 -9.10 14.62 -11.55
CA ALA A 95 -8.97 15.00 -10.15
C ALA A 95 -7.51 14.87 -9.70
N LEU A 96 -6.84 13.88 -10.27
CA LEU A 96 -5.48 13.54 -9.91
C LEU A 96 -4.53 14.71 -10.10
N ILE A 97 -4.72 15.61 -11.09
CA ILE A 97 -3.78 16.70 -11.20
C ILE A 97 -3.88 17.62 -9.96
N TRP A 98 -5.08 17.92 -9.44
CA TRP A 98 -5.15 18.83 -8.29
C TRP A 98 -4.58 18.26 -6.97
N ASP A 99 -4.89 17.00 -6.57
CA ASP A 99 -4.36 16.50 -5.29
C ASP A 99 -2.84 16.26 -5.34
N ASP A 100 -2.35 15.54 -6.36
CA ASP A 100 -0.91 15.24 -6.48
C ASP A 100 -0.02 16.44 -6.88
N LEU A 101 -0.43 17.16 -7.93
CA LEU A 101 0.36 18.29 -8.47
C LEU A 101 0.39 19.54 -7.58
N ARG A 102 -0.77 19.95 -7.09
CA ARG A 102 -0.87 21.17 -6.29
C ARG A 102 -0.01 21.13 -5.03
N SER A 103 0.40 19.93 -4.60
CA SER A 103 1.18 19.81 -3.37
C SER A 103 2.65 20.21 -3.58
N LEU A 104 3.31 19.69 -4.63
CA LEU A 104 4.72 20.04 -4.87
C LEU A 104 4.93 21.50 -5.31
N SER A 105 4.00 22.06 -6.08
CA SER A 105 4.11 23.44 -6.59
C SER A 105 3.70 24.48 -5.52
N LEU A 106 3.09 24.01 -4.42
CA LEU A 106 2.65 24.89 -3.32
C LEU A 106 1.59 25.89 -3.79
N PHE A 107 1.12 26.74 -2.85
CA PHE A 107 0.09 27.74 -3.14
C PHE A 107 0.72 29.03 -3.68
N SER A 108 -0.11 29.87 -4.32
CA SER A 108 0.35 31.15 -4.89
C SER A 108 1.38 30.96 -6.03
N TYR A 109 1.69 29.71 -6.38
CA TYR A 109 2.65 29.39 -7.43
C TYR A 109 3.92 30.25 -7.32
N HIS A 110 4.83 30.16 -8.32
CA HIS A 110 6.16 30.84 -8.26
C HIS A 110 7.09 29.99 -7.34
N ARG A 111 6.48 29.47 -6.29
CA ARG A 111 7.05 28.60 -5.28
C ARG A 111 7.60 27.30 -5.85
N LEU A 112 7.09 26.87 -7.01
CA LEU A 112 7.43 25.53 -7.50
C LEU A 112 8.96 25.36 -7.62
N ARG A 113 9.72 26.40 -7.94
CA ARG A 113 11.20 26.28 -7.90
C ARG A 113 11.65 26.21 -6.43
N ASP A 114 10.89 26.90 -5.56
CA ASP A 114 11.13 26.92 -4.13
C ASP A 114 10.86 25.53 -3.51
N LEU A 115 9.91 24.77 -4.08
CA LEU A 115 9.53 23.48 -3.50
C LEU A 115 10.74 22.58 -3.33
N LEU A 116 11.66 22.60 -4.28
CA LEU A 116 12.84 21.74 -4.19
C LEU A 116 13.67 22.10 -2.96
N LEU A 117 13.86 23.38 -2.70
CA LEU A 117 14.65 23.85 -1.56
C LEU A 117 13.91 23.71 -0.23
N ILE A 118 12.63 24.05 -0.20
CA ILE A 118 11.88 23.97 1.05
C ILE A 118 11.73 22.54 1.52
N VAL A 119 11.56 21.57 0.59
CA VAL A 119 11.40 20.19 1.03
C VAL A 119 12.69 19.70 1.71
N THR A 120 13.86 19.91 1.08
CA THR A 120 15.12 19.51 1.71
C THR A 120 15.39 20.32 2.99
N ARG A 121 15.00 21.60 2.94
CA ARG A 121 15.21 22.55 4.03
C ARG A 121 14.33 22.26 5.25
N ILE A 122 13.09 21.80 5.06
CA ILE A 122 12.20 21.56 6.19
C ILE A 122 12.74 20.38 7.03
N VAL A 123 13.27 19.34 6.39
CA VAL A 123 13.79 18.20 7.14
C VAL A 123 15.02 18.58 7.99
N GLU A 124 15.88 19.46 7.48
CA GLU A 124 17.07 19.88 8.21
C GLU A 124 16.68 20.71 9.43
N LEU A 125 15.73 21.62 9.23
CA LEU A 125 15.26 22.49 10.32
C LEU A 125 14.60 21.64 11.41
N LEU A 126 13.71 20.74 11.00
CA LEU A 126 13.00 19.86 11.95
C LEU A 126 13.93 18.74 12.46
N GLY A 127 15.07 18.54 11.80
CA GLY A 127 16.02 17.48 12.21
C GLY A 127 16.52 17.70 13.64
N ARG A 128 16.55 18.96 14.10
CA ARG A 128 17.02 19.28 15.45
C ARG A 128 16.03 18.69 16.46
N ARG A 129 14.74 18.89 16.20
CA ARG A 129 13.67 18.36 17.06
C ARG A 129 13.39 16.89 16.72
N GLY A 130 13.78 16.46 15.52
CA GLY A 130 13.58 15.09 15.05
C GLY A 130 14.18 14.05 16.00
N TRP A 131 15.17 14.45 16.80
CA TRP A 131 15.84 13.52 17.70
C TRP A 131 14.89 12.81 18.67
N GLU A 132 13.65 13.32 18.80
CA GLU A 132 12.69 12.63 19.65
C GLU A 132 12.61 11.12 19.22
N ALA A 133 13.23 10.76 18.06
CA ALA A 133 13.35 9.40 17.59
C ALA A 133 14.03 8.59 18.69
N LEU A 134 15.18 9.10 19.15
CA LEU A 134 15.91 8.42 20.22
C LEU A 134 14.99 8.32 21.45
N LYS A 135 14.26 9.40 21.73
CA LYS A 135 13.31 9.41 22.85
C LYS A 135 12.21 8.34 22.65
N TYR A 136 11.79 8.14 21.41
CA TYR A 136 10.68 7.23 21.10
C TYR A 136 11.00 5.79 21.54
N TRP A 137 12.13 5.23 21.13
CA TRP A 137 12.52 3.89 21.61
C TRP A 137 13.03 3.85 23.05
N TRP A 138 13.69 4.93 23.53
CA TRP A 138 14.18 4.92 24.92
C TRP A 138 13.02 4.70 25.89
N ASN A 139 11.93 5.43 25.67
CA ASN A 139 10.75 5.33 26.53
C ASN A 139 10.12 3.95 26.47
N LEU A 140 9.99 3.39 25.24
CA LEU A 140 9.38 2.06 25.09
C LEU A 140 10.14 1.00 25.91
N LEU A 141 11.46 0.98 25.71
CA LEU A 141 12.33 0.03 26.41
C LEU A 141 12.32 0.24 27.92
N GLN A 142 12.16 1.50 28.36
CA GLN A 142 12.19 1.80 29.80
C GLN A 142 11.04 1.14 30.57
N TYR A 143 9.80 1.23 30.08
CA TYR A 143 8.69 0.65 30.78
C TYR A 143 8.70 -0.88 30.67
N TRP A 144 9.16 -1.42 29.53
CA TRP A 144 9.17 -2.88 29.33
C TRP A 144 10.21 -3.50 30.27
N SER A 145 11.31 -2.77 30.51
CA SER A 145 12.31 -3.24 31.48
C SER A 145 11.59 -3.40 32.83
N GLN A 146 10.66 -2.45 33.09
CA GLN A 146 9.85 -2.47 34.31
C GLN A 146 9.01 -3.76 34.38
N GLU A 147 8.43 -4.18 33.24
CA GLU A 147 7.58 -5.37 33.22
C GLU A 147 8.39 -6.62 33.63
N LEU A 148 9.69 -6.64 33.31
CA LEU A 148 10.53 -7.79 33.67
C LEU A 148 10.78 -7.86 35.18
N LYS A 149 11.11 -6.72 35.81
CA LYS A 149 11.35 -6.70 37.25
C LYS A 149 10.07 -6.99 38.05
N ASN A 150 8.93 -6.49 37.56
CA ASN A 150 7.65 -6.69 38.24
C ASN A 150 7.30 -8.18 38.29
N SER A 151 7.61 -8.89 37.20
CA SER A 151 7.36 -10.32 37.14
C SER A 151 8.19 -11.03 38.22
N ALA A 152 9.44 -10.59 38.37
CA ALA A 152 10.35 -11.16 39.36
C ALA A 152 9.86 -10.91 40.79
N VAL A 153 9.29 -9.73 41.04
CA VAL A 153 8.80 -9.39 42.38
C VAL A 153 7.75 -10.42 42.83
N SER A 154 6.82 -10.74 41.94
CA SER A 154 5.75 -11.70 42.26
C SER A 154 6.29 -13.11 42.53
N LEU A 155 7.20 -13.57 41.67
CA LEU A 155 7.77 -14.92 41.79
C LEU A 155 8.76 -15.06 42.96
N LEU A 156 9.75 -14.16 43.02
CA LEU A 156 10.77 -14.22 44.07
C LEU A 156 10.19 -13.97 45.47
N ASN A 157 9.31 -12.97 45.60
CA ASN A 157 8.74 -12.63 46.90
C ASN A 157 7.74 -13.68 47.39
N ALA A 158 6.87 -14.15 46.49
CA ALA A 158 5.85 -15.14 46.86
C ALA A 158 6.43 -16.53 47.18
N THR A 159 7.37 -17.00 46.36
CA THR A 159 7.98 -18.32 46.55
C THR A 159 8.95 -18.35 47.73
N ALA A 160 9.74 -17.28 47.88
CA ALA A 160 10.76 -17.18 48.92
C ALA A 160 10.21 -17.37 50.35
N ILE A 161 8.94 -17.01 50.58
CA ILE A 161 8.35 -17.09 51.94
C ILE A 161 8.20 -18.54 52.41
N ALA A 162 8.01 -19.48 51.47
CA ALA A 162 7.80 -20.89 51.79
C ALA A 162 8.73 -21.40 52.92
N VAL A 163 9.91 -20.77 53.09
CA VAL A 163 10.84 -21.20 54.13
C VAL A 163 10.60 -20.44 55.46
N GLY A 164 10.12 -19.19 55.36
CA GLY A 164 9.84 -18.38 56.55
C GLY A 164 11.01 -17.45 56.88
N GLU A 165 11.36 -17.38 58.17
CA GLU A 165 12.45 -16.53 58.66
C GLU A 165 12.15 -15.04 58.43
N GLY A 166 12.29 -14.57 57.18
CA GLY A 166 12.04 -13.16 56.84
C GLY A 166 12.58 -12.86 55.43
N THR A 167 12.30 -13.77 54.51
CA THR A 167 12.76 -13.65 53.12
C THR A 167 12.09 -12.47 52.41
N ASP A 168 10.81 -12.20 52.72
CA ASP A 168 10.07 -11.11 52.07
C ASP A 168 10.77 -9.76 52.26
N ARG A 169 11.52 -9.61 53.35
CA ARG A 169 12.23 -8.36 53.62
C ARG A 169 13.43 -8.20 52.66
N VAL A 170 14.20 -9.27 52.48
CA VAL A 170 15.39 -9.24 51.63
C VAL A 170 15.06 -9.05 50.14
N ILE A 171 14.12 -9.85 49.61
CA ILE A 171 13.76 -9.78 48.17
C ILE A 171 13.03 -8.46 47.83
N GLU A 172 12.04 -8.07 48.64
CA GLU A 172 11.28 -6.84 48.35
C GLU A 172 12.13 -5.57 48.43
N VAL A 173 12.94 -5.44 49.48
CA VAL A 173 13.78 -4.24 49.68
C VAL A 173 14.83 -4.09 48.55
N VAL A 174 15.54 -5.17 48.22
CA VAL A 174 16.59 -5.13 47.20
C VAL A 174 16.00 -4.86 45.79
N GLN A 175 14.82 -5.42 45.50
CA GLN A 175 14.17 -5.24 44.19
C GLN A 175 13.86 -3.76 43.95
N GLY A 176 13.23 -3.16 44.94
CA GLY A 176 12.84 -1.75 44.88
C GLY A 176 14.05 -0.84 44.80
N ALA A 177 15.10 -1.18 45.55
CA ALA A 177 16.32 -0.38 45.60
C ALA A 177 17.09 -0.41 44.26
N SER A 178 17.23 -1.61 43.68
CA SER A 178 17.98 -1.78 42.42
C SER A 178 17.29 -1.13 41.21
N ARG A 179 15.96 -1.28 41.10
CA ARG A 179 15.23 -0.69 39.96
C ARG A 179 15.26 0.82 40.06
N ALA A 180 14.88 1.27 41.23
CA ALA A 180 14.81 2.70 41.53
C ALA A 180 16.17 3.39 41.39
N ILE A 181 17.24 2.76 41.90
CA ILE A 181 18.59 3.35 41.82
C ILE A 181 19.13 3.35 40.38
N ARG A 182 18.65 2.41 39.56
CA ARG A 182 19.10 2.32 38.15
C ARG A 182 18.71 3.58 37.37
N HIS A 183 17.66 4.28 37.84
CA HIS A 183 17.21 5.51 37.18
C HIS A 183 18.32 6.57 37.27
N ILE A 184 18.94 6.85 36.12
CA ILE A 184 20.03 7.84 36.06
C ILE A 184 19.62 8.99 35.09
N PRO A 185 19.58 10.26 35.54
CA PRO A 185 19.19 11.40 34.65
C PRO A 185 20.25 11.71 33.59
N ARG A 186 19.96 11.37 32.33
CA ARG A 186 20.88 11.63 31.22
C ARG A 186 20.20 12.51 30.16
N ARG A 187 19.12 11.98 29.56
CA ARG A 187 18.38 12.71 28.53
C ARG A 187 19.35 13.27 27.47
N ILE A 188 19.70 12.43 26.50
CA ILE A 188 20.63 12.81 25.44
C ILE A 188 20.01 13.82 24.48
N ARG A 189 18.68 13.74 24.31
CA ARG A 189 17.95 14.63 23.41
C ARG A 189 18.05 16.09 23.86
N GLN A 190 17.81 16.35 25.15
CA GLN A 190 17.86 17.72 25.68
C GLN A 190 19.31 18.22 25.75
N GLY A 191 20.20 17.38 26.27
CA GLY A 191 21.62 17.74 26.41
C GLY A 191 22.27 18.02 25.05
N LEU A 192 21.95 17.16 24.07
CA LEU A 192 22.51 17.28 22.71
C LEU A 192 22.01 18.55 22.01
N GLU A 193 20.72 18.85 22.16
CA GLU A 193 20.12 20.03 21.52
C GLU A 193 20.72 21.34 22.05
N ARG A 194 21.01 21.38 23.35
CA ARG A 194 21.58 22.59 23.97
C ARG A 194 23.06 22.77 23.62
N ILE A 195 23.79 21.65 23.49
CA ILE A 195 25.23 21.70 23.18
C ILE A 195 25.51 21.67 21.66
N LEU A 196 24.47 21.40 20.85
CA LEU A 196 24.63 21.36 19.39
C LEU A 196 24.40 22.75 18.78
N LEU A 197 23.62 23.59 19.48
CA LEU A 197 23.33 24.95 19.01
C LEU A 197 24.45 25.91 19.41
N LEU B 1 30.95 -20.35 -29.03
CA LEU B 1 29.92 -19.54 -28.32
C LEU B 1 30.62 -18.57 -27.35
N LEU B 2 31.29 -19.11 -26.33
CA LEU B 2 31.98 -18.26 -25.35
C LEU B 2 33.48 -18.57 -25.32
N GLU B 3 34.29 -17.51 -25.44
CA GLU B 3 35.75 -17.62 -25.43
C GLU B 3 36.41 -16.37 -24.87
N LEU B 4 37.74 -16.41 -24.75
CA LEU B 4 38.51 -15.26 -24.24
C LEU B 4 38.20 -14.01 -25.05
N ASP B 5 38.10 -14.18 -26.35
CA ASP B 5 37.83 -13.05 -27.24
C ASP B 5 36.42 -12.50 -27.03
N LYS B 6 35.50 -13.30 -26.49
CA LYS B 6 34.14 -12.84 -26.25
C LYS B 6 34.07 -12.05 -24.93
N TRP B 7 34.63 -12.64 -23.87
CA TRP B 7 34.65 -12.02 -22.55
C TRP B 7 35.68 -10.90 -22.44
N ALA B 8 36.88 -11.15 -22.95
CA ALA B 8 37.97 -10.18 -22.87
C ALA B 8 37.80 -8.99 -23.83
N SER B 9 37.02 -9.18 -24.90
CA SER B 9 36.78 -8.08 -25.85
C SER B 9 35.90 -7.02 -25.20
N LEU B 10 35.06 -7.43 -24.25
CA LEU B 10 34.17 -6.50 -23.55
C LEU B 10 34.98 -5.41 -22.83
N TRP B 11 36.25 -5.73 -22.51
CA TRP B 11 37.14 -4.77 -21.84
C TRP B 11 37.35 -3.51 -22.68
N ASN B 12 37.24 -3.64 -24.00
CA ASN B 12 37.45 -2.50 -24.90
C ASN B 12 36.30 -1.47 -24.76
N TRP B 13 35.15 -1.91 -24.26
CA TRP B 13 34.00 -1.02 -24.06
C TRP B 13 33.35 -1.35 -22.70
N PHE B 14 34.17 -1.19 -21.66
CA PHE B 14 33.80 -1.45 -20.28
C PHE B 14 32.38 -0.95 -19.92
N ASP B 15 31.88 0.04 -20.66
CA ASP B 15 30.55 0.62 -20.41
C ASP B 15 29.50 -0.48 -20.18
N ILE B 16 29.25 -1.28 -21.21
CA ILE B 16 28.27 -2.37 -21.13
C ILE B 16 28.75 -3.49 -20.19
N THR B 17 30.05 -3.78 -20.22
CA THR B 17 30.62 -4.86 -19.40
C THR B 17 30.24 -4.71 -17.93
N ASN B 18 30.16 -3.46 -17.44
CA ASN B 18 29.82 -3.22 -16.04
C ASN B 18 28.47 -3.87 -15.67
N TRP B 19 27.45 -3.64 -16.50
CA TRP B 19 26.11 -4.18 -16.26
C TRP B 19 26.14 -5.73 -16.27
N LEU B 20 26.83 -6.32 -17.24
CA LEU B 20 26.91 -7.78 -17.36
C LEU B 20 27.51 -8.41 -16.10
N TRP B 21 28.48 -7.75 -15.47
CA TRP B 21 29.12 -8.30 -14.29
C TRP B 21 28.57 -7.71 -12.97
N TYR B 22 27.84 -6.59 -13.04
CA TYR B 22 27.29 -5.96 -11.83
C TYR B 22 25.80 -6.27 -11.62
N ILE B 23 25.12 -6.91 -12.58
CA ILE B 23 23.70 -7.26 -12.39
C ILE B 23 23.57 -8.20 -11.19
N ARG B 24 24.55 -9.10 -11.01
CA ARG B 24 24.53 -10.04 -9.87
C ARG B 24 24.38 -9.25 -8.57
N ILE B 25 25.19 -8.19 -8.45
CA ILE B 25 25.14 -7.33 -7.27
C ILE B 25 23.80 -6.59 -7.25
N PHE B 26 23.41 -6.09 -8.41
CA PHE B 26 22.17 -5.35 -8.59
C PHE B 26 20.96 -6.22 -8.22
N ILE B 27 21.12 -7.54 -8.35
CA ILE B 27 20.05 -8.49 -8.07
C ILE B 27 19.58 -8.36 -6.61
N ILE B 28 20.52 -8.30 -5.67
CA ILE B 28 20.17 -8.16 -4.25
C ILE B 28 19.42 -6.84 -4.01
N ILE B 29 19.85 -5.78 -4.71
CA ILE B 29 19.21 -4.47 -4.57
C ILE B 29 17.73 -4.57 -4.93
N VAL B 30 17.41 -5.38 -5.95
CA VAL B 30 16.00 -5.57 -6.37
C VAL B 30 15.21 -6.11 -5.17
N GLY B 31 15.78 -7.09 -4.48
CA GLY B 31 15.13 -7.67 -3.30
C GLY B 31 14.82 -6.57 -2.28
N SER B 32 15.80 -5.69 -2.07
CA SER B 32 15.65 -4.56 -1.14
C SER B 32 14.54 -3.62 -1.62
N LEU B 33 14.46 -3.44 -2.95
CA LEU B 33 13.44 -2.56 -3.53
C LEU B 33 12.04 -3.07 -3.16
N ILE B 34 11.87 -4.40 -3.17
CA ILE B 34 10.58 -5.01 -2.84
C ILE B 34 10.30 -4.77 -1.34
N GLY B 35 11.32 -4.97 -0.48
CA GLY B 35 11.16 -4.76 0.96
C GLY B 35 10.77 -3.30 1.24
N LEU B 36 11.32 -2.38 0.44
CA LEU B 36 11.02 -0.94 0.54
C LEU B 36 9.50 -0.73 0.48
N ARG B 37 8.85 -1.54 -0.34
CA ARG B 37 7.40 -1.45 -0.55
C ARG B 37 6.60 -1.59 0.76
N ILE B 38 7.10 -2.33 1.76
CA ILE B 38 6.35 -2.46 3.02
C ILE B 38 6.19 -1.05 3.65
N VAL B 39 7.26 -0.25 3.55
CA VAL B 39 7.29 1.13 4.05
C VAL B 39 6.33 2.00 3.20
N PHE B 40 6.16 1.63 1.93
CA PHE B 40 5.24 2.34 1.03
C PHE B 40 3.84 2.38 1.65
N ALA B 41 3.52 1.40 2.50
CA ALA B 41 2.19 1.34 3.12
C ALA B 41 1.94 2.65 3.88
N VAL B 42 2.98 3.24 4.53
CA VAL B 42 2.79 4.53 5.20
C VAL B 42 2.55 5.63 4.14
N LEU B 43 3.22 5.51 2.98
CA LEU B 43 3.06 6.45 1.86
C LEU B 43 1.59 6.42 1.39
N SER B 44 0.96 5.24 1.42
CA SER B 44 -0.44 5.14 0.99
C SER B 44 -1.31 6.02 1.91
N LEU B 45 -0.95 6.07 3.19
CA LEU B 45 -1.67 6.91 4.15
C LEU B 45 -1.57 8.36 3.69
N VAL B 46 -0.39 8.72 3.21
CA VAL B 46 -0.14 10.07 2.68
C VAL B 46 -1.07 10.30 1.47
N ASN B 47 -1.29 9.23 0.68
CA ASN B 47 -2.15 9.31 -0.52
C ASN B 47 -3.61 9.68 -0.17
N ARG B 48 -4.21 9.01 0.84
CA ARG B 48 -5.60 9.34 1.23
C ARG B 48 -5.66 10.72 1.85
N VAL B 49 -4.60 11.12 2.54
CA VAL B 49 -4.53 12.43 3.15
C VAL B 49 -4.44 13.51 2.08
N ARG B 50 -3.60 13.23 1.10
CA ARG B 50 -3.36 14.17 0.01
C ARG B 50 -4.56 14.29 -0.96
N GLN B 51 -5.17 13.16 -1.31
CA GLN B 51 -6.28 13.15 -2.27
C GLN B 51 -7.66 13.02 -1.62
N GLY B 52 -7.68 12.51 -0.41
CA GLY B 52 -8.93 12.27 0.34
C GLY B 52 -9.24 10.76 0.39
N TYR B 53 -9.86 10.29 1.51
CA TYR B 53 -10.18 8.87 1.67
C TYR B 53 -11.21 8.39 0.61
N SER B 54 -12.31 9.11 0.48
CA SER B 54 -13.36 8.79 -0.49
C SER B 54 -12.75 8.90 -1.89
N PRO B 55 -13.34 8.29 -2.94
CA PRO B 55 -12.76 8.36 -4.32
C PRO B 55 -12.08 9.70 -4.55
N LEU B 56 -10.88 9.69 -5.13
CA LEU B 56 -10.12 10.92 -5.32
C LEU B 56 -10.79 11.88 -6.30
N SER B 57 -11.93 11.47 -6.90
CA SER B 57 -12.66 12.35 -7.83
C SER B 57 -13.37 13.43 -6.99
N GLU B 80 -3.55 19.91 -1.65
CA GLU B 80 -2.58 20.97 -1.95
C GLU B 80 -1.69 21.27 -0.73
N ARG B 81 -2.27 21.93 0.25
CA ARG B 81 -1.57 22.32 1.49
C ARG B 81 -1.11 21.11 2.32
N ASP B 82 -1.77 19.97 2.16
CA ASP B 82 -1.48 18.77 2.94
C ASP B 82 0.01 18.34 2.88
N ARG B 83 0.72 18.67 1.79
CA ARG B 83 2.13 18.28 1.67
C ARG B 83 2.96 18.80 2.82
N ASP B 84 2.65 20.02 3.29
CA ASP B 84 3.40 20.60 4.41
C ASP B 84 3.29 19.66 5.62
N ARG B 85 2.08 19.13 5.82
CA ARG B 85 1.81 18.19 6.89
C ARG B 85 2.49 16.84 6.60
N SER B 86 2.45 16.41 5.34
CA SER B 86 3.05 15.12 4.97
C SER B 86 4.54 15.10 5.32
N ILE B 87 5.28 16.23 5.15
CA ILE B 87 6.72 16.21 5.54
C ILE B 87 6.79 15.90 7.06
N ARG B 88 5.72 16.18 7.82
CA ARG B 88 5.71 15.89 9.26
C ARG B 88 5.93 14.37 9.47
N LEU B 89 5.75 13.58 8.38
CA LEU B 89 5.94 12.13 8.43
C LEU B 89 7.34 11.80 8.95
N VAL B 90 8.33 12.65 8.65
CA VAL B 90 9.71 12.43 9.14
C VAL B 90 9.66 12.31 10.67
N ASN B 91 8.96 13.25 11.29
CA ASN B 91 8.74 13.27 12.74
C ASN B 91 7.98 12.02 13.20
N GLY B 92 7.43 11.25 12.25
CA GLY B 92 6.61 10.10 12.58
C GLY B 92 7.34 9.13 13.52
N SER B 93 8.67 9.19 13.56
CA SER B 93 9.42 8.35 14.50
C SER B 93 9.03 8.77 15.94
N LEU B 94 8.85 10.09 16.13
CA LEU B 94 8.46 10.67 17.42
C LEU B 94 7.05 10.21 17.81
N ALA B 95 6.11 10.33 16.87
CA ALA B 95 4.71 9.95 17.09
C ALA B 95 4.51 8.43 17.22
N LEU B 96 5.31 7.64 16.50
CA LEU B 96 5.11 6.18 16.48
C LEU B 96 5.16 5.61 17.91
N ILE B 97 5.89 6.27 18.82
CA ILE B 97 5.95 5.81 20.19
C ILE B 97 4.54 5.85 20.84
N TRP B 98 3.78 6.92 20.60
CA TRP B 98 2.45 7.10 21.24
C TRP B 98 1.32 6.15 20.77
N ASP B 99 1.13 5.93 19.45
CA ASP B 99 0.01 5.07 18.98
C ASP B 99 0.23 3.60 19.36
N ASP B 100 1.42 3.08 19.07
CA ASP B 100 1.73 1.67 19.36
C ASP B 100 1.83 1.39 20.87
N LEU B 101 2.53 2.24 21.63
CA LEU B 101 2.72 2.02 23.08
C LEU B 101 1.40 1.91 23.85
N ARG B 102 0.48 2.82 23.57
CA ARG B 102 -0.78 2.86 24.30
C ARG B 102 -1.60 1.57 24.15
N SER B 103 -1.55 0.92 22.97
CA SER B 103 -2.37 -0.28 22.77
C SER B 103 -1.81 -1.55 23.45
N LEU B 104 -0.50 -1.86 23.28
CA LEU B 104 0.06 -3.06 23.92
C LEU B 104 0.20 -2.94 25.44
N SER B 105 0.65 -1.79 25.96
CA SER B 105 0.85 -1.63 27.41
C SER B 105 -0.31 -0.91 28.10
N LEU B 106 -0.77 0.21 27.54
CA LEU B 106 -1.87 1.01 28.13
C LEU B 106 -1.50 1.50 29.55
N PHE B 107 -1.71 2.79 29.78
CA PHE B 107 -1.40 3.44 31.07
C PHE B 107 -1.78 2.56 32.28
N SER B 108 -0.80 1.81 32.79
CA SER B 108 -1.02 0.93 33.95
C SER B 108 0.30 0.22 34.31
N TYR B 109 0.85 -0.50 33.34
CA TYR B 109 2.12 -1.23 33.53
C TYR B 109 1.93 -2.41 34.48
N HIS B 110 2.89 -3.36 34.48
CA HIS B 110 2.80 -4.62 35.27
C HIS B 110 1.88 -5.57 34.48
N ARG B 111 0.69 -5.05 34.16
CA ARG B 111 -0.36 -5.70 33.39
C ARG B 111 0.02 -5.87 31.90
N LEU B 112 0.89 -4.99 31.39
CA LEU B 112 1.19 -4.92 29.96
C LEU B 112 1.66 -6.25 29.36
N ARG B 113 2.33 -7.09 30.13
CA ARG B 113 2.72 -8.39 29.60
C ARG B 113 1.45 -9.20 29.34
N ASP B 114 0.43 -8.98 30.17
CA ASP B 114 -0.86 -9.65 30.03
C ASP B 114 -1.61 -9.16 28.79
N LEU B 115 -1.44 -7.87 28.43
CA LEU B 115 -2.18 -7.30 27.31
C LEU B 115 -1.94 -8.04 25.97
N LEU B 116 -0.72 -8.49 25.66
CA LEU B 116 -0.55 -9.19 24.36
C LEU B 116 -1.35 -10.50 24.31
N LEU B 117 -1.48 -11.21 25.44
CA LEU B 117 -2.20 -12.49 25.44
C LEU B 117 -3.72 -12.32 25.26
N ILE B 118 -4.31 -11.21 25.74
CA ILE B 118 -5.77 -11.04 25.62
C ILE B 118 -6.21 -10.83 24.16
N VAL B 119 -5.42 -10.08 23.35
CA VAL B 119 -5.82 -9.86 21.95
C VAL B 119 -5.96 -11.20 21.25
N THR B 120 -5.00 -12.12 21.50
CA THR B 120 -5.08 -13.46 20.92
C THR B 120 -6.35 -14.16 21.48
N ARG B 121 -6.62 -13.93 22.77
CA ARG B 121 -7.77 -14.51 23.43
C ARG B 121 -9.09 -14.01 22.84
N ILE B 122 -9.16 -12.74 22.41
CA ILE B 122 -10.39 -12.20 21.84
C ILE B 122 -10.81 -13.11 20.67
N VAL B 123 -9.82 -13.60 19.92
CA VAL B 123 -10.08 -14.50 18.82
C VAL B 123 -10.83 -15.74 19.31
N GLU B 124 -10.51 -16.25 20.52
CA GLU B 124 -11.19 -17.45 21.02
C GLU B 124 -12.70 -17.16 21.22
N LEU B 125 -13.01 -16.02 21.82
CA LEU B 125 -14.41 -15.62 22.03
C LEU B 125 -15.09 -15.38 20.67
N LEU B 126 -14.36 -14.68 19.81
CA LEU B 126 -14.84 -14.33 18.46
C LEU B 126 -14.87 -15.53 17.51
N GLY B 127 -14.22 -16.64 17.90
CA GLY B 127 -14.20 -17.84 17.06
C GLY B 127 -15.62 -18.35 16.82
N ARG B 128 -16.45 -18.31 17.87
CA ARG B 128 -17.85 -18.72 17.76
C ARG B 128 -18.58 -17.79 16.76
N ARG B 129 -18.14 -16.52 16.72
CA ARG B 129 -18.71 -15.52 15.83
C ARG B 129 -18.15 -15.65 14.39
N GLY B 130 -17.05 -16.39 14.23
CA GLY B 130 -16.39 -16.54 12.92
C GLY B 130 -17.22 -17.34 11.90
N TRP B 131 -18.13 -18.22 12.35
CA TRP B 131 -18.91 -19.04 11.41
C TRP B 131 -19.85 -18.24 10.51
N GLU B 132 -20.11 -16.97 10.84
CA GLU B 132 -20.98 -16.15 10.00
C GLU B 132 -20.49 -16.18 8.52
N ALA B 133 -19.27 -16.73 8.28
CA ALA B 133 -18.72 -16.90 6.96
C ALA B 133 -19.70 -17.71 6.11
N LEU B 134 -20.12 -18.87 6.65
CA LEU B 134 -21.04 -19.75 5.97
C LEU B 134 -22.44 -19.14 5.90
N LYS B 135 -22.86 -18.43 6.97
CA LYS B 135 -24.24 -17.88 6.99
C LYS B 135 -24.50 -16.94 5.80
N TYR B 136 -23.60 -16.02 5.57
CA TYR B 136 -23.77 -15.07 4.49
C TYR B 136 -23.54 -15.67 3.11
N TRP B 137 -22.60 -16.62 3.00
CA TRP B 137 -22.29 -17.24 1.71
C TRP B 137 -23.42 -18.12 1.18
N TRP B 138 -24.06 -18.93 2.04
CA TRP B 138 -25.16 -19.78 1.56
C TRP B 138 -26.33 -18.88 1.14
N ASN B 139 -26.63 -17.87 1.97
CA ASN B 139 -27.71 -16.92 1.66
C ASN B 139 -27.36 -16.07 0.42
N LEU B 140 -26.08 -15.72 0.30
CA LEU B 140 -25.60 -14.88 -0.80
C LEU B 140 -25.89 -15.53 -2.18
N LEU B 141 -25.51 -16.80 -2.34
CA LEU B 141 -25.75 -17.51 -3.60
C LEU B 141 -27.25 -17.74 -3.81
N GLN B 142 -27.98 -17.93 -2.71
CA GLN B 142 -29.41 -18.20 -2.76
C GLN B 142 -30.22 -17.05 -3.40
N TYR B 143 -29.95 -15.80 -3.02
CA TYR B 143 -30.70 -14.70 -3.56
C TYR B 143 -30.32 -14.42 -5.02
N TRP B 144 -29.04 -14.59 -5.39
CA TRP B 144 -28.68 -14.27 -6.79
C TRP B 144 -29.42 -15.26 -7.70
N SER B 145 -29.60 -16.49 -7.21
CA SER B 145 -30.34 -17.51 -7.94
C SER B 145 -31.78 -17.02 -8.18
N GLN B 146 -32.37 -16.33 -7.18
CA GLN B 146 -33.75 -15.84 -7.36
C GLN B 146 -33.82 -14.81 -8.49
N GLU B 147 -32.77 -13.99 -8.70
CA GLU B 147 -32.79 -13.03 -9.80
C GLU B 147 -32.82 -13.81 -11.13
N LEU B 148 -32.20 -14.99 -11.14
CA LEU B 148 -32.19 -15.85 -12.32
C LEU B 148 -33.61 -16.37 -12.59
N LYS B 149 -34.37 -16.67 -11.52
CA LYS B 149 -35.73 -17.18 -11.69
C LYS B 149 -36.61 -16.16 -12.42
N ASN B 150 -36.49 -14.87 -12.07
CA ASN B 150 -37.30 -13.83 -12.71
C ASN B 150 -36.97 -13.69 -14.20
N SER B 151 -35.67 -13.71 -14.54
CA SER B 151 -35.26 -13.60 -15.94
C SER B 151 -35.64 -14.87 -16.71
N ALA B 152 -35.43 -16.02 -16.06
CA ALA B 152 -35.73 -17.32 -16.66
C ALA B 152 -37.23 -17.52 -16.86
N VAL B 153 -38.05 -17.10 -15.88
CA VAL B 153 -39.50 -17.28 -15.98
C VAL B 153 -40.05 -16.52 -17.19
N SER B 154 -39.61 -15.27 -17.36
CA SER B 154 -40.07 -14.44 -18.48
C SER B 154 -39.82 -15.14 -19.81
N LEU B 155 -38.58 -15.59 -20.04
CA LEU B 155 -38.22 -16.24 -21.30
C LEU B 155 -38.82 -17.64 -21.46
N LEU B 156 -38.62 -18.51 -20.46
CA LEU B 156 -39.13 -19.90 -20.52
C LEU B 156 -40.66 -19.99 -20.53
N ASN B 157 -41.32 -19.21 -19.67
CA ASN B 157 -42.78 -19.23 -19.59
C ASN B 157 -43.41 -18.68 -20.87
N ALA B 158 -42.81 -17.63 -21.41
CA ALA B 158 -43.33 -16.96 -22.62
C ALA B 158 -43.19 -17.83 -23.89
N THR B 159 -42.02 -18.47 -24.06
CA THR B 159 -41.77 -19.30 -25.24
C THR B 159 -42.57 -20.61 -25.23
N ALA B 160 -42.87 -21.12 -24.04
CA ALA B 160 -43.59 -22.38 -23.91
C ALA B 160 -45.08 -22.28 -24.29
N ILE B 161 -45.68 -21.09 -24.12
CA ILE B 161 -47.11 -20.91 -24.41
C ILE B 161 -47.44 -21.28 -25.87
N ALA B 162 -46.46 -21.12 -26.78
CA ALA B 162 -46.66 -21.43 -28.21
C ALA B 162 -47.57 -22.64 -28.42
N VAL B 163 -47.49 -23.63 -27.52
CA VAL B 163 -48.33 -24.82 -27.60
C VAL B 163 -49.52 -24.68 -26.62
N GLY B 164 -50.73 -24.94 -27.12
CA GLY B 164 -51.93 -24.82 -26.30
C GLY B 164 -52.17 -26.08 -25.46
N GLU B 165 -51.87 -25.99 -24.16
CA GLU B 165 -52.07 -27.12 -23.23
C GLU B 165 -51.70 -26.70 -21.80
N GLY B 166 -51.99 -25.44 -21.44
CA GLY B 166 -51.69 -24.93 -20.11
C GLY B 166 -50.18 -25.03 -19.83
N THR B 167 -49.38 -24.68 -20.82
CA THR B 167 -47.92 -24.75 -20.71
C THR B 167 -47.39 -23.86 -19.58
N ASP B 168 -48.01 -22.71 -19.35
CA ASP B 168 -47.53 -21.79 -18.30
C ASP B 168 -47.46 -22.50 -16.95
N ARG B 169 -48.29 -23.52 -16.75
CA ARG B 169 -48.29 -24.28 -15.52
C ARG B 169 -46.97 -25.05 -15.34
N VAL B 170 -46.49 -25.72 -16.42
CA VAL B 170 -45.26 -26.52 -16.31
C VAL B 170 -43.99 -25.66 -16.09
N ILE B 171 -43.80 -24.54 -16.81
CA ILE B 171 -42.57 -23.73 -16.59
C ILE B 171 -42.51 -23.23 -15.14
N GLU B 172 -43.63 -22.65 -14.68
CA GLU B 172 -43.70 -22.07 -13.34
C GLU B 172 -43.72 -23.10 -12.20
N VAL B 173 -44.34 -24.27 -12.41
CA VAL B 173 -44.42 -25.29 -11.35
C VAL B 173 -43.03 -25.90 -11.05
N VAL B 174 -42.29 -26.33 -12.08
CA VAL B 174 -40.97 -26.93 -11.87
C VAL B 174 -39.98 -25.90 -11.32
N GLN B 175 -39.96 -24.72 -11.93
CA GLN B 175 -39.08 -23.63 -11.52
C GLN B 175 -39.46 -23.15 -10.11
N GLY B 176 -40.75 -22.89 -9.91
CA GLY B 176 -41.26 -22.42 -8.62
C GLY B 176 -41.03 -23.46 -7.52
N ALA B 177 -41.08 -24.74 -7.89
CA ALA B 177 -40.89 -25.83 -6.94
C ALA B 177 -39.48 -25.84 -6.34
N SER B 178 -38.45 -25.66 -7.19
CA SER B 178 -37.07 -25.70 -6.72
C SER B 178 -36.70 -24.48 -5.85
N ARG B 179 -37.06 -23.27 -6.29
CA ARG B 179 -36.73 -22.06 -5.51
C ARG B 179 -37.57 -21.96 -4.24
N ALA B 180 -38.90 -22.10 -4.38
CA ALA B 180 -39.81 -21.98 -3.24
C ALA B 180 -39.51 -22.99 -2.13
N ILE B 181 -39.36 -24.27 -2.49
CA ILE B 181 -39.07 -25.32 -1.50
C ILE B 181 -37.73 -25.03 -0.82
N ARG B 182 -36.74 -24.60 -1.61
CA ARG B 182 -35.40 -24.30 -1.08
C ARG B 182 -35.31 -22.83 -0.58
N HIS B 183 -36.43 -22.10 -0.61
CA HIS B 183 -36.46 -20.69 -0.18
C HIS B 183 -35.68 -20.47 1.12
N ILE B 184 -36.18 -21.01 2.25
CA ILE B 184 -35.51 -20.85 3.55
C ILE B 184 -36.26 -21.66 4.65
N PRO B 185 -35.74 -22.80 5.12
CA PRO B 185 -36.41 -23.61 6.18
C PRO B 185 -36.13 -23.09 7.60
N ARG B 186 -34.85 -23.09 8.00
CA ARG B 186 -34.47 -22.62 9.34
C ARG B 186 -33.21 -21.74 9.28
N ARG B 187 -32.76 -21.27 10.44
CA ARG B 187 -31.57 -20.42 10.54
C ARG B 187 -30.31 -21.26 10.78
N ILE B 188 -29.33 -21.11 9.90
CA ILE B 188 -28.07 -21.84 9.99
C ILE B 188 -27.22 -21.33 11.18
N ARG B 189 -27.17 -20.01 11.34
CA ARG B 189 -26.37 -19.39 12.40
C ARG B 189 -26.90 -19.76 13.80
N GLN B 190 -28.22 -19.69 13.97
CA GLN B 190 -28.84 -19.97 15.28
C GLN B 190 -28.72 -21.44 15.70
N GLY B 191 -29.15 -22.37 14.84
CA GLY B 191 -29.14 -23.80 15.19
C GLY B 191 -27.72 -24.34 15.42
N LEU B 192 -26.77 -23.99 14.54
CA LEU B 192 -25.39 -24.48 14.68
C LEU B 192 -24.70 -23.84 15.89
N GLU B 193 -25.05 -22.59 16.22
CA GLU B 193 -24.44 -21.92 17.37
C GLU B 193 -24.80 -22.66 18.66
N ARG B 194 -26.04 -23.15 18.74
CA ARG B 194 -26.49 -23.88 19.93
C ARG B 194 -25.74 -25.21 20.07
N ILE B 195 -25.48 -25.90 18.94
CA ILE B 195 -24.77 -27.19 18.99
C ILE B 195 -23.26 -27.06 18.68
N LEU B 196 -22.76 -25.83 18.48
CA LEU B 196 -21.34 -25.62 18.20
C LEU B 196 -20.51 -25.49 19.48
N LEU B 197 -21.08 -25.90 20.62
CA LEU B 197 -20.37 -25.82 21.90
C LEU B 197 -19.69 -27.16 22.21
N LEU C 1 38.91 -12.76 -17.18
CA LEU C 1 38.42 -12.91 -18.60
C LEU C 1 37.75 -14.29 -18.78
N LEU C 2 37.61 -15.07 -17.69
CA LEU C 2 36.99 -16.40 -17.74
C LEU C 2 37.81 -17.34 -18.62
N GLU C 3 38.00 -18.59 -18.18
CA GLU C 3 38.80 -19.55 -18.93
C GLU C 3 38.23 -20.97 -18.91
N LEU C 4 37.92 -21.36 -17.70
CA LEU C 4 37.40 -22.68 -17.27
C LEU C 4 38.16 -23.10 -16.00
N ASP C 5 39.37 -22.53 -15.81
CA ASP C 5 40.20 -22.82 -14.64
C ASP C 5 39.81 -21.89 -13.49
N LYS C 6 39.50 -20.63 -13.84
CA LYS C 6 39.09 -19.65 -12.85
C LYS C 6 37.78 -20.09 -12.18
N TRP C 7 36.90 -20.74 -12.96
CA TRP C 7 35.61 -21.22 -12.45
C TRP C 7 35.80 -22.33 -11.43
N ALA C 8 36.65 -23.30 -11.76
CA ALA C 8 36.91 -24.44 -10.88
C ALA C 8 37.54 -24.02 -9.55
N SER C 9 38.40 -22.99 -9.59
CA SER C 9 39.07 -22.49 -8.40
C SER C 9 38.08 -22.01 -7.34
N LEU C 10 36.93 -21.48 -7.79
CA LEU C 10 35.91 -20.97 -6.87
C LEU C 10 35.27 -22.09 -6.03
N TRP C 11 35.25 -23.32 -6.57
CA TRP C 11 34.67 -24.46 -5.84
C TRP C 11 35.43 -24.71 -4.53
N ASN C 12 36.72 -24.36 -4.51
CA ASN C 12 37.56 -24.53 -3.31
C ASN C 12 37.24 -23.43 -2.25
N TRP C 13 36.39 -22.46 -2.62
CA TRP C 13 36.00 -21.38 -1.71
C TRP C 13 34.67 -21.75 -1.03
N PHE C 14 34.49 -23.05 -0.74
CA PHE C 14 33.27 -23.60 -0.14
C PHE C 14 32.63 -22.69 0.94
N ASP C 15 31.85 -21.71 0.46
CA ASP C 15 31.13 -20.76 1.31
C ASP C 15 30.41 -19.71 0.43
N ILE C 16 31.21 -18.87 -0.24
CA ILE C 16 30.70 -17.81 -1.14
C ILE C 16 30.02 -18.39 -2.39
N THR C 17 30.56 -19.49 -2.94
CA THR C 17 30.03 -20.08 -4.16
C THR C 17 28.51 -20.30 -4.10
N ASN C 18 27.98 -20.62 -2.90
CA ASN C 18 26.54 -20.82 -2.76
C ASN C 18 25.82 -19.56 -3.24
N TRP C 19 26.30 -18.40 -2.80
CA TRP C 19 25.73 -17.13 -3.22
C TRP C 19 25.90 -16.99 -4.75
N LEU C 20 27.03 -17.46 -5.27
CA LEU C 20 27.35 -17.32 -6.69
C LEU C 20 26.39 -18.08 -7.61
N TRP C 21 25.91 -19.25 -7.19
CA TRP C 21 25.04 -20.07 -8.05
C TRP C 21 23.57 -20.12 -7.59
N TYR C 22 23.32 -20.01 -6.28
CA TYR C 22 21.95 -20.11 -5.76
C TYR C 22 21.08 -18.87 -6.03
N ILE C 23 21.68 -17.74 -6.44
CA ILE C 23 20.87 -16.53 -6.73
C ILE C 23 19.87 -16.81 -7.86
N ARG C 24 20.27 -17.62 -8.85
CA ARG C 24 19.41 -17.93 -9.99
C ARG C 24 18.04 -18.41 -9.52
N ILE C 25 18.03 -19.29 -8.51
CA ILE C 25 16.76 -19.79 -7.96
C ILE C 25 16.16 -18.72 -7.03
N PHE C 26 17.03 -17.96 -6.36
CA PHE C 26 16.61 -16.92 -5.43
C PHE C 26 15.75 -15.85 -6.13
N ILE C 27 16.17 -15.42 -7.32
CA ILE C 27 15.42 -14.39 -8.05
C ILE C 27 14.01 -14.93 -8.37
N ILE C 28 13.90 -16.18 -8.82
CA ILE C 28 12.59 -16.75 -9.12
C ILE C 28 11.73 -16.71 -7.85
N ILE C 29 12.34 -17.00 -6.69
CA ILE C 29 11.64 -16.97 -5.41
C ILE C 29 11.15 -15.53 -5.17
N VAL C 30 12.00 -14.54 -5.49
CA VAL C 30 11.62 -13.13 -5.33
C VAL C 30 10.37 -12.87 -6.21
N GLY C 31 10.33 -13.46 -7.41
CA GLY C 31 9.19 -13.31 -8.31
C GLY C 31 7.90 -13.71 -7.58
N SER C 32 7.99 -14.80 -6.81
CA SER C 32 6.86 -15.26 -6.01
C SER C 32 6.57 -14.24 -4.90
N LEU C 33 7.65 -13.69 -4.35
CA LEU C 33 7.59 -12.73 -3.26
C LEU C 33 6.85 -11.44 -3.69
N ILE C 34 7.17 -10.93 -4.88
CA ILE C 34 6.58 -9.69 -5.36
C ILE C 34 5.02 -9.73 -5.42
N GLY C 35 4.42 -10.84 -5.88
CA GLY C 35 2.94 -10.91 -5.93
C GLY C 35 2.33 -10.94 -4.52
N LEU C 36 3.03 -11.61 -3.59
CA LEU C 36 2.61 -11.71 -2.19
C LEU C 36 2.35 -10.33 -1.57
N ARG C 37 3.18 -9.38 -1.96
CA ARG C 37 3.16 -8.01 -1.45
C ARG C 37 1.80 -7.29 -1.60
N ILE C 38 0.99 -7.63 -2.60
CA ILE C 38 -0.27 -6.88 -2.84
C ILE C 38 -1.21 -6.91 -1.65
N VAL C 39 -1.26 -8.01 -0.92
CA VAL C 39 -2.16 -8.09 0.22
C VAL C 39 -1.90 -6.93 1.20
N PHE C 40 -0.66 -6.44 1.22
CA PHE C 40 -0.26 -5.33 2.09
C PHE C 40 -1.17 -4.12 1.87
N ALA C 41 -1.73 -3.97 0.68
CA ALA C 41 -2.60 -2.82 0.41
C ALA C 41 -3.73 -2.78 1.44
N VAL C 42 -4.28 -3.95 1.85
CA VAL C 42 -5.33 -3.94 2.90
C VAL C 42 -4.71 -3.52 4.26
N LEU C 43 -3.46 -3.94 4.51
CA LEU C 43 -2.72 -3.59 5.75
C LEU C 43 -2.73 -2.07 5.96
N SER C 44 -2.64 -1.29 4.88
CA SER C 44 -2.59 0.18 5.01
C SER C 44 -3.86 0.70 5.68
N LEU C 45 -4.98 0.02 5.45
CA LEU C 45 -6.25 0.38 6.09
C LEU C 45 -6.11 0.19 7.59
N VAL C 46 -5.53 -0.95 7.95
CA VAL C 46 -5.27 -1.32 9.34
C VAL C 46 -4.30 -0.30 9.97
N ASN C 47 -3.30 0.11 9.17
CA ASN C 47 -2.30 1.08 9.62
C ASN C 47 -2.94 2.42 9.97
N ARG C 48 -3.86 2.88 9.13
CA ARG C 48 -4.50 4.17 9.36
C ARG C 48 -5.41 4.11 10.59
N VAL C 49 -6.02 2.95 10.83
CA VAL C 49 -6.90 2.77 11.96
C VAL C 49 -6.10 2.76 13.26
N ARG C 50 -4.99 2.03 13.24
CA ARG C 50 -4.14 1.96 14.45
C ARG C 50 -3.35 3.27 14.69
N GLN C 51 -3.01 3.97 13.60
CA GLN C 51 -2.20 5.17 13.67
C GLN C 51 -3.01 6.49 13.55
N GLY C 52 -4.33 6.39 13.55
CA GLY C 52 -5.20 7.56 13.43
C GLY C 52 -5.73 7.77 11.99
N TYR C 53 -5.03 8.60 11.19
CA TYR C 53 -5.43 8.89 9.79
C TYR C 53 -4.42 9.84 9.13
N SER C 54 -4.31 11.05 9.68
CA SER C 54 -3.39 12.05 9.16
C SER C 54 -1.97 11.50 9.25
N PRO C 55 -0.99 12.03 8.50
CA PRO C 55 0.42 11.50 8.53
C PRO C 55 0.84 11.01 9.93
N LEU C 56 1.92 10.24 9.99
CA LEU C 56 2.39 9.66 11.25
C LEU C 56 2.88 10.72 12.27
N SER C 57 2.54 12.01 12.11
CA SER C 57 2.95 13.02 13.09
C SER C 57 1.81 13.36 14.08
N GLU C 80 -4.27 3.55 20.39
CA GLU C 80 -4.69 2.91 21.65
C GLU C 80 -5.83 1.87 21.46
N ARG C 81 -7.07 2.28 21.67
CA ARG C 81 -8.24 1.39 21.56
C ARG C 81 -8.37 0.74 20.18
N ASP C 82 -7.83 1.39 19.14
CA ASP C 82 -7.93 0.88 17.77
C ASP C 82 -7.40 -0.56 17.62
N ARG C 83 -6.75 -1.13 18.67
CA ARG C 83 -6.24 -2.50 18.59
C ARG C 83 -7.40 -3.50 18.62
N ASP C 84 -8.39 -3.26 19.50
CA ASP C 84 -9.53 -4.15 19.60
C ASP C 84 -10.25 -4.25 18.25
N ARG C 85 -10.30 -3.13 17.52
CA ARG C 85 -10.96 -3.12 16.22
C ARG C 85 -10.09 -3.91 15.22
N SER C 86 -8.80 -3.60 15.19
CA SER C 86 -7.89 -4.26 14.25
C SER C 86 -7.92 -5.78 14.47
N ILE C 87 -8.08 -6.25 15.71
CA ILE C 87 -8.16 -7.70 15.96
C ILE C 87 -9.38 -8.28 15.19
N ARG C 88 -10.37 -7.42 14.84
CA ARG C 88 -11.54 -7.88 14.09
C ARG C 88 -11.13 -8.34 12.68
N LEU C 89 -9.89 -8.00 12.25
CA LEU C 89 -9.42 -8.44 10.92
C LEU C 89 -9.54 -9.96 10.82
N VAL C 90 -9.25 -10.67 11.93
CA VAL C 90 -9.40 -12.14 11.97
C VAL C 90 -10.89 -12.45 11.67
N ASN C 91 -11.74 -11.71 12.37
CA ASN C 91 -13.19 -11.79 12.22
C ASN C 91 -13.64 -11.30 10.83
N GLY C 92 -12.71 -10.70 10.08
CA GLY C 92 -13.02 -10.11 8.79
C GLY C 92 -13.69 -11.11 7.82
N SER C 93 -13.55 -12.42 8.09
CA SER C 93 -14.18 -13.43 7.23
C SER C 93 -15.70 -13.20 7.21
N LEU C 94 -16.26 -12.86 8.37
CA LEU C 94 -17.69 -12.55 8.51
C LEU C 94 -18.00 -11.29 7.67
N ALA C 95 -17.18 -10.29 7.88
CA ALA C 95 -17.25 -9.00 7.24
C ALA C 95 -17.17 -9.08 5.71
N LEU C 96 -16.41 -10.04 5.21
CA LEU C 96 -16.14 -10.13 3.78
C LEU C 96 -17.38 -10.21 2.90
N ILE C 97 -18.57 -10.62 3.40
CA ILE C 97 -19.73 -10.66 2.53
C ILE C 97 -20.22 -9.23 2.18
N TRP C 98 -20.23 -8.30 3.15
CA TRP C 98 -20.79 -6.95 2.91
C TRP C 98 -19.98 -6.04 1.95
N ASP C 99 -18.64 -5.93 2.09
CA ASP C 99 -17.88 -5.04 1.18
C ASP C 99 -17.85 -5.58 -0.25
N ASP C 100 -17.70 -6.90 -0.37
CA ASP C 100 -17.65 -7.56 -1.68
C ASP C 100 -19.03 -7.53 -2.37
N LEU C 101 -20.08 -7.79 -1.60
CA LEU C 101 -21.45 -7.86 -2.13
C LEU C 101 -21.96 -6.51 -2.68
N ARG C 102 -21.77 -5.43 -1.93
CA ARG C 102 -22.26 -4.10 -2.37
C ARG C 102 -21.85 -3.81 -3.82
N SER C 103 -20.77 -4.42 -4.29
CA SER C 103 -20.30 -4.20 -5.64
C SER C 103 -21.16 -4.94 -6.68
N LEU C 104 -21.54 -6.19 -6.38
CA LEU C 104 -22.34 -7.02 -7.32
C LEU C 104 -23.77 -6.50 -7.52
N SER C 105 -24.50 -6.37 -6.40
CA SER C 105 -25.89 -5.93 -6.41
C SER C 105 -26.02 -4.45 -6.03
N LEU C 106 -25.36 -4.08 -4.93
CA LEU C 106 -25.37 -2.71 -4.39
C LEU C 106 -26.71 -2.37 -3.69
N PHE C 107 -27.77 -2.11 -4.45
CA PHE C 107 -29.08 -1.78 -3.86
C PHE C 107 -30.22 -2.37 -4.70
N SER C 108 -31.33 -2.72 -4.03
CA SER C 108 -32.48 -3.29 -4.71
C SER C 108 -32.05 -4.49 -5.57
N TYR C 109 -32.13 -5.70 -5.00
CA TYR C 109 -31.71 -6.91 -5.71
C TYR C 109 -32.39 -7.02 -7.09
N HIS C 110 -32.02 -8.08 -7.85
CA HIS C 110 -32.47 -8.27 -9.26
C HIS C 110 -31.55 -7.44 -10.21
N ARG C 111 -31.11 -6.32 -9.68
CA ARG C 111 -30.21 -5.38 -10.32
C ARG C 111 -28.82 -5.97 -10.59
N LEU C 112 -28.39 -6.97 -9.80
CA LEU C 112 -27.00 -7.46 -9.88
C LEU C 112 -26.59 -7.93 -11.27
N ARG C 113 -27.49 -8.54 -12.05
CA ARG C 113 -27.10 -8.91 -13.43
C ARG C 113 -26.94 -7.63 -14.26
N ASP C 114 -27.83 -6.66 -14.00
CA ASP C 114 -27.79 -5.37 -14.66
C ASP C 114 -26.57 -4.56 -14.23
N LEU C 115 -26.17 -4.69 -12.95
CA LEU C 115 -25.06 -3.94 -12.41
C LEU C 115 -23.77 -4.20 -13.19
N LEU C 116 -23.54 -5.45 -13.57
CA LEU C 116 -22.34 -5.80 -14.34
C LEU C 116 -22.30 -5.01 -15.64
N LEU C 117 -23.46 -4.78 -16.25
CA LEU C 117 -23.54 -4.01 -17.49
C LEU C 117 -23.17 -2.54 -17.27
N ILE C 118 -23.40 -2.00 -16.06
CA ILE C 118 -23.08 -0.59 -15.81
C ILE C 118 -21.63 -0.29 -16.14
N VAL C 119 -20.72 -1.23 -15.85
CA VAL C 119 -19.30 -0.93 -16.06
C VAL C 119 -19.01 -0.49 -17.49
N THR C 120 -19.54 -1.20 -18.49
CA THR C 120 -19.33 -0.79 -19.88
C THR C 120 -19.97 0.58 -20.15
N ARG C 121 -21.16 0.80 -19.59
CA ARG C 121 -21.90 2.02 -19.81
C ARG C 121 -21.28 3.24 -19.12
N ILE C 122 -20.97 3.13 -17.82
CA ILE C 122 -20.41 4.25 -17.10
C ILE C 122 -19.00 4.55 -17.58
N VAL C 123 -18.20 3.51 -17.90
CA VAL C 123 -16.83 3.73 -18.38
C VAL C 123 -16.84 4.41 -19.75
N GLU C 124 -17.76 4.01 -20.63
CA GLU C 124 -17.84 4.60 -21.96
C GLU C 124 -18.27 6.07 -21.87
N LEU C 125 -19.28 6.33 -21.05
CA LEU C 125 -19.80 7.68 -20.86
C LEU C 125 -18.75 8.60 -20.20
N LEU C 126 -18.08 8.10 -19.18
CA LEU C 126 -17.08 8.89 -18.45
C LEU C 126 -15.76 9.04 -19.23
N GLY C 127 -15.47 8.13 -20.17
CA GLY C 127 -14.23 8.18 -20.94
C GLY C 127 -14.14 9.40 -21.85
N ARG C 128 -15.25 9.77 -22.50
CA ARG C 128 -15.28 10.93 -23.40
C ARG C 128 -14.96 12.23 -22.64
N ARG C 129 -15.53 12.37 -21.45
CA ARG C 129 -15.34 13.56 -20.63
C ARG C 129 -14.03 13.52 -19.83
N GLY C 130 -13.55 12.31 -19.52
CA GLY C 130 -12.34 12.13 -18.71
C GLY C 130 -11.10 12.84 -19.27
N TRP C 131 -11.07 13.12 -20.58
CA TRP C 131 -9.89 13.78 -21.19
C TRP C 131 -9.53 15.13 -20.57
N GLU C 132 -10.44 15.72 -19.79
CA GLU C 132 -10.12 16.99 -19.15
C GLU C 132 -8.76 16.85 -18.36
N ALA C 133 -8.22 15.62 -18.22
CA ALA C 133 -6.89 15.40 -17.63
C ALA C 133 -5.91 16.30 -18.39
N LEU C 134 -6.03 16.25 -19.72
CA LEU C 134 -5.24 17.10 -20.60
C LEU C 134 -5.53 18.57 -20.29
N LYS C 135 -6.79 18.89 -19.91
CA LYS C 135 -7.18 20.31 -19.66
C LYS C 135 -6.26 20.98 -18.63
N TYR C 136 -6.02 20.31 -17.50
CA TYR C 136 -5.16 20.90 -16.49
C TYR C 136 -3.72 20.90 -16.97
N TRP C 137 -3.34 19.88 -17.75
CA TRP C 137 -1.98 19.79 -18.28
C TRP C 137 -1.63 21.04 -19.10
N TRP C 138 -2.60 21.64 -19.79
CA TRP C 138 -2.34 22.86 -20.57
C TRP C 138 -2.06 24.01 -19.62
N ASN C 139 -2.90 24.15 -18.60
CA ASN C 139 -2.75 25.21 -17.59
C ASN C 139 -1.49 24.99 -16.73
N LEU C 140 -1.20 23.73 -16.47
CA LEU C 140 -0.08 23.31 -15.64
C LEU C 140 1.27 23.75 -16.26
N LEU C 141 1.47 23.43 -17.53
CA LEU C 141 2.70 23.84 -18.22
C LEU C 141 2.74 25.36 -18.35
N GLN C 142 1.57 25.97 -18.50
CA GLN C 142 1.43 27.41 -18.65
C GLN C 142 1.95 28.18 -17.42
N TYR C 143 1.60 27.76 -16.19
CA TYR C 143 2.03 28.49 -15.02
C TYR C 143 3.52 28.28 -14.74
N TRP C 144 4.09 27.09 -15.02
CA TRP C 144 5.52 26.88 -14.73
C TRP C 144 6.33 27.86 -15.58
N SER C 145 5.90 28.02 -16.84
CA SER C 145 6.51 28.96 -17.76
C SER C 145 6.42 30.37 -17.15
N GLN C 146 5.30 30.67 -16.49
CA GLN C 146 5.10 31.98 -15.87
C GLN C 146 6.17 32.25 -14.81
N GLU C 147 6.60 31.22 -14.03
CA GLU C 147 7.62 31.44 -13.04
C GLU C 147 8.95 31.79 -13.79
N LEU C 148 9.17 31.13 -14.93
CA LEU C 148 10.36 31.36 -15.75
C LEU C 148 10.34 32.78 -16.35
N LYS C 149 9.16 33.23 -16.79
CA LYS C 149 9.03 34.55 -17.40
C LYS C 149 9.49 35.65 -16.45
N ASN C 150 9.05 35.59 -15.19
CA ASN C 150 9.43 36.60 -14.19
C ASN C 150 10.94 36.57 -13.91
N SER C 151 11.51 35.36 -13.79
CA SER C 151 12.93 35.22 -13.52
C SER C 151 13.78 35.69 -14.70
N ALA C 152 13.42 35.24 -15.91
CA ALA C 152 14.13 35.61 -17.13
C ALA C 152 14.00 37.10 -17.43
N VAL C 153 12.80 37.64 -17.25
CA VAL C 153 12.55 39.06 -17.51
C VAL C 153 13.40 39.95 -16.58
N SER C 154 13.45 39.61 -15.30
CA SER C 154 14.22 40.39 -14.32
C SER C 154 15.71 40.44 -14.70
N LEU C 155 16.28 39.27 -15.02
CA LEU C 155 17.70 39.16 -15.36
C LEU C 155 18.02 39.74 -16.75
N LEU C 156 17.30 39.29 -17.78
CA LEU C 156 17.55 39.74 -19.15
C LEU C 156 17.35 41.25 -19.32
N ASN C 157 16.27 41.80 -18.75
CA ASN C 157 16.00 43.23 -18.85
C ASN C 157 17.03 44.04 -18.09
N ALA C 158 17.39 43.55 -16.90
CA ALA C 158 18.35 44.23 -16.03
C ALA C 158 19.73 44.31 -16.70
N THR C 159 20.16 43.21 -17.32
CA THR C 159 21.46 43.17 -18.00
C THR C 159 21.45 44.05 -19.25
N ALA C 160 20.26 44.22 -19.85
CA ALA C 160 20.09 45.04 -21.05
C ALA C 160 20.22 46.54 -20.74
N ILE C 161 19.88 46.94 -19.51
CA ILE C 161 19.90 48.36 -19.11
C ILE C 161 21.26 49.00 -19.33
N ALA C 162 22.35 48.20 -19.28
CA ALA C 162 23.73 48.70 -19.47
C ALA C 162 23.79 49.91 -20.42
N VAL C 163 22.98 49.89 -21.49
CA VAL C 163 22.91 51.02 -22.44
C VAL C 163 22.04 52.13 -21.83
N GLY C 164 22.53 53.36 -21.88
CA GLY C 164 21.84 54.52 -21.32
C GLY C 164 20.35 54.61 -21.71
N GLU C 165 19.48 53.99 -20.90
CA GLU C 165 18.02 54.03 -21.10
C GLU C 165 17.56 53.76 -22.54
N GLY C 166 16.78 52.67 -22.72
CA GLY C 166 16.24 52.33 -24.04
C GLY C 166 16.06 50.81 -24.20
N THR C 167 16.97 50.05 -23.62
CA THR C 167 16.95 48.59 -23.71
C THR C 167 15.76 47.98 -22.94
N ASP C 168 15.40 48.56 -21.79
CA ASP C 168 14.29 48.03 -20.98
C ASP C 168 12.98 48.01 -21.78
N ARG C 169 12.81 49.00 -22.67
CA ARG C 169 11.59 49.11 -23.48
C ARG C 169 11.43 47.92 -24.44
N VAL C 170 12.48 47.64 -25.22
CA VAL C 170 12.44 46.55 -26.22
C VAL C 170 12.35 45.15 -25.56
N ILE C 171 13.16 44.92 -24.51
CA ILE C 171 13.19 43.63 -23.83
C ILE C 171 11.82 43.27 -23.21
N GLU C 172 11.18 44.23 -22.55
CA GLU C 172 9.89 43.99 -21.89
C GLU C 172 8.76 43.74 -22.88
N VAL C 173 8.65 44.58 -23.92
CA VAL C 173 7.56 44.45 -24.90
C VAL C 173 7.63 43.15 -25.71
N VAL C 174 8.81 42.81 -26.25
CA VAL C 174 8.96 41.61 -27.07
C VAL C 174 8.78 40.31 -26.26
N GLN C 175 9.43 40.20 -25.10
CA GLN C 175 9.34 38.99 -24.28
C GLN C 175 7.92 38.74 -23.76
N GLY C 176 7.34 39.78 -23.18
CA GLY C 176 6.00 39.70 -22.61
C GLY C 176 4.91 39.53 -23.68
N ALA C 177 5.10 40.15 -24.85
CA ALA C 177 4.11 40.09 -25.92
C ALA C 177 3.99 38.68 -26.52
N SER C 178 5.12 38.02 -26.79
CA SER C 178 5.12 36.69 -27.39
C SER C 178 4.63 35.59 -26.44
N ARG C 179 5.15 35.60 -25.20
CA ARG C 179 4.77 34.56 -24.22
C ARG C 179 3.30 34.71 -23.83
N ALA C 180 2.94 35.92 -23.44
CA ALA C 180 1.56 36.23 -23.02
C ALA C 180 0.54 35.94 -24.13
N ILE C 181 0.87 36.25 -25.39
CA ILE C 181 -0.06 36.04 -26.51
C ILE C 181 -0.09 34.57 -26.98
N ARG C 182 0.92 33.79 -26.60
CA ARG C 182 1.00 32.38 -27.00
C ARG C 182 -0.17 31.56 -26.43
N HIS C 183 -0.77 32.02 -25.33
CA HIS C 183 -1.89 31.33 -24.71
C HIS C 183 -3.08 32.27 -24.49
N ILE C 184 -4.23 31.90 -25.05
CA ILE C 184 -5.45 32.73 -24.93
C ILE C 184 -6.73 31.86 -24.72
N PRO C 185 -6.99 30.80 -25.51
CA PRO C 185 -8.22 29.97 -25.35
C PRO C 185 -8.12 28.96 -24.19
N ARG C 186 -9.26 28.35 -23.84
CA ARG C 186 -9.31 27.37 -22.75
C ARG C 186 -10.27 26.22 -23.11
N ARG C 187 -10.34 25.21 -22.26
CA ARG C 187 -11.22 24.05 -22.49
C ARG C 187 -10.91 23.43 -23.86
N ILE C 188 -9.69 22.88 -23.99
CA ILE C 188 -9.25 22.27 -25.25
C ILE C 188 -10.09 21.02 -25.53
N ARG C 189 -10.32 20.22 -24.49
CA ARG C 189 -11.10 18.99 -24.62
C ARG C 189 -12.52 19.31 -25.14
N GLN C 190 -13.08 20.43 -24.68
CA GLN C 190 -14.42 20.84 -25.11
C GLN C 190 -14.42 21.05 -26.63
N GLY C 191 -13.38 21.73 -27.12
CA GLY C 191 -13.24 21.97 -28.56
C GLY C 191 -12.82 20.69 -29.28
N LEU C 192 -12.12 19.79 -28.57
CA LEU C 192 -11.64 18.53 -29.13
C LEU C 192 -12.79 17.51 -29.29
N GLU C 193 -13.72 17.50 -28.33
CA GLU C 193 -14.85 16.56 -28.38
C GLU C 193 -15.93 17.04 -29.36
N ARG C 194 -16.07 18.37 -29.49
CA ARG C 194 -17.08 18.93 -30.40
C ARG C 194 -16.65 18.77 -31.86
N ILE C 195 -15.36 18.96 -32.14
CA ILE C 195 -14.83 18.82 -33.51
C ILE C 195 -14.82 17.34 -33.94
N LEU C 196 -14.67 16.43 -32.98
CA LEU C 196 -14.64 14.99 -33.27
C LEU C 196 -16.05 14.37 -33.14
N LEU C 197 -17.09 15.21 -33.11
CA LEU C 197 -18.47 14.73 -32.98
C LEU C 197 -19.43 15.68 -33.69
#